data_2NV2
#
_entry.id   2NV2
#
_cell.length_a   93.507
_cell.length_b   259.009
_cell.length_c   144.962
_cell.angle_alpha   90.00
_cell.angle_beta   92.13
_cell.angle_gamma   90.00
#
_symmetry.space_group_name_H-M   'P 1 21 1'
#
loop_
_entity.id
_entity.type
_entity.pdbx_description
1 polymer 'Pyridoxal biosynthesis lyase pdxS'
2 polymer 'Glutamine amidotransferase subunit pdxT'
3 non-polymer 'CHLORIDE ION'
4 non-polymer 1,2-ETHANEDIOL
5 non-polymer GLUTAMINE
6 water water
#
loop_
_entity_poly.entity_id
_entity_poly.type
_entity_poly.pdbx_seq_one_letter_code
_entity_poly.pdbx_strand_id
1 'polypeptide(L)'
;MAQTGTERVKRGMAEMQKGGVIMDVINAEQAKIAEEAGAVAVMALERVPADIRAAGGVARMADPTIVEEVMNAVSIPVMA
KARIGHIVEARVLEAMGVDYIDESEVLTPADEEFHLNKNEYTVPFVCGCRDLGEATRRIAEGASMLRTKGEPGTGNIVEA
VRHMRKVNAQVRKVVAMSEDELMTEAKNLGAPYELLLQIKKDGKLPVVNFAAGGVATPADAALMMQLGADGVFVGSGIFK
SDNPAKFAKAIVEATTHFTDYKLIAELSKELGTAMKGIEISNLLPEQRMQERGW
;
A,C,E,G,I,K,M,O,Q,S,U,W
2 'polypeptide(L)'
;MLTIGVLGLQGAVREHIHAIEACGAAGLVVKRPEQLNEVDGLILPGGESTTMRRLIDTYQFMEPLREFAAQGKPMFGTCA
GLIILAKEIAGSDNPHLGLLNVVVERNSFGRQVDSFEADLTIKGLDEPFTGVFIRAPHILEAGENVEVLSEHNGRIVAAK
QGQFLGCSFNPELTEDHRVTQLFVEMVEEYKQKALVLEHHHHHH
;
B,D,F,H,J,L,N,P,R,T,V,X
#
# COMPACT_ATOMS: atom_id res chain seq x y z
N ALA A 2 -2.88 32.31 59.67
CA ALA A 2 -3.28 32.60 58.27
C ALA A 2 -2.42 31.81 57.27
N GLN A 3 -3.06 31.27 56.25
CA GLN A 3 -2.36 30.66 55.15
C GLN A 3 -2.97 31.04 53.81
N THR A 4 -2.11 31.49 52.92
CA THR A 4 -2.49 31.83 51.57
C THR A 4 -2.17 30.65 50.63
N GLY A 5 -2.70 30.71 49.40
CA GLY A 5 -2.31 29.79 48.35
C GLY A 5 -2.73 28.33 48.55
N THR A 6 -3.69 28.10 49.42
CA THR A 6 -4.16 26.73 49.64
C THR A 6 -5.09 26.32 48.49
N GLU A 7 -5.14 25.03 48.23
CA GLU A 7 -6.02 24.46 47.21
C GLU A 7 -7.47 24.98 47.35
N ARG A 8 -7.96 24.96 48.58
CA ARG A 8 -9.33 25.41 48.86
C ARG A 8 -9.51 26.90 48.54
N VAL A 9 -8.47 27.67 48.80
CA VAL A 9 -8.51 29.11 48.50
C VAL A 9 -8.46 29.40 47.00
N LYS A 10 -7.61 28.68 46.27
CA LYS A 10 -7.46 28.85 44.83
C LYS A 10 -8.74 28.44 44.10
N ARG A 11 -9.30 27.32 44.50
CA ARG A 11 -10.57 26.82 43.90
C ARG A 11 -11.77 27.65 44.38
N GLY A 12 -11.70 28.09 45.62
CA GLY A 12 -12.75 28.92 46.20
C GLY A 12 -13.02 30.15 45.39
N MET A 13 -11.95 30.77 44.90
CA MET A 13 -12.08 31.95 44.06
C MET A 13 -12.88 31.62 42.78
N ALA A 14 -12.60 30.47 42.18
CA ALA A 14 -13.40 30.00 41.03
C ALA A 14 -14.86 29.71 41.43
N GLU A 15 -15.08 29.08 42.57
CA GLU A 15 -16.44 28.82 43.02
C GLU A 15 -17.26 30.12 43.12
N MET A 16 -16.63 31.19 43.55
CA MET A 16 -17.27 32.50 43.68
C MET A 16 -17.54 33.20 42.34
N GLN A 17 -17.01 32.64 41.24
CA GLN A 17 -17.22 33.15 39.91
C GLN A 17 -18.44 32.51 39.26
N LYS A 18 -18.94 31.44 39.83
CA LYS A 18 -20.01 30.68 39.20
C LYS A 18 -21.26 31.50 38.86
N GLY A 19 -21.85 31.10 37.75
CA GLY A 19 -23.07 31.72 37.23
C GLY A 19 -22.83 33.06 36.58
N GLY A 20 -21.56 33.42 36.39
CA GLY A 20 -21.19 34.69 35.79
C GLY A 20 -20.50 34.66 34.43
N VAL A 21 -20.24 35.87 33.93
CA VAL A 21 -19.62 36.11 32.64
C VAL A 21 -18.30 36.85 32.83
N ILE A 22 -17.24 36.30 32.27
CA ILE A 22 -15.94 36.93 32.24
C ILE A 22 -15.73 37.44 30.82
N MET A 23 -15.32 38.71 30.70
CA MET A 23 -15.22 39.36 29.42
C MET A 23 -13.80 39.78 29.10
N ASP A 24 -13.35 39.46 27.89
CA ASP A 24 -12.08 39.92 27.35
C ASP A 24 -12.14 41.42 27.14
N VAL A 25 -11.15 42.13 27.64
CA VAL A 25 -11.06 43.58 27.52
C VAL A 25 -9.63 43.94 27.16
N ILE A 26 -9.47 45.03 26.41
CA ILE A 26 -8.14 45.47 25.96
C ILE A 26 -7.67 46.79 26.59
N ASN A 27 -8.55 47.51 27.27
CA ASN A 27 -8.16 48.75 27.91
C ASN A 27 -9.13 49.02 29.06
N ALA A 28 -8.92 50.12 29.78
CA ALA A 28 -9.69 50.43 30.97
C ALA A 28 -11.11 50.88 30.64
N GLU A 29 -11.32 51.47 29.47
CA GLU A 29 -12.66 51.89 29.03
C GLU A 29 -13.57 50.67 28.84
N GLN A 30 -13.07 49.66 28.15
CA GLN A 30 -13.77 48.39 27.98
C GLN A 30 -14.00 47.70 29.32
N ALA A 31 -12.96 47.62 30.14
CA ALA A 31 -13.08 47.02 31.47
C ALA A 31 -14.21 47.64 32.30
N LYS A 32 -14.40 48.96 32.19
CA LYS A 32 -15.46 49.65 32.95
C LYS A 32 -16.85 49.24 32.49
N ILE A 33 -17.01 49.19 31.18
CA ILE A 33 -18.25 48.73 30.56
C ILE A 33 -18.58 47.31 31.02
N ALA A 34 -17.58 46.46 31.10
CA ALA A 34 -17.81 45.06 31.51
C ALA A 34 -18.31 45.00 32.97
N GLU A 35 -17.61 45.70 33.86
CA GLU A 35 -18.05 45.77 35.26
C GLU A 35 -19.47 46.30 35.41
N GLU A 36 -19.76 47.43 34.76
CA GLU A 36 -21.06 48.09 34.80
CA GLU A 36 -21.08 48.05 34.89
C GLU A 36 -22.16 47.21 34.19
N ALA A 37 -21.79 46.40 33.19
CA ALA A 37 -22.69 45.39 32.61
C ALA A 37 -22.95 44.20 33.55
N GLY A 38 -22.13 43.99 34.57
CA GLY A 38 -22.34 42.90 35.54
C GLY A 38 -21.40 41.70 35.40
N ALA A 39 -20.32 41.89 34.66
CA ALA A 39 -19.28 40.86 34.53
C ALA A 39 -18.70 40.50 35.89
N VAL A 40 -18.34 39.23 36.05
CA VAL A 40 -17.75 38.79 37.31
C VAL A 40 -16.25 38.88 37.34
N ALA A 41 -15.62 39.04 36.18
CA ALA A 41 -14.19 39.26 36.08
C ALA A 41 -13.94 39.78 34.70
N VAL A 42 -12.74 40.31 34.47
CA VAL A 42 -12.30 40.66 33.12
C VAL A 42 -10.98 39.96 32.80
N MET A 43 -10.81 39.64 31.53
CA MET A 43 -9.58 39.04 31.00
C MET A 43 -8.88 40.13 30.23
N ALA A 44 -7.80 40.63 30.80
CA ALA A 44 -7.01 41.71 30.19
C ALA A 44 -6.11 41.15 29.11
N LEU A 45 -6.24 41.73 27.93
CA LEU A 45 -5.54 41.33 26.74
C LEU A 45 -4.83 42.53 26.17
N GLU A 46 -3.75 42.31 25.45
CA GLU A 46 -3.08 43.43 24.80
C GLU A 46 -3.75 43.61 23.44
N ARG A 47 -3.67 42.56 22.64
CA ARG A 47 -4.38 42.51 21.37
C ARG A 47 -5.10 41.18 21.38
N VAL A 48 -6.04 41.02 20.46
CA VAL A 48 -6.77 39.77 20.38
C VAL A 48 -5.84 38.68 19.77
N PRO A 49 -5.54 37.61 20.55
CA PRO A 49 -4.49 36.66 20.19
C PRO A 49 -4.67 35.98 18.84
N ALA A 50 -5.92 35.69 18.47
CA ALA A 50 -6.20 35.04 17.18
C ALA A 50 -5.76 35.92 16.00
N ASP A 51 -5.87 37.24 16.17
CA ASP A 51 -5.48 38.20 15.15
C ASP A 51 -3.97 38.27 14.98
N ILE A 52 -3.25 38.33 16.10
CA ILE A 52 -1.78 38.27 16.09
C ILE A 52 -1.29 37.04 15.32
N ARG A 53 -1.94 35.91 15.57
CA ARG A 53 -1.57 34.66 14.94
C ARG A 53 -2.15 34.57 13.54
N ALA A 54 -3.29 35.25 13.31
CA ALA A 54 -3.83 35.43 11.96
C ALA A 54 -2.74 36.06 11.10
N ALA A 55 -2.20 37.17 11.60
CA ALA A 55 -1.00 37.79 11.01
C ALA A 55 0.29 36.98 11.26
N GLY A 56 0.16 35.72 11.65
CA GLY A 56 1.31 34.81 11.80
C GLY A 56 2.33 35.11 12.91
N GLY A 57 2.05 36.12 13.73
CA GLY A 57 3.00 36.55 14.76
C GLY A 57 2.95 35.69 16.01
N VAL A 58 3.79 36.02 16.97
CA VAL A 58 3.87 35.31 18.24
C VAL A 58 3.01 36.07 19.25
N ALA A 59 2.05 35.39 19.85
CA ALA A 59 1.20 35.98 20.87
C ALA A 59 1.70 35.59 22.25
N ARG A 60 2.09 36.62 23.01
CA ARG A 60 2.75 36.48 24.31
C ARG A 60 1.88 37.08 25.38
N MET A 61 2.35 37.01 26.62
CA MET A 61 1.74 37.72 27.75
C MET A 61 1.50 39.21 27.38
N ALA A 62 0.43 39.79 27.89
CA ALA A 62 0.14 41.23 27.67
C ALA A 62 1.15 42.12 28.35
N ASP A 63 1.50 43.23 27.71
CA ASP A 63 2.26 44.32 28.36
C ASP A 63 1.70 44.58 29.75
N PRO A 64 2.53 44.46 30.79
CA PRO A 64 2.01 44.68 32.14
C PRO A 64 1.34 46.05 32.36
N THR A 65 1.73 47.06 31.56
CA THR A 65 1.06 48.35 31.54
C THR A 65 -0.44 48.23 31.32
N ILE A 66 -0.85 47.40 30.36
CA ILE A 66 -2.27 47.24 30.05
C ILE A 66 -2.99 46.54 31.20
N VAL A 67 -2.38 45.49 31.71
CA VAL A 67 -2.96 44.73 32.82
C VAL A 67 -3.19 45.63 34.05
N GLU A 68 -2.23 46.51 34.33
CA GLU A 68 -2.34 47.49 35.42
C GLU A 68 -3.48 48.50 35.23
N GLU A 69 -3.56 49.05 34.02
CA GLU A 69 -4.61 50.01 33.67
C GLU A 69 -5.98 49.37 33.88
N VAL A 70 -6.11 48.11 33.46
CA VAL A 70 -7.33 47.37 33.68
C VAL A 70 -7.56 47.13 35.17
N MET A 71 -6.55 46.64 35.89
CA MET A 71 -6.68 46.43 37.34
C MET A 71 -7.13 47.71 38.08
N ASN A 72 -6.66 48.87 37.64
CA ASN A 72 -6.95 50.08 38.39
C ASN A 72 -8.28 50.69 37.98
N ALA A 73 -8.82 50.25 36.85
CA ALA A 73 -10.12 50.69 36.35
C ALA A 73 -11.31 50.00 36.99
N VAL A 74 -11.12 48.79 37.51
CA VAL A 74 -12.25 48.03 38.06
C VAL A 74 -11.99 47.47 39.46
N SER A 75 -13.08 47.08 40.11
CA SER A 75 -13.05 46.43 41.42
C SER A 75 -13.40 44.95 41.34
N ILE A 76 -13.66 44.43 40.14
CA ILE A 76 -13.88 42.97 39.95
C ILE A 76 -12.53 42.35 39.66
N PRO A 77 -12.41 41.02 39.87
CA PRO A 77 -11.18 40.33 39.51
C PRO A 77 -10.70 40.52 38.08
N VAL A 78 -9.39 40.45 37.93
CA VAL A 78 -8.75 40.59 36.65
C VAL A 78 -7.89 39.36 36.39
N MET A 79 -8.16 38.72 35.26
CA MET A 79 -7.41 37.58 34.81
C MET A 79 -6.47 38.01 33.65
N ALA A 80 -5.44 37.21 33.43
CA ALA A 80 -4.60 37.42 32.25
C ALA A 80 -3.97 36.10 31.84
N LYS A 81 -3.40 36.12 30.64
CA LYS A 81 -3.00 34.93 29.96
C LYS A 81 -1.49 34.83 29.97
N ALA A 82 -1.02 33.60 30.16
CA ALA A 82 0.38 33.25 30.06
C ALA A 82 0.50 32.16 29.01
N ARG A 83 1.62 32.17 28.27
CA ARG A 83 1.85 31.14 27.30
C ARG A 83 2.03 29.82 28.02
N ILE A 84 1.64 28.73 27.38
CA ILE A 84 1.77 27.40 27.97
C ILE A 84 3.24 27.14 28.31
N GLY A 85 3.53 26.72 29.55
CA GLY A 85 4.91 26.39 29.94
C GLY A 85 5.80 27.62 30.26
N HIS A 86 5.29 28.83 30.10
CA HIS A 86 6.16 29.99 30.30
C HIS A 86 6.16 30.38 31.79
N ILE A 87 7.07 29.76 32.55
CA ILE A 87 7.20 29.91 33.99
C ILE A 87 7.30 31.37 34.43
N VAL A 88 8.08 32.15 33.70
CA VAL A 88 8.35 33.51 34.09
C VAL A 88 7.19 34.45 33.77
N GLU A 89 6.60 34.33 32.58
CA GLU A 89 5.35 35.07 32.32
C GLU A 89 4.32 34.85 33.43
N ALA A 90 4.15 33.59 33.88
CA ALA A 90 3.19 33.26 34.96
C ALA A 90 3.59 33.89 36.31
N ARG A 91 4.88 33.85 36.61
CA ARG A 91 5.41 34.42 37.85
C ARG A 91 5.34 35.94 37.88
N VAL A 92 5.48 36.53 36.73
CA VAL A 92 5.36 37.97 36.55
C VAL A 92 3.92 38.37 36.81
N LEU A 93 2.98 37.66 36.21
CA LEU A 93 1.59 38.01 36.42
C LEU A 93 1.19 37.82 37.90
N GLU A 94 1.68 36.74 38.49
CA GLU A 94 1.47 36.51 39.88
C GLU A 94 2.00 37.73 40.70
N ALA A 95 3.25 38.09 40.46
CA ALA A 95 3.91 39.22 41.15
C ALA A 95 3.09 40.51 41.01
N MET A 96 2.47 40.72 39.85
CA MET A 96 1.57 41.84 39.60
C MET A 96 0.23 41.78 40.33
N GLY A 97 -0.10 40.65 40.95
CA GLY A 97 -1.37 40.49 41.65
C GLY A 97 -2.58 40.18 40.76
N VAL A 98 -2.33 39.72 39.53
CA VAL A 98 -3.39 39.19 38.68
C VAL A 98 -4.15 38.11 39.48
N ASP A 99 -5.48 38.10 39.37
CA ASP A 99 -6.31 37.28 40.26
C ASP A 99 -6.40 35.80 39.83
N TYR A 100 -6.28 35.54 38.54
CA TYR A 100 -6.37 34.21 37.98
C TYR A 100 -5.56 34.22 36.69
N ILE A 101 -4.69 33.22 36.50
CA ILE A 101 -3.89 33.11 35.26
C ILE A 101 -4.50 32.07 34.36
N ASP A 102 -4.67 32.45 33.09
CA ASP A 102 -5.11 31.51 32.06
C ASP A 102 -3.87 31.01 31.37
N GLU A 103 -3.49 29.75 31.63
CA GLU A 103 -2.40 29.13 30.91
C GLU A 103 -3.01 28.73 29.60
N SER A 104 -2.83 29.58 28.59
CA SER A 104 -3.75 29.58 27.45
C SER A 104 -3.19 29.08 26.14
N GLU A 105 -3.91 28.15 25.51
CA GLU A 105 -3.58 27.64 24.18
C GLU A 105 -3.76 28.65 23.05
N VAL A 106 -4.50 29.74 23.26
CA VAL A 106 -4.67 30.73 22.19
C VAL A 106 -3.49 31.72 22.11
N LEU A 107 -2.63 31.75 23.14
CA LEU A 107 -1.30 32.35 23.00
C LEU A 107 -0.36 31.28 22.40
N THR A 108 0.83 31.69 21.97
CA THR A 108 1.76 30.77 21.30
C THR A 108 2.48 29.99 22.37
N PRO A 109 2.31 28.66 22.40
CA PRO A 109 2.96 27.85 23.44
C PRO A 109 4.44 28.09 23.55
N ALA A 110 4.93 28.25 24.77
CA ALA A 110 6.34 28.48 25.02
C ALA A 110 7.02 27.14 25.21
N ASP A 111 6.24 26.15 25.62
CA ASP A 111 6.76 24.79 25.86
C ASP A 111 5.73 23.84 25.31
N GLU A 112 6.09 23.13 24.24
CA GLU A 112 5.13 22.28 23.54
C GLU A 112 5.04 20.87 24.12
N GLU A 113 5.85 20.57 25.15
CA GLU A 113 5.85 19.25 25.77
C GLU A 113 5.39 19.25 27.23
N PHE A 114 5.58 20.36 27.92
CA PHE A 114 5.25 20.45 29.34
C PHE A 114 4.47 21.69 29.69
N HIS A 115 3.34 21.49 30.35
CA HIS A 115 2.59 22.59 30.94
C HIS A 115 3.22 23.02 32.26
N LEU A 116 2.79 24.19 32.74
CA LEU A 116 3.27 24.71 34.00
C LEU A 116 2.93 23.80 35.18
N ASN A 117 3.88 23.73 36.12
CA ASN A 117 3.65 23.10 37.40
C ASN A 117 2.93 24.05 38.31
N LYS A 118 1.63 24.14 38.08
CA LYS A 118 0.78 25.15 38.67
C LYS A 118 0.64 24.93 40.17
N ASN A 119 0.88 23.71 40.63
CA ASN A 119 0.89 23.41 42.08
C ASN A 119 1.82 24.32 42.88
N GLU A 120 2.94 24.72 42.30
CA GLU A 120 3.97 25.54 43.00
C GLU A 120 3.70 27.03 43.05
N TYR A 121 2.62 27.47 42.43
CA TYR A 121 2.26 28.87 42.48
C TYR A 121 1.30 29.15 43.62
N THR A 122 1.22 30.42 44.00
CA THR A 122 0.20 30.92 44.93
C THR A 122 -1.11 31.35 44.18
N VAL A 123 -0.96 32.08 43.07
CA VAL A 123 -2.10 32.50 42.24
C VAL A 123 -2.71 31.28 41.59
N PRO A 124 -4.04 31.23 41.47
CA PRO A 124 -4.64 30.09 40.79
C PRO A 124 -4.63 30.20 39.28
N PHE A 125 -4.81 29.05 38.62
CA PHE A 125 -4.82 28.96 37.15
C PHE A 125 -6.09 28.30 36.67
N VAL A 126 -6.58 28.82 35.52
CA VAL A 126 -7.58 28.18 34.70
C VAL A 126 -6.87 27.63 33.48
N CYS A 127 -7.26 26.41 33.08
CA CYS A 127 -6.75 25.78 31.89
C CYS A 127 -7.89 25.25 31.01
N GLY A 128 -7.60 25.15 29.73
CA GLY A 128 -8.54 24.59 28.77
C GLY A 128 -8.52 23.06 28.71
N CYS A 129 -9.63 22.47 28.28
CA CYS A 129 -9.69 21.03 28.06
C CYS A 129 -10.77 20.70 27.03
N ARG A 130 -10.62 19.53 26.40
CA ARG A 130 -11.59 19.06 25.44
CA ARG A 130 -11.56 19.04 25.41
C ARG A 130 -12.25 17.76 25.88
N ASP A 131 -11.68 17.09 26.89
CA ASP A 131 -12.26 15.85 27.39
CA ASP A 131 -12.23 15.84 27.37
C ASP A 131 -11.81 15.65 28.81
N LEU A 132 -12.30 14.60 29.43
CA LEU A 132 -12.01 14.37 30.84
C LEU A 132 -10.56 13.97 31.13
N GLY A 133 -9.96 13.21 30.24
CA GLY A 133 -8.53 12.92 30.37
C GLY A 133 -7.67 14.20 30.49
N GLU A 134 -7.81 15.09 29.52
CA GLU A 134 -7.11 16.37 29.51
C GLU A 134 -7.46 17.23 30.75
N ALA A 135 -8.75 17.24 31.10
CA ALA A 135 -9.21 17.94 32.30
C ALA A 135 -8.43 17.46 33.52
N THR A 136 -8.38 16.13 33.73
CA THR A 136 -7.75 15.59 34.92
C THR A 136 -6.24 15.78 34.91
N ARG A 137 -5.61 15.83 33.74
CA ARG A 137 -4.17 16.13 33.69
C ARG A 137 -3.87 17.60 34.08
N ARG A 138 -4.70 18.52 33.64
CA ARG A 138 -4.55 19.93 34.04
C ARG A 138 -4.76 20.11 35.54
N ILE A 139 -5.78 19.47 36.09
CA ILE A 139 -6.06 19.49 37.52
C ILE A 139 -4.85 18.93 38.30
N ALA A 140 -4.33 17.79 37.89
CA ALA A 140 -3.18 17.18 38.60
C ALA A 140 -1.92 18.08 38.59
N GLU A 141 -1.75 18.84 37.52
CA GLU A 141 -0.64 19.81 37.41
C GLU A 141 -0.89 21.02 38.31
N GLY A 142 -2.12 21.17 38.79
CA GLY A 142 -2.48 22.26 39.71
C GLY A 142 -3.51 23.25 39.22
N ALA A 143 -4.16 23.01 38.08
CA ALA A 143 -5.27 23.86 37.65
C ALA A 143 -6.37 23.84 38.69
N SER A 144 -6.88 25.03 38.99
CA SER A 144 -7.93 25.24 39.99
C SER A 144 -9.28 25.53 39.35
N MET A 145 -9.30 25.62 38.03
CA MET A 145 -10.50 25.96 37.28
C MET A 145 -10.25 25.51 35.87
N LEU A 146 -11.31 25.08 35.19
CA LEU A 146 -11.24 24.60 33.81
C LEU A 146 -12.17 25.44 32.96
N ARG A 147 -11.87 25.46 31.67
CA ARG A 147 -12.81 25.92 30.66
C ARG A 147 -12.73 25.03 29.43
N THR A 148 -13.79 24.99 28.62
CA THR A 148 -13.71 24.43 27.25
C THR A 148 -12.64 25.15 26.45
N LYS A 149 -11.95 24.45 25.58
CA LYS A 149 -11.12 25.16 24.59
C LYS A 149 -12.03 25.84 23.58
N GLY A 150 -13.17 25.22 23.28
CA GLY A 150 -14.00 25.69 22.18
C GLY A 150 -13.22 25.94 20.88
N GLU A 151 -13.58 27.04 20.19
CA GLU A 151 -13.02 27.38 18.87
C GLU A 151 -12.86 28.88 18.81
N PRO A 152 -11.67 29.37 19.15
CA PRO A 152 -11.51 30.82 19.19
C PRO A 152 -11.57 31.48 17.83
N GLY A 153 -12.09 32.70 17.81
CA GLY A 153 -12.06 33.54 16.63
C GLY A 153 -13.04 33.17 15.54
N THR A 154 -14.03 32.34 15.85
CA THR A 154 -15.06 31.99 14.85
C THR A 154 -16.45 32.47 15.20
N GLY A 155 -16.77 32.52 16.49
CA GLY A 155 -18.17 32.75 16.87
C GLY A 155 -19.07 31.55 16.64
N ASN A 156 -18.47 30.38 16.38
CA ASN A 156 -19.21 29.14 16.19
C ASN A 156 -19.22 28.38 17.52
N ILE A 157 -20.39 28.31 18.14
CA ILE A 157 -20.53 27.70 19.47
C ILE A 157 -20.23 26.17 19.47
N VAL A 158 -20.15 25.56 18.30
CA VAL A 158 -20.09 24.10 18.18
C VAL A 158 -18.96 23.43 18.99
N GLU A 159 -17.78 24.03 19.05
CA GLU A 159 -16.70 23.30 19.73
C GLU A 159 -16.86 23.43 21.25
N ALA A 160 -17.28 24.61 21.75
CA ALA A 160 -17.60 24.72 23.17
C ALA A 160 -18.65 23.66 23.55
N VAL A 161 -19.69 23.50 22.72
CA VAL A 161 -20.71 22.53 22.94
C VAL A 161 -20.11 21.13 22.98
N ARG A 162 -19.23 20.84 22.03
CA ARG A 162 -18.63 19.53 21.91
C ARG A 162 -17.84 19.17 23.16
N HIS A 163 -17.04 20.10 23.65
CA HIS A 163 -16.16 19.87 24.81
C HIS A 163 -16.91 19.76 26.12
N MET A 164 -17.84 20.70 26.35
CA MET A 164 -18.74 20.62 27.52
C MET A 164 -19.52 19.30 27.56
N ARG A 165 -20.14 18.94 26.46
CA ARG A 165 -20.85 17.68 26.40
C ARG A 165 -19.94 16.47 26.63
N LYS A 166 -18.74 16.49 26.07
CA LYS A 166 -17.81 15.37 26.20
C LYS A 166 -17.39 15.22 27.63
N VAL A 167 -16.95 16.32 28.25
CA VAL A 167 -16.48 16.22 29.64
C VAL A 167 -17.64 15.74 30.52
N ASN A 168 -18.80 16.37 30.35
CA ASN A 168 -19.97 16.05 31.16
C ASN A 168 -20.37 14.60 30.98
N ALA A 169 -20.38 14.11 29.74
CA ALA A 169 -20.78 12.70 29.49
C ALA A 169 -19.82 11.71 30.13
N GLN A 170 -18.53 12.02 30.04
CA GLN A 170 -17.47 11.19 30.62
C GLN A 170 -17.53 11.13 32.12
N VAL A 171 -17.89 12.25 32.74
CA VAL A 171 -18.07 12.31 34.17
C VAL A 171 -19.27 11.47 34.56
N ARG A 172 -20.41 11.61 33.88
CA ARG A 172 -21.57 10.77 34.22
CA ARG A 172 -21.56 10.77 34.21
C ARG A 172 -21.21 9.28 34.16
N LYS A 173 -20.43 8.89 33.16
CA LYS A 173 -20.10 7.48 33.00
C LYS A 173 -19.17 6.99 34.13
N VAL A 174 -18.17 7.79 34.43
CA VAL A 174 -17.25 7.48 35.53
C VAL A 174 -18.01 7.35 36.86
N VAL A 175 -18.94 8.28 37.11
CA VAL A 175 -19.72 8.22 38.36
C VAL A 175 -20.56 6.96 38.49
N ALA A 176 -21.13 6.51 37.37
CA ALA A 176 -22.05 5.37 37.33
C ALA A 176 -21.35 4.02 37.22
N MET A 177 -20.12 4.01 36.74
CA MET A 177 -19.50 2.74 36.40
C MET A 177 -18.98 1.98 37.59
N SER A 178 -18.76 0.69 37.35
CA SER A 178 -18.28 -0.19 38.37
C SER A 178 -16.84 0.21 38.74
N GLU A 179 -16.56 0.29 40.02
CA GLU A 179 -15.30 0.84 40.51
C GLU A 179 -14.10 0.02 40.04
N ASP A 180 -14.27 -1.30 39.97
CA ASP A 180 -13.19 -2.15 39.53
C ASP A 180 -12.88 -2.05 38.05
N GLU A 181 -13.73 -1.33 37.30
CA GLU A 181 -13.49 -1.03 35.87
C GLU A 181 -12.81 0.31 35.66
N LEU A 182 -12.49 1.01 36.75
CA LEU A 182 -12.01 2.38 36.64
C LEU A 182 -10.54 2.50 36.25
N MET A 183 -9.70 1.55 36.60
CA MET A 183 -8.32 1.60 36.12
C MET A 183 -8.19 1.54 34.58
N THR A 184 -8.95 0.63 33.97
CA THR A 184 -8.99 0.56 32.52
C THR A 184 -9.51 1.85 31.93
N GLU A 185 -10.55 2.43 32.54
CA GLU A 185 -11.04 3.73 32.09
C GLU A 185 -9.95 4.77 32.22
N ALA A 186 -9.29 4.81 33.38
CA ALA A 186 -8.22 5.78 33.63
C ALA A 186 -7.15 5.67 32.56
N LYS A 187 -6.74 4.45 32.30
CA LYS A 187 -5.70 4.20 31.30
C LYS A 187 -6.14 4.66 29.90
N ASN A 188 -7.38 4.31 29.51
CA ASN A 188 -7.92 4.75 28.22
CA ASN A 188 -7.90 4.74 28.22
C ASN A 188 -8.00 6.27 28.14
N LEU A 189 -8.44 6.94 29.21
CA LEU A 189 -8.56 8.43 29.17
C LEU A 189 -7.23 9.20 29.29
N GLY A 190 -6.18 8.53 29.74
CA GLY A 190 -4.98 9.19 30.18
C GLY A 190 -5.20 10.00 31.45
N ALA A 191 -6.04 9.51 32.34
CA ALA A 191 -6.37 10.27 33.54
C ALA A 191 -5.64 9.68 34.75
N PRO A 192 -5.09 10.55 35.65
CA PRO A 192 -4.58 10.16 36.93
C PRO A 192 -5.65 9.44 37.70
N TYR A 193 -5.32 8.23 38.17
CA TYR A 193 -6.30 7.32 38.69
C TYR A 193 -6.99 7.85 39.94
N GLU A 194 -6.23 8.43 40.86
CA GLU A 194 -6.83 8.87 42.13
C GLU A 194 -7.86 9.94 41.90
N LEU A 195 -7.59 10.87 40.97
CA LEU A 195 -8.54 11.93 40.58
C LEU A 195 -9.81 11.35 40.03
N LEU A 196 -9.67 10.35 39.17
CA LEU A 196 -10.83 9.73 38.59
C LEU A 196 -11.68 9.04 39.66
N LEU A 197 -11.02 8.34 40.57
CA LEU A 197 -11.72 7.71 41.67
C LEU A 197 -12.43 8.74 42.57
N GLN A 198 -11.77 9.87 42.81
CA GLN A 198 -12.38 10.93 43.60
C GLN A 198 -13.59 11.54 42.87
N ILE A 199 -13.50 11.69 41.55
CA ILE A 199 -14.65 12.11 40.75
C ILE A 199 -15.83 11.17 40.97
N LYS A 200 -15.60 9.86 40.89
CA LYS A 200 -16.67 8.90 41.12
C LYS A 200 -17.28 9.06 42.53
N LYS A 201 -16.42 9.19 43.53
CA LYS A 201 -16.88 9.37 44.91
C LYS A 201 -17.63 10.67 45.17
N ASP A 202 -17.14 11.78 44.61
CA ASP A 202 -17.76 13.08 44.77
C ASP A 202 -19.01 13.22 43.89
N GLY A 203 -19.11 12.43 42.83
CA GLY A 203 -20.21 12.56 41.88
C GLY A 203 -20.06 13.76 40.96
N LYS A 204 -18.86 14.32 40.92
CA LYS A 204 -18.57 15.55 40.12
C LYS A 204 -17.06 15.83 39.96
N LEU A 205 -16.74 16.64 38.95
CA LEU A 205 -15.44 17.29 38.82
C LEU A 205 -15.16 18.11 40.06
N PRO A 206 -13.88 18.12 40.51
CA PRO A 206 -13.54 18.81 41.74
C PRO A 206 -13.37 20.32 41.54
N VAL A 207 -13.39 20.77 40.30
CA VAL A 207 -13.19 22.17 40.01
C VAL A 207 -14.29 22.68 39.09
N VAL A 208 -14.49 23.98 39.11
CA VAL A 208 -15.42 24.67 38.26
C VAL A 208 -14.99 24.54 36.77
N ASN A 209 -15.98 24.46 35.87
CA ASN A 209 -15.73 24.33 34.44
C ASN A 209 -16.62 25.31 33.63
N PHE A 210 -15.98 26.32 33.09
CA PHE A 210 -16.66 27.35 32.34
C PHE A 210 -16.70 27.02 30.84
N ALA A 211 -17.69 27.56 30.17
CA ALA A 211 -17.72 27.55 28.69
C ALA A 211 -16.83 28.66 28.13
N ALA A 212 -16.11 28.39 27.04
CA ALA A 212 -15.27 29.39 26.37
C ALA A 212 -15.06 29.06 24.91
N GLY A 213 -14.84 30.11 24.11
CA GLY A 213 -14.57 29.99 22.70
C GLY A 213 -15.79 29.65 21.89
N GLY A 214 -16.51 30.67 21.46
CA GLY A 214 -17.62 30.50 20.58
C GLY A 214 -18.90 31.17 21.00
N VAL A 215 -18.98 31.69 22.22
CA VAL A 215 -20.21 32.34 22.67
C VAL A 215 -20.32 33.67 21.98
N ALA A 216 -21.24 33.76 21.04
CA ALA A 216 -21.47 34.99 20.28
C ALA A 216 -22.83 35.60 20.53
N THR A 217 -23.82 34.87 21.06
CA THR A 217 -25.14 35.43 21.25
C THR A 217 -25.66 35.17 22.67
N PRO A 218 -26.67 35.91 23.11
CA PRO A 218 -27.34 35.50 24.38
C PRO A 218 -27.84 34.05 24.38
N ALA A 219 -28.45 33.58 23.28
CA ALA A 219 -28.87 32.15 23.20
C ALA A 219 -27.72 31.19 23.45
N ASP A 220 -26.55 31.48 22.88
CA ASP A 220 -25.35 30.67 23.10
C ASP A 220 -24.92 30.58 24.58
N ALA A 221 -24.96 31.69 25.29
CA ALA A 221 -24.53 31.74 26.67
C ALA A 221 -25.47 30.88 27.53
N ALA A 222 -26.76 31.08 27.32
CA ALA A 222 -27.78 30.28 27.99
C ALA A 222 -27.65 28.80 27.65
N LEU A 223 -27.37 28.50 26.38
CA LEU A 223 -27.17 27.15 25.96
C LEU A 223 -26.08 26.46 26.77
N MET A 224 -24.94 27.13 26.90
CA MET A 224 -23.80 26.58 27.60
C MET A 224 -24.18 26.33 29.07
N MET A 225 -24.96 27.21 29.70
CA MET A 225 -25.40 26.98 31.08
C MET A 225 -26.36 25.82 31.11
N GLN A 226 -27.22 25.74 30.10
CA GLN A 226 -28.14 24.60 29.97
C GLN A 226 -27.42 23.24 29.85
N LEU A 227 -26.23 23.25 29.25
CA LEU A 227 -25.45 22.03 29.07
C LEU A 227 -24.56 21.70 30.26
N GLY A 228 -24.61 22.50 31.32
CA GLY A 228 -23.84 22.23 32.51
C GLY A 228 -22.62 23.10 32.76
N ALA A 229 -22.39 24.16 31.98
CA ALA A 229 -21.29 25.10 32.29
C ALA A 229 -21.53 25.77 33.64
N ASP A 230 -20.45 26.10 34.34
CA ASP A 230 -20.55 26.86 35.57
C ASP A 230 -20.51 28.33 35.33
N GLY A 231 -20.37 28.72 34.07
CA GLY A 231 -20.20 30.11 33.74
C GLY A 231 -19.62 30.22 32.34
N VAL A 232 -19.38 31.45 31.91
CA VAL A 232 -19.11 31.70 30.52
C VAL A 232 -17.99 32.71 30.39
N PHE A 233 -17.01 32.41 29.52
CA PHE A 233 -16.03 33.40 29.05
C PHE A 233 -16.50 33.91 27.69
N VAL A 234 -16.40 35.20 27.47
CA VAL A 234 -16.82 35.81 26.21
CA VAL A 234 -16.79 35.78 26.19
C VAL A 234 -15.72 36.77 25.70
N GLY A 235 -15.60 36.86 24.37
CA GLY A 235 -14.50 37.56 23.77
C GLY A 235 -14.79 39.00 23.41
N SER A 236 -13.83 39.55 22.67
CA SER A 236 -13.76 40.96 22.27
C SER A 236 -14.89 41.44 21.34
N GLY A 237 -15.62 40.52 20.73
CA GLY A 237 -16.74 40.83 19.86
C GLY A 237 -17.86 41.63 20.50
N ILE A 238 -17.99 41.51 21.81
CA ILE A 238 -18.86 42.39 22.56
C ILE A 238 -18.60 43.83 22.17
N PHE A 239 -17.33 44.19 22.07
CA PHE A 239 -16.94 45.57 21.79
C PHE A 239 -16.87 45.94 20.32
N LYS A 240 -17.02 44.96 19.45
CA LYS A 240 -17.14 45.20 18.02
C LYS A 240 -18.58 45.58 17.68
N SER A 241 -19.50 45.30 18.60
CA SER A 241 -20.92 45.58 18.44
C SER A 241 -21.29 47.08 18.35
N ASP A 242 -22.51 47.33 17.89
CA ASP A 242 -23.04 48.70 17.76
C ASP A 242 -23.26 49.32 19.13
N ASN A 243 -23.63 48.47 20.09
CA ASN A 243 -23.86 48.93 21.46
C ASN A 243 -23.22 47.94 22.43
N PRO A 244 -21.91 48.07 22.65
CA PRO A 244 -21.21 47.10 23.53
C PRO A 244 -21.83 46.96 24.93
N ALA A 245 -22.16 48.09 25.56
CA ALA A 245 -22.83 48.08 26.86
C ALA A 245 -24.07 47.20 26.85
N LYS A 246 -24.90 47.36 25.81
CA LYS A 246 -26.18 46.66 25.72
C LYS A 246 -25.97 45.17 25.46
N PHE A 247 -25.05 44.89 24.56
CA PHE A 247 -24.67 43.52 24.25
C PHE A 247 -24.07 42.79 25.47
N ALA A 248 -23.17 43.45 26.17
CA ALA A 248 -22.58 42.89 27.41
C ALA A 248 -23.64 42.55 28.44
N LYS A 249 -24.57 43.47 28.66
CA LYS A 249 -25.66 43.26 29.63
C LYS A 249 -26.52 42.09 29.25
N ALA A 250 -26.82 41.96 27.95
CA ALA A 250 -27.67 40.87 27.46
C ALA A 250 -27.01 39.52 27.69
N ILE A 251 -25.70 39.42 27.45
CA ILE A 251 -24.98 38.19 27.75
C ILE A 251 -25.07 37.82 29.25
N VAL A 252 -24.86 38.81 30.12
CA VAL A 252 -24.93 38.57 31.57
C VAL A 252 -26.31 38.07 31.97
N GLU A 253 -27.36 38.71 31.45
CA GLU A 253 -28.73 38.36 31.78
C GLU A 253 -29.12 37.00 31.20
N ALA A 254 -28.71 36.71 29.97
CA ALA A 254 -28.96 35.38 29.38
C ALA A 254 -28.31 34.30 30.21
N THR A 255 -27.11 34.60 30.72
CA THR A 255 -26.32 33.58 31.47
C THR A 255 -26.98 33.31 32.82
N THR A 256 -27.47 34.36 33.47
CA THR A 256 -28.20 34.27 34.76
C THR A 256 -29.56 33.58 34.64
N HIS A 257 -30.36 34.05 33.71
CA HIS A 257 -31.72 33.55 33.57
C HIS A 257 -31.80 32.68 32.32
N PHE A 258 -31.01 31.61 32.35
CA PHE A 258 -30.77 30.80 31.15
C PHE A 258 -31.95 29.91 30.71
N THR A 259 -33.01 29.85 31.52
CA THR A 259 -34.23 29.16 31.12
C THR A 259 -35.41 30.10 30.83
N ASP A 260 -35.17 31.41 30.87
CA ASP A 260 -36.24 32.42 30.65
C ASP A 260 -36.29 32.81 29.19
N TYR A 261 -37.05 32.03 28.40
CA TYR A 261 -36.97 32.11 26.96
C TYR A 261 -37.62 33.36 26.41
N LYS A 262 -38.64 33.87 27.08
CA LYS A 262 -39.25 35.13 26.67
C LYS A 262 -38.24 36.22 26.83
N LEU A 263 -37.54 36.21 27.96
CA LEU A 263 -36.49 37.19 28.18
C LEU A 263 -35.41 37.05 27.12
N ILE A 264 -34.99 35.80 26.84
CA ILE A 264 -33.87 35.59 25.93
C ILE A 264 -34.27 36.06 24.55
N ALA A 265 -35.54 35.88 24.20
CA ALA A 265 -36.03 36.38 22.91
C ALA A 265 -35.83 37.89 22.79
N GLU A 266 -36.20 38.64 23.83
CA GLU A 266 -35.96 40.11 23.81
C GLU A 266 -34.49 40.45 23.75
N LEU A 267 -33.69 39.75 24.55
CA LEU A 267 -32.25 39.97 24.54
C LEU A 267 -31.59 39.67 23.18
N SER A 268 -32.17 38.76 22.39
CA SER A 268 -31.59 38.39 21.12
C SER A 268 -31.81 39.40 19.98
N LYS A 269 -32.57 40.47 20.22
CA LYS A 269 -32.89 41.46 19.16
C LYS A 269 -31.78 42.48 18.89
N MET B 1 -41.60 22.43 58.80
CA MET B 1 -40.24 22.15 58.25
C MET B 1 -39.72 23.37 57.47
N LEU B 2 -38.50 23.81 57.80
CA LEU B 2 -37.97 25.12 57.39
C LEU B 2 -37.63 25.19 55.91
N THR B 3 -37.78 26.38 55.33
CA THR B 3 -37.28 26.65 53.99
C THR B 3 -36.49 27.94 53.94
N ILE B 4 -35.21 27.81 53.58
CA ILE B 4 -34.31 28.93 53.48
C ILE B 4 -33.94 29.12 52.02
N GLY B 5 -34.03 30.36 51.56
CA GLY B 5 -33.70 30.66 50.19
C GLY B 5 -32.27 31.08 50.07
N VAL B 6 -31.75 30.95 48.85
CA VAL B 6 -30.45 31.51 48.50
C VAL B 6 -30.59 32.32 47.23
N LEU B 7 -30.25 33.61 47.31
CA LEU B 7 -30.32 34.48 46.16
C LEU B 7 -29.39 33.92 45.09
N GLY B 8 -30.00 33.66 43.94
CA GLY B 8 -29.41 32.81 42.90
C GLY B 8 -28.96 33.55 41.68
N LEU B 9 -28.86 34.87 41.76
CA LEU B 9 -28.48 35.69 40.61
C LEU B 9 -27.05 35.38 40.15
N GLN B 10 -26.14 35.16 41.11
CA GLN B 10 -24.74 34.83 40.78
C GLN B 10 -24.08 34.38 42.09
N GLY B 11 -23.04 33.58 41.94
CA GLY B 11 -22.16 33.23 43.04
C GLY B 11 -22.13 31.78 43.46
N ALA B 12 -21.63 31.56 44.67
CA ALA B 12 -21.48 30.20 45.21
C ALA B 12 -22.79 29.78 45.86
N VAL B 13 -23.80 29.62 45.01
CA VAL B 13 -25.18 29.37 45.43
C VAL B 13 -25.38 27.92 45.92
N ARG B 14 -24.95 26.97 45.11
CA ARG B 14 -25.00 25.56 45.44
C ARG B 14 -24.39 25.25 46.81
N GLU B 15 -23.26 25.88 47.08
CA GLU B 15 -22.57 25.67 48.36
C GLU B 15 -23.47 25.98 49.56
N HIS B 16 -24.18 27.10 49.45
CA HIS B 16 -25.09 27.51 50.53
C HIS B 16 -26.29 26.57 50.62
N ILE B 17 -26.83 26.14 49.47
CA ILE B 17 -27.98 25.22 49.48
C ILE B 17 -27.58 23.92 50.15
N HIS B 18 -26.37 23.42 49.85
CA HIS B 18 -25.85 22.17 50.44
C HIS B 18 -25.80 22.23 51.95
N ALA B 19 -25.35 23.37 52.46
CA ALA B 19 -25.19 23.62 53.89
C ALA B 19 -26.55 23.74 54.58
N ILE B 20 -27.47 24.48 53.95
CA ILE B 20 -28.85 24.55 54.44
C ILE B 20 -29.43 23.14 54.65
N GLU B 21 -29.37 22.34 53.59
CA GLU B 21 -29.83 20.94 53.63
C GLU B 21 -29.12 20.09 54.66
N ALA B 22 -27.83 20.33 54.87
CA ALA B 22 -27.05 19.57 55.85
C ALA B 22 -27.50 19.85 57.29
N CYS B 23 -28.07 21.03 57.49
CA CYS B 23 -28.63 21.40 58.78
C CYS B 23 -30.07 20.94 58.93
N GLY B 24 -30.66 20.44 57.85
CA GLY B 24 -32.00 19.89 57.89
C GLY B 24 -33.11 20.84 57.47
N ALA B 25 -32.75 21.99 56.90
CA ALA B 25 -33.74 22.85 56.27
C ALA B 25 -33.88 22.45 54.80
N ALA B 26 -34.88 23.01 54.13
CA ALA B 26 -35.02 22.90 52.68
C ALA B 26 -34.39 24.14 52.09
N GLY B 27 -33.61 23.96 51.03
CA GLY B 27 -32.98 25.07 50.34
C GLY B 27 -33.75 25.37 49.08
N LEU B 28 -33.97 26.65 48.80
CA LEU B 28 -34.59 27.06 47.55
C LEU B 28 -33.70 28.10 46.89
N VAL B 29 -33.34 27.86 45.64
CA VAL B 29 -32.62 28.85 44.85
C VAL B 29 -33.62 29.92 44.36
N VAL B 30 -33.38 31.18 44.73
CA VAL B 30 -34.27 32.30 44.40
C VAL B 30 -33.76 33.16 43.24
N LYS B 31 -34.44 33.11 42.10
CA LYS B 31 -34.08 33.94 40.92
C LYS B 31 -35.11 34.98 40.52
N ARG B 32 -36.32 34.88 41.08
CA ARG B 32 -37.42 35.80 40.80
C ARG B 32 -37.94 36.35 42.14
N PRO B 33 -38.18 37.68 42.23
CA PRO B 33 -38.69 38.29 43.48
C PRO B 33 -39.87 37.55 44.10
N GLU B 34 -40.83 37.14 43.26
CA GLU B 34 -42.00 36.39 43.74
C GLU B 34 -41.63 35.18 44.61
N GLN B 35 -40.46 34.60 44.34
CA GLN B 35 -39.99 33.43 45.10
C GLN B 35 -39.63 33.73 46.55
N LEU B 36 -39.42 35.01 46.86
CA LEU B 36 -39.18 35.42 48.23
C LEU B 36 -40.35 35.07 49.14
N ASN B 37 -41.56 35.14 48.56
CA ASN B 37 -42.79 34.77 49.28
C ASN B 37 -42.80 33.31 49.70
N GLU B 38 -41.89 32.51 49.14
CA GLU B 38 -41.88 31.08 49.40
C GLU B 38 -40.85 30.62 50.44
N VAL B 39 -40.08 31.53 51.04
CA VAL B 39 -39.04 31.11 52.00
C VAL B 39 -39.15 31.81 53.35
N ASP B 40 -38.57 31.17 54.36
CA ASP B 40 -38.55 31.69 55.75
C ASP B 40 -37.37 32.63 56.06
N GLY B 41 -36.36 32.61 55.21
CA GLY B 41 -35.16 33.43 55.39
C GLY B 41 -34.42 33.40 54.08
N LEU B 42 -33.42 34.27 53.95
CA LEU B 42 -32.65 34.37 52.71
C LEU B 42 -31.15 34.49 52.96
N ILE B 43 -30.37 33.79 52.14
CA ILE B 43 -28.92 33.93 52.11
C ILE B 43 -28.45 34.67 50.86
N LEU B 44 -27.66 35.71 51.08
CA LEU B 44 -26.97 36.44 50.02
C LEU B 44 -25.56 35.84 49.95
N PRO B 45 -25.24 35.11 48.87
CA PRO B 45 -24.03 34.32 48.82
C PRO B 45 -22.78 35.13 48.50
N GLY B 46 -21.61 34.51 48.64
CA GLY B 46 -20.40 35.06 48.03
C GLY B 46 -20.44 35.08 46.52
N GLY B 47 -19.60 35.92 45.94
CA GLY B 47 -19.56 36.15 44.50
C GLY B 47 -19.06 37.57 44.24
N GLU B 48 -19.64 38.23 43.24
CA GLU B 48 -19.34 39.64 42.96
C GLU B 48 -20.52 40.54 43.32
N SER B 49 -20.33 41.39 44.33
CA SER B 49 -21.36 42.33 44.78
C SER B 49 -21.77 43.26 43.63
N THR B 50 -20.79 43.69 42.84
CA THR B 50 -21.04 44.42 41.62
C THR B 50 -22.10 43.73 40.74
N THR B 51 -21.88 42.45 40.45
CA THR B 51 -22.76 41.69 39.58
C THR B 51 -24.14 41.55 40.21
N MET B 52 -24.17 41.19 41.47
CA MET B 52 -25.42 40.99 42.17
C MET B 52 -26.25 42.27 42.21
N ARG B 53 -25.61 43.39 42.47
CA ARG B 53 -26.35 44.67 42.49
C ARG B 53 -26.96 44.99 41.13
N ARG B 54 -26.15 44.82 40.07
CA ARG B 54 -26.62 45.07 38.69
CA ARG B 54 -26.62 45.08 38.72
C ARG B 54 -27.83 44.21 38.37
N LEU B 55 -27.77 42.94 38.78
CA LEU B 55 -28.87 42.02 38.51
C LEU B 55 -30.06 42.31 39.43
N ILE B 56 -29.76 42.68 40.68
CA ILE B 56 -30.80 43.09 41.62
C ILE B 56 -31.59 44.27 41.03
N ASP B 57 -30.87 45.26 40.50
CA ASP B 57 -31.49 46.44 39.89
C ASP B 57 -32.34 46.08 38.70
N THR B 58 -31.82 45.21 37.85
CA THR B 58 -32.46 44.91 36.59
C THR B 58 -33.77 44.18 36.80
N TYR B 59 -33.76 43.20 37.72
CA TYR B 59 -34.99 42.44 38.01
C TYR B 59 -35.71 42.96 39.24
N GLN B 60 -35.49 44.24 39.53
CA GLN B 60 -36.25 44.98 40.55
C GLN B 60 -36.45 44.15 41.83
N PHE B 61 -35.31 43.80 42.42
CA PHE B 61 -35.25 42.95 43.61
C PHE B 61 -35.11 43.79 44.86
N MET B 62 -34.70 45.05 44.71
CA MET B 62 -34.40 45.88 45.88
C MET B 62 -35.58 46.11 46.82
N GLU B 63 -36.72 46.52 46.26
CA GLU B 63 -37.95 46.71 47.04
C GLU B 63 -38.46 45.41 47.66
N PRO B 64 -38.65 44.36 46.84
CA PRO B 64 -38.95 43.04 47.38
C PRO B 64 -38.05 42.64 48.54
N LEU B 65 -36.75 42.87 48.40
CA LEU B 65 -35.82 42.49 49.46
C LEU B 65 -36.05 43.33 50.69
N ARG B 66 -36.32 44.62 50.51
CA ARG B 66 -36.59 45.50 51.64
C ARG B 66 -37.88 45.08 52.36
N GLU B 67 -38.94 44.82 51.60
CA GLU B 67 -40.21 44.31 52.15
C GLU B 67 -40.00 42.97 52.88
N PHE B 68 -39.20 42.07 52.30
CA PHE B 68 -38.82 40.80 52.93
C PHE B 68 -38.26 41.06 54.32
N ALA B 69 -37.30 41.99 54.39
CA ALA B 69 -36.67 42.40 55.63
C ALA B 69 -37.68 43.05 56.58
N ALA B 70 -38.44 44.00 56.07
CA ALA B 70 -39.56 44.61 56.81
C ALA B 70 -40.51 43.58 57.45
N GLN B 71 -40.63 42.40 56.86
CA GLN B 71 -41.49 41.34 57.41
C GLN B 71 -40.85 40.55 58.56
N GLY B 72 -39.62 40.88 58.91
CA GLY B 72 -38.88 40.17 59.95
C GLY B 72 -38.10 38.94 59.46
N LYS B 73 -38.20 38.61 58.18
CA LYS B 73 -37.56 37.40 57.69
C LYS B 73 -36.03 37.58 57.80
N PRO B 74 -35.35 36.62 58.46
CA PRO B 74 -33.89 36.74 58.60
C PRO B 74 -33.13 36.71 57.28
N MET B 75 -31.98 37.39 57.28
CA MET B 75 -31.14 37.52 56.10
C MET B 75 -29.65 37.39 56.47
N PHE B 76 -28.93 36.57 55.70
CA PHE B 76 -27.54 36.19 55.95
C PHE B 76 -26.68 36.50 54.73
N GLY B 77 -25.70 37.38 54.92
CA GLY B 77 -24.76 37.77 53.86
C GLY B 77 -23.37 37.22 54.11
N THR B 78 -22.80 36.60 53.09
CA THR B 78 -21.45 36.06 53.16
C THR B 78 -20.59 36.71 52.09
N CYS B 79 -19.79 37.68 52.52
CA CYS B 79 -18.75 38.35 51.74
C CYS B 79 -19.37 39.31 50.70
N ALA B 80 -19.48 38.93 49.44
CA ALA B 80 -20.36 39.69 48.54
C ALA B 80 -21.70 40.04 49.24
N GLY B 81 -22.32 39.06 49.89
CA GLY B 81 -23.61 39.25 50.52
C GLY B 81 -23.57 40.22 51.68
N LEU B 82 -22.48 40.19 52.43
CA LEU B 82 -22.26 41.16 53.47
C LEU B 82 -22.22 42.57 52.86
N ILE B 83 -21.50 42.70 51.74
CA ILE B 83 -21.45 43.96 51.01
C ILE B 83 -22.86 44.43 50.54
N ILE B 84 -23.72 43.51 50.14
CA ILE B 84 -25.05 43.87 49.68
C ILE B 84 -25.90 44.35 50.85
N LEU B 85 -25.63 43.78 52.02
CA LEU B 85 -26.39 44.05 53.24
C LEU B 85 -25.97 45.36 53.97
N ALA B 86 -24.73 45.79 53.75
CA ALA B 86 -24.10 46.80 54.59
C ALA B 86 -24.75 48.17 54.45
N LYS B 87 -24.80 48.92 55.55
CA LYS B 87 -25.32 50.28 55.52
C LYS B 87 -24.43 51.21 54.71
N GLU B 88 -23.12 51.03 54.83
CA GLU B 88 -22.18 51.89 54.12
C GLU B 88 -21.04 51.10 53.54
N ILE B 89 -20.60 51.53 52.36
CA ILE B 89 -19.41 50.99 51.71
C ILE B 89 -18.39 52.11 51.58
N ALA B 90 -17.22 51.93 52.22
CA ALA B 90 -16.13 52.90 52.15
C ALA B 90 -15.86 53.29 50.72
N GLY B 91 -15.65 54.58 50.47
CA GLY B 91 -15.31 55.04 49.12
C GLY B 91 -16.43 55.01 48.09
N SER B 92 -17.65 54.64 48.49
CA SER B 92 -18.81 54.67 47.60
C SER B 92 -19.97 55.47 48.17
N ASP B 93 -20.63 56.19 47.27
CA ASP B 93 -21.87 56.88 47.60
C ASP B 93 -23.09 56.09 47.07
N ASN B 94 -22.89 54.86 46.63
CA ASN B 94 -23.98 54.04 46.11
C ASN B 94 -24.11 52.70 46.86
N PRO B 95 -24.46 52.74 48.15
CA PRO B 95 -24.66 51.50 48.92
C PRO B 95 -25.82 50.64 48.39
N HIS B 96 -25.93 49.41 48.90
CA HIS B 96 -26.90 48.41 48.36
C HIS B 96 -28.18 48.30 49.21
N LEU B 97 -28.45 47.16 49.85
CA LEU B 97 -29.67 47.01 50.66
C LEU B 97 -29.64 47.94 51.86
N GLY B 98 -28.49 47.97 52.54
CA GLY B 98 -28.28 48.90 53.65
C GLY B 98 -28.95 48.51 54.95
N LEU B 99 -29.16 47.23 55.16
CA LEU B 99 -29.93 46.80 56.33
C LEU B 99 -29.05 46.53 57.54
N LEU B 100 -27.80 46.12 57.32
CA LEU B 100 -26.89 45.84 58.44
C LEU B 100 -26.06 47.08 58.74
N ASN B 101 -26.08 47.51 60.01
CA ASN B 101 -25.48 48.78 60.47
C ASN B 101 -23.98 48.66 60.62
N VAL B 102 -23.31 48.42 59.49
CA VAL B 102 -21.86 48.37 59.45
C VAL B 102 -21.37 49.24 58.32
N VAL B 103 -20.12 49.67 58.45
CA VAL B 103 -19.39 50.23 57.35
C VAL B 103 -18.40 49.16 56.91
N VAL B 104 -18.45 48.83 55.63
CA VAL B 104 -17.60 47.79 55.07
C VAL B 104 -16.60 48.40 54.09
N GLU B 105 -15.37 47.88 54.12
CA GLU B 105 -14.38 48.19 53.09
C GLU B 105 -14.14 46.97 52.20
N ARG B 106 -14.37 47.15 50.90
CA ARG B 106 -14.24 46.08 49.95
C ARG B 106 -12.79 45.79 49.63
N ASN B 107 -12.51 44.53 49.32
CA ASN B 107 -11.22 44.15 48.80
C ASN B 107 -10.08 44.64 49.68
N SER B 108 -10.22 44.53 50.99
CA SER B 108 -9.26 45.15 51.93
C SER B 108 -7.99 44.34 52.24
N PHE B 109 -7.94 43.06 51.86
CA PHE B 109 -6.74 42.25 52.12
C PHE B 109 -5.80 42.28 50.93
N GLY B 110 -6.28 42.83 49.81
CA GLY B 110 -5.47 42.93 48.58
C GLY B 110 -6.17 42.32 47.36
N ARG B 111 -5.63 41.23 46.86
CA ARG B 111 -6.14 40.60 45.64
C ARG B 111 -6.22 39.10 45.88
N GLN B 112 -6.50 38.30 44.85
CA GLN B 112 -6.64 36.85 45.09
C GLN B 112 -5.37 36.24 45.68
N VAL B 113 -4.22 36.72 45.28
CA VAL B 113 -2.99 36.17 45.85
C VAL B 113 -2.96 36.27 47.40
N ASP B 114 -3.72 37.23 47.93
CA ASP B 114 -3.78 37.51 49.37
C ASP B 114 -4.88 36.75 50.06
N SER B 115 -5.73 36.09 49.30
CA SER B 115 -6.80 35.35 49.91
C SER B 115 -6.18 34.30 50.82
N PHE B 116 -6.85 34.01 51.92
CA PHE B 116 -6.26 33.19 52.97
C PHE B 116 -7.27 32.38 53.75
N GLU B 117 -6.75 31.40 54.47
CA GLU B 117 -7.48 30.69 55.52
C GLU B 117 -6.92 31.13 56.86
N ALA B 118 -7.80 31.29 57.85
CA ALA B 118 -7.40 31.53 59.23
C ALA B 118 -8.47 30.98 60.17
N ASP B 119 -8.02 30.35 61.26
CA ASP B 119 -8.95 29.88 62.28
C ASP B 119 -9.52 31.03 63.11
N LEU B 120 -10.84 30.99 63.27
CA LEU B 120 -11.59 32.05 63.90
C LEU B 120 -12.28 31.49 65.12
N THR B 121 -12.37 32.33 66.16
CA THR B 121 -13.25 32.08 67.28
C THR B 121 -14.52 32.89 67.05
N ILE B 122 -15.64 32.16 66.97
CA ILE B 122 -16.94 32.75 66.69
C ILE B 122 -17.84 32.58 67.89
N LYS B 123 -18.52 33.65 68.27
CA LYS B 123 -19.42 33.61 69.42
C LYS B 123 -20.51 32.58 69.15
N GLY B 124 -20.71 31.67 70.10
CA GLY B 124 -21.70 30.61 69.97
C GLY B 124 -21.18 29.39 69.25
N LEU B 125 -19.90 29.40 68.89
CA LEU B 125 -19.21 28.23 68.37
C LEU B 125 -18.25 27.81 69.46
N ASP B 126 -18.10 26.50 69.68
CA ASP B 126 -17.22 25.96 70.70
C ASP B 126 -15.80 25.91 70.16
N GLU B 127 -15.56 24.99 69.23
CA GLU B 127 -14.25 24.80 68.65
C GLU B 127 -14.01 25.97 67.68
N PRO B 128 -12.75 26.21 67.30
CA PRO B 128 -12.48 27.22 66.27
C PRO B 128 -13.00 26.83 64.90
N PHE B 129 -13.26 27.84 64.07
CA PHE B 129 -13.82 27.68 62.74
C PHE B 129 -12.86 28.27 61.70
N THR B 130 -12.65 27.54 60.62
CA THR B 130 -11.74 27.97 59.56
C THR B 130 -12.42 28.96 58.65
N GLY B 131 -12.02 30.22 58.75
CA GLY B 131 -12.53 31.25 57.86
C GLY B 131 -11.75 31.17 56.57
N VAL B 132 -12.47 31.06 55.45
CA VAL B 132 -11.86 31.08 54.13
C VAL B 132 -12.20 32.43 53.54
N PHE B 133 -11.19 33.30 53.46
CA PHE B 133 -11.34 34.71 53.06
C PHE B 133 -10.92 34.94 51.63
N ILE B 134 -11.90 35.00 50.73
CA ILE B 134 -11.63 35.12 49.27
C ILE B 134 -11.91 36.56 48.80
N ARG B 135 -10.86 37.32 48.51
CA ARG B 135 -10.98 38.73 48.13
C ARG B 135 -12.00 39.40 49.03
N ALA B 136 -11.80 39.18 50.32
CA ALA B 136 -12.81 39.52 51.32
C ALA B 136 -12.73 41.00 51.64
N PRO B 137 -13.83 41.56 52.15
CA PRO B 137 -13.85 42.93 52.63
C PRO B 137 -13.54 42.92 54.10
N HIS B 138 -13.31 44.06 54.71
CA HIS B 138 -13.61 44.07 56.15
C HIS B 138 -14.63 45.07 56.65
N ILE B 139 -15.11 44.76 57.85
CA ILE B 139 -16.09 45.55 58.53
C ILE B 139 -15.31 46.58 59.34
N LEU B 140 -15.23 47.80 58.82
CA LEU B 140 -14.46 48.90 59.42
C LEU B 140 -15.00 49.36 60.75
N GLU B 141 -16.32 49.44 60.84
CA GLU B 141 -16.98 49.69 62.10
C GLU B 141 -18.38 49.13 62.08
N ALA B 142 -18.90 48.89 63.27
CA ALA B 142 -20.23 48.39 63.47
C ALA B 142 -20.90 49.31 64.47
N GLY B 143 -22.18 49.58 64.25
CA GLY B 143 -22.97 50.35 65.18
C GLY B 143 -23.29 49.61 66.46
N GLU B 144 -24.01 50.30 67.33
CA GLU B 144 -24.27 49.89 68.70
C GLU B 144 -25.37 48.82 68.73
N ASN B 145 -26.27 48.88 67.75
CA ASN B 145 -27.28 47.83 67.62
C ASN B 145 -26.70 46.53 67.01
N VAL B 146 -25.38 46.48 66.80
CA VAL B 146 -24.72 45.32 66.17
C VAL B 146 -23.86 44.51 67.15
N GLU B 147 -24.09 43.21 67.18
CA GLU B 147 -23.28 42.30 67.97
C GLU B 147 -22.10 41.73 67.16
N VAL B 148 -20.89 41.95 67.64
CA VAL B 148 -19.68 41.38 67.08
C VAL B 148 -19.55 39.90 67.50
N LEU B 149 -19.54 39.00 66.52
CA LEU B 149 -19.44 37.55 66.77
C LEU B 149 -18.01 37.02 66.62
N SER B 150 -17.22 37.67 65.79
CA SER B 150 -15.86 37.22 65.53
C SER B 150 -14.99 38.39 65.09
N GLU B 151 -13.73 38.33 65.46
CA GLU B 151 -12.76 39.22 64.84
C GLU B 151 -11.49 38.44 64.47
N HIS B 152 -10.77 38.96 63.47
CA HIS B 152 -9.52 38.37 63.02
C HIS B 152 -8.49 39.46 63.12
N ASN B 153 -7.42 39.23 63.87
CA ASN B 153 -6.42 40.26 64.12
C ASN B 153 -7.06 41.62 64.39
N GLY B 154 -8.01 41.65 65.34
CA GLY B 154 -8.60 42.88 65.81
C GLY B 154 -9.51 43.60 64.84
N ARG B 155 -9.90 42.94 63.76
CA ARG B 155 -10.91 43.43 62.83
CA ARG B 155 -10.93 43.44 62.84
C ARG B 155 -12.17 42.57 62.93
N ILE B 156 -13.34 43.22 62.92
CA ILE B 156 -14.63 42.53 62.92
C ILE B 156 -14.76 41.74 61.58
N VAL B 157 -15.09 40.46 61.66
CA VAL B 157 -15.29 39.62 60.48
C VAL B 157 -16.63 38.87 60.47
N ALA B 158 -17.39 38.98 61.55
CA ALA B 158 -18.72 38.39 61.63
C ALA B 158 -19.52 39.21 62.64
N ALA B 159 -20.82 39.37 62.35
CA ALA B 159 -21.68 40.30 63.07
C ALA B 159 -23.11 39.90 62.91
N LYS B 160 -23.88 40.24 63.93
CA LYS B 160 -25.30 39.96 63.99
C LYS B 160 -26.05 41.21 64.46
N GLN B 161 -27.22 41.43 63.89
CA GLN B 161 -28.08 42.56 64.25
C GLN B 161 -29.50 42.07 64.11
N GLY B 162 -30.06 41.62 65.22
CA GLY B 162 -31.40 41.01 65.20
C GLY B 162 -31.50 39.89 64.17
N GLN B 163 -32.18 40.19 63.05
CA GLN B 163 -32.48 39.20 62.02
C GLN B 163 -31.37 39.11 60.97
N PHE B 164 -30.37 39.97 61.10
CA PHE B 164 -29.30 40.08 60.12
C PHE B 164 -28.04 39.40 60.62
N LEU B 165 -27.51 38.50 59.80
CA LEU B 165 -26.21 37.88 60.01
C LEU B 165 -25.32 38.22 58.83
N GLY B 166 -24.07 38.55 59.12
CA GLY B 166 -23.14 38.95 58.08
C GLY B 166 -21.72 38.57 58.46
N CYS B 167 -20.98 38.05 57.49
CA CYS B 167 -19.55 37.80 57.71
C CYS B 167 -18.72 38.06 56.46
N SER B 168 -17.42 38.25 56.66
CA SER B 168 -16.52 38.60 55.55
C SER B 168 -15.85 37.38 54.90
N PHE B 169 -15.89 36.25 55.60
CA PHE B 169 -15.43 34.99 55.07
C PHE B 169 -16.58 34.15 54.49
N ASN B 170 -16.23 33.07 53.81
CA ASN B 170 -17.21 32.19 53.19
C ASN B 170 -17.23 30.82 53.86
N PRO B 171 -18.08 30.65 54.89
CA PRO B 171 -18.17 29.37 55.60
C PRO B 171 -18.67 28.23 54.72
N GLU B 172 -19.54 28.57 53.76
CA GLU B 172 -20.07 27.59 52.82
C GLU B 172 -18.97 26.90 51.95
N LEU B 173 -17.78 27.47 51.91
CA LEU B 173 -16.65 26.83 51.27
C LEU B 173 -15.99 25.74 52.11
N THR B 174 -16.47 25.52 53.33
CA THR B 174 -15.95 24.42 54.19
C THR B 174 -17.03 23.37 54.43
N GLU B 175 -16.67 22.22 54.98
CA GLU B 175 -17.68 21.22 55.37
C GLU B 175 -18.18 21.40 56.80
N ASP B 176 -17.80 22.52 57.44
CA ASP B 176 -18.25 22.85 58.79
C ASP B 176 -19.46 23.76 58.69
N HIS B 177 -20.63 23.21 59.01
CA HIS B 177 -21.90 23.90 58.77
C HIS B 177 -22.39 24.75 59.94
N ARG B 178 -21.57 24.90 60.96
CA ARG B 178 -21.98 25.54 62.20
C ARG B 178 -22.40 27.00 62.06
N VAL B 179 -21.84 27.73 61.10
CA VAL B 179 -22.29 29.13 60.94
C VAL B 179 -23.68 29.14 60.26
N THR B 180 -23.84 28.30 59.25
CA THR B 180 -25.15 28.09 58.64
C THR B 180 -26.19 27.68 59.71
N GLN B 181 -25.79 26.80 60.61
CA GLN B 181 -26.69 26.41 61.71
C GLN B 181 -27.11 27.62 62.57
N LEU B 182 -26.16 28.47 62.92
CA LEU B 182 -26.49 29.73 63.58
C LEU B 182 -27.59 30.46 62.83
N PHE B 183 -27.45 30.56 61.52
CA PHE B 183 -28.49 31.23 60.72
C PHE B 183 -29.82 30.45 60.72
N VAL B 184 -29.74 29.12 60.62
CA VAL B 184 -30.96 28.30 60.65
C VAL B 184 -31.74 28.55 61.95
N GLU B 185 -31.02 28.59 63.07
CA GLU B 185 -31.63 28.88 64.35
C GLU B 185 -32.28 30.25 64.37
N MET B 186 -31.63 31.25 63.79
CA MET B 186 -32.22 32.58 63.65
C MET B 186 -33.58 32.52 62.92
N VAL B 187 -33.67 31.67 61.90
CA VAL B 187 -34.88 31.56 61.08
C VAL B 187 -35.95 30.78 61.83
N GLU B 188 -35.51 29.81 62.63
CA GLU B 188 -36.42 28.99 63.43
C GLU B 188 -37.06 29.85 64.52
N GLU B 189 -36.27 30.81 65.01
CA GLU B 189 -36.71 31.76 66.02
C GLU B 189 -37.71 32.76 65.46
N TYR B 190 -37.49 33.20 64.22
CA TYR B 190 -38.46 34.03 63.52
C TYR B 190 -39.71 33.22 63.21
N LYS B 191 -39.53 31.93 62.94
CA LYS B 191 -40.65 31.02 62.68
C LYS B 191 -41.29 30.51 63.99
N GLN B 192 -41.30 31.38 65.00
CA GLN B 192 -42.00 31.16 66.26
C GLN B 192 -42.58 32.50 66.68
N LYS B 193 -42.92 33.33 65.69
CA LYS B 193 -42.97 34.77 65.90
C LYS B 193 -43.55 35.48 64.68
N ALA C 2 -58.51 19.92 28.05
CA ALA C 2 -57.86 19.90 26.71
C ALA C 2 -56.35 19.70 26.88
N GLN C 3 -55.68 19.15 25.86
CA GLN C 3 -54.24 18.99 25.90
C GLN C 3 -53.57 19.63 24.67
N THR C 4 -52.49 20.35 24.93
CA THR C 4 -51.62 20.89 23.91
C THR C 4 -50.44 19.96 23.68
N GLY C 5 -49.79 20.10 22.52
CA GLY C 5 -48.48 19.46 22.30
C GLY C 5 -48.50 17.97 22.09
N THR C 6 -49.69 17.42 21.80
CA THR C 6 -49.80 15.98 21.59
C THR C 6 -49.15 15.66 20.24
N GLU C 7 -48.72 14.41 20.06
CA GLU C 7 -48.15 13.98 18.80
C GLU C 7 -49.12 14.29 17.63
N ARG C 8 -50.38 13.95 17.87
CA ARG C 8 -51.39 14.13 16.87
C ARG C 8 -51.60 15.61 16.49
N VAL C 9 -51.54 16.48 17.48
CA VAL C 9 -51.64 17.92 17.22
C VAL C 9 -50.42 18.40 16.44
N LYS C 10 -49.24 17.95 16.85
CA LYS C 10 -47.98 18.36 16.23
C LYS C 10 -47.92 17.94 14.77
N ARG C 11 -48.19 16.66 14.56
CA ARG C 11 -48.21 16.11 13.21
C ARG C 11 -49.42 16.64 12.44
N GLY C 12 -50.54 16.87 13.14
CA GLY C 12 -51.79 17.34 12.49
C GLY C 12 -51.59 18.64 11.71
N MET C 13 -50.74 19.49 12.25
CA MET C 13 -50.44 20.78 11.66
C MET C 13 -49.73 20.57 10.29
N ALA C 14 -48.78 19.64 10.23
CA ALA C 14 -48.09 19.31 8.98
C ALA C 14 -49.07 18.74 7.98
N GLU C 15 -50.02 17.93 8.46
CA GLU C 15 -51.03 17.34 7.57
C GLU C 15 -51.89 18.43 6.89
N MET C 16 -52.12 19.54 7.60
CA MET C 16 -52.90 20.64 7.06
C MET C 16 -52.09 21.53 6.09
N GLN C 17 -50.80 21.25 5.95
CA GLN C 17 -49.91 21.93 5.03
C GLN C 17 -49.81 21.21 3.69
N LYS C 18 -50.32 19.98 3.61
CA LYS C 18 -50.14 19.16 2.43
C LYS C 18 -50.69 19.79 1.17
N GLY C 19 -49.98 19.54 0.07
CA GLY C 19 -50.39 20.06 -1.21
C GLY C 19 -50.12 21.53 -1.38
N GLY C 20 -49.38 22.10 -0.44
CA GLY C 20 -48.99 23.52 -0.50
C GLY C 20 -47.52 23.84 -0.70
N VAL C 21 -47.27 25.14 -0.87
CA VAL C 21 -45.97 25.75 -1.01
C VAL C 21 -45.62 26.62 0.22
N ILE C 22 -44.44 26.34 0.80
CA ILE C 22 -43.86 27.17 1.88
C ILE C 22 -42.70 28.00 1.28
N MET C 23 -42.78 29.31 1.49
CA MET C 23 -41.88 30.28 0.85
C MET C 23 -40.95 30.97 1.86
N ASP C 24 -39.66 30.91 1.57
CA ASP C 24 -38.67 31.65 2.34
C ASP C 24 -38.91 33.14 2.12
N VAL C 25 -38.99 33.92 3.19
CA VAL C 25 -39.17 35.37 3.13
C VAL C 25 -38.21 36.10 4.11
N ILE C 26 -37.76 37.31 3.73
CA ILE C 26 -36.83 38.07 4.58
C ILE C 26 -37.44 39.26 5.26
N ASN C 27 -38.67 39.61 4.89
CA ASN C 27 -39.37 40.74 5.51
C ASN C 27 -40.90 40.62 5.31
N ALA C 28 -41.63 41.54 5.95
CA ALA C 28 -43.09 41.59 5.92
C ALA C 28 -43.65 41.72 4.51
N GLU C 29 -42.98 42.50 3.66
CA GLU C 29 -43.52 42.73 2.31
C GLU C 29 -43.50 41.43 1.50
N GLN C 30 -42.39 40.69 1.60
CA GLN C 30 -42.28 39.38 0.94
C GLN C 30 -43.30 38.38 1.51
N ALA C 31 -43.45 38.35 2.82
CA ALA C 31 -44.48 37.52 3.48
C ALA C 31 -45.87 37.78 2.93
N LYS C 32 -46.22 39.06 2.75
CA LYS C 32 -47.52 39.43 2.23
C LYS C 32 -47.73 38.92 0.82
N ILE C 33 -46.72 39.09 -0.03
CA ILE C 33 -46.73 38.61 -1.42
C ILE C 33 -46.92 37.09 -1.43
N ALA C 34 -46.16 36.39 -0.59
CA ALA C 34 -46.32 34.94 -0.41
C ALA C 34 -47.77 34.56 -0.06
N GLU C 35 -48.33 35.23 0.95
CA GLU C 35 -49.69 34.94 1.38
C GLU C 35 -50.70 35.20 0.23
N GLU C 36 -50.55 36.35 -0.41
CA GLU C 36 -51.38 36.76 -1.53
CA GLU C 36 -51.40 36.73 -1.53
C GLU C 36 -51.30 35.74 -2.67
N ALA C 37 -50.12 35.15 -2.89
CA ALA C 37 -49.93 34.11 -3.94
C ALA C 37 -50.49 32.73 -3.58
N GLY C 38 -50.84 32.49 -2.33
CA GLY C 38 -51.42 31.24 -1.94
C GLY C 38 -50.48 30.31 -1.19
N ALA C 39 -49.34 30.82 -0.75
CA ALA C 39 -48.47 30.02 0.10
C ALA C 39 -49.25 29.54 1.30
N VAL C 40 -48.94 28.34 1.76
CA VAL C 40 -49.53 27.79 2.99
C VAL C 40 -48.78 28.17 4.28
N ALA C 41 -47.52 28.60 4.13
CA ALA C 41 -46.69 29.06 5.22
C ALA C 41 -45.56 29.92 4.67
N VAL C 42 -44.96 30.73 5.54
CA VAL C 42 -43.71 31.38 5.21
C VAL C 42 -42.65 30.92 6.19
N MET C 43 -41.42 30.85 5.68
CA MET C 43 -40.22 30.52 6.47
C MET C 43 -39.46 31.84 6.65
N ALA C 44 -39.50 32.41 7.85
CA ALA C 44 -38.86 33.70 8.11
C ALA C 44 -37.35 33.56 8.20
N LEU C 45 -36.62 34.27 7.35
CA LEU C 45 -35.14 34.31 7.34
C LEU C 45 -34.64 35.71 7.59
N GLU C 46 -33.50 35.81 8.27
CA GLU C 46 -32.84 37.10 8.43
C GLU C 46 -32.12 37.45 7.15
N ARG C 47 -31.14 36.64 6.80
CA ARG C 47 -30.56 36.68 5.49
C ARG C 47 -30.52 35.26 5.00
N VAL C 48 -30.18 35.08 3.72
CA VAL C 48 -30.18 33.76 3.12
C VAL C 48 -28.95 32.94 3.61
N PRO C 49 -29.20 31.82 4.34
CA PRO C 49 -28.12 31.09 5.03
C PRO C 49 -26.99 30.68 4.10
N ALA C 50 -27.36 30.33 2.87
CA ALA C 50 -26.41 30.01 1.80
C ALA C 50 -25.43 31.15 1.56
N ASP C 51 -25.89 32.40 1.68
CA ASP C 51 -25.03 33.57 1.52
C ASP C 51 -24.08 33.80 2.69
N ILE C 52 -24.58 33.65 3.91
CA ILE C 52 -23.78 33.84 5.14
C ILE C 52 -22.57 32.86 5.19
N ARG C 53 -22.85 31.58 4.97
CA ARG C 53 -21.78 30.57 4.99
C ARG C 53 -20.94 30.70 3.71
N ALA C 54 -21.62 30.93 2.57
CA ALA C 54 -20.96 31.25 1.28
C ALA C 54 -20.16 32.56 1.30
N ALA C 55 -20.24 33.30 2.41
CA ALA C 55 -19.23 34.29 2.72
C ALA C 55 -18.10 33.60 3.47
N GLY C 56 -18.47 32.96 4.59
CA GLY C 56 -17.52 32.55 5.65
C GLY C 56 -18.14 32.50 7.05
N GLY C 57 -19.28 33.16 7.24
CA GLY C 57 -19.85 33.35 8.58
C GLY C 57 -20.56 32.18 9.23
N VAL C 58 -20.97 32.41 10.48
CA VAL C 58 -21.85 31.51 11.19
C VAL C 58 -23.29 31.94 10.92
N ALA C 59 -24.08 31.01 10.41
CA ALA C 59 -25.53 31.21 10.23
C ALA C 59 -26.31 30.70 11.47
N ARG C 60 -27.03 31.61 12.11
CA ARG C 60 -27.66 31.38 13.40
C ARG C 60 -29.13 31.64 13.24
N MET C 61 -29.88 31.46 14.31
CA MET C 61 -31.29 31.82 14.35
C MET C 61 -31.45 33.29 13.91
N ALA C 62 -32.55 33.60 13.22
CA ALA C 62 -32.82 34.94 12.75
C ALA C 62 -33.13 35.87 13.92
N ASP C 63 -32.79 37.13 13.75
CA ASP C 63 -33.14 38.17 14.71
C ASP C 63 -34.61 38.08 14.98
N PRO C 64 -35.00 37.86 16.24
CA PRO C 64 -36.43 37.72 16.53
C PRO C 64 -37.28 38.87 16.01
N THR C 65 -36.68 40.04 15.86
CA THR C 65 -37.39 41.19 15.29
C THR C 65 -37.96 40.89 13.91
N ILE C 66 -37.17 40.26 13.06
CA ILE C 66 -37.61 39.92 11.71
C ILE C 66 -38.74 38.90 11.77
N VAL C 67 -38.57 37.91 12.64
CA VAL C 67 -39.54 36.81 12.76
C VAL C 67 -40.89 37.36 13.22
N GLU C 68 -40.86 38.26 14.20
CA GLU C 68 -42.06 38.95 14.65
C GLU C 68 -42.73 39.83 13.59
N GLU C 69 -41.95 40.58 12.82
CA GLU C 69 -42.50 41.40 11.71
CA GLU C 69 -42.49 41.40 11.73
C GLU C 69 -43.21 40.53 10.70
N VAL C 70 -42.59 39.39 10.38
CA VAL C 70 -43.22 38.42 9.48
C VAL C 70 -44.50 37.91 10.10
N MET C 71 -44.47 37.46 11.35
CA MET C 71 -45.70 36.96 12.00
C MET C 71 -46.80 37.98 12.02
N ASN C 72 -46.45 39.24 12.27
CA ASN C 72 -47.47 40.26 12.30
C ASN C 72 -48.04 40.67 10.93
N ALA C 73 -47.37 40.31 9.84
CA ALA C 73 -47.80 40.68 8.50
C ALA C 73 -48.77 39.70 7.84
N VAL C 74 -48.87 38.48 8.36
CA VAL C 74 -49.63 37.45 7.67
C VAL C 74 -50.49 36.67 8.63
N SER C 75 -51.48 35.99 8.11
CA SER C 75 -52.37 35.09 8.88
C SER C 75 -52.09 33.60 8.61
N ILE C 76 -51.11 33.31 7.76
CA ILE C 76 -50.69 31.93 7.54
C ILE C 76 -49.58 31.59 8.52
N PRO C 77 -49.37 30.28 8.76
CA PRO C 77 -48.33 29.92 9.72
C PRO C 77 -46.94 30.47 9.35
N VAL C 78 -46.12 30.67 10.36
CA VAL C 78 -44.77 31.15 10.19
C VAL C 78 -43.78 30.16 10.75
N MET C 79 -42.82 29.74 9.94
CA MET C 79 -41.78 28.86 10.40
C MET C 79 -40.48 29.64 10.53
N ALA C 80 -39.55 29.07 11.29
CA ALA C 80 -38.22 29.63 11.40
C ALA C 80 -37.24 28.54 11.77
N LYS C 81 -35.96 28.85 11.55
CA LYS C 81 -34.88 27.88 11.68
C LYS C 81 -34.09 28.04 12.93
N ALA C 82 -33.76 26.90 13.53
CA ALA C 82 -32.79 26.83 14.64
C ALA C 82 -31.59 25.97 14.22
N ARG C 83 -30.42 26.29 14.76
CA ARG C 83 -29.24 25.47 14.52
C ARG C 83 -29.41 24.08 15.14
N ILE C 84 -28.82 23.09 14.48
CA ILE C 84 -29.01 21.73 14.91
C ILE C 84 -28.48 21.66 16.33
N GLY C 85 -29.28 21.11 17.24
CA GLY C 85 -28.86 20.92 18.62
C GLY C 85 -28.91 22.19 19.45
N HIS C 86 -29.36 23.33 18.91
CA HIS C 86 -29.33 24.56 19.72
C HIS C 86 -30.61 24.67 20.56
N ILE C 87 -30.53 24.05 21.73
CA ILE C 87 -31.69 23.97 22.64
C ILE C 87 -32.35 25.33 22.89
N VAL C 88 -31.53 26.33 23.17
CA VAL C 88 -32.08 27.63 23.50
C VAL C 88 -32.66 28.39 22.32
N GLU C 89 -31.99 28.36 21.15
CA GLU C 89 -32.61 28.95 19.94
C GLU C 89 -34.00 28.34 19.70
N ALA C 90 -34.10 27.01 19.81
CA ALA C 90 -35.39 26.30 19.63
C ALA C 90 -36.47 26.75 20.66
N ARG C 91 -36.07 26.83 21.94
CA ARG C 91 -36.99 27.30 23.00
C ARG C 91 -37.39 28.76 22.83
N VAL C 92 -36.46 29.59 22.36
CA VAL C 92 -36.74 30.98 22.08
C VAL C 92 -37.82 31.10 21.02
N LEU C 93 -37.64 30.43 19.89
CA LEU C 93 -38.66 30.40 18.81
C LEU C 93 -40.01 29.90 19.29
N GLU C 94 -40.01 28.83 20.08
CA GLU C 94 -41.24 28.30 20.66
C GLU C 94 -41.93 29.39 21.49
N ALA C 95 -41.15 30.07 22.33
CA ALA C 95 -41.66 31.19 23.18
C ALA C 95 -42.24 32.35 22.34
N MET C 96 -41.65 32.60 21.19
CA MET C 96 -42.12 33.63 20.27
C MET C 96 -43.42 33.26 19.55
N GLY C 97 -43.82 32.00 19.59
CA GLY C 97 -45.06 31.56 18.93
C GLY C 97 -44.88 31.08 17.50
N VAL C 98 -43.64 30.82 17.09
CA VAL C 98 -43.37 30.29 15.74
C VAL C 98 -44.18 29.00 15.58
N ASP C 99 -44.80 28.80 14.41
CA ASP C 99 -45.71 27.68 14.30
C ASP C 99 -45.02 26.35 14.03
N TYR C 100 -43.83 26.37 13.44
CA TYR C 100 -43.07 25.14 13.14
C TYR C 100 -41.58 25.51 13.12
N ILE C 101 -40.75 24.72 13.79
CA ILE C 101 -39.33 24.96 13.81
C ILE C 101 -38.60 24.02 12.86
N ASP C 102 -37.79 24.60 11.98
CA ASP C 102 -36.93 23.81 11.12
C ASP C 102 -35.59 23.69 11.81
N GLU C 103 -35.28 22.50 12.32
CA GLU C 103 -33.98 22.25 12.95
C GLU C 103 -33.09 22.01 11.75
N SER C 104 -32.34 23.02 11.34
CA SER C 104 -31.89 23.05 9.94
C SER C 104 -30.41 22.87 9.69
N GLU C 105 -30.03 21.96 8.79
CA GLU C 105 -28.63 21.76 8.40
C GLU C 105 -28.08 22.90 7.54
N VAL C 106 -28.89 23.84 7.11
CA VAL C 106 -28.33 24.96 6.39
C VAL C 106 -27.88 26.07 7.31
N LEU C 107 -28.31 26.05 8.58
CA LEU C 107 -27.69 26.92 9.55
C LEU C 107 -26.44 26.19 10.01
N THR C 108 -25.57 26.87 10.74
CA THR C 108 -24.32 26.26 11.19
C THR C 108 -24.60 25.41 12.42
N PRO C 109 -24.41 24.06 12.33
CA PRO C 109 -24.79 23.25 13.49
C PRO C 109 -24.20 23.76 14.80
N ALA C 110 -25.00 23.80 15.85
CA ALA C 110 -24.50 24.14 17.18
C ALA C 110 -23.97 22.92 17.92
N ASP C 111 -24.47 21.75 17.52
CA ASP C 111 -24.06 20.47 18.08
C ASP C 111 -23.89 19.46 16.96
N GLU C 112 -22.66 19.00 16.72
CA GLU C 112 -22.36 18.08 15.63
C GLU C 112 -22.53 16.62 16.02
N GLU C 113 -22.91 16.35 17.26
CA GLU C 113 -23.12 14.98 17.72
CA GLU C 113 -23.12 14.98 17.69
C GLU C 113 -24.55 14.64 18.02
N PHE C 114 -25.29 15.61 18.54
CA PHE C 114 -26.64 15.36 19.00
C PHE C 114 -27.62 16.36 18.43
N HIS C 115 -28.72 15.86 17.87
CA HIS C 115 -29.80 16.70 17.46
C HIS C 115 -30.66 17.00 18.67
N LEU C 116 -31.60 17.92 18.50
CA LEU C 116 -32.48 18.31 19.58
C LEU C 116 -33.39 17.17 19.99
N ASN C 117 -33.66 17.08 21.28
CA ASN C 117 -34.70 16.19 21.79
C ASN C 117 -36.06 16.85 21.57
N LYS C 118 -36.57 16.76 20.37
CA LYS C 118 -37.79 17.49 19.97
C LYS C 118 -39.06 16.96 20.63
N ASN C 119 -39.01 15.71 21.11
CA ASN C 119 -40.10 15.11 21.90
C ASN C 119 -40.51 15.96 23.10
N GLU C 120 -39.58 16.72 23.63
CA GLU C 120 -39.82 17.55 24.82
C GLU C 120 -40.43 18.91 24.57
N TYR C 121 -40.58 19.30 23.31
CA TYR C 121 -41.12 20.60 22.99
C TYR C 121 -42.63 20.48 22.77
N THR C 122 -43.32 21.61 22.89
CA THR C 122 -44.70 21.72 22.53
C THR C 122 -44.87 22.08 21.05
N VAL C 123 -44.06 23.00 20.56
CA VAL C 123 -44.05 23.35 19.13
C VAL C 123 -43.50 22.16 18.33
N PRO C 124 -44.04 21.93 17.12
CA PRO C 124 -43.46 20.88 16.27
C PRO C 124 -42.25 21.30 15.40
N PHE C 125 -41.50 20.29 14.96
CA PHE C 125 -40.26 20.49 14.22
C PHE C 125 -40.34 19.75 12.88
N VAL C 126 -39.81 20.38 11.85
CA VAL C 126 -39.46 19.73 10.60
C VAL C 126 -37.94 19.55 10.56
N CYS C 127 -37.53 18.40 10.07
CA CYS C 127 -36.12 18.10 9.88
C CYS C 127 -35.88 17.57 8.50
N GLY C 128 -34.62 17.69 8.07
CA GLY C 128 -34.16 17.11 6.86
C GLY C 128 -33.79 15.62 6.91
N CYS C 129 -33.90 14.97 5.76
CA CYS C 129 -33.37 13.62 5.60
C CYS C 129 -32.94 13.35 4.13
N ARG C 130 -32.00 12.43 3.94
CA ARG C 130 -31.63 11.94 2.62
C ARG C 130 -32.03 10.48 2.36
N ASP C 131 -32.44 9.76 3.41
CA ASP C 131 -32.84 8.35 3.28
C ASP C 131 -33.73 8.01 4.45
N LEU C 132 -34.27 6.80 4.44
CA LEU C 132 -35.21 6.35 5.42
C LEU C 132 -34.62 6.13 6.80
N GLY C 133 -33.38 5.65 6.88
CA GLY C 133 -32.67 5.60 8.18
C GLY C 133 -32.67 6.95 8.89
N GLU C 134 -32.17 7.95 8.18
CA GLU C 134 -32.09 9.31 8.70
C GLU C 134 -33.48 9.81 9.05
N ALA C 135 -34.46 9.60 8.15
CA ALA C 135 -35.88 9.95 8.41
C ALA C 135 -36.38 9.40 9.74
N THR C 136 -36.14 8.12 9.99
CA THR C 136 -36.74 7.47 11.16
C THR C 136 -36.02 7.91 12.47
N ARG C 137 -34.72 8.16 12.37
CA ARG C 137 -33.96 8.72 13.51
C ARG C 137 -34.48 10.08 13.87
N ARG C 138 -34.73 10.96 12.87
CA ARG C 138 -35.34 12.26 13.17
C ARG C 138 -36.74 12.12 13.76
N ILE C 139 -37.55 11.20 13.24
CA ILE C 139 -38.91 11.00 13.76
C ILE C 139 -38.83 10.52 15.21
N ALA C 140 -37.94 9.57 15.48
CA ALA C 140 -37.78 9.03 16.84
C ALA C 140 -37.38 10.11 17.84
N GLU C 141 -36.54 11.04 17.38
CA GLU C 141 -36.13 12.18 18.23
C GLU C 141 -37.25 13.16 18.43
N GLY C 142 -38.33 13.02 17.64
CA GLY C 142 -39.54 13.82 17.79
C GLY C 142 -39.92 14.77 16.68
N ALA C 143 -39.26 14.65 15.53
CA ALA C 143 -39.71 15.40 14.32
C ALA C 143 -41.15 15.00 13.97
N SER C 144 -41.97 16.01 13.67
CA SER C 144 -43.36 15.81 13.27
C SER C 144 -43.58 16.06 11.78
N MET C 145 -42.52 16.45 11.08
CA MET C 145 -42.57 16.65 9.64
C MET C 145 -41.15 16.45 9.12
N LEU C 146 -41.04 16.04 7.85
CA LEU C 146 -39.77 15.88 7.18
C LEU C 146 -39.72 16.69 5.90
N ARG C 147 -38.50 17.03 5.49
CA ARG C 147 -38.20 17.47 4.14
C ARG C 147 -36.96 16.80 3.60
N THR C 148 -36.85 16.76 2.28
CA THR C 148 -35.60 16.45 1.63
C THR C 148 -34.53 17.47 2.04
N LYS C 149 -33.30 17.02 2.15
CA LYS C 149 -32.20 18.01 2.32
C LYS C 149 -31.97 18.78 1.01
N GLY C 150 -32.15 18.10 -0.11
CA GLY C 150 -31.80 18.69 -1.41
C GLY C 150 -30.38 19.23 -1.41
N GLU C 151 -30.19 20.29 -2.20
CA GLU C 151 -28.92 20.96 -2.37
C GLU C 151 -29.22 22.43 -2.33
N PRO C 152 -29.00 23.03 -1.17
CA PRO C 152 -29.34 24.43 -0.99
C PRO C 152 -28.42 25.35 -1.79
N GLY C 153 -28.97 26.50 -2.12
CA GLY C 153 -28.25 27.55 -2.82
C GLY C 153 -27.72 27.17 -4.19
N THR C 154 -28.38 26.24 -4.89
CA THR C 154 -28.00 25.92 -6.27
C THR C 154 -29.11 26.04 -7.30
N GLY C 155 -30.37 25.84 -6.92
CA GLY C 155 -31.46 25.68 -7.89
C GLY C 155 -31.34 24.41 -8.74
N ASN C 156 -30.48 23.48 -8.37
CA ASN C 156 -30.42 22.18 -9.04
C ASN C 156 -31.32 21.23 -8.27
N ILE C 157 -32.40 20.80 -8.93
CA ILE C 157 -33.41 19.91 -8.34
C ILE C 157 -32.88 18.49 -8.06
N VAL C 158 -31.69 18.15 -8.55
CA VAL C 158 -31.21 16.74 -8.51
C VAL C 158 -31.16 16.10 -7.14
N GLU C 159 -30.78 16.85 -6.12
CA GLU C 159 -30.59 16.22 -4.81
C GLU C 159 -31.94 16.03 -4.12
N ALA C 160 -32.86 17.01 -4.24
CA ALA C 160 -34.28 16.80 -3.86
C ALA C 160 -34.86 15.55 -4.53
N VAL C 161 -34.66 15.40 -5.82
CA VAL C 161 -35.10 14.20 -6.53
C VAL C 161 -34.47 12.95 -5.91
N ARG C 162 -33.16 12.97 -5.73
CA ARG C 162 -32.44 11.80 -5.18
C ARG C 162 -33.02 11.38 -3.86
N HIS C 163 -33.17 12.34 -2.95
CA HIS C 163 -33.63 12.04 -1.60
C HIS C 163 -35.10 11.62 -1.54
N MET C 164 -35.96 12.34 -2.27
CA MET C 164 -37.34 11.92 -2.38
C MET C 164 -37.46 10.53 -2.96
N ARG C 165 -36.72 10.26 -4.03
CA ARG C 165 -36.77 8.93 -4.62
C ARG C 165 -36.24 7.84 -3.69
N LYS C 166 -35.16 8.15 -2.97
CA LYS C 166 -34.56 7.22 -2.04
C LYS C 166 -35.50 6.84 -0.90
N VAL C 167 -35.99 7.83 -0.18
CA VAL C 167 -36.90 7.55 0.90
C VAL C 167 -38.12 6.74 0.41
N ASN C 168 -38.74 7.19 -0.69
CA ASN C 168 -39.91 6.51 -1.21
C ASN C 168 -39.62 5.06 -1.63
N ALA C 169 -38.50 4.84 -2.27
CA ALA C 169 -38.10 3.47 -2.68
C ALA C 169 -37.89 2.58 -1.48
N GLN C 170 -37.25 3.11 -0.45
CA GLN C 170 -36.95 2.35 0.75
C GLN C 170 -38.21 1.99 1.48
N VAL C 171 -39.17 2.92 1.48
CA VAL C 171 -40.46 2.70 2.09
C VAL C 171 -41.19 1.63 1.32
N ARG C 172 -41.19 1.69 0.00
CA ARG C 172 -41.87 0.63 -0.76
CA ARG C 172 -41.87 0.62 -0.76
C ARG C 172 -41.28 -0.76 -0.43
N LYS C 173 -39.97 -0.84 -0.34
CA LYS C 173 -39.31 -2.12 -0.04
C LYS C 173 -39.73 -2.67 1.32
N VAL C 174 -39.70 -1.78 2.31
CA VAL C 174 -40.08 -2.11 3.65
C VAL C 174 -41.52 -2.60 3.74
N VAL C 175 -42.41 -1.89 3.07
CA VAL C 175 -43.80 -2.31 3.08
C VAL C 175 -44.00 -3.71 2.49
N ALA C 176 -43.24 -4.01 1.44
CA ALA C 176 -43.45 -5.27 0.69
C ALA C 176 -42.68 -6.43 1.28
N MET C 177 -41.66 -6.13 2.10
CA MET C 177 -40.73 -7.19 2.47
C MET C 177 -41.24 -8.13 3.57
N SER C 178 -40.61 -9.28 3.66
CA SER C 178 -40.98 -10.24 4.64
C SER C 178 -40.66 -9.66 6.05
N GLU C 179 -41.67 -9.70 6.94
CA GLU C 179 -41.56 -9.09 8.26
C GLU C 179 -40.37 -9.67 9.01
N ASP C 180 -40.09 -10.96 8.86
CA ASP C 180 -38.96 -11.53 9.59
C ASP C 180 -37.60 -11.06 9.06
N GLU C 181 -37.60 -10.30 7.97
CA GLU C 181 -36.37 -9.70 7.44
C GLU C 181 -36.18 -8.24 7.86
N LEU C 182 -37.10 -7.70 8.66
CA LEU C 182 -37.08 -6.27 8.98
C LEU C 182 -36.00 -5.88 9.99
N MET C 183 -35.60 -6.76 10.89
CA MET C 183 -34.52 -6.39 11.85
C MET C 183 -33.21 -6.20 11.11
N THR C 184 -32.88 -7.11 10.21
CA THR C 184 -31.68 -6.94 9.35
C THR C 184 -31.74 -5.64 8.55
N GLU C 185 -32.91 -5.29 8.04
CA GLU C 185 -33.11 -4.05 7.29
C GLU C 185 -32.94 -2.85 8.22
N ALA C 186 -33.55 -2.90 9.41
CA ALA C 186 -33.44 -1.82 10.39
C ALA C 186 -31.97 -1.60 10.78
N LYS C 187 -31.26 -2.67 11.04
CA LYS C 187 -29.86 -2.56 11.34
C LYS C 187 -29.08 -1.94 10.16
N ASN C 188 -29.31 -2.40 8.94
CA ASN C 188 -28.65 -1.84 7.75
CA ASN C 188 -28.64 -1.83 7.77
C ASN C 188 -28.91 -0.34 7.63
N LEU C 189 -30.15 0.06 7.86
CA LEU C 189 -30.53 1.45 7.68
C LEU C 189 -30.17 2.33 8.85
N GLY C 190 -29.88 1.72 10.01
CA GLY C 190 -29.82 2.44 11.27
C GLY C 190 -31.15 3.04 11.70
N ALA C 191 -32.24 2.31 11.42
CA ALA C 191 -33.57 2.78 11.77
C ALA C 191 -34.01 2.09 13.04
N PRO C 192 -34.64 2.84 13.96
CA PRO C 192 -35.34 2.25 15.09
C PRO C 192 -36.37 1.23 14.63
N TYR C 193 -36.29 0.04 15.23
CA TYR C 193 -37.04 -1.11 14.75
C TYR C 193 -38.55 -0.90 14.77
N GLU C 194 -39.11 -0.42 15.88
CA GLU C 194 -40.55 -0.25 16.01
C GLU C 194 -41.14 0.74 14.99
N LEU C 195 -40.40 1.78 14.65
CA LEU C 195 -40.83 2.73 13.65
C LEU C 195 -40.89 2.08 12.28
N LEU C 196 -39.89 1.24 11.96
CA LEU C 196 -39.86 0.58 10.69
C LEU C 196 -41.00 -0.43 10.59
N LEU C 197 -41.23 -1.17 11.68
CA LEU C 197 -42.31 -2.12 11.72
C LEU C 197 -43.66 -1.43 11.52
N GLN C 198 -43.80 -0.26 12.12
CA GLN C 198 -45.04 0.47 11.98
C GLN C 198 -45.19 1.03 10.56
N ILE C 199 -44.09 1.34 9.88
CA ILE C 199 -44.14 1.77 8.46
C ILE C 199 -44.74 0.64 7.63
N LYS C 200 -44.24 -0.56 7.85
CA LYS C 200 -44.75 -1.72 7.14
C LYS C 200 -46.23 -1.89 7.42
N LYS C 201 -46.63 -1.83 8.69
CA LYS C 201 -48.06 -1.90 9.03
C LYS C 201 -48.94 -0.81 8.43
N ASP C 202 -48.50 0.43 8.50
CA ASP C 202 -49.30 1.54 8.01
C ASP C 202 -49.24 1.65 6.49
N GLY C 203 -48.20 1.10 5.86
CA GLY C 203 -48.01 1.26 4.41
C GLY C 203 -47.34 2.56 3.99
N LYS C 204 -46.85 3.32 4.95
CA LYS C 204 -46.36 4.69 4.71
C LYS C 204 -45.57 5.24 5.88
N LEU C 205 -44.82 6.30 5.62
CA LEU C 205 -44.16 7.09 6.65
C LEU C 205 -45.22 7.65 7.58
N PRO C 206 -44.89 7.80 8.89
CA PRO C 206 -45.92 8.34 9.76
C PRO C 206 -46.11 9.88 9.70
N VAL C 207 -45.23 10.58 9.00
CA VAL C 207 -45.27 12.01 8.98
C VAL C 207 -45.18 12.47 7.52
N VAL C 208 -45.70 13.66 7.29
CA VAL C 208 -45.56 14.42 6.03
C VAL C 208 -44.09 14.62 5.66
N ASN C 209 -43.81 14.50 4.36
CA ASN C 209 -42.48 14.65 3.81
C ASN C 209 -42.52 15.60 2.60
N PHE C 210 -41.99 16.82 2.77
CA PHE C 210 -42.02 17.84 1.71
C PHE C 210 -40.71 17.81 0.90
N ALA C 211 -40.76 18.33 -0.32
CA ALA C 211 -39.56 18.54 -1.10
C ALA C 211 -38.96 19.91 -0.73
N ALA C 212 -37.63 19.99 -0.76
CA ALA C 212 -36.91 21.21 -0.35
C ALA C 212 -35.51 21.19 -0.89
N GLY C 213 -35.01 22.38 -1.16
CA GLY C 213 -33.65 22.55 -1.59
C GLY C 213 -33.40 22.22 -3.04
N GLY C 214 -33.90 23.05 -3.95
CA GLY C 214 -33.55 22.98 -5.36
C GLY C 214 -34.67 23.34 -6.34
N VAL C 215 -35.85 23.62 -5.82
CA VAL C 215 -37.04 23.87 -6.64
C VAL C 215 -36.93 25.28 -7.14
N ALA C 216 -36.67 25.40 -8.43
CA ALA C 216 -36.44 26.67 -9.04
C ALA C 216 -37.51 27.00 -10.06
N THR C 217 -38.25 26.02 -10.58
CA THR C 217 -39.21 26.34 -11.65
C THR C 217 -40.54 25.69 -11.36
N PRO C 218 -41.63 26.15 -12.03
CA PRO C 218 -42.88 25.42 -11.89
C PRO C 218 -42.80 23.92 -12.23
N ALA C 219 -42.06 23.55 -13.28
CA ALA C 219 -41.92 22.18 -13.64
C ALA C 219 -41.26 21.38 -12.49
N ASP C 220 -40.33 22.00 -11.79
CA ASP C 220 -39.64 21.40 -10.68
C ASP C 220 -40.60 21.10 -9.51
N ALA C 221 -41.47 22.07 -9.18
CA ALA C 221 -42.47 21.89 -8.16
C ALA C 221 -43.39 20.73 -8.51
N ALA C 222 -43.91 20.70 -9.73
CA ALA C 222 -44.82 19.63 -10.16
C ALA C 222 -44.11 18.29 -10.15
N LEU C 223 -42.86 18.27 -10.63
CA LEU C 223 -42.06 17.04 -10.57
C LEU C 223 -41.99 16.41 -9.15
N MET C 224 -41.76 17.27 -8.16
CA MET C 224 -41.56 16.75 -6.84
C MET C 224 -42.85 16.12 -6.33
N MET C 225 -43.96 16.74 -6.66
CA MET C 225 -45.27 16.21 -6.31
C MET C 225 -45.50 14.89 -7.07
N GLN C 226 -45.07 14.83 -8.33
CA GLN C 226 -45.14 13.61 -9.11
C GLN C 226 -44.34 12.47 -8.48
N LEU C 227 -43.18 12.79 -7.92
CA LEU C 227 -42.37 11.82 -7.25
C LEU C 227 -42.82 11.42 -5.81
N GLY C 228 -43.91 11.95 -5.31
CA GLY C 228 -44.41 11.58 -3.97
C GLY C 228 -44.28 12.59 -2.86
N ALA C 229 -43.79 13.80 -3.11
CA ALA C 229 -43.71 14.82 -2.08
C ALA C 229 -45.11 15.18 -1.60
N ASP C 230 -45.25 15.52 -0.33
CA ASP C 230 -46.51 16.02 0.19
C ASP C 230 -46.71 17.50 0.02
N GLY C 231 -45.66 18.18 -0.45
CA GLY C 231 -45.69 19.62 -0.68
C GLY C 231 -44.28 20.09 -0.95
N VAL C 232 -44.08 21.42 -0.98
CA VAL C 232 -42.86 22.00 -1.50
C VAL C 232 -42.45 23.22 -0.67
N PHE C 233 -41.18 23.28 -0.28
CA PHE C 233 -40.49 24.52 0.20
C PHE C 233 -39.75 25.14 -0.97
N VAL C 234 -39.85 26.45 -1.15
CA VAL C 234 -39.12 27.14 -2.19
C VAL C 234 -38.41 28.36 -1.57
N GLY C 235 -37.31 28.75 -2.20
CA GLY C 235 -36.47 29.77 -1.63
C GLY C 235 -36.69 31.17 -2.13
N SER C 236 -35.76 32.01 -1.68
CA SER C 236 -35.71 33.45 -1.91
C SER C 236 -35.63 33.87 -3.36
N GLY C 237 -35.13 32.98 -4.21
CA GLY C 237 -35.14 33.15 -5.67
C GLY C 237 -36.40 33.75 -6.27
N ILE C 238 -37.55 33.41 -5.70
CA ILE C 238 -38.84 33.96 -6.10
C ILE C 238 -38.77 35.47 -6.21
N PHE C 239 -38.18 36.08 -5.20
CA PHE C 239 -38.13 37.51 -5.11
C PHE C 239 -37.00 38.17 -5.91
N LYS C 240 -36.21 37.38 -6.62
CA LYS C 240 -35.21 37.93 -7.55
C LYS C 240 -35.77 38.09 -8.95
N SER C 241 -36.99 37.61 -9.18
CA SER C 241 -37.57 37.70 -10.51
C SER C 241 -38.16 39.08 -10.73
N ASP C 242 -38.40 39.40 -12.00
CA ASP C 242 -39.04 40.65 -12.38
C ASP C 242 -40.47 40.82 -11.86
N ASN C 243 -41.16 39.71 -11.60
CA ASN C 243 -42.52 39.75 -11.08
C ASN C 243 -42.69 38.61 -10.04
N PRO C 244 -42.17 38.83 -8.82
CA PRO C 244 -42.26 37.83 -7.77
C PRO C 244 -43.67 37.29 -7.50
N ALA C 245 -44.66 38.16 -7.49
CA ALA C 245 -46.06 37.76 -7.30
C ALA C 245 -46.48 36.69 -8.31
N LYS C 246 -46.16 36.95 -9.58
CA LYS C 246 -46.55 36.08 -10.69
C LYS C 246 -45.77 34.78 -10.56
N PHE C 247 -44.50 34.90 -10.18
CA PHE C 247 -43.64 33.76 -10.04
C PHE C 247 -44.12 32.84 -8.89
N ALA C 248 -44.38 33.44 -7.74
CA ALA C 248 -44.89 32.73 -6.60
C ALA C 248 -46.23 32.03 -6.91
N LYS C 249 -47.12 32.73 -7.63
CA LYS C 249 -48.38 32.19 -8.05
C LYS C 249 -48.17 30.98 -8.93
N ALA C 250 -47.22 31.06 -9.86
CA ALA C 250 -46.96 29.93 -10.75
C ALA C 250 -46.50 28.66 -10.01
N ILE C 251 -45.68 28.80 -8.96
CA ILE C 251 -45.20 27.63 -8.17
C ILE C 251 -46.37 27.00 -7.42
N VAL C 252 -47.23 27.83 -6.86
CA VAL C 252 -48.44 27.37 -6.17
C VAL C 252 -49.36 26.61 -7.12
N GLU C 253 -49.61 27.14 -8.31
CA GLU C 253 -50.47 26.46 -9.28
C GLU C 253 -49.95 25.13 -9.77
N ALA C 254 -48.65 25.07 -10.05
CA ALA C 254 -47.97 23.87 -10.55
C ALA C 254 -47.97 22.78 -9.49
N THR C 255 -47.85 23.19 -8.24
CA THR C 255 -47.89 22.29 -7.10
C THR C 255 -49.28 21.65 -6.91
N THR C 256 -50.34 22.47 -7.02
CA THR C 256 -51.73 22.03 -6.92
C THR C 256 -52.11 21.17 -8.12
N HIS C 257 -51.80 21.64 -9.32
CA HIS C 257 -52.19 20.93 -10.56
C HIS C 257 -50.96 20.33 -11.25
N PHE C 258 -50.34 19.37 -10.56
CA PHE C 258 -49.01 18.89 -10.95
C PHE C 258 -49.01 17.92 -12.14
N THR C 259 -50.20 17.54 -12.64
CA THR C 259 -50.34 16.74 -13.86
C THR C 259 -50.95 17.51 -15.03
N ASP C 260 -51.18 18.80 -14.87
CA ASP C 260 -51.78 19.56 -15.95
C ASP C 260 -50.68 20.26 -16.79
N TYR C 261 -50.22 19.52 -17.77
CA TYR C 261 -49.01 19.87 -18.49
C TYR C 261 -49.27 21.02 -19.41
N LYS C 262 -50.47 21.14 -19.99
CA LYS C 262 -50.85 22.36 -20.71
C LYS C 262 -50.73 23.58 -19.83
N LEU C 263 -51.21 23.45 -18.59
CA LEU C 263 -51.14 24.59 -17.66
C LEU C 263 -49.70 24.91 -17.26
N ILE C 264 -48.93 23.88 -16.95
CA ILE C 264 -47.55 24.07 -16.50
C ILE C 264 -46.71 24.67 -17.62
N ALA C 265 -47.01 24.29 -18.86
CA ALA C 265 -46.42 24.95 -20.03
C ALA C 265 -46.61 26.46 -20.04
N GLU C 266 -47.84 26.93 -19.82
CA GLU C 266 -48.09 28.38 -19.70
C GLU C 266 -47.38 28.99 -18.49
N LEU C 267 -47.47 28.32 -17.35
CA LEU C 267 -46.80 28.82 -16.14
C LEU C 267 -45.28 28.92 -16.29
N SER C 268 -44.69 28.15 -17.20
CA SER C 268 -43.24 28.14 -17.37
C SER C 268 -42.68 29.30 -18.22
N LYS C 269 -43.56 30.17 -18.73
CA LYS C 269 -43.14 31.24 -19.62
C LYS C 269 -42.69 32.47 -18.85
N GLU C 270 -41.67 33.14 -19.39
CA GLU C 270 -41.36 34.54 -19.04
C GLU C 270 -41.47 34.81 -17.54
N MET D 1 -73.28 3.56 -5.53
CA MET D 1 -73.19 4.16 -4.17
C MET D 1 -73.20 5.70 -4.20
N LEU D 2 -73.19 6.26 -3.00
CA LEU D 2 -72.91 7.66 -2.78
C LEU D 2 -71.49 7.93 -3.29
N THR D 3 -71.32 9.00 -4.05
CA THR D 3 -69.98 9.54 -4.26
C THR D 3 -69.92 10.89 -3.57
N ILE D 4 -68.89 11.07 -2.74
CA ILE D 4 -68.70 12.33 -2.01
C ILE D 4 -67.39 12.95 -2.43
N GLY D 5 -67.47 14.19 -2.93
CA GLY D 5 -66.30 14.93 -3.34
C GLY D 5 -65.56 15.44 -2.14
N VAL D 6 -64.24 15.48 -2.24
CA VAL D 6 -63.44 16.31 -1.33
C VAL D 6 -62.70 17.30 -2.20
N LEU D 7 -62.86 18.59 -1.91
CA LEU D 7 -62.16 19.62 -2.69
C LEU D 7 -60.65 19.46 -2.48
N GLY D 8 -59.91 19.20 -3.55
CA GLY D 8 -58.49 18.85 -3.42
C GLY D 8 -57.49 19.92 -3.80
N LEU D 9 -57.90 21.18 -3.76
CA LEU D 9 -56.99 22.27 -4.14
C LEU D 9 -55.80 22.33 -3.17
N GLN D 10 -56.05 22.12 -1.88
CA GLN D 10 -55.01 22.10 -0.87
C GLN D 10 -55.53 21.48 0.41
N GLY D 11 -54.65 20.84 1.19
CA GLY D 11 -54.97 20.52 2.59
C GLY D 11 -54.96 19.03 2.93
N ALA D 12 -55.66 18.68 4.00
CA ALA D 12 -55.71 17.31 4.48
C ALA D 12 -56.79 16.55 3.73
N VAL D 13 -56.54 16.34 2.44
CA VAL D 13 -57.58 15.86 1.54
C VAL D 13 -57.74 14.35 1.70
N ARG D 14 -56.63 13.65 1.79
CA ARG D 14 -56.72 12.21 1.86
C ARG D 14 -57.33 11.75 3.18
N GLU D 15 -57.20 12.56 4.23
CA GLU D 15 -57.81 12.23 5.50
C GLU D 15 -59.32 12.16 5.35
N HIS D 16 -59.87 13.08 4.57
CA HIS D 16 -61.32 13.07 4.36
C HIS D 16 -61.78 11.91 3.47
N ILE D 17 -60.98 11.59 2.44
CA ILE D 17 -61.26 10.49 1.53
C ILE D 17 -61.27 9.17 2.30
N HIS D 18 -60.31 9.01 3.22
CA HIS D 18 -60.24 7.80 4.05
C HIS D 18 -61.50 7.59 4.90
N ALA D 19 -61.98 8.65 5.54
CA ALA D 19 -63.16 8.58 6.41
C ALA D 19 -64.46 8.35 5.62
N ILE D 20 -64.58 8.99 4.47
CA ILE D 20 -65.67 8.70 3.51
C ILE D 20 -65.72 7.22 3.16
N GLU D 21 -64.58 6.66 2.74
CA GLU D 21 -64.53 5.27 2.34
C GLU D 21 -64.80 4.33 3.50
N ALA D 22 -64.35 4.71 4.70
CA ALA D 22 -64.61 3.91 5.89
C ALA D 22 -66.10 3.83 6.22
N CYS D 23 -66.83 4.85 5.79
CA CYS D 23 -68.27 4.93 5.98
C CYS D 23 -69.05 4.30 4.82
N GLY D 24 -68.37 3.52 3.98
CA GLY D 24 -69.01 2.80 2.87
C GLY D 24 -69.39 3.66 1.67
N ALA D 25 -68.96 4.92 1.62
CA ALA D 25 -69.22 5.78 0.46
C ALA D 25 -67.99 5.86 -0.43
N ALA D 26 -68.19 6.33 -1.65
CA ALA D 26 -67.10 6.55 -2.61
C ALA D 26 -66.58 7.98 -2.49
N GLY D 27 -65.27 8.14 -2.41
CA GLY D 27 -64.67 9.47 -2.31
C GLY D 27 -64.03 9.86 -3.63
N LEU D 28 -64.25 11.09 -4.06
CA LEU D 28 -63.53 11.63 -5.21
C LEU D 28 -62.83 12.94 -4.87
N VAL D 29 -61.57 13.05 -5.27
CA VAL D 29 -60.81 14.25 -5.08
C VAL D 29 -61.19 15.22 -6.19
N VAL D 30 -61.76 16.36 -5.84
CA VAL D 30 -62.23 17.32 -6.82
C VAL D 30 -61.20 18.43 -7.00
N LYS D 31 -60.57 18.44 -8.16
CA LYS D 31 -59.60 19.47 -8.54
C LYS D 31 -60.05 20.40 -9.65
N ARG D 32 -61.10 20.01 -10.38
CA ARG D 32 -61.61 20.81 -11.50
C ARG D 32 -63.11 21.03 -11.31
N PRO D 33 -63.63 22.22 -11.63
CA PRO D 33 -65.06 22.46 -11.38
C PRO D 33 -66.00 21.42 -12.00
N GLU D 34 -65.72 21.02 -13.23
CA GLU D 34 -66.42 19.90 -13.91
C GLU D 34 -66.71 18.70 -13.02
N GLN D 35 -65.76 18.35 -12.14
CA GLN D 35 -65.92 17.21 -11.24
C GLN D 35 -67.02 17.38 -10.20
N LEU D 36 -67.47 18.61 -9.95
CA LEU D 36 -68.61 18.82 -9.06
C LEU D 36 -69.87 18.05 -9.56
N ASN D 37 -70.01 17.91 -10.87
CA ASN D 37 -71.17 17.23 -11.42
C ASN D 37 -71.15 15.71 -11.20
N GLU D 38 -70.04 15.17 -10.66
CA GLU D 38 -69.91 13.73 -10.47
C GLU D 38 -70.02 13.28 -9.02
N VAL D 39 -70.38 14.19 -8.13
CA VAL D 39 -70.51 13.86 -6.70
C VAL D 39 -71.87 14.28 -6.15
N ASP D 40 -72.27 13.64 -5.07
CA ASP D 40 -73.55 13.89 -4.42
C ASP D 40 -73.42 14.91 -3.29
N GLY D 41 -72.19 15.03 -2.77
CA GLY D 41 -71.88 15.97 -1.70
C GLY D 41 -70.41 16.34 -1.74
N LEU D 42 -70.02 17.35 -0.97
CA LEU D 42 -68.65 17.87 -1.04
C LEU D 42 -68.10 18.25 0.32
N ILE D 43 -66.91 17.73 0.62
CA ILE D 43 -66.17 18.15 1.79
C ILE D 43 -65.13 19.23 1.43
N LEU D 44 -65.16 20.33 2.18
CA LEU D 44 -64.17 21.36 2.09
C LEU D 44 -63.24 21.12 3.27
N PRO D 45 -62.00 20.66 3.00
CA PRO D 45 -61.11 20.16 4.02
C PRO D 45 -60.45 21.23 4.89
N GLY D 46 -59.71 20.76 5.88
CA GLY D 46 -58.79 21.61 6.63
C GLY D 46 -57.59 21.93 5.78
N GLY D 47 -56.93 23.03 6.09
CA GLY D 47 -55.73 23.43 5.39
C GLY D 47 -55.60 24.91 5.62
N GLU D 48 -55.20 25.66 4.59
CA GLU D 48 -55.23 27.12 4.67
C GLU D 48 -56.37 27.69 3.84
N SER D 49 -57.26 28.46 4.48
CA SER D 49 -58.41 29.04 3.80
C SER D 49 -57.99 30.10 2.81
N THR D 50 -56.90 30.83 3.08
CA THR D 50 -56.39 31.80 2.13
C THR D 50 -55.87 31.13 0.84
N THR D 51 -55.06 30.07 1.00
CA THR D 51 -54.67 29.25 -0.13
C THR D 51 -55.86 28.76 -0.92
N MET D 52 -56.85 28.25 -0.22
CA MET D 52 -58.03 27.73 -0.88
C MET D 52 -58.78 28.82 -1.62
N ARG D 53 -58.93 29.98 -1.01
CA ARG D 53 -59.65 31.06 -1.70
C ARG D 53 -58.93 31.47 -2.98
N ARG D 54 -57.61 31.61 -2.90
CA ARG D 54 -56.79 32.03 -4.05
CA ARG D 54 -56.83 32.04 -4.05
C ARG D 54 -56.92 31.03 -5.18
N LEU D 55 -56.87 29.75 -4.84
CA LEU D 55 -56.97 28.71 -5.84
C LEU D 55 -58.40 28.69 -6.40
N ILE D 56 -59.38 28.91 -5.52
CA ILE D 56 -60.78 29.02 -5.93
C ILE D 56 -60.99 30.16 -6.93
N ASP D 57 -60.40 31.32 -6.67
CA ASP D 57 -60.50 32.45 -7.60
C ASP D 57 -59.88 32.14 -8.96
N THR D 58 -58.64 31.68 -8.96
CA THR D 58 -57.90 31.41 -10.17
C THR D 58 -58.63 30.40 -11.07
N TYR D 59 -59.11 29.31 -10.47
CA TYR D 59 -59.78 28.25 -11.24
C TYR D 59 -61.30 28.40 -11.29
N GLN D 60 -61.79 29.58 -10.92
CA GLN D 60 -63.20 29.95 -11.09
C GLN D 60 -64.16 28.94 -10.49
N PHE D 61 -63.90 28.58 -9.24
CA PHE D 61 -64.68 27.56 -8.54
C PHE D 61 -65.84 28.18 -7.80
N MET D 62 -65.81 29.51 -7.60
CA MET D 62 -66.80 30.11 -6.71
C MET D 62 -68.22 29.92 -7.20
N GLU D 63 -68.49 30.32 -8.44
CA GLU D 63 -69.86 30.17 -8.97
C GLU D 63 -70.31 28.72 -9.08
N PRO D 64 -69.48 27.84 -9.65
CA PRO D 64 -69.77 26.39 -9.67
C PRO D 64 -70.07 25.77 -8.31
N LEU D 65 -69.37 26.20 -7.27
CA LEU D 65 -69.66 25.76 -5.91
C LEU D 65 -71.01 26.30 -5.41
N ARG D 66 -71.34 27.52 -5.79
CA ARG D 66 -72.62 28.13 -5.43
C ARG D 66 -73.80 27.39 -6.11
N GLU D 67 -73.65 27.16 -7.43
CA GLU D 67 -74.55 26.30 -8.23
C GLU D 67 -74.80 24.95 -7.54
N PHE D 68 -73.69 24.33 -7.14
CA PHE D 68 -73.69 23.05 -6.45
C PHE D 68 -74.60 23.11 -5.22
N ALA D 69 -74.44 24.18 -4.46
CA ALA D 69 -75.26 24.41 -3.27
C ALA D 69 -76.70 24.68 -3.68
N ALA D 70 -76.88 25.49 -4.73
CA ALA D 70 -78.20 25.76 -5.29
C ALA D 70 -78.92 24.47 -5.73
N GLN D 71 -78.19 23.43 -6.11
CA GLN D 71 -78.82 22.15 -6.43
C GLN D 71 -79.23 21.36 -5.20
N GLY D 72 -78.92 21.84 -4.00
CA GLY D 72 -79.25 21.13 -2.78
C GLY D 72 -78.20 20.12 -2.34
N LYS D 73 -77.09 20.02 -3.07
CA LYS D 73 -76.06 19.04 -2.69
C LYS D 73 -75.42 19.48 -1.36
N PRO D 74 -75.37 18.58 -0.37
CA PRO D 74 -74.76 18.93 0.93
C PRO D 74 -73.25 19.24 0.87
N MET D 75 -72.83 20.12 1.79
CA MET D 75 -71.45 20.64 1.86
C MET D 75 -70.98 20.66 3.32
N PHE D 76 -69.78 20.13 3.58
CA PHE D 76 -69.21 19.95 4.92
C PHE D 76 -67.84 20.66 4.99
N GLY D 77 -67.70 21.60 5.92
CA GLY D 77 -66.48 22.40 6.09
C GLY D 77 -65.84 22.11 7.44
N THR D 78 -64.59 21.63 7.41
CA THR D 78 -63.79 21.39 8.62
C THR D 78 -62.69 22.43 8.74
N CYS D 79 -62.82 23.31 9.73
CA CYS D 79 -61.80 24.33 10.04
C CYS D 79 -61.60 25.34 8.86
N ALA D 80 -60.55 25.26 8.05
CA ALA D 80 -60.50 26.06 6.81
C ALA D 80 -61.78 25.96 5.95
N GLY D 81 -62.37 24.76 5.89
CA GLY D 81 -63.61 24.59 5.13
C GLY D 81 -64.80 25.33 5.70
N LEU D 82 -64.88 25.36 7.03
CA LEU D 82 -65.83 26.20 7.74
C LEU D 82 -65.63 27.68 7.36
N ILE D 83 -64.38 28.11 7.43
CA ILE D 83 -64.05 29.49 7.05
C ILE D 83 -64.51 29.76 5.60
N ILE D 84 -64.37 28.78 4.71
CA ILE D 84 -64.76 28.98 3.30
C ILE D 84 -66.30 29.04 3.19
N LEU D 85 -66.99 28.28 4.04
CA LEU D 85 -68.45 28.28 4.09
C LEU D 85 -69.07 29.55 4.74
N ALA D 86 -68.38 30.10 5.75
CA ALA D 86 -68.96 31.15 6.62
C ALA D 86 -69.55 32.36 5.87
N LYS D 87 -70.67 32.85 6.37
CA LYS D 87 -71.26 34.06 5.85
C LYS D 87 -70.33 35.28 6.04
N GLU D 88 -69.69 35.34 7.20
CA GLU D 88 -68.86 36.47 7.56
C GLU D 88 -67.60 36.04 8.29
N ILE D 89 -66.50 36.72 8.00
CA ILE D 89 -65.24 36.49 8.70
C ILE D 89 -64.92 37.75 9.48
N ALA D 90 -64.79 37.62 10.79
CA ALA D 90 -64.49 38.76 11.65
C ALA D 90 -63.25 39.47 11.13
N GLY D 91 -63.32 40.79 11.02
CA GLY D 91 -62.16 41.59 10.63
C GLY D 91 -61.82 41.56 9.14
N SER D 92 -62.68 40.95 8.33
CA SER D 92 -62.49 40.94 6.88
C SER D 92 -63.75 41.36 6.14
N ASP D 93 -63.54 42.07 5.03
CA ASP D 93 -64.62 42.46 4.14
C ASP D 93 -64.69 41.57 2.91
N ASN D 94 -63.93 40.47 2.91
CA ASN D 94 -63.93 39.58 1.75
C ASN D 94 -64.26 38.12 2.07
N PRO D 95 -65.51 37.84 2.48
CA PRO D 95 -65.89 36.46 2.78
C PRO D 95 -65.86 35.58 1.54
N HIS D 96 -65.95 34.28 1.77
CA HIS D 96 -65.69 33.30 0.72
C HIS D 96 -67.02 32.84 0.10
N LEU D 97 -67.41 31.59 0.29
CA LEU D 97 -68.72 31.13 -0.24
C LEU D 97 -69.89 31.82 0.43
N GLY D 98 -69.86 31.98 1.75
CA GLY D 98 -70.91 32.72 2.43
C GLY D 98 -72.25 32.01 2.52
N LEU D 99 -72.22 30.69 2.73
CA LEU D 99 -73.45 29.88 2.68
C LEU D 99 -73.95 29.42 4.05
N LEU D 100 -73.03 29.23 4.99
CA LEU D 100 -73.41 28.93 6.38
C LEU D 100 -73.60 30.24 7.12
N ASN D 101 -74.75 30.38 7.78
CA ASN D 101 -75.14 31.64 8.40
C ASN D 101 -74.46 31.86 9.76
N VAL D 102 -73.14 31.89 9.74
CA VAL D 102 -72.34 32.04 10.95
C VAL D 102 -71.34 33.18 10.76
N VAL D 103 -70.86 33.73 11.88
CA VAL D 103 -69.74 34.66 11.88
C VAL D 103 -68.57 33.89 12.46
N VAL D 104 -67.48 33.83 11.73
CA VAL D 104 -66.32 33.07 12.14
C VAL D 104 -65.14 34.01 12.37
N GLU D 105 -64.38 33.76 13.44
CA GLU D 105 -63.13 34.45 13.69
C GLU D 105 -62.00 33.46 13.53
N ARG D 106 -61.09 33.77 12.61
CA ARG D 106 -59.93 32.93 12.31
C ARG D 106 -58.88 33.03 13.39
N ASN D 107 -58.15 31.94 13.55
CA ASN D 107 -56.98 31.91 14.41
C ASN D 107 -57.24 32.38 15.83
N SER D 108 -58.36 31.93 16.41
CA SER D 108 -58.83 32.55 17.65
C SER D 108 -58.26 31.95 18.93
N PHE D 109 -57.50 30.86 18.84
CA PHE D 109 -56.86 30.28 20.04
C PHE D 109 -55.41 30.69 20.16
N GLY D 110 -54.91 31.35 19.11
CA GLY D 110 -53.55 31.87 19.04
C GLY D 110 -52.81 31.27 17.84
N ARG D 111 -51.82 30.43 18.09
CA ARG D 111 -50.95 29.91 17.04
C ARG D 111 -50.79 28.39 17.24
N GLN D 112 -49.87 27.76 16.51
CA GLN D 112 -49.78 26.30 16.57
C GLN D 112 -49.49 25.80 17.98
N VAL D 113 -48.67 26.50 18.77
CA VAL D 113 -48.38 26.04 20.13
C VAL D 113 -49.64 25.91 20.99
N ASP D 114 -50.69 26.67 20.64
CA ASP D 114 -51.97 26.62 21.32
C ASP D 114 -52.91 25.59 20.75
N SER D 115 -52.57 24.97 19.60
CA SER D 115 -53.41 23.91 19.05
C SER D 115 -53.58 22.84 20.10
N PHE D 116 -54.77 22.24 20.14
CA PHE D 116 -55.12 21.37 21.25
C PHE D 116 -56.13 20.28 20.94
N GLU D 117 -56.22 19.31 21.84
CA GLU D 117 -57.27 18.31 21.78
C GLU D 117 -58.20 18.53 22.94
N ALA D 118 -59.49 18.36 22.71
CA ALA D 118 -60.50 18.35 23.79
C ALA D 118 -61.66 17.44 23.41
N ASP D 119 -62.16 16.68 24.39
CA ASP D 119 -63.33 15.86 24.17
C ASP D 119 -64.59 16.70 24.12
N LEU D 120 -65.44 16.38 23.15
CA LEU D 120 -66.60 17.18 22.86
C LEU D 120 -67.86 16.33 22.94
N THR D 121 -68.95 16.96 23.35
CA THR D 121 -70.27 16.37 23.23
C THR D 121 -70.95 16.93 21.98
N ILE D 122 -71.38 16.02 21.11
CA ILE D 122 -71.91 16.40 19.82
C ILE D 122 -73.29 15.81 19.61
N LYS D 123 -74.26 16.69 19.40
CA LYS D 123 -75.62 16.30 19.12
C LYS D 123 -75.63 15.34 17.92
N GLY D 124 -76.26 14.19 18.09
CA GLY D 124 -76.24 13.12 17.08
C GLY D 124 -75.27 12.00 17.41
N LEU D 125 -74.30 12.29 18.28
CA LEU D 125 -73.34 11.26 18.73
C LEU D 125 -73.50 11.03 20.24
N ASP D 126 -73.26 9.79 20.66
CA ASP D 126 -73.49 9.34 22.04
C ASP D 126 -72.27 9.53 22.92
N GLU D 127 -71.24 8.70 22.70
CA GLU D 127 -69.97 8.89 23.39
C GLU D 127 -69.33 10.23 23.01
N PRO D 128 -68.50 10.80 23.91
CA PRO D 128 -67.67 11.95 23.53
C PRO D 128 -66.81 11.71 22.29
N PHE D 129 -66.49 12.81 21.61
CA PHE D 129 -65.71 12.81 20.39
C PHE D 129 -64.46 13.66 20.63
N THR D 130 -63.29 13.16 20.27
CA THR D 130 -62.06 13.92 20.52
C THR D 130 -61.85 14.91 19.39
N GLY D 131 -62.17 16.17 19.68
CA GLY D 131 -61.90 17.29 18.79
C GLY D 131 -60.44 17.68 18.77
N VAL D 132 -59.84 17.66 17.57
CA VAL D 132 -58.48 18.12 17.35
C VAL D 132 -58.52 19.50 16.65
N PHE D 133 -58.08 20.52 17.37
CA PHE D 133 -58.24 21.89 16.97
C PHE D 133 -56.88 22.45 16.56
N ILE D 134 -56.66 22.57 15.24
CA ILE D 134 -55.37 22.99 14.68
C ILE D 134 -55.43 24.41 14.12
N ARG D 135 -54.84 25.35 14.86
CA ARG D 135 -54.96 26.78 14.49
C ARG D 135 -56.38 27.05 14.04
N ALA D 136 -57.30 26.72 14.94
CA ALA D 136 -58.74 26.73 14.72
C ALA D 136 -59.34 28.12 14.90
N PRO D 137 -60.44 28.39 14.19
CA PRO D 137 -61.22 29.58 14.36
C PRO D 137 -62.32 29.29 15.39
N HIS D 138 -62.99 30.31 15.89
CA HIS D 138 -64.31 30.01 16.44
C HIS D 138 -65.46 30.66 15.71
N ILE D 139 -66.64 30.08 15.95
CA ILE D 139 -67.90 30.61 15.51
C ILE D 139 -68.32 31.58 16.60
N LEU D 140 -68.19 32.86 16.29
CA LEU D 140 -68.58 33.95 17.18
C LEU D 140 -70.11 33.98 17.33
N GLU D 141 -70.82 33.74 16.23
CA GLU D 141 -72.28 33.65 16.29
C GLU D 141 -72.90 32.90 15.11
N ALA D 142 -74.06 32.29 15.37
CA ALA D 142 -74.84 31.59 14.36
C ALA D 142 -76.24 32.19 14.32
N GLY D 143 -76.72 32.48 13.11
CA GLY D 143 -78.08 32.95 12.89
C GLY D 143 -79.15 31.95 13.28
N GLU D 144 -80.41 32.39 13.17
CA GLU D 144 -81.56 31.64 13.69
C GLU D 144 -81.78 30.29 13.01
N ASN D 145 -81.38 30.17 11.76
CA ASN D 145 -81.58 28.94 10.99
C ASN D 145 -80.49 27.90 11.24
N VAL D 146 -79.58 28.20 12.16
CA VAL D 146 -78.42 27.37 12.39
C VAL D 146 -78.55 26.57 13.70
N GLU D 147 -78.65 25.26 13.56
CA GLU D 147 -78.66 24.35 14.69
C GLU D 147 -77.24 24.19 15.20
N VAL D 148 -77.03 24.45 16.48
CA VAL D 148 -75.74 24.24 17.11
C VAL D 148 -75.57 22.78 17.52
N LEU D 149 -74.54 22.09 17.04
CA LEU D 149 -74.38 20.66 17.33
C LEU D 149 -73.45 20.36 18.52
N SER D 150 -72.62 21.31 18.88
CA SER D 150 -71.58 21.12 19.87
C SER D 150 -71.00 22.47 20.28
N GLU D 151 -70.69 22.58 21.57
CA GLU D 151 -70.03 23.73 22.15
C GLU D 151 -68.84 23.25 22.92
N HIS D 152 -67.85 24.13 23.04
CA HIS D 152 -66.68 23.89 23.85
C HIS D 152 -66.30 25.15 24.61
N ASN D 153 -66.33 25.06 25.94
CA ASN D 153 -66.12 26.20 26.82
C ASN D 153 -66.99 27.40 26.45
N GLY D 154 -68.24 27.11 26.13
CA GLY D 154 -69.23 28.15 25.86
C GLY D 154 -69.31 28.60 24.42
N ARG D 155 -68.50 27.99 23.57
CA ARG D 155 -68.34 28.45 22.19
C ARG D 155 -68.78 27.40 21.18
N ILE D 156 -69.47 27.85 20.14
CA ILE D 156 -69.97 26.92 19.13
C ILE D 156 -68.74 26.41 18.33
N VAL D 157 -68.64 25.08 18.22
CA VAL D 157 -67.53 24.43 17.48
C VAL D 157 -68.03 23.54 16.34
N ALA D 158 -69.34 23.30 16.29
CA ALA D 158 -69.95 22.48 15.27
C ALA D 158 -71.41 22.92 15.10
N ALA D 159 -71.80 23.15 13.84
CA ALA D 159 -73.10 23.70 13.50
C ALA D 159 -73.63 23.05 12.23
N LYS D 160 -74.96 23.10 12.08
CA LYS D 160 -75.62 22.56 10.90
C LYS D 160 -76.77 23.47 10.50
N GLN D 161 -76.92 23.65 9.20
CA GLN D 161 -77.96 24.47 8.62
C GLN D 161 -78.33 23.85 7.28
N GLY D 162 -79.45 23.12 7.28
CA GLY D 162 -79.96 22.48 6.09
C GLY D 162 -79.01 21.47 5.44
N GLN D 163 -78.49 21.84 4.28
CA GLN D 163 -77.56 20.99 3.54
C GLN D 163 -76.11 21.19 3.98
N PHE D 164 -75.89 22.16 4.87
CA PHE D 164 -74.54 22.55 5.30
C PHE D 164 -74.18 22.01 6.68
N LEU D 165 -72.96 21.46 6.78
CA LEU D 165 -72.38 21.03 8.04
C LEU D 165 -71.04 21.72 8.20
N GLY D 166 -70.80 22.28 9.37
CA GLY D 166 -69.55 22.96 9.62
C GLY D 166 -69.00 22.62 10.98
N CYS D 167 -67.67 22.51 11.08
CA CYS D 167 -67.02 22.51 12.40
C CYS D 167 -65.64 23.13 12.40
N SER D 168 -65.22 23.56 13.58
CA SER D 168 -63.97 24.28 13.73
C SER D 168 -62.82 23.37 14.13
N PHE D 169 -63.09 22.10 14.35
CA PHE D 169 -62.03 21.12 14.60
C PHE D 169 -61.90 20.24 13.35
N ASN D 170 -60.95 19.28 13.38
CA ASN D 170 -60.71 18.38 12.26
C ASN D 170 -60.92 16.92 12.64
N PRO D 171 -62.15 16.41 12.50
CA PRO D 171 -62.45 15.05 12.94
C PRO D 171 -61.72 13.98 12.16
N GLU D 172 -61.36 14.33 10.94
CA GLU D 172 -60.67 13.46 10.01
C GLU D 172 -59.20 13.25 10.39
N LEU D 173 -58.71 14.00 11.36
CA LEU D 173 -57.45 13.66 12.01
C LEU D 173 -57.57 12.57 13.09
N THR D 174 -58.76 12.04 13.32
CA THR D 174 -58.94 10.92 14.26
C THR D 174 -59.45 9.67 13.55
N GLU D 175 -59.44 8.55 14.25
CA GLU D 175 -59.98 7.32 13.67
C GLU D 175 -61.46 7.11 14.00
N ASP D 176 -62.04 8.13 14.63
CA ASP D 176 -63.44 8.17 14.97
C ASP D 176 -64.17 8.83 13.80
N HIS D 177 -64.77 8.01 12.96
CA HIS D 177 -65.41 8.44 11.70
C HIS D 177 -66.89 8.91 11.82
N ARG D 178 -67.33 9.17 13.04
CA ARG D 178 -68.75 9.43 13.34
C ARG D 178 -69.27 10.78 12.83
N VAL D 179 -68.40 11.77 12.72
CA VAL D 179 -68.81 13.08 12.22
C VAL D 179 -68.95 13.01 10.69
N THR D 180 -68.04 12.33 10.01
CA THR D 180 -68.21 12.07 8.58
C THR D 180 -69.51 11.27 8.31
N GLN D 181 -69.84 10.40 9.26
CA GLN D 181 -71.04 9.60 9.22
C GLN D 181 -72.29 10.47 9.21
N LEU D 182 -72.31 11.48 10.07
CA LEU D 182 -73.39 12.46 10.06
C LEU D 182 -73.51 13.09 8.67
N PHE D 183 -72.38 13.40 8.05
CA PHE D 183 -72.43 14.03 6.73
C PHE D 183 -72.91 13.05 5.66
N VAL D 184 -72.41 11.82 5.71
CA VAL D 184 -72.87 10.77 4.79
C VAL D 184 -74.39 10.73 4.84
N GLU D 185 -74.96 10.71 6.03
CA GLU D 185 -76.42 10.63 6.19
C GLU D 185 -77.14 11.85 5.59
N MET D 186 -76.55 13.03 5.66
CA MET D 186 -77.11 14.21 5.00
C MET D 186 -77.12 14.02 3.48
N VAL D 187 -76.03 13.45 2.95
CA VAL D 187 -75.95 13.19 1.52
C VAL D 187 -77.01 12.18 1.11
N GLU D 188 -77.21 11.12 1.90
CA GLU D 188 -78.26 10.11 1.63
C GLU D 188 -79.66 10.69 1.59
N GLU D 189 -79.94 11.53 2.57
CA GLU D 189 -81.15 12.32 2.63
C GLU D 189 -81.35 13.13 1.35
N TYR D 190 -80.37 13.93 1.00
CA TYR D 190 -80.43 14.71 -0.23
C TYR D 190 -80.68 13.81 -1.43
N LYS D 191 -79.97 12.69 -1.47
CA LYS D 191 -79.96 11.79 -2.62
C LYS D 191 -81.32 11.10 -2.81
N GLN D 192 -81.97 10.74 -1.70
CA GLN D 192 -83.33 10.21 -1.72
C GLN D 192 -84.25 11.37 -1.36
N LYS D 193 -84.72 12.11 -2.37
CA LYS D 193 -85.23 13.49 -2.23
C LYS D 193 -84.42 14.24 -3.27
N ALA D 194 -84.69 13.86 -4.51
CA ALA D 194 -83.69 13.77 -5.60
C ALA D 194 -83.97 12.44 -6.29
N ALA E 2 -57.64 4.96 -35.82
CA ALA E 2 -56.23 5.47 -35.92
C ALA E 2 -55.53 5.34 -34.57
N GLN E 3 -54.27 4.89 -34.58
CA GLN E 3 -53.46 4.78 -33.35
CA GLN E 3 -53.48 4.79 -33.37
C GLN E 3 -52.27 5.73 -33.41
N THR E 4 -52.18 6.61 -32.41
CA THR E 4 -51.01 7.49 -32.27
C THR E 4 -50.02 6.80 -31.34
N GLY E 5 -48.79 7.31 -31.32
CA GLY E 5 -47.78 6.93 -30.36
C GLY E 5 -47.24 5.52 -30.41
N THR E 6 -47.44 4.81 -31.51
CA THR E 6 -46.86 3.46 -31.67
C THR E 6 -45.33 3.53 -31.80
N GLU E 7 -44.67 2.45 -31.39
CA GLU E 7 -43.21 2.31 -31.58
C GLU E 7 -42.77 2.67 -33.01
N ARG E 8 -43.46 2.03 -33.94
CA ARG E 8 -43.26 2.26 -35.37
C ARG E 8 -43.40 3.74 -35.79
N VAL E 9 -44.43 4.41 -35.29
CA VAL E 9 -44.61 5.85 -35.56
C VAL E 9 -43.47 6.66 -34.91
N LYS E 10 -43.18 6.37 -33.64
CA LYS E 10 -42.10 7.08 -32.96
C LYS E 10 -40.75 6.92 -33.68
N ARG E 11 -40.43 5.69 -34.07
CA ARG E 11 -39.17 5.40 -34.72
C ARG E 11 -39.17 5.86 -36.19
N GLY E 12 -40.33 5.73 -36.84
CA GLY E 12 -40.49 6.08 -38.26
C GLY E 12 -40.18 7.54 -38.49
N MET E 13 -40.57 8.39 -37.56
CA MET E 13 -40.19 9.80 -37.60
C MET E 13 -38.65 9.98 -37.66
N ALA E 14 -37.91 9.26 -36.83
CA ALA E 14 -36.43 9.27 -36.91
C ALA E 14 -35.94 8.76 -38.27
N GLU E 15 -36.54 7.65 -38.73
CA GLU E 15 -36.17 7.08 -40.04
C GLU E 15 -36.26 8.12 -41.15
N MET E 16 -37.23 9.02 -41.02
CA MET E 16 -37.47 10.12 -42.00
C MET E 16 -36.49 11.29 -41.87
N GLN E 17 -35.71 11.29 -40.79
CA GLN E 17 -34.67 12.30 -40.61
C GLN E 17 -33.33 11.89 -41.20
N LYS E 18 -33.22 10.66 -41.68
CA LYS E 18 -31.92 10.11 -42.13
C LYS E 18 -31.30 10.88 -43.28
N GLY E 19 -29.98 10.97 -43.24
CA GLY E 19 -29.21 11.66 -44.27
C GLY E 19 -29.21 13.16 -44.03
N GLY E 20 -29.79 13.59 -42.93
CA GLY E 20 -30.02 15.00 -42.69
C GLY E 20 -29.15 15.60 -41.60
N VAL E 21 -29.18 16.94 -41.56
CA VAL E 21 -28.56 17.75 -40.55
C VAL E 21 -29.66 18.40 -39.69
N ILE E 22 -29.51 18.24 -38.39
CA ILE E 22 -30.33 18.91 -37.38
C ILE E 22 -29.45 19.96 -36.71
N MET E 23 -29.97 21.18 -36.65
CA MET E 23 -29.22 22.37 -36.29
C MET E 23 -29.80 23.03 -35.01
N ASP E 24 -28.93 23.38 -34.07
CA ASP E 24 -29.29 24.14 -32.86
C ASP E 24 -29.61 25.59 -33.24
N VAL E 25 -30.74 26.10 -32.78
CA VAL E 25 -31.13 27.50 -33.03
C VAL E 25 -31.68 28.11 -31.74
N ILE E 26 -31.48 29.42 -31.57
CA ILE E 26 -31.94 30.11 -30.35
C ILE E 26 -33.13 31.05 -30.61
N ASN E 27 -33.56 31.15 -31.87
CA ASN E 27 -34.65 32.04 -32.25
C ASN E 27 -35.13 31.74 -33.68
N ALA E 28 -36.22 32.40 -34.05
CA ALA E 28 -36.87 32.26 -35.36
C ALA E 28 -35.95 32.58 -36.55
N GLU E 29 -35.15 33.61 -36.39
CA GLU E 29 -34.17 34.06 -37.39
CA GLU E 29 -34.23 34.01 -37.46
C GLU E 29 -33.22 32.92 -37.76
N GLN E 30 -32.63 32.32 -36.74
CA GLN E 30 -31.74 31.21 -36.96
C GLN E 30 -32.47 30.00 -37.52
N ALA E 31 -33.69 29.75 -37.02
CA ALA E 31 -34.50 28.63 -37.47
C ALA E 31 -34.77 28.71 -38.96
N LYS E 32 -35.16 29.89 -39.47
CA LYS E 32 -35.44 29.95 -40.92
C LYS E 32 -34.16 29.84 -41.76
N ILE E 33 -33.06 30.40 -41.27
CA ILE E 33 -31.75 30.18 -41.90
C ILE E 33 -31.46 28.67 -42.02
N ALA E 34 -31.69 27.91 -40.93
CA ALA E 34 -31.50 26.45 -40.93
C ALA E 34 -32.40 25.72 -41.95
N GLU E 35 -33.67 26.07 -41.93
CA GLU E 35 -34.60 25.49 -42.90
C GLU E 35 -34.20 25.85 -44.34
N GLU E 36 -33.92 27.12 -44.57
CA GLU E 36 -33.48 27.62 -45.89
CA GLU E 36 -33.47 27.61 -45.89
C GLU E 36 -32.26 26.84 -46.40
N ALA E 37 -31.37 26.48 -45.48
CA ALA E 37 -30.14 25.75 -45.80
C ALA E 37 -30.34 24.26 -46.02
N GLY E 38 -31.52 23.76 -45.74
CA GLY E 38 -31.81 22.32 -45.91
C GLY E 38 -31.73 21.45 -44.66
N ALA E 39 -31.68 22.04 -43.47
CA ALA E 39 -31.72 21.26 -42.21
C ALA E 39 -33.00 20.44 -42.22
N VAL E 40 -32.91 19.18 -41.77
CA VAL E 40 -34.11 18.34 -41.63
C VAL E 40 -34.88 18.60 -40.34
N ALA E 41 -34.27 19.29 -39.37
CA ALA E 41 -34.97 19.68 -38.15
C ALA E 41 -34.13 20.71 -37.46
N VAL E 42 -34.73 21.41 -36.52
CA VAL E 42 -34.02 22.35 -35.66
C VAL E 42 -34.22 21.91 -34.21
N MET E 43 -33.18 22.07 -33.41
CA MET E 43 -33.20 21.87 -31.96
C MET E 43 -33.29 23.29 -31.33
N ALA E 44 -34.44 23.60 -30.75
CA ALA E 44 -34.69 24.91 -30.16
C ALA E 44 -33.99 25.00 -28.80
N LEU E 45 -33.14 26.00 -28.61
CA LEU E 45 -32.43 26.21 -27.33
C LEU E 45 -32.67 27.63 -26.84
N GLU E 46 -32.60 27.81 -25.53
CA GLU E 46 -32.77 29.14 -24.95
C GLU E 46 -31.41 29.81 -24.96
N ARG E 47 -30.49 29.26 -24.18
CA ARG E 47 -29.11 29.63 -24.25
C ARG E 47 -28.35 28.34 -24.51
N VAL E 48 -27.11 28.46 -24.95
CA VAL E 48 -26.32 27.27 -25.27
C VAL E 48 -25.94 26.57 -23.96
N PRO E 49 -26.41 25.32 -23.76
CA PRO E 49 -26.23 24.69 -22.45
C PRO E 49 -24.79 24.72 -21.98
N ALA E 50 -23.85 24.52 -22.92
CA ALA E 50 -22.41 24.52 -22.61
C ALA E 50 -21.95 25.83 -21.96
N ASP E 51 -22.43 26.97 -22.47
CA ASP E 51 -22.09 28.27 -21.88
C ASP E 51 -22.56 28.34 -20.43
N ILE E 52 -23.85 28.07 -20.23
CA ILE E 52 -24.51 28.11 -18.90
C ILE E 52 -23.77 27.26 -17.86
N ARG E 53 -23.50 26.01 -18.23
CA ARG E 53 -22.86 25.08 -17.29
C ARG E 53 -21.40 25.43 -17.05
N ALA E 54 -20.66 25.69 -18.13
CA ALA E 54 -19.30 26.24 -18.02
C ALA E 54 -19.26 27.60 -17.29
N ALA E 55 -20.41 28.08 -16.81
CA ALA E 55 -20.53 29.28 -15.97
C ALA E 55 -21.06 28.94 -14.56
N GLY E 56 -21.07 27.65 -14.21
CA GLY E 56 -21.54 27.20 -12.88
C GLY E 56 -23.06 27.13 -12.66
N GLY E 57 -23.83 27.43 -13.69
CA GLY E 57 -25.29 27.44 -13.62
C GLY E 57 -25.98 26.13 -14.00
N VAL E 58 -27.27 26.08 -13.71
CA VAL E 58 -28.13 24.93 -14.00
C VAL E 58 -28.76 25.16 -15.37
N ALA E 59 -28.58 24.20 -16.27
CA ALA E 59 -29.24 24.23 -17.58
C ALA E 59 -30.50 23.38 -17.56
N ARG E 60 -31.63 24.05 -17.83
CA ARG E 60 -32.96 23.44 -17.71
C ARG E 60 -33.62 23.47 -19.07
N MET E 61 -34.84 22.95 -19.13
CA MET E 61 -35.72 23.15 -20.30
C MET E 61 -35.77 24.65 -20.72
N ALA E 62 -35.80 24.87 -22.03
CA ALA E 62 -35.88 26.22 -22.62
C ALA E 62 -37.22 26.83 -22.28
N ASP E 63 -37.22 28.15 -22.09
CA ASP E 63 -38.45 28.91 -21.98
C ASP E 63 -39.38 28.48 -23.14
N PRO E 64 -40.60 28.02 -22.83
CA PRO E 64 -41.52 27.61 -23.87
C PRO E 64 -41.87 28.65 -24.92
N THR E 65 -41.75 29.92 -24.54
CA THR E 65 -41.94 31.02 -25.50
C THR E 65 -40.99 30.88 -26.69
N ILE E 66 -39.73 30.57 -26.42
CA ILE E 66 -38.73 30.38 -27.47
C ILE E 66 -39.05 29.18 -28.35
N VAL E 67 -39.43 28.08 -27.72
CA VAL E 67 -39.72 26.87 -28.46
C VAL E 67 -40.88 27.16 -29.42
N GLU E 68 -41.92 27.81 -28.90
CA GLU E 68 -43.07 28.14 -29.73
C GLU E 68 -42.67 29.09 -30.88
N GLU E 69 -41.79 30.05 -30.61
CA GLU E 69 -41.31 30.99 -31.60
C GLU E 69 -40.60 30.25 -32.72
N VAL E 70 -39.77 29.28 -32.33
CA VAL E 70 -39.09 28.44 -33.31
C VAL E 70 -40.09 27.59 -34.07
N MET E 71 -41.05 27.00 -33.36
CA MET E 71 -42.07 26.15 -34.02
C MET E 71 -42.89 26.94 -35.04
N ASN E 72 -43.09 28.22 -34.75
CA ASN E 72 -43.92 29.04 -35.60
C ASN E 72 -43.14 29.64 -36.77
N ALA E 73 -41.80 29.59 -36.68
CA ALA E 73 -40.94 30.10 -37.74
C ALA E 73 -40.71 29.11 -38.90
N VAL E 74 -40.93 27.82 -38.68
CA VAL E 74 -40.51 26.84 -39.67
C VAL E 74 -41.55 25.76 -39.87
N SER E 75 -41.42 25.08 -41.00
CA SER E 75 -42.25 23.95 -41.33
C SER E 75 -41.55 22.61 -41.10
N ILE E 76 -40.25 22.62 -40.76
CA ILE E 76 -39.51 21.40 -40.43
C ILE E 76 -39.76 20.97 -38.97
N PRO E 77 -39.52 19.69 -38.63
CA PRO E 77 -39.69 19.30 -37.21
C PRO E 77 -38.86 20.13 -36.23
N VAL E 78 -39.40 20.35 -35.04
CA VAL E 78 -38.69 21.07 -33.99
C VAL E 78 -38.45 20.12 -32.82
N MET E 79 -37.19 19.99 -32.42
CA MET E 79 -36.80 19.22 -31.24
C MET E 79 -36.48 20.18 -30.09
N ALA E 80 -36.57 19.66 -28.87
CA ALA E 80 -36.18 20.43 -27.68
C ALA E 80 -35.63 19.49 -26.62
N LYS E 81 -34.88 20.05 -25.67
CA LYS E 81 -34.22 19.27 -24.65
C LYS E 81 -34.98 19.27 -23.33
N ALA E 82 -34.94 18.13 -22.67
CA ALA E 82 -35.41 17.96 -21.30
C ALA E 82 -34.25 17.43 -20.48
N ARG E 83 -34.16 17.85 -19.22
CA ARG E 83 -33.17 17.31 -18.30
C ARG E 83 -33.46 15.82 -18.05
N ILE E 84 -32.40 15.03 -17.86
CA ILE E 84 -32.51 13.61 -17.66
C ILE E 84 -33.37 13.38 -16.44
N GLY E 85 -34.35 12.51 -16.60
CA GLY E 85 -35.28 12.17 -15.51
C GLY E 85 -36.33 13.21 -15.21
N HIS E 86 -36.37 14.32 -15.95
CA HIS E 86 -37.33 15.37 -15.56
C HIS E 86 -38.70 15.14 -16.22
N ILE E 87 -39.54 14.40 -15.51
CA ILE E 87 -40.79 13.87 -16.04
C ILE E 87 -41.65 15.02 -16.53
N VAL E 88 -41.69 16.09 -15.75
CA VAL E 88 -42.62 17.17 -16.02
C VAL E 88 -42.11 18.05 -17.20
N GLU E 89 -40.80 18.34 -17.27
CA GLU E 89 -40.26 19.06 -18.43
C GLU E 89 -40.61 18.32 -19.71
N ALA E 90 -40.42 17.01 -19.71
CA ALA E 90 -40.73 16.20 -20.90
C ALA E 90 -42.24 16.20 -21.23
N ARG E 91 -43.09 16.06 -20.21
CA ARG E 91 -44.53 16.10 -20.39
C ARG E 91 -45.00 17.47 -20.88
N VAL E 92 -44.30 18.52 -20.45
CA VAL E 92 -44.61 19.89 -20.90
C VAL E 92 -44.25 20.06 -22.38
N LEU E 93 -43.02 19.70 -22.74
CA LEU E 93 -42.63 19.71 -24.17
C LEU E 93 -43.58 18.85 -25.04
N GLU E 94 -43.93 17.66 -24.57
CA GLU E 94 -44.92 16.86 -25.24
C GLU E 94 -46.25 17.62 -25.46
N ALA E 95 -46.77 18.23 -24.39
CA ALA E 95 -48.00 19.03 -24.41
C ALA E 95 -47.93 20.17 -25.42
N MET E 96 -46.75 20.75 -25.55
CA MET E 96 -46.52 21.84 -26.49
C MET E 96 -46.42 21.43 -27.98
N GLY E 97 -46.30 20.14 -28.26
CA GLY E 97 -46.26 19.65 -29.63
C GLY E 97 -44.88 19.54 -30.26
N VAL E 98 -43.85 19.66 -29.44
CA VAL E 98 -42.47 19.41 -29.85
C VAL E 98 -42.43 18.04 -30.56
N ASP E 99 -41.63 17.92 -31.61
CA ASP E 99 -41.71 16.76 -32.45
C ASP E 99 -40.86 15.60 -31.96
N TYR E 100 -39.80 15.92 -31.22
CA TYR E 100 -38.84 14.94 -30.70
C TYR E 100 -38.21 15.56 -29.47
N ILE E 101 -38.17 14.80 -28.38
CA ILE E 101 -37.53 15.29 -27.17
C ILE E 101 -36.17 14.63 -27.02
N ASP E 102 -35.15 15.47 -26.80
CA ASP E 102 -33.83 14.99 -26.51
C ASP E 102 -33.67 14.97 -25.00
N GLU E 103 -33.69 13.77 -24.43
CA GLU E 103 -33.44 13.60 -23.01
C GLU E 103 -31.95 13.73 -22.88
N SER E 104 -31.49 14.90 -22.48
CA SER E 104 -30.14 15.35 -22.82
C SER E 104 -29.16 15.51 -21.65
N GLU E 105 -28.01 14.86 -21.79
CA GLU E 105 -26.95 14.96 -20.79
C GLU E 105 -26.25 16.32 -20.79
N VAL E 106 -26.50 17.13 -21.80
CA VAL E 106 -25.85 18.41 -21.79
C VAL E 106 -26.64 19.41 -20.94
N LEU E 107 -27.90 19.12 -20.61
CA LEU E 107 -28.59 19.88 -19.57
C LEU E 107 -28.18 19.27 -18.23
N THR E 108 -28.43 19.98 -17.14
CA THR E 108 -28.13 19.52 -15.83
C THR E 108 -29.09 18.38 -15.44
N PRO E 109 -28.59 17.15 -15.26
CA PRO E 109 -29.55 16.09 -14.94
C PRO E 109 -30.39 16.41 -13.70
N ALA E 110 -31.69 16.13 -13.80
CA ALA E 110 -32.64 16.27 -12.68
C ALA E 110 -32.68 14.95 -11.89
N ASP E 111 -32.32 13.85 -12.51
CA ASP E 111 -32.29 12.56 -11.80
C ASP E 111 -30.99 11.86 -12.15
N GLU E 112 -30.12 11.67 -11.18
CA GLU E 112 -28.84 11.05 -11.51
C GLU E 112 -28.88 9.51 -11.45
N GLU E 113 -30.01 8.94 -11.09
CA GLU E 113 -30.09 7.50 -10.97
C GLU E 113 -31.01 6.86 -12.01
N PHE E 114 -32.01 7.60 -12.45
CA PHE E 114 -33.04 7.04 -13.30
C PHE E 114 -33.37 7.95 -14.47
N HIS E 115 -33.30 7.44 -15.69
CA HIS E 115 -33.75 8.18 -16.85
C HIS E 115 -35.25 8.10 -16.94
N LEU E 116 -35.82 8.87 -17.84
CA LEU E 116 -37.28 8.83 -18.10
C LEU E 116 -37.73 7.47 -18.62
N ASN E 117 -38.91 7.06 -18.16
CA ASN E 117 -39.64 5.97 -18.75
C ASN E 117 -40.32 6.51 -20.01
N LYS E 118 -39.59 6.49 -21.09
CA LYS E 118 -40.00 7.08 -22.34
C LYS E 118 -41.08 6.28 -23.05
N ASN E 119 -41.12 4.98 -22.77
CA ASN E 119 -42.23 4.11 -23.19
C ASN E 119 -43.62 4.65 -22.92
N GLU E 120 -43.76 5.40 -21.84
CA GLU E 120 -45.04 5.95 -21.39
C GLU E 120 -45.46 7.25 -22.11
N TYR E 121 -44.61 7.81 -22.95
CA TYR E 121 -44.93 9.05 -23.65
C TYR E 121 -45.47 8.76 -25.02
N THR E 122 -46.13 9.74 -25.62
CA THR E 122 -46.58 9.64 -27.01
C THR E 122 -45.50 10.22 -27.94
N VAL E 123 -44.93 11.33 -27.53
CA VAL E 123 -43.89 11.99 -28.31
C VAL E 123 -42.64 11.10 -28.22
N PRO E 124 -41.88 11.00 -29.30
CA PRO E 124 -40.63 10.23 -29.25
C PRO E 124 -39.44 10.96 -28.65
N PHE E 125 -38.43 10.19 -28.24
CA PHE E 125 -37.24 10.70 -27.60
C PHE E 125 -35.99 10.24 -28.33
N VAL E 126 -35.01 11.15 -28.40
CA VAL E 126 -33.64 10.80 -28.76
C VAL E 126 -32.79 10.84 -27.50
N CYS E 127 -31.90 9.84 -27.33
CA CYS E 127 -31.00 9.80 -26.22
C CYS E 127 -29.56 9.60 -26.67
N GLY E 128 -28.64 10.03 -25.82
CA GLY E 128 -27.22 9.92 -26.05
C GLY E 128 -26.73 8.53 -25.68
N CYS E 129 -25.63 8.13 -26.31
CA CYS E 129 -24.91 6.91 -25.89
C CYS E 129 -23.44 6.91 -26.35
N ARG E 130 -22.62 6.17 -25.60
CA ARG E 130 -21.20 6.00 -25.88
C ARG E 130 -20.79 4.60 -26.30
N ASP E 131 -21.66 3.61 -26.06
CA ASP E 131 -21.39 2.22 -26.38
C ASP E 131 -22.72 1.50 -26.52
N LEU E 132 -22.64 0.24 -26.90
CA LEU E 132 -23.82 -0.51 -27.28
C LEU E 132 -24.67 -0.89 -26.06
N GLY E 133 -24.05 -1.17 -24.92
CA GLY E 133 -24.82 -1.38 -23.69
C GLY E 133 -25.73 -0.20 -23.34
N GLU E 134 -25.14 0.97 -23.26
CA GLU E 134 -25.86 2.20 -22.99
C GLU E 134 -26.98 2.42 -24.02
N ALA E 135 -26.64 2.24 -25.31
CA ALA E 135 -27.60 2.32 -26.40
C ALA E 135 -28.82 1.42 -26.15
N THR E 136 -28.57 0.16 -25.87
CA THR E 136 -29.65 -0.78 -25.67
C THR E 136 -30.42 -0.45 -24.38
N ARG E 137 -29.77 0.06 -23.33
CA ARG E 137 -30.54 0.46 -22.14
C ARG E 137 -31.50 1.64 -22.41
N ARG E 138 -31.05 2.65 -23.14
CA ARG E 138 -31.95 3.77 -23.55
C ARG E 138 -33.10 3.33 -24.43
N ILE E 139 -32.79 2.43 -25.37
CA ILE E 139 -33.82 1.86 -26.23
C ILE E 139 -34.87 1.09 -25.46
N ALA E 140 -34.43 0.21 -24.57
CA ALA E 140 -35.32 -0.50 -23.63
C ALA E 140 -36.20 0.45 -22.78
N GLU E 141 -35.68 1.61 -22.39
CA GLU E 141 -36.48 2.61 -21.63
C GLU E 141 -37.47 3.34 -22.50
N GLY E 142 -37.37 3.15 -23.83
CA GLY E 142 -38.29 3.75 -24.77
C GLY E 142 -37.70 4.73 -25.74
N ALA E 143 -36.37 4.89 -25.78
CA ALA E 143 -35.81 5.85 -26.76
C ALA E 143 -36.12 5.38 -28.20
N SER E 144 -36.48 6.31 -29.09
CA SER E 144 -36.80 5.95 -30.49
C SER E 144 -35.70 6.32 -31.48
N MET E 145 -34.64 6.95 -30.99
CA MET E 145 -33.60 7.51 -31.80
C MET E 145 -32.38 7.67 -30.87
N LEU E 146 -31.19 7.46 -31.40
CA LEU E 146 -29.98 7.67 -30.64
C LEU E 146 -29.07 8.68 -31.30
N ARG E 147 -28.12 9.17 -30.50
CA ARG E 147 -27.02 10.00 -30.97
C ARG E 147 -25.78 9.75 -30.14
N THR E 148 -24.60 9.99 -30.71
CA THR E 148 -23.37 9.89 -29.95
C THR E 148 -23.42 10.97 -28.88
N LYS E 149 -22.71 10.73 -27.80
CA LYS E 149 -22.58 11.78 -26.80
C LYS E 149 -21.60 12.84 -27.27
N GLY E 150 -20.53 12.37 -27.91
CA GLY E 150 -19.49 13.26 -28.38
C GLY E 150 -18.93 14.04 -27.20
N GLU E 151 -18.55 15.27 -27.48
CA GLU E 151 -17.86 16.12 -26.52
C GLU E 151 -18.47 17.48 -26.72
N PRO E 152 -19.45 17.82 -25.88
CA PRO E 152 -20.18 19.08 -26.05
C PRO E 152 -19.28 20.29 -25.91
N GLY E 153 -19.48 21.27 -26.78
CA GLY E 153 -18.84 22.56 -26.67
C GLY E 153 -17.33 22.62 -26.89
N THR E 154 -16.74 21.64 -27.56
CA THR E 154 -15.31 21.72 -27.90
C THR E 154 -14.99 21.94 -29.37
N GLY E 155 -15.87 21.57 -30.28
CA GLY E 155 -15.52 21.50 -31.67
C GLY E 155 -14.54 20.37 -32.00
N ASN E 156 -14.27 19.49 -31.01
CA ASN E 156 -13.40 18.35 -31.22
C ASN E 156 -14.20 17.11 -31.58
N ILE E 157 -14.06 16.68 -32.84
CA ILE E 157 -14.80 15.53 -33.41
C ILE E 157 -14.45 14.18 -32.76
N VAL E 158 -13.38 14.11 -31.96
CA VAL E 158 -12.82 12.88 -31.46
C VAL E 158 -13.77 12.02 -30.61
N GLU E 159 -14.64 12.61 -29.80
CA GLU E 159 -15.51 11.79 -28.97
C GLU E 159 -16.71 11.24 -29.81
N ALA E 160 -17.28 12.05 -30.71
CA ALA E 160 -18.26 11.56 -31.67
C ALA E 160 -17.69 10.37 -32.43
N VAL E 161 -16.48 10.52 -32.95
CA VAL E 161 -15.81 9.46 -33.69
C VAL E 161 -15.73 8.24 -32.78
N ARG E 162 -15.29 8.45 -31.54
CA ARG E 162 -15.06 7.33 -30.60
C ARG E 162 -16.36 6.55 -30.38
N HIS E 163 -17.44 7.27 -30.12
CA HIS E 163 -18.73 6.64 -29.77
C HIS E 163 -19.39 5.93 -30.93
N MET E 164 -19.34 6.54 -32.11
CA MET E 164 -19.84 5.91 -33.32
C MET E 164 -19.02 4.66 -33.71
N ARG E 165 -17.71 4.75 -33.61
CA ARG E 165 -16.84 3.59 -33.88
C ARG E 165 -17.16 2.46 -32.91
N LYS E 166 -17.32 2.83 -31.65
CA LYS E 166 -17.60 1.85 -30.60
C LYS E 166 -18.91 1.14 -30.84
N VAL E 167 -19.99 1.89 -30.94
CA VAL E 167 -21.28 1.28 -31.13
C VAL E 167 -21.28 0.39 -32.35
N ASN E 168 -20.79 0.91 -33.48
CA ASN E 168 -20.80 0.16 -34.73
C ASN E 168 -19.93 -1.08 -34.64
N ALA E 169 -18.77 -0.99 -33.99
CA ALA E 169 -17.88 -2.12 -33.84
C ALA E 169 -18.56 -3.23 -33.01
N GLN E 170 -19.23 -2.81 -31.94
CA GLN E 170 -19.92 -3.74 -31.03
C GLN E 170 -21.09 -4.42 -31.75
N VAL E 171 -21.78 -3.68 -32.60
CA VAL E 171 -22.84 -4.25 -33.40
C VAL E 171 -22.28 -5.29 -34.37
N ARG E 172 -21.21 -4.96 -35.11
CA ARG E 172 -20.60 -5.94 -36.02
CA ARG E 172 -20.60 -5.93 -36.02
C ARG E 172 -20.27 -7.25 -35.30
N LYS E 173 -19.73 -7.13 -34.10
CA LYS E 173 -19.33 -8.29 -33.35
C LYS E 173 -20.54 -9.12 -32.92
N VAL E 174 -21.59 -8.45 -32.46
CA VAL E 174 -22.81 -9.12 -32.03
C VAL E 174 -23.47 -9.84 -33.19
N VAL E 175 -23.55 -9.18 -34.34
CA VAL E 175 -24.17 -9.78 -35.52
C VAL E 175 -23.40 -11.03 -35.99
N ALA E 176 -22.08 -11.02 -35.83
CA ALA E 176 -21.28 -12.09 -36.35
C ALA E 176 -21.09 -13.22 -35.34
N MET E 177 -21.26 -12.97 -34.03
CA MET E 177 -20.85 -13.95 -33.03
C MET E 177 -21.81 -15.14 -32.88
N SER E 178 -21.31 -16.23 -32.31
CA SER E 178 -22.14 -17.41 -32.08
C SER E 178 -23.28 -17.05 -31.09
N GLU E 179 -24.51 -17.47 -31.43
CA GLU E 179 -25.66 -17.06 -30.66
C GLU E 179 -25.53 -17.50 -29.20
N ASP E 180 -24.92 -18.67 -28.99
CA ASP E 180 -24.83 -19.21 -27.64
C ASP E 180 -23.86 -18.44 -26.75
N GLU E 181 -23.18 -17.44 -27.30
CA GLU E 181 -22.22 -16.58 -26.57
C GLU E 181 -22.77 -15.19 -26.25
N LEU E 182 -23.99 -14.96 -26.67
CA LEU E 182 -24.61 -13.68 -26.53
C LEU E 182 -25.04 -13.35 -25.09
N MET E 183 -25.39 -14.34 -24.29
CA MET E 183 -25.75 -14.01 -22.90
C MET E 183 -24.52 -13.44 -22.16
N THR E 184 -23.38 -14.06 -22.36
CA THR E 184 -22.12 -13.53 -21.76
C THR E 184 -21.81 -12.12 -22.30
N GLU E 185 -22.00 -11.91 -23.59
CA GLU E 185 -21.80 -10.55 -24.16
C GLU E 185 -22.80 -9.55 -23.55
N ALA E 186 -24.08 -9.97 -23.47
CA ALA E 186 -25.11 -9.10 -22.90
C ALA E 186 -24.76 -8.67 -21.48
N LYS E 187 -24.37 -9.63 -20.66
CA LYS E 187 -23.96 -9.36 -19.30
C LYS E 187 -22.73 -8.43 -19.26
N ASN E 188 -21.76 -8.65 -20.14
CA ASN E 188 -20.55 -7.80 -20.19
CA ASN E 188 -20.57 -7.80 -20.16
C ASN E 188 -20.92 -6.36 -20.55
N LEU E 189 -21.86 -6.20 -21.48
CA LEU E 189 -22.27 -4.92 -21.96
C LEU E 189 -23.28 -4.17 -21.05
N GLY E 190 -23.96 -4.92 -20.17
CA GLY E 190 -25.12 -4.42 -19.49
C GLY E 190 -26.27 -4.19 -20.44
N ALA E 191 -26.39 -5.05 -21.45
CA ALA E 191 -27.44 -4.95 -22.47
C ALA E 191 -28.62 -5.87 -22.16
N PRO E 192 -29.87 -5.35 -22.26
CA PRO E 192 -31.03 -6.22 -22.28
C PRO E 192 -30.86 -7.29 -23.34
N TYR E 193 -31.01 -8.55 -22.92
CA TYR E 193 -30.69 -9.70 -23.74
C TYR E 193 -31.58 -9.81 -24.99
N GLU E 194 -32.88 -9.66 -24.85
CA GLU E 194 -33.75 -9.82 -26.01
C GLU E 194 -33.44 -8.78 -27.09
N LEU E 195 -33.04 -7.56 -26.69
CA LEU E 195 -32.67 -6.49 -27.64
C LEU E 195 -31.37 -6.86 -28.36
N LEU E 196 -30.41 -7.43 -27.61
CA LEU E 196 -29.17 -7.85 -28.23
C LEU E 196 -29.40 -8.99 -29.22
N LEU E 197 -30.22 -9.96 -28.83
CA LEU E 197 -30.60 -11.05 -29.74
C LEU E 197 -31.28 -10.51 -31.01
N GLN E 198 -32.14 -9.53 -30.85
CA GLN E 198 -32.83 -8.98 -31.99
C GLN E 198 -31.87 -8.21 -32.94
N ILE E 199 -30.83 -7.61 -32.37
CA ILE E 199 -29.83 -6.91 -33.16
C ILE E 199 -29.11 -7.93 -34.07
N LYS E 200 -28.74 -9.07 -33.49
CA LYS E 200 -28.16 -10.18 -34.22
C LYS E 200 -29.05 -10.67 -35.37
N LYS E 201 -30.32 -10.94 -35.08
CA LYS E 201 -31.27 -11.35 -36.09
C LYS E 201 -31.51 -10.29 -37.16
N ASP E 202 -31.60 -9.00 -36.80
CA ASP E 202 -31.85 -7.89 -37.77
C ASP E 202 -30.60 -7.48 -38.55
N GLY E 203 -29.42 -7.75 -37.99
CA GLY E 203 -28.16 -7.35 -38.58
C GLY E 203 -27.86 -5.88 -38.36
N LYS E 204 -28.59 -5.24 -37.42
CA LYS E 204 -28.48 -3.81 -37.18
C LYS E 204 -29.17 -3.39 -35.91
N LEU E 205 -28.84 -2.18 -35.47
CA LEU E 205 -29.57 -1.53 -34.40
C LEU E 205 -30.97 -1.26 -34.86
N PRO E 206 -31.94 -1.30 -33.93
CA PRO E 206 -33.33 -1.09 -34.30
C PRO E 206 -33.74 0.38 -34.47
N VAL E 207 -32.88 1.32 -34.12
CA VAL E 207 -33.24 2.74 -34.23
C VAL E 207 -32.15 3.48 -34.94
N VAL E 208 -32.46 4.65 -35.46
CA VAL E 208 -31.45 5.45 -36.09
C VAL E 208 -30.47 6.05 -35.05
N ASN E 209 -29.22 6.23 -35.47
CA ASN E 209 -28.15 6.68 -34.64
C ASN E 209 -27.37 7.83 -35.32
N PHE E 210 -27.56 9.05 -34.84
CA PHE E 210 -26.93 10.22 -35.40
C PHE E 210 -25.60 10.54 -34.69
N ALA E 211 -24.72 11.24 -35.39
CA ALA E 211 -23.49 11.80 -34.80
C ALA E 211 -23.88 13.13 -34.14
N ALA E 212 -23.20 13.44 -33.05
CA ALA E 212 -23.46 14.68 -32.34
C ALA E 212 -22.29 15.01 -31.42
N GLY E 213 -22.09 16.31 -31.23
CA GLY E 213 -21.17 16.82 -30.24
C GLY E 213 -19.78 16.81 -30.78
N GLY E 214 -19.50 17.76 -31.65
CA GLY E 214 -18.15 18.16 -32.03
C GLY E 214 -18.00 18.36 -33.53
N VAL E 215 -19.10 18.29 -34.29
CA VAL E 215 -19.03 18.49 -35.72
C VAL E 215 -18.82 19.97 -35.96
N ALA E 216 -17.66 20.33 -36.49
CA ALA E 216 -17.29 21.73 -36.61
C ALA E 216 -17.13 22.15 -38.07
N THR E 217 -16.85 21.22 -38.98
CA THR E 217 -16.52 21.55 -40.37
C THR E 217 -17.26 20.61 -41.29
N PRO E 218 -17.40 20.98 -42.57
CA PRO E 218 -17.99 20.05 -43.52
C PRO E 218 -17.27 18.69 -43.58
N ALA E 219 -15.94 18.65 -43.42
CA ALA E 219 -15.23 17.36 -43.47
C ALA E 219 -15.59 16.52 -42.27
N ASP E 220 -15.83 17.17 -41.12
CA ASP E 220 -16.27 16.45 -39.92
C ASP E 220 -17.61 15.75 -40.15
N ALA E 221 -18.55 16.47 -40.71
CA ALA E 221 -19.87 15.93 -40.99
C ALA E 221 -19.79 14.75 -41.95
N ALA E 222 -19.06 14.91 -43.05
CA ALA E 222 -18.90 13.80 -44.00
C ALA E 222 -18.21 12.62 -43.34
N LEU E 223 -17.26 12.93 -42.45
CA LEU E 223 -16.54 11.87 -41.75
C LEU E 223 -17.51 11.02 -40.95
N MET E 224 -18.43 11.66 -40.25
CA MET E 224 -19.33 10.92 -39.43
C MET E 224 -20.25 10.04 -40.25
N MET E 225 -20.69 10.52 -41.39
CA MET E 225 -21.47 9.65 -42.30
C MET E 225 -20.63 8.49 -42.84
N GLN E 226 -19.37 8.76 -43.17
CA GLN E 226 -18.46 7.72 -43.62
C GLN E 226 -18.30 6.61 -42.58
N LEU E 227 -18.39 6.96 -41.31
CA LEU E 227 -18.24 6.02 -40.24
C LEU E 227 -19.53 5.33 -39.86
N GLY E 228 -20.62 5.62 -40.57
CA GLY E 228 -21.88 4.93 -40.38
C GLY E 228 -22.98 5.68 -39.64
N ALA E 229 -22.80 6.98 -39.40
CA ALA E 229 -23.87 7.76 -38.77
C ALA E 229 -25.07 7.79 -39.71
N ASP E 230 -26.25 7.89 -39.12
CA ASP E 230 -27.49 8.06 -39.90
C ASP E 230 -27.82 9.50 -40.25
N GLY E 231 -27.03 10.42 -39.72
CA GLY E 231 -27.27 11.85 -39.84
C GLY E 231 -26.41 12.53 -38.77
N VAL E 232 -26.54 13.85 -38.67
CA VAL E 232 -25.63 14.66 -37.90
C VAL E 232 -26.44 15.74 -37.17
N PHE E 233 -26.16 15.93 -35.88
CA PHE E 233 -26.59 17.13 -35.17
C PHE E 233 -25.40 18.11 -35.16
N VAL E 234 -25.67 19.37 -35.45
CA VAL E 234 -24.64 20.38 -35.38
C VAL E 234 -25.11 21.57 -34.53
N GLY E 235 -24.15 22.25 -33.91
CA GLY E 235 -24.41 23.23 -32.86
C GLY E 235 -24.43 24.68 -33.30
N SER E 236 -24.58 25.56 -32.33
CA SER E 236 -24.85 26.97 -32.60
C SER E 236 -23.70 27.72 -33.29
N GLY E 237 -22.52 27.12 -33.27
CA GLY E 237 -21.35 27.58 -34.01
C GLY E 237 -21.63 28.04 -35.43
N ILE E 238 -22.51 27.32 -36.11
CA ILE E 238 -23.01 27.76 -37.41
C ILE E 238 -23.29 29.28 -37.41
N PHE E 239 -24.04 29.74 -36.41
CA PHE E 239 -24.49 31.14 -36.39
C PHE E 239 -23.46 32.10 -35.80
N LYS E 240 -22.29 31.62 -35.40
CA LYS E 240 -21.17 32.51 -35.07
C LYS E 240 -20.28 32.81 -36.26
N SER E 241 -20.49 32.16 -37.39
CA SER E 241 -19.67 32.40 -38.57
C SER E 241 -20.08 33.71 -39.24
N ASP E 242 -19.20 34.20 -40.11
CA ASP E 242 -19.46 35.46 -40.84
C ASP E 242 -20.58 35.30 -41.87
N ASN E 243 -20.81 34.06 -42.31
CA ASN E 243 -21.92 33.76 -43.20
C ASN E 243 -22.61 32.46 -42.76
N PRO E 244 -23.51 32.57 -41.76
CA PRO E 244 -24.25 31.41 -41.25
C PRO E 244 -24.97 30.64 -42.35
N ALA E 245 -25.68 31.34 -43.23
CA ALA E 245 -26.38 30.69 -44.35
C ALA E 245 -25.41 29.81 -45.18
N LYS E 246 -24.26 30.36 -45.51
CA LYS E 246 -23.27 29.66 -46.34
C LYS E 246 -22.77 28.43 -45.58
N PHE E 247 -22.44 28.63 -44.32
CA PHE E 247 -21.83 27.60 -43.51
C PHE E 247 -22.81 26.43 -43.29
N ALA E 248 -24.05 26.76 -42.95
CA ALA E 248 -25.14 25.80 -42.80
C ALA E 248 -25.33 24.97 -44.06
N LYS E 249 -25.35 25.64 -45.21
CA LYS E 249 -25.48 24.93 -46.48
C LYS E 249 -24.35 23.99 -46.75
N ALA E 250 -23.12 24.40 -46.43
CA ALA E 250 -21.95 23.55 -46.58
C ALA E 250 -22.07 22.25 -45.76
N ILE E 251 -22.56 22.33 -44.53
CA ILE E 251 -22.71 21.15 -43.67
C ILE E 251 -23.73 20.20 -44.29
N VAL E 252 -24.86 20.76 -44.69
CA VAL E 252 -25.94 19.99 -45.35
C VAL E 252 -25.42 19.24 -46.59
N GLU E 253 -24.71 19.94 -47.47
CA GLU E 253 -24.16 19.32 -48.68
C GLU E 253 -23.10 18.27 -48.42
N ALA E 254 -22.20 18.52 -47.47
CA ALA E 254 -21.15 17.58 -47.09
C ALA E 254 -21.74 16.32 -46.48
N THR E 255 -22.86 16.45 -45.76
CA THR E 255 -23.56 15.32 -45.12
C THR E 255 -24.28 14.48 -46.19
N THR E 256 -24.90 15.17 -47.12
CA THR E 256 -25.53 14.51 -48.25
C THR E 256 -24.49 13.84 -49.16
N HIS E 257 -23.49 14.59 -49.62
CA HIS E 257 -22.50 14.04 -50.55
C HIS E 257 -21.18 13.72 -49.88
N PHE E 258 -21.22 12.80 -48.92
CA PHE E 258 -20.09 12.59 -48.03
C PHE E 258 -18.90 11.85 -48.62
N THR E 259 -19.02 11.44 -49.89
CA THR E 259 -17.88 10.91 -50.59
C THR E 259 -17.45 11.78 -51.75
N ASP E 260 -18.00 12.99 -51.85
CA ASP E 260 -17.62 13.92 -52.92
C ASP E 260 -16.50 14.86 -52.48
N TYR E 261 -15.27 14.35 -52.61
CA TYR E 261 -14.11 15.04 -52.00
C TYR E 261 -13.71 16.35 -52.70
N LYS E 262 -13.91 16.46 -54.01
CA LYS E 262 -13.72 17.74 -54.71
C LYS E 262 -14.70 18.79 -54.21
N LEU E 263 -15.95 18.35 -54.05
CA LEU E 263 -16.97 19.25 -53.53
C LEU E 263 -16.64 19.66 -52.11
N ILE E 264 -16.35 18.69 -51.25
CA ILE E 264 -16.07 19.01 -49.84
C ILE E 264 -14.85 19.96 -49.70
N ALA E 265 -13.86 19.80 -50.58
CA ALA E 265 -12.71 20.72 -50.64
C ALA E 265 -13.20 22.17 -50.85
N GLU E 266 -14.09 22.35 -51.82
CA GLU E 266 -14.65 23.67 -52.08
C GLU E 266 -15.48 24.17 -50.90
N LEU E 267 -16.28 23.29 -50.31
CA LEU E 267 -17.07 23.62 -49.12
C LEU E 267 -16.19 23.95 -47.91
N SER E 268 -14.96 23.45 -47.86
CA SER E 268 -14.11 23.68 -46.71
C SER E 268 -13.44 25.05 -46.68
N LYS E 269 -13.66 25.82 -47.72
CA LYS E 269 -12.98 27.11 -47.86
C LYS E 269 -13.69 28.19 -47.11
N GLU E 270 -12.92 29.16 -46.60
CA GLU E 270 -13.52 30.39 -46.10
C GLU E 270 -14.15 30.14 -44.72
N MET F 1 -33.95 -8.15 -65.73
CA MET F 1 -34.35 -7.49 -64.45
C MET F 1 -34.96 -6.12 -64.70
N LEU F 2 -35.83 -5.70 -63.79
CA LEU F 2 -36.35 -4.34 -63.75
C LEU F 2 -35.53 -3.58 -62.71
N THR F 3 -35.24 -2.30 -62.96
CA THR F 3 -34.46 -1.49 -62.02
C THR F 3 -35.17 -0.19 -61.64
N ILE F 4 -35.39 0.01 -60.35
CA ILE F 4 -36.08 1.21 -59.84
C ILE F 4 -35.18 2.06 -58.92
N GLY F 5 -35.02 3.32 -59.30
CA GLY F 5 -34.24 4.27 -58.54
C GLY F 5 -34.99 4.87 -57.38
N VAL F 6 -34.25 5.24 -56.34
CA VAL F 6 -34.77 5.98 -55.18
C VAL F 6 -33.93 7.24 -55.00
N LEU F 7 -34.53 8.42 -55.15
CA LEU F 7 -33.80 9.68 -54.92
C LEU F 7 -33.14 9.65 -53.54
N GLY F 8 -31.82 9.60 -53.54
CA GLY F 8 -31.06 9.36 -52.31
C GLY F 8 -30.52 10.60 -51.63
N LEU F 9 -31.01 11.77 -52.00
CA LEU F 9 -30.54 13.02 -51.38
C LEU F 9 -30.79 13.09 -49.88
N GLN F 10 -31.99 12.69 -49.46
CA GLN F 10 -32.33 12.65 -48.04
C GLN F 10 -33.54 11.76 -47.79
N GLY F 11 -33.58 11.19 -46.57
CA GLY F 11 -34.77 10.56 -46.05
C GLY F 11 -34.69 9.05 -45.90
N ALA F 12 -35.85 8.40 -45.90
CA ALA F 12 -35.90 6.96 -45.62
C ALA F 12 -35.63 6.18 -46.89
N VAL F 13 -34.40 6.30 -47.41
CA VAL F 13 -34.07 5.76 -48.74
C VAL F 13 -33.94 4.25 -48.72
N ARG F 14 -33.25 3.71 -47.73
CA ARG F 14 -33.03 2.27 -47.69
C ARG F 14 -34.31 1.49 -47.49
N GLU F 15 -35.31 2.11 -46.86
CA GLU F 15 -36.60 1.44 -46.68
C GLU F 15 -37.26 1.14 -48.01
N HIS F 16 -37.23 2.11 -48.92
CA HIS F 16 -37.77 1.89 -50.25
C HIS F 16 -36.94 0.84 -51.02
N ILE F 17 -35.61 0.93 -50.93
CA ILE F 17 -34.74 -0.05 -51.59
C ILE F 17 -35.13 -1.46 -51.15
N HIS F 18 -35.35 -1.64 -49.84
CA HIS F 18 -35.72 -2.94 -49.29
C HIS F 18 -37.03 -3.45 -49.93
N ALA F 19 -38.04 -2.58 -50.00
CA ALA F 19 -39.34 -2.93 -50.55
C ALA F 19 -39.26 -3.26 -52.05
N ILE F 20 -38.56 -2.41 -52.81
CA ILE F 20 -38.26 -2.64 -54.23
C ILE F 20 -37.64 -4.02 -54.46
N GLU F 21 -36.63 -4.32 -53.65
CA GLU F 21 -35.94 -5.62 -53.70
C GLU F 21 -36.82 -6.78 -53.23
N ALA F 22 -37.73 -6.51 -52.31
CA ALA F 22 -38.70 -7.52 -51.84
C ALA F 22 -39.76 -7.86 -52.89
N CYS F 23 -39.86 -7.02 -53.92
CA CYS F 23 -40.79 -7.22 -55.02
C CYS F 23 -40.10 -7.84 -56.23
N GLY F 24 -38.85 -8.26 -56.06
CA GLY F 24 -38.10 -8.91 -57.13
C GLY F 24 -37.34 -7.96 -58.06
N ALA F 25 -37.51 -6.65 -57.90
CA ALA F 25 -36.78 -5.69 -58.72
C ALA F 25 -35.42 -5.40 -58.10
N ALA F 26 -34.59 -4.69 -58.87
CA ALA F 26 -33.32 -4.16 -58.37
C ALA F 26 -33.51 -2.67 -58.05
N GLY F 27 -32.96 -2.23 -56.93
CA GLY F 27 -33.07 -0.83 -56.52
C GLY F 27 -31.76 -0.12 -56.76
N LEU F 28 -31.83 1.19 -57.00
CA LEU F 28 -30.64 2.03 -57.12
C LEU F 28 -30.85 3.33 -56.35
N VAL F 29 -29.96 3.58 -55.39
CA VAL F 29 -29.91 4.88 -54.74
C VAL F 29 -29.35 5.87 -55.77
N VAL F 30 -30.18 6.85 -56.14
CA VAL F 30 -29.79 7.88 -57.10
C VAL F 30 -29.30 9.13 -56.38
N LYS F 31 -27.99 9.40 -56.48
CA LYS F 31 -27.34 10.59 -55.87
C LYS F 31 -26.99 11.71 -56.85
N ARG F 32 -26.77 11.37 -58.11
CA ARG F 32 -26.45 12.34 -59.15
C ARG F 32 -27.40 12.21 -60.33
N PRO F 33 -27.76 13.32 -61.00
CA PRO F 33 -28.67 13.33 -62.15
C PRO F 33 -28.40 12.24 -63.20
N GLU F 34 -27.13 11.96 -63.45
CA GLU F 34 -26.72 11.05 -64.54
C GLU F 34 -27.27 9.66 -64.30
N GLN F 35 -27.39 9.29 -63.03
CA GLN F 35 -27.89 7.96 -62.64
C GLN F 35 -29.35 7.79 -63.00
N LEU F 36 -30.06 8.89 -63.26
CA LEU F 36 -31.47 8.85 -63.68
C LEU F 36 -31.61 8.11 -65.00
N ASN F 37 -30.57 8.15 -65.83
CA ASN F 37 -30.55 7.39 -67.06
C ASN F 37 -30.46 5.89 -66.84
N GLU F 38 -30.09 5.47 -65.63
CA GLU F 38 -29.90 4.06 -65.32
C GLU F 38 -31.14 3.32 -64.79
N VAL F 39 -32.25 4.02 -64.58
CA VAL F 39 -33.43 3.39 -64.00
C VAL F 39 -34.68 3.49 -64.87
N ASP F 40 -35.56 2.50 -64.70
CA ASP F 40 -36.83 2.39 -65.40
C ASP F 40 -37.94 3.22 -64.74
N GLY F 41 -37.73 3.58 -63.48
CA GLY F 41 -38.69 4.42 -62.74
C GLY F 41 -38.08 4.89 -61.44
N LEU F 42 -38.69 5.91 -60.84
CA LEU F 42 -38.11 6.54 -59.65
C LEU F 42 -39.07 6.61 -58.45
N ILE F 43 -38.55 6.35 -57.25
CA ILE F 43 -39.28 6.62 -56.01
C ILE F 43 -38.68 7.87 -55.34
N LEU F 44 -39.53 8.86 -55.05
CA LEU F 44 -39.10 10.01 -54.26
C LEU F 44 -39.59 9.73 -52.81
N PRO F 45 -38.62 9.61 -51.86
CA PRO F 45 -38.92 8.98 -50.58
C PRO F 45 -39.54 9.94 -49.56
N GLY F 46 -39.92 9.40 -48.40
CA GLY F 46 -40.26 10.21 -47.24
C GLY F 46 -39.01 10.88 -46.71
N GLY F 47 -39.19 12.00 -46.03
CA GLY F 47 -38.08 12.81 -45.52
C GLY F 47 -38.61 14.21 -45.30
N GLU F 48 -37.80 15.21 -45.58
CA GLU F 48 -38.20 16.61 -45.50
C GLU F 48 -38.23 17.20 -46.90
N SER F 49 -39.41 17.56 -47.36
CA SER F 49 -39.57 18.17 -48.66
C SER F 49 -38.65 19.38 -48.85
N THR F 50 -38.47 20.18 -47.81
CA THR F 50 -37.72 21.41 -47.97
C THR F 50 -36.28 21.04 -48.26
N THR F 51 -35.78 20.09 -47.49
CA THR F 51 -34.41 19.62 -47.66
C THR F 51 -34.18 19.12 -49.06
N MET F 52 -35.07 18.22 -49.50
CA MET F 52 -34.94 17.63 -50.83
C MET F 52 -35.04 18.68 -51.94
N ARG F 53 -35.92 19.67 -51.78
CA ARG F 53 -36.00 20.78 -52.76
C ARG F 53 -34.69 21.52 -52.80
N ARG F 54 -34.19 21.90 -51.63
CA ARG F 54 -32.94 22.65 -51.54
CA ARG F 54 -32.93 22.63 -51.50
C ARG F 54 -31.80 21.88 -52.22
N LEU F 55 -31.70 20.58 -51.94
CA LEU F 55 -30.68 19.72 -52.57
C LEU F 55 -30.91 19.45 -54.07
N ILE F 56 -32.17 19.24 -54.45
CA ILE F 56 -32.54 19.18 -55.87
C ILE F 56 -32.02 20.42 -56.58
N ASP F 57 -32.22 21.59 -55.97
CA ASP F 57 -31.85 22.87 -56.58
C ASP F 57 -30.36 23.00 -56.80
N THR F 58 -29.61 22.79 -55.74
CA THR F 58 -28.16 23.01 -55.76
C THR F 58 -27.48 22.11 -56.77
N TYR F 59 -27.92 20.86 -56.84
CA TYR F 59 -27.34 19.88 -57.76
C TYR F 59 -28.19 19.68 -59.02
N GLN F 60 -28.94 20.73 -59.38
CA GLN F 60 -29.53 20.86 -60.70
C GLN F 60 -30.32 19.62 -61.15
N PHE F 61 -31.01 18.99 -60.20
CA PHE F 61 -31.72 17.73 -60.41
C PHE F 61 -33.07 17.97 -61.05
N MET F 62 -33.59 19.18 -60.92
CA MET F 62 -34.99 19.46 -61.25
C MET F 62 -35.30 19.22 -62.73
N GLU F 63 -34.42 19.69 -63.60
CA GLU F 63 -34.60 19.53 -65.04
C GLU F 63 -34.50 18.06 -65.47
N PRO F 64 -33.40 17.37 -65.11
CA PRO F 64 -33.34 15.93 -65.33
C PRO F 64 -34.58 15.13 -64.85
N LEU F 65 -35.17 15.53 -63.71
CA LEU F 65 -36.37 14.86 -63.18
C LEU F 65 -37.56 15.10 -64.10
N ARG F 66 -37.64 16.32 -64.62
CA ARG F 66 -38.66 16.68 -65.60
C ARG F 66 -38.46 15.95 -66.93
N GLU F 67 -37.20 15.85 -67.36
CA GLU F 67 -36.82 15.04 -68.52
C GLU F 67 -37.16 13.56 -68.33
N PHE F 68 -36.84 13.06 -67.13
CA PHE F 68 -37.19 11.70 -66.71
C PHE F 68 -38.68 11.42 -66.92
N ALA F 69 -39.52 12.33 -66.44
CA ALA F 69 -40.98 12.21 -66.56
C ALA F 69 -41.41 12.36 -68.01
N ALA F 70 -40.80 13.31 -68.70
CA ALA F 70 -41.03 13.53 -70.13
C ALA F 70 -40.79 12.25 -70.93
N GLN F 71 -39.82 11.45 -70.51
CA GLN F 71 -39.57 10.15 -71.14
C GLN F 71 -40.65 9.11 -70.84
N GLY F 72 -41.55 9.42 -69.90
CA GLY F 72 -42.64 8.51 -69.53
C GLY F 72 -42.28 7.51 -68.44
N LYS F 73 -41.10 7.66 -67.84
CA LYS F 73 -40.72 6.78 -66.74
C LYS F 73 -41.58 7.06 -65.49
N PRO F 74 -42.21 6.01 -64.93
CA PRO F 74 -43.07 6.20 -63.75
C PRO F 74 -42.37 6.76 -62.51
N MET F 75 -43.15 7.44 -61.68
CA MET F 75 -42.62 8.16 -60.52
C MET F 75 -43.54 8.06 -59.30
N PHE F 76 -43.01 7.54 -58.20
CA PHE F 76 -43.76 7.24 -57.00
C PHE F 76 -43.26 8.19 -55.92
N GLY F 77 -44.17 8.98 -55.36
CA GLY F 77 -43.84 9.95 -54.32
C GLY F 77 -44.54 9.58 -53.04
N THR F 78 -43.76 9.27 -52.00
CA THR F 78 -44.30 8.96 -50.66
C THR F 78 -44.07 10.08 -49.63
N CYS F 79 -45.19 10.67 -49.19
CA CYS F 79 -45.23 11.76 -48.20
C CYS F 79 -44.41 12.99 -48.67
N ALA F 80 -43.20 13.21 -48.15
CA ALA F 80 -42.28 14.17 -48.75
C ALA F 80 -42.23 14.02 -50.30
N GLY F 81 -42.16 12.77 -50.77
CA GLY F 81 -42.21 12.48 -52.21
C GLY F 81 -43.44 13.02 -52.92
N LEU F 82 -44.59 12.87 -52.26
CA LEU F 82 -45.85 13.37 -52.82
C LEU F 82 -45.80 14.89 -52.94
N ILE F 83 -45.29 15.54 -51.88
CA ILE F 83 -45.15 16.98 -51.85
C ILE F 83 -44.29 17.49 -53.02
N ILE F 84 -43.20 16.78 -53.32
CA ILE F 84 -42.25 17.17 -54.39
C ILE F 84 -42.90 17.04 -55.76
N LEU F 85 -43.74 16.02 -55.89
CA LEU F 85 -44.52 15.77 -57.10
C LEU F 85 -45.64 16.80 -57.37
N ALA F 86 -46.20 17.36 -56.31
CA ALA F 86 -47.46 18.14 -56.39
C ALA F 86 -47.43 19.32 -57.36
N LYS F 87 -48.53 19.52 -58.10
CA LYS F 87 -48.71 20.76 -58.88
C LYS F 87 -48.66 22.01 -57.98
N GLU F 88 -49.35 21.94 -56.85
CA GLU F 88 -49.55 23.09 -55.99
C GLU F 88 -49.45 22.71 -54.52
N ILE F 89 -48.84 23.60 -53.72
CA ILE F 89 -48.80 23.45 -52.28
C ILE F 89 -49.58 24.58 -51.63
N ALA F 90 -50.59 24.22 -50.84
CA ALA F 90 -51.36 25.23 -50.11
C ALA F 90 -50.38 26.11 -49.36
N GLY F 91 -50.58 27.43 -49.44
CA GLY F 91 -49.76 28.38 -48.70
C GLY F 91 -48.40 28.74 -49.31
N SER F 92 -48.05 28.11 -50.42
CA SER F 92 -46.79 28.41 -51.09
C SER F 92 -47.01 28.82 -52.54
N ASP F 93 -46.17 29.73 -53.01
CA ASP F 93 -46.14 30.10 -54.43
C ASP F 93 -44.89 29.55 -55.10
N ASN F 94 -44.29 28.54 -54.46
CA ASN F 94 -43.03 27.94 -54.90
C ASN F 94 -43.13 26.42 -54.87
N PRO F 95 -43.99 25.85 -55.74
CA PRO F 95 -44.11 24.39 -55.83
C PRO F 95 -42.85 23.79 -56.45
N HIS F 96 -42.75 22.46 -56.45
CA HIS F 96 -41.53 21.75 -56.84
C HIS F 96 -41.62 21.17 -58.26
N LEU F 97 -41.82 19.87 -58.40
CA LEU F 97 -41.85 19.26 -59.74
C LEU F 97 -43.10 19.58 -60.53
N GLY F 98 -44.25 19.61 -59.86
CA GLY F 98 -45.50 19.94 -60.52
C GLY F 98 -45.99 18.91 -61.52
N LEU F 99 -45.73 17.63 -61.25
CA LEU F 99 -46.06 16.57 -62.20
C LEU F 99 -47.39 15.88 -61.88
N LEU F 100 -47.71 15.72 -60.61
CA LEU F 100 -49.01 15.14 -60.25
C LEU F 100 -50.01 16.27 -59.98
N ASN F 101 -51.13 16.24 -60.72
CA ASN F 101 -52.13 17.32 -60.78
C ASN F 101 -53.01 17.42 -59.52
N VAL F 102 -52.38 17.74 -58.39
CA VAL F 102 -53.07 17.82 -57.12
C VAL F 102 -52.71 19.11 -56.36
N VAL F 103 -53.54 19.48 -55.40
CA VAL F 103 -53.16 20.50 -54.44
C VAL F 103 -52.98 19.80 -53.10
N VAL F 104 -51.77 19.91 -52.55
CA VAL F 104 -51.40 19.23 -51.30
C VAL F 104 -51.24 20.22 -50.17
N GLU F 105 -51.81 19.87 -49.01
CA GLU F 105 -51.56 20.66 -47.79
C GLU F 105 -50.54 19.95 -46.93
N ARG F 106 -49.42 20.62 -46.66
CA ARG F 106 -48.35 20.06 -45.85
C ARG F 106 -48.73 20.06 -44.38
N ASN F 107 -48.16 19.09 -43.65
CA ASN F 107 -48.30 19.01 -42.19
C ASN F 107 -49.73 19.21 -41.73
N SER F 108 -50.66 18.51 -42.35
CA SER F 108 -52.09 18.82 -42.17
C SER F 108 -52.78 18.03 -41.08
N PHE F 109 -52.10 17.05 -40.48
CA PHE F 109 -52.65 16.34 -39.32
C PHE F 109 -52.16 16.87 -37.98
N GLY F 110 -51.25 17.87 -38.01
CA GLY F 110 -50.70 18.46 -36.79
C GLY F 110 -49.17 18.32 -36.73
N ARG F 111 -48.64 17.77 -35.64
CA ARG F 111 -47.19 17.59 -35.50
C ARG F 111 -46.82 16.13 -35.21
N GLN F 112 -45.57 15.84 -34.85
CA GLN F 112 -45.20 14.43 -34.63
C GLN F 112 -46.10 13.75 -33.57
N VAL F 113 -46.44 14.43 -32.49
CA VAL F 113 -47.33 13.80 -31.50
C VAL F 113 -48.66 13.28 -32.14
N ASP F 114 -49.03 13.85 -33.29
CA ASP F 114 -50.28 13.45 -33.97
C ASP F 114 -50.05 12.38 -35.03
N SER F 115 -48.79 12.02 -35.28
CA SER F 115 -48.51 11.02 -36.31
C SER F 115 -49.21 9.71 -35.92
N PHE F 116 -49.67 8.95 -36.93
CA PHE F 116 -50.57 7.85 -36.65
C PHE F 116 -50.54 6.69 -37.65
N GLU F 117 -51.07 5.57 -37.18
CA GLU F 117 -51.40 4.42 -37.99
C GLU F 117 -52.90 4.33 -38.14
N ALA F 118 -53.34 4.01 -39.34
CA ALA F 118 -54.73 3.66 -39.62
C ALA F 118 -54.80 2.71 -40.80
N ASP F 119 -55.78 1.82 -40.77
CA ASP F 119 -56.00 0.91 -41.89
C ASP F 119 -56.74 1.60 -43.02
N LEU F 120 -56.22 1.45 -44.23
CA LEU F 120 -56.76 2.14 -45.40
C LEU F 120 -57.28 1.16 -46.45
N THR F 121 -58.38 1.53 -47.09
CA THR F 121 -58.85 0.79 -48.25
C THR F 121 -58.17 1.43 -49.45
N ILE F 122 -57.41 0.65 -50.20
CA ILE F 122 -56.72 1.18 -51.36
C ILE F 122 -57.18 0.47 -52.62
N LYS F 123 -57.55 1.28 -53.61
CA LYS F 123 -57.98 0.74 -54.89
C LYS F 123 -56.84 -0.06 -55.46
N GLY F 124 -57.15 -1.28 -55.88
CA GLY F 124 -56.16 -2.22 -56.38
C GLY F 124 -55.65 -3.19 -55.33
N LEU F 125 -55.98 -2.96 -54.06
CA LEU F 125 -55.65 -3.87 -52.96
C LEU F 125 -56.91 -4.46 -52.33
N ASP F 126 -56.84 -5.73 -51.95
CA ASP F 126 -58.04 -6.51 -51.60
C ASP F 126 -58.31 -6.63 -50.09
N GLU F 127 -57.26 -6.44 -49.28
CA GLU F 127 -57.38 -6.36 -47.82
C GLU F 127 -56.89 -4.97 -47.41
N PRO F 128 -57.33 -4.45 -46.26
CA PRO F 128 -56.89 -3.11 -45.86
C PRO F 128 -55.38 -3.01 -45.70
N PHE F 129 -54.84 -1.81 -45.89
CA PHE F 129 -53.41 -1.56 -45.79
C PHE F 129 -53.14 -0.65 -44.57
N THR F 130 -52.17 -1.02 -43.74
CA THR F 130 -51.88 -0.19 -42.57
C THR F 130 -51.05 1.01 -43.02
N GLY F 131 -51.70 2.17 -43.08
CA GLY F 131 -51.04 3.43 -43.41
C GLY F 131 -50.36 4.02 -42.21
N VAL F 132 -49.06 4.31 -42.36
CA VAL F 132 -48.31 4.95 -41.30
C VAL F 132 -48.05 6.39 -41.72
N PHE F 133 -48.73 7.32 -41.05
CA PHE F 133 -48.72 8.74 -41.41
C PHE F 133 -47.80 9.53 -40.46
N ILE F 134 -46.61 9.85 -40.97
CA ILE F 134 -45.54 10.57 -40.24
C ILE F 134 -45.45 12.04 -40.70
N ARG F 135 -45.88 12.96 -39.83
CA ARG F 135 -45.97 14.40 -40.17
C ARG F 135 -46.46 14.57 -41.61
N ALA F 136 -47.57 13.89 -41.90
CA ALA F 136 -48.08 13.69 -43.25
C ALA F 136 -48.82 14.89 -43.82
N PRO F 137 -48.83 15.03 -45.16
CA PRO F 137 -49.69 16.01 -45.79
C PRO F 137 -50.96 15.30 -46.20
N HIS F 138 -51.84 15.98 -46.92
CA HIS F 138 -52.87 15.28 -47.69
C HIS F 138 -53.22 16.10 -48.94
N ILE F 139 -54.02 15.48 -49.80
CA ILE F 139 -54.39 16.05 -51.07
C ILE F 139 -55.71 16.77 -50.84
N LEU F 140 -55.67 18.10 -50.90
CA LEU F 140 -56.85 18.98 -50.82
C LEU F 140 -57.76 18.86 -52.05
N GLU F 141 -57.16 18.84 -53.24
CA GLU F 141 -57.91 18.53 -54.46
C GLU F 141 -57.08 17.84 -55.51
N ALA F 142 -57.77 16.98 -56.27
CA ALA F 142 -57.19 16.24 -57.36
C ALA F 142 -57.97 16.55 -58.63
N GLY F 143 -57.27 16.93 -59.70
CA GLY F 143 -57.91 17.26 -60.98
C GLY F 143 -58.52 16.05 -61.66
N GLU F 144 -59.21 16.31 -62.78
CA GLU F 144 -59.97 15.28 -63.52
C GLU F 144 -59.16 14.07 -63.95
N ASN F 145 -57.94 14.33 -64.42
CA ASN F 145 -57.01 13.27 -64.83
C ASN F 145 -56.43 12.46 -63.67
N VAL F 146 -56.74 12.85 -62.43
CA VAL F 146 -56.21 12.15 -61.25
C VAL F 146 -57.21 11.14 -60.72
N GLU F 147 -56.76 9.89 -60.59
CA GLU F 147 -57.58 8.85 -59.97
C GLU F 147 -57.25 8.79 -58.48
N VAL F 148 -58.27 8.81 -57.63
CA VAL F 148 -58.08 8.71 -56.20
C VAL F 148 -58.05 7.25 -55.77
N LEU F 149 -57.00 6.83 -55.08
CA LEU F 149 -56.84 5.42 -54.69
C LEU F 149 -57.26 5.12 -53.25
N SER F 150 -57.28 6.15 -52.41
CA SER F 150 -57.57 5.97 -50.99
C SER F 150 -57.98 7.30 -50.35
N GLU F 151 -58.94 7.24 -49.43
CA GLU F 151 -59.17 8.33 -48.49
C GLU F 151 -59.17 7.83 -47.04
N HIS F 152 -58.91 8.76 -46.13
CA HIS F 152 -58.96 8.47 -44.71
C HIS F 152 -59.71 9.58 -44.01
N ASN F 153 -60.80 9.21 -43.35
CA ASN F 153 -61.67 10.16 -42.67
C ASN F 153 -61.97 11.35 -43.57
N GLY F 154 -62.23 11.05 -44.84
CA GLY F 154 -62.68 12.04 -45.81
C GLY F 154 -61.60 12.85 -46.48
N ARG F 155 -60.35 12.42 -46.34
CA ARG F 155 -59.23 13.08 -46.99
C ARG F 155 -58.61 12.17 -48.01
N ILE F 156 -58.22 12.70 -49.16
CA ILE F 156 -57.51 11.92 -50.17
C ILE F 156 -56.07 11.70 -49.71
N VAL F 157 -55.64 10.45 -49.69
CA VAL F 157 -54.30 10.10 -49.14
C VAL F 157 -53.44 9.24 -50.09
N ALA F 158 -54.06 8.78 -51.18
CA ALA F 158 -53.33 8.10 -52.26
C ALA F 158 -54.00 8.40 -53.61
N ALA F 159 -53.19 8.61 -54.63
CA ALA F 159 -53.69 9.04 -55.95
C ALA F 159 -52.75 8.61 -57.09
N LYS F 160 -53.36 8.22 -58.21
CA LYS F 160 -52.64 7.76 -59.39
C LYS F 160 -52.96 8.66 -60.60
N GLN F 161 -51.94 9.02 -61.37
CA GLN F 161 -52.13 9.79 -62.58
C GLN F 161 -51.15 9.26 -63.62
N GLY F 162 -51.68 8.47 -64.56
CA GLY F 162 -50.86 7.83 -65.56
C GLY F 162 -49.65 7.16 -64.93
N GLN F 163 -48.46 7.66 -65.27
CA GLN F 163 -47.18 7.12 -64.79
C GLN F 163 -46.88 7.46 -63.33
N PHE F 164 -47.67 8.35 -62.73
CA PHE F 164 -47.39 8.88 -61.39
C PHE F 164 -48.19 8.21 -60.25
N LEU F 165 -47.49 7.90 -59.17
CA LEU F 165 -48.11 7.38 -57.96
C LEU F 165 -47.70 8.27 -56.77
N GLY F 166 -48.67 8.63 -55.95
CA GLY F 166 -48.44 9.51 -54.81
C GLY F 166 -49.29 9.12 -53.62
N CYS F 167 -48.68 9.12 -52.43
CA CYS F 167 -49.46 8.88 -51.20
C CYS F 167 -48.88 9.68 -50.04
N SER F 168 -49.73 10.00 -49.04
CA SER F 168 -49.28 10.81 -47.89
C SER F 168 -48.65 9.99 -46.77
N PHE F 169 -48.92 8.69 -46.78
CA PHE F 169 -48.37 7.77 -45.80
C PHE F 169 -47.13 7.03 -46.35
N ASN F 170 -46.40 6.38 -45.45
CA ASN F 170 -45.17 5.68 -45.81
C ASN F 170 -45.33 4.16 -45.78
N PRO F 171 -45.70 3.57 -46.93
CA PRO F 171 -45.85 2.12 -46.98
C PRO F 171 -44.53 1.39 -46.67
N GLU F 172 -43.41 2.03 -47.02
CA GLU F 172 -42.08 1.47 -46.86
C GLU F 172 -41.61 1.30 -45.41
N LEU F 173 -42.33 1.90 -44.48
CA LEU F 173 -42.11 1.69 -43.04
C LEU F 173 -42.80 0.40 -42.50
N THR F 174 -43.53 -0.30 -43.36
CA THR F 174 -44.18 -1.57 -43.00
C THR F 174 -43.58 -2.77 -43.79
N GLU F 175 -43.90 -3.98 -43.34
CA GLU F 175 -43.51 -5.18 -44.08
C GLU F 175 -44.57 -5.61 -45.13
N ASP F 176 -45.61 -4.80 -45.31
CA ASP F 176 -46.60 -4.97 -46.39
C ASP F 176 -46.12 -4.25 -47.68
N HIS F 177 -45.72 -5.03 -48.68
CA HIS F 177 -45.08 -4.49 -49.89
C HIS F 177 -46.02 -4.25 -51.07
N ARG F 178 -47.32 -4.37 -50.83
CA ARG F 178 -48.33 -4.30 -51.88
C ARG F 178 -48.49 -2.94 -52.55
N VAL F 179 -48.10 -1.86 -51.88
CA VAL F 179 -48.21 -0.55 -52.52
C VAL F 179 -47.00 -0.34 -53.43
N THR F 180 -45.81 -0.71 -52.96
CA THR F 180 -44.61 -0.77 -53.82
C THR F 180 -44.84 -1.69 -55.03
N GLN F 181 -45.57 -2.79 -54.81
CA GLN F 181 -45.89 -3.77 -55.87
C GLN F 181 -46.78 -3.18 -56.96
N LEU F 182 -47.70 -2.31 -56.58
CA LEU F 182 -48.51 -1.55 -57.54
C LEU F 182 -47.61 -0.68 -58.41
N PHE F 183 -46.63 -0.01 -57.80
CA PHE F 183 -45.70 0.83 -58.56
C PHE F 183 -44.79 0.02 -59.48
N VAL F 184 -44.35 -1.14 -59.02
CA VAL F 184 -43.48 -1.99 -59.84
C VAL F 184 -44.28 -2.44 -61.05
N GLU F 185 -45.56 -2.74 -60.81
CA GLU F 185 -46.49 -3.05 -61.88
C GLU F 185 -46.70 -1.85 -62.83
N MET F 186 -46.64 -0.63 -62.30
CA MET F 186 -46.63 0.56 -63.17
C MET F 186 -45.34 0.63 -63.99
N VAL F 187 -44.23 0.28 -63.36
CA VAL F 187 -42.93 0.29 -64.04
C VAL F 187 -42.86 -0.78 -65.14
N GLU F 188 -43.41 -1.97 -64.90
CA GLU F 188 -43.42 -3.02 -65.92
C GLU F 188 -44.40 -2.71 -67.06
N GLU F 189 -45.57 -2.15 -66.70
CA GLU F 189 -46.59 -1.74 -67.68
C GLU F 189 -46.04 -0.64 -68.62
N TYR F 190 -45.18 0.21 -68.08
CA TYR F 190 -44.45 1.21 -68.90
C TYR F 190 -43.42 0.55 -69.79
N LYS F 191 -42.75 -0.47 -69.25
CA LYS F 191 -41.67 -1.18 -69.96
C LYS F 191 -42.13 -1.93 -71.21
N ALA G 2 0.10 1.84 -67.62
CA ALA G 2 0.47 2.78 -66.54
C ALA G 2 -0.40 2.55 -65.29
N GLN G 3 0.23 2.39 -64.11
CA GLN G 3 -0.49 2.31 -62.85
C GLN G 3 -0.04 3.46 -61.96
N THR G 4 -1.00 4.15 -61.37
CA THR G 4 -0.72 5.14 -60.35
C THR G 4 -0.86 4.53 -58.95
N GLY G 5 -0.42 5.27 -57.93
CA GLY G 5 -0.52 4.85 -56.52
C GLY G 5 0.06 3.52 -56.08
N THR G 6 1.06 3.00 -56.77
CA THR G 6 1.69 1.75 -56.35
C THR G 6 2.58 2.11 -55.15
N GLU G 7 2.92 1.11 -54.32
CA GLU G 7 3.81 1.32 -53.19
C GLU G 7 5.14 1.97 -53.66
N ARG G 8 5.64 1.49 -54.80
CA ARG G 8 6.91 1.92 -55.32
C ARG G 8 6.89 3.41 -55.73
N VAL G 9 5.77 3.83 -56.32
CA VAL G 9 5.54 5.24 -56.64
C VAL G 9 5.40 6.15 -55.38
N LYS G 10 4.62 5.68 -54.42
CA LYS G 10 4.41 6.38 -53.15
C LYS G 10 5.72 6.57 -52.36
N ARG G 11 6.45 5.48 -52.22
CA ARG G 11 7.73 5.54 -51.52
C ARG G 11 8.78 6.27 -52.34
N GLY G 12 8.69 6.11 -53.65
CA GLY G 12 9.70 6.64 -54.54
C GLY G 12 9.75 8.14 -54.43
N MET G 13 8.58 8.74 -54.28
CA MET G 13 8.51 10.20 -54.05
C MET G 13 9.30 10.64 -52.82
N ALA G 14 9.25 9.82 -51.78
CA ALA G 14 10.01 10.16 -50.57
C ALA G 14 11.52 9.95 -50.82
N GLU G 15 11.88 8.93 -51.58
CA GLU G 15 13.27 8.69 -51.88
C GLU G 15 13.89 9.90 -52.60
N MET G 16 13.06 10.62 -53.37
CA MET G 16 13.53 11.76 -54.14
C MET G 16 13.61 13.01 -53.27
N GLN G 17 13.12 12.95 -52.05
CA GLN G 17 13.27 14.05 -51.08
C GLN G 17 14.57 13.96 -50.26
N LYS G 18 15.26 12.83 -50.38
CA LYS G 18 16.38 12.56 -49.52
C LYS G 18 17.45 13.63 -49.62
N GLY G 19 18.07 13.93 -48.48
CA GLY G 19 19.13 14.89 -48.41
C GLY G 19 18.65 16.32 -48.43
N GLY G 20 17.33 16.52 -48.40
CA GLY G 20 16.77 17.86 -48.43
C GLY G 20 16.13 18.37 -47.16
N VAL G 21 15.70 19.62 -47.23
CA VAL G 21 14.97 20.27 -46.16
C VAL G 21 13.55 20.61 -46.62
N ILE G 22 12.58 20.21 -45.80
CA ILE G 22 11.17 20.55 -46.01
C ILE G 22 10.79 21.62 -44.99
N MET G 23 10.18 22.71 -45.43
CA MET G 23 9.94 23.87 -44.60
C MET G 23 8.48 24.20 -44.41
N ASP G 24 8.09 24.45 -43.16
CA ASP G 24 6.73 24.91 -42.87
C ASP G 24 6.53 26.33 -43.39
N VAL G 25 5.42 26.56 -44.08
CA VAL G 25 5.09 27.85 -44.68
C VAL G 25 3.59 28.15 -44.47
N ILE G 26 3.25 29.42 -44.30
CA ILE G 26 1.86 29.82 -44.09
C ILE G 26 1.25 30.63 -45.21
N ASN G 27 2.05 30.98 -46.21
CA ASN G 27 1.58 31.79 -47.31
C ASN G 27 2.50 31.66 -48.51
N ALA G 28 2.07 32.21 -49.67
CA ALA G 28 2.82 32.19 -50.94
C ALA G 28 4.23 32.76 -50.81
N GLU G 29 4.36 33.82 -50.04
CA GLU G 29 5.60 34.56 -49.89
C GLU G 29 6.69 33.72 -49.20
N GLN G 30 6.31 33.06 -48.11
CA GLN G 30 7.23 32.17 -47.41
C GLN G 30 7.59 30.98 -48.30
N ALA G 31 6.59 30.42 -48.94
CA ALA G 31 6.77 29.33 -49.93
C ALA G 31 7.86 29.64 -50.95
N LYS G 32 7.81 30.84 -51.51
CA LYS G 32 8.77 31.25 -52.53
C LYS G 32 10.17 31.35 -51.94
N ILE G 33 10.24 31.94 -50.76
CA ILE G 33 11.51 32.07 -50.03
C ILE G 33 12.14 30.70 -49.80
N ALA G 34 11.33 29.76 -49.34
CA ALA G 34 11.77 28.37 -49.11
C ALA G 34 12.31 27.70 -50.39
N GLU G 35 11.53 27.80 -51.47
CA GLU G 35 11.97 27.24 -52.76
C GLU G 35 13.27 27.90 -53.21
N GLU G 36 13.28 29.23 -53.16
CA GLU G 36 14.47 30.01 -53.49
CA GLU G 36 14.48 29.97 -53.53
C GLU G 36 15.69 29.58 -52.66
N ALA G 37 15.46 29.24 -51.38
CA ALA G 37 16.57 28.82 -50.49
C ALA G 37 17.05 27.39 -50.75
N GLY G 38 16.27 26.63 -51.50
CA GLY G 38 16.63 25.26 -51.85
C GLY G 38 15.83 24.18 -51.14
N ALA G 39 14.77 24.52 -50.44
CA ALA G 39 13.83 23.54 -49.90
C ALA G 39 13.44 22.49 -50.97
N VAL G 40 13.35 21.24 -50.59
CA VAL G 40 12.83 20.23 -51.48
C VAL G 40 11.32 20.10 -51.43
N ALA G 41 10.70 20.65 -50.39
CA ALA G 41 9.24 20.74 -50.34
C ALA G 41 8.84 21.76 -49.33
N VAL G 42 7.59 22.14 -49.35
CA VAL G 42 7.02 22.98 -48.31
C VAL G 42 5.80 22.27 -47.66
N MET G 43 5.64 22.48 -46.37
CA MET G 43 4.49 21.96 -45.62
C MET G 43 3.56 23.16 -45.43
N ALA G 44 2.43 23.18 -46.15
CA ALA G 44 1.51 24.33 -46.06
C ALA G 44 0.74 24.20 -44.76
N LEU G 45 0.70 25.31 -44.02
CA LEU G 45 -0.01 25.38 -42.75
C LEU G 45 -0.88 26.61 -42.69
N GLU G 46 -1.97 26.53 -41.93
CA GLU G 46 -2.88 27.66 -41.86
C GLU G 46 -2.36 28.57 -40.76
N ARG G 47 -2.39 28.07 -39.54
CA ARG G 47 -1.65 28.69 -38.47
C ARG G 47 -0.71 27.62 -38.03
N VAL G 48 0.24 27.99 -37.19
CA VAL G 48 1.10 26.99 -36.61
C VAL G 48 0.27 26.21 -35.56
N PRO G 49 0.19 24.89 -35.69
CA PRO G 49 -0.66 24.04 -34.83
C PRO G 49 -0.38 24.14 -33.33
N ALA G 50 0.89 24.26 -32.96
CA ALA G 50 1.29 24.36 -31.55
C ALA G 50 0.70 25.62 -30.88
N ASP G 51 0.75 26.74 -31.60
CA ASP G 51 0.13 27.99 -31.14
C ASP G 51 -1.37 27.82 -30.89
N ILE G 52 -2.04 27.08 -31.78
CA ILE G 52 -3.51 26.86 -31.74
C ILE G 52 -3.97 26.10 -30.49
N ARG G 53 -3.30 25.01 -30.19
CA ARG G 53 -3.62 24.22 -29.03
C ARG G 53 -3.12 24.94 -27.76
N ALA G 54 -2.21 25.91 -27.97
CA ALA G 54 -1.81 26.90 -26.96
C ALA G 54 -2.71 28.14 -26.97
N ALA G 55 -3.75 28.12 -27.80
CA ALA G 55 -4.87 29.03 -27.69
C ALA G 55 -5.93 28.42 -26.76
N GLY G 56 -5.96 27.09 -26.72
CA GLY G 56 -7.13 26.32 -26.28
C GLY G 56 -7.41 25.32 -27.39
N GLY G 57 -8.34 25.68 -28.28
CA GLY G 57 -8.27 25.35 -29.71
C GLY G 57 -8.08 23.93 -30.24
N VAL G 58 -8.87 23.60 -31.25
CA VAL G 58 -8.72 22.39 -32.01
C VAL G 58 -7.95 22.73 -33.28
N ALA G 59 -6.85 22.00 -33.53
CA ALA G 59 -6.04 22.19 -34.73
C ALA G 59 -6.46 21.14 -35.80
N ARG G 60 -6.98 21.66 -36.91
CA ARG G 60 -7.56 20.90 -38.00
C ARG G 60 -6.75 21.12 -39.29
N MET G 61 -7.19 20.46 -40.34
CA MET G 61 -6.73 20.66 -41.73
C MET G 61 -6.75 22.14 -42.07
N ALA G 62 -5.79 22.60 -42.83
CA ALA G 62 -5.71 23.98 -43.22
C ALA G 62 -6.81 24.27 -44.21
N ASP G 63 -7.24 25.52 -44.23
CA ASP G 63 -8.13 26.03 -45.24
C ASP G 63 -7.52 25.69 -46.56
N PRO G 64 -8.24 24.95 -47.39
CA PRO G 64 -7.77 24.62 -48.71
C PRO G 64 -7.33 25.82 -49.53
N THR G 65 -7.88 27.01 -49.26
CA THR G 65 -7.45 28.23 -49.95
C THR G 65 -5.98 28.52 -49.71
N ILE G 66 -5.53 28.33 -48.47
CA ILE G 66 -4.12 28.55 -48.16
C ILE G 66 -3.25 27.49 -48.87
N VAL G 67 -3.69 26.24 -48.83
CA VAL G 67 -2.91 25.16 -49.44
C VAL G 67 -2.76 25.45 -50.94
N GLU G 68 -3.85 25.85 -51.60
CA GLU G 68 -3.84 26.18 -53.04
C GLU G 68 -2.93 27.37 -53.34
N GLU G 69 -3.04 28.42 -52.52
CA GLU G 69 -2.08 29.53 -52.56
C GLU G 69 -0.65 29.04 -52.61
N VAL G 70 -0.30 28.20 -51.65
CA VAL G 70 1.07 27.68 -51.55
C VAL G 70 1.37 26.90 -52.81
N MET G 71 0.49 25.97 -53.19
CA MET G 71 0.69 25.16 -54.38
C MET G 71 0.89 26.02 -55.63
N ASN G 72 0.15 27.12 -55.72
CA ASN G 72 0.26 27.95 -56.88
C ASN G 72 1.54 28.77 -56.86
N ALA G 73 2.12 28.95 -55.68
CA ALA G 73 3.32 29.77 -55.51
C ALA G 73 4.65 29.06 -55.84
N VAL G 74 4.67 27.74 -55.94
CA VAL G 74 5.97 27.06 -56.01
C VAL G 74 5.91 25.89 -56.98
N SER G 75 7.10 25.42 -57.40
CA SER G 75 7.22 24.31 -58.33
C SER G 75 7.72 23.04 -57.62
N ILE G 76 8.01 23.16 -56.33
CA ILE G 76 8.38 22.02 -55.52
C ILE G 76 7.12 21.38 -54.92
N PRO G 77 7.24 20.14 -54.46
CA PRO G 77 6.07 19.48 -53.83
C PRO G 77 5.54 20.20 -52.59
N VAL G 78 4.22 20.10 -52.43
CA VAL G 78 3.55 20.71 -51.32
C VAL G 78 2.93 19.57 -50.46
N MET G 79 3.26 19.56 -49.19
CA MET G 79 2.68 18.63 -48.23
C MET G 79 1.68 19.41 -47.39
N ALA G 80 0.77 18.68 -46.75
CA ALA G 80 -0.18 19.29 -45.81
C ALA G 80 -0.55 18.27 -44.75
N LYS G 81 -1.10 18.76 -43.64
CA LYS G 81 -1.45 17.90 -42.49
C LYS G 81 -2.93 17.55 -42.42
N ALA G 82 -3.20 16.30 -42.06
CA ALA G 82 -4.54 15.83 -41.69
C ALA G 82 -4.50 15.33 -40.25
N ARG G 83 -5.58 15.55 -39.51
CA ARG G 83 -5.76 14.94 -38.21
C ARG G 83 -5.72 13.43 -38.28
N ILE G 84 -5.14 12.84 -37.24
CA ILE G 84 -5.02 11.41 -37.17
C ILE G 84 -6.44 10.79 -37.29
N GLY G 85 -6.57 9.86 -38.23
CA GLY G 85 -7.83 9.13 -38.42
C GLY G 85 -8.90 9.91 -39.16
N HIS G 86 -8.60 11.11 -39.66
CA HIS G 86 -9.67 11.94 -40.26
C HIS G 86 -9.75 11.63 -41.74
N ILE G 87 -10.52 10.58 -42.04
CA ILE G 87 -10.64 10.02 -43.40
C ILE G 87 -10.94 11.11 -44.43
N VAL G 88 -11.87 11.99 -44.10
CA VAL G 88 -12.30 12.99 -45.06
C VAL G 88 -11.32 14.12 -45.29
N GLU G 89 -10.64 14.58 -44.23
CA GLU G 89 -9.60 15.59 -44.43
C GLU G 89 -8.51 15.05 -45.35
N ALA G 90 -8.13 13.79 -45.14
CA ALA G 90 -7.10 13.20 -45.98
C ALA G 90 -7.58 13.00 -47.42
N ARG G 91 -8.83 12.57 -47.62
CA ARG G 91 -9.37 12.41 -48.97
C ARG G 91 -9.51 13.76 -49.67
N VAL G 92 -9.82 14.78 -48.89
CA VAL G 92 -9.93 16.14 -49.42
C VAL G 92 -8.57 16.64 -49.90
N LEU G 93 -7.57 16.48 -49.07
CA LEU G 93 -6.23 16.94 -49.47
C LEU G 93 -5.78 16.16 -50.70
N GLU G 94 -6.09 14.88 -50.76
CA GLU G 94 -5.69 14.07 -51.92
C GLU G 94 -6.35 14.61 -53.21
N ALA G 95 -7.64 14.95 -53.11
CA ALA G 95 -8.43 15.46 -54.24
C ALA G 95 -7.88 16.79 -54.68
N MET G 96 -7.32 17.56 -53.73
CA MET G 96 -6.65 18.83 -54.04
C MET G 96 -5.28 18.68 -54.76
N GLY G 97 -4.71 17.49 -54.77
CA GLY G 97 -3.40 17.28 -55.42
C GLY G 97 -2.20 17.53 -54.54
N VAL G 98 -2.41 17.63 -53.24
CA VAL G 98 -1.31 17.70 -52.27
C VAL G 98 -0.36 16.53 -52.50
N ASP G 99 0.96 16.77 -52.47
CA ASP G 99 1.90 15.73 -52.90
C ASP G 99 2.22 14.67 -51.86
N TYR G 100 2.03 14.99 -50.58
CA TYR G 100 2.31 14.08 -49.47
C TYR G 100 1.47 14.55 -48.33
N ILE G 101 0.78 13.64 -47.64
CA ILE G 101 -0.02 14.02 -46.48
C ILE G 101 0.64 13.58 -45.21
N ASP G 102 0.73 14.49 -44.25
CA ASP G 102 1.29 14.20 -42.95
C ASP G 102 0.12 13.94 -42.03
N GLU G 103 -0.11 12.66 -41.71
CA GLU G 103 -1.15 12.28 -40.77
C GLU G 103 -0.56 12.60 -39.41
N SER G 104 -0.93 13.77 -38.86
CA SER G 104 -0.08 14.44 -37.89
C SER G 104 -0.58 14.52 -36.47
N GLU G 105 0.26 14.03 -35.54
CA GLU G 105 0.01 14.15 -34.12
C GLU G 105 0.09 15.58 -33.60
N VAL G 106 0.55 16.55 -34.38
CA VAL G 106 0.53 17.93 -33.89
C VAL G 106 -0.84 18.59 -34.10
N LEU G 107 -1.62 18.07 -35.03
CA LEU G 107 -3.00 18.47 -35.11
C LEU G 107 -3.79 17.67 -34.05
N THR G 108 -5.00 18.10 -33.74
CA THR G 108 -5.80 17.44 -32.75
C THR G 108 -6.35 16.12 -33.31
N PRO G 109 -5.97 14.99 -32.71
CA PRO G 109 -6.46 13.74 -33.31
C PRO G 109 -7.96 13.67 -33.45
N ALA G 110 -8.42 13.14 -34.58
CA ALA G 110 -9.85 12.95 -34.82
C ALA G 110 -10.26 11.55 -34.38
N ASP G 111 -9.31 10.60 -34.38
CA ASP G 111 -9.56 9.24 -33.94
C ASP G 111 -8.41 8.87 -32.99
N GLU G 112 -8.72 8.69 -31.72
CA GLU G 112 -7.70 8.36 -30.74
C GLU G 112 -7.43 6.86 -30.65
N GLU G 113 -8.14 6.06 -31.44
CA GLU G 113 -7.97 4.59 -31.40
C GLU G 113 -7.38 3.97 -32.71
N PHE G 114 -7.63 4.62 -33.84
CA PHE G 114 -7.33 4.03 -35.14
C PHE G 114 -6.70 5.09 -36.02
N HIS G 115 -5.54 4.81 -36.61
CA HIS G 115 -4.97 5.68 -37.64
C HIS G 115 -5.66 5.45 -38.98
N LEU G 116 -5.34 6.31 -39.95
CA LEU G 116 -5.89 6.14 -41.28
C LEU G 116 -5.42 4.85 -41.92
N ASN G 117 -6.32 4.17 -42.64
CA ASN G 117 -5.93 3.07 -43.52
C ASN G 117 -5.27 3.67 -44.78
N LYS G 118 -4.01 4.02 -44.64
CA LYS G 118 -3.26 4.72 -45.69
C LYS G 118 -3.09 3.89 -46.96
N ASN G 119 -3.12 2.57 -46.81
CA ASN G 119 -3.00 1.66 -47.94
C ASN G 119 -4.04 1.94 -49.04
N GLU G 120 -5.21 2.41 -48.65
CA GLU G 120 -6.30 2.60 -49.62
C GLU G 120 -6.23 3.91 -50.41
N TYR G 121 -5.28 4.78 -50.11
CA TYR G 121 -5.19 6.06 -50.80
C TYR G 121 -4.21 5.99 -51.95
N THR G 122 -4.33 6.94 -52.86
CA THR G 122 -3.38 7.07 -53.98
C THR G 122 -2.22 7.96 -53.57
N VAL G 123 -2.55 9.08 -52.91
CA VAL G 123 -1.54 9.98 -52.36
C VAL G 123 -0.76 9.30 -51.23
N PRO G 124 0.55 9.57 -51.14
CA PRO G 124 1.31 8.97 -50.05
C PRO G 124 1.24 9.76 -48.79
N PHE G 125 1.58 9.08 -47.70
CA PHE G 125 1.57 9.64 -46.34
C PHE G 125 2.89 9.53 -45.65
N VAL G 126 3.20 10.58 -44.90
CA VAL G 126 4.27 10.56 -43.90
C VAL G 126 3.64 10.49 -42.53
N CYS G 127 4.24 9.67 -41.66
CA CYS G 127 3.76 9.57 -40.29
C CYS G 127 4.92 9.66 -39.29
N GLY G 128 4.59 10.10 -38.09
CA GLY G 128 5.50 10.16 -36.97
C GLY G 128 5.74 8.85 -36.26
N CYS G 129 6.91 8.75 -35.64
CA CYS G 129 7.24 7.60 -34.82
C CYS G 129 8.33 7.94 -33.79
N ARG G 130 8.35 7.20 -32.67
CA ARG G 130 9.37 7.38 -31.64
C ARG G 130 10.27 6.15 -31.45
N ASP G 131 9.87 5.05 -32.09
CA ASP G 131 10.57 3.78 -31.96
CA ASP G 131 10.52 3.78 -31.93
C ASP G 131 10.20 2.87 -33.13
N LEU G 132 10.88 1.73 -33.25
CA LEU G 132 10.69 0.86 -34.40
C LEU G 132 9.32 0.14 -34.46
N GLY G 133 8.80 -0.23 -33.30
CA GLY G 133 7.46 -0.80 -33.27
C GLY G 133 6.45 0.13 -33.90
N GLU G 134 6.45 1.35 -33.41
CA GLU G 134 5.55 2.37 -33.88
C GLU G 134 5.75 2.66 -35.36
N ALA G 135 7.00 2.75 -35.78
CA ALA G 135 7.38 2.82 -37.20
C ALA G 135 6.75 1.74 -38.08
N THR G 136 6.92 0.47 -37.68
CA THR G 136 6.41 -0.63 -38.47
C THR G 136 4.88 -0.67 -38.51
N ARG G 137 4.20 -0.19 -37.45
CA ARG G 137 2.74 -0.15 -37.42
C ARG G 137 2.25 0.87 -38.42
N ARG G 138 2.87 2.05 -38.45
CA ARG G 138 2.49 3.07 -39.40
C ARG G 138 2.81 2.59 -40.83
N ILE G 139 3.95 1.95 -41.05
CA ILE G 139 4.27 1.41 -42.39
C ILE G 139 3.22 0.38 -42.80
N ALA G 140 2.91 -0.57 -41.91
CA ALA G 140 1.91 -1.60 -42.20
C ALA G 140 0.51 -1.01 -42.53
N GLU G 141 0.17 0.10 -41.89
CA GLU G 141 -1.08 0.83 -42.18
C GLU G 141 -1.00 1.58 -43.50
N GLY G 142 0.19 1.62 -44.07
CA GLY G 142 0.36 2.23 -45.38
C GLY G 142 1.21 3.48 -45.45
N ALA G 143 1.85 3.90 -44.37
CA ALA G 143 2.77 5.05 -44.45
C ALA G 143 3.92 4.73 -45.45
N SER G 144 4.27 5.72 -46.24
CA SER G 144 5.31 5.60 -47.28
C SER G 144 6.61 6.38 -46.92
N MET G 145 6.57 7.11 -45.81
CA MET G 145 7.67 7.95 -45.33
C MET G 145 7.47 8.09 -43.83
N LEU G 146 8.54 8.19 -43.09
CA LEU G 146 8.46 8.38 -41.65
C LEU G 146 9.22 9.64 -41.28
N ARG G 147 8.86 10.22 -40.14
CA ARG G 147 9.69 11.25 -39.44
C ARG G 147 9.69 11.00 -37.92
N THR G 148 10.66 11.57 -37.22
CA THR G 148 10.69 11.52 -35.77
C THR G 148 9.50 12.34 -35.31
N LYS G 149 8.96 12.02 -34.14
CA LYS G 149 7.94 12.92 -33.60
C LYS G 149 8.63 14.16 -33.06
N GLY G 150 9.83 13.96 -32.51
CA GLY G 150 10.53 15.04 -31.87
C GLY G 150 9.68 15.69 -30.80
N GLU G 151 9.90 17.01 -30.64
CA GLU G 151 9.23 17.86 -29.64
C GLU G 151 8.87 19.20 -30.27
N PRO G 152 7.67 19.28 -30.84
CA PRO G 152 7.23 20.48 -31.57
C PRO G 152 7.09 21.69 -30.65
N GLY G 153 7.47 22.85 -31.16
CA GLY G 153 7.27 24.08 -30.44
C GLY G 153 8.28 24.36 -29.34
N THR G 154 9.39 23.62 -29.30
CA THR G 154 10.41 23.95 -28.28
C THR G 154 11.72 24.42 -28.85
N GLY G 155 12.04 24.01 -30.06
CA GLY G 155 13.39 24.24 -30.58
C GLY G 155 14.45 23.46 -29.81
N ASN G 156 14.02 22.50 -29.00
CA ASN G 156 14.92 21.60 -28.32
C ASN G 156 15.11 20.33 -29.19
N ILE G 157 16.32 20.15 -29.73
CA ILE G 157 16.61 18.98 -30.62
C ILE G 157 16.56 17.59 -29.94
N VAL G 158 16.47 17.58 -28.59
CA VAL G 158 16.64 16.36 -27.79
C VAL G 158 15.71 15.18 -28.12
N GLU G 159 14.46 15.48 -28.45
CA GLU G 159 13.50 14.41 -28.68
C GLU G 159 13.69 13.85 -30.09
N ALA G 160 13.93 14.74 -31.08
CA ALA G 160 14.38 14.28 -32.39
C ALA G 160 15.57 13.34 -32.28
N VAL G 161 16.59 13.75 -31.55
CA VAL G 161 17.77 12.95 -31.36
C VAL G 161 17.38 11.58 -30.75
N ARG G 162 16.53 11.61 -29.73
CA ARG G 162 16.10 10.39 -29.01
C ARG G 162 15.42 9.41 -29.95
N HIS G 163 14.49 9.92 -30.76
CA HIS G 163 13.69 9.06 -31.63
C HIS G 163 14.48 8.50 -32.78
N MET G 164 15.34 9.31 -33.37
CA MET G 164 16.19 8.85 -34.46
C MET G 164 17.22 7.84 -33.94
N ARG G 165 17.85 8.14 -32.81
CA ARG G 165 18.76 7.21 -32.18
C ARG G 165 18.03 5.89 -31.86
N LYS G 166 16.78 6.01 -31.38
CA LYS G 166 16.06 4.79 -30.94
C LYS G 166 15.73 3.92 -32.14
N VAL G 167 15.05 4.48 -33.12
CA VAL G 167 14.74 3.72 -34.35
C VAL G 167 16.01 3.13 -34.95
N ASN G 168 17.06 3.94 -35.10
CA ASN G 168 18.25 3.43 -35.75
C ASN G 168 18.94 2.31 -34.99
N ALA G 169 18.99 2.44 -33.68
CA ALA G 169 19.54 1.39 -32.80
C ALA G 169 18.76 0.09 -32.89
N GLN G 170 17.44 0.19 -32.89
CA GLN G 170 16.58 -0.99 -32.94
C GLN G 170 16.72 -1.73 -34.29
N VAL G 171 16.90 -0.96 -35.37
CA VAL G 171 17.14 -1.53 -36.70
C VAL G 171 18.47 -2.23 -36.73
N ARG G 172 19.50 -1.58 -36.19
CA ARG G 172 20.80 -2.26 -36.14
C ARG G 172 20.73 -3.62 -35.43
N LYS G 173 20.05 -3.68 -34.28
CA LYS G 173 19.91 -4.91 -33.55
C LYS G 173 19.14 -6.01 -34.34
N VAL G 174 18.01 -5.63 -34.98
CA VAL G 174 17.22 -6.57 -35.80
C VAL G 174 18.03 -7.13 -36.97
N VAL G 175 18.82 -6.27 -37.61
CA VAL G 175 19.65 -6.70 -38.74
C VAL G 175 20.70 -7.71 -38.30
N ALA G 176 21.23 -7.50 -37.10
CA ALA G 176 22.30 -8.31 -36.60
C ALA G 176 21.80 -9.58 -35.89
N MET G 177 20.56 -9.59 -35.41
CA MET G 177 20.13 -10.68 -34.52
C MET G 177 19.83 -11.99 -35.27
N SER G 178 19.91 -13.07 -34.53
CA SER G 178 19.54 -14.35 -35.03
C SER G 178 18.05 -14.36 -35.49
N GLU G 179 17.84 -14.80 -36.72
CA GLU G 179 16.52 -14.81 -37.30
C GLU G 179 15.50 -15.53 -36.41
N ASP G 180 15.91 -16.60 -35.75
CA ASP G 180 14.97 -17.36 -34.90
C ASP G 180 14.53 -16.67 -33.58
N GLU G 181 15.10 -15.49 -33.30
CA GLU G 181 14.74 -14.66 -32.14
C GLU G 181 13.84 -13.51 -32.54
N LEU G 182 13.53 -13.44 -33.83
CA LEU G 182 12.80 -12.28 -34.36
C LEU G 182 11.31 -12.20 -33.95
N MET G 183 10.64 -13.33 -33.78
CA MET G 183 9.25 -13.32 -33.36
C MET G 183 9.11 -12.76 -31.94
N THR G 184 10.01 -13.17 -31.05
CA THR G 184 10.09 -12.58 -29.70
C THR G 184 10.36 -11.09 -29.77
N GLU G 185 11.30 -10.68 -30.63
CA GLU G 185 11.56 -9.27 -30.85
C GLU G 185 10.28 -8.57 -31.37
N ALA G 186 9.66 -9.14 -32.39
CA ALA G 186 8.45 -8.50 -32.95
C ALA G 186 7.33 -8.33 -31.88
N LYS G 187 7.14 -9.38 -31.09
CA LYS G 187 6.15 -9.37 -30.05
C LYS G 187 6.47 -8.27 -28.99
N ASN G 188 7.73 -8.21 -28.56
CA ASN G 188 8.17 -7.15 -27.64
CA ASN G 188 8.18 -7.16 -27.65
C ASN G 188 7.94 -5.74 -28.21
N LEU G 189 8.26 -5.54 -29.50
CA LEU G 189 8.13 -4.21 -30.08
C LEU G 189 6.70 -3.88 -30.48
N GLY G 190 5.85 -4.88 -30.64
CA GLY G 190 4.56 -4.68 -31.29
C GLY G 190 4.71 -4.38 -32.77
N ALA G 191 5.66 -5.07 -33.42
CA ALA G 191 5.98 -4.89 -34.81
C ALA G 191 5.37 -6.02 -35.62
N PRO G 192 4.72 -5.70 -36.75
CA PRO G 192 4.33 -6.76 -37.70
C PRO G 192 5.55 -7.59 -38.07
N TYR G 193 5.44 -8.90 -37.84
CA TYR G 193 6.58 -9.81 -38.06
C TYR G 193 7.20 -9.77 -39.46
N GLU G 194 6.39 -9.85 -40.51
CA GLU G 194 6.93 -9.84 -41.86
C GLU G 194 7.68 -8.57 -42.19
N LEU G 195 7.26 -7.43 -41.64
CA LEU G 195 8.01 -6.20 -41.82
C LEU G 195 9.34 -6.30 -41.10
N LEU G 196 9.37 -6.90 -39.91
CA LEU G 196 10.63 -7.01 -39.19
C LEU G 196 11.59 -7.95 -39.91
N LEU G 197 11.06 -9.07 -40.38
CA LEU G 197 11.84 -10.05 -41.13
C LEU G 197 12.44 -9.38 -42.39
N GLN G 198 11.64 -8.55 -43.06
CA GLN G 198 12.13 -7.85 -44.24
C GLN G 198 13.21 -6.78 -43.95
N ILE G 199 13.14 -6.10 -42.81
CA ILE G 199 14.19 -5.21 -42.38
C ILE G 199 15.54 -5.98 -42.22
N LYS G 200 15.49 -7.14 -41.57
CA LYS G 200 16.67 -7.95 -41.40
C LYS G 200 17.25 -8.28 -42.79
N LYS G 201 16.39 -8.73 -43.68
CA LYS G 201 16.80 -9.12 -45.02
C LYS G 201 17.31 -7.94 -45.82
N ASP G 202 16.63 -6.81 -45.77
CA ASP G 202 17.08 -5.61 -46.52
C ASP G 202 18.28 -4.93 -45.84
N GLY G 203 18.51 -5.20 -44.54
CA GLY G 203 19.49 -4.43 -43.77
C GLY G 203 19.10 -3.01 -43.46
N LYS G 204 17.80 -2.69 -43.60
CA LYS G 204 17.35 -1.31 -43.44
C LYS G 204 15.84 -1.21 -43.34
N LEU G 205 15.38 -0.09 -42.85
CA LEU G 205 13.95 0.27 -42.92
C LEU G 205 13.53 0.37 -44.38
N PRO G 206 12.27 0.03 -44.69
CA PRO G 206 11.88 0.09 -46.09
C PRO G 206 11.47 1.47 -46.63
N VAL G 207 11.35 2.48 -45.77
CA VAL G 207 10.94 3.78 -46.20
C VAL G 207 11.90 4.80 -45.63
N VAL G 208 11.89 5.99 -46.21
CA VAL G 208 12.73 7.05 -45.70
C VAL G 208 12.21 7.56 -44.33
N ASN G 209 13.16 8.01 -43.53
CA ASN G 209 12.90 8.50 -42.19
C ASN G 209 13.60 9.85 -41.96
N PHE G 210 12.80 10.91 -41.89
CA PHE G 210 13.33 12.27 -41.69
C PHE G 210 13.33 12.63 -40.21
N ALA G 211 14.17 13.60 -39.87
CA ALA G 211 14.11 14.27 -38.57
C ALA G 211 13.09 15.39 -38.63
N ALA G 212 12.38 15.58 -37.51
CA ALA G 212 11.38 16.61 -37.35
C ALA G 212 11.16 16.91 -35.88
N GLY G 213 10.86 18.16 -35.61
CA GLY G 213 10.38 18.60 -34.32
C GLY G 213 11.52 18.89 -33.39
N GLY G 214 12.17 20.04 -33.58
CA GLY G 214 13.26 20.53 -32.72
C GLY G 214 14.49 21.08 -33.45
N VAL G 215 14.53 20.97 -34.78
CA VAL G 215 15.68 21.45 -35.53
C VAL G 215 15.65 23.00 -35.55
N ALA G 216 16.58 23.64 -34.81
CA ALA G 216 16.60 25.10 -34.68
C ALA G 216 17.81 25.78 -35.28
N THR G 217 18.91 25.06 -35.48
CA THR G 217 20.15 25.69 -35.95
C THR G 217 20.72 24.86 -37.09
N PRO G 218 21.63 25.42 -37.88
CA PRO G 218 22.37 24.64 -38.87
C PRO G 218 23.06 23.41 -38.26
N ALA G 219 23.68 23.57 -37.09
CA ALA G 219 24.33 22.46 -36.37
C ALA G 219 23.37 21.35 -36.06
N ASP G 220 22.14 21.67 -35.64
CA ASP G 220 21.09 20.71 -35.35
C ASP G 220 20.68 19.88 -36.59
N ALA G 221 20.49 20.58 -37.70
CA ALA G 221 20.20 19.95 -39.00
C ALA G 221 21.32 18.98 -39.39
N ALA G 222 22.56 19.44 -39.34
CA ALA G 222 23.69 18.55 -39.61
C ALA G 222 23.76 17.39 -38.61
N LEU G 223 23.50 17.66 -37.33
CA LEU G 223 23.49 16.55 -36.35
C LEU G 223 22.51 15.46 -36.74
N MET G 224 21.30 15.85 -37.15
CA MET G 224 20.32 14.81 -37.45
C MET G 224 20.77 13.93 -38.62
N MET G 225 21.44 14.52 -39.60
CA MET G 225 21.99 13.75 -40.73
C MET G 225 23.12 12.87 -40.26
N GLN G 226 23.98 13.39 -39.40
CA GLN G 226 25.05 12.57 -38.81
C GLN G 226 24.50 11.33 -38.06
N LEU G 227 23.35 11.49 -37.41
CA LEU G 227 22.70 10.38 -36.72
C LEU G 227 21.88 9.44 -37.61
N GLY G 228 21.87 9.66 -38.92
CA GLY G 228 21.19 8.77 -39.83
C GLY G 228 19.88 9.24 -40.43
N ALA G 229 19.45 10.47 -40.19
CA ALA G 229 18.21 10.97 -40.81
C ALA G 229 18.39 10.98 -42.32
N ASP G 230 17.31 10.76 -43.06
CA ASP G 230 17.37 10.88 -44.50
C ASP G 230 17.13 12.31 -44.99
N GLY G 231 16.81 13.20 -44.06
CA GLY G 231 16.43 14.58 -44.39
C GLY G 231 15.84 15.27 -43.18
N VAL G 232 15.45 16.52 -43.33
CA VAL G 232 15.01 17.32 -42.17
C VAL G 232 13.72 18.12 -42.47
N PHE G 233 12.75 18.11 -41.56
CA PHE G 233 11.65 19.03 -41.57
C PHE G 233 11.99 20.16 -40.61
N VAL G 234 11.77 21.41 -41.03
CA VAL G 234 12.05 22.54 -40.13
C VAL G 234 10.81 23.44 -40.07
N GLY G 235 10.59 24.05 -38.92
CA GLY G 235 9.38 24.78 -38.66
C GLY G 235 9.40 26.25 -38.99
N SER G 236 8.33 26.91 -38.55
CA SER G 236 8.04 28.30 -38.87
C SER G 236 9.08 29.30 -38.38
N GLY G 237 9.86 28.93 -37.37
CA GLY G 237 10.94 29.78 -36.82
C GLY G 237 11.90 30.38 -37.82
N ILE G 238 12.11 29.70 -38.94
CA ILE G 238 12.85 30.29 -40.04
C ILE G 238 12.32 31.69 -40.33
N PHE G 239 10.99 31.84 -40.32
CA PHE G 239 10.38 33.14 -40.66
C PHE G 239 10.24 34.11 -39.51
N LYS G 240 10.56 33.69 -38.29
CA LYS G 240 10.73 34.61 -37.16
C LYS G 240 12.11 35.26 -37.21
N SER G 241 13.03 34.61 -37.91
CA SER G 241 14.40 35.05 -38.00
C SER G 241 14.49 36.43 -38.60
N ASP G 242 15.57 37.14 -38.31
CA ASP G 242 15.72 38.49 -38.83
C ASP G 242 16.08 38.53 -40.30
N ASN G 243 16.45 37.39 -40.87
CA ASN G 243 16.68 37.25 -42.32
C ASN G 243 16.33 35.82 -42.72
N PRO G 244 15.04 35.53 -42.87
CA PRO G 244 14.55 34.21 -43.23
C PRO G 244 15.24 33.58 -44.44
N ALA G 245 15.44 34.34 -45.52
CA ALA G 245 16.14 33.80 -46.68
C ALA G 245 17.50 33.22 -46.29
N LYS G 246 18.26 33.99 -45.51
CA LYS G 246 19.61 33.56 -45.15
C LYS G 246 19.57 32.40 -44.18
N PHE G 247 18.62 32.42 -43.27
CA PHE G 247 18.49 31.34 -42.32
C PHE G 247 18.11 30.03 -43.03
N ALA G 248 17.08 30.09 -43.85
CA ALA G 248 16.63 28.96 -44.66
C ALA G 248 17.77 28.31 -45.45
N LYS G 249 18.57 29.16 -46.08
CA LYS G 249 19.69 28.76 -46.92
C LYS G 249 20.73 28.04 -46.09
N ALA G 250 21.02 28.60 -44.92
CA ALA G 250 21.96 28.01 -43.95
C ALA G 250 21.54 26.60 -43.55
N ILE G 251 20.26 26.39 -43.29
CA ILE G 251 19.75 25.05 -42.92
C ILE G 251 19.98 24.08 -44.08
N VAL G 252 19.69 24.52 -45.30
CA VAL G 252 19.83 23.67 -46.49
C VAL G 252 21.29 23.24 -46.72
N GLU G 253 22.19 24.21 -46.56
CA GLU G 253 23.61 23.98 -46.73
C GLU G 253 24.15 23.07 -45.67
N ALA G 254 23.71 23.24 -44.42
CA ALA G 254 24.14 22.37 -43.32
C ALA G 254 23.66 20.92 -43.47
N THR G 255 22.47 20.75 -43.99
CA THR G 255 21.92 19.44 -44.23
C THR G 255 22.69 18.70 -45.35
N THR G 256 23.03 19.43 -46.42
CA THR G 256 23.83 18.91 -47.53
C THR G 256 25.28 18.58 -47.14
N HIS G 257 25.93 19.49 -46.45
CA HIS G 257 27.35 19.36 -46.14
C HIS G 257 27.53 19.13 -44.67
N PHE G 258 26.90 18.06 -44.19
CA PHE G 258 26.71 17.87 -42.76
C PHE G 258 27.96 17.48 -42.01
N THR G 259 29.04 17.19 -42.74
CA THR G 259 30.37 16.90 -42.11
C THR G 259 31.43 17.99 -42.34
N ASP G 260 31.02 19.13 -42.92
CA ASP G 260 31.94 20.20 -43.22
C ASP G 260 31.87 21.22 -42.09
N TYR G 261 32.68 21.00 -41.07
CA TYR G 261 32.54 21.72 -39.83
C TYR G 261 32.96 23.17 -39.93
N LYS G 262 33.93 23.46 -40.79
CA LYS G 262 34.28 24.85 -41.08
C LYS G 262 33.13 25.64 -41.72
N LEU G 263 32.48 25.04 -42.71
CA LEU G 263 31.27 25.65 -43.30
C LEU G 263 30.18 25.90 -42.26
N ILE G 264 29.91 24.85 -41.48
CA ILE G 264 28.85 24.94 -40.44
C ILE G 264 29.17 25.99 -39.41
N ALA G 265 30.44 26.12 -39.03
CA ALA G 265 30.85 27.24 -38.16
C ALA G 265 30.45 28.62 -38.72
N GLU G 266 30.76 28.83 -40.00
CA GLU G 266 30.34 30.07 -40.69
C GLU G 266 28.83 30.25 -40.81
N LEU G 267 28.14 29.18 -41.13
CA LEU G 267 26.70 29.17 -41.20
C LEU G 267 26.05 29.49 -39.85
N SER G 268 26.71 29.13 -38.75
CA SER G 268 26.15 29.29 -37.43
C SER G 268 26.15 30.74 -36.90
N LYS G 269 26.76 31.65 -37.65
CA LYS G 269 26.86 33.06 -37.26
C LYS G 269 25.57 33.87 -37.52
N MET H 1 39.06 -0.70 -62.94
CA MET H 1 37.58 -0.52 -62.92
C MET H 1 37.21 0.95 -63.14
N LEU H 2 36.00 1.17 -63.66
CA LEU H 2 35.46 2.51 -63.79
C LEU H 2 35.07 3.01 -62.41
N THR H 3 35.21 4.31 -62.21
CA THR H 3 34.56 4.99 -61.11
C THR H 3 33.55 5.94 -61.72
N ILE H 4 32.30 5.78 -61.32
CA ILE H 4 31.19 6.63 -61.79
C ILE H 4 30.76 7.50 -60.61
N GLY H 5 30.74 8.80 -60.84
CA GLY H 5 30.28 9.73 -59.82
C GLY H 5 28.76 9.81 -59.83
N VAL H 6 28.20 10.18 -58.67
CA VAL H 6 26.80 10.62 -58.55
C VAL H 6 26.84 11.95 -57.80
N LEU H 7 26.34 13.00 -58.42
CA LEU H 7 26.21 14.29 -57.77
C LEU H 7 25.34 14.10 -56.54
N GLY H 8 25.94 14.32 -55.38
CA GLY H 8 25.35 14.02 -54.10
C GLY H 8 24.79 15.22 -53.34
N LEU H 9 24.57 16.34 -54.03
CA LEU H 9 23.98 17.54 -53.39
C LEU H 9 22.58 17.30 -52.81
N GLN H 10 21.74 16.54 -53.51
CA GLN H 10 20.42 16.22 -52.98
C GLN H 10 19.86 15.10 -53.84
N GLY H 11 18.97 14.28 -53.28
CA GLY H 11 18.16 13.35 -54.08
C GLY H 11 18.39 11.87 -53.86
N ALA H 12 18.03 11.06 -54.85
CA ALA H 12 18.09 9.61 -54.74
C ALA H 12 19.48 9.12 -55.12
N VAL H 13 20.45 9.48 -54.27
CA VAL H 13 21.87 9.33 -54.59
C VAL H 13 22.32 7.88 -54.39
N ARG H 14 22.00 7.37 -53.22
CA ARG H 14 22.30 5.98 -52.84
CA ARG H 14 22.29 5.98 -52.84
C ARG H 14 21.76 4.96 -53.85
N GLU H 15 20.54 5.20 -54.35
CA GLU H 15 19.94 4.30 -55.34
C GLU H 15 20.82 4.17 -56.61
N HIS H 16 21.38 5.28 -57.04
CA HIS H 16 22.28 5.33 -58.17
C HIS H 16 23.61 4.63 -57.88
N ILE H 17 24.14 4.85 -56.68
CA ILE H 17 25.39 4.25 -56.24
C ILE H 17 25.21 2.76 -56.21
N HIS H 18 24.09 2.32 -55.64
CA HIS H 18 23.79 0.89 -55.63
C HIS H 18 23.75 0.29 -57.05
N ALA H 19 23.16 1.01 -58.00
CA ALA H 19 23.02 0.44 -59.35
C ALA H 19 24.38 0.42 -60.08
N ILE H 20 25.19 1.45 -59.88
CA ILE H 20 26.55 1.48 -60.39
C ILE H 20 27.34 0.25 -59.92
N GLU H 21 27.33 0.00 -58.62
CA GLU H 21 28.05 -1.15 -58.05
C GLU H 21 27.48 -2.49 -58.56
N ALA H 22 26.17 -2.56 -58.77
CA ALA H 22 25.56 -3.81 -59.26
C ALA H 22 26.04 -4.12 -60.70
N CYS H 23 26.51 -3.09 -61.39
CA CYS H 23 27.07 -3.24 -62.73
C CYS H 23 28.58 -3.53 -62.71
N GLY H 24 29.15 -3.58 -61.51
CA GLY H 24 30.54 -3.98 -61.34
C GLY H 24 31.52 -2.83 -61.43
N ALA H 25 31.04 -1.59 -61.34
CA ALA H 25 31.91 -0.41 -61.28
C ALA H 25 31.91 0.20 -59.87
N ALA H 26 32.83 1.11 -59.63
CA ALA H 26 32.91 1.81 -58.34
C ALA H 26 32.09 3.08 -58.40
N GLY H 27 31.34 3.35 -57.33
CA GLY H 27 30.57 4.57 -57.21
C GLY H 27 31.16 5.56 -56.20
N LEU H 28 31.06 6.86 -56.53
CA LEU H 28 31.53 7.93 -55.65
C LEU H 28 30.48 9.02 -55.54
N VAL H 29 30.19 9.41 -54.31
CA VAL H 29 29.26 10.51 -54.07
C VAL H 29 30.02 11.81 -54.24
N VAL H 30 29.62 12.61 -55.21
CA VAL H 30 30.30 13.87 -55.50
C VAL H 30 29.59 15.02 -54.83
N LYS H 31 30.19 15.55 -53.77
CA LYS H 31 29.67 16.74 -53.06
C LYS H 31 30.55 17.98 -53.23
N ARG H 32 31.74 17.78 -53.78
CA ARG H 32 32.68 18.89 -54.01
C ARG H 32 33.22 18.86 -55.45
N PRO H 33 33.34 20.04 -56.10
CA PRO H 33 33.79 20.10 -57.51
C PRO H 33 35.11 19.35 -57.79
N GLU H 34 36.04 19.42 -56.83
CA GLU H 34 37.32 18.73 -56.92
CA GLU H 34 37.32 18.74 -56.95
C GLU H 34 37.16 17.23 -57.20
N GLN H 35 36.11 16.63 -56.64
CA GLN H 35 35.87 15.18 -56.81
C GLN H 35 35.53 14.75 -58.24
N LEU H 36 35.11 15.70 -59.07
CA LEU H 36 34.85 15.43 -60.49
C LEU H 36 36.09 14.85 -61.20
N ASN H 37 37.27 15.34 -60.80
CA ASN H 37 38.55 14.82 -61.28
C ASN H 37 38.81 13.35 -60.95
N GLU H 38 38.08 12.81 -59.96
CA GLU H 38 38.24 11.44 -59.51
C GLU H 38 37.30 10.44 -60.19
N VAL H 39 36.46 10.88 -61.12
CA VAL H 39 35.50 9.97 -61.73
C VAL H 39 35.55 10.03 -63.25
N ASP H 40 35.07 8.94 -63.85
CA ASP H 40 35.08 8.75 -65.29
C ASP H 40 33.78 9.20 -65.97
N GLY H 41 32.69 9.18 -65.22
CA GLY H 41 31.41 9.71 -65.66
C GLY H 41 30.58 10.18 -64.50
N LEU H 42 29.46 10.83 -64.78
CA LEU H 42 28.67 11.43 -63.71
C LEU H 42 27.18 11.25 -63.92
N ILE H 43 26.51 10.77 -62.87
CA ILE H 43 25.05 10.70 -62.84
C ILE H 43 24.50 11.91 -62.06
N LEU H 44 23.54 12.61 -62.66
CA LEU H 44 22.75 13.62 -61.99
C LEU H 44 21.39 12.94 -61.60
N PRO H 45 21.21 12.70 -60.31
CA PRO H 45 20.18 11.82 -59.86
C PRO H 45 18.82 12.52 -59.84
N GLY H 46 17.79 11.78 -59.47
CA GLY H 46 16.49 12.39 -59.28
C GLY H 46 16.48 13.09 -57.93
N GLY H 47 15.53 13.99 -57.77
CA GLY H 47 15.41 14.85 -56.62
C GLY H 47 14.66 16.09 -57.05
N GLU H 48 15.08 17.26 -56.56
CA GLU H 48 14.46 18.54 -56.93
C GLU H 48 15.46 19.33 -57.72
N SER H 49 15.12 19.55 -58.97
CA SER H 49 15.98 20.32 -59.83
C SER H 49 16.29 21.71 -59.25
N THR H 50 15.32 22.35 -58.61
CA THR H 50 15.56 23.71 -58.09
C THR H 50 16.55 23.71 -56.92
N THR H 51 16.47 22.69 -56.06
CA THR H 51 17.39 22.51 -54.95
C THR H 51 18.78 22.28 -55.51
N MET H 52 18.88 21.41 -56.51
CA MET H 52 20.18 21.05 -57.00
C MET H 52 20.82 22.26 -57.70
N ARG H 53 20.04 23.05 -58.43
CA ARG H 53 20.55 24.27 -59.06
C ARG H 53 21.07 25.32 -58.04
N ARG H 54 20.33 25.56 -56.96
CA ARG H 54 20.76 26.53 -55.96
C ARG H 54 22.01 26.07 -55.22
N LEU H 55 22.12 24.77 -54.94
CA LEU H 55 23.35 24.22 -54.36
C LEU H 55 24.51 24.30 -55.36
N ILE H 56 24.23 24.00 -56.64
CA ILE H 56 25.24 24.10 -57.69
C ILE H 56 25.76 25.55 -57.81
N ASP H 57 24.87 26.52 -57.69
CA ASP H 57 25.27 27.93 -57.72
C ASP H 57 26.16 28.26 -56.53
N THR H 58 25.71 27.90 -55.35
CA THR H 58 26.41 28.23 -54.13
C THR H 58 27.77 27.58 -54.10
N TYR H 59 27.84 26.31 -54.43
CA TYR H 59 29.14 25.64 -54.42
C TYR H 59 29.86 25.64 -55.76
N GLN H 60 29.42 26.57 -56.64
CA GLN H 60 30.14 26.92 -57.85
C GLN H 60 30.51 25.68 -58.65
N PHE H 61 29.49 24.90 -59.00
CA PHE H 61 29.64 23.63 -59.72
C PHE H 61 29.38 23.78 -61.21
N MET H 62 28.74 24.87 -61.68
CA MET H 62 28.31 24.91 -63.10
C MET H 62 29.50 24.71 -64.04
N GLU H 63 30.53 25.56 -63.85
CA GLU H 63 31.68 25.59 -64.75
C GLU H 63 32.54 24.34 -64.67
N PRO H 64 32.84 23.86 -63.45
CA PRO H 64 33.39 22.51 -63.34
C PRO H 64 32.56 21.43 -64.06
N LEU H 65 31.23 21.50 -63.98
CA LEU H 65 30.40 20.51 -64.66
C LEU H 65 30.54 20.65 -66.18
N ARG H 66 30.50 21.88 -66.67
CA ARG H 66 30.75 22.12 -68.11
C ARG H 66 32.16 21.72 -68.54
N GLU H 67 33.14 22.06 -67.71
CA GLU H 67 34.53 21.61 -67.92
C GLU H 67 34.57 20.08 -67.97
N PHE H 68 33.86 19.45 -67.04
CA PHE H 68 33.74 17.99 -66.98
C PHE H 68 33.21 17.48 -68.33
N ALA H 69 32.14 18.10 -68.83
CA ALA H 69 31.52 17.69 -70.10
C ALA H 69 32.50 17.95 -71.27
N ALA H 70 33.07 19.15 -71.28
CA ALA H 70 34.02 19.57 -72.31
C ALA H 70 35.31 18.73 -72.35
N GLN H 71 35.49 17.81 -71.41
CA GLN H 71 36.55 16.80 -71.51
C GLN H 71 36.04 15.48 -72.07
N GLY H 72 34.77 15.42 -72.48
CA GLY H 72 34.18 14.20 -73.02
C GLY H 72 33.70 13.16 -72.01
N LYS H 73 33.77 13.44 -70.71
CA LYS H 73 33.33 12.45 -69.71
C LYS H 73 31.78 12.34 -69.77
N PRO H 74 31.24 11.12 -69.88
CA PRO H 74 29.78 11.01 -70.01
C PRO H 74 28.98 11.44 -68.78
N MET H 75 27.76 11.93 -69.04
CA MET H 75 26.86 12.38 -67.99
C MET H 75 25.46 11.82 -68.25
N PHE H 76 24.81 11.43 -67.15
CA PHE H 76 23.52 10.73 -67.18
C PHE H 76 22.59 11.46 -66.23
N GLY H 77 21.54 12.07 -66.79
CA GLY H 77 20.54 12.74 -65.98
C GLY H 77 19.27 11.91 -65.89
N THR H 78 18.86 11.55 -64.67
CA THR H 78 17.53 10.95 -64.43
C THR H 78 16.55 11.95 -63.78
N CYS H 79 15.50 12.32 -64.54
CA CYS H 79 14.39 13.19 -64.09
C CYS H 79 14.84 14.63 -63.69
N ALA H 80 14.99 14.95 -62.41
CA ALA H 80 15.73 16.17 -62.04
C ALA H 80 17.08 16.31 -62.79
N GLY H 81 17.81 15.22 -62.96
CA GLY H 81 19.06 15.23 -63.69
C GLY H 81 18.90 15.54 -65.19
N LEU H 82 17.84 15.03 -65.78
CA LEU H 82 17.50 15.34 -67.17
C LEU H 82 17.23 16.83 -67.26
N ILE H 83 16.49 17.33 -66.28
CA ILE H 83 16.16 18.76 -66.21
C ILE H 83 17.43 19.60 -66.11
N ILE H 84 18.39 19.17 -65.28
CA ILE H 84 19.63 19.90 -65.09
C ILE H 84 20.45 19.92 -66.40
N LEU H 85 20.36 18.82 -67.15
CA LEU H 85 21.09 18.63 -68.39
C LEU H 85 20.49 19.41 -69.60
N ALA H 86 19.20 19.72 -69.54
CA ALA H 86 18.46 20.21 -70.72
C ALA H 86 18.90 21.58 -71.20
N LYS H 87 18.92 21.77 -72.52
CA LYS H 87 19.23 23.07 -73.12
C LYS H 87 18.20 24.12 -72.73
N GLU H 88 16.92 23.74 -72.70
CA GLU H 88 15.83 24.67 -72.42
C GLU H 88 14.77 24.04 -71.54
N ILE H 89 14.18 24.87 -70.71
CA ILE H 89 13.11 24.48 -69.83
C ILE H 89 11.93 25.33 -70.20
N ALA H 90 10.84 24.69 -70.64
CA ALA H 90 9.65 25.43 -71.02
C ALA H 90 9.24 26.34 -69.88
N GLY H 91 8.89 27.57 -70.19
CA GLY H 91 8.40 28.50 -69.18
C GLY H 91 9.44 29.22 -68.36
N SER H 92 10.73 28.93 -68.61
CA SER H 92 11.84 29.55 -67.85
C SER H 92 12.94 30.11 -68.76
N ASP H 93 13.44 31.28 -68.38
CA ASP H 93 14.62 31.86 -69.05
C ASP H 93 15.94 31.53 -68.30
N ASN H 94 15.91 30.60 -67.36
CA ASN H 94 17.12 30.27 -66.61
C ASN H 94 17.46 28.79 -66.63
N PRO H 95 17.89 28.26 -67.80
CA PRO H 95 18.29 26.84 -67.83
C PRO H 95 19.57 26.55 -67.04
N HIS H 96 19.93 25.28 -66.96
CA HIS H 96 20.98 24.85 -66.04
C HIS H 96 22.25 24.55 -66.82
N LEU H 97 22.66 23.28 -66.90
CA LEU H 97 23.85 22.94 -67.66
C LEU H 97 23.60 23.23 -69.11
N GLY H 98 22.44 22.85 -69.59
CA GLY H 98 22.09 23.10 -70.98
C GLY H 98 22.94 22.36 -71.99
N LEU H 99 23.33 21.12 -71.70
CA LEU H 99 24.21 20.35 -72.59
C LEU H 99 23.47 19.44 -73.56
N LEU H 100 22.32 18.92 -73.12
CA LEU H 100 21.54 18.00 -73.92
C LEU H 100 20.54 18.82 -74.72
N ASN H 101 20.52 18.57 -76.02
CA ASN H 101 19.74 19.36 -76.94
C ASN H 101 18.25 18.99 -76.95
N VAL H 102 17.62 19.18 -75.80
CA VAL H 102 16.19 18.92 -75.64
C VAL H 102 15.55 20.12 -74.97
N VAL H 103 14.25 20.29 -75.24
CA VAL H 103 13.38 21.20 -74.50
C VAL H 103 12.53 20.32 -73.56
N VAL H 104 12.53 20.65 -72.27
CA VAL H 104 11.75 19.92 -71.26
C VAL H 104 10.71 20.80 -70.59
N GLU H 105 9.57 20.20 -70.27
CA GLU H 105 8.50 20.82 -69.52
C GLU H 105 8.50 20.15 -68.17
N ARG H 106 8.61 20.94 -67.10
CA ARG H 106 8.66 20.37 -65.76
C ARG H 106 7.26 19.98 -65.30
N ASN H 107 7.20 18.96 -64.43
CA ASN H 107 5.97 18.63 -63.75
C ASN H 107 4.79 18.49 -64.72
N SER H 108 5.01 17.77 -65.81
CA SER H 108 4.06 17.81 -66.90
C SER H 108 2.85 16.91 -66.69
N PHE H 109 2.96 15.84 -65.88
CA PHE H 109 1.86 14.91 -65.71
C PHE H 109 0.92 15.34 -64.58
N GLY H 110 1.25 16.44 -63.92
CA GLY H 110 0.43 16.95 -62.82
C GLY H 110 1.28 17.02 -61.54
N ARG H 111 0.83 16.28 -60.52
CA ARG H 111 1.46 16.29 -59.21
C ARG H 111 1.73 14.86 -58.77
N GLN H 112 2.04 14.64 -57.50
CA GLN H 112 2.39 13.27 -57.06
C GLN H 112 1.26 12.26 -57.25
N VAL H 113 0.00 12.67 -57.08
CA VAL H 113 -1.10 11.72 -57.29
C VAL H 113 -1.06 11.08 -58.72
N ASP H 114 -0.45 11.79 -59.66
CA ASP H 114 -0.37 11.37 -61.04
C ASP H 114 0.89 10.60 -61.33
N SER H 115 1.81 10.45 -60.37
CA SER H 115 3.03 9.65 -60.59
C SER H 115 2.63 8.23 -60.94
N PHE H 116 3.37 7.58 -61.81
CA PHE H 116 2.88 6.33 -62.34
C PHE H 116 4.03 5.44 -62.72
N GLU H 117 3.73 4.17 -62.89
CA GLU H 117 4.61 3.20 -63.50
C GLU H 117 4.05 2.78 -64.82
N ALA H 118 4.94 2.50 -65.79
CA ALA H 118 4.61 1.98 -67.10
C ALA H 118 5.79 1.18 -67.66
N ASP H 119 5.49 0.10 -68.35
CA ASP H 119 6.51 -0.64 -69.08
C ASP H 119 6.92 0.08 -70.33
N LEU H 120 8.22 0.13 -70.54
CA LEU H 120 8.81 0.88 -71.61
C LEU H 120 9.56 -0.07 -72.50
N THR H 121 9.55 0.19 -73.80
CA THR H 121 10.46 -0.47 -74.71
C THR H 121 11.61 0.51 -74.92
N ILE H 122 12.84 0.07 -74.67
CA ILE H 122 14.04 0.93 -74.75
C ILE H 122 15.08 0.34 -75.73
N LYS H 123 15.46 1.16 -76.70
CA LYS H 123 16.52 0.79 -77.67
C LYS H 123 17.73 0.27 -76.89
N GLY H 124 18.11 -0.96 -77.16
CA GLY H 124 19.27 -1.57 -76.54
C GLY H 124 18.92 -2.53 -75.42
N LEU H 125 17.64 -2.57 -75.06
CA LEU H 125 17.13 -3.54 -74.10
C LEU H 125 16.09 -4.41 -74.81
N ASP H 126 16.08 -5.71 -74.51
CA ASP H 126 15.18 -6.66 -75.16
C ASP H 126 13.82 -6.67 -74.49
N GLU H 127 13.77 -7.13 -73.25
CA GLU H 127 12.53 -7.14 -72.50
C GLU H 127 12.14 -5.72 -72.08
N PRO H 128 10.84 -5.50 -71.83
CA PRO H 128 10.39 -4.19 -71.38
C PRO H 128 11.03 -3.80 -70.05
N PHE H 129 11.14 -2.48 -69.84
CA PHE H 129 11.71 -1.93 -68.64
C PHE H 129 10.62 -1.13 -67.93
N THR H 130 10.48 -1.31 -66.63
CA THR H 130 9.45 -0.61 -65.88
C THR H 130 9.90 0.80 -65.52
N GLY H 131 9.40 1.77 -66.28
CA GLY H 131 9.59 3.18 -65.95
C GLY H 131 8.77 3.64 -64.75
N VAL H 132 9.46 4.20 -63.77
CA VAL H 132 8.83 4.78 -62.61
C VAL H 132 8.92 6.31 -62.73
N PHE H 133 7.76 6.94 -62.92
CA PHE H 133 7.69 8.38 -63.24
C PHE H 133 7.13 9.13 -62.04
N ILE H 134 8.05 9.79 -61.30
CA ILE H 134 7.73 10.49 -60.08
C ILE H 134 7.84 11.99 -60.36
N ARG H 135 6.69 12.65 -60.46
CA ARG H 135 6.62 14.08 -60.74
C ARG H 135 7.55 14.43 -61.90
N ALA H 136 7.38 13.60 -62.93
CA ALA H 136 8.27 13.58 -64.09
C ALA H 136 8.01 14.76 -65.01
N PRO H 137 9.06 15.23 -65.67
CA PRO H 137 8.95 16.19 -66.75
C PRO H 137 8.66 15.46 -68.05
N HIS H 138 8.43 16.24 -69.09
CA HIS H 138 8.35 15.66 -70.44
C HIS H 138 9.22 16.41 -71.46
N ILE H 139 9.97 15.63 -72.24
CA ILE H 139 10.73 16.15 -73.35
C ILE H 139 9.77 16.57 -74.46
N LEU H 140 9.53 17.89 -74.56
CA LEU H 140 8.72 18.48 -75.61
C LEU H 140 9.34 18.31 -76.99
N GLU H 141 10.64 18.51 -77.11
CA GLU H 141 11.34 18.25 -78.36
C GLU H 141 12.83 17.96 -78.18
N ALA H 142 13.38 17.21 -79.14
CA ALA H 142 14.77 16.81 -79.15
C ALA H 142 15.34 17.14 -80.51
N GLY H 143 16.53 17.71 -80.52
CA GLY H 143 17.21 18.02 -81.77
C GLY H 143 17.66 16.81 -82.57
N GLU H 144 18.00 17.08 -83.83
CA GLU H 144 18.56 16.10 -84.78
C GLU H 144 19.79 15.31 -84.32
N ASN H 145 20.68 15.93 -83.54
CA ASN H 145 21.79 15.20 -82.92
C ASN H 145 21.39 14.28 -81.74
N VAL H 146 20.10 14.23 -81.40
CA VAL H 146 19.63 13.42 -80.27
C VAL H 146 18.97 12.14 -80.74
N GLU H 147 19.43 11.01 -80.21
CA GLU H 147 18.84 9.71 -80.50
C GLU H 147 17.76 9.43 -79.47
N VAL H 148 16.58 9.06 -79.94
CA VAL H 148 15.47 8.70 -79.07
C VAL H 148 15.57 7.21 -78.71
N LEU H 149 15.79 6.92 -77.43
CA LEU H 149 15.90 5.55 -76.95
C LEU H 149 14.56 4.91 -76.53
N SER H 150 13.59 5.74 -76.15
CA SER H 150 12.30 5.26 -75.65
C SER H 150 11.27 6.36 -75.65
N GLU H 151 10.02 5.94 -75.87
CA GLU H 151 8.83 6.79 -75.83
C GLU H 151 7.77 6.12 -74.98
N HIS H 152 6.95 6.94 -74.32
CA HIS H 152 5.74 6.52 -73.64
C HIS H 152 4.55 7.33 -74.21
N ASN H 153 3.63 6.62 -74.87
CA ASN H 153 2.51 7.22 -75.60
C ASN H 153 3.00 8.36 -76.49
N GLY H 154 4.09 8.09 -77.22
CA GLY H 154 4.61 9.07 -78.19
C GLY H 154 5.43 10.20 -77.58
N ARG H 155 5.59 10.21 -76.27
CA ARG H 155 6.43 11.19 -75.61
C ARG H 155 7.82 10.61 -75.52
N ILE H 156 8.82 11.39 -75.89
CA ILE H 156 10.23 11.00 -75.69
C ILE H 156 10.50 10.90 -74.19
N VAL H 157 10.88 9.72 -73.71
CA VAL H 157 11.21 9.54 -72.30
C VAL H 157 12.64 9.05 -72.01
N ALA H 158 13.39 8.73 -73.07
CA ALA H 158 14.82 8.42 -72.93
C ALA H 158 15.54 8.81 -74.22
N ALA H 159 16.66 9.49 -74.03
CA ALA H 159 17.40 10.13 -75.12
C ALA H 159 18.91 10.02 -74.88
N LYS H 160 19.64 9.82 -75.97
CA LYS H 160 21.09 9.75 -75.94
C LYS H 160 21.63 10.74 -76.95
N GLN H 161 22.61 11.52 -76.51
CA GLN H 161 23.30 12.46 -77.36
C GLN H 161 24.81 12.42 -77.06
N GLY H 162 25.53 11.64 -77.86
CA GLY H 162 26.97 11.50 -77.70
C GLY H 162 27.34 10.93 -76.35
N GLN H 163 27.95 11.77 -75.51
CA GLN H 163 28.31 11.43 -74.12
C GLN H 163 27.17 11.63 -73.09
N PHE H 164 26.02 12.12 -73.55
CA PHE H 164 24.93 12.48 -72.68
C PHE H 164 23.79 11.48 -72.77
N LEU H 165 23.32 11.04 -71.61
CA LEU H 165 22.18 10.13 -71.52
C LEU H 165 21.16 10.82 -70.64
N GLY H 166 19.90 10.72 -71.05
CA GLY H 166 18.85 11.41 -70.33
C GLY H 166 17.57 10.62 -70.33
N CYS H 167 16.87 10.62 -69.19
CA CYS H 167 15.59 10.00 -69.13
C CYS H 167 14.74 10.68 -68.06
N SER H 168 13.42 10.63 -68.29
CA SER H 168 12.44 11.36 -67.52
C SER H 168 11.86 10.55 -66.38
N PHE H 169 12.14 9.24 -66.37
CA PHE H 169 11.82 8.33 -65.27
C PHE H 169 13.06 8.04 -64.41
N ASN H 170 12.88 7.23 -63.37
CA ASN H 170 13.95 6.90 -62.43
C ASN H 170 14.20 5.41 -62.39
N PRO H 171 15.08 4.90 -63.26
CA PRO H 171 15.42 3.48 -63.34
C PRO H 171 16.03 2.96 -62.04
N GLU H 172 16.68 3.86 -61.31
CA GLU H 172 17.31 3.53 -60.04
C GLU H 172 16.30 3.22 -58.93
N LEU H 173 15.02 3.49 -59.15
CA LEU H 173 13.99 3.07 -58.20
C LEU H 173 13.56 1.61 -58.40
N THR H 174 14.12 0.93 -59.40
CA THR H 174 13.85 -0.50 -59.64
C THR H 174 15.13 -1.30 -59.41
N GLU H 175 15.02 -2.62 -59.42
CA GLU H 175 16.18 -3.50 -59.28
C GLU H 175 16.61 -4.00 -60.64
N ASP H 176 16.11 -3.35 -61.69
CA ASP H 176 16.46 -3.67 -63.07
C ASP H 176 17.55 -2.66 -63.41
N HIS H 177 18.77 -3.15 -63.46
CA HIS H 177 19.94 -2.29 -63.63
C HIS H 177 20.33 -2.00 -65.07
N ARG H 178 19.53 -2.45 -66.03
CA ARG H 178 19.91 -2.39 -67.43
C ARG H 178 20.10 -1.00 -68.03
N VAL H 179 19.44 0.01 -67.45
CA VAL H 179 19.61 1.37 -67.95
C VAL H 179 20.92 1.95 -67.42
N THR H 180 21.22 1.68 -66.15
CA THR H 180 22.53 2.02 -65.61
C THR H 180 23.67 1.36 -66.41
N GLN H 181 23.50 0.10 -66.76
CA GLN H 181 24.40 -0.67 -67.61
C GLN H 181 24.70 0.02 -68.94
N LEU H 182 23.68 0.55 -69.59
CA LEU H 182 23.85 1.35 -70.80
C LEU H 182 24.82 2.52 -70.57
N PHE H 183 24.66 3.24 -69.46
CA PHE H 183 25.54 4.36 -69.14
C PHE H 183 26.96 3.85 -68.82
N VAL H 184 27.06 2.75 -68.08
CA VAL H 184 28.36 2.17 -67.78
C VAL H 184 29.13 1.92 -69.09
N GLU H 185 28.43 1.35 -70.06
CA GLU H 185 29.01 1.09 -71.37
C GLU H 185 29.46 2.37 -72.10
N MET H 186 28.69 3.45 -71.98
CA MET H 186 29.12 4.72 -72.55
C MET H 186 30.42 5.17 -71.91
N VAL H 187 30.54 4.94 -70.60
CA VAL H 187 31.70 5.35 -69.83
C VAL H 187 32.95 4.56 -70.24
N GLU H 188 32.81 3.25 -70.35
CA GLU H 188 33.87 2.37 -70.85
C GLU H 188 34.36 2.86 -72.22
N GLU H 189 33.40 3.34 -73.01
CA GLU H 189 33.67 3.82 -74.35
C GLU H 189 34.48 5.11 -74.33
N TYR H 190 34.10 6.03 -73.46
CA TYR H 190 34.90 7.22 -73.21
C TYR H 190 36.29 6.80 -72.77
N LYS H 191 36.34 5.81 -71.88
CA LYS H 191 37.59 5.34 -71.27
C LYS H 191 38.33 4.32 -72.18
N GLN H 192 38.07 4.41 -73.48
CA GLN H 192 38.91 3.79 -74.49
C GLN H 192 39.45 4.89 -75.39
N LYS H 193 38.55 5.79 -75.80
CA LYS H 193 38.91 6.93 -76.65
C LYS H 193 39.75 7.96 -75.91
N ALA I 2 55.46 13.74 -35.76
CA ALA I 2 54.72 14.32 -34.59
C ALA I 2 53.30 13.76 -34.57
N GLN I 3 52.69 13.62 -33.38
CA GLN I 3 51.29 13.26 -33.29
C GLN I 3 50.54 14.29 -32.47
N THR I 4 49.39 14.72 -32.99
CA THR I 4 48.45 15.61 -32.29
C THR I 4 47.38 14.70 -31.68
N GLY I 5 46.56 15.26 -30.79
CA GLY I 5 45.40 14.54 -30.27
C GLY I 5 45.64 13.31 -29.43
N THR I 6 46.84 13.16 -28.87
CA THR I 6 47.12 12.02 -28.05
C THR I 6 46.55 12.28 -26.65
N GLU I 7 46.26 11.22 -25.94
CA GLU I 7 45.75 11.32 -24.59
C GLU I 7 46.67 12.19 -23.72
N ARG I 8 47.97 11.98 -23.88
CA ARG I 8 48.96 12.74 -23.15
C ARG I 8 48.95 14.26 -23.49
N VAL I 9 48.72 14.57 -24.75
CA VAL I 9 48.67 15.95 -25.17
C VAL I 9 47.37 16.59 -24.64
N LYS I 10 46.27 15.87 -24.79
CA LYS I 10 44.98 16.37 -24.38
C LYS I 10 44.97 16.64 -22.86
N ARG I 11 45.38 15.64 -22.08
CA ARG I 11 45.50 15.77 -20.64
C ARG I 11 46.58 16.80 -20.22
N GLY I 12 47.70 16.82 -20.94
CA GLY I 12 48.79 17.76 -20.68
C GLY I 12 48.34 19.20 -20.57
N MET I 13 47.45 19.59 -21.45
CA MET I 13 46.93 20.94 -21.49
C MET I 13 46.20 21.25 -20.18
N ALA I 14 45.39 20.33 -19.72
CA ALA I 14 44.69 20.50 -18.42
C ALA I 14 45.71 20.57 -17.27
N GLU I 15 46.73 19.73 -17.29
CA GLU I 15 47.78 19.77 -16.26
C GLU I 15 48.46 21.16 -16.21
N MET I 16 48.60 21.83 -17.35
CA MET I 16 49.18 23.18 -17.37
C MET I 16 48.24 24.27 -16.87
N GLN I 17 46.99 23.91 -16.60
CA GLN I 17 46.02 24.86 -16.10
C GLN I 17 45.98 24.83 -14.57
N LYS I 18 46.66 23.86 -13.95
CA LYS I 18 46.56 23.69 -12.51
C LYS I 18 46.98 24.96 -11.74
N GLY I 19 46.34 25.14 -10.59
CA GLY I 19 46.62 26.19 -9.67
C GLY I 19 46.02 27.50 -10.13
N GLY I 20 45.21 27.47 -11.19
CA GLY I 20 44.66 28.69 -11.75
C GLY I 20 43.14 28.79 -11.75
N VAL I 21 42.69 29.92 -12.30
CA VAL I 21 41.30 30.31 -12.37
C VAL I 21 40.86 30.49 -13.82
N ILE I 22 39.74 29.87 -14.17
CA ILE I 22 39.13 29.98 -15.50
C ILE I 22 37.88 30.80 -15.31
N MET I 23 37.76 31.89 -16.08
CA MET I 23 36.68 32.85 -15.91
C MET I 23 35.69 32.83 -17.08
N ASP I 24 34.40 32.81 -16.77
CA ASP I 24 33.34 32.92 -17.78
C ASP I 24 33.33 34.34 -18.29
N VAL I 25 33.25 34.50 -19.60
CA VAL I 25 33.25 35.84 -20.24
C VAL I 25 32.29 35.84 -21.41
N ILE I 26 31.66 37.00 -21.67
CA ILE I 26 30.73 37.06 -22.79
C ILE I 26 31.21 37.92 -23.93
N ASN I 27 32.31 38.61 -23.76
CA ASN I 27 32.85 39.43 -24.82
C ASN I 27 34.37 39.64 -24.67
N ALA I 28 34.96 40.29 -25.67
CA ALA I 28 36.39 40.59 -25.71
C ALA I 28 36.86 41.39 -24.52
N GLU I 29 36.04 42.34 -24.08
CA GLU I 29 36.43 43.26 -23.03
C GLU I 29 36.57 42.52 -21.71
N GLN I 30 35.62 41.64 -21.41
CA GLN I 30 35.68 40.80 -20.19
C GLN I 30 36.87 39.83 -20.24
N ALA I 31 37.09 39.27 -21.42
CA ALA I 31 38.20 38.36 -21.65
C ALA I 31 39.53 39.07 -21.34
N LYS I 32 39.67 40.32 -21.78
CA LYS I 32 40.91 41.08 -21.51
C LYS I 32 41.07 41.36 -20.03
N ILE I 33 39.99 41.73 -19.39
CA ILE I 33 40.01 41.92 -17.93
C ILE I 33 40.45 40.65 -17.25
N ALA I 34 39.91 39.51 -17.68
CA ALA I 34 40.26 38.23 -17.08
C ALA I 34 41.74 37.93 -17.22
N GLU I 35 42.28 38.16 -18.41
CA GLU I 35 43.68 37.83 -18.67
C GLU I 35 44.62 38.72 -17.83
N GLU I 36 44.28 39.99 -17.79
CA GLU I 36 45.07 40.98 -17.04
C GLU I 36 45.02 40.66 -15.54
N ALA I 37 43.93 40.05 -15.08
CA ALA I 37 43.79 39.64 -13.67
C ALA I 37 44.56 38.36 -13.34
N GLY I 38 45.01 37.63 -14.35
CA GLY I 38 45.79 36.42 -14.15
C GLY I 38 45.02 35.12 -14.33
N ALA I 39 43.85 35.19 -14.97
CA ALA I 39 43.11 33.99 -15.39
C ALA I 39 43.99 33.09 -16.27
N VAL I 40 43.91 31.79 -16.06
CA VAL I 40 44.66 30.84 -16.91
C VAL I 40 43.94 30.47 -18.19
N ALA I 41 42.63 30.75 -18.21
CA ALA I 41 41.82 30.53 -19.38
C ALA I 41 40.53 31.33 -19.18
N VAL I 42 39.82 31.55 -20.28
CA VAL I 42 38.46 32.12 -20.28
C VAL I 42 37.49 31.11 -20.93
N MET I 43 36.26 31.08 -20.40
CA MET I 43 35.18 30.26 -20.95
C MET I 43 34.25 31.19 -21.68
N ALA I 44 34.30 31.14 -23.01
CA ALA I 44 33.50 32.04 -23.84
C ALA I 44 32.05 31.58 -23.81
N LEU I 45 31.17 32.49 -23.42
CA LEU I 45 29.73 32.26 -23.42
C LEU I 45 29.02 33.37 -24.17
N GLU I 46 27.86 33.06 -24.70
CA GLU I 46 27.12 34.06 -25.46
C GLU I 46 26.25 34.82 -24.48
N ARG I 47 25.44 34.07 -23.77
CA ARG I 47 24.70 34.56 -22.62
C ARG I 47 24.91 33.52 -21.57
N VAL I 48 24.57 33.84 -20.33
CA VAL I 48 24.70 32.90 -19.23
C VAL I 48 23.60 31.84 -19.33
N PRO I 49 23.99 30.55 -19.50
CA PRO I 49 23.04 29.43 -19.60
C PRO I 49 22.01 29.43 -18.48
N ALA I 50 22.47 29.74 -17.26
CA ALA I 50 21.59 29.92 -16.11
C ALA I 50 20.42 30.87 -16.41
N ASP I 51 20.73 32.04 -16.98
CA ASP I 51 19.72 33.03 -17.37
C ASP I 51 18.80 32.59 -18.50
N ILE I 52 19.35 31.84 -19.46
CA ILE I 52 18.58 31.35 -20.61
C ILE I 52 17.52 30.33 -20.18
N ARG I 53 17.92 29.31 -19.45
CA ARG I 53 16.99 28.23 -19.10
C ARG I 53 15.94 28.68 -18.08
N ALA I 54 16.34 29.58 -17.19
CA ALA I 54 15.39 30.37 -16.40
C ALA I 54 14.20 30.82 -17.26
N ALA I 55 14.48 31.41 -18.42
CA ALA I 55 13.43 32.06 -19.23
C ALA I 55 12.66 31.15 -20.22
N GLY I 56 12.64 29.83 -19.96
CA GLY I 56 12.04 28.85 -20.89
C GLY I 56 13.15 28.18 -21.68
N GLY I 57 13.60 28.84 -22.74
CA GLY I 57 14.99 28.79 -23.19
C GLY I 57 15.75 27.50 -23.39
N VAL I 58 16.10 27.25 -24.65
CA VAL I 58 17.05 26.23 -24.96
C VAL I 58 18.40 26.93 -24.97
N ALA I 59 19.32 26.42 -24.18
CA ALA I 59 20.67 26.92 -24.11
C ALA I 59 21.56 26.08 -25.04
N ARG I 60 22.08 26.70 -26.09
CA ARG I 60 22.85 26.05 -27.13
C ARG I 60 24.31 26.56 -27.13
N MET I 61 25.12 26.00 -28.01
CA MET I 61 26.43 26.54 -28.35
C MET I 61 26.37 28.05 -28.56
N ALA I 62 27.37 28.76 -28.05
CA ALA I 62 27.51 30.21 -28.28
C ALA I 62 27.66 30.51 -29.77
N ASP I 63 27.13 31.66 -30.18
CA ASP I 63 27.41 32.21 -31.50
C ASP I 63 28.90 32.19 -31.79
N PRO I 64 29.33 31.54 -32.86
CA PRO I 64 30.76 31.53 -33.13
C PRO I 64 31.42 32.91 -33.28
N THR I 65 30.67 33.94 -33.68
CA THR I 65 31.20 35.32 -33.69
C THR I 65 31.80 35.72 -32.35
N ILE I 66 31.12 35.38 -31.26
CA ILE I 66 31.55 35.76 -29.92
C ILE I 66 32.80 34.98 -29.54
N VAL I 67 32.78 33.67 -29.77
CA VAL I 67 33.93 32.84 -29.43
C VAL I 67 35.17 33.37 -30.15
N GLU I 68 35.06 33.61 -31.47
CA GLU I 68 36.13 34.18 -32.26
C GLU I 68 36.59 35.56 -31.74
N GLU I 69 35.66 36.44 -31.37
CA GLU I 69 36.00 37.73 -30.72
C GLU I 69 36.81 37.52 -29.43
N VAL I 70 36.39 36.56 -28.62
CA VAL I 70 37.14 36.25 -27.40
C VAL I 70 38.55 35.68 -27.72
N MET I 71 38.61 34.76 -28.68
CA MET I 71 39.88 34.13 -29.10
C MET I 71 40.87 35.14 -29.59
N ASN I 72 40.39 36.11 -30.37
CA ASN I 72 41.24 37.16 -30.89
C ASN I 72 41.67 38.18 -29.85
N ALA I 73 41.00 38.25 -28.69
CA ALA I 73 41.27 39.32 -27.71
C ALA I 73 42.34 38.98 -26.67
N VAL I 74 42.66 37.68 -26.51
CA VAL I 74 43.51 37.19 -25.44
C VAL I 74 44.50 36.15 -25.99
N SER I 75 45.54 35.92 -25.20
CA SER I 75 46.62 35.02 -25.55
C SER I 75 46.60 33.80 -24.65
N ILE I 76 45.63 33.73 -23.75
CA ILE I 76 45.42 32.53 -22.89
C ILE I 76 44.44 31.60 -23.63
N PRO I 77 44.39 30.32 -23.24
CA PRO I 77 43.40 29.41 -23.80
C PRO I 77 41.95 29.90 -23.67
N VAL I 78 41.16 29.53 -24.65
CA VAL I 78 39.74 29.84 -24.69
C VAL I 78 38.97 28.54 -24.72
N MET I 79 38.10 28.36 -23.76
CA MET I 79 37.17 27.23 -23.76
C MET I 79 35.79 27.69 -24.17
N ALA I 80 34.95 26.72 -24.55
CA ALA I 80 33.55 26.99 -24.91
C ALA I 80 32.74 25.74 -24.69
N LYS I 81 31.43 25.93 -24.62
CA LYS I 81 30.55 24.84 -24.24
C LYS I 81 29.79 24.22 -25.41
N ALA I 82 29.57 22.93 -25.34
CA ALA I 82 28.73 22.20 -26.26
C ALA I 82 27.63 21.43 -25.50
N ARG I 83 26.47 21.28 -26.11
CA ARG I 83 25.39 20.58 -25.46
C ARG I 83 25.78 19.13 -25.39
N ILE I 84 25.40 18.48 -24.32
CA ILE I 84 25.71 17.07 -24.18
C ILE I 84 25.19 16.31 -25.40
N GLY I 85 26.08 15.50 -25.97
CA GLY I 85 25.74 14.68 -27.10
C GLY I 85 25.68 15.40 -28.45
N HIS I 86 25.90 16.71 -28.49
CA HIS I 86 25.76 17.43 -29.76
C HIS I 86 27.04 17.37 -30.56
N ILE I 87 27.16 16.28 -31.31
CA ILE I 87 28.32 15.99 -32.13
C ILE I 87 28.79 17.16 -32.99
N VAL I 88 27.84 17.87 -33.62
CA VAL I 88 28.19 18.89 -34.57
C VAL I 88 28.60 20.19 -33.87
N GLU I 89 27.91 20.60 -32.80
CA GLU I 89 28.44 21.70 -31.98
C GLU I 89 29.88 21.49 -31.55
N ALA I 90 30.19 20.31 -31.01
CA ALA I 90 31.55 19.96 -30.63
C ALA I 90 32.55 19.98 -31.83
N ARG I 91 32.19 19.39 -32.95
CA ARG I 91 33.04 19.41 -34.13
C ARG I 91 33.23 20.83 -34.69
N VAL I 92 32.23 21.68 -34.51
CA VAL I 92 32.31 23.07 -34.94
C VAL I 92 33.29 23.84 -34.06
N LEU I 93 33.20 23.63 -32.75
CA LEU I 93 34.12 24.30 -31.83
C LEU I 93 35.54 23.84 -32.08
N GLU I 94 35.71 22.56 -32.32
CA GLU I 94 37.01 22.01 -32.65
C GLU I 94 37.54 22.65 -33.93
N ALA I 95 36.71 22.72 -34.97
CA ALA I 95 37.17 23.33 -36.23
C ALA I 95 37.57 24.82 -36.05
N MET I 96 36.96 25.51 -35.09
CA MET I 96 37.25 26.92 -34.84
C MET I 96 38.55 27.11 -34.04
N GLY I 97 39.09 26.02 -33.48
CA GLY I 97 40.34 26.07 -32.70
C GLY I 97 40.17 26.33 -31.21
N VAL I 98 38.94 26.25 -30.70
CA VAL I 98 38.70 26.30 -29.24
C VAL I 98 39.70 25.36 -28.54
N ASP I 99 40.26 25.77 -27.40
CA ASP I 99 41.32 25.01 -26.77
C ASP I 99 40.85 23.83 -25.94
N TYR I 100 39.63 23.94 -25.43
CA TYR I 100 39.02 22.92 -24.55
C TYR I 100 37.53 23.11 -24.67
N ILE I 101 36.80 22.01 -24.86
CA ILE I 101 35.36 22.00 -24.94
C ILE I 101 34.75 21.46 -23.66
N ASP I 102 33.82 22.22 -23.09
CA ASP I 102 33.07 21.77 -21.93
C ASP I 102 31.77 21.13 -22.46
N GLU I 103 31.70 19.80 -22.38
CA GLU I 103 30.45 19.11 -22.74
C GLU I 103 29.53 19.31 -21.54
N SER I 104 28.70 20.33 -21.63
CA SER I 104 28.16 20.95 -20.45
C SER I 104 26.72 20.63 -20.12
N GLU I 105 26.48 20.15 -18.90
CA GLU I 105 25.12 20.01 -18.38
C GLU I 105 24.40 21.32 -18.09
N VAL I 106 25.06 22.47 -18.14
CA VAL I 106 24.29 23.72 -17.95
C VAL I 106 23.68 24.17 -19.25
N LEU I 107 24.14 23.63 -20.38
CA LEU I 107 23.46 23.82 -21.63
C LEU I 107 22.35 22.79 -21.69
N THR I 108 21.40 22.98 -22.60
CA THR I 108 20.29 22.04 -22.71
C THR I 108 20.76 20.76 -23.39
N PRO I 109 20.74 19.62 -22.69
CA PRO I 109 21.28 18.40 -23.33
C PRO I 109 20.60 18.11 -24.67
N ALA I 110 21.40 17.76 -25.67
CA ALA I 110 20.93 17.41 -27.00
C ALA I 110 20.69 15.92 -27.08
N ASP I 111 21.33 15.15 -26.21
CA ASP I 111 21.15 13.73 -26.17
C ASP I 111 21.05 13.34 -24.72
N GLU I 112 19.89 12.88 -24.32
CA GLU I 112 19.72 12.58 -22.92
C GLU I 112 20.13 11.15 -22.56
N GLU I 113 20.64 10.40 -23.51
CA GLU I 113 20.98 8.99 -23.31
CA GLU I 113 21.00 9.01 -23.28
C GLU I 113 22.47 8.72 -23.47
N PHE I 114 23.11 9.48 -24.35
CA PHE I 114 24.48 9.20 -24.71
C PHE I 114 25.27 10.50 -24.73
N HIS I 115 26.42 10.51 -24.06
CA HIS I 115 27.36 11.62 -24.15
C HIS I 115 28.20 11.46 -25.41
N LEU I 116 28.94 12.50 -25.74
CA LEU I 116 29.83 12.45 -26.90
C LEU I 116 30.91 11.40 -26.75
N ASN I 117 31.24 10.71 -27.83
CA ASN I 117 32.42 9.86 -27.88
C ASN I 117 33.64 10.78 -28.05
N LYS I 118 34.10 11.34 -26.93
CA LYS I 118 35.18 12.35 -26.92
C LYS I 118 36.56 11.79 -27.39
N ASN I 119 36.71 10.48 -27.29
CA ASN I 119 37.89 9.77 -27.72
C ASN I 119 38.20 9.99 -29.17
N GLU I 120 37.17 10.24 -29.99
CA GLU I 120 37.34 10.43 -31.44
C GLU I 120 37.74 11.84 -31.86
N TYR I 121 37.81 12.79 -30.93
CA TYR I 121 38.19 14.16 -31.25
C TYR I 121 39.66 14.41 -31.01
N THR I 122 40.17 15.45 -31.66
CA THR I 122 41.51 15.97 -31.42
C THR I 122 41.54 16.96 -30.26
N VAL I 123 40.57 17.87 -30.23
CA VAL I 123 40.42 18.82 -29.15
C VAL I 123 40.03 18.06 -27.87
N PRO I 124 40.57 18.48 -26.71
CA PRO I 124 40.16 17.87 -25.46
C PRO I 124 38.85 18.43 -24.92
N PHE I 125 38.26 17.62 -24.07
CA PHE I 125 37.03 17.93 -23.37
C PHE I 125 37.14 17.91 -21.86
N VAL I 126 36.41 18.84 -21.24
CA VAL I 126 36.15 18.81 -19.84
C VAL I 126 34.67 18.46 -19.62
N CYS I 127 34.42 17.61 -18.61
CA CYS I 127 33.06 17.22 -18.25
C CYS I 127 32.85 17.33 -16.74
N GLY I 128 31.59 17.44 -16.37
CA GLY I 128 31.23 17.49 -14.98
C GLY I 128 31.08 16.11 -14.36
N CYS I 129 31.20 16.05 -13.04
CA CYS I 129 30.87 14.86 -12.28
C CYS I 129 30.51 15.21 -10.83
N ARG I 130 29.80 14.29 -10.20
CA ARG I 130 29.36 14.40 -8.83
C ARG I 130 29.92 13.30 -7.93
N ASP I 131 30.47 12.25 -8.54
CA ASP I 131 31.06 11.13 -7.80
CA ASP I 131 31.06 11.14 -7.81
C ASP I 131 32.05 10.41 -8.70
N LEU I 132 32.74 9.42 -8.15
CA LEU I 132 33.80 8.72 -8.88
C LEU I 132 33.29 7.86 -10.02
N GLY I 133 32.17 7.20 -9.84
CA GLY I 133 31.55 6.45 -10.93
C GLY I 133 31.32 7.28 -12.17
N GLU I 134 30.67 8.42 -11.96
CA GLU I 134 30.43 9.36 -13.01
C GLU I 134 31.72 9.92 -13.64
N ALA I 135 32.69 10.28 -12.80
CA ALA I 135 34.00 10.75 -13.25
C ALA I 135 34.64 9.74 -14.19
N THR I 136 34.69 8.47 -13.77
CA THR I 136 35.31 7.41 -14.57
C THR I 136 34.59 7.09 -15.88
N ARG I 137 33.27 7.22 -15.89
CA ARG I 137 32.52 7.04 -17.10
C ARG I 137 32.85 8.16 -18.07
N ARG I 138 32.92 9.42 -17.60
CA ARG I 138 33.29 10.54 -18.50
C ARG I 138 34.69 10.37 -19.04
N ILE I 139 35.61 9.94 -18.17
CA ILE I 139 36.98 9.67 -18.61
C ILE I 139 37.08 8.60 -19.73
N ALA I 140 36.41 7.47 -19.49
CA ALA I 140 36.35 6.35 -20.43
C ALA I 140 35.80 6.79 -21.80
N GLU I 141 34.84 7.70 -21.77
CA GLU I 141 34.28 8.24 -23.00
C GLU I 141 35.25 9.15 -23.69
N GLY I 142 36.32 9.54 -23.00
CA GLY I 142 37.33 10.45 -23.55
C GLY I 142 37.55 11.81 -22.92
N ALA I 143 36.84 12.16 -21.85
CA ALA I 143 37.13 13.43 -21.13
C ALA I 143 38.60 13.43 -20.67
N SER I 144 39.26 14.56 -20.86
CA SER I 144 40.67 14.75 -20.45
C SER I 144 40.85 15.63 -19.21
N MET I 145 39.74 16.14 -18.70
CA MET I 145 39.70 17.02 -17.56
C MET I 145 38.33 16.87 -16.97
N LEU I 146 38.24 17.04 -15.65
CA LEU I 146 36.98 17.02 -14.93
C LEU I 146 36.76 18.31 -14.15
N ARG I 147 35.48 18.56 -13.87
CA ARG I 147 35.07 19.56 -12.90
C ARG I 147 33.90 19.07 -12.08
N THR I 148 33.75 19.61 -10.88
CA THR I 148 32.54 19.39 -10.07
C THR I 148 31.35 19.94 -10.84
N LYS I 149 30.22 19.28 -10.75
CA LYS I 149 29.02 19.89 -11.34
C LYS I 149 28.62 21.09 -10.50
N GLY I 150 28.80 20.98 -9.20
CA GLY I 150 28.39 22.05 -8.31
C GLY I 150 26.90 22.38 -8.47
N GLU I 151 26.59 23.66 -8.28
CA GLU I 151 25.23 24.18 -8.31
C GLU I 151 25.25 25.47 -9.09
N PRO I 152 24.91 25.38 -10.39
CA PRO I 152 24.97 26.49 -11.32
C PRO I 152 24.02 27.57 -10.91
N GLY I 153 24.48 28.81 -10.93
CA GLY I 153 23.62 29.97 -10.80
C GLY I 153 23.03 30.22 -9.42
N THR I 154 23.70 29.76 -8.36
CA THR I 154 23.25 30.09 -7.03
C THR I 154 24.26 30.84 -6.17
N GLY I 155 25.54 30.74 -6.46
CA GLY I 155 26.53 31.30 -5.55
C GLY I 155 26.69 30.53 -4.24
N ASN I 156 26.01 29.39 -4.13
CA ASN I 156 26.15 28.51 -2.98
C ASN I 156 27.21 27.45 -3.28
N ILE I 157 28.33 27.50 -2.56
CA ILE I 157 29.48 26.58 -2.73
C ILE I 157 29.20 25.14 -2.25
N VAL I 158 28.00 24.88 -1.68
CA VAL I 158 27.68 23.56 -1.06
C VAL I 158 27.79 22.36 -2.00
N GLU I 159 27.35 22.49 -3.25
CA GLU I 159 27.34 21.30 -4.12
C GLU I 159 28.76 21.05 -4.65
N ALA I 160 29.48 22.12 -5.00
CA ALA I 160 30.90 21.99 -5.34
C ALA I 160 31.66 21.28 -4.22
N VAL I 161 31.45 21.70 -2.98
CA VAL I 161 32.08 21.04 -1.83
C VAL I 161 31.64 19.56 -1.80
N ARG I 162 30.36 19.32 -1.99
CA ARG I 162 29.81 17.97 -1.94
C ARG I 162 30.49 17.06 -2.95
N HIS I 163 30.56 17.52 -4.18
CA HIS I 163 31.12 16.70 -5.30
C HIS I 163 32.62 16.48 -5.18
N MET I 164 33.35 17.54 -4.81
CA MET I 164 34.79 17.44 -4.62
C MET I 164 35.12 16.51 -3.47
N ARG I 165 34.44 16.72 -2.34
CA ARG I 165 34.59 15.80 -1.20
C ARG I 165 34.28 14.35 -1.57
N LYS I 166 33.24 14.16 -2.35
CA LYS I 166 32.78 12.81 -2.65
C LYS I 166 33.78 12.09 -3.55
N VAL I 167 34.17 12.70 -4.66
CA VAL I 167 35.17 12.11 -5.54
C VAL I 167 36.48 11.85 -4.81
N ASN I 168 36.97 12.84 -4.05
CA ASN I 168 38.23 12.68 -3.37
C ASN I 168 38.16 11.57 -2.34
N ALA I 169 37.05 11.47 -1.62
CA ALA I 169 36.92 10.45 -0.58
C ALA I 169 36.89 9.07 -1.24
N GLN I 170 36.17 8.96 -2.34
CA GLN I 170 36.04 7.66 -3.06
C GLN I 170 37.38 7.20 -3.65
N VAL I 171 38.16 8.14 -4.17
CA VAL I 171 39.51 7.86 -4.64
C VAL I 171 40.41 7.38 -3.48
N ARG I 172 40.39 8.08 -2.35
CA ARG I 172 41.16 7.64 -1.17
CA ARG I 172 41.15 7.64 -1.17
C ARG I 172 40.82 6.20 -0.79
N LYS I 173 39.54 5.85 -0.77
CA LYS I 173 39.15 4.43 -0.46
C LYS I 173 39.62 3.41 -1.49
N VAL I 174 39.48 3.77 -2.77
CA VAL I 174 39.95 2.90 -3.82
C VAL I 174 41.45 2.66 -3.75
N VAL I 175 42.22 3.71 -3.56
CA VAL I 175 43.66 3.58 -3.38
C VAL I 175 44.07 2.67 -2.23
N ALA I 176 43.36 2.76 -1.08
CA ALA I 176 43.70 1.96 0.08
C ALA I 176 43.07 0.59 0.11
N MET I 177 42.09 0.31 -0.73
CA MET I 177 41.35 -0.94 -0.54
C MET I 177 42.09 -2.15 -1.10
N SER I 178 41.69 -3.32 -0.66
CA SER I 178 42.30 -4.54 -1.16
C SER I 178 41.93 -4.72 -2.66
N GLU I 179 42.95 -5.04 -3.47
CA GLU I 179 42.79 -5.07 -4.92
C GLU I 179 41.71 -6.05 -5.34
N ASP I 180 41.58 -7.15 -4.60
CA ASP I 180 40.59 -8.15 -4.91
C ASP I 180 39.15 -7.76 -4.61
N GLU I 181 38.93 -6.61 -3.98
CA GLU I 181 37.57 -6.10 -3.73
C GLU I 181 37.17 -5.02 -4.73
N LEU I 182 38.06 -4.76 -5.68
CA LEU I 182 37.86 -3.63 -6.59
C LEU I 182 36.78 -3.87 -7.66
N MET I 183 36.55 -5.13 -8.03
CA MET I 183 35.48 -5.39 -8.99
C MET I 183 34.10 -5.11 -8.39
N THR I 184 33.86 -5.54 -7.17
CA THR I 184 32.61 -5.22 -6.49
C THR I 184 32.47 -3.71 -6.32
N GLU I 185 33.57 -3.02 -6.04
CA GLU I 185 33.52 -1.55 -5.97
C GLU I 185 33.16 -0.94 -7.31
N ALA I 186 33.78 -1.46 -8.38
CA ALA I 186 33.57 -0.97 -9.73
C ALA I 186 32.11 -1.13 -10.10
N LYS I 187 31.55 -2.27 -9.75
CA LYS I 187 30.18 -2.58 -10.08
C LYS I 187 29.23 -1.67 -9.30
N ASN I 188 29.49 -1.50 -8.02
CA ASN I 188 28.72 -0.57 -7.20
CA ASN I 188 28.72 -0.59 -7.19
C ASN I 188 28.72 0.85 -7.70
N LEU I 189 29.87 1.33 -8.15
CA LEU I 189 30.00 2.72 -8.61
C LEU I 189 29.56 2.91 -10.04
N GLY I 190 29.46 1.82 -10.80
CA GLY I 190 29.30 1.92 -12.23
C GLY I 190 30.55 2.44 -12.90
N ALA I 191 31.72 2.13 -12.33
CA ALA I 191 33.02 2.61 -12.83
C ALA I 191 33.64 1.57 -13.76
N PRO I 192 34.16 1.97 -14.95
CA PRO I 192 34.95 0.99 -15.70
C PRO I 192 36.14 0.44 -14.87
N TYR I 193 36.27 -0.88 -14.85
CA TYR I 193 37.19 -1.55 -13.97
C TYR I 193 38.65 -1.15 -14.18
N GLU I 194 39.09 -1.14 -15.43
CA GLU I 194 40.51 -0.87 -15.66
C GLU I 194 40.89 0.54 -15.17
N LEU I 195 39.96 1.47 -15.22
CA LEU I 195 40.18 2.86 -14.79
C LEU I 195 40.31 2.87 -13.25
N LEU I 196 39.47 2.09 -12.59
CA LEU I 196 39.56 1.95 -11.14
C LEU I 196 40.88 1.29 -10.69
N LEU I 197 41.29 0.22 -11.37
CA LEU I 197 42.56 -0.42 -11.04
C LEU I 197 43.72 0.58 -11.21
N GLN I 198 43.65 1.36 -12.29
CA GLN I 198 44.74 2.29 -12.55
C GLN I 198 44.78 3.41 -11.52
N ILE I 199 43.61 3.79 -10.96
CA ILE I 199 43.57 4.78 -9.87
C ILE I 199 44.28 4.25 -8.67
N LYS I 200 44.04 2.99 -8.35
CA LYS I 200 44.70 2.38 -7.20
C LYS I 200 46.22 2.36 -7.42
N LYS I 201 46.67 1.93 -8.61
CA LYS I 201 48.09 1.90 -8.91
C LYS I 201 48.78 3.26 -8.93
N ASP I 202 48.14 4.28 -9.49
CA ASP I 202 48.74 5.63 -9.59
C ASP I 202 48.60 6.43 -8.31
N GLY I 203 47.66 6.01 -7.47
CA GLY I 203 47.37 6.71 -6.25
C GLY I 203 46.56 7.98 -6.46
N LYS I 204 45.93 8.12 -7.63
CA LYS I 204 45.20 9.34 -7.95
C LYS I 204 44.35 9.15 -9.20
N LEU I 205 43.45 10.12 -9.40
CA LEU I 205 42.65 10.22 -10.62
C LEU I 205 43.61 10.49 -11.75
N PRO I 206 43.33 9.98 -12.96
CA PRO I 206 44.29 10.22 -14.04
C PRO I 206 44.19 11.59 -14.69
N VAL I 207 43.14 12.36 -14.38
CA VAL I 207 42.95 13.65 -14.96
C VAL I 207 42.76 14.68 -13.88
N VAL I 208 43.00 15.91 -14.29
CA VAL I 208 42.76 17.10 -13.49
C VAL I 208 41.26 17.27 -13.15
N ASN I 209 40.97 17.64 -11.92
CA ASN I 209 39.62 17.89 -11.44
C ASN I 209 39.51 19.31 -10.82
N PHE I 210 38.81 20.21 -11.48
CA PHE I 210 38.63 21.57 -10.99
C PHE I 210 37.33 21.69 -10.23
N ALA I 211 37.29 22.65 -9.32
CA ALA I 211 36.04 23.06 -8.69
C ALA I 211 35.23 23.98 -9.63
N ALA I 212 33.90 23.84 -9.64
CA ALA I 212 33.00 24.70 -10.47
C ALA I 212 31.60 24.71 -9.92
N GLY I 213 30.93 25.82 -10.13
CA GLY I 213 29.53 25.91 -9.87
C GLY I 213 29.25 26.29 -8.45
N GLY I 214 29.60 27.53 -8.10
CA GLY I 214 29.20 28.16 -6.86
C GLY I 214 30.29 28.97 -6.14
N VAL I 215 31.47 29.06 -6.69
CA VAL I 215 32.53 29.90 -6.13
C VAL I 215 32.09 31.34 -6.29
N ALA I 216 31.79 31.98 -5.18
CA ALA I 216 31.35 33.36 -5.20
C ALA I 216 32.29 34.31 -4.48
N THR I 217 33.15 33.82 -3.59
CA THR I 217 34.06 34.70 -2.85
C THR I 217 35.49 34.15 -2.88
N PRO I 218 36.49 35.01 -2.57
CA PRO I 218 37.87 34.56 -2.42
C PRO I 218 38.01 33.42 -1.43
N ALA I 219 37.28 33.48 -0.31
CA ALA I 219 37.29 32.34 0.63
C ALA I 219 36.78 31.02 0.02
N ASP I 220 35.74 31.09 -0.82
CA ASP I 220 35.24 29.93 -1.54
C ASP I 220 36.30 29.26 -2.42
N ALA I 221 37.02 30.09 -3.17
CA ALA I 221 38.06 29.61 -4.06
C ALA I 221 39.17 28.89 -3.29
N ALA I 222 39.67 29.54 -2.24
CA ALA I 222 40.69 28.95 -1.37
C ALA I 222 40.16 27.63 -0.76
N LEU I 223 38.91 27.66 -0.31
CA LEU I 223 38.30 26.45 0.27
C LEU I 223 38.42 25.25 -0.68
N MET I 224 38.04 25.46 -1.93
CA MET I 224 38.01 24.38 -2.89
C MET I 224 39.43 23.84 -3.11
N MET I 225 40.41 24.73 -3.14
CA MET I 225 41.79 24.30 -3.26
C MET I 225 42.20 23.53 -2.03
N GLN I 226 41.72 23.95 -0.85
CA GLN I 226 42.03 23.26 0.40
C GLN I 226 41.44 21.83 0.41
N LEU I 227 40.31 21.65 -0.26
CA LEU I 227 39.66 20.35 -0.35
C LEU I 227 40.22 19.45 -1.46
N GLY I 228 41.25 19.88 -2.18
CA GLY I 228 41.85 19.04 -3.22
C GLY I 228 41.56 19.41 -4.68
N ALA I 229 40.83 20.49 -4.93
CA ALA I 229 40.63 21.01 -6.30
C ALA I 229 41.99 21.26 -6.96
N ASP I 230 42.07 21.02 -8.26
CA ASP I 230 43.25 21.38 -9.02
C ASP I 230 43.22 22.80 -9.56
N GLY I 231 42.10 23.49 -9.33
CA GLY I 231 41.87 24.80 -9.89
C GLY I 231 40.39 25.10 -9.75
N VAL I 232 40.02 26.29 -10.18
CA VAL I 232 38.68 26.87 -10.00
C VAL I 232 38.11 27.45 -11.34
N PHE I 233 36.89 27.05 -11.69
CA PHE I 233 36.08 27.77 -12.70
C PHE I 233 35.21 28.75 -11.93
N VAL I 234 35.13 29.98 -12.40
CA VAL I 234 34.30 30.98 -11.73
C VAL I 234 33.44 31.67 -12.80
N GLY I 235 32.25 32.06 -12.38
CA GLY I 235 31.22 32.54 -13.31
C GLY I 235 31.18 34.04 -13.56
N SER I 236 30.17 34.43 -14.34
CA SER I 236 29.96 35.81 -14.80
C SER I 236 29.72 36.80 -13.69
N GLY I 237 29.43 36.32 -12.48
CA GLY I 237 29.37 37.18 -11.28
C GLY I 237 30.52 38.16 -11.13
N ILE I 238 31.72 37.75 -11.53
CA ILE I 238 32.86 38.67 -11.50
C ILE I 238 32.48 40.00 -12.15
N PHE I 239 31.81 39.94 -13.29
CA PHE I 239 31.55 41.15 -14.08
C PHE I 239 30.31 41.87 -13.68
N LYS I 240 29.55 41.27 -12.76
CA LYS I 240 28.45 41.96 -12.13
C LYS I 240 28.89 42.76 -10.89
N SER I 241 30.14 42.67 -10.49
CA SER I 241 30.57 43.38 -9.30
C SER I 241 30.94 44.82 -9.61
N ASP I 242 31.11 45.60 -8.54
CA ASP I 242 31.42 47.01 -8.68
C ASP I 242 32.72 47.22 -9.43
N ASN I 243 33.72 46.41 -9.12
CA ASN I 243 35.04 46.49 -9.76
C ASN I 243 35.49 45.10 -10.20
N PRO I 244 34.98 44.62 -11.35
CA PRO I 244 35.31 43.29 -11.88
C PRO I 244 36.81 42.95 -11.87
N ALA I 245 37.64 43.89 -12.34
CA ALA I 245 39.09 43.71 -12.32
C ALA I 245 39.65 43.34 -10.93
N LYS I 246 39.19 44.04 -9.91
CA LYS I 246 39.66 43.82 -8.53
C LYS I 246 39.13 42.49 -7.98
N PHE I 247 37.88 42.20 -8.28
CA PHE I 247 37.28 40.96 -7.84
C PHE I 247 37.99 39.76 -8.47
N ALA I 248 38.18 39.85 -9.77
CA ALA I 248 38.86 38.81 -10.54
C ALA I 248 40.25 38.53 -9.97
N LYS I 249 40.97 39.62 -9.69
CA LYS I 249 42.33 39.57 -9.15
C LYS I 249 42.34 38.86 -7.80
N ALA I 250 41.35 39.17 -6.98
CA ALA I 250 41.25 38.58 -5.64
C ALA I 250 40.99 37.09 -5.72
N ILE I 251 40.15 36.66 -6.66
CA ILE I 251 39.92 35.23 -6.84
C ILE I 251 41.23 34.49 -7.21
N VAL I 252 41.98 35.06 -8.17
CA VAL I 252 43.26 34.47 -8.59
C VAL I 252 44.26 34.37 -7.42
N GLU I 253 44.39 35.44 -6.64
CA GLU I 253 45.30 35.43 -5.48
C GLU I 253 44.92 34.43 -4.40
N ALA I 254 43.63 34.39 -4.07
CA ALA I 254 43.09 33.43 -3.12
C ALA I 254 43.31 31.98 -3.57
N THR I 255 43.16 31.70 -4.86
CA THR I 255 43.41 30.35 -5.43
C THR I 255 44.91 30.01 -5.34
N THR I 256 45.78 30.98 -5.64
CA THR I 256 47.23 30.76 -5.54
C THR I 256 47.67 30.58 -4.09
N HIS I 257 47.24 31.48 -3.23
CA HIS I 257 47.69 31.50 -1.83
C HIS I 257 46.63 31.03 -0.86
N PHE I 258 46.22 29.77 -1.01
CA PHE I 258 44.96 29.35 -0.46
C PHE I 258 45.03 29.02 1.02
N THR I 259 46.23 29.02 1.59
CA THR I 259 46.40 28.84 3.04
C THR I 259 46.86 30.12 3.76
N ASP I 260 46.85 31.26 3.10
CA ASP I 260 47.33 32.53 3.69
C ASP I 260 46.14 33.34 4.12
N TYR I 261 45.77 33.17 5.39
CA TYR I 261 44.46 33.57 5.88
C TYR I 261 44.41 35.08 6.11
N LYS I 262 45.54 35.66 6.50
CA LYS I 262 45.63 37.13 6.55
C LYS I 262 45.43 37.79 5.21
N LEU I 263 46.03 37.22 4.18
CA LEU I 263 45.86 37.72 2.83
C LEU I 263 44.39 37.58 2.43
N ILE I 264 43.82 36.39 2.61
CA ILE I 264 42.45 36.15 2.18
C ILE I 264 41.54 37.08 2.96
N ALA I 265 41.83 37.34 4.22
CA ALA I 265 41.07 38.36 5.00
C ALA I 265 41.04 39.72 4.28
N GLU I 266 42.19 40.21 3.84
CA GLU I 266 42.19 41.47 3.12
C GLU I 266 41.47 41.32 1.77
N LEU I 267 41.74 40.24 1.05
CA LEU I 267 41.07 40.02 -0.23
C LEU I 267 39.55 40.00 -0.04
N SER I 268 39.07 39.51 1.11
CA SER I 268 37.63 39.37 1.31
C SER I 268 36.90 40.70 1.55
N LYS I 269 37.65 41.78 1.70
CA LYS I 269 37.08 43.14 1.86
C LYS I 269 36.60 43.84 0.57
N GLU I 270 35.50 44.60 0.70
CA GLU I 270 35.13 45.62 -0.29
C GLU I 270 34.82 45.05 -1.67
N LEU I 271 33.83 44.14 -1.75
CA LEU I 271 33.78 43.22 -2.89
C LEU I 271 32.72 43.38 -4.01
N GLY I 272 31.55 43.95 -3.71
CA GLY I 272 30.42 43.96 -4.68
C GLY I 272 29.32 42.92 -4.40
N MET J 1 70.93 15.98 0.53
CA MET J 1 70.64 16.13 -0.93
C MET J 1 70.52 17.61 -1.33
N LEU J 2 70.44 17.86 -2.63
CA LEU J 2 70.10 19.18 -3.11
C LEU J 2 68.66 19.48 -2.73
N THR J 3 68.34 20.77 -2.60
CA THR J 3 66.95 21.24 -2.64
C THR J 3 66.78 22.10 -3.86
N ILE J 4 65.80 21.72 -4.69
CA ILE J 4 65.47 22.43 -5.88
C ILE J 4 64.03 22.87 -5.71
N GLY J 5 63.82 24.16 -5.88
CA GLY J 5 62.51 24.72 -5.80
C GLY J 5 61.82 24.71 -7.15
N VAL J 6 60.50 24.77 -7.10
CA VAL J 6 59.67 24.97 -8.26
C VAL J 6 58.80 26.16 -7.92
N LEU J 7 58.79 27.18 -8.79
CA LEU J 7 57.97 28.35 -8.59
C LEU J 7 56.53 27.83 -8.63
N GLY J 8 55.77 28.11 -7.58
CA GLY J 8 54.47 27.47 -7.40
C GLY J 8 53.31 28.42 -7.53
N LEU J 9 53.52 29.55 -8.22
CA LEU J 9 52.42 30.53 -8.37
C LEU J 9 51.30 29.95 -9.23
N GLN J 10 51.66 29.20 -10.27
CA GLN J 10 50.67 28.50 -11.07
C GLN J 10 51.37 27.49 -11.97
N GLY J 11 50.65 26.45 -12.37
CA GLY J 11 51.14 25.51 -13.39
C GLY J 11 51.31 24.05 -13.01
N ALA J 12 52.06 23.33 -13.83
CA ALA J 12 52.34 21.90 -13.62
C ALA J 12 53.47 21.76 -12.61
N VAL J 13 53.17 22.11 -11.36
CA VAL J 13 54.18 22.20 -10.30
C VAL J 13 54.52 20.82 -9.73
N ARG J 14 53.49 20.06 -9.36
CA ARG J 14 53.70 18.69 -8.85
C ARG J 14 54.53 17.79 -9.76
N GLU J 15 54.31 17.88 -11.07
CA GLU J 15 55.07 17.11 -12.04
C GLU J 15 56.57 17.38 -11.90
N HIS J 16 56.92 18.66 -11.78
CA HIS J 16 58.31 19.03 -11.58
C HIS J 16 58.83 18.54 -10.23
N ILE J 17 58.05 18.74 -9.16
CA ILE J 17 58.44 18.22 -7.86
C ILE J 17 58.70 16.70 -7.96
N HIS J 18 57.81 15.98 -8.66
CA HIS J 18 57.94 14.54 -8.75
C HIS J 18 59.23 14.12 -9.43
N ALA J 19 59.63 14.87 -10.45
CA ALA J 19 60.84 14.52 -11.19
C ALA J 19 62.09 14.89 -10.37
N ILE J 20 62.06 16.03 -9.70
CA ILE J 20 63.17 16.39 -8.81
C ILE J 20 63.44 15.22 -7.85
N GLU J 21 62.38 14.77 -7.20
CA GLU J 21 62.43 13.67 -6.25
C GLU J 21 62.88 12.35 -6.87
N ALA J 22 62.42 12.08 -8.09
CA ALA J 22 62.83 10.87 -8.81
C ALA J 22 64.36 10.87 -9.04
N CYS J 23 64.96 12.05 -9.14
CA CYS J 23 66.41 12.21 -9.37
C CYS J 23 67.25 12.29 -8.08
N GLY J 24 66.64 12.02 -6.93
CA GLY J 24 67.39 11.95 -5.67
C GLY J 24 67.55 13.25 -4.91
N ALA J 25 66.90 14.31 -5.38
CA ALA J 25 66.97 15.60 -4.71
C ALA J 25 65.68 15.88 -3.95
N ALA J 26 65.71 16.95 -3.17
CA ALA J 26 64.52 17.44 -2.46
C ALA J 26 63.84 18.54 -3.29
N GLY J 27 62.51 18.53 -3.27
CA GLY J 27 61.70 19.52 -4.00
C GLY J 27 61.04 20.44 -3.02
N LEU J 28 60.94 21.73 -3.34
CA LEU J 28 60.25 22.69 -2.48
C LEU J 28 59.40 23.57 -3.35
N VAL J 29 58.11 23.66 -3.03
CA VAL J 29 57.20 24.51 -3.78
C VAL J 29 57.36 25.96 -3.28
N VAL J 30 57.81 26.83 -4.17
CA VAL J 30 58.13 28.22 -3.80
C VAL J 30 56.95 29.17 -4.11
N LYS J 31 56.31 29.66 -3.05
CA LYS J 31 55.19 30.63 -3.15
C LYS J 31 55.51 32.04 -2.61
N ARG J 32 56.61 32.15 -1.87
CA ARG J 32 57.03 33.43 -1.32
C ARG J 32 58.50 33.64 -1.65
N PRO J 33 58.90 34.89 -1.95
CA PRO J 33 60.28 35.16 -2.33
C PRO J 33 61.31 34.67 -1.30
N GLU J 34 60.91 34.70 -0.04
CA GLU J 34 61.75 34.28 1.10
C GLU J 34 62.28 32.88 0.92
N GLN J 35 61.44 32.02 0.35
CA GLN J 35 61.80 30.64 0.16
C GLN J 35 62.90 30.42 -0.88
N LEU J 36 63.19 31.43 -1.70
CA LEU J 36 64.28 31.33 -2.66
C LEU J 36 65.61 31.08 -1.95
N ASN J 37 65.72 31.60 -0.73
CA ASN J 37 66.93 31.35 0.10
C ASN J 37 67.03 29.94 0.63
N GLU J 38 65.95 29.18 0.55
CA GLU J 38 66.00 27.81 0.99
C GLU J 38 66.40 26.82 -0.12
N VAL J 39 66.63 27.29 -1.33
CA VAL J 39 66.88 26.38 -2.45
C VAL J 39 68.18 26.66 -3.19
N ASP J 40 68.69 25.61 -3.82
CA ASP J 40 69.96 25.62 -4.58
C ASP J 40 69.79 25.88 -6.07
N GLY J 41 68.57 25.69 -6.55
CA GLY J 41 68.18 25.93 -7.95
C GLY J 41 66.66 26.12 -8.04
N LEU J 42 66.18 26.72 -9.13
CA LEU J 42 64.75 27.00 -9.29
C LEU J 42 64.23 26.57 -10.65
N ILE J 43 63.09 25.86 -10.65
CA ILE J 43 62.41 25.47 -11.88
C ILE J 43 61.18 26.34 -12.04
N LEU J 44 61.09 26.96 -13.21
CA LEU J 44 59.93 27.75 -13.60
C LEU J 44 59.09 26.82 -14.50
N PRO J 45 57.91 26.41 -14.01
CA PRO J 45 57.18 25.30 -14.62
C PRO J 45 56.42 25.72 -15.85
N GLY J 46 55.80 24.74 -16.52
CA GLY J 46 54.79 25.02 -17.51
C GLY J 46 53.54 25.57 -16.85
N GLY J 47 52.75 26.31 -17.63
CA GLY J 47 51.52 26.91 -17.18
C GLY J 47 51.22 28.06 -18.11
N GLU J 48 50.75 29.17 -17.55
CA GLU J 48 50.45 30.34 -18.36
C GLU J 48 51.41 31.43 -17.94
N SER J 49 52.29 31.82 -18.87
CA SER J 49 53.27 32.86 -18.62
C SER J 49 52.62 34.16 -18.16
N THR J 50 51.40 34.45 -18.66
CA THR J 50 50.75 35.69 -18.26
C THR J 50 50.34 35.65 -16.80
N THR J 51 49.82 34.51 -16.37
CA THR J 51 49.38 34.37 -15.00
C THR J 51 50.60 34.52 -14.11
N MET J 52 51.68 33.85 -14.48
CA MET J 52 52.85 33.83 -13.62
C MET J 52 53.48 35.24 -13.50
N ARG J 53 53.52 36.01 -14.60
CA ARG J 53 54.02 37.38 -14.55
C ARG J 53 53.18 38.27 -13.66
N ARG J 54 51.87 38.20 -13.81
CA ARG J 54 50.93 38.91 -12.96
CA ARG J 54 50.96 38.95 -12.95
C ARG J 54 51.16 38.62 -11.47
N LEU J 55 51.27 37.35 -11.15
CA LEU J 55 51.53 36.97 -9.77
C LEU J 55 52.96 37.36 -9.30
N ILE J 56 53.92 37.34 -10.22
CA ILE J 56 55.28 37.80 -9.92
C ILE J 56 55.30 39.30 -9.63
N ASP J 57 54.54 40.08 -10.42
CA ASP J 57 54.39 41.52 -10.20
C ASP J 57 53.75 41.80 -8.84
N THR J 58 52.62 41.15 -8.56
CA THR J 58 51.89 41.41 -7.29
C THR J 58 52.72 41.06 -6.08
N TYR J 59 53.38 39.92 -6.13
CA TYR J 59 54.13 39.43 -4.99
C TYR J 59 55.63 39.76 -5.01
N GLN J 60 56.00 40.67 -5.90
CA GLN J 60 57.31 41.27 -5.87
C GLN J 60 58.43 40.22 -5.91
N PHE J 61 58.32 39.33 -6.90
CA PHE J 61 59.28 38.25 -7.09
C PHE J 61 60.35 38.64 -8.09
N MET J 62 60.16 39.70 -8.88
CA MET J 62 61.07 39.90 -10.00
C MET J 62 62.49 40.20 -9.49
N GLU J 63 62.62 41.18 -8.60
CA GLU J 63 63.96 41.51 -8.11
C GLU J 63 64.60 40.34 -7.37
N PRO J 64 63.89 39.73 -6.41
CA PRO J 64 64.42 38.51 -5.81
C PRO J 64 64.83 37.42 -6.79
N LEU J 65 64.11 37.28 -7.90
CA LEU J 65 64.49 36.27 -8.90
C LEU J 65 65.83 36.61 -9.58
N ARG J 66 66.03 37.90 -9.84
CA ARG J 66 67.26 38.40 -10.43
C ARG J 66 68.41 38.28 -9.42
N GLU J 67 68.13 38.55 -8.15
CA GLU J 67 69.12 38.39 -7.08
C GLU J 67 69.53 36.93 -6.91
N PHE J 68 68.54 36.04 -7.05
CA PHE J 68 68.76 34.60 -6.98
C PHE J 68 69.72 34.20 -8.10
N ALA J 69 69.43 34.73 -9.29
CA ALA J 69 70.24 34.50 -10.49
C ALA J 69 71.65 35.06 -10.30
N ALA J 70 71.74 36.27 -9.78
CA ALA J 70 73.04 36.92 -9.61
C ALA J 70 73.90 36.10 -8.66
N GLN J 71 73.28 35.35 -7.76
CA GLN J 71 74.04 34.47 -6.86
C GLN J 71 74.61 33.24 -7.55
N GLY J 72 74.33 33.05 -8.83
CA GLY J 72 74.78 31.88 -9.55
C GLY J 72 73.90 30.65 -9.43
N LYS J 73 72.75 30.78 -8.76
CA LYS J 73 71.86 29.62 -8.61
C LYS J 73 71.18 29.26 -9.96
N PRO J 74 71.32 27.99 -10.41
CA PRO J 74 70.71 27.60 -11.66
C PRO J 74 69.18 27.74 -11.72
N MET J 75 68.67 27.96 -12.92
CA MET J 75 67.25 28.17 -13.17
C MET J 75 66.88 27.41 -14.44
N PHE J 76 65.74 26.74 -14.39
CA PHE J 76 65.26 25.85 -15.46
C PHE J 76 63.87 26.29 -15.82
N GLY J 77 63.68 26.71 -17.06
CA GLY J 77 62.35 27.13 -17.52
C GLY J 77 61.79 26.15 -18.55
N THR J 78 60.62 25.62 -18.27
CA THR J 78 59.93 24.78 -19.25
C THR J 78 58.70 25.49 -19.81
N CYS J 79 58.79 25.92 -21.07
CA CYS J 79 57.68 26.51 -21.84
C CYS J 79 57.22 27.88 -21.27
N ALA J 80 56.12 27.97 -20.52
CA ALA J 80 55.85 29.24 -19.78
C ALA J 80 57.12 29.69 -19.08
N GLY J 81 57.77 28.74 -18.41
CA GLY J 81 59.01 29.01 -17.67
C GLY J 81 60.15 29.51 -18.55
N LEU J 82 60.26 28.92 -19.73
CA LEU J 82 61.16 29.40 -20.77
C LEU J 82 60.82 30.85 -21.13
N ILE J 83 59.53 31.10 -21.37
CA ILE J 83 59.03 32.43 -21.67
C ILE J 83 59.42 33.46 -20.60
N ILE J 84 59.29 33.09 -19.33
CA ILE J 84 59.65 33.95 -18.20
C ILE J 84 61.15 34.30 -18.21
N LEU J 85 61.95 33.33 -18.61
CA LEU J 85 63.40 33.48 -18.60
C LEU J 85 63.89 34.34 -19.77
N ALA J 86 63.12 34.36 -20.86
CA ALA J 86 63.58 34.85 -22.16
C ALA J 86 63.94 36.30 -22.14
N LYS J 87 65.04 36.63 -22.81
CA LYS J 87 65.46 38.01 -22.99
C LYS J 87 64.41 38.84 -23.69
N GLU J 88 63.78 38.27 -24.71
CA GLU J 88 62.82 38.99 -25.55
C GLU J 88 61.64 38.13 -26.01
N ILE J 89 60.46 38.74 -26.02
CA ILE J 89 59.24 38.11 -26.53
C ILE J 89 58.76 38.81 -27.82
N ALA J 90 58.72 38.07 -28.93
CA ALA J 90 58.28 38.65 -30.20
C ALA J 90 56.91 39.32 -30.02
N GLY J 91 56.80 40.55 -30.48
CA GLY J 91 55.55 41.30 -30.43
C GLY J 91 55.20 41.91 -29.09
N SER J 92 56.13 41.86 -28.15
CA SER J 92 55.90 42.45 -26.83
C SER J 92 57.07 43.32 -26.46
N ASP J 93 56.76 44.43 -25.81
CA ASP J 93 57.78 45.33 -25.25
C ASP J 93 57.86 45.17 -23.75
N ASN J 94 57.36 44.03 -23.24
CA ASN J 94 57.37 43.77 -21.82
C ASN J 94 57.86 42.36 -21.50
N PRO J 95 59.15 42.12 -21.67
CA PRO J 95 59.69 40.82 -21.32
C PRO J 95 59.78 40.64 -19.80
N HIS J 96 59.98 39.41 -19.36
CA HIS J 96 59.88 39.05 -17.95
C HIS J 96 61.27 39.12 -17.27
N LEU J 97 61.88 37.99 -16.93
CA LEU J 97 63.16 38.04 -16.18
C LEU J 97 64.30 38.51 -17.07
N GLY J 98 64.27 38.11 -18.33
CA GLY J 98 65.27 38.56 -19.31
C GLY J 98 66.67 38.01 -19.12
N LEU J 99 66.80 36.85 -18.49
CA LEU J 99 68.12 36.31 -18.15
C LEU J 99 68.71 35.36 -19.21
N LEU J 100 67.85 34.75 -20.02
CA LEU J 100 68.29 33.83 -21.05
C LEU J 100 68.24 34.49 -22.42
N ASN J 101 69.35 34.38 -23.12
CA ASN J 101 69.60 35.17 -24.30
C ASN J 101 68.98 34.56 -25.55
N VAL J 102 67.66 34.57 -25.56
CA VAL J 102 66.87 34.07 -26.68
C VAL J 102 65.75 35.03 -26.96
N VAL J 103 65.24 34.92 -28.17
CA VAL J 103 63.99 35.54 -28.56
C VAL J 103 62.99 34.40 -28.71
N VAL J 104 61.83 34.59 -28.12
CA VAL J 104 60.82 33.57 -28.04
C VAL J 104 59.56 34.14 -28.67
N GLU J 105 58.86 33.34 -29.47
CA GLU J 105 57.54 33.69 -30.00
C GLU J 105 56.51 32.80 -29.33
N ARG J 106 55.59 33.42 -28.60
CA ARG J 106 54.54 32.66 -27.90
C ARG J 106 53.48 32.08 -28.84
N ASN J 107 52.96 30.89 -28.48
CA ASN J 107 51.83 30.27 -29.18
C ASN J 107 52.06 30.04 -30.66
N SER J 108 53.24 29.52 -30.98
CA SER J 108 53.73 29.53 -32.34
C SER J 108 53.08 28.50 -33.23
N PHE J 109 52.62 27.40 -32.64
CA PHE J 109 52.05 26.31 -33.42
C PHE J 109 50.56 26.49 -33.68
N GLY J 110 49.97 27.49 -33.04
CA GLY J 110 48.55 27.77 -33.17
C GLY J 110 47.86 27.71 -31.81
N ARG J 111 47.05 26.69 -31.61
CA ARG J 111 46.29 26.55 -30.37
C ARG J 111 46.35 25.10 -29.90
N GLN J 112 45.51 24.74 -28.93
CA GLN J 112 45.65 23.44 -28.32
C GLN J 112 45.51 22.29 -29.32
N VAL J 113 44.66 22.41 -30.36
CA VAL J 113 44.50 21.33 -31.31
C VAL J 113 45.80 21.01 -32.07
N ASP J 114 46.70 21.98 -32.10
CA ASP J 114 48.00 21.86 -32.76
C ASP J 114 49.06 21.32 -31.81
N SER J 115 48.75 21.23 -30.52
CA SER J 115 49.70 20.62 -29.58
C SER J 115 50.01 19.18 -30.03
N PHE J 116 51.25 18.77 -29.83
CA PHE J 116 51.71 17.53 -30.35
C PHE J 116 52.80 16.93 -29.48
N GLU J 117 53.10 15.65 -29.70
CA GLU J 117 54.30 15.06 -29.15
C GLU J 117 55.19 14.60 -30.30
N ALA J 118 56.50 14.68 -30.11
CA ALA J 118 57.50 14.25 -31.10
C ALA J 118 58.72 13.75 -30.37
N ASP J 119 59.36 12.72 -30.90
CA ASP J 119 60.67 12.33 -30.39
C ASP J 119 61.82 13.28 -30.74
N LEU J 120 62.61 13.61 -29.70
CA LEU J 120 63.71 14.53 -29.79
C LEU J 120 65.04 13.86 -29.51
N THR J 121 66.07 14.36 -30.17
CA THR J 121 67.41 14.04 -29.80
C THR J 121 67.93 15.24 -29.04
N ILE J 122 68.39 14.98 -27.82
CA ILE J 122 68.86 16.02 -26.94
C ILE J 122 70.30 15.71 -26.56
N LYS J 123 71.14 16.71 -26.74
CA LYS J 123 72.55 16.62 -26.41
C LYS J 123 72.72 16.26 -24.94
N GLY J 124 73.24 15.06 -24.69
CA GLY J 124 73.48 14.56 -23.34
C GLY J 124 72.66 13.33 -22.97
N LEU J 125 71.74 12.93 -23.84
CA LEU J 125 70.96 11.71 -23.66
C LEU J 125 71.22 10.77 -24.84
N ASP J 126 71.26 9.46 -24.59
CA ASP J 126 71.42 8.47 -25.67
C ASP J 126 70.11 8.30 -26.46
N GLU J 127 69.16 7.59 -25.88
CA GLU J 127 67.86 7.35 -26.53
C GLU J 127 67.09 8.65 -26.75
N PRO J 128 66.24 8.69 -27.79
CA PRO J 128 65.39 9.89 -27.96
C PRO J 128 64.49 10.12 -26.76
N PHE J 129 64.10 11.37 -26.59
CA PHE J 129 63.25 11.86 -25.51
C PHE J 129 61.96 12.35 -26.12
N THR J 130 60.83 11.99 -25.55
CA THR J 130 59.55 12.42 -26.10
C THR J 130 59.19 13.82 -25.66
N GLY J 131 59.32 14.78 -26.58
CA GLY J 131 58.91 16.15 -26.33
C GLY J 131 57.40 16.27 -26.45
N VAL J 132 56.77 16.79 -25.39
CA VAL J 132 55.33 17.07 -25.36
C VAL J 132 55.18 18.57 -25.40
N PHE J 133 54.59 19.06 -26.49
CA PHE J 133 54.55 20.47 -26.85
C PHE J 133 53.14 20.99 -26.74
N ILE J 134 52.85 21.65 -25.63
CA ILE J 134 51.51 22.11 -25.27
C ILE J 134 51.42 23.63 -25.42
N ARG J 135 50.74 24.10 -26.47
CA ARG J 135 50.66 25.55 -26.76
C ARG J 135 52.02 26.20 -26.56
N ALA J 136 52.97 25.59 -27.25
CA ALA J 136 54.38 25.88 -27.14
C ALA J 136 54.76 27.08 -27.98
N PRO J 137 55.82 27.79 -27.56
CA PRO J 137 56.43 28.86 -28.31
C PRO J 137 57.54 28.33 -29.21
N HIS J 138 57.98 29.13 -30.18
CA HIS J 138 59.26 28.87 -30.85
C HIS J 138 60.35 29.65 -30.12
N ILE J 139 61.55 29.11 -30.13
CA ILE J 139 62.73 29.90 -29.79
C ILE J 139 63.26 30.39 -31.12
N LEU J 140 63.00 31.65 -31.47
CA LEU J 140 63.29 32.17 -32.80
C LEU J 140 64.78 32.36 -33.03
N GLU J 141 65.47 32.84 -32.00
CA GLU J 141 66.90 32.91 -32.05
C GLU J 141 67.52 32.83 -30.68
N ALA J 142 68.77 32.38 -30.67
CA ALA J 142 69.62 32.25 -29.49
C ALA J 142 70.97 32.93 -29.76
N GLY J 143 71.40 33.78 -28.83
CA GLY J 143 72.74 34.36 -28.84
C GLY J 143 73.91 33.38 -28.86
N GLU J 144 75.10 33.93 -29.07
CA GLU J 144 76.31 33.11 -29.19
C GLU J 144 76.76 32.50 -27.86
N ASN J 145 76.28 33.05 -26.75
CA ASN J 145 76.52 32.43 -25.45
C ASN J 145 75.54 31.28 -25.10
N VAL J 146 74.63 30.97 -26.01
CA VAL J 146 73.65 29.92 -25.78
C VAL J 146 74.03 28.67 -26.53
N GLU J 147 74.13 27.56 -25.81
CA GLU J 147 74.33 26.25 -26.39
C GLU J 147 72.98 25.64 -26.76
N VAL J 148 72.88 25.17 -28.00
CA VAL J 148 71.67 24.52 -28.47
C VAL J 148 71.76 23.06 -28.06
N LEU J 149 70.76 22.59 -27.31
CA LEU J 149 70.77 21.21 -26.85
C LEU J 149 69.93 20.31 -27.72
N SER J 150 68.96 20.89 -28.44
CA SER J 150 68.01 20.11 -29.23
C SER J 150 67.28 20.98 -30.23
N GLU J 151 66.95 20.42 -31.38
CA GLU J 151 66.13 21.17 -32.29
C GLU J 151 65.09 20.25 -32.94
N HIS J 152 64.01 20.84 -33.40
CA HIS J 152 62.91 20.09 -34.01
C HIS J 152 62.42 20.89 -35.20
N ASN J 153 62.32 20.23 -36.35
CA ASN J 153 62.01 20.94 -37.59
C ASN J 153 62.88 22.20 -37.80
N GLY J 154 64.16 22.07 -37.45
CA GLY J 154 65.14 23.13 -37.68
C GLY J 154 65.07 24.32 -36.76
N ARG J 155 64.29 24.18 -35.69
CA ARG J 155 64.11 25.24 -34.72
C ARG J 155 64.65 24.73 -33.40
N ILE J 156 65.24 25.63 -32.64
CA ILE J 156 65.77 25.31 -31.33
C ILE J 156 64.65 25.04 -30.35
N VAL J 157 64.71 23.90 -29.66
CA VAL J 157 63.69 23.59 -28.68
C VAL J 157 64.22 23.37 -27.27
N ALA J 158 65.56 23.30 -27.13
CA ALA J 158 66.20 23.18 -25.83
C ALA J 158 67.56 23.86 -25.85
N ALA J 159 67.81 24.72 -24.87
CA ALA J 159 68.99 25.57 -24.85
C ALA J 159 69.59 25.68 -23.45
N LYS J 160 70.89 25.96 -23.40
CA LYS J 160 71.62 26.09 -22.16
C LYS J 160 72.58 27.27 -22.24
N GLN J 161 72.64 28.02 -21.16
CA GLN J 161 73.47 29.20 -21.06
C GLN J 161 73.94 29.30 -19.61
N GLY J 162 75.16 28.86 -19.37
CA GLY J 162 75.72 28.85 -18.01
C GLY J 162 74.83 28.13 -16.99
N GLN J 163 74.29 28.92 -16.06
CA GLN J 163 73.41 28.44 -14.99
C GLN J 163 71.95 28.21 -15.41
N PHE J 164 71.65 28.56 -16.67
CA PHE J 164 70.29 28.58 -17.19
C PHE J 164 70.00 27.43 -18.15
N LEU J 165 68.87 26.75 -17.91
CA LEU J 165 68.39 25.72 -18.83
C LEU J 165 66.98 26.10 -19.26
N GLY J 166 66.67 25.93 -20.55
CA GLY J 166 65.39 26.33 -21.11
C GLY J 166 64.91 25.31 -22.12
N CYS J 167 63.62 24.99 -22.11
CA CYS J 167 63.05 24.24 -23.20
C CYS J 167 61.64 24.66 -23.48
N SER J 168 61.24 24.52 -24.74
CA SER J 168 59.95 24.97 -25.22
C SER J 168 58.86 23.90 -25.10
N PHE J 169 59.26 22.67 -24.75
CA PHE J 169 58.36 21.57 -24.45
C PHE J 169 58.31 21.30 -22.92
N ASN J 170 57.45 20.38 -22.50
CA ASN J 170 57.32 20.03 -21.09
C ASN J 170 57.78 18.61 -20.76
N PRO J 171 59.05 18.45 -20.38
CA PRO J 171 59.56 17.10 -20.07
C PRO J 171 58.89 16.47 -18.84
N GLU J 172 58.44 17.30 -17.94
CA GLU J 172 57.77 16.87 -16.71
C GLU J 172 56.39 16.21 -16.95
N LEU J 173 55.89 16.27 -18.18
CA LEU J 173 54.67 15.54 -18.54
C LEU J 173 54.95 14.08 -18.93
N THR J 174 56.19 13.66 -18.90
CA THR J 174 56.54 12.30 -19.24
C THR J 174 57.04 11.67 -17.96
N GLU J 175 57.25 10.36 -17.98
CA GLU J 175 57.90 9.67 -16.86
C GLU J 175 59.39 9.46 -17.12
N ASP J 176 59.92 10.25 -18.06
CA ASP J 176 61.32 10.21 -18.45
C ASP J 176 61.99 11.42 -17.82
N HIS J 177 62.83 11.17 -16.82
CA HIS J 177 63.36 12.21 -15.94
C HIS J 177 64.77 12.69 -16.30
N ARG J 178 65.22 12.35 -17.51
CA ARG J 178 66.59 12.64 -17.95
C ARG J 178 66.87 14.11 -18.23
N VAL J 179 65.86 14.93 -18.52
CA VAL J 179 66.11 16.36 -18.71
C VAL J 179 66.22 17.03 -17.34
N THR J 180 65.36 16.63 -16.41
CA THR J 180 65.43 17.12 -15.05
C THR J 180 66.78 16.71 -14.47
N GLN J 181 67.21 15.49 -14.76
CA GLN J 181 68.55 15.04 -14.38
C GLN J 181 69.65 15.97 -14.86
N LEU J 182 69.58 16.44 -16.12
CA LEU J 182 70.54 17.44 -16.58
C LEU J 182 70.53 18.67 -15.69
N PHE J 183 69.34 19.09 -15.27
CA PHE J 183 69.26 20.25 -14.41
C PHE J 183 69.84 19.94 -13.03
N VAL J 184 69.51 18.77 -12.50
CA VAL J 184 70.05 18.32 -11.21
C VAL J 184 71.59 18.32 -11.20
N GLU J 185 72.18 17.96 -12.33
CA GLU J 185 73.62 17.99 -12.50
C GLU J 185 74.18 19.43 -12.53
N MET J 186 73.43 20.38 -13.08
CA MET J 186 73.81 21.79 -13.02
C MET J 186 73.77 22.33 -11.58
N VAL J 187 72.73 21.96 -10.84
CA VAL J 187 72.56 22.46 -9.48
C VAL J 187 73.66 21.88 -8.59
N GLU J 188 73.92 20.59 -8.81
CA GLU J 188 75.02 19.86 -8.18
C GLU J 188 76.35 20.58 -8.35
N GLU J 189 76.68 20.85 -9.61
CA GLU J 189 77.89 21.56 -9.98
C GLU J 189 77.95 22.87 -9.21
N TYR J 190 76.87 23.64 -9.28
CA TYR J 190 76.83 24.93 -8.59
C TYR J 190 77.08 24.79 -7.10
N LYS J 191 76.51 23.75 -6.50
CA LYS J 191 76.59 23.60 -5.05
C LYS J 191 77.97 23.12 -4.57
N GLN J 192 78.81 22.66 -5.51
CA GLN J 192 80.24 22.59 -5.29
C GLN J 192 80.81 23.96 -5.00
N LYS J 193 81.08 24.74 -6.04
CA LYS J 193 81.68 26.07 -5.88
C LYS J 193 81.15 26.74 -4.60
N ALA J 194 79.82 26.71 -4.45
CA ALA J 194 79.10 27.37 -3.35
C ALA J 194 79.60 27.02 -1.93
N LEU J 195 79.47 25.76 -1.52
CA LEU J 195 79.85 25.33 -0.15
C LEU J 195 81.35 25.49 0.09
N VAL J 196 82.12 25.55 -0.99
CA VAL J 196 83.57 25.63 -0.91
C VAL J 196 84.13 27.08 -1.06
N ALA K 2 54.60 29.67 27.81
CA ALA K 2 53.11 29.79 27.84
C ALA K 2 52.51 28.87 26.72
N GLN K 3 51.31 28.31 26.95
CA GLN K 3 50.60 27.51 25.92
C GLN K 3 49.29 28.17 25.56
N THR K 4 49.10 28.49 24.29
CA THR K 4 47.81 28.96 23.77
C THR K 4 46.98 27.78 23.22
N GLY K 5 45.69 28.01 23.02
CA GLY K 5 44.84 27.06 22.28
C GLY K 5 44.51 25.76 23.00
N THR K 6 44.72 25.69 24.31
CA THR K 6 44.42 24.47 25.05
C THR K 6 42.91 24.39 25.25
N GLU K 7 42.41 23.18 25.45
CA GLU K 7 41.01 22.94 25.67
C GLU K 7 40.50 23.78 26.85
N ARG K 8 41.30 23.84 27.89
CA ARG K 8 40.96 24.61 29.09
C ARG K 8 40.83 26.11 28.81
N VAL K 9 41.73 26.64 27.98
CA VAL K 9 41.70 28.04 27.58
C VAL K 9 40.50 28.34 26.67
N LYS K 10 40.20 27.43 25.76
CA LYS K 10 39.09 27.58 24.84
C LYS K 10 37.74 27.59 25.57
N ARG K 11 37.53 26.57 26.40
CA ARG K 11 36.38 26.46 27.22
C ARG K 11 36.33 27.52 28.32
N GLY K 12 37.50 27.92 28.83
CA GLY K 12 37.58 28.91 29.88
C GLY K 12 36.96 30.22 29.50
N MET K 13 37.15 30.60 28.25
CA MET K 13 36.56 31.81 27.72
C MET K 13 35.04 31.74 27.81
N ALA K 14 34.49 30.58 27.48
CA ALA K 14 33.04 30.36 27.53
C ALA K 14 32.58 30.43 28.99
N GLU K 15 33.35 29.82 29.90
CA GLU K 15 32.99 29.87 31.32
C GLU K 15 32.92 31.31 31.79
N MET K 16 33.79 32.17 31.28
CA MET K 16 33.78 33.57 31.66
C MET K 16 32.62 34.36 31.05
N GLN K 17 31.81 33.73 30.20
CA GLN K 17 30.68 34.41 29.60
C GLN K 17 29.40 34.13 30.35
N LYS K 18 29.43 33.19 31.28
CA LYS K 18 28.20 32.73 31.95
C LYS K 18 27.42 33.86 32.61
N GLY K 19 26.12 33.70 32.62
CA GLY K 19 25.23 34.69 33.27
C GLY K 19 25.01 35.92 32.45
N GLY K 20 25.55 35.92 31.23
CA GLY K 20 25.50 37.08 30.40
C GLY K 20 24.71 36.95 29.12
N VAL K 21 24.57 38.10 28.45
CA VAL K 21 23.87 38.23 27.20
C VAL K 21 24.85 38.61 26.06
N ILE K 22 24.74 37.90 24.96
CA ILE K 22 25.53 38.17 23.76
C ILE K 22 24.54 38.73 22.75
N MET K 23 24.84 39.90 22.20
CA MET K 23 23.93 40.61 21.31
C MET K 23 24.42 40.64 19.87
N ASP K 24 23.54 40.36 18.93
CA ASP K 24 23.83 40.50 17.52
C ASP K 24 23.89 41.98 17.17
N VAL K 25 24.90 42.38 16.41
CA VAL K 25 25.08 43.79 16.04
C VAL K 25 25.62 43.89 14.62
N ILE K 26 25.23 44.94 13.89
CA ILE K 26 25.65 45.08 12.49
C ILE K 26 26.65 46.20 12.23
N ASN K 27 26.94 47.02 13.24
CA ASN K 27 27.90 48.11 13.13
C ASN K 27 28.47 48.48 14.50
N ALA K 28 29.42 49.42 14.48
CA ALA K 28 30.13 49.90 15.66
C ALA K 28 29.21 50.53 16.68
N GLU K 29 28.17 51.23 16.21
CA GLU K 29 27.30 51.97 17.10
C GLU K 29 26.46 51.01 17.92
N GLN K 30 25.94 49.97 17.25
CA GLN K 30 25.21 48.91 17.92
C GLN K 30 26.10 48.15 18.91
N ALA K 31 27.33 47.85 18.51
CA ALA K 31 28.30 47.26 19.43
C ALA K 31 28.45 48.08 20.72
N LYS K 32 28.72 49.38 20.58
CA LYS K 32 28.87 50.26 21.74
C LYS K 32 27.63 50.26 22.64
N ILE K 33 26.44 50.29 22.05
CA ILE K 33 25.19 50.23 22.80
C ILE K 33 25.08 48.92 23.58
N ALA K 34 25.36 47.79 22.91
CA ALA K 34 25.41 46.49 23.59
C ALA K 34 26.35 46.51 24.78
N GLU K 35 27.56 47.02 24.58
CA GLU K 35 28.56 47.04 25.64
C GLU K 35 28.10 47.91 26.80
N GLU K 36 27.48 49.04 26.47
CA GLU K 36 26.97 49.97 27.50
C GLU K 36 25.76 49.42 28.25
N ALA K 37 25.02 48.50 27.62
CA ALA K 37 23.89 47.85 28.26
C ALA K 37 24.35 46.72 29.20
N GLY K 38 25.62 46.36 29.14
CA GLY K 38 26.14 45.24 29.94
C GLY K 38 26.27 43.89 29.20
N ALA K 39 26.18 43.91 27.88
CA ALA K 39 26.38 42.68 27.10
C ALA K 39 27.77 42.15 27.43
N VAL K 40 27.90 40.82 27.49
CA VAL K 40 29.21 40.18 27.73
C VAL K 40 30.03 39.95 26.47
N ALA K 41 29.37 39.99 25.31
CA ALA K 41 30.03 39.86 24.00
C ALA K 41 29.07 40.40 22.95
N VAL K 42 29.57 40.70 21.77
CA VAL K 42 28.72 40.96 20.63
C VAL K 42 29.02 39.97 19.50
N MET K 43 28.01 39.71 18.68
CA MET K 43 28.12 38.86 17.49
C MET K 43 27.99 39.78 16.29
N ALA K 44 29.11 39.99 15.62
CA ALA K 44 29.19 40.89 14.49
C ALA K 44 28.56 40.20 13.26
N LEU K 45 27.56 40.86 12.67
CA LEU K 45 26.88 40.41 11.46
C LEU K 45 26.95 41.49 10.40
N GLU K 46 26.82 41.08 9.15
CA GLU K 46 26.82 42.03 8.03
C GLU K 46 25.39 42.49 7.82
N ARG K 47 24.53 41.53 7.50
CA ARG K 47 23.10 41.76 7.49
C ARG K 47 22.57 40.66 8.38
N VAL K 48 21.29 40.72 8.76
CA VAL K 48 20.69 39.62 9.50
C VAL K 48 20.52 38.39 8.59
N PRO K 49 21.19 37.27 8.95
CA PRO K 49 21.12 36.01 8.20
C PRO K 49 19.72 35.62 7.76
N ALA K 50 18.77 35.70 8.70
CA ALA K 50 17.35 35.38 8.44
C ALA K 50 16.82 35.89 7.10
N ASP K 51 16.97 37.20 6.88
CA ASP K 51 16.34 37.86 5.73
C ASP K 51 17.21 37.91 4.49
N ILE K 52 18.46 37.44 4.62
CA ILE K 52 19.23 37.05 3.43
C ILE K 52 18.55 35.80 2.85
N ARG K 53 18.32 34.82 3.72
CA ARG K 53 17.75 33.55 3.29
C ARG K 53 16.26 33.67 2.97
N ALA K 54 15.53 34.48 3.76
CA ALA K 54 14.18 34.89 3.39
C ALA K 54 14.18 35.42 1.96
N ALA K 55 15.05 36.39 1.68
CA ALA K 55 15.26 36.88 0.31
C ALA K 55 15.87 35.82 -0.64
N GLY K 56 15.95 34.57 -0.20
CA GLY K 56 16.46 33.45 -1.02
C GLY K 56 17.97 33.39 -1.25
N GLY K 57 18.69 34.40 -0.79
CA GLY K 57 20.12 34.50 -1.06
C GLY K 57 20.98 33.54 -0.24
N VAL K 58 22.28 33.67 -0.38
CA VAL K 58 23.23 32.81 0.32
C VAL K 58 23.80 33.64 1.44
N ALA K 59 23.70 33.14 2.66
CA ALA K 59 24.26 33.84 3.83
C ALA K 59 25.68 33.36 4.13
N ARG K 60 26.65 34.27 4.05
CA ARG K 60 28.07 33.91 4.13
C ARG K 60 28.71 34.57 5.33
N MET K 61 29.99 34.31 5.56
CA MET K 61 30.76 35.08 6.51
C MET K 61 30.55 36.60 6.22
N ALA K 62 30.55 37.40 7.28
CA ALA K 62 30.50 38.85 7.13
C ALA K 62 31.75 39.38 6.45
N ASP K 63 31.57 40.46 5.74
CA ASP K 63 32.68 41.29 5.26
C ASP K 63 33.61 41.55 6.45
N PRO K 64 34.86 41.13 6.34
CA PRO K 64 35.80 41.38 7.43
C PRO K 64 35.87 42.85 7.86
N THR K 65 35.61 43.79 6.94
CA THR K 65 35.58 45.22 7.27
C THR K 65 34.63 45.52 8.42
N ILE K 66 33.43 44.94 8.36
CA ILE K 66 32.43 45.11 9.40
C ILE K 66 32.85 44.51 10.75
N VAL K 67 33.49 43.34 10.69
CA VAL K 67 33.95 42.65 11.87
C VAL K 67 35.04 43.48 12.59
N GLU K 68 35.96 44.01 11.80
CA GLU K 68 37.00 44.88 12.31
C GLU K 68 36.41 46.12 12.94
N GLU K 69 35.42 46.72 12.28
CA GLU K 69 34.68 47.87 12.81
C GLU K 69 34.14 47.57 14.21
N VAL K 70 33.44 46.44 14.34
CA VAL K 70 32.90 46.06 15.64
C VAL K 70 34.04 45.84 16.64
N MET K 71 35.06 45.10 16.26
CA MET K 71 36.19 44.85 17.17
C MET K 71 36.85 46.11 17.71
N ASN K 72 36.92 47.16 16.90
CA ASN K 72 37.59 48.38 17.32
C ASN K 72 36.67 49.27 18.17
N ALA K 73 35.36 49.02 18.09
CA ALA K 73 34.37 49.84 18.80
C ALA K 73 34.20 49.45 20.28
N VAL K 74 34.52 48.21 20.64
CA VAL K 74 34.23 47.72 22.01
C VAL K 74 35.44 47.07 22.63
N SER K 75 35.41 46.92 23.94
CA SER K 75 36.46 46.20 24.66
C SER K 75 35.99 44.78 25.17
N ILE K 76 34.72 44.45 24.96
CA ILE K 76 34.19 43.10 25.22
C ILE K 76 34.53 42.14 24.06
N PRO K 77 34.45 40.81 24.30
CA PRO K 77 34.73 39.88 23.20
C PRO K 77 33.82 40.04 21.96
N VAL K 78 34.38 39.75 20.80
CA VAL K 78 33.62 39.86 19.56
C VAL K 78 33.56 38.48 18.92
N MET K 79 32.33 37.99 18.70
CA MET K 79 32.11 36.77 17.93
C MET K 79 31.66 37.07 16.49
N ALA K 80 31.81 36.06 15.65
CA ALA K 80 31.40 36.11 14.24
C ALA K 80 31.09 34.70 13.73
N LYS K 81 30.28 34.65 12.65
CA LYS K 81 29.77 33.38 12.14
C LYS K 81 30.55 32.90 10.94
N ALA K 82 30.72 31.59 10.87
CA ALA K 82 31.24 30.92 9.70
C ALA K 82 30.22 29.86 9.23
N ARG K 83 30.09 29.69 7.92
CA ARG K 83 29.22 28.64 7.40
C ARG K 83 29.75 27.29 7.82
N ILE K 84 28.81 26.35 8.04
CA ILE K 84 29.16 25.03 8.48
C ILE K 84 30.10 24.45 7.45
N GLY K 85 31.25 23.98 7.93
CA GLY K 85 32.18 23.25 7.05
C GLY K 85 33.07 24.21 6.27
N HIS K 86 32.88 25.51 6.41
CA HIS K 86 33.70 26.45 5.63
C HIS K 86 35.05 26.69 6.29
N ILE K 87 35.98 25.81 6.00
CA ILE K 87 37.33 25.84 6.60
C ILE K 87 37.98 27.24 6.49
N VAL K 88 37.90 27.85 5.31
CA VAL K 88 38.63 29.10 5.08
C VAL K 88 37.96 30.29 5.75
N GLU K 89 36.64 30.40 5.65
CA GLU K 89 35.96 31.43 6.43
C GLU K 89 36.39 31.35 7.90
N ALA K 90 36.43 30.14 8.47
CA ALA K 90 36.79 29.99 9.89
C ALA K 90 38.25 30.41 10.17
N ARG K 91 39.17 29.99 9.29
CA ARG K 91 40.59 30.33 9.43
C ARG K 91 40.86 31.83 9.23
N VAL K 92 40.06 32.46 8.37
CA VAL K 92 40.08 33.92 8.18
C VAL K 92 39.59 34.65 9.44
N LEU K 93 38.47 34.21 10.01
CA LEU K 93 37.99 34.80 11.25
C LEU K 93 39.03 34.67 12.38
N GLU K 94 39.64 33.50 12.48
CA GLU K 94 40.69 33.29 13.42
C GLU K 94 41.86 34.26 13.19
N ALA K 95 42.35 34.40 11.96
CA ALA K 95 43.48 35.27 11.65
C ALA K 95 43.14 36.72 11.96
N MET K 96 41.86 37.08 11.88
CA MET K 96 41.42 38.41 12.23
C MET K 96 41.40 38.65 13.74
N GLY K 97 41.50 37.60 14.55
CA GLY K 97 41.48 37.75 16.01
C GLY K 97 40.13 37.75 16.67
N VAL K 98 39.10 37.38 15.92
CA VAL K 98 37.76 37.15 16.46
C VAL K 98 37.87 36.21 17.69
N ASP K 99 37.09 36.45 18.74
CA ASP K 99 37.30 35.78 20.02
C ASP K 99 36.61 34.41 20.15
N TYR K 100 35.53 34.23 19.41
CA TYR K 100 34.74 32.99 19.37
C TYR K 100 34.08 32.91 17.99
N ILE K 101 34.18 31.76 17.35
CA ILE K 101 33.51 31.51 16.09
C ILE K 101 32.25 30.64 16.28
N ASP K 102 31.13 31.11 15.76
CA ASP K 102 29.88 30.37 15.71
C ASP K 102 29.82 29.68 14.36
N GLU K 103 30.03 28.37 14.38
CA GLU K 103 29.89 27.54 13.18
C GLU K 103 28.38 27.39 13.03
N SER K 104 27.77 28.24 12.22
CA SER K 104 26.34 28.52 12.36
C SER K 104 25.42 27.96 11.31
N GLU K 105 24.41 27.21 11.76
CA GLU K 105 23.35 26.69 10.89
C GLU K 105 22.44 27.77 10.29
N VAL K 106 22.48 28.99 10.83
CA VAL K 106 21.72 30.11 10.27
C VAL K 106 22.41 30.77 9.06
N LEU K 107 23.71 30.60 8.88
CA LEU K 107 24.30 30.89 7.57
C LEU K 107 24.01 29.67 6.70
N THR K 108 24.21 29.83 5.39
CA THR K 108 23.97 28.79 4.41
C THR K 108 25.10 27.74 4.49
N PRO K 109 24.80 26.50 4.89
CA PRO K 109 25.91 25.56 5.09
C PRO K 109 26.81 25.43 3.85
N ALA K 110 28.12 25.39 4.05
CA ALA K 110 29.09 25.17 2.94
C ALA K 110 29.37 23.67 2.75
N ASP K 111 29.19 22.90 3.83
CA ASP K 111 29.40 21.43 3.79
C ASP K 111 28.21 20.83 4.50
N GLU K 112 27.36 20.13 3.75
CA GLU K 112 26.17 19.52 4.33
C GLU K 112 26.42 18.12 4.89
N GLU K 113 27.66 17.63 4.82
CA GLU K 113 27.94 16.37 5.48
C GLU K 113 29.01 16.32 6.53
N PHE K 114 29.86 17.34 6.55
CA PHE K 114 30.95 17.40 7.45
C PHE K 114 31.06 18.79 8.09
N HIS K 115 30.99 18.84 9.41
CA HIS K 115 31.32 20.07 10.14
C HIS K 115 32.84 20.28 10.24
N LEU K 116 33.23 21.45 10.71
CA LEU K 116 34.63 21.80 10.86
C LEU K 116 35.28 20.91 11.92
N ASN K 117 36.51 20.50 11.63
CA ASN K 117 37.38 19.91 12.62
C ASN K 117 37.95 21.01 13.53
N LYS K 118 37.12 21.44 14.46
CA LYS K 118 37.38 22.58 15.33
C LYS K 118 38.54 22.34 16.31
N ASN K 119 38.85 21.06 16.55
CA ASN K 119 40.02 20.66 17.32
C ASN K 119 41.33 21.26 16.80
N GLU K 120 41.43 21.40 15.50
CA GLU K 120 42.66 21.85 14.88
C GLU K 120 42.89 23.35 14.95
N TYR K 121 41.98 24.12 15.54
CA TYR K 121 42.08 25.57 15.56
C TYR K 121 42.55 26.01 16.93
N THR K 122 43.04 27.23 17.00
CA THR K 122 43.39 27.91 18.26
C THR K 122 42.21 28.68 18.81
N VAL K 123 41.52 29.39 17.93
CA VAL K 123 40.29 30.09 18.37
C VAL K 123 39.22 29.08 18.75
N PRO K 124 38.43 29.37 19.81
CA PRO K 124 37.31 28.44 20.12
C PRO K 124 36.04 28.66 19.31
N PHE K 125 35.20 27.61 19.26
CA PHE K 125 33.98 27.60 18.54
C PHE K 125 32.78 27.33 19.42
N VAL K 126 31.68 28.02 19.12
CA VAL K 126 30.36 27.63 19.59
C VAL K 126 29.57 27.02 18.47
N CYS K 127 28.79 25.98 18.81
CA CYS K 127 27.94 25.29 17.87
C CYS K 127 26.53 25.10 18.41
N GLY K 128 25.56 24.99 17.51
CA GLY K 128 24.19 24.71 17.84
C GLY K 128 23.93 23.22 18.15
N CYS K 129 22.90 22.94 18.94
CA CYS K 129 22.39 21.55 19.13
C CYS K 129 20.95 21.54 19.57
N ARG K 130 20.29 20.42 19.28
CA ARG K 130 18.88 20.17 19.70
C ARG K 130 18.70 19.08 20.73
N ASP K 131 19.75 18.29 20.95
CA ASP K 131 19.71 17.14 21.86
CA ASP K 131 19.72 17.13 21.83
C ASP K 131 21.13 16.76 22.23
N LEU K 132 21.26 15.82 23.18
CA LEU K 132 22.55 15.48 23.74
C LEU K 132 23.48 14.77 22.75
N GLY K 133 22.92 13.98 21.86
CA GLY K 133 23.73 13.28 20.86
C GLY K 133 24.42 14.31 20.00
N GLU K 134 23.63 15.24 19.49
CA GLU K 134 24.15 16.30 18.63
C GLU K 134 25.18 17.15 19.39
N ALA K 135 24.84 17.53 20.63
CA ALA K 135 25.74 18.27 21.52
C ALA K 135 27.08 17.57 21.62
N THR K 136 27.05 16.25 21.91
CA THR K 136 28.29 15.52 22.12
C THR K 136 29.08 15.27 20.82
N ARG K 137 28.42 15.21 19.66
CA ARG K 137 29.16 15.14 18.38
C ARG K 137 29.90 16.45 18.11
N ARG K 138 29.25 17.58 18.33
CA ARG K 138 29.93 18.87 18.22
C ARG K 138 31.14 19.06 19.17
N ILE K 139 30.98 18.70 20.44
CA ILE K 139 32.07 18.70 21.41
C ILE K 139 33.21 17.84 20.91
N ALA K 140 32.91 16.65 20.43
CA ALA K 140 33.96 15.71 20.02
C ALA K 140 34.75 16.28 18.82
N GLU K 141 34.05 17.00 17.94
CA GLU K 141 34.67 17.67 16.79
C GLU K 141 35.48 18.89 17.22
N GLY K 142 35.34 19.31 18.49
CA GLY K 142 36.15 20.38 19.04
C GLY K 142 35.42 21.62 19.50
N ALA K 143 34.10 21.61 19.44
CA ALA K 143 33.30 22.73 20.02
C ALA K 143 33.62 22.95 21.50
N SER K 144 33.78 24.22 21.88
CA SER K 144 34.17 24.60 23.25
C SER K 144 33.00 25.22 23.99
N MET K 145 31.89 25.40 23.28
CA MET K 145 30.70 26.07 23.83
C MET K 145 29.53 25.60 22.98
N LEU K 146 28.35 25.50 23.58
CA LEU K 146 27.13 25.16 22.82
C LEU K 146 26.08 26.22 22.98
N ARG K 147 25.13 26.18 22.06
CA ARG K 147 23.87 26.87 22.21
C ARG K 147 22.72 26.04 21.64
N THR K 148 21.51 26.35 22.07
CA THR K 148 20.31 25.78 21.48
C THR K 148 20.24 26.28 20.05
N LYS K 149 19.74 25.46 19.16
CA LYS K 149 19.42 25.98 17.83
C LYS K 149 18.28 26.98 17.88
N GLY K 150 17.29 26.70 18.72
CA GLY K 150 16.08 27.48 18.72
C GLY K 150 15.46 27.54 17.32
N GLU K 151 14.84 28.69 17.05
CA GLU K 151 14.07 28.94 15.82
C GLU K 151 14.38 30.37 15.40
N PRO K 152 15.34 30.51 14.49
CA PRO K 152 15.84 31.84 14.19
C PRO K 152 14.81 32.64 13.45
N GLY K 153 14.81 33.93 13.69
CA GLY K 153 13.98 34.85 12.93
C GLY K 153 12.48 34.74 13.15
N THR K 154 12.06 34.19 14.30
CA THR K 154 10.62 34.08 14.59
C THR K 154 10.17 34.81 15.85
N GLY K 155 11.06 34.97 16.81
CA GLY K 155 10.65 35.49 18.11
C GLY K 155 9.85 34.52 18.96
N ASN K 156 9.71 33.27 18.48
CA ASN K 156 9.02 32.24 19.22
C ASN K 156 10.04 31.50 20.09
N ILE K 157 9.88 31.60 21.40
CA ILE K 157 10.81 30.97 22.35
C ILE K 157 10.70 29.40 22.39
N VAL K 158 9.69 28.84 21.73
CA VAL K 158 9.36 27.42 21.90
C VAL K 158 10.48 26.42 21.57
N GLU K 159 11.24 26.68 20.51
CA GLU K 159 12.26 25.73 20.08
C GLU K 159 13.48 25.84 21.00
N ALA K 160 13.84 27.05 21.42
CA ALA K 160 14.90 27.22 22.41
C ALA K 160 14.54 26.44 23.71
N VAL K 161 13.29 26.56 24.18
CA VAL K 161 12.80 25.79 25.33
C VAL K 161 12.92 24.28 25.04
N ARG K 162 12.49 23.86 23.87
CA ARG K 162 12.50 22.44 23.56
C ARG K 162 13.90 21.85 23.68
N HIS K 163 14.85 22.54 23.06
CA HIS K 163 16.23 22.09 22.97
C HIS K 163 16.91 22.13 24.30
N MET K 164 16.69 23.18 25.07
CA MET K 164 17.34 23.26 26.35
C MET K 164 16.79 22.18 27.27
N ARG K 165 15.47 22.02 27.28
CA ARG K 165 14.84 20.97 28.06
C ARG K 165 15.29 19.58 27.64
N LYS K 166 15.44 19.33 26.34
CA LYS K 166 15.84 18.00 25.86
C LYS K 166 17.24 17.76 26.33
N VAL K 167 18.16 18.66 26.02
CA VAL K 167 19.56 18.45 26.46
C VAL K 167 19.61 18.23 27.96
N ASN K 168 18.93 19.09 28.73
CA ASN K 168 19.07 19.01 30.19
C ASN K 168 18.45 17.71 30.74
N ALA K 169 17.31 17.28 30.20
CA ALA K 169 16.71 16.03 30.64
C ALA K 169 17.58 14.80 30.31
N GLN K 170 18.19 14.78 29.12
CA GLN K 170 19.03 13.67 28.71
C GLN K 170 20.29 13.60 29.56
N VAL K 171 20.83 14.74 29.96
CA VAL K 171 21.98 14.73 30.84
C VAL K 171 21.59 14.16 32.21
N ARG K 172 20.44 14.59 32.75
CA ARG K 172 20.02 14.11 34.07
CA ARG K 172 20.01 14.11 34.06
C ARG K 172 19.90 12.59 34.04
N LYS K 173 19.36 12.08 32.95
CA LYS K 173 19.13 10.64 32.82
C LYS K 173 20.46 9.91 32.74
N VAL K 174 21.38 10.44 31.95
CA VAL K 174 22.72 9.86 31.83
C VAL K 174 23.46 9.82 33.17
N VAL K 175 23.41 10.92 33.88
CA VAL K 175 24.06 11.02 35.18
C VAL K 175 23.52 10.00 36.20
N ALA K 176 22.20 9.75 36.14
CA ALA K 176 21.52 8.88 37.08
C ALA K 176 21.51 7.42 36.66
N MET K 177 21.79 7.11 35.40
CA MET K 177 21.58 5.75 34.95
C MET K 177 22.75 4.85 35.29
N SER K 178 22.46 3.58 35.23
CA SER K 178 23.44 2.55 35.49
C SER K 178 24.55 2.63 34.43
N GLU K 179 25.80 2.56 34.90
CA GLU K 179 26.96 2.75 34.02
C GLU K 179 26.96 1.68 32.93
N ASP K 180 26.52 0.48 33.27
CA ASP K 180 26.60 -0.61 32.30
C ASP K 180 25.52 -0.50 31.19
N GLU K 181 24.62 0.50 31.30
CA GLU K 181 23.60 0.79 30.27
C GLU K 181 23.96 1.97 29.34
N LEU K 182 25.12 2.54 29.61
CA LEU K 182 25.57 3.73 28.90
C LEU K 182 25.96 3.48 27.44
N MET K 183 26.42 2.29 27.11
CA MET K 183 26.80 2.03 25.70
C MET K 183 25.53 2.01 24.80
N THR K 184 24.50 1.32 25.27
CA THR K 184 23.21 1.29 24.58
C THR K 184 22.66 2.72 24.46
N GLU K 185 22.76 3.49 25.54
CA GLU K 185 22.34 4.89 25.49
C GLU K 185 23.16 5.67 24.45
N ALA K 186 24.49 5.56 24.54
CA ALA K 186 25.38 6.18 23.58
C ALA K 186 24.99 5.87 22.11
N LYS K 187 24.74 4.59 21.82
CA LYS K 187 24.42 4.17 20.47
C LYS K 187 23.07 4.77 20.06
N ASN K 188 22.11 4.73 20.98
CA ASN K 188 20.80 5.31 20.71
CA ASN K 188 20.79 5.31 20.69
C ASN K 188 20.88 6.81 20.40
N LEU K 189 21.68 7.53 21.19
CA LEU K 189 21.82 8.97 21.03
C LEU K 189 22.71 9.33 19.81
N GLY K 190 23.53 8.37 19.37
CA GLY K 190 24.65 8.71 18.46
C GLY K 190 25.70 9.56 19.16
N ALA K 191 25.92 9.34 20.46
CA ALA K 191 26.91 10.08 21.25
C ALA K 191 28.25 9.34 21.33
N PRO K 192 29.39 10.05 21.15
CA PRO K 192 30.66 9.40 21.50
C PRO K 192 30.69 8.91 22.95
N TYR K 193 31.04 7.65 23.11
CA TYR K 193 30.84 6.95 24.39
C TYR K 193 31.65 7.56 25.51
N GLU K 194 32.90 7.88 25.23
CA GLU K 194 33.80 8.40 26.30
C GLU K 194 33.28 9.74 26.85
N LEU K 195 32.75 10.56 25.97
CA LEU K 195 32.12 11.82 26.34
C LEU K 195 30.88 11.59 27.21
N LEU K 196 30.10 10.58 26.87
CA LEU K 196 28.93 10.27 27.67
C LEU K 196 29.34 9.74 29.05
N LEU K 197 30.33 8.87 29.09
CA LEU K 197 30.87 8.38 30.34
C LEU K 197 31.34 9.55 31.22
N GLN K 198 32.00 10.54 30.63
CA GLN K 198 32.55 11.64 31.40
C GLN K 198 31.46 12.58 31.89
N ILE K 199 30.36 12.68 31.14
CA ILE K 199 29.21 13.43 31.63
C ILE K 199 28.66 12.79 32.89
N LYS K 200 28.51 11.47 32.89
CA LYS K 200 28.06 10.77 34.10
C LYS K 200 29.00 11.04 35.27
N LYS K 201 30.32 10.92 35.05
CA LYS K 201 31.29 11.16 36.11
C LYS K 201 31.32 12.61 36.60
N ASP K 202 31.22 13.58 35.71
CA ASP K 202 31.28 14.98 36.11
C ASP K 202 29.94 15.45 36.66
N GLY K 203 28.87 14.76 36.32
CA GLY K 203 27.55 15.19 36.70
C GLY K 203 27.03 16.33 35.86
N LYS K 204 27.67 16.59 34.72
CA LYS K 204 27.28 17.71 33.89
C LYS K 204 27.90 17.63 32.49
N LEU K 205 27.34 18.42 31.59
CA LEU K 205 27.95 18.71 30.31
C LEU K 205 29.31 19.36 30.52
N PRO K 206 30.30 19.07 29.64
CA PRO K 206 31.64 19.63 29.91
C PRO K 206 31.85 21.03 29.39
N VAL K 207 30.88 21.62 28.70
CA VAL K 207 31.05 22.94 28.11
C VAL K 207 29.83 23.74 28.45
N VAL K 208 29.94 25.05 28.40
CA VAL K 208 28.76 25.84 28.71
C VAL K 208 27.71 25.74 27.58
N ASN K 209 26.44 25.98 27.91
CA ASN K 209 25.34 25.85 26.98
C ASN K 209 24.35 27.01 27.16
N PHE K 210 24.33 27.88 26.15
CA PHE K 210 23.53 29.09 26.15
C PHE K 210 22.23 28.83 25.41
N ALA K 211 21.25 29.69 25.69
CA ALA K 211 20.02 29.75 24.96
C ALA K 211 20.19 30.65 23.74
N ALA K 212 19.50 30.31 22.65
CA ALA K 212 19.63 31.04 21.39
C ALA K 212 18.45 30.76 20.47
N GLY K 213 18.12 31.78 19.67
CA GLY K 213 17.10 31.70 18.63
C GLY K 213 15.67 31.70 19.18
N GLY K 214 15.19 32.85 19.64
CA GLY K 214 13.78 33.08 19.98
C GLY K 214 13.52 33.95 21.21
N VAL K 215 14.57 34.44 21.87
CA VAL K 215 14.43 35.27 23.05
C VAL K 215 14.00 36.61 22.52
N ALA K 216 12.73 36.97 22.77
CA ALA K 216 12.20 38.25 22.31
C ALA K 216 11.86 39.22 23.47
N THR K 217 11.71 38.71 24.69
CA THR K 217 11.31 39.53 25.83
C THR K 217 12.20 39.29 27.07
N PRO K 218 12.26 40.27 27.99
CA PRO K 218 12.87 39.97 29.29
C PRO K 218 12.41 38.66 29.92
N ALA K 219 11.11 38.38 29.93
CA ALA K 219 10.60 37.13 30.52
C ALA K 219 11.19 35.94 29.79
N ASP K 220 11.38 36.04 28.48
CA ASP K 220 11.97 34.91 27.71
C ASP K 220 13.39 34.63 28.20
N ALA K 221 14.17 35.70 28.31
CA ALA K 221 15.55 35.60 28.78
C ALA K 221 15.60 34.92 30.13
N ALA K 222 14.81 35.41 31.08
CA ALA K 222 14.76 34.85 32.43
C ALA K 222 14.33 33.39 32.44
N LEU K 223 13.37 33.05 31.57
CA LEU K 223 12.87 31.71 31.47
C LEU K 223 13.98 30.73 31.06
N MET K 224 14.82 31.11 30.11
CA MET K 224 15.87 30.20 29.62
C MET K 224 16.86 29.94 30.75
N MET K 225 17.12 30.98 31.53
CA MET K 225 18.00 30.83 32.67
C MET K 225 17.37 29.89 33.70
N GLN K 226 16.09 30.07 33.93
CA GLN K 226 15.36 29.25 34.87
C GLN K 226 15.38 27.79 34.41
N LEU K 227 15.43 27.54 33.11
CA LEU K 227 15.47 26.18 32.59
C LEU K 227 16.90 25.64 32.50
N GLY K 228 17.89 26.40 32.93
CA GLY K 228 19.23 25.86 33.05
C GLY K 228 20.24 26.36 32.02
N ALA K 229 19.92 27.38 31.24
CA ALA K 229 20.88 27.93 30.27
C ALA K 229 21.97 28.64 31.06
N ASP K 230 23.18 28.65 30.51
CA ASP K 230 24.32 29.33 31.11
C ASP K 230 24.39 30.81 30.75
N GLY K 231 23.48 31.27 29.91
CA GLY K 231 23.53 32.58 29.31
C GLY K 231 22.61 32.60 28.08
N VAL K 232 22.52 33.74 27.45
CA VAL K 232 21.57 33.94 26.35
C VAL K 232 22.19 34.68 25.17
N PHE K 233 21.92 34.20 23.96
CA PHE K 233 22.21 34.97 22.76
C PHE K 233 20.92 35.63 22.38
N VAL K 234 20.99 36.89 21.99
CA VAL K 234 19.81 37.63 21.54
CA VAL K 234 19.82 37.63 21.56
C VAL K 234 20.10 38.35 20.21
N GLY K 235 19.08 38.45 19.39
CA GLY K 235 19.24 38.96 18.04
C GLY K 235 19.01 40.44 17.85
N SER K 236 19.01 40.80 16.59
CA SER K 236 18.98 42.18 16.13
C SER K 236 17.68 42.92 16.45
N GLY K 237 16.63 42.18 16.78
CA GLY K 237 15.37 42.77 17.26
C GLY K 237 15.56 43.89 18.26
N ILE K 238 16.50 43.70 19.18
CA ILE K 238 16.87 44.72 20.16
C ILE K 238 16.91 46.09 19.49
N PHE K 239 17.55 46.13 18.33
CA PHE K 239 17.89 47.38 17.69
C PHE K 239 16.81 47.84 16.73
N LYS K 240 15.81 46.98 16.52
CA LYS K 240 14.57 47.44 15.92
C LYS K 240 13.62 48.09 16.96
N SER K 241 13.93 47.98 18.25
CA SER K 241 13.12 48.60 19.32
C SER K 241 13.11 50.13 19.22
N ASP K 242 12.08 50.76 19.75
CA ASP K 242 12.00 52.23 19.79
C ASP K 242 13.16 52.79 20.61
N ASN K 243 13.50 52.09 21.69
CA ASN K 243 14.64 52.45 22.53
C ASN K 243 15.61 51.26 22.67
N PRO K 244 16.45 51.04 21.65
CA PRO K 244 17.32 49.85 21.71
C PRO K 244 18.15 49.73 22.99
N ALA K 245 18.67 50.85 23.47
CA ALA K 245 19.48 50.86 24.67
C ALA K 245 18.71 50.32 25.86
N LYS K 246 17.47 50.76 26.00
CA LYS K 246 16.66 50.38 27.15
C LYS K 246 16.23 48.90 27.04
N PHE K 247 15.91 48.46 25.83
CA PHE K 247 15.57 47.07 25.59
C PHE K 247 16.74 46.17 25.93
N ALA K 248 17.93 46.52 25.46
CA ALA K 248 19.13 45.71 25.66
C ALA K 248 19.43 45.62 27.17
N LYS K 249 19.30 46.75 27.87
CA LYS K 249 19.47 46.77 29.33
C LYS K 249 18.48 45.85 30.06
N ALA K 250 17.23 45.85 29.61
CA ALA K 250 16.19 45.01 30.18
C ALA K 250 16.52 43.51 30.03
N ILE K 251 17.07 43.10 28.89
CA ILE K 251 17.43 41.70 28.68
C ILE K 251 18.60 41.34 29.60
N VAL K 252 19.56 42.25 29.74
CA VAL K 252 20.72 42.02 30.64
C VAL K 252 20.27 41.85 32.09
N GLU K 253 19.38 42.73 32.54
CA GLU K 253 18.90 42.66 33.93
C GLU K 253 18.05 41.42 34.19
N ALA K 254 17.19 41.09 33.26
CA ALA K 254 16.32 39.91 33.42
C ALA K 254 17.14 38.60 33.44
N THR K 255 18.20 38.57 32.66
CA THR K 255 19.08 37.40 32.56
C THR K 255 19.85 37.21 33.88
N THR K 256 20.27 38.34 34.41
CA THR K 256 21.00 38.40 35.66
C THR K 256 20.14 38.05 36.83
N HIS K 257 18.97 38.69 36.92
CA HIS K 257 18.07 38.55 38.07
C HIS K 257 16.82 37.75 37.72
N PHE K 258 16.99 36.49 37.32
CA PHE K 258 15.96 35.76 36.57
C PHE K 258 14.85 35.20 37.42
N THR K 259 14.96 35.36 38.73
CA THR K 259 13.87 35.08 39.66
C THR K 259 13.30 36.33 40.33
N ASP K 260 13.71 37.51 39.93
CA ASP K 260 13.15 38.74 40.52
C ASP K 260 11.94 39.17 39.70
N TYR K 261 10.78 38.63 40.06
CA TYR K 261 9.57 38.75 39.22
C TYR K 261 8.97 40.16 39.21
N LYS K 262 9.09 40.84 40.35
CA LYS K 262 8.74 42.26 40.45
C LYS K 262 9.59 43.11 39.50
N LEU K 263 10.89 42.86 39.52
CA LEU K 263 11.74 43.56 38.59
C LEU K 263 11.35 43.25 37.14
N ILE K 264 11.16 41.96 36.83
CA ILE K 264 10.89 41.56 35.44
C ILE K 264 9.57 42.16 34.95
N ALA K 265 8.57 42.25 35.84
CA ALA K 265 7.30 42.92 35.54
C ALA K 265 7.56 44.32 35.04
N GLU K 266 8.42 45.03 35.77
CA GLU K 266 8.73 46.43 35.42
C GLU K 266 9.53 46.48 34.14
N LEU K 267 10.52 45.61 34.03
CA LEU K 267 11.29 45.49 32.79
C LEU K 267 10.46 45.18 31.55
N SER K 268 9.33 44.49 31.71
CA SER K 268 8.54 44.04 30.58
C SER K 268 7.68 45.13 29.90
N LYS K 269 7.58 46.31 30.51
CA LYS K 269 6.73 47.41 30.04
C LYS K 269 7.24 48.22 28.82
N GLU K 270 6.31 48.58 27.93
CA GLU K 270 6.58 49.48 26.80
C GLU K 270 7.83 49.10 26.00
N LEU K 271 7.71 48.03 25.22
CA LEU K 271 8.84 47.48 24.46
C LEU K 271 8.44 47.23 23.00
N MET L 1 32.60 28.24 61.22
CA MET L 1 32.25 28.14 59.77
C MET L 1 32.37 29.50 59.05
N LEU L 2 33.46 29.64 58.30
CA LEU L 2 33.63 30.77 57.41
C LEU L 2 32.58 30.72 56.30
N THR L 3 32.08 31.90 55.94
CA THR L 3 31.23 32.05 54.76
C THR L 3 31.82 33.12 53.85
N ILE L 4 32.12 32.73 52.60
CA ILE L 4 32.72 33.63 51.62
C ILE L 4 31.72 33.82 50.47
N GLY L 5 31.41 35.08 50.18
CA GLY L 5 30.47 35.36 49.12
C GLY L 5 31.21 35.39 47.81
N VAL L 6 30.47 35.17 46.73
CA VAL L 6 30.93 35.44 45.38
C VAL L 6 29.90 36.36 44.71
N LEU L 7 30.36 37.53 44.29
CA LEU L 7 29.48 38.44 43.58
C LEU L 7 28.97 37.71 42.35
N GLY L 8 27.66 37.53 42.29
CA GLY L 8 27.01 36.65 41.30
C GLY L 8 26.30 37.35 40.17
N LEU L 9 26.62 38.62 39.94
CA LEU L 9 26.04 39.41 38.87
C LEU L 9 26.39 38.83 37.48
N GLN L 10 27.65 38.42 37.29
CA GLN L 10 28.03 37.75 36.05
C GLN L 10 29.39 37.12 36.19
N GLY L 11 29.60 36.05 35.40
CA GLY L 11 30.89 35.40 35.25
C GLY L 11 30.97 33.97 35.73
N ALA L 12 32.21 33.55 36.05
CA ALA L 12 32.53 32.19 36.49
C ALA L 12 32.36 32.08 38.01
N VAL L 13 31.11 32.22 38.40
CA VAL L 13 30.70 32.33 39.80
C VAL L 13 30.75 30.96 40.48
N ARG L 14 30.18 29.99 39.81
CA ARG L 14 30.16 28.61 40.29
C ARG L 14 31.56 27.99 40.49
N GLU L 15 32.52 28.31 39.63
CA GLU L 15 33.86 27.80 39.81
C GLU L 15 34.48 28.30 41.13
N HIS L 16 34.20 29.54 41.49
CA HIS L 16 34.68 30.08 42.73
C HIS L 16 34.00 29.45 43.94
N ILE L 17 32.70 29.22 43.87
CA ILE L 17 31.96 28.58 44.93
C ILE L 17 32.51 27.19 45.23
N HIS L 18 32.70 26.42 44.16
CA HIS L 18 33.26 25.07 44.28
C HIS L 18 34.61 25.13 44.99
N ALA L 19 35.46 26.06 44.58
CA ALA L 19 36.78 26.20 45.16
C ALA L 19 36.69 26.56 46.66
N ILE L 20 35.77 27.45 47.03
CA ILE L 20 35.54 27.81 48.42
C ILE L 20 35.16 26.58 49.26
N GLU L 21 34.26 25.77 48.72
CA GLU L 21 33.78 24.58 49.41
C GLU L 21 34.86 23.50 49.45
N ALA L 22 35.76 23.50 48.47
CA ALA L 22 36.89 22.54 48.49
C ALA L 22 37.88 22.84 49.63
N CYS L 23 37.84 24.09 50.12
CA CYS L 23 38.73 24.55 51.17
C CYS L 23 38.07 24.48 52.54
N GLY L 24 36.78 24.15 52.61
CA GLY L 24 36.11 23.87 53.88
C GLY L 24 35.29 25.01 54.41
N ALA L 25 35.13 26.04 53.60
CA ALA L 25 34.27 27.17 53.92
C ALA L 25 32.93 26.97 53.24
N ALA L 26 31.97 27.82 53.57
CA ALA L 26 30.66 27.85 52.92
C ALA L 26 30.68 28.99 51.90
N GLY L 27 30.01 28.77 50.78
CA GLY L 27 30.03 29.75 49.70
C GLY L 27 28.64 30.30 49.58
N LEU L 28 28.52 31.61 49.32
CA LEU L 28 27.23 32.25 49.08
C LEU L 28 27.28 33.07 47.80
N VAL L 29 26.35 32.85 46.88
CA VAL L 29 26.25 33.67 45.65
C VAL L 29 25.52 34.99 46.00
N VAL L 30 26.25 36.11 45.90
CA VAL L 30 25.73 37.40 46.27
C VAL L 30 25.15 38.12 45.05
N LYS L 31 23.83 38.18 44.95
CA LYS L 31 23.17 39.00 43.93
C LYS L 31 22.52 40.28 44.43
N ARG L 32 22.30 40.39 45.75
CA ARG L 32 21.72 41.60 46.39
C ARG L 32 22.67 42.16 47.46
N PRO L 33 22.82 43.50 47.55
CA PRO L 33 23.77 44.08 48.53
C PRO L 33 23.55 43.60 49.98
N GLU L 34 22.29 43.54 50.38
CA GLU L 34 21.91 43.03 51.70
C GLU L 34 22.65 41.75 52.04
N GLN L 35 22.95 40.93 51.03
CA GLN L 35 23.62 39.66 51.27
C GLN L 35 25.09 39.79 51.66
N LEU L 36 25.69 40.94 51.41
CA LEU L 36 27.05 41.21 51.88
C LEU L 36 27.18 41.10 53.42
N ASN L 37 26.07 41.34 54.13
CA ASN L 37 26.05 41.25 55.59
C ASN L 37 26.21 39.82 56.10
N GLU L 38 25.93 38.86 55.22
CA GLU L 38 25.94 37.43 55.56
C GLU L 38 27.28 36.75 55.32
N VAL L 39 28.27 37.49 54.83
CA VAL L 39 29.54 36.88 54.42
C VAL L 39 30.70 37.59 55.08
N ASP L 40 31.76 36.81 55.31
CA ASP L 40 33.00 37.24 55.96
C ASP L 40 34.07 37.76 55.01
N GLY L 41 33.96 37.38 53.74
CA GLY L 41 34.80 37.89 52.67
C GLY L 41 34.07 37.82 51.34
N LEU L 42 34.63 38.43 50.30
CA LEU L 42 34.00 38.45 49.00
C LEU L 42 34.98 38.19 47.88
N ILE L 43 34.58 37.30 46.98
CA ILE L 43 35.28 37.13 45.73
C ILE L 43 34.54 37.83 44.60
N LEU L 44 35.28 38.68 43.90
CA LEU L 44 34.85 39.27 42.65
C LEU L 44 35.40 38.36 41.53
N PRO L 45 34.51 37.66 40.80
CA PRO L 45 34.94 36.64 39.85
C PRO L 45 35.42 37.15 38.48
N GLY L 46 35.95 36.23 37.69
CA GLY L 46 36.19 36.49 36.29
C GLY L 46 34.89 36.62 35.51
N GLY L 47 34.97 37.29 34.38
CA GLY L 47 33.81 37.58 33.56
C GLY L 47 34.13 38.83 32.77
N GLU L 48 33.13 39.72 32.60
CA GLU L 48 33.36 40.99 31.92
C GLU L 48 33.20 42.13 32.91
N SER L 49 34.26 42.92 33.08
CA SER L 49 34.30 43.95 34.09
C SER L 49 33.33 45.05 33.73
N THR L 50 33.11 45.23 32.43
CA THR L 50 32.15 46.22 31.99
C THR L 50 30.74 45.80 32.38
N THR L 51 30.42 44.51 32.22
CA THR L 51 29.08 44.03 32.58
C THR L 51 28.88 44.21 34.07
N MET L 52 29.86 43.75 34.82
CA MET L 52 29.83 43.84 36.26
C MET L 52 29.66 45.26 36.75
N ARG L 53 30.42 46.19 36.19
CA ARG L 53 30.30 47.60 36.57
C ARG L 53 28.88 48.09 36.35
N ARG L 54 28.35 47.81 35.17
CA ARG L 54 27.01 48.24 34.81
CA ARG L 54 27.02 48.25 34.81
C ARG L 54 25.96 47.69 35.78
N LEU L 55 26.06 46.40 36.09
CA LEU L 55 25.11 45.79 37.04
C LEU L 55 25.33 46.29 38.46
N ILE L 56 26.59 46.52 38.82
CA ILE L 56 26.94 47.13 40.09
C ILE L 56 26.29 48.52 40.24
N ASP L 57 26.34 49.32 39.18
CA ASP L 57 25.72 50.65 39.19
C ASP L 57 24.22 50.54 39.30
N THR L 58 23.61 49.74 38.45
CA THR L 58 22.17 49.65 38.41
C THR L 58 21.62 49.20 39.76
N TYR L 59 22.28 48.24 40.39
CA TYR L 59 21.78 47.70 41.66
C TYR L 59 22.43 48.32 42.89
N GLN L 60 23.07 49.47 42.68
CA GLN L 60 23.59 50.27 43.78
C GLN L 60 24.48 49.46 44.75
N PHE L 61 25.44 48.75 44.17
CA PHE L 61 26.36 47.89 44.92
C PHE L 61 27.63 48.64 45.36
N MET L 62 27.96 49.73 44.67
CA MET L 62 29.29 50.29 44.86
C MET L 62 29.53 50.76 46.31
N GLU L 63 28.55 51.45 46.86
CA GLU L 63 28.65 51.97 48.24
C GLU L 63 28.65 50.83 49.27
N PRO L 64 27.70 49.88 49.14
CA PRO L 64 27.76 48.71 50.00
C PRO L 64 29.07 47.94 49.89
N LEU L 65 29.64 47.87 48.69
CA LEU L 65 30.93 47.21 48.54
C LEU L 65 32.03 48.00 49.23
N ARG L 66 31.95 49.33 49.16
CA ARG L 66 32.88 50.20 49.90
C ARG L 66 32.73 50.10 51.40
N GLU L 67 31.47 50.07 51.87
CA GLU L 67 31.17 49.79 53.27
C GLU L 67 31.74 48.45 53.71
N PHE L 68 31.55 47.44 52.86
CA PHE L 68 32.02 46.08 53.12
C PHE L 68 33.54 46.09 53.37
N ALA L 69 34.30 46.75 52.49
CA ALA L 69 35.76 46.86 52.65
C ALA L 69 36.12 47.65 53.92
N ALA L 70 35.38 48.74 54.16
CA ALA L 70 35.59 49.63 55.32
C ALA L 70 35.51 48.88 56.65
N GLN L 71 34.66 47.87 56.71
CA GLN L 71 34.59 46.97 57.87
C GLN L 71 35.78 46.02 57.96
N GLY L 72 36.68 46.04 56.98
CA GLY L 72 37.86 45.18 57.00
C GLY L 72 37.68 43.78 56.43
N LYS L 73 36.50 43.52 55.88
CA LYS L 73 36.21 42.21 55.30
C LYS L 73 37.05 42.02 54.03
N PRO L 74 37.80 40.91 53.95
CA PRO L 74 38.62 40.70 52.75
C PRO L 74 37.84 40.57 51.41
N MET L 75 38.53 40.95 50.35
CA MET L 75 38.01 40.94 49.00
C MET L 75 39.09 40.41 48.08
N PHE L 76 38.67 39.53 47.16
CA PHE L 76 39.53 38.80 46.24
C PHE L 76 38.97 38.93 44.83
N GLY L 77 39.77 39.53 43.96
CA GLY L 77 39.39 39.76 42.56
C GLY L 77 40.28 39.00 41.60
N THR L 78 39.65 38.17 40.74
CA THR L 78 40.31 37.37 39.73
C THR L 78 39.99 37.91 38.32
N CYS L 79 40.99 38.56 37.71
CA CYS L 79 40.92 39.07 36.32
C CYS L 79 39.88 40.22 36.20
N ALA L 80 38.66 39.96 35.72
CA ALA L 80 37.58 40.98 35.80
C ALA L 80 37.47 41.58 37.20
N GLY L 81 37.56 40.71 38.20
CA GLY L 81 37.46 41.13 39.60
C GLY L 81 38.63 41.98 40.00
N LEU L 82 39.83 41.61 39.54
CA LEU L 82 41.03 42.40 39.79
C LEU L 82 40.81 43.79 39.25
N ILE L 83 40.27 43.83 38.04
CA ILE L 83 39.92 45.09 37.38
C ILE L 83 38.91 45.88 38.20
N ILE L 84 37.92 45.21 38.76
CA ILE L 84 36.91 45.89 39.55
C ILE L 84 37.56 46.50 40.80
N LEU L 85 38.58 45.81 41.29
CA LEU L 85 39.26 46.14 42.55
C LEU L 85 40.26 47.30 42.41
N ALA L 86 40.75 47.50 41.19
CA ALA L 86 41.93 48.34 40.95
C ALA L 86 41.69 49.85 41.18
N LYS L 87 42.71 50.53 41.70
CA LYS L 87 42.67 51.98 41.86
C LYS L 87 42.51 52.70 40.50
N GLU L 88 43.23 52.20 39.48
CA GLU L 88 43.28 52.85 38.18
C GLU L 88 43.33 51.84 37.02
N ILE L 89 42.61 52.16 35.96
CA ILE L 89 42.63 51.42 34.70
C ILE L 89 43.25 52.31 33.66
N ALA L 90 44.35 51.84 33.07
CA ALA L 90 45.04 52.60 32.04
C ALA L 90 44.05 52.94 30.95
N GLY L 91 44.13 54.19 30.46
CA GLY L 91 43.27 54.66 29.39
C GLY L 91 41.84 54.94 29.78
N SER L 92 41.50 54.79 31.08
CA SER L 92 40.16 55.10 31.56
C SER L 92 40.20 56.10 32.70
N ASP L 93 39.27 57.04 32.65
CA ASP L 93 39.02 57.96 33.75
C ASP L 93 37.87 57.49 34.66
N ASN L 94 37.37 56.29 34.44
CA ASN L 94 36.26 55.79 35.23
C ASN L 94 36.59 54.44 35.89
N PRO L 95 37.42 54.47 36.95
CA PRO L 95 37.73 53.22 37.64
C PRO L 95 36.54 52.77 38.49
N HIS L 96 36.63 51.58 39.07
CA HIS L 96 35.49 50.93 39.74
C HIS L 96 35.55 51.07 41.26
N LEU L 97 35.81 49.98 41.99
CA LEU L 97 35.86 50.07 43.45
C LEU L 97 37.06 50.85 43.96
N GLY L 98 38.17 50.82 43.22
CA GLY L 98 39.33 51.66 43.54
C GLY L 98 40.05 51.36 44.84
N LEU L 99 39.96 50.12 45.30
CA LEU L 99 40.42 49.75 46.64
C LEU L 99 41.81 49.13 46.65
N LEU L 100 42.18 48.47 45.56
CA LEU L 100 43.53 47.87 45.46
C LEU L 100 44.47 48.85 44.75
N ASN L 101 45.62 49.11 45.37
CA ASN L 101 46.55 50.15 44.89
C ASN L 101 47.45 49.64 43.76
N VAL L 102 46.81 49.36 42.63
CA VAL L 102 47.48 48.94 41.40
C VAL L 102 46.92 49.72 40.20
N VAL L 103 47.75 49.89 39.18
CA VAL L 103 47.29 50.38 37.88
C VAL L 103 47.19 49.17 36.96
N VAL L 104 46.05 49.06 36.29
CA VAL L 104 45.74 47.89 35.51
C VAL L 104 45.50 48.31 34.06
N GLU L 105 46.04 47.53 33.13
CA GLU L 105 45.75 47.65 31.70
C GLU L 105 44.89 46.45 31.23
N ARG L 106 43.70 46.74 30.72
CA ARG L 106 42.79 45.68 30.28
C ARG L 106 43.24 45.06 28.97
N ASN L 107 42.97 43.77 28.81
CA ASN L 107 43.14 43.09 27.54
C ASN L 107 44.52 43.29 26.92
N SER L 108 45.53 43.10 27.73
CA SER L 108 46.85 43.53 27.31
C SER L 108 47.67 42.44 26.62
N PHE L 109 47.16 41.21 26.56
CA PHE L 109 47.84 40.15 25.81
C PHE L 109 47.31 40.02 24.40
N GLY L 110 46.19 40.71 24.14
CA GLY L 110 45.56 40.79 22.82
C GLY L 110 44.09 40.43 22.89
N ARG L 111 43.74 39.28 22.30
CA ARG L 111 42.36 38.82 22.29
C ARG L 111 42.34 37.33 22.66
N GLN L 112 41.21 36.64 22.42
CA GLN L 112 41.07 35.27 22.93
C GLN L 112 42.10 34.33 22.33
N VAL L 113 42.45 34.50 21.06
CA VAL L 113 43.43 33.65 20.42
C VAL L 113 44.78 33.63 21.17
N ASP L 114 45.05 34.71 21.91
CA ASP L 114 46.28 34.89 22.67
C ASP L 114 46.18 34.39 24.10
N SER L 115 44.97 34.07 24.55
CA SER L 115 44.78 33.55 25.93
C SER L 115 45.67 32.33 26.09
N PHE L 116 46.18 32.12 27.30
CA PHE L 116 47.23 31.14 27.48
C PHE L 116 47.27 30.59 28.91
N GLU L 117 47.96 29.47 29.05
CA GLU L 117 48.33 28.94 30.36
C GLU L 117 49.83 29.08 30.56
N ALA L 118 50.23 29.36 31.79
CA ALA L 118 51.65 29.37 32.15
C ALA L 118 51.81 28.99 33.62
N ASP L 119 52.89 28.28 33.91
CA ASP L 119 53.20 27.95 35.29
C ASP L 119 53.86 29.13 35.99
N LEU L 120 53.38 29.37 37.21
CA LEU L 120 53.73 30.51 38.02
C LEU L 120 54.36 30.09 39.34
N THR L 121 55.33 30.87 39.78
CA THR L 121 55.83 30.75 41.14
C THR L 121 55.02 31.76 41.94
N ILE L 122 54.26 31.28 42.92
CA ILE L 122 53.43 32.17 43.74
C ILE L 122 53.91 32.18 45.20
N LYS L 123 54.01 33.39 45.76
CA LYS L 123 54.46 33.54 47.13
C LYS L 123 53.43 32.97 48.10
N GLY L 124 53.86 32.02 48.91
CA GLY L 124 52.98 31.31 49.84
C GLY L 124 52.65 29.93 49.33
N LEU L 125 52.79 29.74 48.02
CA LEU L 125 52.68 28.41 47.44
C LEU L 125 54.08 27.88 47.20
N ASP L 126 54.25 26.59 47.45
CA ASP L 126 55.56 25.96 47.38
C ASP L 126 55.90 25.70 45.92
N GLU L 127 55.13 24.80 45.33
CA GLU L 127 55.35 24.33 43.98
C GLU L 127 54.51 25.16 43.02
N PRO L 128 54.91 25.18 41.73
CA PRO L 128 54.27 26.04 40.73
C PRO L 128 52.75 25.90 40.61
N PHE L 129 52.12 27.01 40.28
CA PHE L 129 50.70 27.08 40.00
C PHE L 129 50.50 27.34 38.50
N THR L 130 49.63 26.56 37.85
CA THR L 130 49.22 26.81 36.47
C THR L 130 48.21 27.95 36.36
N GLY L 131 48.69 29.08 35.85
CA GLY L 131 47.85 30.22 35.61
C GLY L 131 47.18 30.12 34.25
N VAL L 132 45.88 30.36 34.24
CA VAL L 132 45.06 30.34 33.02
C VAL L 132 44.61 31.77 32.83
N PHE L 133 45.10 32.36 31.73
CA PHE L 133 45.00 33.79 31.47
C PHE L 133 44.04 34.00 30.34
N ILE L 134 42.81 34.39 30.66
CA ILE L 134 41.74 34.46 29.66
C ILE L 134 41.45 35.93 29.39
N ARG L 135 41.89 36.41 28.24
CA ARG L 135 41.78 37.86 27.92
C ARG L 135 42.14 38.69 29.15
N ALA L 136 43.31 38.35 29.69
CA ALA L 136 43.82 38.90 30.95
C ALA L 136 44.39 40.31 30.79
N PRO L 137 44.32 41.09 31.86
CA PRO L 137 44.92 42.40 31.90
C PRO L 137 46.32 42.22 32.44
N HIS L 138 47.13 43.26 32.43
CA HIS L 138 48.18 43.24 33.43
C HIS L 138 48.20 44.39 34.40
N ILE L 139 48.97 44.16 35.45
CA ILE L 139 49.22 45.10 36.51
C ILE L 139 50.49 45.85 36.11
N LEU L 140 50.32 47.08 35.63
CA LEU L 140 51.44 47.88 35.14
C LEU L 140 52.35 48.29 36.29
N GLU L 141 51.73 48.73 37.39
CA GLU L 141 52.46 49.08 38.60
C GLU L 141 51.62 48.82 39.86
N ALA L 142 52.33 48.67 40.97
CA ALA L 142 51.73 48.47 42.29
C ALA L 142 52.43 49.33 43.34
N GLY L 143 51.62 50.07 44.11
CA GLY L 143 52.10 50.92 45.21
C GLY L 143 52.98 50.21 46.23
N GLU L 144 53.55 50.98 47.14
CA GLU L 144 54.50 50.45 48.09
C GLU L 144 53.82 49.69 49.25
N ASN L 145 52.52 49.90 49.43
CA ASN L 145 51.73 49.03 50.31
C ASN L 145 51.25 47.69 49.67
N VAL L 146 51.68 47.40 48.45
CA VAL L 146 51.25 46.18 47.76
C VAL L 146 52.37 45.14 47.76
N GLU L 147 52.09 44.01 48.38
CA GLU L 147 52.95 42.83 48.34
C GLU L 147 52.78 42.08 46.99
N VAL L 148 53.87 41.92 46.24
CA VAL L 148 53.84 41.15 45.01
C VAL L 148 53.94 39.67 45.36
N LEU L 149 52.96 38.88 44.93
CA LEU L 149 52.97 37.43 45.16
C LEU L 149 53.43 36.66 43.92
N SER L 150 53.27 37.23 42.73
CA SER L 150 53.69 36.51 41.53
C SER L 150 54.02 37.43 40.35
N GLU L 151 55.02 37.03 39.57
CA GLU L 151 55.31 37.72 38.33
C GLU L 151 55.36 36.75 37.14
N HIS L 152 55.09 37.27 35.95
CA HIS L 152 55.22 36.48 34.76
C HIS L 152 55.77 37.34 33.65
N ASN L 153 56.86 36.87 33.03
CA ASN L 153 57.59 37.66 32.06
C ASN L 153 57.76 39.11 32.55
N GLY L 154 58.27 39.22 33.78
CA GLY L 154 58.54 40.49 34.42
C GLY L 154 57.33 41.35 34.76
N ARG L 155 56.14 40.77 34.70
CA ARG L 155 54.91 41.46 35.04
C ARG L 155 54.30 40.86 36.29
N ILE L 156 53.83 41.75 37.16
CA ILE L 156 53.05 41.36 38.34
C ILE L 156 51.69 40.79 37.89
N VAL L 157 51.40 39.58 38.35
CA VAL L 157 50.14 38.90 38.03
C VAL L 157 49.34 38.43 39.28
N ALA L 158 49.90 38.67 40.47
CA ALA L 158 49.22 38.38 41.74
C ALA L 158 49.76 39.29 42.84
N ALA L 159 48.84 39.98 43.53
CA ALA L 159 49.23 40.98 44.51
C ALA L 159 48.27 40.97 45.70
N LYS L 160 48.81 41.44 46.84
CA LYS L 160 48.13 41.45 48.14
C LYS L 160 48.39 42.77 48.86
N GLN L 161 47.33 43.30 49.46
CA GLN L 161 47.38 44.59 50.14
C GLN L 161 46.40 44.48 51.27
N GLY L 162 46.89 44.10 52.44
CA GLY L 162 46.04 44.01 53.62
C GLY L 162 44.93 43.02 53.40
N GLN L 163 43.69 43.52 53.35
CA GLN L 163 42.50 42.68 53.16
C GLN L 163 42.23 42.33 51.68
N PHE L 164 43.01 42.91 50.76
CA PHE L 164 42.79 42.77 49.31
C PHE L 164 43.80 41.83 48.64
N LEU L 165 43.27 40.93 47.82
CA LEU L 165 44.04 39.96 47.04
C LEU L 165 43.55 40.09 45.61
N GLY L 166 44.48 40.06 44.66
CA GLY L 166 44.16 40.30 43.28
C GLY L 166 45.06 39.45 42.41
N CYS L 167 44.52 38.85 41.37
CA CYS L 167 45.34 38.22 40.34
C CYS L 167 44.73 38.38 38.96
N SER L 168 45.57 38.41 37.94
CA SER L 168 45.14 38.68 36.57
C SER L 168 44.69 37.39 35.86
N PHE L 169 45.07 36.26 36.45
CA PHE L 169 44.67 34.96 35.95
C PHE L 169 43.46 34.43 36.74
N ASN L 170 42.97 33.26 36.32
CA ASN L 170 41.76 32.66 36.89
C ASN L 170 42.04 31.31 37.52
N PRO L 171 42.50 31.32 38.80
CA PRO L 171 42.86 30.10 39.52
C PRO L 171 41.67 29.12 39.62
N GLU L 172 40.47 29.67 39.60
CA GLU L 172 39.27 28.88 39.75
C GLU L 172 38.92 28.09 38.50
N LEU L 173 39.65 28.27 37.40
CA LEU L 173 39.48 27.44 36.22
C LEU L 173 40.32 26.16 36.32
N THR L 174 41.04 25.99 37.42
CA THR L 174 41.81 24.77 37.66
C THR L 174 41.28 24.04 38.89
N GLU L 175 41.67 22.78 39.07
CA GLU L 175 41.35 22.02 40.31
C GLU L 175 42.44 22.12 41.39
N ASP L 176 43.28 23.13 41.26
CA ASP L 176 44.30 23.41 42.24
C ASP L 176 43.78 24.59 43.05
N HIS L 177 43.36 24.32 44.28
CA HIS L 177 42.61 25.30 45.07
C HIS L 177 43.47 26.15 46.00
N ARG L 178 44.78 26.20 45.76
CA ARG L 178 45.69 26.82 46.71
C ARG L 178 45.59 28.33 46.76
N VAL L 179 45.21 28.97 45.66
CA VAL L 179 45.10 30.43 45.69
C VAL L 179 43.85 30.85 46.48
N THR L 180 42.73 30.14 46.24
CA THR L 180 41.54 30.28 47.09
C THR L 180 41.90 30.01 48.56
N GLN L 181 42.78 29.06 48.81
CA GLN L 181 43.11 28.71 50.17
C GLN L 181 43.83 29.88 50.87
N LEU L 182 44.67 30.60 50.11
CA LEU L 182 45.28 31.82 50.62
C LEU L 182 44.22 32.84 51.01
N PHE L 183 43.14 32.92 50.23
CA PHE L 183 42.08 33.88 50.56
C PHE L 183 41.29 33.45 51.80
N VAL L 184 41.02 32.14 51.88
CA VAL L 184 40.39 31.56 53.05
C VAL L 184 41.14 31.96 54.34
N GLU L 185 42.46 31.89 54.31
CA GLU L 185 43.30 32.25 55.45
C GLU L 185 43.25 33.74 55.78
N MET L 186 43.29 34.60 54.77
CA MET L 186 43.07 36.02 55.01
C MET L 186 41.71 36.24 55.68
N VAL L 187 40.69 35.52 55.22
CA VAL L 187 39.36 35.63 55.81
C VAL L 187 39.35 35.15 57.27
N GLU L 188 40.06 34.06 57.56
CA GLU L 188 40.19 33.58 58.93
C GLU L 188 40.79 34.69 59.79
N GLU L 189 41.93 35.19 59.32
CA GLU L 189 42.62 36.35 59.91
C GLU L 189 41.64 37.44 60.30
N TYR L 190 40.88 37.91 59.31
CA TYR L 190 39.93 39.00 59.54
C TYR L 190 38.97 38.64 60.66
N LYS L 191 38.52 37.38 60.67
CA LYS L 191 37.49 36.96 61.62
C LYS L 191 37.97 36.94 63.10
N GLN L 192 39.18 37.42 63.35
CA GLN L 192 39.68 37.60 64.71
C GLN L 192 40.11 39.03 65.00
N ALA M 2 -58.58 -15.10 29.60
CA ALA M 2 -57.21 -15.61 29.84
C ALA M 2 -56.43 -15.46 28.51
N GLN M 3 -55.18 -15.06 28.60
CA GLN M 3 -54.34 -14.95 27.43
C GLN M 3 -53.06 -15.73 27.67
N THR M 4 -52.72 -16.56 26.68
CA THR M 4 -51.44 -17.22 26.59
C THR M 4 -50.47 -16.38 25.77
N GLY M 5 -49.18 -16.62 25.97
CA GLY M 5 -48.14 -16.11 25.07
C GLY M 5 -47.93 -14.60 25.07
N THR M 6 -48.34 -13.94 26.15
CA THR M 6 -48.05 -12.53 26.31
C THR M 6 -46.60 -12.34 26.68
N GLU M 7 -46.10 -11.14 26.46
CA GLU M 7 -44.76 -10.78 26.83
C GLU M 7 -44.50 -11.03 28.32
N ARG M 8 -45.44 -10.60 29.14
CA ARG M 8 -45.30 -10.75 30.58
C ARG M 8 -45.24 -12.22 30.99
N VAL M 9 -46.03 -13.05 30.32
CA VAL M 9 -46.01 -14.52 30.57
C VAL M 9 -44.68 -15.15 30.12
N LYS M 10 -44.25 -14.80 28.92
CA LYS M 10 -42.99 -15.28 28.36
C LYS M 10 -41.79 -14.84 29.21
N ARG M 11 -41.74 -13.56 29.54
CA ARG M 11 -40.67 -13.03 30.35
C ARG M 11 -40.77 -13.52 31.80
N GLY M 12 -41.99 -13.64 32.29
CA GLY M 12 -42.26 -14.06 33.66
C GLY M 12 -41.64 -15.40 33.98
N MET M 13 -41.66 -16.30 33.01
CA MET M 13 -41.08 -17.60 33.16
C MET M 13 -39.56 -17.49 33.40
N ALA M 14 -38.90 -16.61 32.65
CA ALA M 14 -37.49 -16.43 32.88
C ALA M 14 -37.23 -15.79 34.28
N GLU M 15 -38.10 -14.88 34.69
CA GLU M 15 -37.96 -14.27 36.04
C GLU M 15 -37.99 -15.30 37.18
N MET M 16 -38.76 -16.37 36.98
CA MET M 16 -38.88 -17.48 37.95
C MET M 16 -37.72 -18.42 37.93
N GLN M 17 -36.86 -18.31 36.94
CA GLN M 17 -35.64 -19.07 36.86
C GLN M 17 -34.47 -18.41 37.57
N LYS M 18 -34.63 -17.15 37.97
CA LYS M 18 -33.52 -16.40 38.55
C LYS M 18 -32.90 -17.06 39.77
N GLY M 19 -31.58 -16.89 39.87
CA GLY M 19 -30.82 -17.36 40.99
C GLY M 19 -30.56 -18.85 40.90
N GLY M 20 -30.79 -19.44 39.73
CA GLY M 20 -30.69 -20.89 39.59
C GLY M 20 -29.75 -21.33 38.51
N VAL M 21 -29.58 -22.65 38.40
CA VAL M 21 -28.67 -23.31 37.48
C VAL M 21 -29.46 -24.14 36.49
N ILE M 22 -29.17 -23.93 35.21
CA ILE M 22 -29.77 -24.74 34.14
C ILE M 22 -28.70 -25.70 33.59
N MET M 23 -28.99 -26.98 33.55
CA MET M 23 -27.97 -27.97 33.24
C MET M 23 -28.27 -28.70 31.94
N ASP M 24 -27.21 -28.87 31.15
CA ASP M 24 -27.27 -29.56 29.91
C ASP M 24 -27.31 -31.02 30.25
N VAL M 25 -28.31 -31.74 29.69
CA VAL M 25 -28.43 -33.18 29.91
C VAL M 25 -28.72 -33.88 28.61
N ILE M 26 -28.33 -35.16 28.52
CA ILE M 26 -28.54 -35.91 27.27
C ILE M 26 -29.49 -37.10 27.39
N ASN M 27 -29.95 -37.40 28.60
CA ASN M 27 -30.88 -38.51 28.80
C ASN M 27 -31.64 -38.33 30.12
N ALA M 28 -32.58 -39.22 30.37
CA ALA M 28 -33.44 -39.21 31.55
C ALA M 28 -32.64 -39.27 32.84
N GLU M 29 -31.60 -40.08 32.80
CA GLU M 29 -30.82 -40.37 33.97
C GLU M 29 -30.11 -39.10 34.41
N GLN M 30 -29.50 -38.40 33.47
CA GLN M 30 -28.83 -37.14 33.75
C GLN M 30 -29.83 -36.07 34.20
N ALA M 31 -31.00 -36.10 33.58
CA ALA M 31 -32.03 -35.14 33.88
C ALA M 31 -32.46 -35.30 35.36
N LYS M 32 -32.68 -36.53 35.81
CA LYS M 32 -33.07 -36.78 37.21
C LYS M 32 -31.99 -36.33 38.19
N ILE M 33 -30.72 -36.61 37.89
CA ILE M 33 -29.61 -36.13 38.72
C ILE M 33 -29.66 -34.58 38.83
N ALA M 34 -29.79 -33.90 37.69
CA ALA M 34 -29.89 -32.45 37.65
C ALA M 34 -31.00 -31.95 38.58
N GLU M 35 -32.22 -32.49 38.42
CA GLU M 35 -33.34 -32.11 39.26
C GLU M 35 -33.09 -32.36 40.74
N GLU M 36 -32.58 -33.55 41.04
CA GLU M 36 -32.19 -33.94 42.41
C GLU M 36 -31.14 -33.00 42.99
N ALA M 37 -30.30 -32.44 42.15
CA ALA M 37 -29.25 -31.52 42.62
C ALA M 37 -29.77 -30.11 42.89
N GLY M 38 -30.98 -29.82 42.43
CA GLY M 38 -31.55 -28.47 42.54
C GLY M 38 -31.51 -27.60 41.29
N ALA M 39 -31.25 -28.16 40.11
CA ALA M 39 -31.36 -27.40 38.89
C ALA M 39 -32.78 -26.82 38.77
N VAL M 40 -32.89 -25.61 38.21
CA VAL M 40 -34.18 -24.98 37.97
C VAL M 40 -34.79 -25.38 36.63
N ALA M 41 -33.95 -25.88 35.73
CA ALA M 41 -34.33 -26.35 34.41
C ALA M 41 -33.20 -27.25 33.86
N VAL M 42 -33.52 -28.06 32.85
CA VAL M 42 -32.52 -28.81 32.10
C VAL M 42 -32.61 -28.41 30.63
N MET M 43 -31.47 -28.48 29.94
CA MET M 43 -31.37 -28.21 28.51
C MET M 43 -31.16 -29.58 27.87
N ALA M 44 -32.19 -30.05 27.17
CA ALA M 44 -32.12 -31.35 26.55
C ALA M 44 -31.26 -31.27 25.28
N LEU M 45 -30.27 -32.14 25.18
CA LEU M 45 -29.39 -32.21 24.02
C LEU M 45 -29.30 -33.64 23.50
N GLU M 46 -29.07 -33.78 22.21
CA GLU M 46 -28.83 -35.12 21.65
C GLU M 46 -27.37 -35.48 21.83
N ARG M 47 -26.52 -34.66 21.27
CA ARG M 47 -25.09 -34.77 21.46
C ARG M 47 -24.66 -33.40 21.84
N VAL M 48 -23.44 -33.29 22.35
CA VAL M 48 -22.89 -31.99 22.68
C VAL M 48 -22.58 -31.23 21.39
N PRO M 49 -23.27 -30.09 21.18
CA PRO M 49 -23.04 -29.30 19.97
C PRO M 49 -21.56 -29.09 19.72
N ALA M 50 -20.82 -28.78 20.79
CA ALA M 50 -19.37 -28.62 20.75
C ALA M 50 -18.66 -29.80 20.04
N ASP M 51 -19.01 -31.03 20.46
CA ASP M 51 -18.43 -32.25 19.87
C ASP M 51 -18.71 -32.33 18.37
N ILE M 52 -19.99 -32.24 18.00
CA ILE M 52 -20.40 -32.37 16.59
C ILE M 52 -19.58 -31.46 15.68
N ARG M 53 -19.53 -30.18 16.01
CA ARG M 53 -18.84 -29.20 15.16
C ARG M 53 -17.31 -29.24 15.31
N ALA M 54 -16.81 -29.79 16.43
CA ALA M 54 -15.37 -30.12 16.53
C ALA M 54 -15.04 -31.11 15.42
N ALA M 55 -15.82 -32.19 15.36
CA ALA M 55 -15.79 -33.21 14.29
C ALA M 55 -16.01 -32.70 12.86
N GLY M 56 -16.49 -31.47 12.71
CA GLY M 56 -16.80 -30.89 11.38
C GLY M 56 -18.28 -31.03 10.96
N GLY M 57 -19.11 -31.54 11.85
CA GLY M 57 -20.47 -31.96 11.49
C GLY M 57 -21.47 -30.82 11.55
N VAL M 58 -22.70 -31.08 11.12
CA VAL M 58 -23.79 -30.11 11.22
C VAL M 58 -24.57 -30.38 12.49
N ALA M 59 -24.70 -29.39 13.35
CA ALA M 59 -25.44 -29.54 14.64
C ALA M 59 -26.85 -28.96 14.50
N ARG M 60 -27.85 -29.83 14.66
CA ARG M 60 -29.24 -29.50 14.38
C ARG M 60 -30.04 -29.70 15.66
N MET M 61 -31.34 -29.44 15.60
CA MET M 61 -32.30 -29.77 16.65
C MET M 61 -32.07 -31.21 17.13
N ALA M 62 -32.27 -31.44 18.43
CA ALA M 62 -32.19 -32.83 18.97
C ALA M 62 -33.34 -33.69 18.47
N ASP M 63 -33.07 -34.99 18.31
CA ASP M 63 -34.15 -35.97 18.11
C ASP M 63 -35.22 -35.71 19.16
N PRO M 64 -36.46 -35.41 18.71
CA PRO M 64 -37.57 -35.23 19.62
C PRO M 64 -37.76 -36.39 20.63
N THR M 65 -37.40 -37.62 20.25
CA THR M 65 -37.45 -38.72 21.21
C THR M 65 -36.70 -38.41 22.49
N ILE M 66 -35.49 -37.86 22.37
CA ILE M 66 -34.65 -37.52 23.51
C ILE M 66 -35.23 -36.38 24.30
N VAL M 67 -35.73 -35.35 23.60
CA VAL M 67 -36.40 -34.28 24.29
C VAL M 67 -37.61 -34.80 25.12
N GLU M 68 -38.41 -35.71 24.54
CA GLU M 68 -39.62 -36.22 25.21
C GLU M 68 -39.23 -37.02 26.43
N GLU M 69 -38.19 -37.82 26.27
CA GLU M 69 -37.65 -38.61 27.35
C GLU M 69 -37.21 -37.74 28.54
N VAL M 70 -36.52 -36.65 28.23
CA VAL M 70 -36.11 -35.76 29.30
C VAL M 70 -37.34 -35.15 29.96
N MET M 71 -38.31 -34.69 29.15
CA MET M 71 -39.50 -34.03 29.70
C MET M 71 -40.26 -34.96 30.62
N ASN M 72 -40.31 -36.24 30.22
CA ASN M 72 -41.00 -37.22 30.99
C ASN M 72 -40.25 -37.67 32.24
N ALA M 73 -38.98 -37.35 32.38
CA ALA M 73 -38.18 -37.77 33.54
C ALA M 73 -38.20 -36.73 34.69
N VAL M 74 -38.57 -35.48 34.42
CA VAL M 74 -38.48 -34.43 35.43
C VAL M 74 -39.74 -33.61 35.48
N SER M 75 -39.89 -32.87 36.60
CA SER M 75 -41.00 -31.94 36.80
C SER M 75 -40.55 -30.45 36.70
N ILE M 76 -39.26 -30.24 36.44
CA ILE M 76 -38.74 -28.87 36.23
C ILE M 76 -38.82 -28.57 34.74
N PRO M 77 -38.79 -27.28 34.37
CA PRO M 77 -38.81 -26.93 32.94
C PRO M 77 -37.69 -27.56 32.13
N VAL M 78 -38.01 -27.83 30.87
CA VAL M 78 -37.07 -28.41 29.93
C VAL M 78 -36.89 -27.44 28.76
N MET M 79 -35.63 -27.07 28.51
CA MET M 79 -35.30 -26.23 27.36
C MET M 79 -34.67 -27.09 26.27
N ALA M 80 -34.70 -26.59 25.05
CA ALA M 80 -34.09 -27.27 23.88
C ALA M 80 -33.61 -26.23 22.85
N LYS M 81 -32.68 -26.63 22.01
CA LYS M 81 -32.07 -25.69 21.07
C LYS M 81 -32.68 -25.82 19.67
N ALA M 82 -32.82 -24.69 19.01
CA ALA M 82 -33.14 -24.64 17.60
C ALA M 82 -32.01 -23.86 16.87
N ARG M 83 -31.74 -24.25 15.62
CA ARG M 83 -30.71 -23.57 14.86
C ARG M 83 -31.20 -22.16 14.59
N ILE M 84 -30.27 -21.19 14.55
CA ILE M 84 -30.65 -19.81 14.23
C ILE M 84 -31.45 -19.72 12.90
N GLY M 85 -32.59 -19.04 12.99
CA GLY M 85 -33.50 -18.87 11.83
C GLY M 85 -34.26 -20.10 11.36
N HIS M 86 -34.19 -21.20 12.10
CA HIS M 86 -34.84 -22.45 11.66
C HIS M 86 -36.27 -22.47 12.16
N ILE M 87 -37.16 -21.88 11.35
CA ILE M 87 -38.55 -21.65 11.73
C ILE M 87 -39.22 -22.94 12.16
N VAL M 88 -38.98 -24.01 11.42
CA VAL M 88 -39.69 -25.25 11.65
C VAL M 88 -39.12 -26.00 12.84
N GLU M 89 -37.81 -26.01 13.03
CA GLU M 89 -37.28 -26.65 14.23
C GLU M 89 -37.93 -25.99 15.44
N ALA M 90 -38.05 -24.67 15.43
CA ALA M 90 -38.59 -23.92 16.58
C ALA M 90 -40.08 -24.18 16.79
N ARG M 91 -40.85 -24.17 15.71
CA ARG M 91 -42.29 -24.49 15.78
C ARG M 91 -42.50 -25.98 16.20
N VAL M 92 -41.58 -26.86 15.85
CA VAL M 92 -41.67 -28.25 16.30
C VAL M 92 -41.47 -28.38 17.81
N LEU M 93 -40.41 -27.74 18.35
CA LEU M 93 -40.19 -27.73 19.76
C LEU M 93 -41.37 -27.06 20.46
N GLU M 94 -41.88 -25.97 19.90
CA GLU M 94 -43.08 -25.36 20.50
C GLU M 94 -44.22 -26.41 20.61
N ALA M 95 -44.51 -27.07 19.49
CA ALA M 95 -45.58 -28.04 19.40
C ALA M 95 -45.37 -29.19 20.40
N MET M 96 -44.12 -29.55 20.69
CA MET M 96 -43.82 -30.58 21.68
C MET M 96 -43.99 -30.12 23.15
N GLY M 97 -44.15 -28.82 23.36
CA GLY M 97 -44.31 -28.29 24.71
C GLY M 97 -43.00 -28.02 25.46
N VAL M 98 -41.89 -27.95 24.75
CA VAL M 98 -40.64 -27.43 25.31
C VAL M 98 -40.95 -26.08 26.00
N ASP M 99 -40.38 -25.85 27.18
CA ASP M 99 -40.76 -24.67 27.99
C ASP M 99 -40.07 -23.35 27.61
N TYR M 100 -38.87 -23.48 27.03
CA TYR M 100 -38.05 -22.38 26.56
C TYR M 100 -37.18 -22.88 25.42
N ILE M 101 -37.13 -22.11 24.33
CA ILE M 101 -36.26 -22.43 23.18
C ILE M 101 -35.03 -21.52 23.16
N ASP M 102 -33.87 -22.16 23.09
CA ASP M 102 -32.60 -21.49 22.92
C ASP M 102 -32.30 -21.42 21.41
N GLU M 103 -32.49 -20.24 20.83
CA GLU M 103 -32.14 -20.03 19.45
C GLU M 103 -30.64 -19.87 19.46
N SER M 104 -29.96 -20.94 19.13
CA SER M 104 -28.60 -21.14 19.64
C SER M 104 -27.51 -21.08 18.56
N GLU M 105 -26.58 -20.14 18.74
CA GLU M 105 -25.36 -20.07 17.95
C GLU M 105 -24.37 -21.24 18.08
N VAL M 106 -24.51 -22.12 19.06
CA VAL M 106 -23.65 -23.29 19.10
C VAL M 106 -24.20 -24.41 18.19
N LEU M 107 -25.46 -24.32 17.76
CA LEU M 107 -25.94 -25.20 16.70
C LEU M 107 -25.52 -24.49 15.44
N THR M 108 -25.56 -25.20 14.32
CA THR M 108 -25.10 -24.68 13.02
C THR M 108 -26.19 -23.76 12.44
N PRO M 109 -25.92 -22.46 12.31
CA PRO M 109 -27.00 -21.56 11.86
C PRO M 109 -27.72 -22.05 10.60
N ALA M 110 -29.04 -21.99 10.56
CA ALA M 110 -29.79 -22.34 9.34
C ALA M 110 -29.99 -21.09 8.50
N ASP M 111 -29.97 -19.93 9.14
CA ASP M 111 -30.10 -18.65 8.45
C ASP M 111 -28.99 -17.74 8.96
N GLU M 112 -28.04 -17.39 8.10
CA GLU M 112 -26.94 -16.54 8.48
C GLU M 112 -27.25 -15.02 8.38
N GLU M 113 -28.45 -14.65 7.91
CA GLU M 113 -28.79 -13.24 7.74
CA GLU M 113 -28.81 -13.26 7.71
C GLU M 113 -29.99 -12.80 8.58
N PHE M 114 -30.89 -13.72 8.91
CA PHE M 114 -32.09 -13.35 9.70
C PHE M 114 -32.30 -14.33 10.87
N HIS M 115 -32.50 -13.81 12.08
CA HIS M 115 -32.90 -14.67 13.22
C HIS M 115 -34.41 -14.87 13.16
N LEU M 116 -34.93 -15.71 14.04
CA LEU M 116 -36.33 -16.00 14.07
C LEU M 116 -37.07 -14.75 14.53
N ASN M 117 -38.23 -14.58 13.94
CA ASN M 117 -39.20 -13.63 14.47
C ASN M 117 -39.94 -14.28 15.66
N LYS M 118 -39.27 -14.22 16.80
CA LYS M 118 -39.72 -14.82 18.05
C LYS M 118 -41.02 -14.20 18.60
N ASN M 119 -41.30 -12.94 18.24
CA ASN M 119 -42.55 -12.28 18.60
C ASN M 119 -43.77 -13.09 18.19
N GLU M 120 -43.70 -13.81 17.07
CA GLU M 120 -44.87 -14.56 16.58
C GLU M 120 -45.12 -15.93 17.23
N TYR M 121 -44.30 -16.31 18.18
CA TYR M 121 -44.43 -17.64 18.81
C TYR M 121 -45.13 -17.47 20.15
N THR M 122 -45.69 -18.57 20.65
CA THR M 122 -46.22 -18.63 22.02
C THR M 122 -45.16 -18.99 23.07
N VAL M 123 -44.36 -20.01 22.77
CA VAL M 123 -43.23 -20.39 23.59
C VAL M 123 -42.19 -19.24 23.62
N PRO M 124 -41.59 -19.00 24.78
CA PRO M 124 -40.52 -18.01 24.93
C PRO M 124 -39.16 -18.50 24.41
N PHE M 125 -38.31 -17.56 23.98
CA PHE M 125 -36.93 -17.84 23.53
C PHE M 125 -35.88 -17.15 24.37
N VAL M 126 -34.78 -17.87 24.59
CA VAL M 126 -33.52 -17.30 25.08
C VAL M 126 -32.55 -17.18 23.89
N CYS M 127 -31.84 -16.06 23.84
CA CYS M 127 -30.79 -15.83 22.85
C CYS M 127 -29.52 -15.36 23.48
N GLY M 128 -28.42 -15.53 22.77
CA GLY M 128 -27.09 -15.16 23.22
C GLY M 128 -26.75 -13.73 22.79
N CYS M 129 -25.90 -13.07 23.55
CA CYS M 129 -25.44 -11.77 23.20
C CYS M 129 -24.06 -11.53 23.78
N ARG M 130 -23.34 -10.64 23.13
CA ARG M 130 -22.04 -10.24 23.57
C ARG M 130 -21.99 -8.78 24.00
N ASP M 131 -23.00 -8.00 23.63
CA ASP M 131 -23.06 -6.60 24.00
CA ASP M 131 -23.05 -6.59 24.00
C ASP M 131 -24.49 -6.11 23.98
N LEU M 132 -24.70 -4.86 24.38
CA LEU M 132 -26.03 -4.35 24.53
C LEU M 132 -26.81 -4.17 23.22
N GLY M 133 -26.14 -3.77 22.15
CA GLY M 133 -26.82 -3.60 20.86
C GLY M 133 -27.36 -4.94 20.40
N GLU M 134 -26.51 -5.93 20.48
CA GLU M 134 -26.89 -7.31 20.20
C GLU M 134 -28.03 -7.79 21.11
N ALA M 135 -27.90 -7.60 22.43
CA ALA M 135 -29.00 -7.85 23.36
C ALA M 135 -30.30 -7.24 22.88
N THR M 136 -30.29 -5.94 22.54
CA THR M 136 -31.51 -5.23 22.21
C THR M 136 -32.13 -5.64 20.89
N ARG M 137 -31.30 -6.04 19.94
CA ARG M 137 -31.80 -6.56 18.66
C ARG M 137 -32.54 -7.89 18.89
N ARG M 138 -31.92 -8.77 19.65
CA ARG M 138 -32.56 -10.06 20.01
C ARG M 138 -33.91 -9.86 20.75
N ILE M 139 -33.92 -8.94 21.69
CA ILE M 139 -35.14 -8.58 22.41
C ILE M 139 -36.24 -8.03 21.50
N ALA M 140 -35.88 -7.08 20.62
CA ALA M 140 -36.80 -6.51 19.67
C ALA M 140 -37.42 -7.56 18.71
N GLU M 141 -36.61 -8.55 18.32
CA GLU M 141 -37.08 -9.74 17.55
C GLU M 141 -37.99 -10.66 18.37
N GLY M 142 -38.00 -10.45 19.68
CA GLY M 142 -38.83 -11.22 20.56
C GLY M 142 -38.21 -12.15 21.58
N ALA M 143 -36.89 -12.12 21.76
CA ALA M 143 -36.29 -12.86 22.88
C ALA M 143 -36.88 -12.38 24.23
N SER M 144 -37.19 -13.32 25.10
CA SER M 144 -37.73 -13.07 26.44
C SER M 144 -36.68 -13.29 27.54
N MET M 145 -35.50 -13.75 27.14
CA MET M 145 -34.44 -14.03 28.09
C MET M 145 -33.17 -13.97 27.27
N LEU M 146 -32.11 -13.56 27.94
CA LEU M 146 -30.80 -13.52 27.35
C LEU M 146 -29.81 -14.34 28.12
N ARG M 147 -28.73 -14.67 27.42
CA ARG M 147 -27.53 -15.22 28.04
C ARG M 147 -26.28 -14.73 27.35
N THR M 148 -25.13 -14.80 28.03
CA THR M 148 -23.85 -14.48 27.40
C THR M 148 -23.59 -15.52 26.32
N LYS M 149 -22.92 -15.14 25.26
CA LYS M 149 -22.46 -16.19 24.35
C LYS M 149 -21.35 -17.00 24.98
N GLY M 150 -20.52 -16.31 25.76
CA GLY M 150 -19.35 -16.95 26.32
C GLY M 150 -18.53 -17.61 25.23
N GLU M 151 -17.98 -18.77 25.59
CA GLU M 151 -17.06 -19.55 24.76
C GLU M 151 -17.36 -21.04 24.98
N PRO M 152 -18.15 -21.64 24.08
CA PRO M 152 -18.65 -23.00 24.23
C PRO M 152 -17.50 -23.96 24.13
N GLY M 153 -17.56 -25.00 24.94
CA GLY M 153 -16.61 -26.08 24.88
C GLY M 153 -15.16 -25.76 25.18
N THR M 154 -14.91 -24.77 26.03
CA THR M 154 -13.53 -24.56 26.50
C THR M 154 -13.37 -24.71 28.01
N GLY M 155 -14.40 -24.41 28.77
CA GLY M 155 -14.22 -24.30 30.21
C GLY M 155 -13.42 -23.06 30.61
N ASN M 156 -13.24 -22.14 29.67
CA ASN M 156 -12.62 -20.84 29.94
C ASN M 156 -13.72 -19.78 30.17
N ILE M 157 -13.82 -19.33 31.41
CA ILE M 157 -14.83 -18.37 31.86
C ILE M 157 -14.67 -16.98 31.25
N VAL M 158 -13.54 -16.74 30.56
CA VAL M 158 -13.18 -15.37 30.14
C VAL M 158 -14.18 -14.67 29.21
N GLU M 159 -14.79 -15.42 28.29
CA GLU M 159 -15.70 -14.76 27.36
C GLU M 159 -17.05 -14.46 28.04
N ALA M 160 -17.59 -15.40 28.83
CA ALA M 160 -18.75 -15.12 29.69
C ALA M 160 -18.52 -13.86 30.52
N VAL M 161 -17.36 -13.76 31.14
CA VAL M 161 -16.99 -12.58 31.92
C VAL M 161 -16.98 -11.34 31.01
N ARG M 162 -16.36 -11.44 29.84
CA ARG M 162 -16.28 -10.32 28.92
C ARG M 162 -17.67 -9.81 28.55
N HIS M 163 -18.59 -10.71 28.21
CA HIS M 163 -19.91 -10.31 27.71
C HIS M 163 -20.81 -9.81 28.80
N MET M 164 -20.79 -10.45 29.97
CA MET M 164 -21.56 -9.97 31.09
C MET M 164 -21.10 -8.58 31.53
N ARG M 165 -19.79 -8.41 31.69
CA ARG M 165 -19.24 -7.11 32.00
C ARG M 165 -19.61 -6.04 30.95
N LYS M 166 -19.56 -6.40 29.67
CA LYS M 166 -19.82 -5.44 28.60
C LYS M 166 -21.27 -4.98 28.64
N VAL M 167 -22.20 -5.93 28.65
CA VAL M 167 -23.61 -5.59 28.69
C VAL M 167 -23.91 -4.76 29.92
N ASN M 168 -23.39 -5.17 31.07
CA ASN M 168 -23.69 -4.46 32.31
C ASN M 168 -23.16 -3.02 32.34
N ALA M 169 -21.94 -2.84 31.84
CA ALA M 169 -21.30 -1.55 31.77
C ALA M 169 -22.03 -0.66 30.78
N GLN M 170 -22.46 -1.22 29.66
CA GLN M 170 -23.24 -0.40 28.69
C GLN M 170 -24.62 0.01 29.23
N VAL M 171 -25.25 -0.87 30.00
CA VAL M 171 -26.53 -0.56 30.65
C VAL M 171 -26.30 0.58 31.65
N ARG M 172 -25.28 0.45 32.53
CA ARG M 172 -24.98 1.49 33.51
CA ARG M 172 -24.98 1.49 33.51
C ARG M 172 -24.81 2.84 32.84
N LYS M 173 -24.05 2.87 31.76
CA LYS M 173 -23.87 4.14 31.02
C LYS M 173 -25.17 4.70 30.44
N VAL M 174 -25.97 3.82 29.83
CA VAL M 174 -27.23 4.25 29.23
C VAL M 174 -28.13 4.86 30.31
N VAL M 175 -28.24 4.20 31.47
CA VAL M 175 -29.05 4.66 32.56
C VAL M 175 -28.59 6.03 33.10
N ALA M 176 -27.27 6.25 33.14
CA ALA M 176 -26.74 7.48 33.68
C ALA M 176 -26.71 8.60 32.66
N MET M 177 -26.76 8.29 31.38
CA MET M 177 -26.46 9.33 30.39
C MET M 177 -27.60 10.30 30.15
N SER M 178 -27.25 11.45 29.58
CA SER M 178 -28.23 12.47 29.26
C SER M 178 -29.19 11.91 28.16
N GLU M 179 -30.49 12.08 28.39
CA GLU M 179 -31.49 11.50 27.51
C GLU M 179 -31.33 11.99 26.07
N ASP M 180 -30.93 13.24 25.91
CA ASP M 180 -30.79 13.77 24.55
C ASP M 180 -29.59 13.23 23.77
N GLU M 181 -28.73 12.44 24.43
CA GLU M 181 -27.59 11.82 23.78
C GLU M 181 -27.87 10.37 23.41
N LEU M 182 -29.06 9.89 23.75
CA LEU M 182 -29.42 8.49 23.54
C LEU M 182 -29.60 8.05 22.08
N MET M 183 -30.06 8.92 21.18
CA MET M 183 -30.15 8.54 19.77
C MET M 183 -28.76 8.25 19.15
N THR M 184 -27.80 9.11 19.44
CA THR M 184 -26.41 8.86 19.01
C THR M 184 -25.87 7.55 19.56
N GLU M 185 -26.21 7.25 20.82
CA GLU M 185 -25.80 6.01 21.43
C GLU M 185 -26.52 4.81 20.79
N ALA M 186 -27.82 4.93 20.56
CA ALA M 186 -28.56 3.86 19.88
C ALA M 186 -27.98 3.56 18.50
N LYS M 187 -27.67 4.60 17.75
CA LYS M 187 -27.08 4.44 16.43
C LYS M 187 -25.72 3.75 16.51
N ASN M 188 -24.87 4.22 17.43
CA ASN M 188 -23.55 3.61 17.63
CA ASN M 188 -23.56 3.60 17.58
C ASN M 188 -23.66 2.12 17.99
N LEU M 189 -24.61 1.78 18.85
CA LEU M 189 -24.76 0.38 19.31
C LEU M 189 -25.49 -0.53 18.31
N GLY M 190 -26.20 0.06 17.36
CA GLY M 190 -27.23 -0.64 16.62
C GLY M 190 -28.39 -1.09 17.46
N ALA M 191 -28.81 -0.30 18.44
CA ALA M 191 -29.91 -0.68 19.33
C ALA M 191 -31.21 -0.02 18.88
N PRO M 192 -32.34 -0.78 18.88
CA PRO M 192 -33.65 -0.12 18.69
C PRO M 192 -33.80 0.98 19.74
N TYR M 193 -34.03 2.20 19.26
CA TYR M 193 -34.14 3.36 20.14
C TYR M 193 -35.14 3.29 21.30
N GLU M 194 -36.39 2.90 21.08
CA GLU M 194 -37.36 2.84 22.20
C GLU M 194 -36.91 1.91 23.34
N LEU M 195 -36.23 0.84 22.97
CA LEU M 195 -35.75 -0.14 23.91
C LEU M 195 -34.63 0.49 24.77
N LEU M 196 -33.77 1.32 24.15
CA LEU M 196 -32.71 2.00 24.88
C LEU M 196 -33.31 2.99 25.84
N LEU M 197 -34.28 3.75 25.35
CA LEU M 197 -34.95 4.70 26.19
C LEU M 197 -35.68 4.02 27.36
N GLN M 198 -36.28 2.87 27.13
CA GLN M 198 -36.94 2.17 28.24
C GLN M 198 -35.94 1.60 29.28
N ILE M 199 -34.77 1.17 28.84
CA ILE M 199 -33.69 0.80 29.76
C ILE M 199 -33.30 1.95 30.70
N LYS M 200 -33.11 3.15 30.14
CA LYS M 200 -32.86 4.33 30.91
C LYS M 200 -33.97 4.56 31.92
N LYS M 201 -35.21 4.49 31.49
CA LYS M 201 -36.35 4.68 32.40
C LYS M 201 -36.54 3.62 33.50
N ASP M 202 -36.41 2.35 33.15
CA ASP M 202 -36.51 1.28 34.11
C ASP M 202 -35.28 1.16 34.99
N GLY M 203 -34.13 1.71 34.56
CA GLY M 203 -32.86 1.48 35.24
C GLY M 203 -32.25 0.10 35.04
N LYS M 204 -32.72 -0.65 34.03
CA LYS M 204 -32.29 -2.04 33.83
C LYS M 204 -32.72 -2.63 32.48
N LEU M 205 -32.03 -3.70 32.08
CA LEU M 205 -32.49 -4.53 30.98
C LEU M 205 -33.91 -5.01 31.31
N PRO M 206 -34.77 -5.15 30.29
CA PRO M 206 -36.13 -5.60 30.48
C PRO M 206 -36.29 -7.11 30.65
N VAL M 207 -35.22 -7.85 30.43
CA VAL M 207 -35.29 -9.29 30.48
C VAL M 207 -34.12 -9.77 31.32
N VAL M 208 -34.27 -10.98 31.84
CA VAL M 208 -33.25 -11.75 32.53
C VAL M 208 -32.05 -12.04 31.60
N ASN M 209 -30.86 -12.01 32.21
CA ASN M 209 -29.61 -12.28 31.53
C ASN M 209 -28.76 -13.24 32.39
N PHE M 210 -28.64 -14.47 31.91
CA PHE M 210 -27.84 -15.51 32.48
C PHE M 210 -26.43 -15.62 31.92
N ALA M 211 -25.55 -16.13 32.74
CA ALA M 211 -24.24 -16.48 32.25
C ALA M 211 -24.31 -17.84 31.58
N ALA M 212 -23.55 -17.97 30.51
CA ALA M 212 -23.42 -19.23 29.80
C ALA M 212 -22.11 -19.29 29.08
N GLY M 213 -21.62 -20.51 28.92
CA GLY M 213 -20.51 -20.77 28.04
C GLY M 213 -19.18 -20.49 28.70
N GLY M 214 -18.80 -21.39 29.60
CA GLY M 214 -17.46 -21.43 30.19
C GLY M 214 -17.44 -21.71 31.71
N VAL M 215 -18.61 -21.93 32.34
CA VAL M 215 -18.66 -22.15 33.77
C VAL M 215 -18.19 -23.57 34.00
N ALA M 216 -17.03 -23.70 34.62
CA ALA M 216 -16.41 -24.97 34.80
C ALA M 216 -16.28 -25.32 36.27
N THR M 217 -16.39 -24.35 37.18
CA THR M 217 -16.11 -24.59 38.60
C THR M 217 -17.13 -23.85 39.46
N PRO M 218 -17.36 -24.32 40.70
CA PRO M 218 -18.25 -23.56 41.60
C PRO M 218 -17.83 -22.08 41.72
N ALA M 219 -16.52 -21.83 41.84
CA ALA M 219 -16.05 -20.42 41.91
C ALA M 219 -16.44 -19.61 40.67
N ASP M 220 -16.42 -20.25 39.49
CA ASP M 220 -16.82 -19.61 38.23
C ASP M 220 -18.31 -19.20 38.28
N ALA M 221 -19.15 -20.14 38.73
CA ALA M 221 -20.57 -19.90 38.91
C ALA M 221 -20.80 -18.72 39.86
N ALA M 222 -20.08 -18.67 40.99
CA ALA M 222 -20.25 -17.60 41.96
C ALA M 222 -19.77 -16.28 41.38
N LEU M 223 -18.69 -16.34 40.61
CA LEU M 223 -18.14 -15.16 39.95
C LEU M 223 -19.14 -14.53 39.02
N MET M 224 -19.82 -15.35 38.22
CA MET M 224 -20.79 -14.80 37.27
C MET M 224 -21.93 -14.08 38.00
N MET M 225 -22.35 -14.64 39.13
CA MET M 225 -23.39 -14.03 39.93
C MET M 225 -22.88 -12.73 40.54
N GLN M 226 -21.63 -12.74 40.99
CA GLN M 226 -20.98 -11.53 41.50
C GLN M 226 -20.92 -10.43 40.44
N LEU M 227 -20.70 -10.79 39.19
CA LEU M 227 -20.71 -9.85 38.11
C LEU M 227 -22.11 -9.40 37.63
N GLY M 228 -23.19 -9.85 38.26
CA GLY M 228 -24.50 -9.40 37.89
C GLY M 228 -25.34 -10.34 37.04
N ALA M 229 -24.88 -11.57 36.81
CA ALA M 229 -25.74 -12.59 36.14
C ALA M 229 -27.02 -12.87 36.93
N ASP M 230 -28.11 -13.23 36.22
CA ASP M 230 -29.34 -13.59 36.89
C ASP M 230 -29.41 -15.08 37.15
N GLY M 231 -28.39 -15.82 36.76
CA GLY M 231 -28.37 -17.27 36.89
C GLY M 231 -27.32 -17.78 35.94
N VAL M 232 -27.16 -19.10 35.88
CA VAL M 232 -26.09 -19.74 35.18
C VAL M 232 -26.56 -20.97 34.38
N PHE M 233 -26.15 -21.07 33.12
CA PHE M 233 -26.20 -22.34 32.34
C PHE M 233 -24.86 -23.03 32.47
N VAL M 234 -24.90 -24.32 32.65
CA VAL M 234 -23.69 -25.11 32.77
C VAL M 234 -23.83 -26.33 31.86
N GLY M 235 -22.70 -26.81 31.37
CA GLY M 235 -22.67 -27.84 30.34
C GLY M 235 -22.52 -29.25 30.84
N SER M 236 -22.38 -30.14 29.88
CA SER M 236 -22.28 -31.60 30.10
C SER M 236 -21.09 -32.10 30.94
N GLY M 237 -20.08 -31.27 31.14
CA GLY M 237 -18.96 -31.60 32.00
C GLY M 237 -19.35 -31.98 33.43
N ILE M 238 -20.51 -31.53 33.90
CA ILE M 238 -21.02 -32.07 35.15
C ILE M 238 -20.97 -33.59 35.09
N PHE M 239 -21.38 -34.17 33.96
CA PHE M 239 -21.55 -35.63 33.93
C PHE M 239 -20.30 -36.38 33.50
N LYS M 240 -19.23 -35.65 33.15
CA LYS M 240 -17.91 -36.23 32.97
C LYS M 240 -17.17 -36.32 34.32
N SER M 241 -17.65 -35.58 35.31
CA SER M 241 -17.13 -35.68 36.67
C SER M 241 -17.20 -37.11 37.27
N ASP M 242 -16.30 -37.40 38.21
CA ASP M 242 -16.30 -38.68 38.93
C ASP M 242 -17.54 -38.83 39.83
N ASN M 243 -18.14 -37.72 40.27
CA ASN M 243 -19.40 -37.75 41.02
C ASN M 243 -20.30 -36.64 40.52
N PRO M 244 -21.03 -36.91 39.43
CA PRO M 244 -21.91 -35.90 38.84
C PRO M 244 -22.87 -35.24 39.83
N ALA M 245 -23.50 -36.05 40.66
CA ALA M 245 -24.47 -35.56 41.63
C ALA M 245 -23.87 -34.50 42.54
N LYS M 246 -22.70 -34.82 43.07
CA LYS M 246 -21.99 -33.99 44.01
C LYS M 246 -21.55 -32.68 43.34
N PHE M 247 -20.97 -32.83 42.17
CA PHE M 247 -20.58 -31.67 41.36
C PHE M 247 -21.75 -30.73 41.01
N ALA M 248 -22.86 -31.29 40.50
CA ALA M 248 -24.04 -30.49 40.15
C ALA M 248 -24.56 -29.76 41.38
N LYS M 249 -24.56 -30.45 42.50
CA LYS M 249 -25.01 -29.86 43.77
CA LYS M 249 -24.98 -29.87 43.78
C LYS M 249 -24.11 -28.68 44.14
N ALA M 250 -22.81 -28.84 43.93
CA ALA M 250 -21.84 -27.80 44.29
C ALA M 250 -22.04 -26.53 43.47
N ILE M 251 -22.34 -26.67 42.18
CA ILE M 251 -22.64 -25.49 41.32
C ILE M 251 -23.88 -24.74 41.77
N VAL M 252 -24.91 -25.52 42.11
CA VAL M 252 -26.17 -24.97 42.61
C VAL M 252 -25.91 -24.19 43.90
N GLU M 253 -25.19 -24.81 44.83
CA GLU M 253 -24.87 -24.15 46.08
C GLU M 253 -24.04 -22.89 45.95
N ALA M 254 -23.00 -22.93 45.12
CA ALA M 254 -22.15 -21.74 44.83
C ALA M 254 -22.95 -20.62 44.15
N THR M 255 -23.87 -20.99 43.26
CA THR M 255 -24.75 -20.01 42.60
C THR M 255 -25.67 -19.31 43.59
N THR M 256 -26.24 -20.07 44.52
CA THR M 256 -27.09 -19.53 45.56
C THR M 256 -26.29 -18.72 46.57
N HIS M 257 -25.20 -19.27 47.07
CA HIS M 257 -24.45 -18.60 48.10
C HIS M 257 -23.17 -18.00 47.59
N PHE M 258 -23.30 -17.08 46.64
CA PHE M 258 -22.18 -16.67 45.84
C PHE M 258 -21.18 -15.75 46.54
N THR M 259 -21.47 -15.33 47.77
CA THR M 259 -20.50 -14.57 48.56
C THR M 259 -20.01 -15.34 49.78
N ASP M 260 -20.38 -16.62 49.89
CA ASP M 260 -19.92 -17.42 51.02
C ASP M 260 -18.63 -18.14 50.71
N TYR M 261 -17.53 -17.43 50.93
CA TYR M 261 -16.23 -17.92 50.47
C TYR M 261 -15.75 -19.13 51.21
N LYS M 262 -16.08 -19.26 52.49
CA LYS M 262 -15.74 -20.50 53.22
C LYS M 262 -16.42 -21.72 52.60
N LEU M 263 -17.71 -21.57 52.32
CA LEU M 263 -18.48 -22.59 51.64
C LEU M 263 -17.85 -22.92 50.28
N ILE M 264 -17.63 -21.89 49.48
CA ILE M 264 -17.15 -22.11 48.11
C ILE M 264 -15.80 -22.77 48.15
N ALA M 265 -14.97 -22.46 49.15
CA ALA M 265 -13.70 -23.18 49.28
C ALA M 265 -13.97 -24.69 49.46
N GLU M 266 -14.90 -25.07 50.32
CA GLU M 266 -15.15 -26.53 50.46
C GLU M 266 -15.66 -27.15 49.18
N LEU M 267 -16.61 -26.47 48.51
CA LEU M 267 -17.17 -26.93 47.23
C LEU M 267 -16.13 -27.04 46.13
N SER M 268 -15.05 -26.28 46.23
CA SER M 268 -14.02 -26.27 45.22
C SER M 268 -13.06 -27.47 45.27
N LYS M 269 -13.24 -28.32 46.28
CA LYS M 269 -12.36 -29.48 46.45
C LYS M 269 -12.76 -30.66 45.56
N GLU M 270 -11.74 -31.26 44.95
CA GLU M 270 -11.83 -32.59 44.35
C GLU M 270 -12.57 -32.61 43.00
N MET N 1 -38.73 -0.37 59.68
CA MET N 1 -40.16 -0.20 60.13
C MET N 1 -40.74 -1.59 60.40
N LEU N 2 -41.79 -1.97 59.68
CA LEU N 2 -42.07 -3.38 59.42
C LEU N 2 -40.95 -3.90 58.52
N THR N 3 -40.39 -5.06 58.87
CA THR N 3 -39.43 -5.74 58.00
C THR N 3 -39.97 -7.11 57.59
N ILE N 4 -40.01 -7.31 56.27
CA ILE N 4 -40.53 -8.56 55.69
C ILE N 4 -39.44 -9.24 54.88
N GLY N 5 -39.19 -10.49 55.22
CA GLY N 5 -38.18 -11.27 54.53
C GLY N 5 -38.74 -11.91 53.27
N VAL N 6 -37.86 -12.13 52.31
CA VAL N 6 -38.18 -12.96 51.14
C VAL N 6 -37.12 -14.06 51.11
N LEU N 7 -37.57 -15.30 51.15
CA LEU N 7 -36.63 -16.43 51.07
C LEU N 7 -35.85 -16.33 49.75
N GLY N 8 -34.55 -16.13 49.87
CA GLY N 8 -33.75 -15.80 48.70
C GLY N 8 -32.97 -16.95 48.14
N LEU N 9 -33.35 -18.17 48.48
CA LEU N 9 -32.60 -19.32 47.97
C LEU N 9 -32.66 -19.44 46.44
N GLN N 10 -33.81 -19.14 45.86
CA GLN N 10 -33.94 -19.08 44.38
C GLN N 10 -35.28 -18.45 44.05
N GLY N 11 -35.37 -17.86 42.87
CA GLY N 11 -36.63 -17.45 42.32
C GLY N 11 -36.77 -15.96 42.06
N ALA N 12 -38.04 -15.53 42.01
CA ALA N 12 -38.36 -14.15 41.65
C ALA N 12 -38.34 -13.28 42.93
N VAL N 13 -37.14 -13.14 43.50
CA VAL N 13 -36.95 -12.62 44.88
C VAL N 13 -37.01 -11.08 44.86
N ARG N 14 -36.31 -10.48 43.92
CA ARG N 14 -36.27 -9.02 43.81
C ARG N 14 -37.65 -8.42 43.49
N GLU N 15 -38.48 -9.15 42.75
CA GLU N 15 -39.85 -8.67 42.47
C GLU N 15 -40.66 -8.50 43.77
N HIS N 16 -40.52 -9.46 44.67
CA HIS N 16 -41.20 -9.39 45.94
C HIS N 16 -40.63 -8.29 46.83
N ILE N 17 -39.30 -8.18 46.88
CA ILE N 17 -38.67 -7.06 47.60
C ILE N 17 -39.22 -5.72 47.13
N HIS N 18 -39.32 -5.54 45.83
CA HIS N 18 -39.80 -4.28 45.22
C HIS N 18 -41.24 -3.97 45.64
N ALA N 19 -42.07 -5.02 45.65
CA ALA N 19 -43.46 -4.90 46.12
C ALA N 19 -43.54 -4.52 47.62
N ILE N 20 -42.78 -5.21 48.47
CA ILE N 20 -42.71 -4.86 49.90
C ILE N 20 -42.31 -3.38 50.05
N GLU N 21 -41.29 -2.97 49.33
CA GLU N 21 -40.80 -1.60 49.43
C GLU N 21 -41.84 -0.60 48.92
N ALA N 22 -42.63 -1.00 47.90
CA ALA N 22 -43.67 -0.13 47.34
C ALA N 22 -44.81 0.13 48.32
N CYS N 23 -45.04 -0.81 49.24
CA CYS N 23 -46.09 -0.74 50.23
C CYS N 23 -45.59 -0.06 51.50
N GLY N 24 -44.35 0.41 51.48
CA GLY N 24 -43.78 1.17 52.59
C GLY N 24 -43.19 0.36 53.71
N ALA N 25 -42.90 -0.92 53.47
CA ALA N 25 -42.16 -1.75 54.42
C ALA N 25 -40.70 -1.96 54.00
N ALA N 26 -39.88 -2.51 54.89
CA ALA N 26 -38.50 -2.90 54.55
C ALA N 26 -38.43 -4.37 54.08
N GLY N 27 -37.65 -4.60 53.03
CA GLY N 27 -37.48 -5.97 52.52
C GLY N 27 -36.12 -6.49 52.94
N LEU N 28 -36.06 -7.76 53.32
CA LEU N 28 -34.78 -8.42 53.60
C LEU N 28 -34.71 -9.74 52.80
N VAL N 29 -33.66 -9.90 52.02
CA VAL N 29 -33.43 -11.17 51.36
C VAL N 29 -32.87 -12.15 52.38
N VAL N 30 -33.58 -13.26 52.59
CA VAL N 30 -33.20 -14.21 53.63
C VAL N 30 -32.48 -15.40 53.01
N LYS N 31 -31.17 -15.48 53.21
CA LYS N 31 -30.35 -16.60 52.73
C LYS N 31 -29.86 -17.56 53.80
N ARG N 32 -29.88 -17.11 55.06
CA ARG N 32 -29.46 -17.95 56.20
C ARG N 32 -30.58 -18.04 57.24
N PRO N 33 -30.79 -19.23 57.82
CA PRO N 33 -31.83 -19.38 58.82
C PRO N 33 -31.86 -18.30 59.92
N GLU N 34 -30.69 -17.84 60.36
CA GLU N 34 -30.63 -16.82 61.43
C GLU N 34 -31.31 -15.50 61.06
N GLN N 35 -31.31 -15.18 59.77
CA GLN N 35 -31.94 -13.94 59.33
C GLN N 35 -33.46 -13.92 59.53
N LEU N 36 -34.03 -15.10 59.76
CA LEU N 36 -35.45 -15.24 60.04
C LEU N 36 -35.82 -14.51 61.32
N ASN N 37 -34.87 -14.37 62.25
CA ASN N 37 -35.12 -13.62 63.49
C ASN N 37 -35.14 -12.11 63.26
N GLU N 38 -34.73 -11.66 62.07
CA GLU N 38 -34.70 -10.23 61.76
C GLU N 38 -35.96 -9.71 61.05
N VAL N 39 -36.97 -10.56 60.85
CA VAL N 39 -38.13 -10.16 60.06
C VAL N 39 -39.43 -10.48 60.77
N ASP N 40 -40.47 -9.72 60.41
CA ASP N 40 -41.81 -9.81 61.03
C ASP N 40 -42.73 -10.79 60.26
N GLY N 41 -42.41 -11.02 58.98
CA GLY N 41 -43.06 -12.05 58.18
C GLY N 41 -42.14 -12.49 57.07
N LEU N 42 -42.54 -13.53 56.35
CA LEU N 42 -41.73 -14.11 55.28
C LEU N 42 -42.52 -14.37 54.00
N ILE N 43 -41.94 -14.02 52.87
CA ILE N 43 -42.50 -14.40 51.56
C ILE N 43 -41.66 -15.52 50.97
N LEU N 44 -42.36 -16.60 50.63
CA LEU N 44 -41.81 -17.70 49.87
C LEU N 44 -42.12 -17.43 48.40
N PRO N 45 -41.09 -17.12 47.62
CA PRO N 45 -41.36 -16.60 46.30
C PRO N 45 -41.70 -17.66 45.25
N GLY N 46 -42.08 -17.18 44.08
CA GLY N 46 -42.13 -17.95 42.86
C GLY N 46 -40.76 -18.40 42.45
N GLY N 47 -40.72 -19.54 41.80
CA GLY N 47 -39.46 -20.13 41.36
C GLY N 47 -39.70 -21.60 41.13
N GLU N 48 -38.75 -22.43 41.49
CA GLU N 48 -38.93 -23.89 41.39
C GLU N 48 -38.99 -24.47 42.78
N SER N 49 -40.11 -25.09 43.11
CA SER N 49 -40.26 -25.70 44.44
C SER N 49 -39.25 -26.82 44.76
N THR N 50 -38.86 -27.58 43.75
CA THR N 50 -37.89 -28.64 43.97
C THR N 50 -36.54 -28.06 44.36
N THR N 51 -36.14 -27.01 43.67
CA THR N 51 -34.89 -26.33 43.97
C THR N 51 -34.93 -25.77 45.39
N MET N 52 -36.02 -25.11 45.71
CA MET N 52 -36.16 -24.53 47.02
C MET N 52 -36.12 -25.63 48.09
N ARG N 53 -36.78 -26.77 47.87
CA ARG N 53 -36.80 -27.83 48.90
C ARG N 53 -35.40 -28.35 49.12
N ARG N 54 -34.68 -28.55 48.02
CA ARG N 54 -33.32 -29.07 48.10
CA ARG N 54 -33.31 -29.04 48.09
C ARG N 54 -32.39 -28.12 48.88
N LEU N 55 -32.49 -26.83 48.61
CA LEU N 55 -31.72 -25.82 49.33
C LEU N 55 -32.19 -25.67 50.80
N ILE N 56 -33.50 -25.73 51.03
CA ILE N 56 -34.03 -25.78 52.38
C ILE N 56 -33.44 -26.96 53.14
N ASP N 57 -33.38 -28.14 52.52
CA ASP N 57 -32.80 -29.30 53.18
C ASP N 57 -31.31 -29.12 53.51
N THR N 58 -30.51 -28.72 52.51
CA THR N 58 -29.07 -28.62 52.72
C THR N 58 -28.72 -27.61 53.78
N TYR N 59 -29.38 -26.46 53.77
CA TYR N 59 -29.11 -25.40 54.72
C TYR N 59 -29.99 -25.42 55.96
N GLN N 60 -30.64 -26.56 56.20
CA GLN N 60 -31.34 -26.81 57.44
C GLN N 60 -32.34 -25.69 57.82
N PHE N 61 -33.16 -25.30 56.83
CA PHE N 61 -34.14 -24.21 56.97
C PHE N 61 -35.48 -24.71 57.48
N MET N 62 -35.76 -26.00 57.39
CA MET N 62 -37.12 -26.48 57.64
C MET N 62 -37.60 -26.30 59.10
N GLU N 63 -36.81 -26.73 60.07
CA GLU N 63 -37.12 -26.49 61.50
C GLU N 63 -37.21 -25.00 61.83
N PRO N 64 -36.18 -24.25 61.44
CA PRO N 64 -36.28 -22.81 61.59
C PRO N 64 -37.55 -22.23 60.96
N LEU N 65 -37.93 -22.69 59.77
CA LEU N 65 -39.15 -22.19 59.14
C LEU N 65 -40.40 -22.56 59.94
N ARG N 66 -40.44 -23.80 60.44
CA ARG N 66 -41.49 -24.24 61.34
C ARG N 66 -41.53 -23.43 62.63
N GLU N 67 -40.35 -23.15 63.19
CA GLU N 67 -40.27 -22.35 64.42
C GLU N 67 -40.74 -20.91 64.18
N PHE N 68 -40.40 -20.37 63.02
CA PHE N 68 -40.91 -19.07 62.55
C PHE N 68 -42.44 -19.03 62.57
N ALA N 69 -43.07 -20.06 62.01
CA ALA N 69 -44.55 -20.13 61.97
C ALA N 69 -45.08 -20.33 63.38
N ALA N 70 -44.35 -21.11 64.17
CA ALA N 70 -44.72 -21.36 65.56
C ALA N 70 -44.83 -20.06 66.35
N GLN N 71 -44.06 -19.02 65.98
CA GLN N 71 -44.12 -17.74 66.67
C GLN N 71 -45.25 -16.87 66.16
N GLY N 72 -46.10 -17.42 65.29
CA GLY N 72 -47.21 -16.67 64.70
C GLY N 72 -46.84 -15.70 63.57
N LYS N 73 -45.57 -15.67 63.17
CA LYS N 73 -45.15 -14.76 62.14
C LYS N 73 -45.78 -15.17 60.80
N PRO N 74 -46.50 -14.26 60.13
CA PRO N 74 -47.16 -14.62 58.87
C PRO N 74 -46.21 -15.03 57.73
N MET N 75 -46.73 -15.85 56.82
CA MET N 75 -45.96 -16.35 55.71
C MET N 75 -46.85 -16.36 54.48
N PHE N 76 -46.28 -15.93 53.37
CA PHE N 76 -46.97 -15.71 52.08
C PHE N 76 -46.23 -16.51 51.02
N GLY N 77 -46.91 -17.49 50.43
CA GLY N 77 -46.30 -18.30 49.36
C GLY N 77 -46.96 -17.99 48.04
N THR N 78 -46.16 -17.60 47.05
CA THR N 78 -46.64 -17.41 45.69
C THR N 78 -46.17 -18.51 44.75
N CYS N 79 -47.12 -19.35 44.31
CA CYS N 79 -46.91 -20.43 43.34
C CYS N 79 -45.90 -21.50 43.83
N ALA N 80 -44.61 -21.43 43.50
CA ALA N 80 -43.62 -22.30 44.20
C ALA N 80 -43.78 -22.18 45.71
N GLY N 81 -43.89 -20.97 46.22
CA GLY N 81 -44.00 -20.75 47.68
C GLY N 81 -45.27 -21.36 48.27
N LEU N 82 -46.35 -21.37 47.50
CA LEU N 82 -47.61 -22.03 47.91
C LEU N 82 -47.34 -23.51 48.00
N ILE N 83 -46.61 -24.03 47.00
CA ILE N 83 -46.27 -25.42 47.00
C ILE N 83 -45.44 -25.74 48.24
N ILE N 84 -44.51 -24.86 48.62
CA ILE N 84 -43.73 -25.09 49.83
C ILE N 84 -44.61 -25.11 51.12
N LEU N 85 -45.64 -24.29 51.10
CA LEU N 85 -46.53 -24.08 52.24
C LEU N 85 -47.58 -25.21 52.38
N ALA N 86 -47.92 -25.92 51.28
CA ALA N 86 -49.00 -26.91 51.24
C ALA N 86 -48.84 -28.11 52.15
N LYS N 87 -49.96 -28.48 52.79
CA LYS N 87 -50.05 -29.69 53.58
C LYS N 87 -49.77 -30.93 52.72
N GLU N 88 -50.36 -30.97 51.55
CA GLU N 88 -50.22 -32.14 50.70
C GLU N 88 -49.97 -31.76 49.25
N ILE N 89 -49.15 -32.57 48.58
CA ILE N 89 -48.88 -32.41 47.16
C ILE N 89 -49.38 -33.68 46.47
N ALA N 90 -50.36 -33.53 45.59
CA ALA N 90 -50.93 -34.67 44.89
C ALA N 90 -49.80 -35.43 44.18
N GLY N 91 -49.79 -36.74 44.30
CA GLY N 91 -48.80 -37.58 43.62
C GLY N 91 -47.43 -37.63 44.30
N SER N 92 -47.30 -36.97 45.44
CA SER N 92 -46.07 -37.05 46.22
C SER N 92 -46.35 -37.43 47.68
N ASP N 93 -45.39 -38.14 48.28
CA ASP N 93 -45.43 -38.42 49.72
C ASP N 93 -44.35 -37.63 50.46
N ASN N 94 -43.90 -36.53 49.87
CA ASN N 94 -42.84 -35.72 50.46
C ASN N 94 -43.21 -34.26 50.42
N PRO N 95 -44.26 -33.87 51.16
CA PRO N 95 -44.65 -32.48 51.21
C PRO N 95 -43.57 -31.66 51.92
N HIS N 96 -43.70 -30.34 51.87
CA HIS N 96 -42.66 -29.45 52.35
C HIS N 96 -42.99 -28.89 53.74
N LEU N 97 -43.30 -27.58 53.89
CA LEU N 97 -43.55 -27.04 55.23
C LEU N 97 -44.84 -27.57 55.84
N GLY N 98 -45.83 -27.83 54.99
CA GLY N 98 -47.04 -28.47 55.44
C GLY N 98 -47.93 -27.62 56.32
N LEU N 99 -47.84 -26.30 56.21
CA LEU N 99 -48.51 -25.44 57.17
C LEU N 99 -49.88 -24.97 56.68
N LEU N 100 -50.06 -24.84 55.38
CA LEU N 100 -51.35 -24.41 54.84
C LEU N 100 -52.17 -25.63 54.49
N ASN N 101 -53.37 -25.70 55.06
CA ASN N 101 -54.26 -26.85 54.93
C ASN N 101 -54.97 -26.96 53.56
N VAL N 102 -54.16 -27.15 52.52
CA VAL N 102 -54.59 -27.35 51.13
C VAL N 102 -53.89 -28.56 50.50
N VAL N 103 -54.48 -29.06 49.42
CA VAL N 103 -53.90 -30.10 48.60
C VAL N 103 -53.66 -29.41 47.28
N VAL N 104 -52.47 -29.63 46.74
CA VAL N 104 -51.95 -28.86 45.63
C VAL N 104 -51.50 -29.88 44.58
N GLU N 105 -51.82 -29.61 43.32
CA GLU N 105 -51.29 -30.39 42.22
C GLU N 105 -50.37 -29.51 41.42
N ARG N 106 -49.12 -29.93 41.29
CA ARG N 106 -48.14 -29.12 40.59
C ARG N 106 -48.34 -29.19 39.09
N ASN N 107 -47.98 -28.13 38.39
CA ASN N 107 -47.94 -28.12 36.92
C ASN N 107 -49.25 -28.54 36.25
N SER N 108 -50.37 -28.10 36.80
CA SER N 108 -51.64 -28.67 36.41
C SER N 108 -52.18 -28.14 35.09
N PHE N 109 -51.68 -27.00 34.59
CA PHE N 109 -52.19 -26.47 33.31
C PHE N 109 -51.42 -27.00 32.10
N GLY N 110 -50.32 -27.70 32.35
CA GLY N 110 -49.50 -28.30 31.29
C GLY N 110 -48.06 -27.86 31.46
N ARG N 111 -47.56 -27.07 30.51
CA ARG N 111 -46.19 -26.59 30.50
C ARG N 111 -46.19 -25.06 30.25
N GLN N 112 -45.03 -24.47 29.99
CA GLN N 112 -44.93 -22.99 29.86
C GLN N 112 -45.84 -22.46 28.74
N VAL N 113 -46.00 -23.20 27.67
CA VAL N 113 -46.84 -22.80 26.53
C VAL N 113 -48.31 -22.53 26.98
N ASP N 114 -48.68 -23.20 28.07
CA ASP N 114 -49.99 -23.06 28.69
C ASP N 114 -50.06 -21.96 29.74
N SER N 115 -48.91 -21.38 30.10
CA SER N 115 -48.89 -20.28 31.06
C SER N 115 -49.76 -19.16 30.51
N PHE N 116 -50.44 -18.43 31.41
CA PHE N 116 -51.43 -17.46 31.01
C PHE N 116 -51.62 -16.36 32.01
N GLU N 117 -52.28 -15.31 31.57
CA GLU N 117 -52.72 -14.27 32.46
C GLU N 117 -54.21 -14.13 32.35
N ALA N 118 -54.86 -13.82 33.46
CA ALA N 118 -56.32 -13.64 33.54
C ALA N 118 -56.66 -12.67 34.67
N ASP N 119 -57.65 -11.82 34.44
CA ASP N 119 -58.18 -10.94 35.49
C ASP N 119 -58.86 -11.76 36.54
N LEU N 120 -58.66 -11.37 37.79
CA LEU N 120 -59.15 -12.09 38.93
C LEU N 120 -59.95 -11.18 39.82
N THR N 121 -60.98 -11.73 40.43
CA THR N 121 -61.61 -11.04 41.55
C THR N 121 -61.04 -11.63 42.85
N ILE N 122 -60.48 -10.74 43.68
CA ILE N 122 -59.86 -11.13 44.95
C ILE N 122 -60.54 -10.40 46.13
N LYS N 123 -60.93 -11.19 47.12
CA LYS N 123 -61.60 -10.71 48.32
C LYS N 123 -60.67 -9.73 49.04
N GLY N 124 -61.15 -8.51 49.22
CA GLY N 124 -60.36 -7.43 49.82
C GLY N 124 -59.79 -6.52 48.78
N LEU N 125 -59.80 -6.98 47.53
CA LEU N 125 -59.43 -6.16 46.41
C LEU N 125 -60.69 -5.80 45.68
N ASP N 126 -60.64 -4.63 45.09
CA ASP N 126 -61.82 -4.00 44.57
C ASP N 126 -61.93 -4.16 43.06
N GLU N 127 -61.09 -3.45 42.33
CA GLU N 127 -60.93 -3.68 40.91
C GLU N 127 -60.27 -5.03 40.68
N PRO N 128 -60.46 -5.60 39.47
CA PRO N 128 -59.80 -6.84 39.11
C PRO N 128 -58.28 -6.76 39.23
N PHE N 129 -57.67 -7.90 39.47
CA PHE N 129 -56.24 -8.05 39.57
C PHE N 129 -55.74 -9.01 38.46
N THR N 130 -54.80 -8.58 37.64
CA THR N 130 -54.21 -9.49 36.63
C THR N 130 -53.39 -10.62 37.26
N GLY N 131 -53.97 -11.81 37.35
CA GLY N 131 -53.22 -12.99 37.77
C GLY N 131 -52.31 -13.47 36.63
N VAL N 132 -51.03 -13.66 36.95
CA VAL N 132 -50.10 -14.24 35.98
C VAL N 132 -49.71 -15.63 36.47
N PHE N 133 -50.09 -16.62 35.68
CA PHE N 133 -50.00 -18.03 36.04
C PHE N 133 -48.90 -18.72 35.23
N ILE N 134 -47.75 -18.92 35.88
CA ILE N 134 -46.55 -19.42 35.21
C ILE N 134 -46.32 -20.87 35.66
N ARG N 135 -46.59 -21.81 34.79
CA ARG N 135 -46.45 -23.23 35.17
C ARG N 135 -47.04 -23.43 36.58
N ALA N 136 -48.27 -22.95 36.74
CA ALA N 136 -48.89 -22.86 38.04
C ALA N 136 -49.49 -24.22 38.46
N PRO N 137 -49.65 -24.41 39.78
CA PRO N 137 -50.37 -25.53 40.29
C PRO N 137 -51.85 -25.22 40.43
N HIS N 138 -52.65 -26.29 40.58
CA HIS N 138 -54.04 -26.24 41.10
C HIS N 138 -54.07 -26.41 42.65
N ILE N 139 -54.90 -25.63 43.32
CA ILE N 139 -55.31 -25.92 44.70
C ILE N 139 -56.55 -26.82 44.58
N LEU N 140 -56.34 -28.12 44.67
CA LEU N 140 -57.39 -29.12 44.46
C LEU N 140 -58.45 -29.04 45.55
N GLU N 141 -58.01 -28.67 46.75
CA GLU N 141 -58.92 -28.53 47.86
C GLU N 141 -58.31 -27.75 49.03
N ALA N 142 -59.20 -27.17 49.83
CA ALA N 142 -58.86 -26.42 51.04
C ALA N 142 -59.74 -26.90 52.22
N GLY N 143 -59.14 -27.04 53.40
CA GLY N 143 -59.89 -27.39 54.60
C GLY N 143 -60.78 -26.28 55.14
N GLU N 144 -61.62 -26.59 56.14
CA GLU N 144 -62.63 -25.64 56.62
C GLU N 144 -62.06 -24.41 57.31
N ASN N 145 -60.81 -24.51 57.80
CA ASN N 145 -60.11 -23.35 58.36
C ASN N 145 -59.45 -22.41 57.31
N VAL N 146 -59.72 -22.66 56.03
CA VAL N 146 -59.11 -21.90 54.96
C VAL N 146 -60.16 -21.00 54.29
N GLU N 147 -59.91 -19.69 54.30
CA GLU N 147 -60.73 -18.72 53.59
C GLU N 147 -60.26 -18.64 52.14
N VAL N 148 -61.14 -18.96 51.20
CA VAL N 148 -60.88 -18.82 49.78
C VAL N 148 -61.04 -17.36 49.37
N LEU N 149 -59.96 -16.77 48.85
CA LEU N 149 -59.97 -15.32 48.50
C LEU N 149 -60.21 -15.04 47.06
N SER N 150 -59.93 -16.03 46.20
CA SER N 150 -60.14 -15.90 44.77
C SER N 150 -60.33 -17.28 44.14
N GLU N 151 -61.19 -17.32 43.13
CA GLU N 151 -61.38 -18.49 42.25
C GLU N 151 -61.28 -18.09 40.77
N HIS N 152 -60.75 -19.01 39.97
CA HIS N 152 -60.67 -18.81 38.56
C HIS N 152 -61.17 -20.05 37.86
N ASN N 153 -62.14 -19.87 36.97
CA ASN N 153 -62.80 -20.98 36.35
C ASN N 153 -63.21 -22.01 37.39
N GLY N 154 -63.73 -21.53 38.52
CA GLY N 154 -64.28 -22.40 39.53
C GLY N 154 -63.27 -23.11 40.43
N ARG N 155 -61.99 -22.78 40.29
CA ARG N 155 -60.92 -23.37 41.11
C ARG N 155 -60.28 -22.34 42.02
N ILE N 156 -59.88 -22.77 43.22
CA ILE N 156 -59.27 -21.89 44.20
C ILE N 156 -57.88 -21.48 43.72
N VAL N 157 -57.61 -20.18 43.63
CA VAL N 157 -56.27 -19.69 43.25
C VAL N 157 -55.62 -18.78 44.30
N ALA N 158 -56.37 -18.41 45.34
CA ALA N 158 -55.85 -17.63 46.44
C ALA N 158 -56.60 -18.00 47.71
N ALA N 159 -55.86 -18.11 48.81
CA ALA N 159 -56.38 -18.63 50.07
C ALA N 159 -55.65 -18.08 51.28
N LYS N 160 -56.36 -18.01 52.40
CA LYS N 160 -55.84 -17.47 53.64
C LYS N 160 -56.27 -18.35 54.81
N GLN N 161 -55.32 -18.60 55.70
CA GLN N 161 -55.56 -19.41 56.88
C GLN N 161 -54.74 -18.79 58.01
N GLY N 162 -55.41 -18.00 58.84
CA GLY N 162 -54.75 -17.30 59.94
C GLY N 162 -53.56 -16.45 59.48
N GLN N 163 -52.36 -16.90 59.82
CA GLN N 163 -51.13 -16.17 59.49
C GLN N 163 -50.61 -16.46 58.09
N PHE N 164 -51.24 -17.42 57.39
CA PHE N 164 -50.76 -17.92 56.10
C PHE N 164 -51.56 -17.37 54.93
N LEU N 165 -50.84 -16.93 53.90
CA LEU N 165 -51.46 -16.48 52.63
C LEU N 165 -50.80 -17.29 51.51
N GLY N 166 -51.61 -17.80 50.59
CA GLY N 166 -51.10 -18.62 49.49
C GLY N 166 -51.82 -18.27 48.22
N CYS N 167 -51.08 -18.12 47.13
CA CYS N 167 -51.75 -18.07 45.82
C CYS N 167 -50.99 -18.85 44.76
N SER N 168 -51.72 -19.26 43.73
CA SER N 168 -51.17 -20.14 42.72
C SER N 168 -50.57 -19.34 41.53
N PHE N 169 -50.86 -18.05 41.50
CA PHE N 169 -50.34 -17.10 40.52
C PHE N 169 -49.22 -16.23 41.13
N ASN N 170 -48.58 -15.38 40.32
CA ASN N 170 -47.47 -14.54 40.80
C ASN N 170 -47.78 -13.04 40.74
N PRO N 171 -48.38 -12.48 41.81
CA PRO N 171 -48.75 -11.04 41.80
C PRO N 171 -47.56 -10.11 41.60
N GLU N 172 -46.41 -10.55 42.09
CA GLU N 172 -45.17 -9.80 42.06
C GLU N 172 -44.62 -9.68 40.65
N LEU N 173 -45.16 -10.45 39.70
CA LEU N 173 -44.90 -10.19 38.27
C LEU N 173 -45.70 -9.02 37.69
N THR N 174 -46.47 -8.32 38.52
CA THR N 174 -47.20 -7.15 38.02
C THR N 174 -46.69 -5.90 38.76
N GLU N 175 -47.10 -4.74 38.29
CA GLU N 175 -46.84 -3.51 39.03
C GLU N 175 -48.03 -3.13 39.93
N ASP N 176 -48.89 -4.09 40.20
CA ASP N 176 -50.04 -3.90 41.05
C ASP N 176 -49.75 -4.58 42.36
N HIS N 177 -49.51 -3.78 43.39
CA HIS N 177 -48.99 -4.31 44.67
C HIS N 177 -50.05 -4.65 45.71
N ARG N 178 -51.31 -4.67 45.31
CA ARG N 178 -52.42 -4.82 46.25
C ARG N 178 -52.45 -6.14 47.03
N VAL N 179 -51.94 -7.23 46.43
CA VAL N 179 -51.93 -8.53 47.10
C VAL N 179 -50.81 -8.56 48.14
N THR N 180 -49.64 -8.03 47.78
CA THR N 180 -48.60 -7.81 48.78
C THR N 180 -49.12 -6.96 49.94
N GLN N 181 -49.85 -5.90 49.62
CA GLN N 181 -50.45 -5.03 50.64
C GLN N 181 -51.38 -5.80 51.59
N LEU N 182 -52.07 -6.82 51.08
CA LEU N 182 -52.88 -7.66 51.95
C LEU N 182 -51.97 -8.36 52.93
N PHE N 183 -50.81 -8.78 52.45
CA PHE N 183 -49.85 -9.46 53.32
C PHE N 183 -49.20 -8.54 54.35
N VAL N 184 -48.86 -7.32 53.92
CA VAL N 184 -48.32 -6.28 54.78
C VAL N 184 -49.29 -6.00 55.92
N GLU N 185 -50.57 -5.89 55.60
CA GLU N 185 -51.60 -5.78 56.61
C GLU N 185 -51.61 -6.98 57.60
N MET N 186 -51.42 -8.20 57.10
CA MET N 186 -51.35 -9.35 57.98
C MET N 186 -50.15 -9.23 58.93
N VAL N 187 -49.05 -8.65 58.43
CA VAL N 187 -47.83 -8.56 59.23
C VAL N 187 -47.95 -7.44 60.25
N GLU N 188 -48.66 -6.37 59.89
CA GLU N 188 -49.02 -5.31 60.85
C GLU N 188 -49.83 -5.92 62.00
N GLU N 189 -50.90 -6.62 61.64
CA GLU N 189 -51.76 -7.29 62.60
C GLU N 189 -50.97 -8.15 63.60
N TYR N 190 -50.01 -8.92 63.10
CA TYR N 190 -49.21 -9.79 63.97
C TYR N 190 -48.29 -8.98 64.89
N LYS N 191 -47.72 -7.92 64.32
CA LYS N 191 -46.74 -7.08 65.00
C LYS N 191 -47.40 -6.33 66.19
N GLN N 192 -48.72 -6.10 66.10
CA GLN N 192 -49.49 -5.48 67.19
C GLN N 192 -50.03 -6.48 68.22
N LYS N 193 -49.76 -7.78 68.03
CA LYS N 193 -50.15 -8.79 69.00
C LYS N 193 -48.96 -9.07 69.92
N ALA O 2 -6.51 -2.27 67.26
CA ALA O 2 -5.77 -3.14 66.28
C ALA O 2 -6.53 -3.13 64.95
N GLN O 3 -5.85 -2.84 63.85
CA GLN O 3 -6.46 -2.92 62.52
C GLN O 3 -5.74 -3.98 61.70
N THR O 4 -6.48 -4.84 61.00
CA THR O 4 -5.93 -5.76 60.03
C THR O 4 -6.05 -5.16 58.64
N GLY O 5 -5.38 -5.75 57.66
CA GLY O 5 -5.57 -5.32 56.27
C GLY O 5 -5.12 -3.91 55.87
N THR O 6 -4.29 -3.25 56.66
CA THR O 6 -3.78 -1.93 56.27
C THR O 6 -2.73 -2.11 55.15
N GLU O 7 -2.53 -1.05 54.35
CA GLU O 7 -1.48 -0.98 53.34
C GLU O 7 -0.10 -1.32 53.96
N ARG O 8 0.18 -0.70 55.09
CA ARG O 8 1.46 -0.97 55.80
C ARG O 8 1.66 -2.45 56.20
N VAL O 9 0.59 -3.07 56.65
CA VAL O 9 0.60 -4.50 56.99
C VAL O 9 0.72 -5.37 55.73
N LYS O 10 0.01 -5.00 54.68
CA LYS O 10 0.05 -5.75 53.42
C LYS O 10 1.45 -5.76 52.80
N ARG O 11 2.01 -4.57 52.75
CA ARG O 11 3.33 -4.34 52.17
C ARG O 11 4.43 -4.83 53.10
N GLY O 12 4.21 -4.65 54.39
CA GLY O 12 5.16 -5.11 55.41
C GLY O 12 5.51 -6.59 55.32
N MET O 13 4.51 -7.42 55.02
CA MET O 13 4.73 -8.87 54.79
C MET O 13 5.76 -9.09 53.66
N ALA O 14 5.58 -8.39 52.55
CA ALA O 14 6.52 -8.48 51.43
C ALA O 14 7.91 -7.97 51.83
N GLU O 15 7.97 -6.90 52.62
CA GLU O 15 9.26 -6.37 53.11
C GLU O 15 10.01 -7.41 53.94
N MET O 16 9.27 -8.27 54.64
CA MET O 16 9.87 -9.32 55.46
C MET O 16 10.32 -10.53 54.63
N GLN O 17 9.97 -10.55 53.34
CA GLN O 17 10.39 -11.59 52.40
C GLN O 17 11.72 -11.24 51.69
N LYS O 18 12.18 -9.99 51.80
CA LYS O 18 13.34 -9.54 51.01
C LYS O 18 14.56 -10.42 51.26
N GLY O 19 15.30 -10.61 50.19
CA GLY O 19 16.54 -11.32 50.28
C GLY O 19 16.37 -12.80 50.34
N GLY O 20 15.17 -13.31 50.12
CA GLY O 20 14.96 -14.75 50.05
C GLY O 20 14.41 -15.31 48.75
N VAL O 21 14.16 -16.62 48.77
CA VAL O 21 13.69 -17.38 47.65
C VAL O 21 12.33 -17.98 47.97
N ILE O 22 11.39 -17.78 47.06
CA ILE O 22 10.06 -18.39 47.10
C ILE O 22 10.04 -19.52 46.05
N MET O 23 9.67 -20.71 46.50
CA MET O 23 9.75 -21.89 45.67
C MET O 23 8.36 -22.42 45.38
N ASP O 24 8.12 -22.73 44.11
CA ASP O 24 6.89 -23.42 43.71
C ASP O 24 6.95 -24.83 44.21
N VAL O 25 5.87 -25.28 44.80
CA VAL O 25 5.74 -26.66 45.25
C VAL O 25 4.34 -27.21 44.90
N ILE O 26 4.25 -28.53 44.74
CA ILE O 26 2.97 -29.19 44.42
C ILE O 26 2.47 -30.15 45.49
N ASN O 27 3.27 -30.41 46.53
CA ASN O 27 2.83 -31.25 47.64
C ASN O 27 3.56 -30.95 48.94
N ALA O 28 3.23 -31.67 50.00
CA ALA O 28 3.77 -31.45 51.32
C ALA O 28 5.27 -31.77 51.36
N GLU O 29 5.66 -32.80 50.62
CA GLU O 29 7.05 -33.26 50.62
C GLU O 29 7.95 -32.20 50.02
N GLN O 30 7.57 -31.72 48.85
CA GLN O 30 8.27 -30.61 48.23
C GLN O 30 8.29 -29.40 49.18
N ALA O 31 7.15 -29.06 49.77
CA ALA O 31 7.10 -27.91 50.70
C ALA O 31 8.10 -28.06 51.86
N LYS O 32 8.18 -29.24 52.42
CA LYS O 32 9.11 -29.51 53.53
C LYS O 32 10.57 -29.37 53.06
N ILE O 33 10.90 -29.91 51.91
CA ILE O 33 12.23 -29.72 51.31
C ILE O 33 12.58 -28.23 51.15
N ALA O 34 11.62 -27.46 50.61
CA ALA O 34 11.80 -26.02 50.41
C ALA O 34 12.13 -25.31 51.74
N GLU O 35 11.28 -25.56 52.73
CA GLU O 35 11.47 -24.94 54.04
C GLU O 35 12.81 -25.34 54.64
N GLU O 36 13.17 -26.60 54.51
CA GLU O 36 14.43 -27.13 55.09
C GLU O 36 15.60 -26.46 54.38
N ALA O 37 15.44 -26.16 53.09
CA ALA O 37 16.48 -25.50 52.31
C ALA O 37 16.65 -24.00 52.60
N GLY O 38 15.73 -23.42 53.34
CA GLY O 38 15.77 -22.00 53.64
C GLY O 38 14.86 -21.10 52.81
N ALA O 39 13.91 -21.68 52.06
CA ALA O 39 12.90 -20.87 51.37
C ALA O 39 12.20 -19.97 52.36
N VAL O 40 11.97 -18.71 51.99
CA VAL O 40 11.13 -17.80 52.80
C VAL O 40 9.61 -17.99 52.62
N ALA O 41 9.21 -18.66 51.55
CA ALA O 41 7.80 -18.97 51.32
C ALA O 41 7.76 -20.04 50.26
N VAL O 42 6.60 -20.66 50.15
CA VAL O 42 6.31 -21.60 49.08
C VAL O 42 5.05 -21.14 48.35
N MET O 43 5.03 -21.39 47.05
CA MET O 43 3.91 -21.10 46.17
C MET O 43 3.25 -22.46 45.84
N ALA O 44 2.05 -22.68 46.40
CA ALA O 44 1.35 -23.95 46.25
C ALA O 44 0.69 -24.00 44.87
N LEU O 45 1.03 -25.05 44.11
CA LEU O 45 0.49 -25.34 42.79
C LEU O 45 -0.14 -26.73 42.75
N GLU O 46 -1.22 -26.89 41.98
CA GLU O 46 -1.88 -28.20 41.86
C GLU O 46 -1.07 -28.98 40.86
N ARG O 47 -0.98 -28.39 39.68
CA ARG O 47 -0.03 -28.81 38.68
CA ARG O 47 -0.04 -28.82 38.67
C ARG O 47 0.65 -27.57 38.16
N VAL O 48 1.72 -27.76 37.43
CA VAL O 48 2.44 -26.66 36.81
C VAL O 48 1.60 -26.07 35.65
N PRO O 49 1.20 -24.79 35.78
CA PRO O 49 0.35 -24.12 34.77
C PRO O 49 0.91 -24.10 33.34
N ALA O 50 2.23 -23.96 33.22
CA ALA O 50 2.89 -24.00 31.92
C ALA O 50 2.59 -25.33 31.20
N ASP O 51 2.46 -26.41 31.97
CA ASP O 51 2.14 -27.72 31.41
C ASP O 51 0.66 -27.84 31.03
N ILE O 52 -0.21 -27.26 31.86
CA ILE O 52 -1.64 -27.20 31.60
C ILE O 52 -1.96 -26.39 30.34
N ARG O 53 -1.35 -25.21 30.22
CA ARG O 53 -1.69 -24.31 29.10
C ARG O 53 -1.01 -24.76 27.80
N ALA O 54 0.15 -25.38 27.93
CA ALA O 54 0.81 -26.07 26.82
C ALA O 54 0.12 -27.40 26.50
N ALA O 55 -1.02 -27.69 27.13
CA ALA O 55 -1.78 -28.94 26.90
C ALA O 55 -3.17 -28.92 26.18
N GLY O 56 -3.68 -27.83 25.62
CA GLY O 56 -3.46 -26.45 26.02
C GLY O 56 -4.59 -25.94 26.93
N GLY O 57 -5.09 -26.83 27.80
CA GLY O 57 -6.15 -26.57 28.80
C GLY O 57 -6.18 -25.25 29.55
N VAL O 58 -7.20 -25.12 30.40
CA VAL O 58 -7.41 -23.93 31.23
C VAL O 58 -6.77 -24.10 32.60
N ALA O 59 -5.88 -23.17 32.96
CA ALA O 59 -5.16 -23.22 34.23
C ALA O 59 -5.86 -22.34 35.25
N ARG O 60 -6.31 -22.97 36.34
CA ARG O 60 -7.21 -22.36 37.30
C ARG O 60 -6.59 -22.33 38.68
N MET O 61 -7.27 -21.72 39.64
CA MET O 61 -6.90 -21.92 41.04
C MET O 61 -6.67 -23.41 41.38
N ALA O 62 -5.70 -23.66 42.24
CA ALA O 62 -5.42 -24.99 42.76
C ALA O 62 -6.54 -25.50 43.63
N ASP O 63 -6.71 -26.81 43.59
CA ASP O 63 -7.60 -27.51 44.52
C ASP O 63 -7.24 -27.05 45.91
N PRO O 64 -8.20 -26.47 46.64
CA PRO O 64 -7.90 -26.10 48.02
C PRO O 64 -7.33 -27.23 48.90
N THR O 65 -7.61 -28.49 48.57
CA THR O 65 -7.03 -29.63 49.34
C THR O 65 -5.49 -29.57 49.28
N ILE O 66 -4.97 -29.32 48.09
CA ILE O 66 -3.54 -29.20 47.90
C ILE O 66 -2.96 -27.98 48.66
N VAL O 67 -3.60 -26.83 48.54
CA VAL O 67 -3.16 -25.63 49.24
C VAL O 67 -3.13 -25.92 50.76
N GLU O 68 -4.15 -26.62 51.25
CA GLU O 68 -4.20 -26.96 52.65
C GLU O 68 -3.13 -27.92 53.09
N GLU O 69 -2.84 -28.92 52.28
CA GLU O 69 -1.73 -29.84 52.55
C GLU O 69 -0.45 -29.06 52.74
N VAL O 70 -0.19 -28.15 51.80
CA VAL O 70 1.03 -27.38 51.83
C VAL O 70 1.07 -26.52 53.09
N MET O 71 -0.02 -25.81 53.38
CA MET O 71 -0.08 -24.97 54.59
C MET O 71 0.18 -25.78 55.87
N ASN O 72 -0.36 -26.99 55.92
CA ASN O 72 -0.16 -27.83 57.10
C ASN O 72 1.25 -28.44 57.21
N ALA O 73 2.03 -28.40 56.12
CA ALA O 73 3.32 -29.04 56.10
C ALA O 73 4.47 -28.13 56.54
N VAL O 74 4.26 -26.81 56.58
CA VAL O 74 5.35 -25.89 56.80
C VAL O 74 4.91 -24.72 57.67
N SER O 75 5.90 -24.03 58.27
CA SER O 75 5.70 -22.89 59.15
C SER O 75 6.02 -21.56 58.48
N ILE O 76 6.54 -21.61 57.26
CA ILE O 76 6.73 -20.41 56.44
C ILE O 76 5.42 -20.04 55.69
N PRO O 77 5.29 -18.76 55.21
CA PRO O 77 4.10 -18.35 54.47
C PRO O 77 3.87 -19.20 53.22
N VAL O 78 2.58 -19.28 52.82
CA VAL O 78 2.17 -20.04 51.66
C VAL O 78 1.42 -19.09 50.76
N MET O 79 1.92 -18.93 49.53
CA MET O 79 1.24 -18.17 48.50
C MET O 79 0.51 -19.11 47.54
N ALA O 80 -0.47 -18.58 46.81
CA ALA O 80 -1.17 -19.34 45.78
C ALA O 80 -1.70 -18.41 44.67
N LYS O 81 -2.00 -18.98 43.52
CA LYS O 81 -2.39 -18.19 42.36
C LYS O 81 -3.89 -18.09 42.16
N ALA O 82 -4.34 -16.89 41.79
CA ALA O 82 -5.66 -16.68 41.26
C ALA O 82 -5.55 -16.23 39.81
N ARG O 83 -6.53 -16.62 38.97
CA ARG O 83 -6.65 -16.08 37.60
C ARG O 83 -6.93 -14.59 37.65
N ILE O 84 -6.38 -13.85 36.70
CA ILE O 84 -6.54 -12.39 36.64
C ILE O 84 -8.01 -12.11 36.57
N GLY O 85 -8.49 -11.20 37.42
CA GLY O 85 -9.89 -10.82 37.48
C GLY O 85 -10.81 -11.83 38.16
N HIS O 86 -10.29 -12.94 38.65
CA HIS O 86 -11.21 -13.96 39.19
C HIS O 86 -11.50 -13.69 40.66
N ILE O 87 -12.45 -12.81 40.89
CA ILE O 87 -12.80 -12.32 42.22
C ILE O 87 -13.02 -13.47 43.23
N VAL O 88 -13.78 -14.47 42.83
CA VAL O 88 -14.15 -15.51 43.77
C VAL O 88 -12.94 -16.41 44.06
N GLU O 89 -12.10 -16.73 43.07
CA GLU O 89 -10.93 -17.53 43.37
C GLU O 89 -10.08 -16.79 44.44
N ALA O 90 -9.94 -15.49 44.28
CA ALA O 90 -9.15 -14.64 45.18
C ALA O 90 -9.75 -14.57 46.60
N ARG O 91 -11.07 -14.37 46.68
CA ARG O 91 -11.79 -14.38 47.96
C ARG O 91 -11.74 -15.73 48.64
N VAL O 92 -11.75 -16.81 47.87
CA VAL O 92 -11.63 -18.15 48.40
C VAL O 92 -10.26 -18.38 49.01
N LEU O 93 -9.21 -18.03 48.26
CA LEU O 93 -7.86 -18.16 48.75
C LEU O 93 -7.69 -17.38 50.05
N GLU O 94 -8.27 -16.18 50.09
CA GLU O 94 -8.22 -15.35 51.27
C GLU O 94 -8.91 -16.03 52.48
N ALA O 95 -10.12 -16.54 52.28
CA ALA O 95 -10.86 -17.28 53.30
C ALA O 95 -10.09 -18.53 53.76
N MET O 96 -9.32 -19.14 52.89
CA MET O 96 -8.46 -20.26 53.31
C MET O 96 -7.26 -19.83 54.14
N GLY O 97 -6.90 -18.54 54.13
CA GLY O 97 -5.73 -18.05 54.88
C GLY O 97 -4.40 -18.10 54.15
N VAL O 98 -4.44 -18.21 52.82
CA VAL O 98 -3.25 -18.07 52.03
C VAL O 98 -2.60 -16.71 52.41
N ASP O 99 -1.28 -16.65 52.53
CA ASP O 99 -0.59 -15.49 53.07
C ASP O 99 -0.37 -14.37 52.05
N TYR O 100 -0.32 -14.76 50.77
CA TYR O 100 -0.15 -13.82 49.65
C TYR O 100 -0.76 -14.45 48.41
N ILE O 101 -1.57 -13.69 47.69
CA ILE O 101 -2.15 -14.17 46.45
C ILE O 101 -1.39 -13.58 45.27
N ASP O 102 -1.00 -14.45 44.37
CA ASP O 102 -0.41 -14.03 43.12
C ASP O 102 -1.51 -13.93 42.05
N GLU O 103 -1.85 -12.71 41.67
CA GLU O 103 -2.83 -12.52 40.64
C GLU O 103 -2.06 -12.72 39.34
N SER O 104 -2.16 -13.93 38.80
CA SER O 104 -1.12 -14.45 37.95
C SER O 104 -1.46 -14.64 36.51
N GLU O 105 -0.64 -14.04 35.65
CA GLU O 105 -0.76 -14.21 34.19
C GLU O 105 -0.41 -15.57 33.65
N VAL O 106 0.20 -16.44 34.44
CA VAL O 106 0.48 -17.76 33.94
C VAL O 106 -0.69 -18.72 34.14
N LEU O 107 -1.69 -18.33 34.96
CA LEU O 107 -3.01 -18.97 34.90
C LEU O 107 -3.76 -18.33 33.76
N THR O 108 -4.79 -19.02 33.31
CA THR O 108 -5.62 -18.53 32.22
C THR O 108 -6.47 -17.32 32.69
N PRO O 109 -6.25 -16.13 32.14
CA PRO O 109 -6.99 -15.00 32.68
C PRO O 109 -8.51 -15.17 32.66
N ALA O 110 -9.20 -14.83 33.76
CA ALA O 110 -10.66 -14.89 33.82
C ALA O 110 -11.28 -13.62 33.27
N ASP O 111 -10.54 -12.52 33.37
CA ASP O 111 -11.01 -11.24 32.88
C ASP O 111 -9.88 -10.62 32.10
N GLU O 112 -10.04 -10.50 30.79
CA GLU O 112 -9.01 -9.93 29.93
C GLU O 112 -8.97 -8.39 29.89
N GLU O 113 -9.92 -7.73 30.57
CA GLU O 113 -10.03 -6.28 30.52
C GLU O 113 -9.78 -5.59 31.87
N PHE O 114 -10.11 -6.27 32.95
CA PHE O 114 -10.00 -5.68 34.27
C PHE O 114 -9.27 -6.64 35.24
N HIS O 115 -8.26 -6.13 35.96
CA HIS O 115 -7.66 -6.90 37.06
C HIS O 115 -8.48 -6.74 38.31
N LEU O 116 -8.15 -7.51 39.34
CA LEU O 116 -8.85 -7.46 40.61
C LEU O 116 -8.70 -6.10 41.27
N ASN O 117 -9.77 -5.65 41.89
CA ASN O 117 -9.69 -4.55 42.84
C ASN O 117 -9.11 -5.06 44.18
N LYS O 118 -7.78 -5.11 44.19
CA LYS O 118 -7.00 -5.66 45.27
C LYS O 118 -7.10 -4.81 46.51
N ASN O 119 -7.33 -3.51 46.31
CA ASN O 119 -7.58 -2.59 47.43
C ASN O 119 -8.67 -3.08 48.43
N GLU O 120 -9.68 -3.81 47.96
CA GLU O 120 -10.83 -4.20 48.79
CA GLU O 120 -10.81 -4.19 48.80
C GLU O 120 -10.60 -5.47 49.59
N TYR O 121 -9.45 -6.12 49.40
CA TYR O 121 -9.14 -7.36 50.09
C TYR O 121 -8.34 -7.11 51.35
N THR O 122 -8.40 -8.06 52.26
CA THR O 122 -7.53 -8.05 53.42
C THR O 122 -6.18 -8.71 53.14
N VAL O 123 -6.19 -9.84 52.46
CA VAL O 123 -4.95 -10.52 52.10
C VAL O 123 -4.23 -9.67 51.05
N PRO O 124 -2.89 -9.64 51.09
CA PRO O 124 -2.16 -8.92 50.03
C PRO O 124 -1.94 -9.73 48.75
N PHE O 125 -1.66 -9.00 47.68
CA PHE O 125 -1.43 -9.57 46.36
C PHE O 125 -0.07 -9.22 45.79
N VAL O 126 0.53 -10.16 45.05
CA VAL O 126 1.67 -9.88 44.21
C VAL O 126 1.16 -9.94 42.78
N CYS O 127 1.61 -8.99 41.96
CA CYS O 127 1.34 -8.97 40.53
C CYS O 127 2.61 -8.85 39.75
N GLY O 128 2.53 -9.33 38.50
CA GLY O 128 3.63 -9.24 37.55
C GLY O 128 3.69 -7.90 36.85
N CYS O 129 4.87 -7.51 36.39
CA CYS O 129 4.98 -6.35 35.52
C CYS O 129 6.21 -6.43 34.61
N ARG O 130 6.18 -5.65 33.54
CA ARG O 130 7.31 -5.56 32.63
C ARG O 130 7.98 -4.19 32.55
N ASP O 131 7.32 -3.16 33.05
CA ASP O 131 7.83 -1.79 32.91
C ASP O 131 7.20 -1.03 34.04
N LEU O 132 7.63 0.21 34.24
CA LEU O 132 7.14 1.04 35.34
C LEU O 132 5.64 1.41 35.23
N GLY O 133 5.16 1.62 34.02
CA GLY O 133 3.73 1.96 33.86
C GLY O 133 2.82 0.86 34.33
N GLU O 134 3.10 -0.33 33.83
CA GLU O 134 2.43 -1.54 34.29
C GLU O 134 2.54 -1.74 35.83
N ALA O 135 3.75 -1.60 36.39
CA ALA O 135 3.94 -1.66 37.85
C ALA O 135 3.02 -0.69 38.65
N THR O 136 3.01 0.58 38.24
CA THR O 136 2.24 1.57 38.98
C THR O 136 0.70 1.32 38.82
N ARG O 137 0.27 0.78 37.69
CA ARG O 137 -1.13 0.44 37.48
C ARG O 137 -1.52 -0.72 38.42
N ARG O 138 -0.70 -1.76 38.55
CA ARG O 138 -0.94 -2.83 39.53
C ARG O 138 -0.98 -2.29 40.98
N ILE O 139 -0.08 -1.37 41.32
CA ILE O 139 0.02 -0.83 42.66
C ILE O 139 -1.24 0.01 42.97
N ALA O 140 -1.64 0.85 42.02
CA ALA O 140 -2.85 1.66 42.17
C ALA O 140 -4.13 0.82 42.38
N GLU O 141 -4.18 -0.36 41.75
CA GLU O 141 -5.30 -1.30 41.93
C GLU O 141 -5.24 -2.00 43.27
N GLY O 142 -4.08 -1.89 43.93
CA GLY O 142 -3.87 -2.45 45.24
C GLY O 142 -2.82 -3.53 45.41
N ALA O 143 -2.02 -3.81 44.39
CA ALA O 143 -0.89 -4.75 44.60
C ALA O 143 0.04 -4.21 45.69
N SER O 144 0.47 -5.12 46.55
CA SER O 144 1.33 -4.82 47.68
C SER O 144 2.78 -5.31 47.46
N MET O 145 2.98 -6.08 46.39
CA MET O 145 4.31 -6.63 46.02
C MET O 145 4.27 -6.79 44.52
N LEU O 146 5.44 -6.67 43.90
CA LEU O 146 5.61 -6.94 42.47
C LEU O 146 6.61 -8.04 42.18
N ARG O 147 6.52 -8.57 40.97
CA ARG O 147 7.55 -9.44 40.41
C ARG O 147 7.65 -9.22 38.89
N THR O 148 8.77 -9.62 38.32
CA THR O 148 8.96 -9.57 36.87
C THR O 148 8.05 -10.58 36.26
N LYS O 149 7.56 -10.30 35.08
CA LYS O 149 6.79 -11.33 34.36
C LYS O 149 7.72 -12.43 33.92
N GLY O 150 8.92 -12.05 33.53
CA GLY O 150 9.85 -13.03 33.03
C GLY O 150 9.23 -13.80 31.87
N GLU O 151 9.67 -15.05 31.74
CA GLU O 151 9.28 -15.96 30.66
C GLU O 151 9.11 -17.33 31.31
N PRO O 152 7.94 -17.57 31.88
CA PRO O 152 7.63 -18.86 32.45
C PRO O 152 7.89 -20.05 31.53
N GLY O 153 8.44 -21.08 32.15
CA GLY O 153 8.52 -22.38 31.56
C GLY O 153 9.61 -22.53 30.53
N THR O 154 10.61 -21.66 30.56
CA THR O 154 11.74 -21.82 29.66
C THR O 154 13.08 -21.97 30.35
N GLY O 155 13.25 -21.39 31.52
CA GLY O 155 14.56 -21.37 32.14
C GLY O 155 15.51 -20.40 31.46
N ASN O 156 14.98 -19.51 30.63
CA ASN O 156 15.76 -18.46 30.05
C ASN O 156 15.59 -17.20 30.91
N ILE O 157 16.68 -16.77 31.54
CA ILE O 157 16.71 -15.59 32.42
C ILE O 157 16.48 -14.24 31.71
N VAL O 158 16.54 -14.24 30.37
CA VAL O 158 16.49 -13.04 29.56
C VAL O 158 15.32 -12.09 29.82
N GLU O 159 14.13 -12.61 30.05
CA GLU O 159 12.98 -11.70 30.19
C GLU O 159 12.93 -11.13 31.61
N ALA O 160 13.15 -11.96 32.63
CA ALA O 160 13.40 -11.46 33.99
C ALA O 160 14.40 -10.31 33.98
N VAL O 161 15.55 -10.50 33.31
CA VAL O 161 16.55 -9.46 33.19
C VAL O 161 15.98 -8.21 32.52
N ARG O 162 15.27 -8.43 31.42
CA ARG O 162 14.67 -7.31 30.69
C ARG O 162 13.76 -6.50 31.58
N HIS O 163 12.87 -7.18 32.25
CA HIS O 163 11.87 -6.49 33.07
C HIS O 163 12.46 -5.81 34.29
N MET O 164 13.39 -6.47 34.97
CA MET O 164 14.02 -5.86 36.12
C MET O 164 14.81 -4.62 35.72
N ARG O 165 15.61 -4.75 34.67
CA ARG O 165 16.34 -3.64 34.12
C ARG O 165 15.43 -2.50 33.71
N LYS O 166 14.34 -2.80 33.03
CA LYS O 166 13.44 -1.75 32.56
C LYS O 166 12.83 -0.99 33.71
N VAL O 167 12.25 -1.73 34.65
CA VAL O 167 11.63 -1.06 35.76
C VAL O 167 12.66 -0.20 36.47
N ASN O 168 13.84 -0.77 36.75
CA ASN O 168 14.84 -0.04 37.55
C ASN O 168 15.33 1.23 36.88
N ALA O 169 15.59 1.12 35.59
CA ALA O 169 16.03 2.24 34.76
C ALA O 169 15.02 3.33 34.74
N GLN O 170 13.75 2.96 34.61
CA GLN O 170 12.67 3.94 34.54
C GLN O 170 12.51 4.64 35.87
N VAL O 171 12.68 3.90 36.97
CA VAL O 171 12.65 4.49 38.30
C VAL O 171 13.80 5.48 38.48
N ARG O 172 15.02 5.11 38.08
CA ARG O 172 16.17 6.03 38.20
CA ARG O 172 16.16 6.02 38.20
C ARG O 172 15.92 7.32 37.45
N LYS O 173 15.38 7.21 36.25
CA LYS O 173 15.02 8.39 35.46
C LYS O 173 13.97 9.29 36.14
N VAL O 174 12.87 8.68 36.62
CA VAL O 174 11.83 9.42 37.33
C VAL O 174 12.43 10.16 38.54
N VAL O 175 13.29 9.48 39.30
CA VAL O 175 13.85 10.07 40.51
C VAL O 175 14.70 11.27 40.18
N ALA O 176 15.44 11.18 39.08
CA ALA O 176 16.37 12.21 38.69
C ALA O 176 15.72 13.35 37.89
N MET O 177 14.55 13.10 37.29
CA MET O 177 14.04 14.06 36.32
C MET O 177 13.39 15.28 36.97
N SER O 178 13.39 16.37 36.22
CA SER O 178 12.73 17.59 36.65
C SER O 178 11.22 17.32 36.96
N GLU O 179 10.77 17.77 38.15
CA GLU O 179 9.37 17.53 38.60
C GLU O 179 8.31 17.97 37.61
N ASP O 180 8.53 19.09 36.94
CA ASP O 180 7.55 19.64 36.00
C ASP O 180 7.43 18.88 34.68
N GLU O 181 8.36 17.96 34.46
CA GLU O 181 8.32 17.02 33.35
C GLU O 181 7.60 15.71 33.66
N LEU O 182 7.12 15.57 34.88
CA LEU O 182 6.60 14.28 35.30
C LEU O 182 5.20 13.95 34.77
N MET O 183 4.35 14.94 34.51
CA MET O 183 3.04 14.68 33.93
C MET O 183 3.18 14.09 32.55
N THR O 184 4.09 14.63 31.77
CA THR O 184 4.37 14.07 30.42
C THR O 184 4.90 12.65 30.56
N GLU O 185 5.82 12.42 31.50
CA GLU O 185 6.30 11.07 31.74
C GLU O 185 5.14 10.13 32.15
N ALA O 186 4.31 10.53 33.10
CA ALA O 186 3.15 9.72 33.51
C ALA O 186 2.25 9.33 32.32
N LYS O 187 1.94 10.32 31.50
CA LYS O 187 1.08 10.10 30.36
C LYS O 187 1.75 9.10 29.41
N ASN O 188 3.05 9.25 29.14
CA ASN O 188 3.75 8.32 28.27
CA ASN O 188 3.76 8.32 28.28
C ASN O 188 3.78 6.92 28.86
N LEU O 189 4.07 6.82 30.15
CA LEU O 189 4.13 5.50 30.79
C LEU O 189 2.77 4.87 31.02
N GLY O 190 1.72 5.69 31.03
CA GLY O 190 0.42 5.23 31.53
C GLY O 190 0.42 4.97 33.02
N ALA O 191 1.14 5.82 33.76
CA ALA O 191 1.28 5.69 35.18
C ALA O 191 0.39 6.69 35.88
N PRO O 192 -0.29 6.25 36.95
CA PRO O 192 -0.99 7.23 37.79
C PRO O 192 -0.04 8.27 38.33
N TYR O 193 -0.42 9.52 38.17
CA TYR O 193 0.50 10.63 38.45
C TYR O 193 1.04 10.73 39.87
N GLU O 194 0.15 10.66 40.84
CA GLU O 194 0.54 10.80 42.25
C GLU O 194 1.53 9.73 42.67
N LEU O 195 1.35 8.53 42.14
CA LEU O 195 2.25 7.41 42.39
C LEU O 195 3.65 7.70 41.86
N LEU O 196 3.72 8.24 40.66
CA LEU O 196 5.00 8.53 40.07
C LEU O 196 5.66 9.67 40.80
N LEU O 197 4.89 10.69 41.15
CA LEU O 197 5.43 11.78 41.95
C LEU O 197 5.98 11.26 43.31
N GLN O 198 5.30 10.29 43.92
CA GLN O 198 5.75 9.74 45.21
C GLN O 198 7.05 8.91 45.04
N ILE O 199 7.18 8.24 43.90
CA ILE O 199 8.43 7.58 43.52
C ILE O 199 9.61 8.57 43.53
N LYS O 200 9.47 9.68 42.83
CA LYS O 200 10.47 10.71 42.87
C LYS O 200 10.76 11.18 44.32
N LYS O 201 9.74 11.44 45.11
CA LYS O 201 10.00 11.88 46.49
C LYS O 201 10.64 10.81 47.37
N ASP O 202 10.21 9.55 47.26
CA ASP O 202 10.75 8.46 48.08
C ASP O 202 12.11 8.01 47.58
N GLY O 203 12.40 8.27 46.30
CA GLY O 203 13.61 7.76 45.64
C GLY O 203 13.54 6.29 45.27
N LYS O 204 12.33 5.72 45.19
CA LYS O 204 12.18 4.27 45.01
C LYS O 204 10.74 3.88 44.79
N LEU O 205 10.56 2.70 44.23
CA LEU O 205 9.24 2.05 44.20
C LEU O 205 8.70 1.90 45.63
N PRO O 206 7.39 2.05 45.82
CA PRO O 206 6.83 1.90 47.17
C PRO O 206 6.65 0.45 47.68
N VAL O 207 6.81 -0.53 46.80
CA VAL O 207 6.62 -1.92 47.14
C VAL O 207 7.80 -2.74 46.67
N VAL O 208 7.97 -3.89 47.29
CA VAL O 208 9.09 -4.71 46.88
C VAL O 208 8.80 -5.35 45.53
N ASN O 209 9.89 -5.74 44.87
CA ASN O 209 9.87 -6.22 43.50
C ASN O 209 10.83 -7.38 43.34
N PHE O 210 10.29 -8.60 43.18
CA PHE O 210 11.09 -9.82 43.08
C PHE O 210 11.34 -10.16 41.63
N ALA O 211 12.39 -10.93 41.39
CA ALA O 211 12.57 -11.57 40.11
C ALA O 211 11.78 -12.89 40.04
N ALA O 212 11.30 -13.20 38.83
CA ALA O 212 10.50 -14.39 38.58
C ALA O 212 10.45 -14.69 37.11
N GLY O 213 10.41 -15.99 36.81
CA GLY O 213 10.19 -16.48 35.46
C GLY O 213 11.43 -16.60 34.63
N GLY O 214 12.39 -17.39 35.10
CA GLY O 214 13.52 -17.92 34.28
C GLY O 214 14.80 -18.22 35.07
N VAL O 215 14.72 -18.15 36.40
CA VAL O 215 15.87 -18.44 37.28
C VAL O 215 16.02 -19.93 37.28
N ALA O 216 17.11 -20.40 36.69
CA ALA O 216 17.39 -21.82 36.51
C ALA O 216 18.64 -22.25 37.26
N THR O 217 19.54 -21.33 37.53
CA THR O 217 20.80 -21.67 38.14
C THR O 217 21.09 -20.71 39.31
N PRO O 218 21.98 -21.12 40.22
CA PRO O 218 22.51 -20.24 41.26
C PRO O 218 23.03 -18.91 40.73
N ALA O 219 23.79 -18.96 39.64
CA ALA O 219 24.30 -17.73 39.02
C ALA O 219 23.16 -16.77 38.56
N ASP O 220 22.07 -17.32 38.00
CA ASP O 220 20.89 -16.54 37.64
C ASP O 220 20.26 -15.82 38.83
N ALA O 221 20.10 -16.56 39.93
CA ALA O 221 19.56 -16.02 41.17
C ALA O 221 20.40 -14.84 41.64
N ALA O 222 21.71 -15.02 41.70
CA ALA O 222 22.61 -13.98 42.16
C ALA O 222 22.57 -12.79 41.18
N LEU O 223 22.51 -13.11 39.88
CA LEU O 223 22.38 -12.07 38.86
C LEU O 223 21.18 -11.17 39.14
N MET O 224 20.03 -11.75 39.42
CA MET O 224 18.85 -10.92 39.59
C MET O 224 19.02 -10.00 40.80
N MET O 225 19.64 -10.52 41.85
CA MET O 225 19.92 -9.71 43.03
C MET O 225 20.89 -8.60 42.68
N GLN O 226 21.91 -8.92 41.90
CA GLN O 226 22.84 -7.89 41.44
C GLN O 226 22.16 -6.80 40.59
N LEU O 227 21.13 -7.17 39.86
CA LEU O 227 20.38 -6.16 39.10
C LEU O 227 19.34 -5.38 39.91
N GLY O 228 19.21 -5.66 41.20
CA GLY O 228 18.32 -4.89 42.08
C GLY O 228 17.03 -5.58 42.46
N ALA O 229 16.89 -6.88 42.21
CA ALA O 229 15.71 -7.59 42.66
C ALA O 229 15.74 -7.63 44.18
N ASP O 230 14.56 -7.71 44.78
CA ASP O 230 14.45 -7.79 46.22
C ASP O 230 14.40 -9.22 46.67
N GLY O 231 14.40 -10.15 45.75
CA GLY O 231 14.31 -11.57 46.07
C GLY O 231 13.97 -12.30 44.78
N VAL O 232 13.75 -13.60 44.89
CA VAL O 232 13.64 -14.47 43.76
C VAL O 232 12.49 -15.51 43.95
N PHE O 233 11.60 -15.63 42.96
CA PHE O 233 10.69 -16.76 42.82
C PHE O 233 11.39 -17.75 41.92
N VAL O 234 11.38 -19.01 42.31
CA VAL O 234 11.95 -20.09 41.50
C VAL O 234 10.91 -21.21 41.33
N GLY O 235 10.95 -21.88 40.19
CA GLY O 235 9.94 -22.86 39.82
C GLY O 235 10.16 -24.30 40.20
N SER O 236 9.27 -25.14 39.67
CA SER O 236 9.25 -26.59 39.97
C SER O 236 10.47 -27.36 39.49
N GLY O 237 11.23 -26.76 38.58
CA GLY O 237 12.56 -27.23 38.19
C GLY O 237 13.47 -27.72 39.31
N ILE O 238 13.39 -27.08 40.46
CA ILE O 238 14.12 -27.52 41.64
C ILE O 238 13.92 -29.05 41.85
N PHE O 239 12.67 -29.48 41.71
CA PHE O 239 12.29 -30.81 42.09
C PHE O 239 12.55 -31.85 40.99
N LYS O 240 12.79 -31.38 39.76
CA LYS O 240 13.19 -32.24 38.66
C LYS O 240 14.67 -32.57 38.69
N SER O 241 15.44 -31.92 39.55
CA SER O 241 16.87 -32.20 39.61
C SER O 241 17.19 -33.49 40.34
N ASP O 242 18.42 -33.97 40.16
CA ASP O 242 18.90 -35.19 40.80
C ASP O 242 18.84 -35.07 42.32
N ASN O 243 19.19 -33.90 42.85
CA ASN O 243 19.13 -33.68 44.31
C ASN O 243 18.42 -32.36 44.61
N PRO O 244 17.08 -32.41 44.69
CA PRO O 244 16.28 -31.20 44.93
C PRO O 244 16.70 -30.45 46.17
N ALA O 245 16.92 -31.15 47.27
CA ALA O 245 17.35 -30.53 48.52
C ALA O 245 18.58 -29.64 48.28
N LYS O 246 19.56 -30.21 47.60
CA LYS O 246 20.84 -29.55 47.38
C LYS O 246 20.73 -28.40 46.38
N PHE O 247 19.97 -28.61 45.33
CA PHE O 247 19.70 -27.56 44.37
C PHE O 247 19.01 -26.35 45.05
N ALA O 248 17.97 -26.63 45.82
CA ALA O 248 17.20 -25.59 46.55
C ALA O 248 18.11 -24.80 47.50
N LYS O 249 18.95 -25.51 48.23
CA LYS O 249 19.93 -24.88 49.10
C LYS O 249 20.84 -23.89 48.39
N ALA O 250 21.39 -24.33 47.26
CA ALA O 250 22.32 -23.55 46.48
C ALA O 250 21.70 -22.24 45.97
N ILE O 251 20.44 -22.31 45.55
CA ILE O 251 19.72 -21.14 45.09
C ILE O 251 19.56 -20.18 46.27
N VAL O 252 19.24 -20.71 47.46
CA VAL O 252 19.08 -19.85 48.66
C VAL O 252 20.41 -19.17 48.99
N GLU O 253 21.48 -19.95 48.97
CA GLU O 253 22.80 -19.41 49.29
C GLU O 253 23.29 -18.41 48.25
N ALA O 254 23.02 -18.69 46.98
CA ALA O 254 23.43 -17.73 45.91
C ALA O 254 22.69 -16.39 46.00
N THR O 255 21.42 -16.46 46.39
CA THR O 255 20.56 -15.27 46.56
C THR O 255 21.06 -14.39 47.73
N THR O 256 21.39 -15.07 48.84
CA THR O 256 21.95 -14.42 50.03
C THR O 256 23.32 -13.83 49.75
N HIS O 257 24.21 -14.63 49.19
CA HIS O 257 25.59 -14.25 49.01
C HIS O 257 25.91 -13.96 47.57
N PHE O 258 25.21 -12.96 47.01
CA PHE O 258 25.14 -12.77 45.57
C PHE O 258 26.39 -12.17 44.94
N THR O 259 27.33 -11.71 45.76
CA THR O 259 28.62 -11.19 45.30
C THR O 259 29.79 -12.14 45.61
N ASP O 260 29.51 -13.29 46.19
CA ASP O 260 30.59 -14.21 46.57
C ASP O 260 30.81 -15.22 45.46
N TYR O 261 31.70 -14.88 44.54
CA TYR O 261 31.81 -15.62 43.26
C TYR O 261 32.49 -16.98 43.44
N LYS O 262 33.42 -17.07 44.40
CA LYS O 262 34.03 -18.37 44.73
C LYS O 262 32.99 -19.34 45.26
N LEU O 263 32.12 -18.83 46.13
CA LEU O 263 31.03 -19.63 46.67
C LEU O 263 30.08 -20.01 45.56
N ILE O 264 29.71 -19.03 44.75
CA ILE O 264 28.77 -19.32 43.67
C ILE O 264 29.36 -20.30 42.66
N ALA O 265 30.68 -20.27 42.45
CA ALA O 265 31.34 -21.25 41.56
C ALA O 265 31.10 -22.69 42.08
N GLU O 266 31.32 -22.92 43.36
CA GLU O 266 31.06 -24.25 43.97
C GLU O 266 29.61 -24.68 43.89
N LEU O 267 28.70 -23.74 44.14
CA LEU O 267 27.27 -24.00 44.02
C LEU O 267 26.86 -24.32 42.58
N SER O 268 27.61 -23.83 41.59
CA SER O 268 27.22 -24.02 40.21
C SER O 268 27.49 -25.45 39.70
N LYS O 269 28.15 -26.25 40.53
CA LYS O 269 28.36 -27.67 40.24
C LYS O 269 27.18 -28.46 40.82
N MET P 1 32.03 6.98 65.79
CA MET P 1 30.59 6.86 66.16
C MET P 1 30.21 5.41 66.45
N LEU P 2 29.00 5.22 66.97
CA LEU P 2 28.45 3.89 67.10
C LEU P 2 28.40 3.26 65.72
N THR P 3 28.85 2.02 65.62
CA THR P 3 28.48 1.19 64.49
C THR P 3 27.62 0.05 65.01
N ILE P 4 26.38 0.02 64.53
CA ILE P 4 25.44 -1.05 64.80
C ILE P 4 25.26 -1.89 63.54
N GLY P 5 25.54 -3.17 63.65
CA GLY P 5 25.32 -4.08 62.57
C GLY P 5 23.87 -4.54 62.50
N VAL P 6 23.44 -4.89 61.30
CA VAL P 6 22.20 -5.67 61.10
C VAL P 6 22.56 -6.95 60.38
N LEU P 7 22.12 -8.08 60.93
CA LEU P 7 22.37 -9.39 60.33
C LEU P 7 21.62 -9.42 59.00
N GLY P 8 22.37 -9.68 57.93
CA GLY P 8 21.87 -9.42 56.60
C GLY P 8 21.66 -10.66 55.80
N LEU P 9 21.53 -11.79 56.48
CA LEU P 9 21.34 -13.04 55.79
C LEU P 9 20.02 -13.03 55.04
N GLN P 10 18.98 -12.50 55.67
CA GLN P 10 17.66 -12.39 55.03
C GLN P 10 16.80 -11.42 55.82
N GLY P 11 15.85 -10.78 55.14
CA GLY P 11 14.75 -10.01 55.75
C GLY P 11 14.73 -8.50 55.54
N ALA P 12 14.09 -7.81 56.46
CA ALA P 12 13.88 -6.34 56.38
C ALA P 12 15.11 -5.62 56.88
N VAL P 13 16.22 -5.83 56.19
CA VAL P 13 17.54 -5.42 56.67
C VAL P 13 17.72 -3.91 56.53
N ARG P 14 17.40 -3.38 55.35
CA ARG P 14 17.55 -1.96 55.10
C ARG P 14 16.64 -1.08 55.93
N GLU P 15 15.47 -1.57 56.28
CA GLU P 15 14.60 -0.81 57.16
C GLU P 15 15.34 -0.53 58.47
N HIS P 16 16.09 -1.51 58.94
CA HIS P 16 16.86 -1.36 60.17
C HIS P 16 18.07 -0.46 60.03
N ILE P 17 18.79 -0.59 58.90
CA ILE P 17 19.92 0.28 58.61
C ILE P 17 19.44 1.73 58.54
N HIS P 18 18.29 1.95 57.93
CA HIS P 18 17.71 3.27 57.86
C HIS P 18 17.43 3.88 59.25
N ALA P 19 16.85 3.07 60.16
CA ALA P 19 16.54 3.52 61.53
C ALA P 19 17.82 3.84 62.34
N ILE P 20 18.79 2.93 62.30
CA ILE P 20 20.10 3.16 62.90
C ILE P 20 20.69 4.51 62.49
N GLU P 21 20.77 4.75 61.18
CA GLU P 21 21.28 6.03 60.67
C GLU P 21 20.39 7.19 61.01
N ALA P 22 19.09 6.94 61.16
CA ALA P 22 18.17 7.99 61.57
C ALA P 22 18.52 8.50 62.98
N CYS P 23 19.07 7.62 63.81
CA CYS P 23 19.41 7.94 65.19
C CYS P 23 20.84 8.47 65.31
N GLY P 24 21.50 8.69 64.19
CA GLY P 24 22.84 9.24 64.18
C GLY P 24 23.97 8.23 64.38
N ALA P 25 23.69 6.94 64.29
CA ALA P 25 24.76 5.94 64.28
C ALA P 25 25.06 5.50 62.83
N ALA P 26 26.12 4.71 62.66
CA ALA P 26 26.41 4.11 61.37
C ALA P 26 25.94 2.65 61.37
N GLY P 27 25.40 2.20 60.25
CA GLY P 27 24.91 0.84 60.12
C GLY P 27 25.86 -0.01 59.31
N LEU P 28 26.00 -1.29 59.66
CA LEU P 28 26.71 -2.22 58.81
C LEU P 28 25.82 -3.42 58.55
N VAL P 29 25.56 -3.71 57.28
CA VAL P 29 24.96 -4.97 56.95
C VAL P 29 25.97 -6.09 57.21
N VAL P 30 25.66 -7.02 58.11
CA VAL P 30 26.53 -8.15 58.41
C VAL P 30 26.18 -9.45 57.67
N LYS P 31 27.04 -9.86 56.76
CA LYS P 31 26.85 -11.10 55.97
C LYS P 31 27.87 -12.21 56.29
N ARG P 32 28.95 -11.83 56.96
CA ARG P 32 30.07 -12.73 57.32
C ARG P 32 30.37 -12.63 58.82
N PRO P 33 30.63 -13.77 59.48
CA PRO P 33 30.88 -13.70 60.93
C PRO P 33 31.98 -12.72 61.31
N GLU P 34 32.96 -12.57 60.44
CA GLU P 34 34.15 -11.75 60.74
C GLU P 34 33.76 -10.29 60.88
N GLN P 35 32.65 -9.90 60.26
CA GLN P 35 32.15 -8.51 60.35
C GLN P 35 31.56 -8.15 61.72
N LEU P 36 31.22 -9.16 62.51
CA LEU P 36 30.76 -8.90 63.88
C LEU P 36 31.81 -8.11 64.68
N ASN P 37 33.09 -8.33 64.36
CA ASN P 37 34.18 -7.59 65.02
C ASN P 37 34.15 -6.10 64.71
N GLU P 38 33.44 -5.71 63.66
CA GLU P 38 33.44 -4.31 63.23
C GLU P 38 32.28 -3.53 63.81
N VAL P 39 31.55 -4.10 64.75
CA VAL P 39 30.35 -3.44 65.27
C VAL P 39 30.21 -3.55 66.79
N ASP P 40 29.57 -2.52 67.34
CA ASP P 40 29.37 -2.35 68.77
C ASP P 40 28.09 -3.06 69.28
N GLY P 41 27.22 -3.44 68.33
CA GLY P 41 25.92 -4.08 68.63
C GLY P 41 25.27 -4.57 67.34
N LEU P 42 24.34 -5.51 67.47
CA LEU P 42 23.72 -6.21 66.33
C LEU P 42 22.22 -6.23 66.45
N ILE P 43 21.55 -5.85 65.37
CA ILE P 43 20.12 -6.11 65.19
C ILE P 43 19.88 -7.38 64.40
N LEU P 44 19.03 -8.25 64.93
CA LEU P 44 18.56 -9.45 64.24
C LEU P 44 17.18 -9.07 63.68
N PRO P 45 17.06 -8.93 62.34
CA PRO P 45 15.89 -8.27 61.79
C PRO P 45 14.65 -9.18 61.67
N GLY P 46 13.57 -8.59 61.16
CA GLY P 46 12.39 -9.35 60.81
C GLY P 46 12.65 -10.13 59.55
N GLY P 47 11.88 -11.20 59.35
CA GLY P 47 12.08 -12.08 58.21
C GLY P 47 11.54 -13.47 58.51
N GLU P 48 12.20 -14.50 58.00
CA GLU P 48 11.82 -15.87 58.33
C GLU P 48 12.89 -16.44 59.25
N SER P 49 12.49 -16.81 60.46
CA SER P 49 13.43 -17.34 61.41
C SER P 49 14.01 -18.65 60.87
N THR P 50 13.21 -19.43 60.16
CA THR P 50 13.74 -20.69 59.64
C THR P 50 14.86 -20.43 58.61
N THR P 51 14.69 -19.42 57.78
CA THR P 51 15.66 -19.14 56.71
C THR P 51 16.98 -18.72 57.38
N MET P 52 16.87 -17.88 58.38
CA MET P 52 18.02 -17.32 59.03
C MET P 52 18.78 -18.36 59.83
N ARG P 53 18.07 -19.28 60.48
CA ARG P 53 18.72 -20.36 61.20
C ARG P 53 19.50 -21.24 60.22
N ARG P 54 18.87 -21.59 59.10
CA ARG P 54 19.51 -22.37 58.06
CA ARG P 54 19.58 -22.34 58.11
C ARG P 54 20.82 -21.77 57.54
N LEU P 55 20.78 -20.46 57.30
CA LEU P 55 21.93 -19.74 56.84
C LEU P 55 22.93 -19.58 57.98
N ILE P 56 22.45 -19.41 59.21
CA ILE P 56 23.34 -19.32 60.36
C ILE P 56 24.15 -20.61 60.50
N ASP P 57 23.46 -21.76 60.41
CA ASP P 57 24.10 -23.09 60.39
C ASP P 57 25.17 -23.21 59.29
N THR P 58 24.75 -23.03 58.04
CA THR P 58 25.65 -23.18 56.91
C THR P 58 26.87 -22.29 57.00
N TYR P 59 26.68 -21.03 57.42
CA TYR P 59 27.82 -20.11 57.51
C TYR P 59 28.42 -19.99 58.92
N GLN P 60 28.09 -20.96 59.76
CA GLN P 60 28.84 -21.16 60.99
C GLN P 60 28.85 -19.87 61.84
N PHE P 61 27.68 -19.26 61.91
CA PHE P 61 27.44 -17.98 62.60
C PHE P 61 27.10 -18.12 64.09
N MET P 62 26.68 -19.30 64.53
CA MET P 62 26.07 -19.44 65.86
C MET P 62 27.05 -19.14 67.03
N GLU P 63 28.24 -19.73 66.97
CA GLU P 63 29.27 -19.50 67.98
C GLU P 63 29.84 -18.08 67.95
N PRO P 64 30.19 -17.60 66.76
CA PRO P 64 30.51 -16.18 66.67
C PRO P 64 29.47 -15.24 67.29
N LEU P 65 28.18 -15.54 67.11
CA LEU P 65 27.12 -14.72 67.69
C LEU P 65 27.10 -14.85 69.19
N ARG P 66 27.35 -16.06 69.69
CA ARG P 66 27.48 -16.31 71.15
C ARG P 66 28.68 -15.61 71.72
N GLU P 67 29.81 -15.71 71.01
CA GLU P 67 31.01 -14.96 71.33
C GLU P 67 30.71 -13.47 71.42
N PHE P 68 29.95 -12.99 70.45
CA PHE P 68 29.63 -11.58 70.31
C PHE P 68 28.89 -11.15 71.58
N ALA P 69 27.95 -11.98 72.02
CA ALA P 69 27.17 -11.70 73.22
C ALA P 69 28.05 -11.79 74.47
N ALA P 70 28.88 -12.82 74.51
CA ALA P 70 29.86 -13.00 75.59
C ALA P 70 30.70 -11.75 75.81
N GLN P 71 31.09 -11.08 74.73
CA GLN P 71 31.85 -9.85 74.86
C GLN P 71 31.02 -8.68 75.41
N GLY P 72 29.74 -8.91 75.70
CA GLY P 72 28.89 -7.85 76.25
C GLY P 72 28.15 -6.97 75.25
N LYS P 73 28.29 -7.23 73.95
CA LYS P 73 27.69 -6.37 72.94
C LYS P 73 26.14 -6.55 72.87
N PRO P 74 25.41 -5.43 72.88
CA PRO P 74 23.97 -5.52 72.81
C PRO P 74 23.44 -6.17 71.53
N MET P 75 22.33 -6.89 71.68
CA MET P 75 21.65 -7.52 70.57
C MET P 75 20.13 -7.28 70.65
N PHE P 76 19.57 -6.98 69.48
CA PHE P 76 18.20 -6.55 69.32
C PHE P 76 17.54 -7.46 68.30
N GLY P 77 16.48 -8.12 68.72
CA GLY P 77 15.73 -9.03 67.85
C GLY P 77 14.30 -8.53 67.69
N THR P 78 13.91 -8.29 66.44
CA THR P 78 12.54 -7.89 66.05
C THR P 78 11.79 -9.02 65.34
N CYS P 79 10.82 -9.64 66.01
CA CYS P 79 9.96 -10.68 65.43
C CYS P 79 10.72 -11.99 65.08
N ALA P 80 11.10 -12.23 63.81
CA ALA P 80 12.09 -13.32 63.51
C ALA P 80 13.34 -13.22 64.43
N GLY P 81 13.83 -11.99 64.62
CA GLY P 81 14.99 -11.75 65.49
C GLY P 81 14.73 -12.12 66.93
N LEU P 82 13.50 -11.86 67.40
CA LEU P 82 13.13 -12.20 68.75
C LEU P 82 13.19 -13.72 68.82
N ILE P 83 12.59 -14.38 67.83
CA ILE P 83 12.61 -15.85 67.76
C ILE P 83 14.08 -16.37 67.79
N ILE P 84 15.00 -15.70 67.10
CA ILE P 84 16.37 -16.19 67.05
C ILE P 84 17.01 -16.05 68.44
N LEU P 85 16.59 -15.04 69.17
CA LEU P 85 17.17 -14.73 70.48
C LEU P 85 16.61 -15.66 71.60
N ALA P 86 15.36 -16.07 71.48
CA ALA P 86 14.61 -16.71 72.56
C ALA P 86 15.25 -18.00 73.08
N LYS P 87 15.19 -18.19 74.40
CA LYS P 87 15.64 -19.42 75.04
C LYS P 87 14.91 -20.67 74.56
N GLU P 88 13.60 -20.55 74.37
CA GLU P 88 12.78 -21.70 74.00
C GLU P 88 11.70 -21.30 73.02
N ILE P 89 11.42 -22.20 72.10
CA ILE P 89 10.36 -22.03 71.12
C ILE P 89 9.41 -23.16 71.35
N ALA P 90 8.13 -22.83 71.48
CA ALA P 90 7.11 -23.81 71.81
C ALA P 90 6.94 -24.77 70.64
N GLY P 91 6.82 -26.05 70.94
CA GLY P 91 6.68 -27.07 69.89
C GLY P 91 7.97 -27.50 69.22
N SER P 92 9.11 -26.88 69.59
CA SER P 92 10.42 -27.26 69.04
C SER P 92 11.44 -27.58 70.16
N ASP P 93 12.25 -28.61 69.90
CA ASP P 93 13.42 -28.95 70.69
C ASP P 93 14.72 -28.43 70.03
N ASN P 94 14.59 -27.50 69.09
CA ASN P 94 15.76 -27.00 68.39
C ASN P 94 15.81 -25.47 68.44
N PRO P 95 15.94 -24.89 69.64
CA PRO P 95 15.98 -23.44 69.74
C PRO P 95 17.25 -22.90 69.09
N HIS P 96 17.35 -21.58 68.99
CA HIS P 96 18.42 -20.92 68.22
C HIS P 96 19.50 -20.35 69.14
N LEU P 97 19.74 -19.03 69.16
CA LEU P 97 20.79 -18.46 70.00
C LEU P 97 20.53 -18.77 71.45
N GLY P 98 19.29 -18.56 71.88
CA GLY P 98 18.87 -18.92 73.23
C GLY P 98 19.37 -18.03 74.35
N LEU P 99 19.60 -16.76 74.07
CA LEU P 99 20.18 -15.82 75.04
C LEU P 99 19.14 -14.99 75.82
N LEU P 100 17.95 -14.82 75.24
CA LEU P 100 16.87 -14.07 75.88
C LEU P 100 15.94 -15.06 76.58
N ASN P 101 15.77 -14.83 77.87
CA ASN P 101 15.10 -15.76 78.76
C ASN P 101 13.60 -15.62 78.62
N VAL P 102 13.11 -16.00 77.44
CA VAL P 102 11.68 -16.12 77.14
C VAL P 102 11.35 -17.43 76.43
N VAL P 103 10.10 -17.81 76.51
CA VAL P 103 9.51 -18.86 75.68
C VAL P 103 8.58 -18.17 74.68
N VAL P 104 8.76 -18.51 73.41
CA VAL P 104 8.08 -17.84 72.31
C VAL P 104 7.27 -18.89 71.55
N GLU P 105 6.04 -18.52 71.20
CA GLU P 105 5.22 -19.34 70.31
C GLU P 105 5.17 -18.66 68.94
N ARG P 106 5.62 -19.36 67.90
CA ARG P 106 5.70 -18.77 66.57
C ARG P 106 4.32 -18.69 65.97
N ASN P 107 4.10 -17.67 65.12
CA ASN P 107 2.89 -17.59 64.31
C ASN P 107 1.64 -17.66 65.15
N SER P 108 1.62 -16.84 66.19
CA SER P 108 0.69 -17.05 67.26
C SER P 108 -0.68 -16.50 66.93
N PHE P 109 -0.73 -15.48 66.09
CA PHE P 109 -1.98 -14.78 65.78
C PHE P 109 -2.75 -15.36 64.61
N GLY P 110 -2.11 -16.30 63.91
CA GLY P 110 -2.75 -16.98 62.80
C GLY P 110 -1.84 -16.89 61.59
N ARG P 111 -2.35 -16.31 60.51
CA ARG P 111 -1.58 -16.16 59.26
C ARG P 111 -1.50 -14.67 58.83
N GLN P 112 -1.06 -14.38 57.60
CA GLN P 112 -0.88 -12.98 57.22
C GLN P 112 -2.19 -12.21 57.30
N VAL P 113 -3.30 -12.83 56.98
CA VAL P 113 -4.57 -12.13 57.01
CA VAL P 113 -4.56 -12.09 57.00
C VAL P 113 -4.84 -11.57 58.43
N ASP P 114 -4.20 -12.20 59.43
CA ASP P 114 -4.37 -11.79 60.82
C ASP P 114 -3.37 -10.74 61.27
N SER P 115 -2.40 -10.44 60.42
CA SER P 115 -1.40 -9.41 60.73
C SER P 115 -2.14 -8.10 60.97
N PHE P 116 -1.59 -7.31 61.89
CA PHE P 116 -2.29 -6.15 62.40
C PHE P 116 -1.34 -5.07 62.90
N GLU P 117 -1.89 -3.85 63.01
CA GLU P 117 -1.25 -2.73 63.70
C GLU P 117 -2.02 -2.41 64.95
N ALA P 118 -1.30 -2.16 66.05
CA ALA P 118 -1.87 -1.65 67.33
C ALA P 118 -0.97 -0.61 67.99
N ASP P 119 -1.59 0.38 68.64
CA ASP P 119 -0.82 1.34 69.44
C ASP P 119 -0.36 0.72 70.74
N LEU P 120 0.92 0.89 71.02
CA LEU P 120 1.53 0.31 72.20
C LEU P 120 2.05 1.42 73.11
N THR P 121 2.01 1.14 74.39
CA THR P 121 2.68 1.94 75.38
C THR P 121 3.94 1.17 75.71
N ILE P 122 5.08 1.82 75.56
CA ILE P 122 6.37 1.17 75.72
C ILE P 122 7.14 1.95 76.76
N LYS P 123 7.62 1.22 77.78
CA LYS P 123 8.48 1.76 78.84
C LYS P 123 9.66 2.50 78.22
N GLY P 124 9.78 3.78 78.52
CA GLY P 124 10.85 4.62 77.98
C GLY P 124 10.42 5.49 76.81
N LEU P 125 9.14 5.41 76.43
CA LEU P 125 8.59 6.24 75.35
C LEU P 125 7.36 6.95 75.86
N ASP P 126 7.17 8.19 75.40
CA ASP P 126 6.09 9.05 75.91
C ASP P 126 4.78 8.75 75.19
N GLU P 127 4.66 9.21 73.97
CA GLU P 127 3.47 9.00 73.19
C GLU P 127 3.39 7.53 72.80
N PRO P 128 2.20 7.06 72.40
CA PRO P 128 2.12 5.66 72.00
C PRO P 128 2.93 5.38 70.74
N PHE P 129 3.36 4.13 70.62
CA PHE P 129 4.10 3.67 69.45
C PHE P 129 3.30 2.62 68.65
N THR P 130 3.17 2.82 67.35
CA THR P 130 2.41 1.90 66.50
C THR P 130 3.16 0.58 66.21
N GLY P 131 2.69 -0.49 66.82
CA GLY P 131 3.24 -1.81 66.60
C GLY P 131 2.64 -2.43 65.37
N VAL P 132 3.50 -2.87 64.47
CA VAL P 132 3.07 -3.55 63.25
C VAL P 132 3.48 -5.00 63.41
N PHE P 133 2.46 -5.87 63.56
CA PHE P 133 2.69 -7.28 63.86
C PHE P 133 2.46 -8.14 62.63
N ILE P 134 3.55 -8.59 62.01
CA ILE P 134 3.49 -9.31 60.77
C ILE P 134 3.77 -10.78 61.03
N ARG P 135 2.75 -11.63 60.86
CA ARG P 135 2.86 -13.05 61.21
C ARG P 135 3.76 -13.22 62.47
N ALA P 136 3.36 -12.50 63.52
CA ALA P 136 4.19 -12.31 64.71
C ALA P 136 4.13 -13.49 65.65
N PRO P 137 5.19 -13.68 66.44
CA PRO P 137 5.13 -14.59 67.52
C PRO P 137 4.53 -13.94 68.74
N HIS P 138 4.33 -14.80 69.75
CA HIS P 138 3.92 -14.37 71.09
C HIS P 138 4.83 -14.95 72.18
N ILE P 139 5.27 -14.06 73.08
CA ILE P 139 6.05 -14.44 74.25
C ILE P 139 5.10 -15.06 75.27
N LEU P 140 5.20 -16.38 75.44
CA LEU P 140 4.35 -17.15 76.35
C LEU P 140 4.72 -16.85 77.79
N GLU P 141 6.02 -16.71 78.03
CA GLU P 141 6.52 -16.35 79.35
C GLU P 141 7.90 -15.75 79.29
N ALA P 142 8.21 -14.92 80.28
CA ALA P 142 9.50 -14.27 80.45
C ALA P 142 10.00 -14.57 81.86
N GLY P 143 11.29 -14.82 82.02
CA GLY P 143 11.88 -15.04 83.35
C GLY P 143 11.97 -13.80 84.23
N GLU P 144 12.48 -13.99 85.45
CA GLU P 144 12.64 -12.93 86.45
C GLU P 144 13.64 -11.84 86.05
N ASN P 145 14.67 -12.22 85.31
CA ASN P 145 15.67 -11.27 84.82
C ASN P 145 15.22 -10.48 83.59
N VAL P 146 14.01 -10.73 83.12
CA VAL P 146 13.50 -10.06 81.93
C VAL P 146 12.60 -8.91 82.36
N GLU P 147 12.93 -7.71 81.93
CA GLU P 147 12.06 -6.56 82.10
C GLU P 147 11.05 -6.44 80.94
N VAL P 148 9.77 -6.31 81.28
CA VAL P 148 8.72 -6.12 80.28
C VAL P 148 8.59 -4.63 79.92
N LEU P 149 8.86 -4.29 78.66
CA LEU P 149 8.75 -2.90 78.20
C LEU P 149 7.37 -2.59 77.62
N SER P 150 6.66 -3.61 77.13
CA SER P 150 5.36 -3.40 76.46
C SER P 150 4.48 -4.64 76.47
N GLU P 151 3.17 -4.40 76.58
CA GLU P 151 2.18 -5.45 76.54
C GLU P 151 1.08 -5.04 75.58
N HIS P 152 0.46 -6.03 74.96
CA HIS P 152 -0.69 -5.79 74.11
C HIS P 152 -1.75 -6.84 74.44
N ASN P 153 -2.91 -6.35 74.85
CA ASN P 153 -4.00 -7.20 75.37
C ASN P 153 -3.44 -8.27 76.31
N GLY P 154 -2.64 -7.86 77.28
CA GLY P 154 -2.05 -8.82 78.23
C GLY P 154 -0.82 -9.57 77.77
N ARG P 155 -0.51 -9.49 76.48
CA ARG P 155 0.65 -10.21 75.93
C ARG P 155 1.91 -9.38 76.06
N ILE P 156 2.99 -9.99 76.52
CA ILE P 156 4.31 -9.35 76.47
C ILE P 156 4.76 -9.24 75.03
N VAL P 157 4.99 -8.01 74.56
CA VAL P 157 5.38 -7.75 73.17
C VAL P 157 6.77 -7.08 73.02
N ALA P 158 7.30 -6.54 74.11
CA ALA P 158 8.65 -5.97 74.12
C ALA P 158 9.31 -6.23 75.47
N ALA P 159 10.55 -6.69 75.44
CA ALA P 159 11.26 -7.13 76.63
C ALA P 159 12.74 -6.75 76.57
N LYS P 160 13.33 -6.56 77.73
CA LYS P 160 14.73 -6.19 77.85
C LYS P 160 15.37 -7.01 78.94
N GLN P 161 16.55 -7.54 78.65
CA GLN P 161 17.32 -8.32 79.62
C GLN P 161 18.81 -8.00 79.41
N GLY P 162 19.36 -7.20 80.31
CA GLY P 162 20.71 -6.71 80.19
C GLY P 162 20.99 -6.10 78.83
N GLN P 163 21.90 -6.73 78.10
CA GLN P 163 22.32 -6.27 76.79
C GLN P 163 21.32 -6.59 75.68
N PHE P 164 20.31 -7.40 76.01
CA PHE P 164 19.37 -7.94 75.01
C PHE P 164 18.03 -7.21 74.92
N LEU P 165 17.62 -6.82 73.73
CA LEU P 165 16.32 -6.21 73.49
C LEU P 165 15.55 -7.10 72.50
N GLY P 166 14.30 -7.39 72.82
CA GLY P 166 13.46 -8.24 71.98
C GLY P 166 12.05 -7.69 71.84
N CYS P 167 11.51 -7.73 70.63
CA CYS P 167 10.10 -7.45 70.47
C CYS P 167 9.42 -8.29 69.39
N SER P 168 8.12 -8.45 69.53
CA SER P 168 7.33 -9.31 68.67
C SER P 168 6.78 -8.57 67.44
N PHE P 169 6.91 -7.25 67.46
CA PHE P 169 6.51 -6.40 66.33
C PHE P 169 7.74 -5.85 65.62
N ASN P 170 7.51 -5.13 64.54
CA ASN P 170 8.57 -4.63 63.67
C ASN P 170 8.53 -3.13 63.63
N PRO P 171 9.25 -2.48 64.56
CA PRO P 171 9.24 -1.02 64.67
C PRO P 171 9.85 -0.36 63.45
N GLU P 172 10.78 -1.08 62.82
CA GLU P 172 11.45 -0.62 61.62
C GLU P 172 10.52 -0.52 60.39
N LEU P 173 9.31 -1.05 60.48
CA LEU P 173 8.31 -0.80 59.43
C LEU P 173 7.61 0.56 59.55
N THR P 174 8.01 1.39 60.50
CA THR P 174 7.41 2.71 60.66
C THR P 174 8.50 3.78 60.53
N GLU P 175 8.11 5.05 60.46
CA GLU P 175 9.09 6.14 60.42
C GLU P 175 9.33 6.68 61.83
N ASP P 176 8.78 5.98 62.81
CA ASP P 176 9.00 6.27 64.21
C ASP P 176 10.19 5.46 64.72
N HIS P 177 11.34 6.11 64.89
CA HIS P 177 12.61 5.42 65.18
C HIS P 177 12.97 5.35 66.68
N ARG P 178 11.97 5.56 67.54
CA ARG P 178 12.19 5.66 68.99
C ARG P 178 12.60 4.36 69.67
N VAL P 179 12.13 3.22 69.18
CA VAL P 179 12.57 1.92 69.73
C VAL P 179 14.02 1.63 69.29
N THR P 180 14.36 1.95 68.04
CA THR P 180 15.76 1.83 67.64
C THR P 180 16.63 2.75 68.51
N GLN P 181 16.12 3.94 68.84
CA GLN P 181 16.82 4.87 69.75
C GLN P 181 17.09 4.24 71.11
N LEU P 182 16.14 3.47 71.61
CA LEU P 182 16.33 2.75 72.89
C LEU P 182 17.52 1.80 72.76
N PHE P 183 17.61 1.12 71.63
CA PHE P 183 18.72 0.20 71.41
C PHE P 183 20.05 0.93 71.19
N VAL P 184 20.02 2.04 70.47
CA VAL P 184 21.21 2.88 70.32
C VAL P 184 21.75 3.20 71.71
N GLU P 185 20.88 3.66 72.59
CA GLU P 185 21.24 4.01 73.98
C GLU P 185 21.85 2.83 74.72
N MET P 186 21.32 1.62 74.50
CA MET P 186 21.94 0.43 75.08
C MET P 186 23.36 0.25 74.55
N VAL P 187 23.55 0.46 73.24
CA VAL P 187 24.89 0.29 72.64
C VAL P 187 25.87 1.35 73.19
N GLU P 188 25.41 2.60 73.28
CA GLU P 188 26.21 3.68 73.83
C GLU P 188 26.70 3.33 75.24
N GLU P 189 25.79 2.83 76.07
CA GLU P 189 26.16 2.46 77.44
C GLU P 189 27.06 1.22 77.50
N TYR P 190 26.92 0.27 76.58
CA TYR P 190 27.89 -0.83 76.47
C TYR P 190 29.28 -0.25 76.11
N LYS P 191 29.27 0.71 75.20
CA LYS P 191 30.49 1.30 74.63
C LYS P 191 31.26 2.12 75.70
N GLN P 192 30.64 2.37 76.84
CA GLN P 192 31.31 3.05 77.97
C GLN P 192 32.00 2.06 78.91
N LYS P 193 31.36 0.91 79.17
CA LYS P 193 31.96 -0.13 80.03
C LYS P 193 32.98 -0.97 79.26
N ALA Q 2 53.39 -3.80 41.93
CA ALA Q 2 52.94 -4.54 40.72
C ALA Q 2 51.41 -4.37 40.54
N GLN Q 3 50.95 -4.23 39.30
CA GLN Q 3 49.52 -4.15 39.03
C GLN Q 3 49.03 -5.27 38.10
N THR Q 4 47.94 -5.89 38.51
CA THR Q 4 47.21 -6.84 37.67
C THR Q 4 46.10 -6.09 36.95
N GLY Q 5 45.53 -6.67 35.91
CA GLY Q 5 44.32 -6.12 35.33
C GLY Q 5 44.49 -4.85 34.48
N THR Q 6 45.71 -4.46 34.11
CA THR Q 6 45.86 -3.32 33.22
C THR Q 6 45.38 -3.66 31.80
N GLU Q 7 45.00 -2.63 31.06
CA GLU Q 7 44.55 -2.82 29.69
C GLU Q 7 45.66 -3.53 28.87
N ARG Q 8 46.89 -3.16 29.14
CA ARG Q 8 48.03 -3.69 28.40
C ARG Q 8 48.27 -5.16 28.76
N VAL Q 9 48.04 -5.51 30.01
CA VAL Q 9 48.11 -6.93 30.40
C VAL Q 9 46.95 -7.75 29.77
N LYS Q 10 45.75 -7.20 29.79
CA LYS Q 10 44.58 -7.90 29.24
C LYS Q 10 44.76 -8.18 27.72
N ARG Q 11 45.13 -7.13 27.02
CA ARG Q 11 45.34 -7.21 25.58
C ARG Q 11 46.62 -7.94 25.25
N GLY Q 12 47.61 -7.87 26.14
CA GLY Q 12 48.91 -8.56 25.91
C GLY Q 12 48.74 -10.07 25.82
N MET Q 13 47.88 -10.62 26.67
CA MET Q 13 47.53 -12.05 26.58
C MET Q 13 47.01 -12.44 25.18
N ALA Q 14 46.09 -11.64 24.62
CA ALA Q 14 45.61 -11.90 23.25
C ALA Q 14 46.76 -11.74 22.24
N GLU Q 15 47.62 -10.73 22.41
CA GLU Q 15 48.77 -10.57 21.48
C GLU Q 15 49.67 -11.81 21.45
N MET Q 16 49.79 -12.48 22.60
CA MET Q 16 50.61 -13.71 22.72
C MET Q 16 49.95 -14.96 22.13
N GLN Q 17 48.66 -14.85 21.76
CA GLN Q 17 47.91 -15.91 21.10
C GLN Q 17 48.03 -15.88 19.59
N LYS Q 18 48.57 -14.79 19.06
CA LYS Q 18 48.61 -14.60 17.61
C LYS Q 18 49.31 -15.74 16.87
N GLY Q 19 48.79 -16.00 15.68
CA GLY Q 19 49.32 -17.03 14.80
C GLY Q 19 48.91 -18.43 15.21
N GLY Q 20 48.05 -18.53 16.22
CA GLY Q 20 47.66 -19.81 16.77
C GLY Q 20 46.22 -20.21 16.54
N VAL Q 21 45.92 -21.44 16.99
CA VAL Q 21 44.60 -22.04 16.89
C VAL Q 21 44.05 -22.31 18.28
N ILE Q 22 42.84 -21.84 18.54
CA ILE Q 22 42.14 -22.10 19.77
C ILE Q 22 41.07 -23.13 19.46
N MET Q 23 41.08 -24.23 20.23
CA MET Q 23 40.21 -25.36 19.97
C MET Q 23 39.10 -25.56 21.02
N ASP Q 24 37.85 -25.71 20.56
CA ASP Q 24 36.77 -26.07 21.45
C ASP Q 24 36.97 -27.50 21.92
N VAL Q 25 36.79 -27.72 23.22
CA VAL Q 25 36.85 -29.06 23.81
C VAL Q 25 35.70 -29.21 24.81
N ILE Q 26 35.31 -30.45 25.07
CA ILE Q 26 34.24 -30.74 26.04
C ILE Q 26 34.66 -31.62 27.21
N ASN Q 27 35.91 -32.03 27.26
CA ASN Q 27 36.46 -32.79 28.38
C ASN Q 27 37.98 -32.65 28.39
N ALA Q 28 38.60 -33.13 29.46
CA ALA Q 28 40.09 -33.06 29.60
C ALA Q 28 40.86 -33.88 28.53
N GLU Q 29 40.23 -34.94 28.01
CA GLU Q 29 40.93 -35.80 27.06
C GLU Q 29 41.10 -35.10 25.73
N GLN Q 30 40.03 -34.48 25.28
CA GLN Q 30 40.09 -33.60 24.12
C GLN Q 30 41.08 -32.44 24.32
N ALA Q 31 41.05 -31.80 25.50
CA ALA Q 31 42.01 -30.74 25.85
C ALA Q 31 43.46 -31.22 25.66
N LYS Q 32 43.77 -32.43 26.15
CA LYS Q 32 45.13 -33.00 26.02
C LYS Q 32 45.53 -33.14 24.55
N ILE Q 33 44.61 -33.63 23.75
CA ILE Q 33 44.83 -33.75 22.33
C ILE Q 33 45.09 -32.40 21.68
N ALA Q 34 44.29 -31.39 22.00
CA ALA Q 34 44.52 -30.04 21.46
C ALA Q 34 45.92 -29.53 21.77
N GLU Q 35 46.31 -29.62 23.03
CA GLU Q 35 47.62 -29.15 23.46
C GLU Q 35 48.70 -29.90 22.72
N GLU Q 36 48.59 -31.23 22.72
CA GLU Q 36 49.56 -32.06 21.99
C GLU Q 36 49.63 -31.70 20.49
N ALA Q 37 48.51 -31.25 19.89
CA ALA Q 37 48.54 -30.84 18.48
C ALA Q 37 49.13 -29.48 18.24
N GLY Q 38 49.35 -28.71 19.31
CA GLY Q 38 49.95 -27.36 19.23
C GLY Q 38 48.97 -26.18 19.29
N ALA Q 39 47.72 -26.46 19.69
CA ALA Q 39 46.75 -25.43 20.06
C ALA Q 39 47.38 -24.38 21.00
N VAL Q 40 47.04 -23.10 20.80
CA VAL Q 40 47.50 -22.04 21.73
C VAL Q 40 46.60 -21.84 22.95
N ALA Q 41 45.41 -22.41 22.90
CA ALA Q 41 44.46 -22.35 24.01
C ALA Q 41 43.34 -23.35 23.72
N VAL Q 42 42.58 -23.66 24.75
CA VAL Q 42 41.35 -24.43 24.57
C VAL Q 42 40.19 -23.62 25.10
N MET Q 43 39.05 -23.74 24.42
CA MET Q 43 37.77 -23.19 24.85
C MET Q 43 36.96 -24.35 25.47
N ALA Q 44 36.73 -24.30 26.79
CA ALA Q 44 35.99 -25.37 27.51
C ALA Q 44 34.47 -25.19 27.37
N LEU Q 45 33.82 -26.22 26.86
CA LEU Q 45 32.36 -26.29 26.75
C LEU Q 45 31.81 -27.49 27.50
N GLU Q 46 30.52 -27.44 27.82
CA GLU Q 46 29.85 -28.58 28.46
C GLU Q 46 29.18 -29.44 27.40
N ARG Q 47 28.34 -28.81 26.60
CA ARG Q 47 27.86 -29.44 25.38
C ARG Q 47 28.15 -28.40 24.32
N VAL Q 48 28.01 -28.80 23.07
CA VAL Q 48 28.11 -27.84 21.98
C VAL Q 48 26.86 -26.97 22.06
N PRO Q 49 27.03 -25.65 22.25
CA PRO Q 49 25.89 -24.73 22.33
C PRO Q 49 24.94 -24.82 21.14
N ALA Q 50 25.48 -25.06 19.94
CA ALA Q 50 24.68 -25.19 18.72
C ALA Q 50 23.78 -26.44 18.78
N ASP Q 51 24.22 -27.47 19.50
CA ASP Q 51 23.40 -28.66 19.72
C ASP Q 51 22.29 -28.35 20.72
N ILE Q 52 22.61 -27.63 21.79
CA ILE Q 52 21.63 -27.29 22.83
C ILE Q 52 20.49 -26.42 22.29
N ARG Q 53 20.82 -25.48 21.42
CA ARG Q 53 19.82 -24.54 20.91
C ARG Q 53 19.00 -25.19 19.79
N ALA Q 54 19.65 -25.97 18.94
CA ALA Q 54 18.96 -26.91 18.04
C ALA Q 54 17.90 -27.67 18.82
N ALA Q 55 18.27 -28.15 20.01
CA ALA Q 55 17.36 -28.89 20.89
C ALA Q 55 16.34 -28.02 21.63
N GLY Q 56 16.17 -26.77 21.20
CA GLY Q 56 15.23 -25.84 21.83
C GLY Q 56 15.67 -25.34 23.21
N GLY Q 57 16.82 -25.83 23.68
CA GLY Q 57 17.24 -25.60 25.06
C GLY Q 57 17.95 -24.28 25.26
N VAL Q 58 18.21 -23.95 26.51
CA VAL Q 58 18.95 -22.76 26.89
C VAL Q 58 20.40 -23.15 27.12
N ALA Q 59 21.31 -22.43 26.45
CA ALA Q 59 22.74 -22.68 26.54
C ALA Q 59 23.40 -21.69 27.53
N ARG Q 60 23.95 -22.21 28.61
CA ARG Q 60 24.49 -21.39 29.72
C ARG Q 60 25.99 -21.59 29.93
N MET Q 61 26.55 -20.93 30.93
CA MET Q 61 27.93 -21.19 31.33
C MET Q 61 28.10 -22.70 31.49
N ALA Q 62 29.31 -23.21 31.20
CA ALA Q 62 29.60 -24.63 31.40
C ALA Q 62 29.68 -24.93 32.90
N ASP Q 63 29.33 -26.17 33.26
CA ASP Q 63 29.58 -26.73 34.60
C ASP Q 63 31.01 -26.46 35.03
N PRO Q 64 31.20 -25.71 36.11
CA PRO Q 64 32.57 -25.42 36.54
C PRO Q 64 33.45 -26.65 36.76
N THR Q 65 32.87 -27.81 37.03
CA THR Q 65 33.66 -29.04 37.13
C THR Q 65 34.38 -29.37 35.82
N ILE Q 66 33.66 -29.27 34.72
CA ILE Q 66 34.24 -29.47 33.39
C ILE Q 66 35.41 -28.51 33.15
N VAL Q 67 35.18 -27.23 33.42
CA VAL Q 67 36.19 -26.17 33.19
C VAL Q 67 37.43 -26.41 34.02
N GLU Q 68 37.23 -26.81 35.28
CA GLU Q 68 38.34 -27.10 36.19
C GLU Q 68 39.16 -28.32 35.74
N GLU Q 69 38.47 -29.38 35.31
CA GLU Q 69 39.14 -30.54 34.74
C GLU Q 69 40.01 -30.16 33.57
N VAL Q 70 39.48 -29.34 32.67
CA VAL Q 70 40.26 -28.88 31.53
C VAL Q 70 41.46 -28.08 32.01
N MET Q 71 41.26 -27.12 32.91
CA MET Q 71 42.39 -26.32 33.41
C MET Q 71 43.50 -27.19 34.01
N ASN Q 72 43.11 -28.24 34.72
CA ASN Q 72 44.07 -29.12 35.36
C ASN Q 72 44.72 -30.08 34.38
N ALA Q 73 44.08 -30.32 33.23
CA ALA Q 73 44.62 -31.24 32.24
C ALA Q 73 45.70 -30.62 31.38
N VAL Q 74 45.74 -29.31 31.24
CA VAL Q 74 46.65 -28.70 30.25
C VAL Q 74 47.47 -27.58 30.85
N SER Q 75 48.54 -27.22 30.14
CA SER Q 75 49.42 -26.14 30.53
C SER Q 75 49.24 -24.90 29.63
N ILE Q 76 48.39 -25.00 28.63
CA ILE Q 76 48.00 -23.84 27.83
C ILE Q 76 46.79 -23.15 28.46
N PRO Q 77 46.58 -21.85 28.16
CA PRO Q 77 45.43 -21.13 28.71
C PRO Q 77 44.08 -21.75 28.37
N VAL Q 78 43.12 -21.54 29.26
CA VAL Q 78 41.79 -22.09 29.09
C VAL Q 78 40.77 -20.94 29.01
N MET Q 79 39.99 -20.93 27.95
CA MET Q 79 38.91 -19.94 27.80
C MET Q 79 37.58 -20.58 28.10
N ALA Q 80 36.57 -19.76 28.40
CA ALA Q 80 35.26 -20.28 28.66
C ALA Q 80 34.21 -19.22 28.32
N LYS Q 81 32.99 -19.67 28.06
CA LYS Q 81 31.92 -18.76 27.58
C LYS Q 81 30.98 -18.36 28.69
N ALA Q 82 30.60 -17.09 28.66
CA ALA Q 82 29.55 -16.53 29.51
C ALA Q 82 28.44 -16.04 28.61
N ARG Q 83 27.19 -16.19 29.04
CA ARG Q 83 26.08 -15.59 28.28
C ARG Q 83 26.21 -14.07 28.22
N ILE Q 84 25.79 -13.44 27.11
CA ILE Q 84 25.87 -11.99 26.95
C ILE Q 84 25.16 -11.33 28.14
N GLY Q 85 25.85 -10.43 28.84
CA GLY Q 85 25.26 -9.69 29.95
C GLY Q 85 25.11 -10.44 31.26
N HIS Q 86 25.55 -11.68 31.32
CA HIS Q 86 25.39 -12.46 32.55
C HIS Q 86 26.59 -12.18 33.49
N ILE Q 87 26.43 -11.11 34.29
CA ILE Q 87 27.46 -10.58 35.17
C ILE Q 87 28.03 -11.64 36.08
N VAL Q 88 27.14 -12.48 36.60
CA VAL Q 88 27.57 -13.45 37.60
C VAL Q 88 28.27 -14.63 36.95
N GLU Q 89 27.77 -15.14 35.82
CA GLU Q 89 28.53 -16.15 35.09
C GLU Q 89 29.96 -15.69 34.83
N ALA Q 90 30.11 -14.45 34.38
CA ALA Q 90 31.43 -13.90 34.04
C ALA Q 90 32.29 -13.78 35.28
N ARG Q 91 31.72 -13.30 36.37
CA ARG Q 91 32.44 -13.19 37.63
C ARG Q 91 32.82 -14.51 38.23
N VAL Q 92 31.99 -15.53 38.04
CA VAL Q 92 32.32 -16.91 38.49
C VAL Q 92 33.53 -17.48 37.70
N LEU Q 93 33.49 -17.33 36.38
CA LEU Q 93 34.62 -17.73 35.53
C LEU Q 93 35.90 -17.01 35.95
N GLU Q 94 35.78 -15.72 36.22
CA GLU Q 94 36.94 -14.98 36.68
C GLU Q 94 37.47 -15.56 38.01
N ALA Q 95 36.59 -15.80 38.96
CA ALA Q 95 36.96 -16.38 40.26
C ALA Q 95 37.59 -17.76 40.08
N MET Q 96 37.22 -18.50 39.04
CA MET Q 96 37.84 -19.82 38.77
C MET Q 96 39.23 -19.73 38.15
N GLY Q 97 39.61 -18.57 37.67
CA GLY Q 97 40.93 -18.40 37.08
C GLY Q 97 40.92 -18.77 35.61
N VAL Q 98 39.76 -18.73 34.96
CA VAL Q 98 39.70 -18.88 33.50
C VAL Q 98 40.57 -17.75 32.88
N ASP Q 99 41.30 -18.06 31.82
CA ASP Q 99 42.29 -17.12 31.31
C ASP Q 99 41.75 -16.05 30.38
N TYR Q 100 40.59 -16.33 29.77
CA TYR Q 100 39.95 -15.40 28.82
C TYR Q 100 38.48 -15.78 28.82
N ILE Q 101 37.60 -14.79 28.97
CA ILE Q 101 36.18 -15.06 28.85
C ILE Q 101 35.61 -14.63 27.49
N ASP Q 102 34.90 -15.55 26.84
CA ASP Q 102 34.16 -15.27 25.62
C ASP Q 102 32.73 -14.87 26.01
N GLU Q 103 32.42 -13.58 25.88
CA GLU Q 103 31.07 -13.13 26.11
C GLU Q 103 30.36 -13.45 24.80
N SER Q 104 29.66 -14.58 24.79
CA SER Q 104 29.40 -15.27 23.55
C SER Q 104 27.96 -15.26 23.08
N GLU Q 105 27.75 -14.82 21.83
CA GLU Q 105 26.42 -14.84 21.22
C GLU Q 105 25.92 -16.23 20.88
N VAL Q 106 26.72 -17.26 20.99
CA VAL Q 106 26.24 -18.58 20.70
C VAL Q 106 25.65 -19.24 21.96
N LEU Q 107 25.97 -18.76 23.15
CA LEU Q 107 25.15 -19.08 24.32
C LEU Q 107 23.86 -18.25 24.23
N THR Q 108 22.87 -18.60 25.01
CA THR Q 108 21.59 -17.88 25.01
C THR Q 108 21.82 -16.56 25.76
N PRO Q 109 21.66 -15.41 25.08
CA PRO Q 109 21.88 -14.14 25.78
C PRO Q 109 21.04 -14.02 27.06
N ALA Q 110 21.69 -13.58 28.14
CA ALA Q 110 21.00 -13.28 29.38
C ALA Q 110 20.45 -11.83 29.36
N ASP Q 111 21.07 -10.98 28.55
CA ASP Q 111 20.67 -9.57 28.51
C ASP Q 111 20.67 -9.18 27.04
N GLU Q 112 19.48 -8.93 26.49
CA GLU Q 112 19.33 -8.63 25.07
C GLU Q 112 19.49 -7.13 24.78
N GLU Q 113 19.69 -6.29 25.80
CA GLU Q 113 19.91 -4.88 25.56
C GLU Q 113 21.31 -4.38 25.90
N PHE Q 114 21.96 -5.02 26.87
CA PHE Q 114 23.21 -4.52 27.44
C PHE Q 114 24.25 -5.63 27.59
N HIS Q 115 25.44 -5.45 26.99
CA HIS Q 115 26.52 -6.35 27.17
C HIS Q 115 27.18 -6.02 28.49
N LEU Q 116 28.09 -6.88 28.90
CA LEU Q 116 28.84 -6.72 30.13
C LEU Q 116 29.74 -5.50 30.09
N ASN Q 117 29.85 -4.85 31.25
CA ASN Q 117 30.83 -3.79 31.44
C ASN Q 117 32.15 -4.47 31.75
N LYS Q 118 32.81 -4.86 30.67
CA LYS Q 118 34.05 -5.66 30.73
C LYS Q 118 35.22 -4.88 31.30
N ASN Q 119 35.18 -3.55 31.17
CA ASN Q 119 36.13 -2.65 31.83
C ASN Q 119 36.33 -2.86 33.34
N GLU Q 120 35.30 -3.27 34.06
CA GLU Q 120 35.40 -3.47 35.51
C GLU Q 120 35.98 -4.81 35.94
N TYR Q 121 36.29 -5.69 34.99
CA TYR Q 121 36.86 -7.00 35.34
C TYR Q 121 38.39 -7.01 35.31
N THR Q 122 38.98 -7.97 36.01
CA THR Q 122 40.41 -8.25 35.89
C THR Q 122 40.73 -9.22 34.75
N VAL Q 123 39.94 -10.28 34.64
CA VAL Q 123 40.04 -11.20 33.51
C VAL Q 123 39.68 -10.51 32.19
N PRO Q 124 40.42 -10.78 31.11
CA PRO Q 124 40.02 -10.21 29.84
C PRO Q 124 38.95 -10.99 29.09
N PHE Q 125 38.29 -10.26 28.18
CA PHE Q 125 37.22 -10.77 27.37
C PHE Q 125 37.48 -10.73 25.87
N VAL Q 126 37.00 -11.77 25.20
CA VAL Q 126 36.89 -11.78 23.77
C VAL Q 126 35.41 -11.65 23.45
N CYS Q 127 35.11 -10.85 22.42
CA CYS Q 127 33.77 -10.66 21.91
C CYS Q 127 33.71 -10.81 20.41
N GLY Q 128 32.51 -11.13 19.93
CA GLY Q 128 32.25 -11.26 18.55
C GLY Q 128 31.89 -9.92 17.93
N CYS Q 129 32.13 -9.84 16.61
CA CYS Q 129 31.72 -8.71 15.79
C CYS Q 129 31.55 -9.10 14.34
N ARG Q 130 30.76 -8.30 13.64
CA ARG Q 130 30.57 -8.48 12.19
C ARG Q 130 31.01 -7.30 11.34
N ASP Q 131 31.26 -6.15 12.00
CA ASP Q 131 31.71 -4.95 11.32
CA ASP Q 131 31.66 -4.94 11.33
C ASP Q 131 32.42 -4.08 12.33
N LEU Q 132 32.96 -2.97 11.85
CA LEU Q 132 33.81 -2.12 12.61
C LEU Q 132 33.09 -1.37 13.70
N GLY Q 133 31.84 -0.95 13.48
CA GLY Q 133 31.05 -0.29 14.51
C GLY Q 133 30.85 -1.18 15.71
N GLU Q 134 30.40 -2.39 15.46
CA GLU Q 134 30.20 -3.38 16.51
C GLU Q 134 31.52 -3.70 17.22
N ALA Q 135 32.58 -3.92 16.47
CA ALA Q 135 33.90 -4.16 17.06
C ALA Q 135 34.26 -3.03 18.01
N THR Q 136 34.12 -1.76 17.58
CA THR Q 136 34.50 -0.65 18.46
C THR Q 136 33.58 -0.47 19.67
N ARG Q 137 32.31 -0.84 19.53
CA ARG Q 137 31.41 -0.82 20.70
C ARG Q 137 31.84 -1.87 21.72
N ARG Q 138 32.21 -3.05 21.26
CA ARG Q 138 32.70 -4.09 22.17
C ARG Q 138 34.02 -3.66 22.85
N ILE Q 139 34.96 -3.10 22.07
CA ILE Q 139 36.21 -2.62 22.65
C ILE Q 139 35.95 -1.55 23.72
N ALA Q 140 35.11 -0.58 23.39
CA ALA Q 140 34.77 0.51 24.34
C ALA Q 140 34.10 0.00 25.64
N GLU Q 141 33.34 -1.10 25.55
CA GLU Q 141 32.81 -1.76 26.75
C GLU Q 141 33.87 -2.54 27.52
N GLY Q 142 35.07 -2.70 26.95
CA GLY Q 142 36.19 -3.31 27.64
C GLY Q 142 36.70 -4.61 27.06
N ALA Q 143 36.21 -5.00 25.88
CA ALA Q 143 36.75 -6.21 25.23
C ALA Q 143 38.26 -6.01 24.93
N SER Q 144 39.06 -7.06 25.15
CA SER Q 144 40.52 -7.01 24.91
C SER Q 144 40.98 -7.80 23.69
N MET Q 145 40.01 -8.45 23.03
CA MET Q 145 40.26 -9.36 21.94
C MET Q 145 38.94 -9.46 21.20
N LEU Q 146 39.03 -9.61 19.89
CA LEU Q 146 37.83 -9.75 19.06
C LEU Q 146 37.90 -11.04 18.24
N ARG Q 147 36.71 -11.49 17.82
CA ARG Q 147 36.60 -12.53 16.81
C ARG Q 147 35.41 -12.27 15.89
N THR Q 148 35.46 -12.80 14.68
CA THR Q 148 34.29 -12.81 13.79
C THR Q 148 33.18 -13.63 14.45
N LYS Q 149 31.93 -13.26 14.22
CA LYS Q 149 30.83 -14.07 14.70
C LYS Q 149 30.71 -15.31 13.83
N GLY Q 150 31.02 -15.15 12.56
CA GLY Q 150 30.93 -16.28 11.65
C GLY Q 150 29.53 -16.85 11.63
N GLU Q 151 29.46 -18.16 11.44
CA GLU Q 151 28.22 -18.93 11.31
C GLU Q 151 28.42 -20.26 12.05
N PRO Q 152 28.04 -20.29 13.33
CA PRO Q 152 28.29 -21.44 14.20
C PRO Q 152 27.51 -22.66 13.75
N GLY Q 153 28.11 -23.83 13.89
CA GLY Q 153 27.43 -25.08 13.62
C GLY Q 153 27.19 -25.44 12.16
N THR Q 154 27.75 -24.68 11.22
CA THR Q 154 27.51 -24.99 9.80
C THR Q 154 28.72 -25.51 9.06
N GLY Q 155 29.92 -25.19 9.51
CA GLY Q 155 31.09 -25.51 8.74
C GLY Q 155 31.21 -24.72 7.45
N ASN Q 156 30.36 -23.70 7.28
CA ASN Q 156 30.43 -22.79 6.14
C ASN Q 156 31.29 -21.59 6.51
N ILE Q 157 32.43 -21.45 5.84
CA ILE Q 157 33.43 -20.38 6.09
C ILE Q 157 32.89 -18.98 5.65
N VAL Q 158 31.76 -18.96 4.95
CA VAL Q 158 31.31 -17.75 4.28
C VAL Q 158 31.06 -16.53 5.23
N GLU Q 159 30.50 -16.78 6.41
CA GLU Q 159 30.21 -15.64 7.32
C GLU Q 159 31.48 -15.13 8.00
N ALA Q 160 32.38 -16.03 8.43
CA ALA Q 160 33.73 -15.63 8.90
C ALA Q 160 34.46 -14.78 7.83
N VAL Q 161 34.43 -15.24 6.58
CA VAL Q 161 35.01 -14.48 5.50
C VAL Q 161 34.36 -13.09 5.41
N ARG Q 162 33.04 -13.07 5.44
CA ARG Q 162 32.28 -11.83 5.31
C ARG Q 162 32.66 -10.82 6.39
N HIS Q 163 32.70 -11.27 7.63
CA HIS Q 163 33.03 -10.41 8.77
C HIS Q 163 34.50 -9.93 8.83
N MET Q 164 35.41 -10.83 8.55
CA MET Q 164 36.82 -10.46 8.51
C MET Q 164 37.03 -9.45 7.36
N ARG Q 165 36.43 -9.73 6.20
CA ARG Q 165 36.53 -8.80 5.06
C ARG Q 165 35.94 -7.44 5.38
N LYS Q 166 34.79 -7.41 6.03
CA LYS Q 166 34.11 -6.15 6.37
C LYS Q 166 34.94 -5.32 7.34
N VAL Q 167 35.30 -5.90 8.48
CA VAL Q 167 36.11 -5.18 9.47
C VAL Q 167 37.39 -4.65 8.81
N ASN Q 168 38.14 -5.53 8.10
CA ASN Q 168 39.39 -5.11 7.51
C ASN Q 168 39.19 -4.02 6.47
N ALA Q 169 38.16 -4.12 5.61
CA ALA Q 169 37.89 -3.07 4.63
C ALA Q 169 37.58 -1.72 5.31
N GLN Q 170 36.80 -1.77 6.38
CA GLN Q 170 36.38 -0.55 7.11
C GLN Q 170 37.54 0.11 7.78
N VAL Q 171 38.46 -0.68 8.27
CA VAL Q 171 39.67 -0.17 8.89
C VAL Q 171 40.55 0.51 7.84
N ARG Q 172 40.78 -0.17 6.70
CA ARG Q 172 41.57 0.43 5.63
CA ARG Q 172 41.56 0.43 5.64
C ARG Q 172 41.00 1.80 5.28
N LYS Q 173 39.67 1.88 5.13
CA LYS Q 173 39.01 3.15 4.75
C LYS Q 173 39.20 4.22 5.80
N VAL Q 174 38.98 3.87 7.05
CA VAL Q 174 39.21 4.80 8.14
C VAL Q 174 40.64 5.33 8.20
N VAL Q 175 41.61 4.45 8.00
CA VAL Q 175 43.03 4.81 8.09
C VAL Q 175 43.36 5.78 6.98
N ALA Q 176 42.70 5.61 5.83
CA ALA Q 176 43.04 6.44 4.64
C ALA Q 176 42.19 7.69 4.50
N MET Q 177 41.05 7.78 5.22
CA MET Q 177 40.16 8.89 4.95
C MET Q 177 40.61 10.19 5.60
N SER Q 178 40.05 11.27 5.10
CA SER Q 178 40.36 12.58 5.64
C SER Q 178 39.85 12.68 7.10
N GLU Q 179 40.70 13.18 7.99
CA GLU Q 179 40.35 13.19 9.44
C GLU Q 179 39.04 13.95 9.70
N ASP Q 180 38.83 15.04 8.97
CA ASP Q 180 37.63 15.84 9.21
C ASP Q 180 36.31 15.17 8.78
N GLU Q 181 36.41 14.00 8.15
CA GLU Q 181 35.26 13.19 7.73
C GLU Q 181 34.96 12.03 8.69
N LEU Q 182 35.79 11.89 9.71
CA LEU Q 182 35.68 10.76 10.62
C LEU Q 182 34.47 10.80 11.56
N MET Q 183 34.01 11.99 11.93
CA MET Q 183 32.82 12.08 12.74
C MET Q 183 31.57 11.56 12.01
N THR Q 184 31.39 11.95 10.75
CA THR Q 184 30.29 11.36 9.94
C THR Q 184 30.45 9.84 9.79
N GLU Q 185 31.68 9.38 9.61
CA GLU Q 185 31.91 7.96 9.53
C GLU Q 185 31.52 7.28 10.84
N ALA Q 186 31.92 7.88 11.96
CA ALA Q 186 31.68 7.30 13.26
C ALA Q 186 30.17 7.21 13.54
N LYS Q 187 29.44 8.25 13.21
CA LYS Q 187 28.00 8.26 13.36
C LYS Q 187 27.34 7.19 12.47
N ASN Q 188 27.81 7.09 11.24
CA ASN Q 188 27.37 6.05 10.32
CA ASN Q 188 27.35 6.06 10.32
C ASN Q 188 27.60 4.65 10.86
N LEU Q 189 28.81 4.39 11.36
CA LEU Q 189 29.14 3.07 11.90
C LEU Q 189 28.51 2.77 13.24
N GLY Q 190 28.12 3.79 13.98
CA GLY Q 190 27.83 3.64 15.38
C GLY Q 190 29.08 3.39 16.21
N ALA Q 191 30.20 4.00 15.81
CA ALA Q 191 31.47 3.80 16.48
C ALA Q 191 31.78 4.93 17.45
N PRO Q 192 32.27 4.59 18.68
CA PRO Q 192 32.82 5.64 19.52
C PRO Q 192 33.93 6.43 18.77
N TYR Q 193 33.79 7.75 18.75
CA TYR Q 193 34.65 8.59 17.98
C TYR Q 193 36.13 8.47 18.40
N GLU Q 194 36.46 8.58 19.68
CA GLU Q 194 37.91 8.56 20.03
C GLU Q 194 38.60 7.25 19.57
N LEU Q 195 37.90 6.14 19.65
CA LEU Q 195 38.40 4.84 19.18
C LEU Q 195 38.71 4.84 17.68
N LEU Q 196 37.79 5.39 16.90
CA LEU Q 196 37.96 5.47 15.49
C LEU Q 196 39.12 6.38 15.11
N LEU Q 197 39.20 7.54 15.74
CA LEU Q 197 40.31 8.46 15.53
C LEU Q 197 41.66 7.79 15.85
N GLN Q 198 41.69 7.00 16.93
CA GLN Q 198 42.93 6.26 17.32
C GLN Q 198 43.26 5.13 16.34
N ILE Q 199 42.24 4.50 15.73
CA ILE Q 199 42.51 3.52 14.68
C ILE Q 199 43.25 4.19 13.52
N LYS Q 200 42.78 5.37 13.11
CA LYS Q 200 43.42 6.11 12.03
C LYS Q 200 44.89 6.42 12.40
N LYS Q 201 45.12 6.93 13.60
CA LYS Q 201 46.46 7.22 14.07
C LYS Q 201 47.34 6.01 14.10
N ASP Q 202 46.85 4.93 14.69
CA ASP Q 202 47.62 3.70 14.82
C ASP Q 202 47.80 2.96 13.51
N GLY Q 203 46.87 3.16 12.57
CA GLY Q 203 46.84 2.41 11.32
C GLY Q 203 46.29 1.00 11.45
N LYS Q 204 45.59 0.76 12.55
CA LYS Q 204 45.12 -0.60 12.88
C LYS Q 204 44.13 -0.56 14.03
N LEU Q 205 43.39 -1.65 14.16
CA LEU Q 205 42.60 -1.96 15.34
C LEU Q 205 43.52 -2.08 16.51
N PRO Q 206 43.06 -1.67 17.70
CA PRO Q 206 43.88 -1.69 18.87
C PRO Q 206 43.95 -3.06 19.54
N VAL Q 207 43.10 -4.00 19.12
CA VAL Q 207 43.08 -5.32 19.72
C VAL Q 207 43.19 -6.39 18.62
N VAL Q 208 43.67 -7.55 19.01
CA VAL Q 208 43.70 -8.78 18.20
C VAL Q 208 42.29 -9.17 17.72
N ASN Q 209 42.20 -9.67 16.47
CA ASN Q 209 40.97 -10.12 15.86
C ASN Q 209 41.13 -11.48 15.23
N PHE Q 210 40.49 -12.50 15.82
CA PHE Q 210 40.55 -13.88 15.34
C PHE Q 210 39.39 -14.18 14.44
N ALA Q 211 39.59 -15.16 13.54
CA ALA Q 211 38.52 -15.77 12.76
C ALA Q 211 37.85 -16.84 13.60
N ALA Q 212 36.54 -16.95 13.43
CA ALA Q 212 35.74 -17.89 14.20
C ALA Q 212 34.44 -18.18 13.52
N GLY Q 213 33.97 -19.40 13.73
CA GLY Q 213 32.66 -19.82 13.26
C GLY Q 213 32.58 -20.14 11.79
N GLY Q 214 33.30 -21.16 11.40
CA GLY Q 214 33.08 -21.85 10.14
C GLY Q 214 34.33 -22.56 9.59
N VAL Q 215 35.42 -22.57 10.34
CA VAL Q 215 36.67 -23.15 9.84
C VAL Q 215 36.53 -24.64 9.91
N ALA Q 216 36.44 -25.29 8.78
CA ALA Q 216 36.24 -26.77 8.76
C ALA Q 216 37.41 -27.54 8.18
N THR Q 217 38.22 -26.89 7.36
CA THR Q 217 39.37 -27.53 6.71
C THR Q 217 40.67 -26.71 6.90
N PRO Q 218 41.84 -27.35 6.66
CA PRO Q 218 43.12 -26.60 6.68
C PRO Q 218 43.16 -25.44 5.69
N ALA Q 219 42.60 -25.65 4.50
CA ALA Q 219 42.47 -24.53 3.56
C ALA Q 219 41.65 -23.36 4.18
N ASP Q 220 40.56 -23.65 4.90
CA ASP Q 220 39.80 -22.59 5.55
C ASP Q 220 40.65 -21.77 6.53
N ALA Q 221 41.40 -22.44 7.38
CA ALA Q 221 42.24 -21.79 8.38
C ALA Q 221 43.24 -20.86 7.71
N ALA Q 222 43.89 -21.39 6.66
CA ALA Q 222 44.89 -20.62 5.93
C ALA Q 222 44.25 -19.43 5.25
N LEU Q 223 43.03 -19.63 4.72
CA LEU Q 223 42.27 -18.55 4.09
C LEU Q 223 42.06 -17.40 5.03
N MET Q 224 41.66 -17.72 6.25
CA MET Q 224 41.35 -16.65 7.21
C MET Q 224 42.59 -15.80 7.56
N MET Q 225 43.76 -16.46 7.62
CA MET Q 225 45.03 -15.76 7.87
C MET Q 225 45.43 -14.94 6.64
N GLN Q 226 45.22 -15.51 5.48
CA GLN Q 226 45.47 -14.77 4.26
C GLN Q 226 44.58 -13.54 4.24
N LEU Q 227 43.39 -13.64 4.79
CA LEU Q 227 42.49 -12.51 4.83
C LEU Q 227 42.77 -11.49 5.94
N GLY Q 228 43.82 -11.70 6.73
CA GLY Q 228 44.17 -10.76 7.78
C GLY Q 228 43.77 -11.13 9.19
N ALA Q 229 43.24 -12.34 9.41
CA ALA Q 229 42.96 -12.83 10.78
C ALA Q 229 44.25 -12.91 11.58
N ASP Q 230 44.18 -12.70 12.88
CA ASP Q 230 45.34 -12.86 13.76
C ASP Q 230 45.46 -14.28 14.30
N GLY Q 231 44.54 -15.16 13.93
CA GLY Q 231 44.45 -16.44 14.58
C GLY Q 231 43.09 -17.02 14.28
N VAL Q 232 42.90 -18.26 14.71
CA VAL Q 232 41.71 -19.00 14.38
C VAL Q 232 41.13 -19.74 15.62
N PHE Q 233 39.82 -19.61 15.81
CA PHE Q 233 39.06 -20.48 16.68
C PHE Q 233 38.47 -21.60 15.84
N VAL Q 234 38.55 -22.83 16.31
CA VAL Q 234 37.96 -23.95 15.58
C VAL Q 234 37.15 -24.79 16.55
N GLY Q 235 36.10 -25.38 16.01
CA GLY Q 235 35.09 -26.06 16.80
C GLY Q 235 35.35 -27.53 17.11
N SER Q 236 34.41 -28.07 17.87
CA SER Q 236 34.39 -29.46 18.34
C SER Q 236 34.41 -30.53 17.26
N GLY Q 237 34.04 -30.14 16.04
CA GLY Q 237 34.09 -31.03 14.87
C GLY Q 237 35.41 -31.76 14.70
N ILE Q 238 36.49 -31.09 15.05
CA ILE Q 238 37.80 -31.70 15.10
C ILE Q 238 37.70 -33.07 15.73
N PHE Q 239 36.97 -33.19 16.84
CA PHE Q 239 36.92 -34.46 17.58
C PHE Q 239 35.89 -35.46 17.09
N LYS Q 240 35.05 -35.08 16.14
CA LYS Q 240 34.18 -36.01 15.42
C LYS Q 240 34.94 -36.75 14.31
N SER Q 241 36.13 -36.28 13.97
CA SER Q 241 36.86 -36.81 12.83
C SER Q 241 37.47 -38.18 13.15
N ASP Q 242 37.94 -38.85 12.11
CA ASP Q 242 38.43 -40.22 12.25
C ASP Q 242 39.74 -40.25 13.04
N ASN Q 243 40.51 -39.16 12.94
CA ASN Q 243 41.79 -39.02 13.66
C ASN Q 243 41.89 -37.56 14.11
N PRO Q 244 41.24 -37.25 15.23
CA PRO Q 244 41.26 -35.86 15.77
C PRO Q 244 42.67 -35.29 15.94
N ALA Q 245 43.61 -36.09 16.43
CA ALA Q 245 44.98 -35.62 16.63
C ALA Q 245 45.60 -35.18 15.31
N LYS Q 246 45.34 -35.95 14.26
CA LYS Q 246 45.89 -35.64 12.95
C LYS Q 246 45.23 -34.39 12.38
N PHE Q 247 43.93 -34.33 12.52
CA PHE Q 247 43.14 -33.21 12.04
C PHE Q 247 43.55 -31.91 12.76
N ALA Q 248 43.56 -31.97 14.08
CA ALA Q 248 44.00 -30.85 14.93
C ALA Q 248 45.38 -30.34 14.49
N LYS Q 249 46.30 -31.30 14.29
CA LYS Q 249 47.65 -30.98 13.82
C LYS Q 249 47.67 -30.24 12.49
N ALA Q 250 46.86 -30.70 11.57
CA ALA Q 250 46.73 -30.11 10.26
C ALA Q 250 46.25 -28.66 10.30
N ILE Q 251 45.24 -28.39 11.12
CA ILE Q 251 44.75 -27.01 11.27
C ILE Q 251 45.86 -26.08 11.82
N VAL Q 252 46.60 -26.59 12.81
CA VAL Q 252 47.70 -25.81 13.38
C VAL Q 252 48.74 -25.47 12.33
N GLU Q 253 49.12 -26.47 11.53
CA GLU Q 253 50.15 -26.28 10.49
C GLU Q 253 49.70 -25.32 9.40
N ALA Q 254 48.45 -25.46 8.98
CA ALA Q 254 47.91 -24.58 7.94
C ALA Q 254 47.84 -23.14 8.43
N THR Q 255 47.50 -22.91 9.69
CA THR Q 255 47.42 -21.55 10.27
C THR Q 255 48.80 -20.91 10.31
N THR Q 256 49.80 -21.69 10.74
CA THR Q 256 51.22 -21.25 10.78
C THR Q 256 51.78 -20.91 9.40
N HIS Q 257 51.65 -21.84 8.48
CA HIS Q 257 52.26 -21.77 7.14
C HIS Q 257 51.19 -21.51 6.08
N PHE Q 258 50.47 -20.41 6.24
CA PHE Q 258 49.24 -20.18 5.48
C PHE Q 258 49.45 -19.86 4.01
N THR Q 259 50.71 -19.69 3.59
CA THR Q 259 51.02 -19.48 2.19
C THR Q 259 51.80 -20.63 1.58
N ASP Q 260 51.92 -21.77 2.26
CA ASP Q 260 52.67 -22.92 1.72
C ASP Q 260 51.70 -23.91 1.14
N TYR Q 261 51.41 -23.72 -0.14
CA TYR Q 261 50.31 -24.42 -0.77
C TYR Q 261 50.57 -25.89 -1.02
N LYS Q 262 51.82 -26.30 -1.26
CA LYS Q 262 52.12 -27.76 -1.39
C LYS Q 262 51.82 -28.45 -0.07
N LEU Q 263 52.29 -27.85 1.01
CA LEU Q 263 52.03 -28.37 2.36
C LEU Q 263 50.52 -28.46 2.63
N ILE Q 264 49.79 -27.39 2.33
CA ILE Q 264 48.36 -27.37 2.63
C ILE Q 264 47.66 -28.44 1.81
N ALA Q 265 48.14 -28.67 0.58
CA ALA Q 265 47.62 -29.76 -0.27
C ALA Q 265 47.76 -31.11 0.43
N GLU Q 266 48.96 -31.38 0.91
CA GLU Q 266 49.20 -32.59 1.71
C GLU Q 266 48.32 -32.68 2.96
N LEU Q 267 48.29 -31.61 3.73
CA LEU Q 267 47.47 -31.54 4.95
C LEU Q 267 45.99 -31.72 4.69
N SER Q 268 45.54 -31.30 3.48
CA SER Q 268 44.15 -31.39 3.08
C SER Q 268 43.68 -32.83 2.80
N LYS Q 269 44.61 -33.77 2.69
CA LYS Q 269 44.27 -35.17 2.41
C LYS Q 269 43.75 -36.00 3.58
N GLU Q 270 42.84 -36.91 3.24
CA GLU Q 270 42.28 -37.93 4.15
C GLU Q 270 42.04 -37.39 5.54
N LEU Q 271 40.90 -36.73 5.73
CA LEU Q 271 40.70 -35.93 6.93
C LEU Q 271 39.24 -35.98 7.39
N MET R 1 74.16 -4.67 6.49
CA MET R 1 73.77 -4.13 7.83
C MET R 1 73.12 -5.20 8.69
N LEU R 2 73.03 -4.88 9.98
CA LEU R 2 72.52 -5.78 11.00
C LEU R 2 71.10 -6.30 10.70
N THR R 3 70.97 -7.61 10.52
CA THR R 3 69.65 -8.24 10.36
C THR R 3 69.37 -9.20 11.50
N ILE R 4 68.29 -8.95 12.23
CA ILE R 4 67.84 -9.80 13.32
C ILE R 4 66.53 -10.50 12.94
N GLY R 5 66.52 -11.82 13.09
CA GLY R 5 65.33 -12.62 12.87
C GLY R 5 64.44 -12.74 14.09
N VAL R 6 63.16 -12.95 13.84
CA VAL R 6 62.21 -13.30 14.90
C VAL R 6 61.57 -14.60 14.46
N LEU R 7 61.73 -15.64 15.26
CA LEU R 7 61.12 -16.94 14.91
C LEU R 7 59.59 -16.74 14.80
N GLY R 8 59.03 -17.02 13.62
CA GLY R 8 57.65 -16.64 13.30
C GLY R 8 56.63 -17.74 13.40
N LEU R 9 56.98 -18.87 14.00
CA LEU R 9 56.05 -20.01 14.04
C LEU R 9 54.73 -19.65 14.72
N GLN R 10 54.79 -18.92 15.84
CA GLN R 10 53.59 -18.52 16.59
C GLN R 10 54.00 -17.41 17.52
N GLY R 11 53.11 -16.47 17.77
CA GLY R 11 53.27 -15.55 18.92
C GLY R 11 53.28 -14.07 18.60
N ALA R 12 53.79 -13.28 19.56
CA ALA R 12 53.87 -11.82 19.40
C ALA R 12 55.10 -11.47 18.57
N VAL R 13 55.06 -11.90 17.32
CA VAL R 13 56.21 -11.78 16.43
C VAL R 13 56.37 -10.36 15.96
N ARG R 14 55.31 -9.77 15.48
CA ARG R 14 55.39 -8.42 14.93
CA ARG R 14 55.32 -8.42 14.95
C ARG R 14 55.85 -7.38 15.96
N GLU R 15 55.50 -7.55 17.23
CA GLU R 15 55.94 -6.63 18.29
C GLU R 15 57.48 -6.62 18.40
N HIS R 16 58.08 -7.80 18.25
CA HIS R 16 59.53 -7.88 18.29
C HIS R 16 60.12 -7.24 17.05
N ILE R 17 59.49 -7.40 15.89
CA ILE R 17 59.97 -6.80 14.64
C ILE R 17 59.97 -5.29 14.77
N HIS R 18 58.89 -4.73 15.30
CA HIS R 18 58.79 -3.30 15.48
C HIS R 18 59.92 -2.80 16.37
N ALA R 19 60.22 -3.55 17.43
CA ALA R 19 61.24 -3.13 18.38
C ALA R 19 62.62 -3.12 17.73
N ILE R 20 62.93 -4.18 16.99
CA ILE R 20 64.22 -4.28 16.28
C ILE R 20 64.38 -3.03 15.40
N GLU R 21 63.36 -2.77 14.58
CA GLU R 21 63.41 -1.64 13.65
C GLU R 21 63.45 -0.31 14.39
N ALA R 22 62.82 -0.24 15.55
CA ALA R 22 62.90 0.96 16.35
C ALA R 22 64.35 1.21 16.81
N CYS R 23 65.14 0.15 16.91
CA CYS R 23 66.53 0.26 17.33
C CYS R 23 67.51 0.45 16.16
N GLY R 24 66.99 0.62 14.94
CA GLY R 24 67.84 0.85 13.77
C GLY R 24 68.15 -0.38 12.93
N ALA R 25 68.01 -1.58 13.50
CA ALA R 25 68.32 -2.79 12.75
C ALA R 25 67.18 -3.21 11.80
N ALA R 26 67.34 -4.36 11.16
CA ALA R 26 66.35 -4.86 10.23
C ALA R 26 65.88 -6.22 10.69
N GLY R 27 64.58 -6.44 10.56
CA GLY R 27 63.93 -7.57 11.17
C GLY R 27 63.46 -8.51 10.09
N LEU R 28 63.48 -9.81 10.38
CA LEU R 28 63.03 -10.79 9.42
C LEU R 28 62.25 -11.83 10.18
N VAL R 29 61.00 -12.00 9.80
CA VAL R 29 60.22 -13.10 10.32
C VAL R 29 60.75 -14.40 9.72
N VAL R 30 61.23 -15.28 10.58
CA VAL R 30 61.77 -16.56 10.16
C VAL R 30 60.74 -17.66 10.34
N LYS R 31 60.22 -18.19 9.23
CA LYS R 31 59.32 -19.35 9.29
C LYS R 31 59.92 -20.67 8.77
N ARG R 32 61.07 -20.59 8.09
CA ARG R 32 61.76 -21.73 7.50
C ARG R 32 63.22 -21.78 7.98
N PRO R 33 63.72 -22.97 8.37
CA PRO R 33 65.11 -23.03 8.90
C PRO R 33 66.15 -22.33 8.03
N GLU R 34 65.98 -22.41 6.71
CA GLU R 34 66.89 -21.84 5.73
C GLU R 34 67.09 -20.35 5.91
N GLN R 35 66.07 -19.67 6.43
CA GLN R 35 66.14 -18.22 6.67
C GLN R 35 67.08 -17.88 7.82
N LEU R 36 67.41 -18.86 8.65
CA LEU R 36 68.39 -18.65 9.72
C LEU R 36 69.74 -18.16 9.20
N ASN R 37 70.10 -18.63 8.01
CA ASN R 37 71.33 -18.21 7.38
C ASN R 37 71.31 -16.74 7.01
N GLU R 38 70.12 -16.20 6.85
CA GLU R 38 69.93 -14.82 6.41
C GLU R 38 69.99 -13.79 7.54
N VAL R 39 70.21 -14.24 8.78
CA VAL R 39 70.16 -13.35 9.95
C VAL R 39 71.40 -13.44 10.86
N ASP R 40 71.70 -12.34 11.54
CA ASP R 40 72.86 -12.19 12.43
C ASP R 40 72.57 -12.57 13.90
N GLY R 41 71.31 -12.42 14.31
CA GLY R 41 70.80 -12.88 15.61
C GLY R 41 69.36 -13.33 15.48
N LEU R 42 68.84 -13.98 16.52
CA LEU R 42 67.46 -14.50 16.51
C LEU R 42 66.74 -14.22 17.82
N ILE R 43 65.48 -13.77 17.71
CA ILE R 43 64.56 -13.62 18.86
C ILE R 43 63.51 -14.73 18.81
N LEU R 44 63.40 -15.45 19.94
CA LEU R 44 62.35 -16.42 20.18
C LEU R 44 61.27 -15.67 20.98
N PRO R 45 60.11 -15.42 20.36
CA PRO R 45 59.17 -14.50 20.95
C PRO R 45 58.33 -15.11 22.06
N GLY R 46 57.51 -14.26 22.69
CA GLY R 46 56.47 -14.74 23.57
C GLY R 46 55.36 -15.39 22.76
N GLY R 47 54.60 -16.24 23.44
CA GLY R 47 53.53 -16.99 22.87
C GLY R 47 53.32 -18.23 23.71
N GLU R 48 53.06 -19.37 23.07
CA GLU R 48 52.94 -20.64 23.77
C GLU R 48 54.13 -21.54 23.46
N SER R 49 54.98 -21.76 24.47
CA SER R 49 56.14 -22.64 24.33
C SER R 49 55.77 -24.01 23.76
N THR R 50 54.61 -24.55 24.16
CA THR R 50 54.23 -25.89 23.70
C THR R 50 53.94 -25.90 22.20
N THR R 51 53.18 -24.90 21.74
CA THR R 51 52.91 -24.72 20.32
C THR R 51 54.22 -24.63 19.55
N MET R 52 55.09 -23.72 19.98
CA MET R 52 56.34 -23.47 19.29
C MET R 52 57.22 -24.72 19.25
N ARG R 53 57.29 -25.46 20.35
CA ARG R 53 58.02 -26.72 20.34
C ARG R 53 57.43 -27.69 19.32
N ARG R 54 56.12 -27.82 19.34
CA ARG R 54 55.46 -28.74 18.44
CA ARG R 54 55.42 -28.71 18.43
C ARG R 54 55.74 -28.37 16.98
N LEU R 55 55.69 -27.08 16.66
CA LEU R 55 56.02 -26.63 15.30
C LEU R 55 57.51 -26.83 14.97
N ILE R 56 58.39 -26.60 15.94
CA ILE R 56 59.84 -26.80 15.76
C ILE R 56 60.17 -28.26 15.40
N ASP R 57 59.61 -29.19 16.16
CA ASP R 57 59.75 -30.59 15.85
C ASP R 57 59.35 -30.88 14.41
N THR R 58 58.14 -30.46 14.03
CA THR R 58 57.57 -30.83 12.75
C THR R 58 58.40 -30.31 11.60
N TYR R 59 58.81 -29.05 11.69
CA TYR R 59 59.57 -28.42 10.63
C TYR R 59 61.09 -28.56 10.85
N GLN R 60 61.46 -29.44 11.78
CA GLN R 60 62.85 -29.83 12.00
C GLN R 60 63.78 -28.64 12.23
N PHE R 61 63.41 -27.81 13.20
CA PHE R 61 64.07 -26.54 13.47
C PHE R 61 65.15 -26.75 14.54
N MET R 62 65.06 -27.80 15.35
CA MET R 62 65.95 -27.89 16.52
C MET R 62 67.44 -27.83 16.14
N GLU R 63 67.85 -28.70 15.24
CA GLU R 63 69.27 -28.78 14.89
C GLU R 63 69.74 -27.51 14.19
N PRO R 64 69.01 -27.04 13.17
CA PRO R 64 69.34 -25.72 12.63
C PRO R 64 69.51 -24.63 13.69
N LEU R 65 68.66 -24.64 14.71
CA LEU R 65 68.74 -23.66 15.79
C LEU R 65 69.99 -23.88 16.61
N ARG R 66 70.30 -25.14 16.89
CA ARG R 66 71.52 -25.49 17.62
C ARG R 66 72.76 -25.19 16.79
N GLU R 67 72.68 -25.46 15.49
CA GLU R 67 73.69 -25.07 14.51
C GLU R 67 73.84 -23.56 14.52
N PHE R 68 72.72 -22.85 14.45
CA PHE R 68 72.70 -21.39 14.55
C PHE R 68 73.47 -20.91 15.80
N ALA R 69 73.21 -21.56 16.94
CA ALA R 69 73.86 -21.24 18.21
C ALA R 69 75.34 -21.57 18.16
N ALA R 70 75.64 -22.78 17.67
CA ALA R 70 77.02 -23.25 17.53
C ALA R 70 77.92 -22.23 16.81
N GLN R 71 77.34 -21.38 15.97
CA GLN R 71 78.10 -20.41 15.19
C GLN R 71 78.30 -19.05 15.88
N GLY R 72 77.83 -18.90 17.11
CA GLY R 72 78.03 -17.66 17.85
C GLY R 72 76.97 -16.58 17.66
N LYS R 73 75.98 -16.83 16.79
CA LYS R 73 74.93 -15.83 16.58
C LYS R 73 74.06 -15.71 17.85
N PRO R 74 73.93 -14.50 18.42
CA PRO R 74 73.11 -14.32 19.63
C PRO R 74 71.63 -14.70 19.49
N MET R 75 71.04 -15.16 20.59
CA MET R 75 69.64 -15.56 20.67
C MET R 75 68.99 -14.94 21.93
N PHE R 76 67.75 -14.48 21.75
CA PHE R 76 67.02 -13.72 22.77
C PHE R 76 65.65 -14.34 22.91
N GLY R 77 65.39 -14.89 24.09
CA GLY R 77 64.10 -15.51 24.38
C GLY R 77 63.30 -14.70 25.39
N THR R 78 62.07 -14.34 25.01
CA THR R 78 61.17 -13.60 25.88
C THR R 78 60.00 -14.50 26.28
N CYS R 79 60.01 -14.95 27.55
CA CYS R 79 58.91 -15.69 28.19
C CYS R 79 58.78 -17.10 27.57
N ALA R 80 57.80 -17.37 26.68
CA ALA R 80 57.85 -18.59 25.86
C ALA R 80 59.26 -18.83 25.32
N GLY R 81 59.89 -17.76 24.83
CA GLY R 81 61.23 -17.85 24.25
C GLY R 81 62.25 -18.29 25.27
N LEU R 82 62.08 -17.85 26.52
CA LEU R 82 62.97 -18.23 27.60
C LEU R 82 62.76 -19.71 27.85
N ILE R 83 61.49 -20.14 27.87
CA ILE R 83 61.18 -21.56 28.08
C ILE R 83 61.87 -22.45 27.00
N ILE R 84 61.84 -22.00 25.74
CA ILE R 84 62.51 -22.70 24.63
C ILE R 84 64.04 -22.81 24.80
N LEU R 85 64.64 -21.74 25.29
CA LEU R 85 66.10 -21.66 25.49
C LEU R 85 66.62 -22.47 26.67
N ALA R 86 65.77 -22.64 27.70
CA ALA R 86 66.23 -23.20 28.99
C ALA R 86 66.79 -24.63 28.91
N LYS R 87 67.85 -24.87 29.68
CA LYS R 87 68.39 -26.21 29.88
C LYS R 87 67.36 -27.15 30.48
N GLU R 88 66.61 -26.69 31.48
CA GLU R 88 65.67 -27.54 32.20
C GLU R 88 64.36 -26.82 32.52
N ILE R 89 63.26 -27.55 32.43
CA ILE R 89 61.93 -27.06 32.78
C ILE R 89 61.44 -27.89 33.95
N ALA R 90 61.15 -27.24 35.06
CA ALA R 90 60.65 -27.93 36.22
C ALA R 90 59.44 -28.76 35.87
N GLY R 91 59.45 -30.00 36.33
CA GLY R 91 58.31 -30.87 36.19
C GLY R 91 58.23 -31.52 34.84
N SER R 92 59.23 -31.30 33.98
CA SER R 92 59.26 -31.93 32.67
C SER R 92 60.60 -32.55 32.37
N ASP R 93 60.56 -33.68 31.65
CA ASP R 93 61.78 -34.37 31.22
C ASP R 93 62.02 -34.18 29.70
N ASN R 94 61.38 -33.19 29.10
CA ASN R 94 61.55 -32.90 27.67
C ASN R 94 61.81 -31.42 27.43
N PRO R 95 62.98 -30.94 27.85
CA PRO R 95 63.35 -29.57 27.58
C PRO R 95 63.53 -29.33 26.09
N HIS R 96 63.64 -28.07 25.71
CA HIS R 96 63.60 -27.67 24.30
C HIS R 96 65.03 -27.47 23.74
N LEU R 97 65.42 -26.24 23.38
CA LEU R 97 66.77 -26.01 22.82
C LEU R 97 67.83 -26.39 23.83
N GLY R 98 67.67 -25.87 25.04
CA GLY R 98 68.57 -26.21 26.12
C GLY R 98 69.94 -25.58 26.10
N LEU R 99 70.04 -24.34 25.61
CA LEU R 99 71.32 -23.62 25.49
C LEU R 99 71.63 -22.71 26.67
N LEU R 100 70.59 -22.16 27.29
CA LEU R 100 70.76 -21.27 28.45
C LEU R 100 70.71 -22.09 29.72
N ASN R 101 71.75 -21.95 30.53
CA ASN R 101 71.98 -22.83 31.67
C ASN R 101 71.18 -22.35 32.89
N VAL R 102 69.87 -22.48 32.77
CA VAL R 102 68.92 -22.09 33.80
C VAL R 102 67.88 -23.20 33.93
N VAL R 103 67.26 -23.30 35.09
CA VAL R 103 66.11 -24.17 35.31
C VAL R 103 64.93 -23.22 35.41
N VAL R 104 63.89 -23.47 34.61
CA VAL R 104 62.74 -22.59 34.52
C VAL R 104 61.48 -23.30 35.00
N GLU R 105 60.65 -22.59 35.75
CA GLU R 105 59.32 -23.08 36.10
C GLU R 105 58.31 -22.32 35.22
N ARG R 106 57.43 -23.04 34.53
CA ARG R 106 56.45 -22.42 33.67
C ARG R 106 55.22 -21.97 34.50
N ASN R 107 54.56 -20.90 34.04
CA ASN R 107 53.28 -20.49 34.60
C ASN R 107 53.35 -20.38 36.13
N SER R 108 54.40 -19.72 36.61
CA SER R 108 54.73 -19.77 38.02
C SER R 108 54.03 -18.70 38.83
N PHE R 109 53.30 -17.78 38.21
CA PHE R 109 52.65 -16.70 38.97
C PHE R 109 51.16 -16.94 39.09
N GLY R 110 50.69 -17.99 38.44
CA GLY R 110 49.29 -18.42 38.47
C GLY R 110 48.73 -18.56 37.07
N ARG R 111 47.65 -17.83 36.79
CA ARG R 111 46.98 -17.85 35.47
C ARG R 111 46.84 -16.40 34.92
N GLN R 112 46.04 -16.16 33.87
CA GLN R 112 46.03 -14.82 33.28
C GLN R 112 45.60 -13.75 34.29
N VAL R 113 44.67 -14.09 35.18
CA VAL R 113 44.17 -13.13 36.15
C VAL R 113 45.34 -12.56 37.03
N ASP R 114 46.40 -13.35 37.16
CA ASP R 114 47.58 -12.95 37.93
C ASP R 114 48.61 -12.24 37.09
N SER R 115 48.41 -12.16 35.76
CA SER R 115 49.37 -11.41 34.92
C SER R 115 49.47 -9.95 35.41
N PHE R 116 50.69 -9.39 35.38
CA PHE R 116 50.92 -8.11 36.03
C PHE R 116 52.03 -7.31 35.42
N GLU R 117 52.08 -6.02 35.79
CA GLU R 117 53.18 -5.15 35.48
C GLU R 117 53.89 -4.83 36.79
N ALA R 118 55.22 -4.85 36.73
CA ALA R 118 56.07 -4.33 37.80
C ALA R 118 57.29 -3.64 37.20
N ASP R 119 57.72 -2.57 37.86
CA ASP R 119 58.93 -1.88 37.47
C ASP R 119 60.15 -2.65 37.94
N LEU R 120 61.14 -2.73 37.07
CA LEU R 120 62.27 -3.64 37.26
C LEU R 120 63.58 -2.89 37.22
N THR R 121 64.50 -3.28 38.09
CA THR R 121 65.91 -2.94 37.92
C THR R 121 66.58 -4.01 37.08
N ILE R 122 67.16 -3.57 35.97
CA ILE R 122 67.83 -4.47 35.06
C ILE R 122 69.26 -3.94 34.91
N LYS R 123 70.22 -4.79 35.26
CA LYS R 123 71.65 -4.50 35.11
C LYS R 123 71.93 -4.00 33.69
N GLY R 124 72.54 -2.82 33.57
CA GLY R 124 72.90 -2.23 32.28
C GLY R 124 71.85 -1.27 31.76
N LEU R 125 70.75 -1.15 32.51
CA LEU R 125 69.75 -0.12 32.30
C LEU R 125 69.77 0.72 33.56
N ASP R 126 69.75 2.04 33.38
CA ASP R 126 69.80 2.97 34.51
C ASP R 126 68.40 3.14 35.09
N GLU R 127 67.50 3.72 34.32
CA GLU R 127 66.13 3.87 34.80
C GLU R 127 65.41 2.52 34.92
N PRO R 128 64.48 2.40 35.88
CA PRO R 128 63.70 1.18 35.95
C PRO R 128 62.92 0.91 34.67
N PHE R 129 62.65 -0.37 34.42
CA PHE R 129 62.01 -0.85 33.20
C PHE R 129 60.72 -1.55 33.60
N THR R 130 59.63 -1.18 32.94
CA THR R 130 58.31 -1.77 33.23
C THR R 130 58.18 -3.14 32.56
N GLY R 131 58.32 -4.19 33.35
CA GLY R 131 58.14 -5.55 32.85
C GLY R 131 56.68 -5.94 32.87
N VAL R 132 56.22 -6.48 31.74
CA VAL R 132 54.84 -6.96 31.57
C VAL R 132 54.92 -8.48 31.54
N PHE R 133 54.32 -9.10 32.56
CA PHE R 133 54.48 -10.53 32.84
C PHE R 133 53.17 -11.22 32.51
N ILE R 134 53.16 -11.92 31.37
CA ILE R 134 51.92 -12.49 30.86
C ILE R 134 52.03 -14.01 31.01
N ARG R 135 51.33 -14.55 31.99
CA ARG R 135 51.43 -15.99 32.30
C ARG R 135 52.87 -16.41 32.27
N ALA R 136 53.68 -15.61 32.95
CA ALA R 136 55.15 -15.71 32.90
C ALA R 136 55.69 -16.92 33.65
N PRO R 137 56.86 -17.43 33.24
CA PRO R 137 57.63 -18.37 34.05
C PRO R 137 58.57 -17.59 34.93
N HIS R 138 59.30 -18.27 35.79
CA HIS R 138 60.58 -17.69 36.19
C HIS R 138 61.69 -18.73 36.29
N ILE R 139 62.89 -18.18 36.48
CA ILE R 139 64.11 -18.95 36.54
C ILE R 139 64.34 -19.40 37.99
N LEU R 140 64.18 -20.70 38.23
CA LEU R 140 64.40 -21.27 39.57
C LEU R 140 65.87 -21.26 39.96
N GLU R 141 66.76 -21.51 39.00
CA GLU R 141 68.20 -21.38 39.22
C GLU R 141 69.01 -21.16 37.94
N ALA R 142 70.07 -20.38 38.08
CA ALA R 142 70.96 -20.01 36.99
C ALA R 142 72.35 -20.55 37.30
N GLY R 143 73.00 -21.17 36.29
CA GLY R 143 74.39 -21.64 36.47
C GLY R 143 75.39 -20.53 36.75
N GLU R 144 76.62 -20.90 37.11
CA GLU R 144 77.64 -19.91 37.44
C GLU R 144 78.15 -19.19 36.20
N ASN R 145 77.92 -19.77 35.03
CA ASN R 145 78.17 -19.08 33.77
C ASN R 145 77.01 -18.18 33.31
N VAL R 146 76.02 -17.99 34.18
CA VAL R 146 74.90 -17.09 33.90
C VAL R 146 74.93 -15.84 34.80
N GLU R 147 74.96 -14.69 34.15
CA GLU R 147 74.83 -13.39 34.81
C GLU R 147 73.37 -13.08 35.04
N VAL R 148 72.97 -12.89 36.30
CA VAL R 148 71.59 -12.46 36.58
C VAL R 148 71.47 -10.98 36.22
N LEU R 149 70.47 -10.62 35.40
CA LEU R 149 70.27 -9.21 35.04
C LEU R 149 69.16 -8.49 35.84
N SER R 150 68.17 -9.25 36.32
CA SER R 150 67.10 -8.65 37.09
C SER R 150 66.39 -9.70 37.94
N GLU R 151 65.93 -9.28 39.10
CA GLU R 151 65.07 -10.10 39.93
C GLU R 151 63.86 -9.28 40.35
N HIS R 152 62.74 -9.98 40.48
CA HIS R 152 61.52 -9.41 40.95
C HIS R 152 61.03 -10.17 42.18
N ASN R 153 60.96 -9.49 43.32
CA ASN R 153 60.50 -10.09 44.57
C ASN R 153 61.19 -11.44 44.81
N GLY R 154 62.51 -11.42 44.69
CA GLY R 154 63.32 -12.59 45.02
C GLY R 154 63.35 -13.64 43.95
N ARG R 155 62.71 -13.35 42.80
CA ARG R 155 62.77 -14.27 41.67
C ARG R 155 63.59 -13.66 40.55
N ILE R 156 64.43 -14.47 39.93
CA ILE R 156 65.26 -14.09 38.80
C ILE R 156 64.36 -14.00 37.58
N VAL R 157 64.33 -12.83 36.92
CA VAL R 157 63.46 -12.63 35.75
C VAL R 157 64.20 -12.24 34.45
N ALA R 158 65.51 -12.01 34.53
CA ALA R 158 66.30 -11.77 33.32
C ALA R 158 67.73 -12.23 33.53
N ALA R 159 68.27 -12.91 32.53
CA ALA R 159 69.60 -13.49 32.63
C ALA R 159 70.31 -13.37 31.26
N LYS R 160 71.64 -13.39 31.33
CA LYS R 160 72.51 -13.32 30.15
C LYS R 160 73.62 -14.36 30.27
N GLN R 161 73.94 -15.02 29.18
CA GLN R 161 74.99 -16.04 29.18
C GLN R 161 75.65 -16.03 27.81
N GLY R 162 76.75 -15.31 27.74
CA GLY R 162 77.48 -15.13 26.50
C GLY R 162 76.61 -14.53 25.42
N GLN R 163 76.27 -15.34 24.43
CA GLN R 163 75.44 -14.88 23.31
C GLN R 163 73.93 -14.95 23.60
N PHE R 164 73.58 -15.51 24.76
CA PHE R 164 72.21 -15.81 25.08
C PHE R 164 71.66 -14.77 26.03
N LEU R 165 70.43 -14.37 25.79
CA LEU R 165 69.72 -13.40 26.62
C LEU R 165 68.30 -13.94 26.81
N GLY R 166 67.84 -13.92 28.06
CA GLY R 166 66.48 -14.38 28.36
C GLY R 166 65.85 -13.55 29.45
N CYS R 167 64.54 -13.34 29.32
CA CYS R 167 63.76 -12.75 30.36
C CYS R 167 62.39 -13.39 30.42
N SER R 168 61.78 -13.34 31.60
CA SER R 168 60.48 -13.99 31.78
C SER R 168 59.31 -13.07 31.39
N PHE R 169 59.60 -11.79 31.17
CA PHE R 169 58.60 -10.81 30.80
C PHE R 169 58.71 -10.47 29.30
N ASN R 170 57.78 -9.65 28.83
CA ASN R 170 57.71 -9.30 27.40
C ASN R 170 57.93 -7.81 27.26
N PRO R 171 59.22 -7.41 27.13
CA PRO R 171 59.56 -5.99 26.93
C PRO R 171 58.94 -5.39 25.63
N GLU R 172 58.74 -6.24 24.64
CA GLU R 172 58.22 -5.85 23.32
C GLU R 172 56.73 -5.45 23.31
N LEU R 173 56.04 -5.72 24.43
CA LEU R 173 54.69 -5.24 24.67
C LEU R 173 54.64 -3.75 25.13
N THR R 174 55.81 -3.16 25.32
CA THR R 174 55.96 -1.77 25.81
C THR R 174 56.65 -0.88 24.75
N GLU R 175 56.61 0.44 24.94
CA GLU R 175 57.29 1.37 24.04
C GLU R 175 58.72 1.70 24.51
N ASP R 176 59.19 1.05 25.57
CA ASP R 176 60.56 1.20 26.06
C ASP R 176 61.45 0.14 25.41
N HIS R 177 62.30 0.54 24.47
CA HIS R 177 63.02 -0.44 23.66
C HIS R 177 64.39 -0.82 24.23
N ARG R 178 64.70 -0.40 25.45
CA ARG R 178 66.05 -0.58 25.98
C ARG R 178 66.49 -2.03 26.11
N VAL R 179 65.58 -2.99 26.27
CA VAL R 179 66.01 -4.39 26.41
C VAL R 179 66.34 -4.97 25.05
N THR R 180 65.50 -4.68 24.06
CA THR R 180 65.82 -5.05 22.67
C THR R 180 67.17 -4.44 22.29
N GLN R 181 67.42 -3.22 22.74
CA GLN R 181 68.68 -2.53 22.43
C GLN R 181 69.88 -3.26 23.05
N LEU R 182 69.74 -3.81 24.25
CA LEU R 182 70.80 -4.67 24.81
C LEU R 182 71.11 -5.84 23.87
N PHE R 183 70.05 -6.42 23.29
CA PHE R 183 70.23 -7.56 22.39
C PHE R 183 70.86 -7.15 21.06
N VAL R 184 70.50 -5.97 20.57
CA VAL R 184 71.08 -5.45 19.33
C VAL R 184 72.57 -5.24 19.53
N GLU R 185 72.94 -4.73 20.70
CA GLU R 185 74.36 -4.51 21.01
C GLU R 185 75.11 -5.84 21.14
N MET R 186 74.46 -6.86 21.71
CA MET R 186 75.04 -8.20 21.65
C MET R 186 75.24 -8.68 20.20
N VAL R 187 74.29 -8.34 19.33
CA VAL R 187 74.41 -8.74 17.92
C VAL R 187 75.49 -7.92 17.20
N GLU R 188 75.56 -6.61 17.48
CA GLU R 188 76.60 -5.76 16.87
C GLU R 188 77.97 -6.27 17.26
N GLU R 189 78.07 -6.71 18.51
CA GLU R 189 79.31 -7.23 19.05
C GLU R 189 79.74 -8.53 18.37
N TYR R 190 78.81 -9.47 18.19
CA TYR R 190 79.10 -10.70 17.45
C TYR R 190 79.49 -10.39 16.00
N LYS R 191 78.81 -9.40 15.43
CA LYS R 191 79.02 -9.00 14.04
C LYS R 191 80.36 -8.30 13.83
N GLN R 192 81.12 -8.12 14.90
CA GLN R 192 82.47 -7.58 14.81
C GLN R 192 83.56 -8.61 15.14
N LYS R 193 83.18 -9.81 15.57
CA LYS R 193 84.11 -10.94 15.65
C LYS R 193 83.95 -11.87 14.43
N ALA S 2 61.62 -17.71 -21.48
CA ALA S 2 60.31 -18.43 -21.47
C ALA S 2 59.44 -17.94 -20.32
N GLN S 3 58.31 -17.32 -20.66
CA GLN S 3 57.32 -16.90 -19.67
C GLN S 3 56.12 -17.84 -19.60
N THR S 4 55.79 -18.22 -18.36
CA THR S 4 54.59 -18.96 -18.05
C THR S 4 53.51 -17.98 -17.64
N GLY S 5 52.27 -18.46 -17.57
CA GLY S 5 51.20 -17.68 -16.99
C GLY S 5 50.72 -16.47 -17.79
N THR S 6 51.08 -16.35 -19.06
CA THR S 6 50.58 -15.24 -19.87
C THR S 6 49.08 -15.43 -20.19
N GLU S 7 48.39 -14.33 -20.42
CA GLU S 7 46.99 -14.30 -20.80
C GLU S 7 46.81 -15.20 -22.02
N ARG S 8 47.70 -15.03 -22.97
CA ARG S 8 47.66 -15.82 -24.19
C ARG S 8 47.83 -17.35 -23.99
N VAL S 9 48.71 -17.74 -23.07
CA VAL S 9 48.85 -19.13 -22.67
C VAL S 9 47.63 -19.66 -21.89
N LYS S 10 47.11 -18.87 -20.96
CA LYS S 10 45.95 -19.31 -20.16
C LYS S 10 44.73 -19.52 -21.06
N ARG S 11 44.46 -18.53 -21.90
CA ARG S 11 43.36 -18.61 -22.84
C ARG S 11 43.65 -19.67 -23.93
N GLY S 12 44.92 -19.79 -24.31
CA GLY S 12 45.33 -20.75 -25.33
C GLY S 12 44.86 -22.13 -24.96
N MET S 13 44.99 -22.46 -23.70
CA MET S 13 44.59 -23.77 -23.22
C MET S 13 43.10 -24.04 -23.47
N ALA S 14 42.26 -23.06 -23.18
CA ALA S 14 40.81 -23.22 -23.48
C ALA S 14 40.57 -23.31 -24.99
N GLU S 15 41.29 -22.52 -25.80
CA GLU S 15 41.11 -22.56 -27.25
C GLU S 15 41.40 -23.97 -27.75
N MET S 16 42.35 -24.65 -27.14
CA MET S 16 42.67 -26.05 -27.53
C MET S 16 41.63 -27.08 -27.06
N GLN S 17 40.70 -26.62 -26.23
CA GLN S 17 39.60 -27.48 -25.76
C GLN S 17 38.38 -27.42 -26.69
N LYS S 18 38.38 -26.50 -27.65
CA LYS S 18 37.18 -26.22 -28.46
C LYS S 18 36.67 -27.44 -29.19
N GLY S 19 35.34 -27.53 -29.24
CA GLY S 19 34.67 -28.61 -29.94
C GLY S 19 34.73 -29.95 -29.22
N GLY S 20 35.10 -29.91 -27.94
CA GLY S 20 35.13 -31.12 -27.16
C GLY S 20 34.17 -31.17 -26.00
N VAL S 21 34.15 -32.32 -25.35
CA VAL S 21 33.31 -32.61 -24.19
C VAL S 21 34.22 -32.77 -22.95
N ILE S 22 33.87 -32.04 -21.89
CA ILE S 22 34.50 -32.19 -20.60
C ILE S 22 33.54 -32.95 -19.69
N MET S 23 34.04 -33.99 -19.04
CA MET S 23 33.22 -34.91 -18.29
C MET S 23 33.52 -34.91 -16.78
N ASP S 24 32.49 -34.70 -15.99
CA ASP S 24 32.57 -34.84 -14.55
C ASP S 24 32.89 -36.28 -14.17
N VAL S 25 33.94 -36.49 -13.40
CA VAL S 25 34.29 -37.83 -12.94
C VAL S 25 34.62 -37.80 -11.44
N ILE S 26 34.32 -38.91 -10.75
CA ILE S 26 34.61 -39.01 -9.31
C ILE S 26 35.74 -39.98 -8.94
N ASN S 27 36.23 -40.78 -9.89
CA ASN S 27 37.34 -41.71 -9.65
C ASN S 27 38.14 -41.99 -10.94
N ALA S 28 39.22 -42.76 -10.79
CA ALA S 28 40.08 -43.11 -11.90
C ALA S 28 39.36 -43.90 -12.98
N GLU S 29 38.43 -44.74 -12.55
CA GLU S 29 37.67 -45.63 -13.44
C GLU S 29 36.84 -44.81 -14.43
N GLN S 30 36.08 -43.86 -13.87
CA GLN S 30 35.27 -42.95 -14.66
C GLN S 30 36.12 -42.06 -15.58
N ALA S 31 37.23 -41.60 -15.04
CA ALA S 31 38.23 -40.86 -15.79
C ALA S 31 38.72 -41.59 -17.04
N LYS S 32 38.97 -42.90 -16.89
CA LYS S 32 39.44 -43.71 -18.03
C LYS S 32 38.37 -43.90 -19.08
N ILE S 33 37.15 -44.17 -18.64
CA ILE S 33 36.01 -44.20 -19.54
C ILE S 33 35.91 -42.90 -20.33
N ALA S 34 36.00 -41.77 -19.64
CA ALA S 34 35.89 -40.49 -20.30
C ALA S 34 36.96 -40.34 -21.39
N GLU S 35 38.21 -40.52 -21.02
CA GLU S 35 39.30 -40.35 -21.94
C GLU S 35 39.14 -41.30 -23.14
N GLU S 36 38.70 -42.52 -22.86
CA GLU S 36 38.58 -43.55 -23.87
C GLU S 36 37.41 -43.22 -24.78
N ALA S 37 36.40 -42.54 -24.23
CA ALA S 37 35.27 -42.07 -25.05
C ALA S 37 35.63 -40.87 -25.94
N GLY S 38 36.80 -40.26 -25.75
CA GLY S 38 37.17 -39.07 -26.49
C GLY S 38 36.94 -37.73 -25.78
N ALA S 39 36.70 -37.71 -24.46
CA ALA S 39 36.64 -36.45 -23.69
C ALA S 39 37.93 -35.68 -23.85
N VAL S 40 37.81 -34.37 -23.91
CA VAL S 40 38.98 -33.51 -24.03
C VAL S 40 39.55 -33.15 -22.70
N ALA S 41 38.77 -33.33 -21.62
CA ALA S 41 39.24 -33.12 -20.24
C ALA S 41 38.30 -33.82 -19.28
N VAL S 42 38.75 -34.07 -18.05
CA VAL S 42 37.85 -34.52 -16.99
C VAL S 42 37.81 -33.45 -15.89
N MET S 43 36.66 -33.35 -15.22
CA MET S 43 36.48 -32.47 -14.08
C MET S 43 36.44 -33.39 -12.86
N ALA S 44 37.51 -33.40 -12.09
CA ALA S 44 37.60 -34.26 -10.92
C ALA S 44 36.70 -33.73 -9.80
N LEU S 45 35.74 -34.52 -9.34
CA LEU S 45 34.85 -34.16 -8.26
C LEU S 45 34.97 -35.17 -7.14
N GLU S 46 34.68 -34.76 -5.90
CA GLU S 46 34.66 -35.70 -4.79
C GLU S 46 33.34 -36.43 -4.77
N ARG S 47 32.28 -35.65 -4.67
CA ARG S 47 30.93 -36.12 -4.82
C ARG S 47 30.24 -35.08 -5.67
N VAL S 48 29.12 -35.45 -6.26
CA VAL S 48 28.36 -34.48 -7.03
C VAL S 48 27.88 -33.40 -6.04
N PRO S 49 28.35 -32.15 -6.23
CA PRO S 49 28.04 -31.05 -5.30
C PRO S 49 26.54 -30.83 -5.01
N ALA S 50 25.69 -31.13 -5.99
CA ALA S 50 24.23 -31.09 -5.80
C ALA S 50 23.78 -32.15 -4.77
N ASP S 51 24.47 -33.30 -4.73
CA ASP S 51 24.17 -34.31 -3.72
C ASP S 51 24.36 -33.67 -2.34
N ILE S 52 25.49 -33.00 -2.16
CA ILE S 52 25.88 -32.42 -0.88
C ILE S 52 24.91 -31.32 -0.43
N ARG S 53 24.79 -30.27 -1.24
CA ARG S 53 23.92 -29.13 -0.88
C ARG S 53 22.43 -29.53 -0.81
N ALA S 54 22.02 -30.47 -1.67
CA ALA S 54 20.67 -31.07 -1.58
C ALA S 54 20.55 -32.03 -0.39
N ALA S 55 21.67 -32.35 0.25
CA ALA S 55 21.68 -33.02 1.56
C ALA S 55 21.94 -32.02 2.69
N GLY S 56 21.73 -30.73 2.41
CA GLY S 56 21.96 -29.64 3.38
C GLY S 56 23.42 -29.32 3.73
N GLY S 57 24.38 -29.98 3.08
CA GLY S 57 25.80 -29.86 3.43
C GLY S 57 26.53 -28.70 2.76
N VAL S 58 27.80 -28.53 3.12
CA VAL S 58 28.68 -27.56 2.51
C VAL S 58 29.53 -28.28 1.46
N ALA S 59 29.50 -27.80 0.22
CA ALA S 59 30.34 -28.38 -0.86
C ALA S 59 31.64 -27.59 -1.02
N ARG S 60 32.75 -28.29 -0.81
CA ARG S 60 34.11 -27.72 -0.80
C ARG S 60 34.96 -28.31 -1.90
N MET S 61 36.20 -27.83 -2.02
CA MET S 61 37.20 -28.44 -2.88
C MET S 61 37.25 -29.95 -2.60
N ALA S 62 37.43 -30.75 -3.65
CA ALA S 62 37.58 -32.18 -3.54
C ALA S 62 38.84 -32.55 -2.74
N ASP S 63 38.76 -33.61 -1.96
CA ASP S 63 39.98 -34.25 -1.40
C ASP S 63 41.11 -34.32 -2.45
N PRO S 64 42.24 -33.65 -2.18
CA PRO S 64 43.35 -33.70 -3.12
C PRO S 64 43.72 -35.11 -3.58
N THR S 65 43.48 -36.11 -2.73
CA THR S 65 43.78 -37.50 -3.07
C THR S 65 43.07 -37.92 -4.35
N ILE S 66 41.77 -37.62 -4.42
CA ILE S 66 40.95 -37.90 -5.59
C ILE S 66 41.48 -37.18 -6.86
N VAL S 67 41.79 -35.90 -6.72
CA VAL S 67 42.27 -35.14 -7.86
C VAL S 67 43.53 -35.81 -8.40
N GLU S 68 44.47 -36.15 -7.50
CA GLU S 68 45.71 -36.83 -7.89
C GLU S 68 45.50 -38.17 -8.60
N GLU S 69 44.60 -38.99 -8.07
CA GLU S 69 44.20 -40.24 -8.69
C GLU S 69 43.81 -40.04 -10.14
N VAL S 70 42.93 -39.05 -10.37
CA VAL S 70 42.40 -38.81 -11.68
C VAL S 70 43.55 -38.38 -12.56
N MET S 71 44.36 -37.46 -12.07
CA MET S 71 45.50 -36.92 -12.82
C MET S 71 46.46 -38.02 -13.22
N ASN S 72 46.62 -38.99 -12.33
CA ASN S 72 47.52 -40.06 -12.57
C ASN S 72 46.90 -41.12 -13.50
N ALA S 73 45.59 -41.11 -13.66
CA ALA S 73 44.89 -42.12 -14.45
C ALA S 73 44.72 -41.78 -15.96
N VAL S 74 44.77 -40.50 -16.32
CA VAL S 74 44.50 -40.09 -17.69
C VAL S 74 45.63 -39.20 -18.18
N SER S 75 45.69 -38.99 -19.48
CA SER S 75 46.70 -38.11 -20.11
C SER S 75 46.07 -36.84 -20.69
N ILE S 76 44.75 -36.74 -20.60
CA ILE S 76 44.05 -35.49 -20.94
C ILE S 76 44.06 -34.56 -19.72
N PRO S 77 43.85 -33.26 -19.95
CA PRO S 77 43.75 -32.31 -18.83
C PRO S 77 42.73 -32.64 -17.74
N VAL S 78 43.02 -32.18 -16.54
CA VAL S 78 42.18 -32.40 -15.37
C VAL S 78 41.84 -31.07 -14.73
N MET S 79 40.55 -30.83 -14.61
CA MET S 79 40.01 -29.62 -14.01
C MET S 79 39.48 -30.00 -12.62
N ALA S 80 39.36 -28.99 -11.77
CA ALA S 80 38.80 -29.18 -10.42
C ALA S 80 38.11 -27.91 -9.96
N LYS S 81 37.20 -28.04 -9.02
CA LYS S 81 36.43 -26.89 -8.58
C LYS S 81 37.03 -26.30 -7.31
N ALA S 82 37.04 -24.97 -7.27
CA ALA S 82 37.25 -24.19 -6.03
C ALA S 82 35.96 -23.39 -5.69
N ARG S 83 35.68 -23.25 -4.40
CA ARG S 83 34.60 -22.40 -3.91
C ARG S 83 34.87 -20.96 -4.30
N ILE S 84 33.81 -20.24 -4.68
CA ILE S 84 33.96 -18.84 -5.08
C ILE S 84 34.67 -18.04 -3.96
N GLY S 85 35.77 -17.37 -4.30
CA GLY S 85 36.54 -16.54 -3.35
C GLY S 85 37.50 -17.29 -2.43
N HIS S 86 37.57 -18.59 -2.57
CA HIS S 86 38.46 -19.38 -1.68
C HIS S 86 39.88 -19.42 -2.22
N ILE S 87 40.62 -18.37 -1.87
CA ILE S 87 42.00 -18.13 -2.33
C ILE S 87 42.85 -19.34 -2.11
N VAL S 88 42.71 -19.95 -0.94
CA VAL S 88 43.63 -21.04 -0.62
C VAL S 88 43.26 -22.32 -1.35
N GLU S 89 41.98 -22.65 -1.44
CA GLU S 89 41.58 -23.81 -2.25
C GLU S 89 42.14 -23.73 -3.69
N ALA S 90 42.01 -22.56 -4.30
CA ALA S 90 42.50 -22.31 -5.65
C ALA S 90 44.03 -22.42 -5.75
N ARG S 91 44.73 -21.85 -4.79
CA ARG S 91 46.21 -21.93 -4.73
C ARG S 91 46.74 -23.37 -4.52
N VAL S 92 45.96 -24.13 -3.75
CA VAL S 92 46.23 -25.55 -3.54
C VAL S 92 46.06 -26.33 -4.84
N LEU S 93 44.93 -26.14 -5.54
CA LEU S 93 44.75 -26.79 -6.83
C LEU S 93 45.87 -26.41 -7.79
N GLU S 94 46.21 -25.12 -7.84
CA GLU S 94 47.32 -24.67 -8.66
C GLU S 94 48.62 -25.41 -8.32
N ALA S 95 48.95 -25.46 -7.03
CA ALA S 95 50.13 -26.16 -6.52
C ALA S 95 50.13 -27.62 -6.91
N MET S 96 48.95 -28.23 -6.99
CA MET S 96 48.82 -29.63 -7.36
C MET S 96 48.91 -29.86 -8.86
N GLY S 97 49.05 -28.81 -9.68
CA GLY S 97 49.11 -28.98 -11.13
C GLY S 97 47.79 -29.22 -11.85
N VAL S 98 46.66 -29.03 -11.16
CA VAL S 98 45.35 -29.05 -11.85
C VAL S 98 45.41 -28.11 -13.06
N ASP S 99 44.92 -28.53 -14.22
CA ASP S 99 45.17 -27.77 -15.47
C ASP S 99 44.24 -26.57 -15.72
N TYR S 100 43.08 -26.59 -15.09
CA TYR S 100 42.09 -25.51 -15.22
C TYR S 100 41.23 -25.56 -13.96
N ILE S 101 41.06 -24.42 -13.28
CA ILE S 101 40.26 -24.34 -12.07
C ILE S 101 38.90 -23.70 -12.38
N ASP S 102 37.83 -24.40 -11.98
CA ASP S 102 36.48 -23.89 -12.10
C ASP S 102 36.12 -23.19 -10.77
N GLU S 103 36.05 -21.86 -10.79
CA GLU S 103 35.63 -21.15 -9.61
C GLU S 103 34.12 -21.26 -9.67
N SER S 104 33.56 -22.19 -8.91
CA SER S 104 32.23 -22.70 -9.20
C SER S 104 31.13 -22.34 -8.21
N GLU S 105 30.04 -21.83 -8.76
CA GLU S 105 28.87 -21.48 -8.01
C GLU S 105 28.09 -22.70 -7.52
N VAL S 106 28.38 -23.92 -7.99
CA VAL S 106 27.71 -25.10 -7.47
C VAL S 106 28.39 -25.65 -6.17
N LEU S 107 29.65 -25.29 -5.93
CA LEU S 107 30.21 -25.44 -4.59
C LEU S 107 29.61 -24.31 -3.73
N THR S 108 29.68 -24.44 -2.41
CA THR S 108 29.12 -23.45 -1.50
C THR S 108 30.01 -22.20 -1.49
N PRO S 109 29.53 -21.04 -1.94
CA PRO S 109 30.46 -19.89 -1.96
C PRO S 109 31.17 -19.66 -0.61
N ALA S 110 32.48 -19.43 -0.68
CA ALA S 110 33.31 -19.04 0.50
C ALA S 110 33.31 -17.52 0.74
N ASP S 111 33.12 -16.75 -0.34
CA ASP S 111 33.01 -15.30 -0.29
C ASP S 111 31.79 -14.90 -1.13
N GLU S 112 30.77 -14.38 -0.48
CA GLU S 112 29.55 -13.98 -1.19
C GLU S 112 29.61 -12.57 -1.78
N GLU S 113 30.69 -11.84 -1.50
CA GLU S 113 30.83 -10.47 -1.99
C GLU S 113 31.90 -10.30 -3.09
N PHE S 114 32.95 -11.14 -3.04
CA PHE S 114 34.09 -11.01 -3.90
C PHE S 114 34.49 -12.33 -4.57
N HIS S 115 34.71 -12.35 -5.90
CA HIS S 115 35.31 -13.51 -6.57
C HIS S 115 36.83 -13.45 -6.44
N LEU S 116 37.49 -14.56 -6.77
CA LEU S 116 38.96 -14.59 -6.84
C LEU S 116 39.50 -13.55 -7.82
N ASN S 117 40.57 -12.88 -7.42
CA ASN S 117 41.49 -12.23 -8.33
C ASN S 117 42.37 -13.20 -9.12
N LYS S 118 41.80 -13.74 -10.17
CA LYS S 118 42.38 -14.78 -10.97
C LYS S 118 43.53 -14.29 -11.83
N ASN S 119 43.57 -12.98 -12.04
CA ASN S 119 44.73 -12.38 -12.73
C ASN S 119 46.03 -12.74 -12.06
N GLU S 120 45.99 -12.95 -10.75
CA GLU S 120 47.20 -13.18 -9.95
C GLU S 120 47.74 -14.60 -9.99
N TYR S 121 47.02 -15.51 -10.63
CA TYR S 121 47.42 -16.89 -10.62
C TYR S 121 48.13 -17.24 -11.94
N THR S 122 48.83 -18.35 -11.94
CA THR S 122 49.49 -18.84 -13.15
C THR S 122 48.53 -19.80 -13.86
N VAL S 123 47.85 -20.62 -13.07
CA VAL S 123 46.87 -21.54 -13.60
C VAL S 123 45.65 -20.75 -14.08
N PRO S 124 45.04 -21.18 -15.21
CA PRO S 124 43.81 -20.50 -15.69
C PRO S 124 42.54 -20.95 -15.00
N PHE S 125 41.54 -20.10 -15.07
CA PHE S 125 40.23 -20.37 -14.48
C PHE S 125 39.10 -20.31 -15.49
N VAL S 126 38.09 -21.15 -15.27
CA VAL S 126 36.83 -21.03 -15.96
C VAL S 126 35.80 -20.57 -14.94
N CYS S 127 34.89 -19.71 -15.37
CA CYS S 127 33.82 -19.21 -14.49
C CYS S 127 32.49 -19.26 -15.20
N GLY S 128 31.44 -19.30 -14.42
CA GLY S 128 30.11 -19.39 -14.98
C GLY S 128 29.55 -18.02 -15.30
N CYS S 129 28.58 -17.99 -16.20
CA CYS S 129 27.86 -16.76 -16.42
C CYS S 129 26.50 -16.95 -17.00
N ARG S 130 25.68 -15.93 -16.85
CA ARG S 130 24.34 -15.93 -17.38
C ARG S 130 24.03 -14.89 -18.43
N ASP S 131 24.86 -13.85 -18.52
CA ASP S 131 24.68 -12.75 -19.47
CA ASP S 131 24.68 -12.75 -19.46
C ASP S 131 26.04 -12.12 -19.74
N LEU S 132 26.09 -11.13 -20.64
CA LEU S 132 27.36 -10.54 -21.05
C LEU S 132 28.00 -9.69 -19.94
N GLY S 133 27.17 -9.07 -19.10
CA GLY S 133 27.71 -8.23 -18.07
C GLY S 133 28.52 -9.10 -17.15
N GLU S 134 27.89 -10.17 -16.69
CA GLU S 134 28.55 -11.13 -15.82
C GLU S 134 29.80 -11.74 -16.48
N ALA S 135 29.70 -12.10 -17.74
CA ALA S 135 30.85 -12.69 -18.45
C ALA S 135 32.03 -11.72 -18.45
N THR S 136 31.79 -10.43 -18.74
CA THR S 136 32.88 -9.44 -18.79
C THR S 136 33.49 -9.14 -17.41
N ARG S 137 32.68 -9.30 -16.35
CA ARG S 137 33.17 -9.10 -14.99
C ARG S 137 34.13 -10.20 -14.66
N ARG S 138 33.72 -11.44 -14.95
CA ARG S 138 34.58 -12.58 -14.70
C ARG S 138 35.89 -12.51 -15.47
N ILE S 139 35.79 -12.16 -16.73
CA ILE S 139 36.97 -11.97 -17.57
C ILE S 139 37.89 -10.86 -17.00
N ALA S 140 37.33 -9.74 -16.58
CA ALA S 140 38.16 -8.65 -16.01
C ALA S 140 38.86 -9.10 -14.73
N GLU S 141 38.22 -9.98 -13.96
CA GLU S 141 38.86 -10.56 -12.77
C GLU S 141 39.92 -11.60 -13.15
N GLY S 142 40.02 -11.98 -14.43
CA GLY S 142 41.07 -12.89 -14.85
C GLY S 142 40.62 -14.23 -15.35
N ALA S 143 39.31 -14.46 -15.46
CA ALA S 143 38.85 -15.73 -16.07
C ALA S 143 39.35 -15.82 -17.51
N SER S 144 39.80 -17.03 -17.88
CA SER S 144 40.37 -17.34 -19.19
C SER S 144 39.43 -18.17 -20.05
N MET S 145 38.28 -18.54 -19.50
CA MET S 145 37.29 -19.40 -20.19
C MET S 145 36.00 -19.22 -19.44
N LEU S 146 34.86 -19.32 -20.15
CA LEU S 146 33.53 -19.18 -19.57
C LEU S 146 32.72 -20.45 -19.81
N ARG S 147 31.71 -20.64 -18.98
CA ARG S 147 30.65 -21.55 -19.29
C ARG S 147 29.33 -20.96 -18.88
N THR S 148 28.24 -21.50 -19.41
CA THR S 148 26.94 -21.11 -18.93
C THR S 148 26.81 -21.61 -17.49
N LYS S 149 25.94 -20.97 -16.74
CA LYS S 149 25.62 -21.52 -15.42
C LYS S 149 24.65 -22.68 -15.58
N GLY S 150 23.74 -22.59 -16.53
CA GLY S 150 22.71 -23.63 -16.68
C GLY S 150 21.96 -23.83 -15.38
N GLU S 151 21.59 -25.09 -15.12
CA GLU S 151 20.80 -25.52 -13.97
C GLU S 151 21.34 -26.88 -13.57
N PRO S 152 22.26 -26.88 -12.62
CA PRO S 152 22.93 -28.10 -12.24
C PRO S 152 21.97 -29.03 -11.56
N GLY S 153 22.14 -30.32 -11.81
CA GLY S 153 21.38 -31.34 -11.11
C GLY S 153 19.93 -31.53 -11.52
N THR S 154 19.51 -31.02 -12.67
CA THR S 154 18.13 -31.18 -13.11
C THR S 154 17.96 -31.95 -14.41
N GLY S 155 19.04 -32.06 -15.20
CA GLY S 155 18.96 -32.50 -16.59
C GLY S 155 18.09 -31.72 -17.57
N ASN S 156 17.61 -30.53 -17.17
CA ASN S 156 16.82 -29.66 -18.03
C ASN S 156 17.76 -28.69 -18.74
N ILE S 157 17.84 -28.79 -20.07
CA ILE S 157 18.72 -27.97 -20.92
C ILE S 157 18.33 -26.46 -20.95
N VAL S 158 17.15 -26.13 -20.43
CA VAL S 158 16.55 -24.81 -20.62
C VAL S 158 17.42 -23.63 -20.14
N GLU S 159 18.17 -23.81 -19.06
CA GLU S 159 18.90 -22.66 -18.53
C GLU S 159 20.22 -22.52 -19.28
N ALA S 160 20.81 -23.63 -19.69
CA ALA S 160 21.96 -23.57 -20.58
C ALA S 160 21.56 -22.81 -21.85
N VAL S 161 20.44 -23.20 -22.45
CA VAL S 161 19.96 -22.53 -23.62
C VAL S 161 19.76 -21.03 -23.36
N ARG S 162 19.14 -20.68 -22.22
CA ARG S 162 18.82 -19.27 -21.91
C ARG S 162 20.08 -18.45 -21.89
N HIS S 163 21.08 -18.94 -21.15
CA HIS S 163 22.33 -18.22 -20.97
C HIS S 163 23.20 -18.16 -22.22
N MET S 164 23.28 -19.26 -22.99
CA MET S 164 24.03 -19.24 -24.22
C MET S 164 23.36 -18.29 -25.21
N ARG S 165 22.04 -18.35 -25.35
CA ARG S 165 21.36 -17.42 -26.21
C ARG S 165 21.48 -15.97 -25.74
N LYS S 166 21.47 -15.73 -24.44
CA LYS S 166 21.52 -14.34 -23.94
C LYS S 166 22.86 -13.76 -24.25
N VAL S 167 23.91 -14.44 -23.81
CA VAL S 167 25.25 -13.93 -24.05
C VAL S 167 25.46 -13.66 -25.54
N ASN S 168 25.12 -14.63 -26.39
CA ASN S 168 25.33 -14.48 -27.85
C ASN S 168 24.53 -13.34 -28.45
N ALA S 169 23.30 -13.16 -27.99
CA ALA S 169 22.43 -12.12 -28.49
C ALA S 169 23.00 -10.78 -28.13
N GLN S 170 23.52 -10.71 -26.92
CA GLN S 170 24.11 -9.46 -26.40
C GLN S 170 25.42 -9.13 -27.12
N VAL S 171 26.20 -10.15 -27.47
CA VAL S 171 27.41 -9.92 -28.26
C VAL S 171 27.03 -9.40 -29.63
N ARG S 172 26.08 -10.05 -30.30
CA ARG S 172 25.66 -9.60 -31.62
CA ARG S 172 25.66 -9.60 -31.62
C ARG S 172 25.26 -8.13 -31.61
N LYS S 173 24.49 -7.72 -30.61
CA LYS S 173 24.07 -6.31 -30.52
C LYS S 173 25.23 -5.35 -30.30
N VAL S 174 26.15 -5.70 -29.39
CA VAL S 174 27.33 -4.87 -29.11
C VAL S 174 28.16 -4.71 -30.36
N VAL S 175 28.41 -5.80 -31.08
CA VAL S 175 29.20 -5.76 -32.30
C VAL S 175 28.55 -4.85 -33.37
N ALA S 176 27.22 -4.85 -33.44
CA ALA S 176 26.51 -4.06 -34.47
C ALA S 176 26.21 -2.63 -34.06
N MET S 177 26.32 -2.32 -32.77
CA MET S 177 25.76 -1.06 -32.33
C MET S 177 26.73 0.07 -32.58
N SER S 178 26.17 1.26 -32.60
CA SER S 178 26.96 2.45 -32.78
C SER S 178 27.92 2.60 -31.58
N GLU S 179 29.17 2.91 -31.90
CA GLU S 179 30.24 2.96 -30.90
C GLU S 179 29.92 3.97 -29.80
N ASP S 180 29.32 5.09 -30.14
CA ASP S 180 29.07 6.11 -29.12
C ASP S 180 27.94 5.76 -28.17
N GLU S 181 27.23 4.66 -28.45
CA GLU S 181 26.19 4.15 -27.54
C GLU S 181 26.72 3.07 -26.59
N LEU S 182 28.00 2.76 -26.67
CA LEU S 182 28.57 1.67 -25.92
C LEU S 182 28.72 1.92 -24.40
N MET S 183 28.97 3.17 -24.00
CA MET S 183 29.05 3.48 -22.58
C MET S 183 27.71 3.26 -21.88
N THR S 184 26.63 3.75 -22.46
CA THR S 184 25.32 3.49 -21.92
C THR S 184 25.08 1.98 -21.87
N GLU S 185 25.53 1.25 -22.90
CA GLU S 185 25.30 -0.20 -22.90
C GLU S 185 26.10 -0.84 -21.76
N ALA S 186 27.35 -0.38 -21.60
CA ALA S 186 28.23 -0.93 -20.57
C ALA S 186 27.64 -0.71 -19.19
N LYS S 187 27.19 0.51 -18.95
CA LYS S 187 26.58 0.83 -17.66
C LYS S 187 25.34 -0.02 -17.37
N ASN S 188 24.48 -0.18 -18.39
CA ASN S 188 23.29 -1.00 -18.27
CA ASN S 188 23.29 -0.99 -18.22
C ASN S 188 23.66 -2.45 -17.94
N LEU S 189 24.72 -2.96 -18.57
CA LEU S 189 25.09 -4.36 -18.43
C LEU S 189 25.95 -4.57 -17.17
N GLY S 190 26.56 -3.51 -16.66
CA GLY S 190 27.56 -3.66 -15.65
C GLY S 190 28.85 -4.27 -16.20
N ALA S 191 29.17 -3.98 -17.47
CA ALA S 191 30.36 -4.51 -18.14
C ALA S 191 31.48 -3.49 -18.04
N PRO S 192 32.73 -3.94 -17.79
CA PRO S 192 33.85 -3.03 -17.97
C PRO S 192 33.92 -2.54 -19.44
N TYR S 193 34.01 -1.22 -19.60
CA TYR S 193 33.90 -0.53 -20.88
C TYR S 193 34.95 -0.97 -21.90
N GLU S 194 36.21 -1.03 -21.50
CA GLU S 194 37.27 -1.41 -22.44
C GLU S 194 37.05 -2.81 -23.01
N LEU S 195 36.54 -3.72 -22.20
CA LEU S 195 36.24 -5.08 -22.64
C LEU S 195 35.12 -5.12 -23.67
N LEU S 196 34.08 -4.36 -23.42
CA LEU S 196 32.96 -4.26 -24.32
C LEU S 196 33.37 -3.61 -25.63
N LEU S 197 34.15 -2.54 -25.57
CA LEU S 197 34.72 -1.96 -26.78
C LEU S 197 35.56 -2.97 -27.60
N GLN S 198 36.32 -3.81 -26.90
CA GLN S 198 37.19 -4.75 -27.56
C GLN S 198 36.35 -5.87 -28.18
N ILE S 199 35.25 -6.24 -27.52
CA ILE S 199 34.28 -7.17 -28.13
C ILE S 199 33.77 -6.66 -29.49
N LYS S 200 33.42 -5.39 -29.55
CA LYS S 200 32.94 -4.78 -30.78
C LYS S 200 34.01 -4.86 -31.85
N LYS S 201 35.23 -4.50 -31.48
CA LYS S 201 36.34 -4.49 -32.43
C LYS S 201 36.74 -5.86 -32.91
N ASP S 202 36.77 -6.85 -32.01
CA ASP S 202 37.05 -8.24 -32.38
C ASP S 202 35.90 -8.94 -33.08
N GLY S 203 34.67 -8.48 -32.84
CA GLY S 203 33.47 -9.12 -33.37
C GLY S 203 33.09 -10.36 -32.59
N LYS S 204 33.62 -10.48 -31.38
CA LYS S 204 33.43 -11.70 -30.61
C LYS S 204 33.90 -11.55 -29.18
N LEU S 205 33.48 -12.50 -28.36
CA LEU S 205 34.03 -12.61 -27.00
C LEU S 205 35.52 -12.98 -27.02
N PRO S 206 36.30 -12.50 -26.05
CA PRO S 206 37.73 -12.81 -26.12
C PRO S 206 38.15 -14.16 -25.58
N VAL S 207 37.20 -14.91 -25.03
CA VAL S 207 37.50 -16.17 -24.40
C VAL S 207 36.52 -17.19 -24.87
N VAL S 208 36.93 -18.45 -24.84
CA VAL S 208 35.97 -19.50 -25.20
C VAL S 208 34.82 -19.60 -24.15
N ASN S 209 33.65 -20.00 -24.63
CA ASN S 209 32.43 -20.14 -23.83
C ASN S 209 31.78 -21.49 -24.09
N PHE S 210 31.77 -22.36 -23.09
CA PHE S 210 31.16 -23.67 -23.16
C PHE S 210 29.77 -23.67 -22.57
N ALA S 211 28.98 -24.62 -23.01
CA ALA S 211 27.69 -24.94 -22.43
C ALA S 211 27.91 -25.84 -21.22
N ALA S 212 27.10 -25.59 -20.18
CA ALA S 212 27.20 -26.35 -18.91
C ALA S 212 25.90 -26.33 -18.18
N GLY S 213 25.62 -27.46 -17.54
CA GLY S 213 24.52 -27.57 -16.60
C GLY S 213 23.20 -27.78 -17.27
N GLY S 214 22.86 -29.04 -17.53
CA GLY S 214 21.62 -29.44 -18.19
C GLY S 214 21.78 -30.41 -19.38
N VAL S 215 22.99 -30.56 -19.94
CA VAL S 215 23.16 -31.47 -21.07
C VAL S 215 22.94 -32.90 -20.65
N ALA S 216 21.83 -33.51 -21.09
CA ALA S 216 21.47 -34.88 -20.70
C ALA S 216 21.41 -35.86 -21.84
N THR S 217 21.38 -35.39 -23.08
CA THR S 217 21.22 -36.31 -24.20
C THR S 217 22.15 -35.86 -25.31
N PRO S 218 22.43 -36.76 -26.26
CA PRO S 218 23.21 -36.34 -27.44
C PRO S 218 22.59 -35.16 -28.21
N ALA S 219 21.28 -35.16 -28.34
CA ALA S 219 20.55 -34.02 -28.96
C ALA S 219 20.83 -32.69 -28.24
N ASP S 220 20.93 -32.74 -26.90
CA ASP S 220 21.19 -31.56 -26.09
C ASP S 220 22.56 -30.97 -26.39
N ALA S 221 23.56 -31.85 -26.44
CA ALA S 221 24.94 -31.48 -26.76
C ALA S 221 25.07 -30.81 -28.15
N ALA S 222 24.48 -31.43 -29.16
CA ALA S 222 24.43 -30.86 -30.49
C ALA S 222 23.74 -29.51 -30.51
N LEU S 223 22.64 -29.42 -29.79
CA LEU S 223 21.88 -28.18 -29.72
C LEU S 223 22.74 -27.03 -29.23
N MET S 224 23.48 -27.28 -28.16
CA MET S 224 24.30 -26.24 -27.61
C MET S 224 25.37 -25.74 -28.60
N MET S 225 25.98 -26.64 -29.36
CA MET S 225 26.93 -26.24 -30.39
C MET S 225 26.19 -25.48 -31.50
N GLN S 226 24.98 -25.91 -31.80
CA GLN S 226 24.16 -25.20 -32.78
C GLN S 226 23.84 -23.77 -32.34
N LEU S 227 23.71 -23.55 -31.02
CA LEU S 227 23.47 -22.21 -30.52
C LEU S 227 24.75 -21.39 -30.31
N GLY S 228 25.90 -21.91 -30.70
CA GLY S 228 27.14 -21.15 -30.59
C GLY S 228 28.09 -21.52 -29.47
N ALA S 229 27.81 -22.59 -28.72
CA ALA S 229 28.75 -23.03 -27.67
C ALA S 229 30.08 -23.49 -28.28
N ASP S 230 31.19 -23.29 -27.57
CA ASP S 230 32.49 -23.70 -28.05
C ASP S 230 32.82 -25.12 -27.60
N GLY S 231 31.91 -25.73 -26.86
CA GLY S 231 32.17 -27.02 -26.27
C GLY S 231 31.11 -27.27 -25.22
N VAL S 232 31.21 -28.46 -24.60
CA VAL S 232 30.21 -28.94 -23.65
C VAL S 232 30.85 -29.54 -22.38
N PHE S 233 30.38 -29.09 -21.21
CA PHE S 233 30.54 -29.81 -19.93
C PHE S 233 29.31 -30.68 -19.71
N VAL S 234 29.55 -31.94 -19.34
CA VAL S 234 28.49 -32.88 -19.05
C VAL S 234 28.78 -33.53 -17.67
N GLY S 235 27.71 -33.83 -16.95
CA GLY S 235 27.82 -34.29 -15.57
C GLY S 235 27.86 -35.79 -15.37
N SER S 236 27.70 -36.15 -14.10
CA SER S 236 27.92 -37.52 -13.61
C SER S 236 26.90 -38.52 -14.06
N GLY S 237 25.83 -38.04 -14.68
CA GLY S 237 24.74 -38.90 -15.13
C GLY S 237 25.14 -39.89 -16.21
N ILE S 238 26.19 -39.56 -16.94
CA ILE S 238 26.79 -40.49 -17.89
C ILE S 238 27.04 -41.81 -17.19
N PHE S 239 27.57 -41.75 -15.98
CA PHE S 239 27.94 -42.97 -15.25
C PHE S 239 26.80 -43.57 -14.45
N LYS S 240 25.70 -42.84 -14.35
CA LYS S 240 24.43 -43.40 -13.88
C LYS S 240 23.77 -44.24 -14.97
N SER S 241 24.19 -44.07 -16.22
CA SER S 241 23.73 -44.87 -17.37
C SER S 241 23.96 -46.38 -17.20
N ASP S 242 23.21 -47.16 -18.00
CA ASP S 242 23.38 -48.61 -18.02
C ASP S 242 24.66 -48.99 -18.74
N ASN S 243 25.09 -48.10 -19.62
CA ASN S 243 26.27 -48.29 -20.45
C ASN S 243 27.02 -46.96 -20.58
N PRO S 244 27.70 -46.54 -19.50
CA PRO S 244 28.34 -45.23 -19.47
C PRO S 244 29.27 -44.96 -20.65
N ALA S 245 30.05 -45.97 -21.05
CA ALA S 245 30.96 -45.85 -22.18
C ALA S 245 30.20 -45.51 -23.47
N LYS S 246 29.11 -46.22 -23.71
CA LYS S 246 28.27 -45.97 -24.89
C LYS S 246 27.74 -44.53 -24.85
N PHE S 247 27.24 -44.14 -23.67
CA PHE S 247 26.66 -42.83 -23.49
C PHE S 247 27.69 -41.73 -23.70
N ALA S 248 28.82 -41.82 -23.00
CA ALA S 248 29.93 -40.88 -23.14
C ALA S 248 30.34 -40.71 -24.61
N LYS S 249 30.52 -41.84 -25.28
CA LYS S 249 30.90 -41.82 -26.71
C LYS S 249 29.86 -41.09 -27.56
N ALA S 250 28.61 -41.35 -27.29
CA ALA S 250 27.55 -40.69 -28.04
C ALA S 250 27.61 -39.16 -27.84
N ILE S 251 27.88 -38.72 -26.63
CA ILE S 251 27.87 -37.26 -26.36
C ILE S 251 28.98 -36.61 -27.19
N VAL S 252 30.16 -37.22 -27.14
CA VAL S 252 31.32 -36.79 -27.93
C VAL S 252 31.00 -36.69 -29.43
N GLU S 253 30.40 -37.74 -30.00
CA GLU S 253 30.13 -37.77 -31.43
C GLU S 253 29.10 -36.72 -31.81
N ALA S 254 28.09 -36.54 -30.96
CA ALA S 254 27.04 -35.51 -31.19
C ALA S 254 27.60 -34.09 -31.14
N THR S 255 28.54 -33.86 -30.24
CA THR S 255 29.18 -32.55 -30.09
C THR S 255 30.05 -32.30 -31.30
N THR S 256 30.75 -33.34 -31.77
CA THR S 256 31.59 -33.22 -32.96
C THR S 256 30.77 -32.99 -34.23
N HIS S 257 29.80 -33.86 -34.47
CA HIS S 257 29.00 -33.83 -35.67
C HIS S 257 27.58 -33.31 -35.39
N PHE S 258 27.52 -32.05 -34.96
CA PHE S 258 26.32 -31.51 -34.36
C PHE S 258 25.23 -31.11 -35.36
N THR S 259 25.50 -31.27 -36.65
CA THR S 259 24.50 -31.08 -37.71
C THR S 259 24.17 -32.35 -38.47
N ASP S 260 24.63 -33.50 -38.00
CA ASP S 260 24.42 -34.76 -38.72
C ASP S 260 23.26 -35.51 -38.07
N TYR S 261 22.06 -35.25 -38.54
CA TYR S 261 20.86 -35.61 -37.81
C TYR S 261 20.56 -37.10 -37.86
N LYS S 262 20.98 -37.73 -38.98
CA LYS S 262 20.91 -39.18 -39.11
C LYS S 262 21.79 -39.84 -38.08
N LEU S 263 23.02 -39.35 -37.92
CA LEU S 263 23.89 -39.88 -36.85
C LEU S 263 23.28 -39.68 -35.46
N ILE S 264 22.80 -38.49 -35.18
CA ILE S 264 22.35 -38.16 -33.82
C ILE S 264 21.13 -38.99 -33.47
N ALA S 265 20.27 -39.21 -34.47
CA ALA S 265 19.16 -40.16 -34.34
C ALA S 265 19.63 -41.51 -33.83
N GLU S 266 20.62 -42.12 -34.47
CA GLU S 266 21.15 -43.40 -33.97
C GLU S 266 21.74 -43.26 -32.58
N LEU S 267 22.52 -42.20 -32.38
CA LEU S 267 23.18 -41.97 -31.08
C LEU S 267 22.17 -41.82 -29.93
N SER S 268 20.99 -41.31 -30.23
CA SER S 268 19.97 -41.10 -29.21
C SER S 268 19.29 -42.37 -28.70
N LYS S 269 19.61 -43.53 -29.28
CA LYS S 269 18.87 -44.77 -29.00
C LYS S 269 19.32 -45.50 -27.74
N GLU S 270 18.33 -46.07 -27.04
CA GLU S 270 18.56 -46.93 -25.89
C GLU S 270 19.67 -46.43 -24.99
N LEU S 271 19.39 -45.28 -24.38
CA LEU S 271 20.32 -44.63 -23.49
C LEU S 271 20.00 -44.99 -22.04
N MET T 1 43.29 -20.03 -56.47
CA MET T 1 43.82 -20.12 -55.06
C MET T 1 43.91 -21.55 -54.51
N LEU T 2 44.81 -21.70 -53.55
CA LEU T 2 45.01 -22.94 -52.84
C LEU T 2 43.81 -23.16 -51.95
N THR T 3 43.43 -24.42 -51.77
CA THR T 3 42.53 -24.77 -50.70
C THR T 3 43.24 -25.71 -49.73
N ILE T 4 43.39 -25.23 -48.49
CA ILE T 4 44.03 -26.02 -47.45
C ILE T 4 43.01 -26.40 -46.40
N GLY T 5 42.89 -27.70 -46.13
CA GLY T 5 41.96 -28.18 -45.13
C GLY T 5 42.51 -28.09 -43.70
N VAL T 6 41.61 -27.94 -42.74
CA VAL T 6 41.98 -28.14 -41.33
C VAL T 6 41.11 -29.26 -40.83
N LEU T 7 41.69 -30.34 -40.32
CA LEU T 7 40.88 -31.43 -39.79
C LEU T 7 40.05 -30.89 -38.62
N GLY T 8 38.73 -31.02 -38.74
CA GLY T 8 37.81 -30.32 -37.86
C GLY T 8 37.14 -31.16 -36.80
N LEU T 9 37.70 -32.33 -36.53
CA LEU T 9 37.09 -33.20 -35.55
C LEU T 9 37.08 -32.63 -34.13
N GLN T 10 38.15 -31.94 -33.75
CA GLN T 10 38.22 -31.27 -32.46
C GLN T 10 39.41 -30.32 -32.45
N GLY T 11 39.35 -29.25 -31.66
CA GLY T 11 40.53 -28.42 -31.37
C GLY T 11 40.46 -26.99 -31.82
N ALA T 12 41.63 -26.35 -31.93
CA ALA T 12 41.71 -24.93 -32.31
C ALA T 12 41.69 -24.80 -33.85
N VAL T 13 40.53 -25.12 -34.43
CA VAL T 13 40.40 -25.25 -35.89
C VAL T 13 40.29 -23.85 -36.51
N ARG T 14 39.40 -23.03 -35.97
CA ARG T 14 39.23 -21.67 -36.54
C ARG T 14 40.53 -20.88 -36.62
N GLU T 15 41.39 -21.01 -35.62
CA GLU T 15 42.64 -20.30 -35.59
C GLU T 15 43.48 -20.68 -36.81
N HIS T 16 43.48 -21.97 -37.17
CA HIS T 16 44.22 -22.38 -38.38
C HIS T 16 43.60 -21.82 -39.67
N ILE T 17 42.27 -21.81 -39.74
CA ILE T 17 41.56 -21.27 -40.89
C ILE T 17 41.91 -19.79 -41.06
N HIS T 18 41.92 -19.06 -39.96
CA HIS T 18 42.20 -17.65 -39.99
C HIS T 18 43.58 -17.37 -40.62
N ALA T 19 44.55 -18.16 -40.18
CA ALA T 19 45.92 -18.11 -40.65
C ALA T 19 46.05 -18.45 -42.14
N ILE T 20 45.35 -19.48 -42.58
CA ILE T 20 45.34 -19.87 -44.00
C ILE T 20 44.78 -18.72 -44.82
N GLU T 21 43.62 -18.23 -44.38
CA GLU T 21 42.98 -17.12 -45.06
C GLU T 21 43.88 -15.87 -45.09
N ALA T 22 44.50 -15.54 -43.95
CA ALA T 22 45.44 -14.40 -43.89
C ALA T 22 46.63 -14.56 -44.86
N CYS T 23 46.94 -15.80 -45.24
CA CYS T 23 48.00 -16.08 -46.23
C CYS T 23 47.56 -16.07 -47.71
N GLY T 24 46.27 -15.92 -47.98
CA GLY T 24 45.75 -15.85 -49.34
C GLY T 24 45.19 -17.16 -49.89
N ALA T 25 45.29 -18.24 -49.11
CA ALA T 25 44.69 -19.52 -49.49
C ALA T 25 43.26 -19.57 -48.97
N ALA T 26 42.53 -20.57 -49.43
CA ALA T 26 41.20 -20.86 -48.90
C ALA T 26 41.32 -22.00 -47.88
N GLY T 27 40.50 -21.92 -46.84
CA GLY T 27 40.48 -22.94 -45.79
C GLY T 27 39.16 -23.67 -45.79
N LEU T 28 39.19 -24.98 -45.57
CA LEU T 28 37.96 -25.76 -45.49
C LEU T 28 38.09 -26.60 -44.25
N VAL T 29 37.04 -26.60 -43.43
CA VAL T 29 37.02 -27.42 -42.26
C VAL T 29 36.64 -28.84 -42.69
N VAL T 30 37.52 -29.80 -42.45
CA VAL T 30 37.31 -31.16 -42.89
C VAL T 30 36.72 -31.95 -41.73
N LYS T 31 35.45 -32.29 -41.86
CA LYS T 31 34.78 -33.12 -40.86
C LYS T 31 34.43 -34.52 -41.42
N ARG T 32 34.52 -34.68 -42.74
CA ARG T 32 34.15 -35.92 -43.40
C ARG T 32 35.29 -36.32 -44.31
N PRO T 33 35.67 -37.61 -44.32
CA PRO T 33 36.80 -38.01 -45.18
C PRO T 33 36.62 -37.69 -46.68
N GLU T 34 35.40 -37.72 -47.21
CA GLU T 34 35.21 -37.36 -48.63
C GLU T 34 35.68 -35.92 -48.92
N GLN T 35 35.76 -35.08 -47.89
CA GLN T 35 36.21 -33.70 -48.03
C GLN T 35 37.71 -33.59 -48.29
N LEU T 36 38.47 -34.62 -47.95
CA LEU T 36 39.92 -34.62 -48.21
C LEU T 36 40.23 -34.41 -49.70
N ASN T 37 39.32 -34.86 -50.57
CA ASN T 37 39.49 -34.72 -52.01
C ASN T 37 39.34 -33.28 -52.52
N GLU T 38 38.86 -32.40 -51.65
CA GLU T 38 38.58 -31.01 -52.05
C GLU T 38 39.72 -30.10 -51.67
N VAL T 39 40.75 -30.63 -51.03
CA VAL T 39 41.86 -29.82 -50.56
C VAL T 39 43.20 -30.30 -51.12
N ASP T 40 44.14 -29.37 -51.13
CA ASP T 40 45.50 -29.56 -51.66
C ASP T 40 46.50 -29.95 -50.57
N GLY T 41 46.11 -29.74 -49.32
CA GLY T 41 46.97 -29.92 -48.16
C GLY T 41 46.14 -29.87 -46.89
N LEU T 42 46.61 -30.50 -45.81
CA LEU T 42 45.80 -30.62 -44.60
C LEU T 42 46.53 -30.13 -43.35
N ILE T 43 45.86 -29.32 -42.53
CA ILE T 43 46.37 -29.03 -41.19
C ILE T 43 45.70 -29.96 -40.18
N LEU T 44 46.53 -30.56 -39.36
CA LEU T 44 46.11 -31.28 -38.17
C LEU T 44 46.37 -30.33 -36.98
N PRO T 45 45.30 -29.82 -36.34
CA PRO T 45 45.36 -28.74 -35.37
C PRO T 45 45.81 -29.15 -33.97
N GLY T 46 46.09 -28.13 -33.16
CA GLY T 46 46.27 -28.35 -31.73
C GLY T 46 44.95 -28.79 -31.15
N GLY T 47 45.01 -29.45 -30.01
CA GLY T 47 43.83 -29.99 -29.32
C GLY T 47 44.23 -31.17 -28.46
N GLU T 48 43.35 -32.18 -28.38
CA GLU T 48 43.67 -33.44 -27.68
C GLU T 48 43.87 -34.57 -28.70
N SER T 49 45.10 -35.09 -28.74
CA SER T 49 45.43 -36.17 -29.63
C SER T 49 44.59 -37.41 -29.36
N THR T 50 44.30 -37.69 -28.09
CA THR T 50 43.47 -38.85 -27.77
C THR T 50 42.07 -38.69 -28.36
N THR T 51 41.54 -37.48 -28.30
CA THR T 51 40.18 -37.22 -28.79
C THR T 51 40.16 -37.41 -30.29
N MET T 52 41.20 -36.87 -30.92
CA MET T 52 41.27 -36.84 -32.33
C MET T 52 41.48 -38.24 -32.90
N ARG T 53 42.29 -39.06 -32.23
CA ARG T 53 42.46 -40.45 -32.65
C ARG T 53 41.16 -41.19 -32.58
N ARG T 54 40.48 -41.05 -31.45
CA ARG T 54 39.22 -41.72 -31.21
CA ARG T 54 39.21 -41.72 -31.21
C ARG T 54 38.21 -41.38 -32.31
N LEU T 55 38.17 -40.12 -32.67
CA LEU T 55 37.23 -39.66 -33.70
C LEU T 55 37.73 -40.09 -35.07
N ILE T 56 39.05 -40.08 -35.28
CA ILE T 56 39.61 -40.62 -36.52
C ILE T 56 39.20 -42.08 -36.73
N ASP T 57 39.31 -42.88 -35.67
CA ASP T 57 38.91 -44.28 -35.74
C ASP T 57 37.42 -44.47 -36.03
N THR T 58 36.57 -43.71 -35.34
CA THR T 58 35.14 -43.97 -35.47
C THR T 58 34.65 -43.60 -36.85
N TYR T 59 35.19 -42.51 -37.39
CA TYR T 59 34.79 -42.00 -38.70
C TYR T 59 35.79 -42.43 -39.76
N GLN T 60 36.49 -43.51 -39.47
CA GLN T 60 37.34 -44.20 -40.41
C GLN T 60 38.15 -43.27 -41.29
N PHE T 61 38.88 -42.37 -40.63
CA PHE T 61 39.66 -41.35 -41.29
C PHE T 61 41.08 -41.79 -41.56
N MET T 62 41.58 -42.83 -40.88
CA MET T 62 43.00 -43.20 -41.00
C MET T 62 43.36 -43.57 -42.43
N GLU T 63 42.59 -44.48 -43.02
CA GLU T 63 42.86 -44.94 -44.38
C GLU T 63 42.87 -43.75 -45.34
N PRO T 64 41.75 -43.01 -45.42
CA PRO T 64 41.75 -41.79 -46.22
C PRO T 64 42.91 -40.83 -45.94
N LEU T 65 43.35 -40.70 -44.69
CA LEU T 65 44.47 -39.81 -44.39
C LEU T 65 45.76 -40.38 -44.97
N ARG T 66 45.90 -41.69 -44.91
CA ARG T 66 47.06 -42.39 -45.48
C ARG T 66 47.07 -42.30 -47.00
N GLU T 67 45.89 -42.47 -47.60
CA GLU T 67 45.74 -42.29 -49.04
C GLU T 67 46.06 -40.84 -49.42
N PHE T 68 45.64 -39.90 -48.59
CA PHE T 68 45.88 -38.47 -48.82
C PHE T 68 47.37 -38.20 -48.93
N ALA T 69 48.13 -38.75 -47.98
CA ALA T 69 49.60 -38.61 -47.95
C ALA T 69 50.19 -39.35 -49.14
N ALA T 70 49.66 -40.54 -49.41
CA ALA T 70 50.08 -41.35 -50.58
C ALA T 70 50.03 -40.53 -51.86
N GLN T 71 49.09 -39.61 -51.97
CA GLN T 71 48.98 -38.78 -53.16
C GLN T 71 49.96 -37.61 -53.16
N GLY T 72 50.81 -37.53 -52.14
CA GLY T 72 51.80 -36.46 -52.04
C GLY T 72 51.33 -35.18 -51.36
N LYS T 73 50.08 -35.15 -50.90
CA LYS T 73 49.49 -33.92 -50.37
C LYS T 73 50.11 -33.53 -49.03
N PRO T 74 50.64 -32.30 -48.94
CA PRO T 74 51.33 -31.88 -47.71
C PRO T 74 50.42 -31.87 -46.48
N MET T 75 51.01 -32.18 -45.32
CA MET T 75 50.32 -32.20 -44.04
C MET T 75 51.15 -31.45 -42.98
N PHE T 76 50.45 -30.62 -42.20
CA PHE T 76 51.05 -29.78 -41.17
C PHE T 76 50.41 -30.16 -39.85
N GLY T 77 51.21 -30.67 -38.92
CA GLY T 77 50.75 -30.99 -37.57
C GLY T 77 51.30 -30.04 -36.52
N THR T 78 50.40 -29.41 -35.79
CA THR T 78 50.76 -28.51 -34.70
C THR T 78 50.36 -29.09 -33.36
N CYS T 79 51.36 -29.42 -32.55
CA CYS T 79 51.16 -29.97 -31.19
C CYS T 79 50.35 -31.29 -31.20
N ALA T 80 49.05 -31.26 -30.90
CA ALA T 80 48.22 -32.49 -31.09
C ALA T 80 48.43 -33.06 -32.50
N GLY T 81 48.44 -32.15 -33.50
CA GLY T 81 48.72 -32.51 -34.89
C GLY T 81 50.02 -33.27 -35.11
N LEU T 82 51.09 -32.74 -34.53
CA LEU T 82 52.39 -33.40 -34.52
C LEU T 82 52.34 -34.82 -33.95
N ILE T 83 51.66 -34.98 -32.83
CA ILE T 83 51.50 -36.30 -32.19
C ILE T 83 50.72 -37.24 -33.11
N ILE T 84 49.69 -36.72 -33.79
CA ILE T 84 48.93 -37.59 -34.69
C ILE T 84 49.86 -38.09 -35.82
N LEU T 85 50.73 -37.21 -36.26
CA LEU T 85 51.68 -37.45 -37.37
C LEU T 85 52.88 -38.38 -37.05
N ALA T 86 53.34 -38.35 -35.79
CA ALA T 86 54.61 -39.00 -35.42
C ALA T 86 54.67 -40.52 -35.68
N LYS T 87 55.84 -41.01 -36.09
CA LYS T 87 56.06 -42.44 -36.27
C LYS T 87 55.89 -43.21 -34.97
N GLU T 88 56.37 -42.63 -33.87
CA GLU T 88 56.16 -43.23 -32.56
C GLU T 88 56.04 -42.23 -31.41
N ILE T 89 55.40 -42.72 -30.37
CA ILE T 89 55.08 -41.92 -29.20
C ILE T 89 55.68 -42.67 -28.04
N ALA T 90 56.57 -42.01 -27.32
CA ALA T 90 57.25 -42.63 -26.19
C ALA T 90 56.22 -43.17 -25.21
N GLY T 91 56.47 -44.40 -24.76
CA GLY T 91 55.62 -45.04 -23.79
C GLY T 91 54.30 -45.52 -24.35
N SER T 92 54.20 -45.54 -25.68
CA SER T 92 53.00 -46.04 -26.32
C SER T 92 53.33 -46.96 -27.46
N ASP T 93 52.60 -48.06 -27.53
CA ASP T 93 52.71 -48.98 -28.66
C ASP T 93 51.51 -48.85 -29.59
N ASN T 94 50.86 -47.70 -29.56
CA ASN T 94 49.71 -47.46 -30.44
C ASN T 94 49.82 -46.08 -31.11
N PRO T 95 50.82 -45.91 -31.98
CA PRO T 95 50.98 -44.64 -32.69
C PRO T 95 49.82 -44.41 -33.66
N HIS T 96 49.81 -43.25 -34.30
CA HIS T 96 48.62 -42.79 -35.04
C HIS T 96 48.86 -42.91 -36.55
N LEU T 97 49.05 -41.78 -37.24
CA LEU T 97 49.31 -41.77 -38.70
C LEU T 97 50.71 -42.25 -39.02
N GLY T 98 51.69 -41.93 -38.18
CA GLY T 98 53.03 -42.49 -38.35
C GLY T 98 53.83 -42.06 -39.58
N LEU T 99 53.47 -40.93 -40.18
CA LEU T 99 54.11 -40.49 -41.42
C LEU T 99 55.34 -39.61 -41.21
N LEU T 100 55.41 -38.90 -40.07
CA LEU T 100 56.59 -38.09 -39.72
C LEU T 100 57.59 -38.88 -38.90
N ASN T 101 58.83 -38.87 -39.35
CA ASN T 101 59.86 -39.79 -38.89
C ASN T 101 60.55 -39.28 -37.63
N VAL T 102 59.75 -39.10 -36.58
CA VAL T 102 60.23 -38.66 -35.28
C VAL T 102 59.63 -39.50 -34.17
N VAL T 103 60.29 -39.48 -33.01
CA VAL T 103 59.75 -40.03 -31.77
C VAL T 103 59.30 -38.83 -30.92
N VAL T 104 58.07 -38.92 -30.42
CA VAL T 104 57.43 -37.83 -29.69
C VAL T 104 57.15 -38.26 -28.25
N GLU T 105 57.45 -37.38 -27.29
CA GLU T 105 57.06 -37.61 -25.92
C GLU T 105 55.93 -36.65 -25.62
N ARG T 106 54.78 -37.20 -25.26
CA ARG T 106 53.63 -36.38 -24.97
C ARG T 106 53.76 -35.70 -23.62
N ASN T 107 53.28 -34.46 -23.53
CA ASN T 107 53.15 -33.76 -22.25
C ASN T 107 54.46 -33.68 -21.49
N SER T 108 55.53 -33.25 -22.15
CA SER T 108 56.89 -33.43 -21.58
C SER T 108 57.37 -32.29 -20.70
N PHE T 109 56.71 -31.12 -20.76
CA PHE T 109 57.05 -29.98 -19.90
C PHE T 109 56.24 -29.96 -18.61
N GLY T 110 55.37 -30.95 -18.44
CA GLY T 110 54.60 -31.07 -17.22
C GLY T 110 53.11 -30.90 -17.51
N ARG T 111 52.52 -29.84 -16.99
CA ARG T 111 51.06 -29.60 -17.17
C ARG T 111 50.78 -28.13 -17.56
N GLN T 112 49.50 -27.72 -17.54
CA GLN T 112 49.16 -26.38 -18.04
C GLN T 112 49.88 -25.27 -17.30
N VAL T 113 50.08 -25.42 -15.99
CA VAL T 113 50.82 -24.38 -15.24
C VAL T 113 52.24 -24.17 -15.78
N ASP T 114 52.79 -25.19 -16.43
CA ASP T 114 54.09 -25.15 -17.11
C ASP T 114 54.01 -24.66 -18.54
N SER T 115 52.80 -24.58 -19.13
CA SER T 115 52.69 -24.06 -20.49
C SER T 115 53.37 -22.70 -20.53
N PHE T 116 53.98 -22.36 -21.67
CA PHE T 116 54.85 -21.18 -21.76
C PHE T 116 54.98 -20.61 -23.17
N GLU T 117 55.49 -19.39 -23.25
CA GLU T 117 55.95 -18.76 -24.48
C GLU T 117 57.46 -18.58 -24.42
N ALA T 118 58.09 -18.68 -25.59
CA ALA T 118 59.52 -18.49 -25.81
C ALA T 118 59.77 -18.02 -27.25
N ASP T 119 60.63 -17.01 -27.44
CA ASP T 119 61.02 -16.62 -28.78
C ASP T 119 61.92 -17.67 -29.40
N LEU T 120 61.63 -18.01 -30.64
CA LEU T 120 62.32 -19.08 -31.34
C LEU T 120 62.96 -18.55 -32.60
N THR T 121 64.07 -19.18 -32.97
CA THR T 121 64.68 -18.99 -34.27
C THR T 121 64.28 -20.18 -35.12
N ILE T 122 63.67 -19.87 -36.26
CA ILE T 122 63.14 -20.90 -37.16
C ILE T 122 63.79 -20.77 -38.54
N LYS T 123 64.33 -21.90 -38.99
CA LYS T 123 64.96 -21.97 -40.29
C LYS T 123 63.92 -21.59 -41.36
N GLY T 124 64.22 -20.53 -42.10
CA GLY T 124 63.30 -19.99 -43.11
C GLY T 124 62.58 -18.74 -42.64
N LEU T 125 62.65 -18.45 -41.35
CA LEU T 125 62.17 -17.19 -40.82
C LEU T 125 63.40 -16.40 -40.45
N ASP T 126 63.34 -15.09 -40.63
CA ASP T 126 64.47 -14.20 -40.36
C ASP T 126 64.47 -13.84 -38.89
N GLU T 127 63.46 -13.08 -38.50
CA GLU T 127 63.34 -12.55 -37.14
C GLU T 127 62.67 -13.62 -36.26
N PRO T 128 62.84 -13.54 -34.93
CA PRO T 128 62.37 -14.63 -34.07
C PRO T 128 60.86 -14.78 -34.04
N PHE T 129 60.40 -16.00 -33.84
CA PHE T 129 58.97 -16.32 -33.77
C PHE T 129 58.58 -16.71 -32.35
N THR T 130 57.53 -16.08 -31.81
CA THR T 130 57.06 -16.42 -30.46
C THR T 130 56.28 -17.74 -30.49
N GLY T 131 56.91 -18.79 -29.98
CA GLY T 131 56.28 -20.09 -29.86
C GLY T 131 55.46 -20.14 -28.59
N VAL T 132 54.24 -20.65 -28.71
CA VAL T 132 53.30 -20.79 -27.57
C VAL T 132 53.11 -22.28 -27.35
N PHE T 133 53.61 -22.77 -26.23
CA PHE T 133 53.68 -24.21 -25.96
C PHE T 133 52.64 -24.54 -24.92
N ILE T 134 51.55 -25.15 -25.37
CA ILE T 134 50.40 -25.43 -24.53
C ILE T 134 50.39 -26.91 -24.28
N ARG T 135 50.78 -27.31 -23.08
CA ARG T 135 50.87 -28.73 -22.74
C ARG T 135 51.56 -29.52 -23.86
N ALA T 136 52.71 -28.99 -24.26
CA ALA T 136 53.41 -29.38 -25.48
C ALA T 136 54.15 -30.69 -25.31
N PRO T 137 54.34 -31.43 -26.41
CA PRO T 137 55.22 -32.58 -26.35
C PRO T 137 56.60 -32.13 -26.76
N HIS T 138 57.57 -33.02 -26.76
CA HIS T 138 58.66 -32.72 -27.66
C HIS T 138 59.12 -33.89 -28.50
N ILE T 139 59.92 -33.51 -29.50
CA ILE T 139 60.50 -34.41 -30.46
C ILE T 139 61.80 -34.90 -29.85
N LEU T 140 61.74 -36.08 -29.25
CA LEU T 140 62.92 -36.75 -28.69
C LEU T 140 64.02 -37.04 -29.71
N GLU T 141 63.64 -37.41 -30.92
CA GLU T 141 64.62 -37.61 -32.00
C GLU T 141 64.00 -37.59 -33.39
N ALA T 142 64.80 -37.18 -34.37
CA ALA T 142 64.38 -37.05 -35.74
C ALA T 142 65.30 -37.87 -36.67
N GLY T 143 64.67 -38.58 -37.61
CA GLY T 143 65.38 -39.39 -38.59
C GLY T 143 66.16 -38.56 -39.60
N GLU T 144 67.07 -39.25 -40.29
CA GLU T 144 67.95 -38.66 -41.30
C GLU T 144 67.19 -37.85 -42.35
N ASN T 145 66.04 -38.37 -42.76
CA ASN T 145 65.19 -37.69 -43.73
C ASN T 145 64.48 -36.44 -43.20
N VAL T 146 64.73 -36.07 -41.94
CA VAL T 146 64.01 -34.95 -41.30
C VAL T 146 64.90 -33.74 -41.03
N GLU T 147 64.52 -32.62 -41.63
CA GLU T 147 65.18 -31.34 -41.40
C GLU T 147 64.62 -30.70 -40.13
N VAL T 148 65.52 -30.41 -39.19
CA VAL T 148 65.16 -29.72 -37.96
C VAL T 148 65.09 -28.23 -38.29
N LEU T 149 63.92 -27.64 -38.13
CA LEU T 149 63.69 -26.23 -38.48
C LEU T 149 63.88 -25.28 -37.32
N SER T 150 63.75 -25.80 -36.10
CA SER T 150 63.90 -24.98 -34.92
C SER T 150 64.14 -25.89 -33.72
N GLU T 151 64.95 -25.42 -32.77
CA GLU T 151 65.04 -26.08 -31.48
C GLU T 151 64.95 -25.05 -30.35
N HIS T 152 64.73 -25.56 -29.14
CA HIS T 152 64.59 -24.69 -28.00
C HIS T 152 65.20 -25.36 -26.79
N ASN T 153 66.22 -24.71 -26.22
CA ASN T 153 67.03 -25.25 -25.14
C ASN T 153 67.44 -26.70 -25.41
N GLY T 154 67.94 -26.94 -26.62
CA GLY T 154 68.48 -28.25 -27.00
C GLY T 154 67.51 -29.20 -27.68
N ARG T 155 66.22 -28.90 -27.57
CA ARG T 155 65.15 -29.80 -27.99
C ARG T 155 64.54 -29.33 -29.31
N ILE T 156 64.34 -30.27 -30.22
CA ILE T 156 63.70 -30.00 -31.51
C ILE T 156 62.21 -29.70 -31.30
N VAL T 157 61.75 -28.61 -31.89
CA VAL T 157 60.37 -28.12 -31.70
C VAL T 157 59.67 -27.82 -33.03
N ALA T 158 60.44 -27.78 -34.13
CA ALA T 158 59.88 -27.77 -35.47
C ALA T 158 60.75 -28.62 -36.40
N ALA T 159 60.09 -29.28 -37.35
CA ALA T 159 60.76 -30.17 -38.31
C ALA T 159 59.97 -30.31 -39.60
N LYS T 160 60.67 -30.75 -40.64
CA LYS T 160 60.11 -30.85 -41.99
C LYS T 160 60.64 -32.11 -42.64
N GLN T 161 59.76 -32.81 -43.35
CA GLN T 161 60.08 -34.07 -44.01
C GLN T 161 59.27 -34.17 -45.30
N GLY T 162 59.90 -33.77 -46.39
CA GLY T 162 59.25 -33.76 -47.68
C GLY T 162 58.00 -32.95 -47.58
N GLN T 163 56.86 -33.64 -47.70
CA GLN T 163 55.54 -32.98 -47.69
C GLN T 163 55.07 -32.67 -46.29
N PHE T 164 55.74 -33.20 -45.27
CA PHE T 164 55.28 -33.09 -43.89
C PHE T 164 55.92 -31.95 -43.10
N LEU T 165 55.09 -31.23 -42.35
CA LEU T 165 55.55 -30.14 -41.47
C LEU T 165 54.99 -30.40 -40.08
N GLY T 166 55.83 -30.19 -39.06
CA GLY T 166 55.50 -30.60 -37.70
C GLY T 166 56.12 -29.68 -36.67
N CYS T 167 55.33 -29.31 -35.66
CA CYS T 167 55.85 -28.53 -34.55
C CYS T 167 55.11 -28.78 -33.24
N SER T 168 55.82 -28.56 -32.14
CA SER T 168 55.28 -28.87 -30.82
C SER T 168 54.61 -27.64 -30.17
N PHE T 169 54.81 -26.47 -30.77
CA PHE T 169 54.13 -25.28 -30.37
C PHE T 169 52.91 -25.00 -31.29
N ASN T 170 52.13 -23.97 -30.95
CA ASN T 170 50.90 -23.60 -31.65
C ASN T 170 51.02 -22.21 -32.29
N PRO T 171 51.60 -22.13 -33.50
CA PRO T 171 51.82 -20.84 -34.18
C PRO T 171 50.51 -20.10 -34.43
N GLU T 172 49.44 -20.87 -34.54
CA GLU T 172 48.15 -20.32 -34.86
C GLU T 172 47.52 -19.59 -33.70
N LEU T 173 48.12 -19.69 -32.51
CA LEU T 173 47.67 -18.95 -31.34
C LEU T 173 48.23 -17.53 -31.35
N THR T 174 48.97 -17.16 -32.41
CA THR T 174 49.55 -15.83 -32.51
C THR T 174 49.11 -15.15 -33.82
N GLU T 175 49.36 -13.85 -33.91
CA GLU T 175 49.07 -13.09 -35.13
C GLU T 175 50.20 -13.13 -36.15
N ASP T 176 51.23 -13.91 -35.87
CA ASP T 176 52.35 -14.09 -36.79
C ASP T 176 52.12 -15.35 -37.63
N HIS T 177 51.82 -15.15 -38.90
CA HIS T 177 51.42 -16.26 -39.80
C HIS T 177 52.57 -16.89 -40.58
N ARG T 178 53.80 -16.56 -40.22
CA ARG T 178 54.96 -16.98 -40.98
C ARG T 178 55.14 -18.50 -41.03
N VAL T 179 54.75 -19.21 -39.98
CA VAL T 179 54.86 -20.67 -40.00
C VAL T 179 53.75 -21.23 -40.90
N THR T 180 52.53 -20.70 -40.80
CA THR T 180 51.48 -21.07 -41.77
C THR T 180 51.96 -20.77 -43.20
N GLN T 181 52.61 -19.63 -43.40
CA GLN T 181 53.11 -19.23 -44.73
C GLN T 181 54.13 -20.24 -45.30
N LEU T 182 55.00 -20.75 -44.45
CA LEU T 182 55.88 -21.88 -44.81
C LEU T 182 55.11 -23.05 -45.39
N PHE T 183 54.03 -23.44 -44.73
CA PHE T 183 53.21 -24.57 -45.15
C PHE T 183 52.44 -24.29 -46.46
N VAL T 184 51.90 -23.08 -46.58
CA VAL T 184 51.26 -22.64 -47.81
C VAL T 184 52.22 -22.81 -49.02
N GLU T 185 53.45 -22.32 -48.86
CA GLU T 185 54.49 -22.48 -49.88
C GLU T 185 54.72 -23.97 -50.19
N MET T 186 54.67 -24.83 -49.19
CA MET T 186 54.79 -26.26 -49.43
C MET T 186 53.61 -26.79 -50.24
N VAL T 187 52.40 -26.32 -49.92
CA VAL T 187 51.22 -26.67 -50.69
C VAL T 187 51.32 -26.12 -52.14
N GLU T 188 51.72 -24.84 -52.28
CA GLU T 188 51.96 -24.20 -53.60
C GLU T 188 52.86 -25.05 -54.48
N GLU T 189 53.95 -25.50 -53.87
CA GLU T 189 54.96 -26.37 -54.47
C GLU T 189 54.35 -27.70 -54.93
N TYR T 190 53.58 -28.33 -54.06
CA TYR T 190 52.96 -29.61 -54.36
C TYR T 190 52.02 -29.54 -55.56
N LYS T 191 51.18 -28.52 -55.56
CA LYS T 191 50.15 -28.34 -56.58
C LYS T 191 50.78 -28.34 -57.98
N GLN T 192 51.83 -27.53 -58.12
CA GLN T 192 52.53 -27.37 -59.39
C GLN T 192 53.21 -28.62 -59.91
N LYS T 193 53.81 -29.41 -59.02
CA LYS T 193 54.49 -30.66 -59.46
C LYS T 193 53.51 -31.71 -59.99
N ALA T 194 52.23 -31.34 -60.06
CA ALA T 194 51.14 -32.26 -60.37
C ALA T 194 50.17 -31.64 -61.39
N ALA U 2 10.16 -31.35 -59.36
CA ALA U 2 9.24 -31.56 -58.20
C ALA U 2 9.78 -30.89 -56.93
N GLN U 3 8.92 -30.15 -56.23
CA GLN U 3 9.30 -29.41 -55.03
C GLN U 3 8.76 -30.15 -53.81
N THR U 4 9.64 -30.43 -52.85
CA THR U 4 9.26 -30.87 -51.54
C THR U 4 9.12 -29.68 -50.57
N GLY U 5 8.41 -29.91 -49.46
CA GLY U 5 8.41 -28.97 -48.35
C GLY U 5 7.80 -27.60 -48.60
N THR U 6 6.96 -27.46 -49.61
CA THR U 6 6.23 -26.23 -49.83
C THR U 6 5.16 -26.03 -48.71
N GLU U 7 4.79 -24.78 -48.47
CA GLU U 7 3.71 -24.43 -47.54
C GLU U 7 2.46 -25.26 -47.83
N ARG U 8 2.09 -25.24 -49.10
CA ARG U 8 0.93 -25.98 -49.58
C ARG U 8 1.01 -27.47 -49.23
N VAL U 9 2.18 -28.09 -49.35
CA VAL U 9 2.34 -29.54 -49.03
C VAL U 9 2.30 -29.80 -47.54
N LYS U 10 2.93 -28.91 -46.78
CA LYS U 10 2.98 -29.02 -45.34
C LYS U 10 1.58 -28.93 -44.74
N ARG U 11 0.85 -27.90 -45.16
CA ARG U 11 -0.49 -27.66 -44.67
C ARG U 11 -1.46 -28.66 -45.28
N GLY U 12 -1.18 -29.11 -46.50
CA GLY U 12 -2.03 -30.10 -47.18
C GLY U 12 -2.13 -31.40 -46.41
N MET U 13 -1.02 -31.83 -45.84
CA MET U 13 -1.00 -33.03 -45.01
C MET U 13 -2.02 -32.93 -43.85
N ALA U 14 -2.04 -31.77 -43.19
CA ALA U 14 -3.00 -31.52 -42.13
C ALA U 14 -4.41 -31.47 -42.69
N GLU U 15 -4.63 -30.80 -43.83
CA GLU U 15 -5.98 -30.82 -44.46
C GLU U 15 -6.51 -32.26 -44.67
N MET U 16 -5.61 -33.21 -44.93
CA MET U 16 -6.01 -34.62 -45.13
C MET U 16 -6.26 -35.38 -43.82
N GLN U 17 -5.95 -34.74 -42.69
CA GLN U 17 -6.21 -35.30 -41.38
C GLN U 17 -7.62 -34.92 -40.90
N LYS U 18 -8.28 -33.97 -41.57
CA LYS U 18 -9.54 -33.45 -41.04
C LYS U 18 -10.58 -34.53 -40.80
N GLY U 19 -11.40 -34.27 -39.78
CA GLY U 19 -12.49 -35.13 -39.42
C GLY U 19 -12.04 -36.39 -38.72
N GLY U 20 -10.78 -36.48 -38.36
CA GLY U 20 -10.24 -37.67 -37.73
C GLY U 20 -9.69 -37.50 -36.35
N VAL U 21 -9.29 -38.65 -35.81
CA VAL U 21 -8.80 -38.79 -34.46
C VAL U 21 -7.33 -39.23 -34.54
N ILE U 22 -6.47 -38.51 -33.83
CA ILE U 22 -5.08 -38.83 -33.68
C ILE U 22 -4.87 -39.33 -32.23
N MET U 23 -4.21 -40.48 -32.09
CA MET U 23 -4.13 -41.18 -30.80
C MET U 23 -2.71 -41.34 -30.30
N ASP U 24 -2.51 -41.01 -29.04
CA ASP U 24 -1.23 -41.21 -28.36
C ASP U 24 -1.00 -42.70 -28.15
N VAL U 25 0.18 -43.18 -28.55
CA VAL U 25 0.56 -44.60 -28.40
C VAL U 25 2.00 -44.67 -27.88
N ILE U 26 2.28 -45.67 -27.05
CA ILE U 26 3.64 -45.87 -26.53
C ILE U 26 4.32 -47.10 -27.10
N ASN U 27 3.61 -47.88 -27.90
CA ASN U 27 4.25 -49.00 -28.61
C ASN U 27 3.50 -49.42 -29.86
N ALA U 28 4.10 -50.39 -30.56
CA ALA U 28 3.56 -50.98 -31.77
C ALA U 28 2.17 -51.60 -31.58
N GLU U 29 1.92 -52.27 -30.46
CA GLU U 29 0.62 -52.91 -30.21
C GLU U 29 -0.50 -51.88 -30.11
N GLN U 30 -0.26 -50.82 -29.35
CA GLN U 30 -1.22 -49.72 -29.26
C GLN U 30 -1.42 -49.07 -30.62
N ALA U 31 -0.33 -48.85 -31.34
CA ALA U 31 -0.37 -48.25 -32.67
C ALA U 31 -1.34 -48.99 -33.60
N LYS U 32 -1.22 -50.32 -33.67
CA LYS U 32 -2.10 -51.08 -34.57
C LYS U 32 -3.54 -51.12 -34.09
N ILE U 33 -3.75 -51.15 -32.78
CA ILE U 33 -5.10 -50.99 -32.25
C ILE U 33 -5.66 -49.66 -32.75
N ALA U 34 -4.90 -48.59 -32.65
CA ALA U 34 -5.36 -47.25 -33.09
C ALA U 34 -5.74 -47.25 -34.58
N GLU U 35 -4.85 -47.78 -35.42
CA GLU U 35 -5.11 -47.85 -36.86
C GLU U 35 -6.34 -48.70 -37.13
N GLU U 36 -6.40 -49.84 -36.45
CA GLU U 36 -7.53 -50.77 -36.59
C GLU U 36 -8.84 -50.08 -36.23
N ALA U 37 -8.82 -49.26 -35.17
CA ALA U 37 -10.00 -48.48 -34.75
C ALA U 37 -10.35 -47.32 -35.68
N GLY U 38 -9.48 -47.00 -36.65
CA GLY U 38 -9.74 -45.92 -37.61
C GLY U 38 -9.08 -44.57 -37.35
N ALA U 39 -8.12 -44.52 -36.41
CA ALA U 39 -7.30 -43.30 -36.21
C ALA U 39 -6.70 -42.83 -37.53
N VAL U 40 -6.59 -41.51 -37.71
CA VAL U 40 -5.95 -40.99 -38.92
C VAL U 40 -4.43 -40.84 -38.75
N ALA U 41 -3.95 -40.86 -37.51
CA ALA U 41 -2.52 -40.83 -37.22
C ALA U 41 -2.33 -41.27 -35.79
N VAL U 42 -1.09 -41.61 -35.48
CA VAL U 42 -0.70 -41.89 -34.11
C VAL U 42 0.44 -40.94 -33.75
N MET U 43 0.46 -40.58 -32.47
CA MET U 43 1.48 -39.75 -31.85
C MET U 43 2.34 -40.70 -31.03
N ALA U 44 3.56 -40.94 -31.49
CA ALA U 44 4.47 -41.85 -30.80
C ALA U 44 5.00 -41.16 -29.54
N LEU U 45 4.81 -41.79 -28.38
CA LEU U 45 5.36 -41.32 -27.12
C LEU U 45 6.19 -42.41 -26.47
N GLU U 46 7.17 -41.99 -25.67
CA GLU U 46 7.96 -42.95 -24.91
C GLU U 46 7.26 -43.20 -23.59
N ARG U 47 7.10 -42.14 -22.81
CA ARG U 47 6.30 -42.21 -21.60
C ARG U 47 5.26 -41.13 -21.75
N VAL U 48 4.22 -41.23 -20.93
CA VAL U 48 3.20 -40.21 -20.92
C VAL U 48 3.84 -38.98 -20.28
N PRO U 49 3.98 -37.88 -21.07
CA PRO U 49 4.57 -36.64 -20.56
C PRO U 49 3.99 -36.22 -19.22
N ALA U 50 2.67 -36.23 -19.13
CA ALA U 50 1.97 -35.86 -17.89
C ALA U 50 2.56 -36.60 -16.70
N ASP U 51 2.76 -37.91 -16.87
CA ASP U 51 3.28 -38.78 -15.80
C ASP U 51 4.72 -38.46 -15.40
N ILE U 52 5.53 -38.12 -16.40
CA ILE U 52 6.97 -37.82 -16.19
C ILE U 52 7.16 -36.57 -15.35
N ARG U 53 6.52 -35.48 -15.75
CA ARG U 53 6.69 -34.21 -15.07
C ARG U 53 5.90 -34.17 -13.78
N ALA U 54 4.88 -35.03 -13.67
CA ALA U 54 4.16 -35.23 -12.41
C ALA U 54 5.16 -35.56 -11.30
N ALA U 55 5.97 -36.59 -11.54
CA ALA U 55 7.03 -37.02 -10.62
C ALA U 55 7.79 -35.91 -9.83
N GLY U 56 8.51 -35.00 -10.50
CA GLY U 56 8.61 -34.91 -11.95
C GLY U 56 9.98 -34.60 -12.55
N GLY U 57 10.24 -35.24 -13.67
CA GLY U 57 11.51 -35.10 -14.34
C GLY U 57 11.33 -34.26 -15.56
N VAL U 58 12.31 -34.33 -16.44
CA VAL U 58 12.32 -33.61 -17.68
C VAL U 58 11.71 -34.55 -18.68
N ALA U 59 10.67 -34.10 -19.37
CA ALA U 59 10.09 -34.86 -20.49
C ALA U 59 10.74 -34.37 -21.79
N ARG U 60 11.39 -35.30 -22.51
CA ARG U 60 12.16 -34.99 -23.71
C ARG U 60 11.56 -35.71 -24.92
N MET U 61 12.20 -35.54 -26.07
CA MET U 61 11.94 -36.37 -27.25
C MET U 61 11.94 -37.86 -26.90
N ALA U 62 11.04 -38.63 -27.51
CA ALA U 62 11.03 -40.06 -27.33
C ALA U 62 12.27 -40.73 -27.91
N ASP U 63 12.64 -41.85 -27.30
CA ASP U 63 13.69 -42.70 -27.83
C ASP U 63 13.30 -43.07 -29.26
N PRO U 64 14.16 -42.73 -30.25
CA PRO U 64 13.87 -43.02 -31.65
C PRO U 64 13.53 -44.50 -31.94
N THR U 65 13.98 -45.38 -31.05
CA THR U 65 13.58 -46.79 -31.15
C THR U 65 12.07 -46.96 -31.08
N ILE U 66 11.46 -46.34 -30.08
CA ILE U 66 10.02 -46.38 -29.94
C ILE U 66 9.35 -45.82 -31.18
N VAL U 67 9.79 -44.64 -31.62
CA VAL U 67 9.20 -44.01 -32.79
C VAL U 67 9.35 -44.93 -34.03
N GLU U 68 10.53 -45.51 -34.22
CA GLU U 68 10.74 -46.46 -35.32
C GLU U 68 9.82 -47.68 -35.21
N GLU U 69 9.77 -48.28 -34.02
CA GLU U 69 8.82 -49.38 -33.72
C GLU U 69 7.44 -49.04 -34.26
N VAL U 70 6.96 -47.86 -33.85
CA VAL U 70 5.62 -47.42 -34.18
C VAL U 70 5.45 -47.19 -35.66
N MET U 71 6.40 -46.49 -36.28
CA MET U 71 6.34 -46.24 -37.71
C MET U 71 6.25 -47.53 -38.51
N ASN U 72 6.90 -48.57 -38.00
CA ASN U 72 6.89 -49.85 -38.70
C ASN U 72 5.62 -50.64 -38.42
N ALA U 73 4.91 -50.31 -37.34
CA ALA U 73 3.68 -51.02 -37.02
C ALA U 73 2.51 -50.63 -37.92
N VAL U 74 2.54 -49.46 -38.55
CA VAL U 74 1.32 -48.91 -39.17
C VAL U 74 1.57 -48.23 -40.51
N SER U 75 0.52 -48.05 -41.29
CA SER U 75 0.60 -47.37 -42.58
C SER U 75 -0.03 -45.98 -42.51
N ILE U 76 -0.50 -45.59 -41.33
CA ILE U 76 -0.99 -44.23 -41.11
C ILE U 76 0.15 -43.31 -40.67
N PRO U 77 -0.01 -42.01 -40.91
CA PRO U 77 1.00 -41.07 -40.51
C PRO U 77 1.34 -41.20 -39.03
N VAL U 78 2.61 -40.96 -38.70
CA VAL U 78 3.10 -41.04 -37.33
C VAL U 78 3.66 -39.69 -36.91
N MET U 79 3.11 -39.14 -35.83
CA MET U 79 3.60 -37.87 -35.30
C MET U 79 4.49 -38.14 -34.08
N ALA U 80 5.30 -37.15 -33.72
CA ALA U 80 6.14 -37.20 -32.51
C ALA U 80 6.38 -35.80 -31.97
N LYS U 81 6.70 -35.71 -30.67
CA LYS U 81 6.88 -34.44 -30.03
C LYS U 81 8.33 -34.06 -29.90
N ALA U 82 8.60 -32.75 -30.06
CA ALA U 82 9.89 -32.16 -29.79
C ALA U 82 9.70 -31.11 -28.70
N ARG U 83 10.69 -30.95 -27.82
CA ARG U 83 10.62 -29.86 -26.85
C ARG U 83 10.60 -28.50 -27.53
N ILE U 84 9.90 -27.56 -26.94
CA ILE U 84 9.82 -26.22 -27.50
C ILE U 84 11.26 -25.70 -27.66
N GLY U 85 11.58 -25.27 -28.86
CA GLY U 85 12.88 -24.64 -29.10
C GLY U 85 14.06 -25.58 -29.31
N HIS U 86 13.82 -26.88 -29.25
CA HIS U 86 14.92 -27.81 -29.33
C HIS U 86 15.20 -28.14 -30.77
N ILE U 87 16.10 -27.36 -31.35
CA ILE U 87 16.36 -27.41 -32.77
C ILE U 87 16.75 -28.83 -33.20
N VAL U 88 17.63 -29.46 -32.41
CA VAL U 88 18.18 -30.74 -32.80
C VAL U 88 17.17 -31.86 -32.66
N GLU U 89 16.37 -31.87 -31.59
CA GLU U 89 15.35 -32.92 -31.43
C GLU U 89 14.43 -32.88 -32.66
N ALA U 90 14.12 -31.67 -33.09
CA ALA U 90 13.24 -31.49 -34.27
C ALA U 90 13.89 -32.00 -35.56
N ARG U 91 15.16 -31.70 -35.76
CA ARG U 91 15.86 -32.11 -36.99
C ARG U 91 16.09 -33.63 -37.01
N VAL U 92 16.25 -34.22 -35.83
CA VAL U 92 16.33 -35.67 -35.69
C VAL U 92 15.01 -36.36 -36.06
N LEU U 93 13.88 -35.92 -35.52
CA LEU U 93 12.59 -36.45 -35.91
C LEU U 93 12.36 -36.34 -37.43
N GLU U 94 12.66 -35.17 -37.97
CA GLU U 94 12.63 -34.95 -39.39
C GLU U 94 13.51 -35.95 -40.11
N ALA U 95 14.74 -36.12 -39.67
CA ALA U 95 15.64 -37.11 -40.30
C ALA U 95 15.06 -38.52 -40.24
N MET U 96 14.35 -38.83 -39.16
CA MET U 96 13.69 -40.13 -39.00
C MET U 96 12.46 -40.37 -39.88
N GLY U 97 12.03 -39.39 -40.65
CA GLY U 97 10.80 -39.53 -41.43
C GLY U 97 9.49 -39.36 -40.69
N VAL U 98 9.53 -38.85 -39.46
CA VAL U 98 8.30 -38.57 -38.72
C VAL U 98 7.45 -37.64 -39.60
N ASP U 99 6.14 -37.91 -39.69
CA ASP U 99 5.30 -37.20 -40.64
C ASP U 99 4.83 -35.81 -40.20
N TYR U 100 4.85 -35.55 -38.89
CA TYR U 100 4.43 -34.28 -38.30
C TYR U 100 5.08 -34.16 -36.95
N ILE U 101 5.67 -33.01 -36.69
CA ILE U 101 6.25 -32.74 -35.39
C ILE U 101 5.34 -31.82 -34.59
N ASP U 102 5.03 -32.26 -33.38
CA ASP U 102 4.33 -31.45 -32.40
C ASP U 102 5.41 -30.78 -31.52
N GLU U 103 5.59 -29.47 -31.72
CA GLU U 103 6.46 -28.67 -30.89
C GLU U 103 5.60 -28.39 -29.67
N SER U 104 5.83 -29.17 -28.62
CA SER U 104 4.83 -29.40 -27.61
C SER U 104 5.17 -28.86 -26.22
N GLU U 105 4.23 -28.10 -25.70
CA GLU U 105 4.34 -27.55 -24.37
C GLU U 105 4.18 -28.58 -23.27
N VAL U 106 3.74 -29.80 -23.59
CA VAL U 106 3.64 -30.78 -22.54
C VAL U 106 5.01 -31.48 -22.30
N LEU U 107 5.94 -31.37 -23.25
CA LEU U 107 7.32 -31.72 -22.98
C LEU U 107 7.93 -30.55 -22.21
N THR U 108 9.06 -30.79 -21.56
CA THR U 108 9.74 -29.72 -20.88
C THR U 108 10.40 -28.77 -21.89
N PRO U 109 9.97 -27.50 -21.90
CA PRO U 109 10.58 -26.58 -22.87
C PRO U 109 12.09 -26.52 -22.75
N ALA U 110 12.75 -26.59 -23.91
CA ALA U 110 14.18 -26.40 -24.02
C ALA U 110 14.53 -24.92 -24.17
N ASP U 111 13.64 -24.12 -24.75
CA ASP U 111 13.85 -22.67 -24.87
C ASP U 111 12.59 -22.00 -24.40
N GLU U 112 12.69 -21.24 -23.31
CA GLU U 112 11.54 -20.54 -22.75
C GLU U 112 11.29 -19.16 -23.37
N GLU U 113 12.16 -18.74 -24.30
CA GLU U 113 12.03 -17.43 -24.92
CA GLU U 113 12.03 -17.43 -24.93
C GLU U 113 11.68 -17.49 -26.40
N PHE U 114 12.18 -18.52 -27.09
CA PHE U 114 12.04 -18.63 -28.54
C PHE U 114 11.52 -20.01 -28.95
N HIS U 115 10.49 -20.04 -29.80
CA HIS U 115 10.04 -21.27 -30.42
C HIS U 115 10.89 -21.57 -31.64
N LEU U 116 10.70 -22.75 -32.21
CA LEU U 116 11.47 -23.15 -33.40
C LEU U 116 11.10 -22.31 -34.62
N ASN U 117 12.10 -21.98 -35.41
CA ASN U 117 11.89 -21.42 -36.73
C ASN U 117 11.47 -22.57 -37.66
N LYS U 118 10.19 -22.91 -37.59
CA LYS U 118 9.60 -24.05 -38.29
C LYS U 118 9.61 -23.84 -39.82
N ASN U 119 9.70 -22.58 -40.25
CA ASN U 119 9.72 -22.22 -41.66
C ASN U 119 10.88 -22.87 -42.41
N GLU U 120 11.98 -23.07 -41.71
CA GLU U 120 13.21 -23.63 -42.26
C GLU U 120 13.26 -25.14 -42.38
N TYR U 121 12.24 -25.84 -41.91
CA TYR U 121 12.20 -27.30 -41.96
C TYR U 121 11.42 -27.81 -43.17
N THR U 122 11.61 -29.07 -43.51
CA THR U 122 10.83 -29.69 -44.57
C THR U 122 9.59 -30.36 -44.01
N VAL U 123 9.76 -31.10 -42.92
CA VAL U 123 8.65 -31.73 -42.21
C VAL U 123 7.79 -30.64 -41.60
N PRO U 124 6.47 -30.81 -41.65
CA PRO U 124 5.60 -29.85 -40.99
C PRO U 124 5.43 -30.02 -39.47
N PHE U 125 4.91 -28.95 -38.84
CA PHE U 125 4.72 -28.86 -37.40
C PHE U 125 3.32 -28.48 -37.01
N VAL U 126 2.88 -29.09 -35.91
CA VAL U 126 1.67 -28.65 -35.23
C VAL U 126 2.10 -28.04 -33.90
N CYS U 127 1.43 -26.93 -33.54
CA CYS U 127 1.74 -26.20 -32.33
C CYS U 127 0.43 -25.94 -31.59
N GLY U 128 0.54 -25.74 -30.29
CA GLY U 128 -0.60 -25.43 -29.44
C GLY U 128 -0.93 -23.94 -29.40
N CYS U 129 -2.19 -23.61 -29.11
CA CYS U 129 -2.57 -22.23 -28.91
C CYS U 129 -3.78 -22.11 -28.00
N ARG U 130 -3.95 -20.92 -27.42
CA ARG U 130 -5.06 -20.61 -26.49
C ARG U 130 -5.93 -19.47 -27.02
N ASP U 131 -5.38 -18.69 -27.95
CA ASP U 131 -6.08 -17.56 -28.54
CA ASP U 131 -6.11 -17.59 -28.56
C ASP U 131 -5.55 -17.28 -29.93
N LEU U 132 -6.20 -16.38 -30.64
CA LEU U 132 -5.82 -16.05 -31.99
C LEU U 132 -4.43 -15.40 -32.07
N GLY U 133 -4.09 -14.47 -31.17
CA GLY U 133 -2.71 -13.91 -31.16
C GLY U 133 -1.64 -15.01 -31.18
N GLU U 134 -1.73 -15.91 -30.20
CA GLU U 134 -0.86 -17.06 -30.11
C GLU U 134 -0.84 -17.93 -31.35
N ALA U 135 -2.02 -18.21 -31.88
CA ALA U 135 -2.18 -18.95 -33.14
C ALA U 135 -1.42 -18.31 -34.30
N THR U 136 -1.61 -17.01 -34.49
CA THR U 136 -0.97 -16.33 -35.62
C THR U 136 0.55 -16.26 -35.41
N ARG U 137 1.02 -16.12 -34.16
CA ARG U 137 2.46 -16.14 -33.91
C ARG U 137 3.05 -17.48 -34.28
N ARG U 138 2.41 -18.58 -33.88
CA ARG U 138 2.94 -19.89 -34.26
C ARG U 138 2.95 -20.10 -35.79
N ILE U 139 1.89 -19.63 -36.45
CA ILE U 139 1.76 -19.77 -37.88
C ILE U 139 2.89 -18.99 -38.52
N ALA U 140 3.15 -17.78 -38.04
CA ALA U 140 4.20 -16.93 -38.62
C ALA U 140 5.58 -17.60 -38.49
N GLU U 141 5.79 -18.33 -37.40
CA GLU U 141 7.05 -19.03 -37.18
C GLU U 141 7.16 -20.24 -38.05
N GLY U 142 6.04 -20.64 -38.68
CA GLY U 142 6.02 -21.75 -39.65
C GLY U 142 5.14 -22.94 -39.32
N ALA U 143 4.30 -22.84 -38.28
CA ALA U 143 3.36 -23.93 -38.01
C ALA U 143 2.40 -24.12 -39.15
N SER U 144 2.16 -25.38 -39.49
CA SER U 144 1.29 -25.74 -40.61
C SER U 144 -0.03 -26.29 -40.12
N MET U 145 -0.13 -26.46 -38.81
CA MET U 145 -1.30 -27.03 -38.15
C MET U 145 -1.35 -26.49 -36.72
N LEU U 146 -2.56 -26.30 -36.20
CA LEU U 146 -2.76 -25.89 -34.81
C LEU U 146 -3.57 -26.90 -34.03
N ARG U 147 -3.38 -26.87 -32.72
CA ARG U 147 -4.27 -27.52 -31.77
C ARG U 147 -4.51 -26.64 -30.55
N THR U 148 -5.61 -26.88 -29.84
CA THR U 148 -5.84 -26.22 -28.54
C THR U 148 -4.79 -26.73 -27.58
N LYS U 149 -4.41 -25.92 -26.61
CA LYS U 149 -3.50 -26.45 -25.60
C LYS U 149 -4.28 -27.34 -24.65
N GLY U 150 -5.53 -26.99 -24.39
CA GLY U 150 -6.33 -27.79 -23.48
C GLY U 150 -5.63 -27.87 -22.14
N GLU U 151 -5.85 -28.97 -21.43
CA GLU U 151 -5.31 -29.15 -20.10
C GLU U 151 -4.77 -30.55 -20.05
N PRO U 152 -3.44 -30.68 -20.05
CA PRO U 152 -2.90 -32.02 -20.28
C PRO U 152 -3.12 -32.84 -19.02
N GLY U 153 -3.45 -34.10 -19.19
CA GLY U 153 -3.61 -35.05 -18.10
C GLY U 153 -4.56 -34.70 -16.99
N THR U 154 -5.72 -34.16 -17.32
CA THR U 154 -6.81 -34.06 -16.35
C THR U 154 -8.08 -34.77 -16.76
N GLY U 155 -8.30 -34.94 -18.06
CA GLY U 155 -9.57 -35.45 -18.56
C GLY U 155 -10.70 -34.43 -18.45
N ASN U 156 -10.36 -33.19 -18.15
CA ASN U 156 -11.30 -32.10 -18.09
C ASN U 156 -11.32 -31.37 -19.42
N ILE U 157 -12.42 -31.49 -20.14
CA ILE U 157 -12.58 -30.85 -21.46
C ILE U 157 -12.62 -29.29 -21.40
N VAL U 158 -12.76 -28.71 -20.21
CA VAL U 158 -12.99 -27.28 -20.09
C VAL U 158 -11.95 -26.41 -20.79
N GLU U 159 -10.69 -26.82 -20.85
CA GLU U 159 -9.71 -25.89 -21.39
C GLU U 159 -9.71 -25.97 -22.91
N ALA U 160 -9.85 -27.19 -23.46
CA ALA U 160 -10.04 -27.34 -24.89
C ALA U 160 -11.20 -26.49 -25.36
N VAL U 161 -12.31 -26.55 -24.60
CA VAL U 161 -13.49 -25.76 -24.92
C VAL U 161 -13.13 -24.29 -24.91
N ARG U 162 -12.44 -23.88 -23.85
CA ARG U 162 -12.11 -22.44 -23.69
C ARG U 162 -11.34 -21.94 -24.89
N HIS U 163 -10.32 -22.70 -25.28
CA HIS U 163 -9.37 -22.28 -26.33
C HIS U 163 -10.00 -22.35 -27.70
N MET U 164 -10.75 -23.42 -27.99
CA MET U 164 -11.46 -23.48 -29.28
C MET U 164 -12.48 -22.35 -29.42
N ARG U 165 -13.24 -22.07 -28.37
CA ARG U 165 -14.23 -21.02 -28.40
C ARG U 165 -13.56 -19.66 -28.57
N LYS U 166 -12.41 -19.46 -27.90
CA LYS U 166 -11.71 -18.17 -27.95
C LYS U 166 -11.18 -17.91 -29.36
N VAL U 167 -10.44 -18.84 -29.91
CA VAL U 167 -9.92 -18.69 -31.23
C VAL U 167 -11.06 -18.44 -32.23
N ASN U 168 -12.10 -19.28 -32.18
CA ASN U 168 -13.18 -19.16 -33.14
C ASN U 168 -13.89 -17.82 -32.99
N ALA U 169 -14.11 -17.37 -31.77
CA ALA U 169 -14.82 -16.12 -31.52
C ALA U 169 -13.96 -14.97 -32.01
N GLN U 170 -12.64 -15.05 -31.81
CA GLN U 170 -11.75 -13.99 -32.25
C GLN U 170 -11.68 -13.92 -33.77
N VAL U 171 -11.75 -15.08 -34.43
CA VAL U 171 -11.73 -15.10 -35.88
C VAL U 171 -13.01 -14.50 -36.44
N ARG U 172 -14.16 -14.89 -35.90
CA ARG U 172 -15.44 -14.30 -36.37
CA ARG U 172 -15.43 -14.31 -36.35
C ARG U 172 -15.39 -12.78 -36.25
N LYS U 173 -14.86 -12.26 -35.14
CA LYS U 173 -14.81 -10.79 -34.96
C LYS U 173 -13.90 -10.16 -36.02
N VAL U 174 -12.70 -10.71 -36.18
CA VAL U 174 -11.76 -10.25 -37.25
C VAL U 174 -12.40 -10.21 -38.63
N VAL U 175 -13.12 -11.26 -38.96
CA VAL U 175 -13.78 -11.35 -40.27
C VAL U 175 -14.83 -10.30 -40.46
N ALA U 176 -15.55 -10.00 -39.40
CA ALA U 176 -16.68 -9.07 -39.51
C ALA U 176 -16.27 -7.61 -39.31
N MET U 177 -15.09 -7.37 -38.76
CA MET U 177 -14.77 -6.00 -38.31
C MET U 177 -14.28 -5.09 -39.45
N SER U 178 -14.36 -3.78 -39.20
CA SER U 178 -13.95 -2.83 -40.21
C SER U 178 -12.43 -2.97 -40.41
N GLU U 179 -11.98 -3.02 -41.67
CA GLU U 179 -10.59 -3.26 -41.96
C GLU U 179 -9.67 -2.19 -41.36
N ASP U 180 -10.14 -0.94 -41.30
CA ASP U 180 -9.32 0.14 -40.74
C ASP U 180 -9.11 0.07 -39.21
N GLU U 181 -9.82 -0.87 -38.56
CA GLU U 181 -9.70 -1.14 -37.15
C GLU U 181 -8.80 -2.37 -36.87
N LEU U 182 -8.28 -3.01 -37.90
CA LEU U 182 -7.49 -4.22 -37.70
C LEU U 182 -6.09 -4.01 -37.08
N MET U 183 -5.41 -2.89 -37.34
CA MET U 183 -4.08 -2.72 -36.76
C MET U 183 -4.18 -2.67 -35.24
N THR U 184 -5.16 -1.92 -34.71
CA THR U 184 -5.40 -1.87 -33.26
C THR U 184 -5.71 -3.26 -32.71
N GLU U 185 -6.53 -4.03 -33.46
CA GLU U 185 -6.80 -5.41 -33.09
C GLU U 185 -5.50 -6.24 -33.07
N ALA U 186 -4.71 -6.16 -34.13
CA ALA U 186 -3.48 -6.89 -34.26
C ALA U 186 -2.54 -6.55 -33.10
N LYS U 187 -2.44 -5.28 -32.79
CA LYS U 187 -1.61 -4.85 -31.68
C LYS U 187 -2.10 -5.43 -30.35
N ASN U 188 -3.41 -5.36 -30.09
CA ASN U 188 -4.03 -5.91 -28.91
CA ASN U 188 -4.00 -5.92 -28.90
C ASN U 188 -3.74 -7.41 -28.77
N LEU U 189 -3.94 -8.15 -29.87
CA LEU U 189 -3.74 -9.62 -29.84
C LEU U 189 -2.27 -10.05 -29.85
N GLY U 190 -1.41 -9.14 -30.30
CA GLY U 190 -0.05 -9.51 -30.65
C GLY U 190 0.02 -10.38 -31.88
N ALA U 191 -0.85 -10.12 -32.86
CA ALA U 191 -0.91 -10.92 -34.06
C ALA U 191 -0.09 -10.21 -35.14
N PRO U 192 0.73 -10.97 -35.90
CA PRO U 192 1.25 -10.40 -37.15
C PRO U 192 0.13 -9.89 -38.06
N TYR U 193 0.26 -8.64 -38.45
CA TYR U 193 -0.78 -7.90 -39.09
C TYR U 193 -1.22 -8.52 -40.41
N GLU U 194 -0.26 -8.85 -41.28
CA GLU U 194 -0.61 -9.33 -42.63
C GLU U 194 -1.38 -10.65 -42.54
N LEU U 195 -1.03 -11.47 -41.55
CA LEU U 195 -1.69 -12.74 -41.28
C LEU U 195 -3.14 -12.47 -40.80
N LEU U 196 -3.30 -11.45 -39.96
CA LEU U 196 -4.61 -11.05 -39.52
C LEU U 196 -5.49 -10.56 -40.67
N LEU U 197 -4.92 -9.74 -41.54
CA LEU U 197 -5.65 -9.21 -42.66
C LEU U 197 -6.06 -10.34 -43.62
N GLN U 198 -5.18 -11.28 -43.86
CA GLN U 198 -5.49 -12.46 -44.68
C GLN U 198 -6.59 -13.34 -44.07
N ILE U 199 -6.66 -13.41 -42.75
CA ILE U 199 -7.77 -14.10 -42.07
C ILE U 199 -9.08 -13.41 -42.44
N LYS U 200 -9.10 -12.08 -42.37
CA LYS U 200 -10.30 -11.35 -42.70
C LYS U 200 -10.71 -11.63 -44.14
N LYS U 201 -9.75 -11.60 -45.04
CA LYS U 201 -10.02 -11.82 -46.44
C LYS U 201 -10.45 -13.25 -46.74
N ASP U 202 -9.80 -14.25 -46.15
CA ASP U 202 -10.13 -15.65 -46.41
C ASP U 202 -11.40 -16.05 -45.69
N GLY U 203 -11.75 -15.32 -44.64
CA GLY U 203 -12.88 -15.66 -43.80
C GLY U 203 -12.62 -16.80 -42.84
N LYS U 204 -11.34 -17.09 -42.56
CA LYS U 204 -10.97 -18.27 -41.78
C LYS U 204 -9.49 -18.32 -41.48
N LEU U 205 -9.12 -19.09 -40.47
CA LEU U 205 -7.70 -19.40 -40.23
C LEU U 205 -7.12 -20.08 -41.45
N PRO U 206 -5.81 -19.88 -41.70
CA PRO U 206 -5.21 -20.50 -42.90
C PRO U 206 -4.76 -21.96 -42.70
N VAL U 207 -4.79 -22.44 -41.46
CA VAL U 207 -4.37 -23.79 -41.13
C VAL U 207 -5.47 -24.49 -40.35
N VAL U 208 -5.40 -25.80 -40.37
CA VAL U 208 -6.27 -26.71 -39.62
C VAL U 208 -6.06 -26.53 -38.11
N ASN U 209 -7.12 -26.69 -37.32
CA ASN U 209 -7.10 -26.47 -35.85
C ASN U 209 -7.87 -27.59 -35.17
N PHE U 210 -7.13 -28.48 -34.50
CA PHE U 210 -7.68 -29.63 -33.84
C PHE U 210 -7.89 -29.29 -32.35
N ALA U 211 -8.77 -30.04 -31.73
CA ALA U 211 -8.97 -30.01 -30.30
C ALA U 211 -7.99 -31.00 -29.70
N ALA U 212 -7.38 -30.60 -28.59
CA ALA U 212 -6.47 -31.47 -27.84
C ALA U 212 -6.50 -31.11 -26.36
N GLY U 213 -6.17 -32.11 -25.55
CA GLY U 213 -5.96 -31.95 -24.12
C GLY U 213 -7.25 -31.92 -23.34
N GLY U 214 -7.82 -33.09 -23.09
CA GLY U 214 -8.95 -33.25 -22.16
C GLY U 214 -10.13 -34.03 -22.72
N VAL U 215 -10.01 -34.53 -23.94
CA VAL U 215 -11.03 -35.36 -24.55
C VAL U 215 -11.01 -36.72 -23.88
N ALA U 216 -11.99 -36.99 -23.01
CA ALA U 216 -12.04 -38.25 -22.25
C ALA U 216 -13.19 -39.20 -22.61
N THR U 217 -14.25 -38.69 -23.25
CA THR U 217 -15.42 -39.48 -23.56
C THR U 217 -15.85 -39.23 -24.99
N PRO U 218 -16.62 -40.15 -25.57
CA PRO U 218 -17.14 -39.84 -26.93
C PRO U 218 -17.93 -38.54 -27.02
N ALA U 219 -18.71 -38.18 -25.99
CA ALA U 219 -19.46 -36.91 -26.00
C ALA U 219 -18.51 -35.70 -26.08
N ASP U 220 -17.35 -35.79 -25.42
CA ASP U 220 -16.34 -34.74 -25.48
C ASP U 220 -15.81 -34.50 -26.88
N ALA U 221 -15.52 -35.60 -27.58
CA ALA U 221 -15.00 -35.58 -28.95
C ALA U 221 -15.99 -34.91 -29.90
N ALA U 222 -17.26 -35.34 -29.84
CA ALA U 222 -18.30 -34.73 -30.66
C ALA U 222 -18.50 -33.27 -30.31
N LEU U 223 -18.38 -32.93 -29.03
CA LEU U 223 -18.54 -31.56 -28.57
C LEU U 223 -17.51 -30.66 -29.29
N MET U 224 -16.27 -31.14 -29.37
CA MET U 224 -15.20 -30.38 -29.93
C MET U 224 -15.44 -30.11 -31.43
N MET U 225 -15.95 -31.11 -32.12
CA MET U 225 -16.32 -30.98 -33.52
C MET U 225 -17.49 -30.01 -33.64
N GLN U 226 -18.43 -30.10 -32.69
CA GLN U 226 -19.58 -29.21 -32.69
C GLN U 226 -19.18 -27.74 -32.53
N LEU U 227 -18.12 -27.49 -31.73
CA LEU U 227 -17.60 -26.14 -31.53
C LEU U 227 -16.64 -25.65 -32.63
N GLY U 228 -16.41 -26.46 -33.65
CA GLY U 228 -15.64 -26.04 -34.80
C GLY U 228 -14.28 -26.70 -34.95
N ALA U 229 -13.95 -27.69 -34.12
CA ALA U 229 -12.63 -28.31 -34.28
C ALA U 229 -12.54 -28.99 -35.66
N ASP U 230 -11.33 -29.11 -36.22
CA ASP U 230 -11.12 -29.82 -37.50
C ASP U 230 -10.86 -31.28 -37.27
N GLY U 231 -10.78 -31.68 -36.01
CA GLY U 231 -10.41 -33.03 -35.64
C GLY U 231 -9.96 -33.03 -34.20
N VAL U 232 -9.50 -34.20 -33.74
CA VAL U 232 -9.31 -34.48 -32.32
C VAL U 232 -8.03 -35.27 -32.02
N PHE U 233 -7.24 -34.78 -31.07
CA PHE U 233 -6.13 -35.56 -30.44
C PHE U 233 -6.65 -36.15 -29.17
N VAL U 234 -6.43 -37.43 -28.94
CA VAL U 234 -6.81 -38.05 -27.67
C VAL U 234 -5.61 -38.78 -27.09
N GLY U 235 -5.56 -38.85 -25.78
CA GLY U 235 -4.36 -39.33 -25.09
C GLY U 235 -4.36 -40.80 -24.76
N SER U 236 -3.39 -41.20 -23.94
CA SER U 236 -3.13 -42.59 -23.60
C SER U 236 -4.26 -43.20 -22.78
N GLY U 237 -5.20 -42.40 -22.31
CA GLY U 237 -6.37 -42.90 -21.59
C GLY U 237 -7.06 -44.06 -22.31
N ILE U 238 -7.11 -44.01 -23.63
CA ILE U 238 -7.75 -45.06 -24.42
C ILE U 238 -7.26 -46.43 -23.95
N PHE U 239 -5.94 -46.56 -23.79
CA PHE U 239 -5.32 -47.86 -23.47
C PHE U 239 -5.30 -48.18 -21.97
N LYS U 240 -5.73 -47.22 -21.15
CA LYS U 240 -6.02 -47.46 -19.73
C LYS U 240 -7.36 -48.15 -19.53
N SER U 241 -8.26 -48.05 -20.51
CA SER U 241 -9.62 -48.54 -20.33
C SER U 241 -9.70 -50.07 -20.35
N ASP U 242 -10.80 -50.61 -19.84
CA ASP U 242 -11.04 -52.06 -19.80
C ASP U 242 -11.01 -52.71 -21.19
N ASN U 243 -11.35 -51.91 -22.21
CA ASN U 243 -11.37 -52.37 -23.61
C ASN U 243 -10.87 -51.29 -24.58
N PRO U 244 -9.55 -51.07 -24.66
CA PRO U 244 -8.99 -50.03 -25.53
C PRO U 244 -9.56 -50.02 -26.95
N ALA U 245 -9.65 -51.18 -27.59
CA ALA U 245 -10.14 -51.22 -28.97
C ALA U 245 -11.56 -50.65 -29.08
N LYS U 246 -12.45 -51.02 -28.16
CA LYS U 246 -13.83 -50.57 -28.21
C LYS U 246 -13.91 -49.07 -27.89
N PHE U 247 -13.13 -48.64 -26.91
CA PHE U 247 -13.08 -47.23 -26.56
C PHE U 247 -12.55 -46.38 -27.73
N ALA U 248 -11.48 -46.85 -28.36
CA ALA U 248 -10.87 -46.15 -29.50
C ALA U 248 -11.87 -45.98 -30.64
N LYS U 249 -12.60 -47.05 -30.96
CA LYS U 249 -13.59 -46.99 -32.02
C LYS U 249 -14.72 -46.02 -31.75
N ALA U 250 -15.13 -45.97 -30.49
CA ALA U 250 -16.19 -45.10 -30.02
C ALA U 250 -15.82 -43.63 -30.24
N ILE U 251 -14.60 -43.26 -29.84
CA ILE U 251 -14.06 -41.91 -30.09
C ILE U 251 -14.02 -41.55 -31.60
N VAL U 252 -13.54 -42.46 -32.42
CA VAL U 252 -13.50 -42.23 -33.86
C VAL U 252 -14.93 -42.02 -34.40
N GLU U 253 -15.87 -42.83 -33.92
CA GLU U 253 -17.25 -42.78 -34.42
C GLU U 253 -17.98 -41.51 -34.03
N ALA U 254 -17.82 -41.10 -32.78
CA ALA U 254 -18.40 -39.85 -32.26
C ALA U 254 -17.82 -38.63 -32.95
N THR U 255 -16.55 -38.72 -33.31
CA THR U 255 -15.89 -37.63 -34.04
C THR U 255 -16.46 -37.52 -35.44
N THR U 256 -16.65 -38.67 -36.12
CA THR U 256 -17.27 -38.67 -37.45
C THR U 256 -18.73 -38.23 -37.43
N HIS U 257 -19.49 -38.82 -36.52
CA HIS U 257 -20.94 -38.59 -36.50
C HIS U 257 -21.29 -37.76 -35.28
N PHE U 258 -20.76 -36.54 -35.26
CA PHE U 258 -20.81 -35.70 -34.06
C PHE U 258 -22.17 -35.07 -33.73
N THR U 259 -23.15 -35.26 -34.62
CA THR U 259 -24.52 -34.85 -34.34
C THR U 259 -25.49 -36.02 -34.24
N ASP U 260 -25.00 -37.26 -34.28
CA ASP U 260 -25.85 -38.42 -34.09
C ASP U 260 -25.97 -38.80 -32.61
N TYR U 261 -26.97 -38.25 -31.96
CA TYR U 261 -27.05 -38.30 -30.50
C TYR U 261 -27.47 -39.69 -30.00
N LYS U 262 -28.30 -40.38 -30.75
CA LYS U 262 -28.65 -41.77 -30.39
C LYS U 262 -27.42 -42.67 -30.44
N LEU U 263 -26.65 -42.56 -31.51
CA LEU U 263 -25.38 -43.28 -31.61
C LEU U 263 -24.42 -42.94 -30.46
N ILE U 264 -24.22 -41.66 -30.23
CA ILE U 264 -23.28 -41.21 -29.18
C ILE U 264 -23.73 -41.77 -27.82
N ALA U 265 -25.04 -41.80 -27.58
CA ALA U 265 -25.59 -42.39 -26.37
C ALA U 265 -25.18 -43.85 -26.20
N GLU U 266 -25.30 -44.64 -27.27
CA GLU U 266 -24.78 -46.01 -27.25
C GLU U 266 -23.26 -46.03 -27.07
N LEU U 267 -22.55 -45.17 -27.78
CA LEU U 267 -21.09 -45.16 -27.65
C LEU U 267 -20.63 -44.77 -26.25
N SER U 268 -21.46 -44.05 -25.50
CA SER U 268 -21.07 -43.58 -24.19
C SER U 268 -21.20 -44.66 -23.10
N LYS U 269 -21.73 -45.84 -23.46
CA LYS U 269 -21.94 -46.92 -22.49
C LYS U 269 -20.74 -47.82 -22.27
N GLU U 270 -20.50 -48.17 -21.01
CA GLU U 270 -19.57 -49.25 -20.64
C GLU U 270 -18.14 -48.93 -21.13
N LEU U 271 -17.67 -47.75 -20.73
CA LEU U 271 -16.40 -47.20 -21.23
C LEU U 271 -15.12 -47.73 -20.52
N GLY U 272 -15.27 -48.52 -19.45
CA GLY U 272 -14.12 -49.03 -18.71
C GLY U 272 -13.59 -47.98 -17.75
N MET V 1 -29.69 -28.97 -62.67
CA MET V 1 -28.32 -28.72 -62.12
C MET V 1 -27.75 -29.98 -61.47
N LEU V 2 -26.43 -30.17 -61.63
CA LEU V 2 -25.77 -31.37 -61.08
C LEU V 2 -25.66 -31.25 -59.58
N THR V 3 -25.90 -32.36 -58.88
CA THR V 3 -25.51 -32.48 -57.49
C THR V 3 -24.50 -33.62 -57.32
N ILE V 4 -23.33 -33.28 -56.79
CA ILE V 4 -22.25 -34.23 -56.67
C ILE V 4 -21.96 -34.41 -55.20
N GLY V 5 -22.03 -35.64 -54.73
CA GLY V 5 -21.73 -35.96 -53.36
C GLY V 5 -20.24 -36.01 -53.15
N VAL V 6 -19.82 -35.73 -51.91
CA VAL V 6 -18.45 -36.00 -51.47
C VAL V 6 -18.59 -36.89 -50.25
N LEU V 7 -17.95 -38.06 -50.28
CA LEU V 7 -18.01 -38.95 -49.11
C LEU V 7 -17.37 -38.21 -47.95
N GLY V 8 -18.18 -37.95 -46.93
CA GLY V 8 -17.81 -37.07 -45.84
C GLY V 8 -17.40 -37.77 -44.57
N LEU V 9 -17.00 -39.04 -44.66
CA LEU V 9 -16.65 -39.77 -43.44
C LEU V 9 -15.36 -39.25 -42.80
N GLN V 10 -14.38 -38.92 -43.65
CA GLN V 10 -13.12 -38.36 -43.20
C GLN V 10 -12.39 -37.77 -44.38
N GLY V 11 -11.59 -36.74 -44.12
CA GLY V 11 -10.63 -36.24 -45.09
C GLY V 11 -10.78 -34.78 -45.50
N ALA V 12 -10.23 -34.46 -46.66
CA ALA V 12 -10.30 -33.09 -47.16
C ALA V 12 -11.60 -32.93 -47.92
N VAL V 13 -12.72 -32.86 -47.17
CA VAL V 13 -14.07 -32.87 -47.75
C VAL V 13 -14.44 -31.51 -48.29
N ARG V 14 -14.28 -30.45 -47.48
CA ARG V 14 -14.69 -29.11 -47.91
C ARG V 14 -13.95 -28.63 -49.16
N GLU V 15 -12.69 -29.05 -49.30
CA GLU V 15 -11.89 -28.73 -50.48
C GLU V 15 -12.58 -29.19 -51.78
N HIS V 16 -13.05 -30.44 -51.81
CA HIS V 16 -13.78 -30.94 -53.00
C HIS V 16 -15.12 -30.26 -53.20
N ILE V 17 -15.78 -29.92 -52.09
CA ILE V 17 -17.05 -29.22 -52.16
C ILE V 17 -16.85 -27.84 -52.74
N HIS V 18 -15.80 -27.17 -52.32
CA HIS V 18 -15.45 -25.88 -52.88
C HIS V 18 -15.27 -25.97 -54.41
N ALA V 19 -14.53 -26.98 -54.85
CA ALA V 19 -14.21 -27.17 -56.28
C ALA V 19 -15.43 -27.55 -57.13
N ILE V 20 -16.29 -28.40 -56.56
CA ILE V 20 -17.57 -28.74 -57.20
C ILE V 20 -18.38 -27.48 -57.47
N GLU V 21 -18.53 -26.67 -56.42
CA GLU V 21 -19.27 -25.40 -56.51
C GLU V 21 -18.63 -24.45 -57.48
N ALA V 22 -17.29 -24.45 -57.52
CA ALA V 22 -16.55 -23.62 -58.44
C ALA V 22 -16.90 -23.98 -59.87
N CYS V 23 -17.14 -25.27 -60.11
CA CYS V 23 -17.50 -25.80 -61.41
C CYS V 23 -18.99 -25.68 -61.75
N GLY V 24 -19.77 -25.08 -60.84
CA GLY V 24 -21.17 -24.76 -61.11
C GLY V 24 -22.17 -25.82 -60.69
N ALA V 25 -21.71 -26.92 -60.10
CA ALA V 25 -22.63 -27.91 -59.54
C ALA V 25 -22.95 -27.59 -58.09
N ALA V 26 -24.06 -28.14 -57.61
CA ALA V 26 -24.33 -28.23 -56.18
C ALA V 26 -23.46 -29.34 -55.62
N GLY V 27 -22.97 -29.15 -54.41
CA GLY V 27 -22.14 -30.15 -53.74
C GLY V 27 -22.83 -30.56 -52.47
N LEU V 28 -22.72 -31.85 -52.12
CA LEU V 28 -23.38 -32.39 -50.93
C LEU V 28 -22.42 -33.32 -50.19
N VAL V 29 -22.32 -33.11 -48.88
CA VAL V 29 -21.50 -33.96 -48.04
C VAL V 29 -22.32 -35.21 -47.67
N VAL V 30 -21.83 -36.37 -48.10
CA VAL V 30 -22.46 -37.65 -47.87
C VAL V 30 -21.88 -38.34 -46.63
N LYS V 31 -22.65 -38.34 -45.55
CA LYS V 31 -22.30 -39.05 -44.31
C LYS V 31 -23.11 -40.32 -44.10
N ARG V 32 -24.21 -40.47 -44.85
CA ARG V 32 -25.12 -41.62 -44.73
C ARG V 32 -25.48 -42.22 -46.08
N PRO V 33 -25.53 -43.56 -46.16
CA PRO V 33 -25.89 -44.25 -47.41
C PRO V 33 -27.13 -43.68 -48.10
N GLU V 34 -28.21 -43.46 -47.34
CA GLU V 34 -29.45 -42.85 -47.86
C GLU V 34 -29.19 -41.66 -48.81
N GLN V 35 -28.18 -40.85 -48.49
CA GLN V 35 -27.82 -39.65 -49.27
C GLN V 35 -27.20 -39.94 -50.64
N LEU V 36 -26.75 -41.17 -50.85
CA LEU V 36 -26.24 -41.61 -52.16
C LEU V 36 -27.33 -41.54 -53.25
N ASN V 37 -28.59 -41.61 -52.81
CA ASN V 37 -29.75 -41.47 -53.70
C ASN V 37 -30.11 -40.03 -54.01
N GLU V 38 -29.34 -39.09 -53.47
CA GLU V 38 -29.61 -37.66 -53.68
C GLU V 38 -28.62 -36.99 -54.61
N VAL V 39 -27.63 -37.75 -55.08
CA VAL V 39 -26.54 -37.18 -55.91
C VAL V 39 -26.37 -37.92 -57.25
N ASP V 40 -25.79 -37.20 -58.20
CA ASP V 40 -25.60 -37.66 -59.57
C ASP V 40 -24.21 -38.26 -59.79
N GLY V 41 -23.25 -37.87 -58.96
CA GLY V 41 -21.92 -38.49 -58.91
C GLY V 41 -21.36 -38.41 -57.49
N LEU V 42 -20.27 -39.14 -57.23
CA LEU V 42 -19.65 -39.13 -55.90
C LEU V 42 -18.14 -38.92 -55.98
N ILE V 43 -17.61 -38.07 -55.11
CA ILE V 43 -16.16 -37.92 -54.94
C ILE V 43 -15.72 -38.60 -53.64
N LEU V 44 -14.74 -39.48 -53.77
CA LEU V 44 -14.06 -40.11 -52.65
C LEU V 44 -12.79 -39.27 -52.44
N PRO V 45 -12.72 -38.56 -51.30
CA PRO V 45 -11.67 -37.56 -51.08
C PRO V 45 -10.32 -38.11 -50.63
N GLY V 46 -9.34 -37.22 -50.52
CA GLY V 46 -8.06 -37.56 -49.90
C GLY V 46 -8.29 -37.63 -48.41
N GLY V 47 -7.40 -38.33 -47.70
CA GLY V 47 -7.55 -38.56 -46.27
C GLY V 47 -6.79 -39.83 -45.95
N GLU V 48 -7.32 -40.68 -45.07
CA GLU V 48 -6.70 -41.96 -44.79
C GLU V 48 -7.59 -43.13 -45.26
N SER V 49 -7.09 -43.91 -46.22
CA SER V 49 -7.87 -44.97 -46.81
C SER V 49 -8.35 -45.94 -45.75
N THR V 50 -7.54 -46.16 -44.73
CA THR V 50 -7.84 -47.14 -43.70
C THR V 50 -8.95 -46.67 -42.80
N THR V 51 -8.93 -45.38 -42.45
CA THR V 51 -10.00 -44.76 -41.68
C THR V 51 -11.31 -44.85 -42.47
N MET V 52 -11.28 -44.42 -43.72
CA MET V 52 -12.47 -44.46 -44.56
C MET V 52 -13.01 -45.90 -44.74
N ARG V 53 -12.11 -46.88 -44.88
CA ARG V 53 -12.55 -48.27 -45.03
C ARG V 53 -13.29 -48.68 -43.76
N ARG V 54 -12.69 -48.39 -42.62
CA ARG V 54 -13.25 -48.81 -41.32
CA ARG V 54 -13.24 -48.75 -41.31
C ARG V 54 -14.64 -48.18 -41.09
N LEU V 55 -14.78 -46.91 -41.47
CA LEU V 55 -16.06 -46.19 -41.34
C LEU V 55 -17.04 -46.70 -42.41
N ILE V 56 -16.52 -47.04 -43.59
CA ILE V 56 -17.38 -47.64 -44.61
C ILE V 56 -17.97 -48.95 -44.09
N ASP V 57 -17.12 -49.81 -43.53
CA ASP V 57 -17.58 -51.08 -42.96
C ASP V 57 -18.56 -50.88 -41.84
N THR V 58 -18.24 -49.95 -40.93
CA THR V 58 -19.05 -49.79 -39.74
C THR V 58 -20.44 -49.29 -40.10
N TYR V 59 -20.50 -48.31 -40.99
CA TYR V 59 -21.77 -47.70 -41.38
C TYR V 59 -22.38 -48.34 -42.64
N GLN V 60 -22.04 -49.60 -42.86
CA GLN V 60 -22.53 -50.44 -43.96
C GLN V 60 -22.66 -49.73 -45.33
N PHE V 61 -21.55 -49.14 -45.77
CA PHE V 61 -21.51 -48.37 -47.02
C PHE V 61 -21.10 -49.17 -48.27
N MET V 62 -20.47 -50.35 -48.12
CA MET V 62 -19.86 -51.02 -49.29
C MET V 62 -20.85 -51.32 -50.38
N GLU V 63 -21.92 -52.02 -50.00
CA GLU V 63 -22.98 -52.41 -50.93
C GLU V 63 -23.68 -51.21 -51.58
N PRO V 64 -24.18 -50.25 -50.76
CA PRO V 64 -24.73 -49.04 -51.37
C PRO V 64 -23.77 -48.31 -52.32
N LEU V 65 -22.46 -48.41 -52.05
CA LEU V 65 -21.47 -47.81 -52.93
C LEU V 65 -21.37 -48.62 -54.22
N ARG V 66 -21.29 -49.95 -54.08
CA ARG V 66 -21.32 -50.86 -55.23
C ARG V 66 -22.58 -50.65 -56.08
N GLU V 67 -23.70 -50.46 -55.38
CA GLU V 67 -25.02 -50.23 -56.00
C GLU V 67 -25.01 -48.94 -56.80
N PHE V 68 -24.54 -47.87 -56.15
CA PHE V 68 -24.32 -46.56 -56.78
C PHE V 68 -23.57 -46.72 -58.10
N ALA V 69 -22.50 -47.52 -58.06
CA ALA V 69 -21.69 -47.79 -59.25
C ALA V 69 -22.51 -48.57 -60.29
N ALA V 70 -23.18 -49.65 -59.84
CA ALA V 70 -24.03 -50.47 -60.72
C ALA V 70 -25.07 -49.64 -61.51
N GLN V 71 -25.50 -48.52 -60.94
CA GLN V 71 -26.43 -47.61 -61.62
C GLN V 71 -25.72 -46.69 -62.63
N GLY V 72 -24.40 -46.79 -62.73
CA GLY V 72 -23.62 -46.00 -63.67
C GLY V 72 -23.29 -44.58 -63.21
N LYS V 73 -23.52 -44.29 -61.94
CA LYS V 73 -23.19 -42.94 -61.44
C LYS V 73 -21.68 -42.81 -61.34
N PRO V 74 -21.12 -41.74 -61.94
CA PRO V 74 -19.68 -41.55 -61.85
C PRO V 74 -19.14 -41.46 -60.44
N MET V 75 -17.87 -41.84 -60.30
CA MET V 75 -17.13 -41.79 -59.04
C MET V 75 -15.70 -41.34 -59.31
N PHE V 76 -15.22 -40.45 -58.45
CA PHE V 76 -13.93 -39.78 -58.56
C PHE V 76 -13.15 -40.02 -57.27
N GLY V 77 -12.05 -40.76 -57.34
CA GLY V 77 -11.23 -41.10 -56.18
C GLY V 77 -9.86 -40.43 -56.18
N THR V 78 -9.66 -39.45 -55.28
CA THR V 78 -8.39 -38.72 -55.18
C THR V 78 -7.53 -39.23 -54.04
N CYS V 79 -6.46 -39.95 -54.41
CA CYS V 79 -5.43 -40.43 -53.49
C CYS V 79 -6.00 -41.52 -52.56
N ALA V 80 -6.45 -41.14 -51.35
CA ALA V 80 -7.16 -42.12 -50.52
C ALA V 80 -8.37 -42.71 -51.26
N GLY V 81 -9.08 -41.87 -52.02
CA GLY V 81 -10.21 -42.32 -52.81
C GLY V 81 -9.81 -43.22 -53.96
N LEU V 82 -8.67 -42.91 -54.59
CA LEU V 82 -8.10 -43.79 -55.61
C LEU V 82 -7.90 -45.16 -54.98
N ILE V 83 -7.34 -45.16 -53.77
CA ILE V 83 -7.05 -46.40 -53.08
C ILE V 83 -8.35 -47.16 -52.80
N ILE V 84 -9.40 -46.43 -52.46
CA ILE V 84 -10.68 -47.06 -52.14
C ILE V 84 -11.25 -47.69 -53.41
N LEU V 85 -11.13 -46.97 -54.53
CA LEU V 85 -11.61 -47.45 -55.83
C LEU V 85 -10.84 -48.66 -56.38
N ALA V 86 -9.56 -48.78 -56.00
CA ALA V 86 -8.64 -49.75 -56.62
C ALA V 86 -9.15 -51.18 -56.59
N LYS V 87 -9.00 -51.89 -57.72
CA LYS V 87 -9.24 -53.32 -57.75
C LYS V 87 -8.28 -54.04 -56.82
N GLU V 88 -7.02 -53.57 -56.78
CA GLU V 88 -5.96 -54.25 -56.04
C GLU V 88 -5.04 -53.26 -55.32
N ILE V 89 -4.55 -53.68 -54.15
CA ILE V 89 -3.53 -52.93 -53.42
C ILE V 89 -2.35 -53.85 -53.13
N ALA V 90 -1.16 -53.48 -53.61
CA ALA V 90 0.05 -54.29 -53.38
C ALA V 90 0.24 -54.60 -51.89
N GLY V 91 0.50 -55.87 -51.58
CA GLY V 91 0.73 -56.30 -50.20
C GLY V 91 -0.47 -56.43 -49.27
N SER V 92 -1.68 -56.49 -49.84
CA SER V 92 -2.89 -56.70 -49.03
C SER V 92 -3.91 -57.59 -49.73
N ASP V 93 -4.53 -58.48 -48.95
CA ASP V 93 -5.59 -59.34 -49.44
C ASP V 93 -6.94 -58.65 -49.39
N ASN V 94 -6.97 -57.42 -48.90
CA ASN V 94 -8.22 -56.80 -48.51
C ASN V 94 -8.46 -55.50 -49.26
N PRO V 95 -8.75 -55.59 -50.58
CA PRO V 95 -9.08 -54.40 -51.34
C PRO V 95 -10.44 -53.85 -50.94
N HIS V 96 -10.77 -52.66 -51.41
CA HIS V 96 -11.97 -51.95 -50.97
C HIS V 96 -13.16 -52.14 -51.91
N LEU V 97 -13.46 -51.13 -52.72
CA LEU V 97 -14.57 -51.18 -53.67
C LEU V 97 -14.25 -51.99 -54.90
N GLY V 98 -12.96 -52.15 -55.21
CA GLY V 98 -12.52 -53.03 -56.30
C GLY V 98 -13.04 -52.71 -57.70
N LEU V 99 -13.36 -51.44 -57.95
CA LEU V 99 -14.12 -51.02 -59.15
C LEU V 99 -13.28 -50.47 -60.29
N LEU V 100 -12.11 -49.92 -59.98
CA LEU V 100 -11.24 -49.33 -61.00
C LEU V 100 -10.12 -50.31 -61.27
N ASN V 101 -9.98 -50.74 -62.53
CA ASN V 101 -9.09 -51.85 -62.90
C ASN V 101 -7.59 -51.47 -62.84
N VAL V 102 -7.13 -51.13 -61.63
CA VAL V 102 -5.74 -50.76 -61.39
C VAL V 102 -5.19 -51.48 -60.16
N VAL V 103 -3.87 -51.71 -60.16
CA VAL V 103 -3.16 -52.15 -58.97
C VAL V 103 -2.52 -50.90 -58.40
N VAL V 104 -2.67 -50.71 -57.09
CA VAL V 104 -2.14 -49.56 -56.42
C VAL V 104 -1.17 -49.97 -55.33
N GLU V 105 -0.13 -49.17 -55.17
CA GLU V 105 0.80 -49.30 -54.06
C GLU V 105 0.68 -48.02 -53.23
N ARG V 106 0.35 -48.17 -51.96
CA ARG V 106 0.20 -47.04 -51.08
C ARG V 106 1.55 -46.59 -50.58
N ASN V 107 1.63 -45.29 -50.26
CA ASN V 107 2.77 -44.70 -49.58
C ASN V 107 4.08 -45.00 -50.27
N SER V 108 4.07 -44.90 -51.60
CA SER V 108 5.17 -45.37 -52.42
C SER V 108 6.28 -44.35 -52.64
N PHE V 109 6.04 -43.09 -52.30
CA PHE V 109 7.07 -42.07 -52.41
C PHE V 109 7.82 -41.89 -51.10
N GLY V 110 7.36 -42.57 -50.05
CA GLY V 110 8.03 -42.54 -48.75
C GLY V 110 7.07 -42.06 -47.69
N ARG V 111 7.41 -40.93 -47.06
CA ARG V 111 6.62 -40.40 -45.95
C ARG V 111 6.31 -38.90 -46.19
N GLN V 112 5.83 -38.19 -45.18
CA GLN V 112 5.43 -36.81 -45.45
C GLN V 112 6.58 -35.93 -45.90
N VAL V 113 7.77 -36.15 -45.35
CA VAL V 113 8.95 -35.40 -45.79
C VAL V 113 9.14 -35.47 -47.32
N ASP V 114 8.68 -36.56 -47.93
CA ASP V 114 8.78 -36.77 -49.38
C ASP V 114 7.60 -36.25 -50.17
N SER V 115 6.55 -35.77 -49.51
CA SER V 115 5.41 -35.20 -50.25
C SER V 115 5.91 -34.02 -51.09
N PHE V 116 5.30 -33.87 -52.27
CA PHE V 116 5.85 -33.02 -53.30
C PHE V 116 4.79 -32.40 -54.22
N GLU V 117 5.22 -31.38 -54.94
CA GLU V 117 4.48 -30.75 -56.02
C GLU V 117 5.26 -30.98 -57.30
N ALA V 118 4.55 -31.25 -58.41
CA ALA V 118 5.13 -31.44 -59.74
C ALA V 118 4.09 -31.07 -60.80
N ASP V 119 4.50 -30.34 -61.83
CA ASP V 119 3.62 -30.01 -62.93
C ASP V 119 3.38 -31.29 -63.73
N LEU V 120 2.11 -31.53 -64.05
CA LEU V 120 1.66 -32.74 -64.72
C LEU V 120 1.01 -32.39 -66.05
N THR V 121 1.27 -33.20 -67.07
CA THR V 121 0.50 -33.10 -68.32
C THR V 121 -0.63 -34.11 -68.24
N ILE V 122 -1.87 -33.64 -68.37
CA ILE V 122 -3.04 -34.50 -68.20
C ILE V 122 -3.87 -34.44 -69.47
N LYS V 123 -4.32 -35.61 -69.93
CA LYS V 123 -5.13 -35.70 -71.14
C LYS V 123 -6.43 -34.90 -70.97
N GLY V 124 -6.57 -33.83 -71.75
CA GLY V 124 -7.78 -33.00 -71.72
C GLY V 124 -7.54 -31.67 -71.06
N LEU V 125 -6.47 -31.59 -70.29
CA LEU V 125 -5.93 -30.33 -69.82
C LEU V 125 -4.93 -29.92 -70.90
N ASP V 126 -4.85 -28.62 -71.18
CA ASP V 126 -3.87 -28.14 -72.18
C ASP V 126 -2.65 -27.54 -71.50
N GLU V 127 -2.80 -26.44 -70.77
CA GLU V 127 -1.68 -26.00 -69.95
C GLU V 127 -1.50 -27.02 -68.81
N PRO V 128 -0.29 -27.14 -68.27
CA PRO V 128 -0.02 -28.18 -67.27
C PRO V 128 -0.71 -27.96 -65.92
N PHE V 129 -0.88 -29.04 -65.18
CA PHE V 129 -1.55 -29.02 -63.88
C PHE V 129 -0.55 -29.30 -62.76
N THR V 130 -0.55 -28.44 -61.76
CA THR V 130 0.31 -28.64 -60.59
C THR V 130 -0.25 -29.74 -59.71
N GLY V 131 0.42 -30.88 -59.71
CA GLY V 131 0.06 -32.04 -58.90
C GLY V 131 0.62 -31.92 -57.51
N VAL V 132 -0.25 -32.06 -56.51
CA VAL V 132 0.17 -32.01 -55.10
C VAL V 132 0.03 -33.40 -54.54
N PHE V 133 1.17 -34.01 -54.24
CA PHE V 133 1.26 -35.43 -53.89
C PHE V 133 1.56 -35.61 -52.40
N ILE V 134 0.52 -35.89 -51.64
CA ILE V 134 0.59 -35.97 -50.19
C ILE V 134 0.56 -37.44 -49.75
N ARG V 135 1.71 -37.95 -49.32
CA ARG V 135 1.83 -39.35 -48.94
C ARG V 135 1.04 -40.20 -49.93
N ALA V 136 1.33 -39.96 -51.21
CA ALA V 136 0.54 -40.49 -52.31
C ALA V 136 0.94 -41.92 -52.63
N PRO V 137 0.03 -42.68 -53.26
CA PRO V 137 0.35 -43.99 -53.83
C PRO V 137 0.78 -43.84 -55.27
N HIS V 138 1.23 -44.92 -55.90
CA HIS V 138 1.09 -44.96 -57.37
C HIS V 138 0.30 -46.15 -57.88
N ILE V 139 -0.13 -46.00 -59.12
CA ILE V 139 -0.81 -47.04 -59.87
C ILE V 139 0.30 -47.87 -60.53
N LEU V 140 0.53 -49.06 -59.99
CA LEU V 140 1.56 -49.99 -60.50
C LEU V 140 1.23 -50.50 -61.88
N GLU V 141 -0.02 -50.89 -62.09
CA GLU V 141 -0.49 -51.26 -63.41
C GLU V 141 -1.97 -50.93 -63.58
N ALA V 142 -2.38 -50.80 -64.85
CA ALA V 142 -3.75 -50.46 -65.23
C ALA V 142 -4.22 -51.38 -66.36
N GLY V 143 -5.46 -51.85 -66.27
CA GLY V 143 -6.05 -52.71 -67.29
C GLY V 143 -6.23 -52.05 -68.64
N GLU V 144 -6.46 -52.86 -69.67
CA GLU V 144 -6.67 -52.38 -71.03
C GLU V 144 -7.96 -51.57 -71.17
N ASN V 145 -8.93 -51.84 -70.30
CA ASN V 145 -10.13 -51.02 -70.16
C ASN V 145 -9.87 -49.65 -69.51
N VAL V 146 -8.64 -49.41 -69.03
CA VAL V 146 -8.29 -48.16 -68.36
C VAL V 146 -7.52 -47.20 -69.26
N GLU V 147 -8.07 -46.00 -69.44
CA GLU V 147 -7.40 -44.92 -70.15
C GLU V 147 -6.49 -44.14 -69.19
N VAL V 148 -5.21 -44.05 -69.55
CA VAL V 148 -4.21 -43.33 -68.78
C VAL V 148 -4.22 -41.85 -69.15
N LEU V 149 -4.52 -40.99 -68.18
CA LEU V 149 -4.65 -39.55 -68.44
C LEU V 149 -3.37 -38.78 -68.10
N SER V 150 -2.54 -39.34 -67.22
CA SER V 150 -1.32 -38.66 -66.81
C SER V 150 -0.26 -39.64 -66.27
N GLU V 151 1.00 -39.31 -66.56
CA GLU V 151 2.14 -40.04 -66.01
C GLU V 151 3.13 -39.03 -65.43
N HIS V 152 3.88 -39.47 -64.44
CA HIS V 152 4.94 -38.63 -63.88
C HIS V 152 6.15 -39.48 -63.59
N ASN V 153 7.29 -39.10 -64.20
CA ASN V 153 8.52 -39.88 -64.12
C ASN V 153 8.27 -41.37 -64.33
N GLY V 154 7.54 -41.68 -65.39
CA GLY V 154 7.33 -43.07 -65.79
C GLY V 154 6.08 -43.71 -65.23
N ARG V 155 5.70 -43.34 -64.01
CA ARG V 155 4.60 -43.96 -63.27
C ARG V 155 3.24 -43.32 -63.59
N ILE V 156 2.17 -44.13 -63.59
CA ILE V 156 0.82 -43.62 -63.81
C ILE V 156 0.30 -42.90 -62.56
N VAL V 157 -0.35 -41.76 -62.78
CA VAL V 157 -0.84 -40.88 -61.68
C VAL V 157 -2.29 -40.39 -61.86
N ALA V 158 -2.87 -40.60 -63.04
CA ALA V 158 -4.27 -40.29 -63.29
C ALA V 158 -4.83 -41.24 -64.36
N ALA V 159 -6.08 -41.68 -64.13
CA ALA V 159 -6.68 -42.73 -64.95
C ALA V 159 -8.20 -42.61 -64.96
N LYS V 160 -8.79 -43.01 -66.09
CA LYS V 160 -10.24 -42.99 -66.29
C LYS V 160 -10.68 -44.33 -66.93
N GLN V 161 -11.81 -44.85 -66.47
CA GLN V 161 -12.34 -46.17 -66.87
C GLN V 161 -13.86 -46.07 -66.82
N GLY V 162 -14.45 -45.64 -67.93
CA GLY V 162 -15.88 -45.41 -68.02
C GLY V 162 -16.35 -44.30 -67.10
N GLN V 163 -17.14 -44.68 -66.10
CA GLN V 163 -17.70 -43.73 -65.12
C GLN V 163 -16.71 -43.36 -64.03
N PHE V 164 -15.57 -44.04 -64.01
CA PHE V 164 -14.61 -43.90 -62.92
C PHE V 164 -13.46 -42.95 -63.27
N LEU V 165 -13.09 -42.13 -62.29
CA LEU V 165 -11.91 -41.25 -62.40
C LEU V 165 -11.09 -41.41 -61.13
N GLY V 166 -9.78 -41.55 -61.31
CA GLY V 166 -8.88 -41.79 -60.22
C GLY V 166 -7.56 -41.07 -60.45
N CYS V 167 -7.12 -40.33 -59.45
CA CYS V 167 -5.77 -39.80 -59.50
C CYS V 167 -5.05 -40.00 -58.18
N SER V 168 -3.72 -40.01 -58.26
CA SER V 168 -2.88 -40.31 -57.13
C SER V 168 -2.44 -39.03 -56.38
N PHE V 169 -2.78 -37.88 -56.94
CA PHE V 169 -2.55 -36.57 -56.30
C PHE V 169 -3.89 -35.95 -55.85
N ASN V 170 -3.80 -34.77 -55.25
CA ASN V 170 -4.96 -34.06 -54.71
C ASN V 170 -5.17 -32.72 -55.42
N PRO V 171 -5.97 -32.75 -56.51
CA PRO V 171 -6.22 -31.52 -57.27
C PRO V 171 -6.92 -30.45 -56.46
N GLU V 172 -7.70 -30.92 -55.48
CA GLU V 172 -8.54 -30.03 -54.70
C GLU V 172 -7.75 -29.21 -53.66
N LEU V 173 -6.45 -29.50 -53.49
CA LEU V 173 -5.55 -28.65 -52.68
C LEU V 173 -5.00 -27.44 -53.47
N THR V 174 -5.39 -27.31 -54.74
CA THR V 174 -5.02 -26.16 -55.57
C THR V 174 -6.28 -25.35 -55.92
N GLU V 175 -6.09 -24.14 -56.43
CA GLU V 175 -7.20 -23.36 -57.00
C GLU V 175 -7.45 -23.65 -58.50
N ASP V 176 -6.75 -24.64 -59.05
CA ASP V 176 -7.01 -25.12 -60.40
C ASP V 176 -8.11 -26.19 -60.43
N HIS V 177 -9.27 -25.84 -60.96
CA HIS V 177 -10.44 -26.73 -60.86
C HIS V 177 -10.68 -27.62 -62.09
N ARG V 178 -9.76 -27.60 -63.05
CA ARG V 178 -9.98 -28.31 -64.31
C ARG V 178 -10.08 -29.82 -64.16
N VAL V 179 -9.43 -30.41 -63.15
CA VAL V 179 -9.57 -31.86 -62.97
C VAL V 179 -10.98 -32.17 -62.47
N THR V 180 -11.46 -31.36 -61.54
CA THR V 180 -12.81 -31.50 -61.03
C THR V 180 -13.81 -31.28 -62.16
N GLN V 181 -13.51 -30.31 -63.03
CA GLN V 181 -14.34 -30.00 -64.19
C GLN V 181 -14.48 -31.19 -65.17
N LEU V 182 -13.39 -31.94 -65.35
CA LEU V 182 -13.45 -33.18 -66.13
C LEU V 182 -14.44 -34.14 -65.51
N PHE V 183 -14.45 -34.25 -64.18
CA PHE V 183 -15.42 -35.12 -63.49
C PHE V 183 -16.85 -34.60 -63.59
N VAL V 184 -17.01 -33.28 -63.53
CA VAL V 184 -18.34 -32.69 -63.64
C VAL V 184 -18.95 -32.97 -65.02
N GLU V 185 -18.11 -33.06 -66.04
CA GLU V 185 -18.58 -33.38 -67.39
C GLU V 185 -18.91 -34.88 -67.55
N MET V 186 -18.19 -35.75 -66.86
CA MET V 186 -18.53 -37.17 -66.80
C MET V 186 -19.90 -37.34 -66.17
N VAL V 187 -20.16 -36.56 -65.12
CA VAL V 187 -21.45 -36.60 -64.44
C VAL V 187 -22.53 -36.00 -65.34
N GLU V 188 -22.19 -34.93 -66.04
CA GLU V 188 -23.10 -34.31 -66.99
C GLU V 188 -23.39 -35.30 -68.11
N GLU V 189 -22.40 -36.12 -68.46
CA GLU V 189 -22.55 -37.17 -69.47
C GLU V 189 -23.49 -38.28 -69.00
N TYR V 190 -23.32 -38.74 -67.76
CA TYR V 190 -24.22 -39.75 -67.17
C TYR V 190 -25.68 -39.25 -67.14
N LYS V 191 -25.83 -38.04 -66.59
CA LYS V 191 -27.13 -37.38 -66.42
C LYS V 191 -27.93 -37.33 -67.72
N GLN V 192 -27.28 -36.90 -68.80
CA GLN V 192 -27.89 -36.84 -70.12
C GLN V 192 -27.76 -38.19 -70.82
N LYS V 193 -28.07 -39.25 -70.08
CA LYS V 193 -28.07 -40.61 -70.62
C LYS V 193 -29.24 -41.39 -70.01
N ALA V 194 -29.63 -41.02 -68.78
CA ALA V 194 -31.02 -41.18 -68.32
C ALA V 194 -31.54 -39.86 -67.71
N ALA W 2 -50.23 -31.10 -33.69
CA ALA W 2 -49.70 -30.97 -32.30
C ALA W 2 -48.33 -30.32 -32.31
N GLN W 3 -47.98 -29.60 -31.24
CA GLN W 3 -46.70 -28.90 -31.12
CA GLN W 3 -46.67 -28.98 -31.15
C GLN W 3 -45.97 -29.41 -29.88
N THR W 4 -44.77 -29.94 -30.03
CA THR W 4 -43.94 -30.28 -28.92
C THR W 4 -42.94 -29.14 -28.61
N GLY W 5 -42.34 -29.16 -27.43
CA GLY W 5 -41.21 -28.30 -27.10
C GLY W 5 -41.53 -26.83 -26.90
N THR W 6 -42.78 -26.49 -26.73
CA THR W 6 -43.18 -25.11 -26.47
C THR W 6 -42.76 -24.73 -25.05
N GLU W 7 -42.65 -23.43 -24.83
CA GLU W 7 -42.27 -22.89 -23.56
C GLU W 7 -43.23 -23.36 -22.48
N ARG W 8 -44.52 -23.31 -22.79
CA ARG W 8 -45.58 -23.69 -21.87
C ARG W 8 -45.53 -25.19 -21.50
N VAL W 9 -45.18 -26.01 -22.47
CA VAL W 9 -45.03 -27.46 -22.24
C VAL W 9 -43.80 -27.73 -21.36
N LYS W 10 -42.71 -27.04 -21.66
CA LYS W 10 -41.46 -27.16 -20.88
C LYS W 10 -41.66 -26.74 -19.42
N ARG W 11 -42.27 -25.58 -19.25
CA ARG W 11 -42.53 -25.05 -17.92
C ARG W 11 -43.59 -25.84 -17.22
N GLY W 12 -44.52 -26.36 -18.02
CA GLY W 12 -45.68 -27.10 -17.52
C GLY W 12 -45.33 -28.34 -16.79
N MET W 13 -44.31 -29.02 -17.28
CA MET W 13 -43.79 -30.19 -16.60
C MET W 13 -43.27 -29.82 -15.19
N ALA W 14 -42.59 -28.68 -15.08
CA ALA W 14 -42.14 -28.21 -13.77
C ALA W 14 -43.30 -27.90 -12.84
N GLU W 15 -44.30 -27.19 -13.34
CA GLU W 15 -45.51 -26.90 -12.57
C GLU W 15 -46.20 -28.15 -12.01
N MET W 16 -46.12 -29.29 -12.73
CA MET W 16 -46.69 -30.55 -12.24
C MET W 16 -45.81 -31.28 -11.21
N GLN W 17 -44.60 -30.78 -10.97
CA GLN W 17 -43.74 -31.29 -9.92
C GLN W 17 -43.98 -30.55 -8.59
N LYS W 18 -44.74 -29.45 -8.61
CA LYS W 18 -44.86 -28.60 -7.44
C LYS W 18 -45.35 -29.45 -6.28
N GLY W 19 -44.85 -29.13 -5.10
CA GLY W 19 -45.27 -29.69 -3.81
C GLY W 19 -44.65 -31.06 -3.54
N GLY W 20 -43.71 -31.45 -4.37
CA GLY W 20 -43.09 -32.74 -4.30
C GLY W 20 -41.59 -32.74 -4.04
N VAL W 21 -41.09 -33.95 -3.87
CA VAL W 21 -39.71 -34.22 -3.57
C VAL W 21 -39.05 -35.00 -4.71
N ILE W 22 -37.91 -34.52 -5.15
CA ILE W 22 -37.11 -35.20 -6.16
C ILE W 22 -35.89 -35.79 -5.45
N MET W 23 -35.64 -37.09 -5.64
CA MET W 23 -34.60 -37.77 -4.93
C MET W 23 -33.47 -38.22 -5.83
N ASP W 24 -32.25 -37.99 -5.40
CA ASP W 24 -31.09 -38.49 -6.11
C ASP W 24 -31.06 -40.00 -5.90
N VAL W 25 -30.81 -40.74 -6.97
CA VAL W 25 -30.68 -42.21 -6.92
C VAL W 25 -29.54 -42.72 -7.83
N ILE W 26 -28.89 -43.80 -7.43
CA ILE W 26 -27.74 -44.32 -8.18
C ILE W 26 -28.02 -45.62 -8.90
N ASN W 27 -29.22 -46.19 -8.72
CA ASN W 27 -29.58 -47.46 -9.32
C ASN W 27 -31.09 -47.66 -9.26
N ALA W 28 -31.56 -48.69 -9.93
CA ALA W 28 -32.99 -49.00 -10.03
C ALA W 28 -33.65 -49.27 -8.69
N GLU W 29 -32.94 -49.95 -7.78
CA GLU W 29 -33.55 -50.30 -6.50
C GLU W 29 -33.83 -49.06 -5.68
N GLN W 30 -32.87 -48.12 -5.67
CA GLN W 30 -33.08 -46.82 -5.02
C GLN W 30 -34.23 -46.08 -5.70
N ALA W 31 -34.25 -46.08 -7.02
CA ALA W 31 -35.37 -45.51 -7.78
C ALA W 31 -36.72 -46.04 -7.30
N LYS W 32 -36.83 -47.38 -7.22
CA LYS W 32 -38.09 -47.98 -6.75
C LYS W 32 -38.45 -47.54 -5.33
N ILE W 33 -37.47 -47.48 -4.43
CA ILE W 33 -37.71 -46.99 -3.09
C ILE W 33 -38.26 -45.55 -3.14
N ALA W 34 -37.65 -44.70 -3.97
CA ALA W 34 -38.06 -43.29 -4.12
C ALA W 34 -39.52 -43.19 -4.61
N GLU W 35 -39.86 -43.94 -5.67
CA GLU W 35 -41.22 -43.96 -6.21
C GLU W 35 -42.23 -44.44 -5.17
N GLU W 36 -41.89 -45.51 -4.47
CA GLU W 36 -42.74 -46.12 -3.44
C GLU W 36 -42.98 -45.12 -2.30
N ALA W 37 -41.96 -44.35 -1.96
CA ALA W 37 -42.07 -43.32 -0.92
C ALA W 37 -42.88 -42.10 -1.34
N GLY W 38 -43.23 -41.99 -2.63
CA GLY W 38 -44.00 -40.80 -3.12
C GLY W 38 -43.20 -39.68 -3.78
N ALA W 39 -41.93 -39.94 -4.07
CA ALA W 39 -41.15 -39.02 -4.89
C ALA W 39 -41.89 -38.64 -6.17
N VAL W 40 -41.80 -37.38 -6.57
CA VAL W 40 -42.38 -36.92 -7.82
C VAL W 40 -41.45 -37.13 -9.02
N ALA W 41 -40.15 -37.29 -8.75
CA ALA W 41 -39.15 -37.59 -9.78
C ALA W 41 -37.91 -38.19 -9.11
N VAL W 42 -37.08 -38.87 -9.88
CA VAL W 42 -35.77 -39.21 -9.40
C VAL W 42 -34.70 -38.55 -10.28
N MET W 43 -33.56 -38.25 -9.68
CA MET W 43 -32.39 -37.77 -10.42
C MET W 43 -31.41 -38.89 -10.53
N ALA W 44 -31.22 -39.41 -11.72
CA ALA W 44 -30.28 -40.49 -11.97
C ALA W 44 -28.84 -39.99 -11.90
N LEU W 45 -28.06 -40.64 -11.05
CA LEU W 45 -26.63 -40.32 -10.87
C LEU W 45 -25.80 -41.56 -11.05
N GLU W 46 -24.57 -41.41 -11.52
CA GLU W 46 -23.67 -42.58 -11.61
C GLU W 46 -23.08 -42.78 -10.23
N ARG W 47 -22.39 -41.78 -9.75
CA ARG W 47 -22.08 -41.71 -8.34
C ARG W 47 -22.22 -40.28 -7.89
N VAL W 48 -22.04 -40.05 -6.60
CA VAL W 48 -22.22 -38.70 -6.06
C VAL W 48 -21.07 -37.78 -6.50
N PRO W 49 -21.41 -36.72 -7.25
CA PRO W 49 -20.43 -35.78 -7.81
C PRO W 49 -19.53 -35.10 -6.78
N ALA W 50 -20.10 -34.73 -5.64
CA ALA W 50 -19.33 -34.16 -4.52
C ALA W 50 -18.14 -35.06 -4.19
N ASP W 51 -18.40 -36.37 -4.10
CA ASP W 51 -17.37 -37.38 -3.81
C ASP W 51 -16.34 -37.54 -4.92
N ILE W 52 -16.80 -37.50 -6.17
CA ILE W 52 -15.89 -37.67 -7.32
C ILE W 52 -14.84 -36.56 -7.27
N ARG W 53 -15.31 -35.32 -7.17
CA ARG W 53 -14.42 -34.15 -7.20
C ARG W 53 -13.62 -34.03 -5.91
N ALA W 54 -14.30 -34.07 -4.76
CA ALA W 54 -13.65 -34.20 -3.45
C ALA W 54 -12.44 -35.16 -3.53
N ALA W 55 -12.56 -36.20 -4.36
CA ALA W 55 -11.46 -37.13 -4.67
C ALA W 55 -10.48 -36.64 -5.75
N GLY W 56 -10.60 -35.37 -6.18
CA GLY W 56 -9.74 -34.81 -7.24
C GLY W 56 -10.21 -34.98 -8.69
N GLY W 57 -11.35 -35.66 -8.91
CA GLY W 57 -11.74 -36.12 -10.27
C GLY W 57 -12.71 -35.26 -11.06
N VAL W 58 -12.90 -35.62 -12.32
CA VAL W 58 -13.85 -34.94 -13.21
C VAL W 58 -15.20 -35.62 -13.18
N ALA W 59 -16.22 -34.85 -12.88
CA ALA W 59 -17.58 -35.36 -12.80
C ALA W 59 -18.37 -34.98 -14.07
N ARG W 60 -18.79 -36.02 -14.79
CA ARG W 60 -19.39 -35.94 -16.08
C ARG W 60 -20.82 -36.49 -16.06
N MET W 61 -21.51 -36.41 -17.20
CA MET W 61 -22.77 -37.12 -17.40
C MET W 61 -22.62 -38.58 -16.93
N ALA W 62 -23.68 -39.12 -16.34
CA ALA W 62 -23.70 -40.50 -15.88
C ALA W 62 -23.71 -41.48 -17.06
N ASP W 63 -23.11 -42.64 -16.84
CA ASP W 63 -23.15 -43.72 -17.81
C ASP W 63 -24.62 -43.92 -18.21
N PRO W 64 -24.97 -43.75 -19.49
CA PRO W 64 -26.34 -43.86 -19.92
C PRO W 64 -27.02 -45.21 -19.56
N THR W 65 -26.22 -46.26 -19.35
CA THR W 65 -26.74 -47.55 -18.88
C THR W 65 -27.46 -47.36 -17.55
N ILE W 66 -26.89 -46.52 -16.72
CA ILE W 66 -27.45 -46.25 -15.40
C ILE W 66 -28.77 -45.46 -15.51
N VAL W 67 -28.76 -44.42 -16.33
CA VAL W 67 -29.95 -43.63 -16.60
C VAL W 67 -31.09 -44.54 -17.15
N GLU W 68 -30.79 -45.41 -18.12
CA GLU W 68 -31.79 -46.32 -18.71
C GLU W 68 -32.32 -47.31 -17.69
N GLU W 69 -31.41 -47.86 -16.87
CA GLU W 69 -31.78 -48.74 -15.76
C GLU W 69 -32.82 -48.05 -14.86
N VAL W 70 -32.55 -46.79 -14.53
CA VAL W 70 -33.42 -46.03 -13.62
C VAL W 70 -34.75 -45.81 -14.33
N MET W 71 -34.71 -45.35 -15.58
CA MET W 71 -35.96 -45.07 -16.31
C MET W 71 -36.83 -46.29 -16.46
N ASN W 72 -36.22 -47.45 -16.65
CA ASN W 72 -37.00 -48.68 -16.78
C ASN W 72 -37.57 -49.19 -15.45
N ALA W 73 -37.08 -48.68 -14.32
CA ALA W 73 -37.53 -49.14 -13.00
C ALA W 73 -38.76 -48.39 -12.48
N VAL W 74 -39.05 -47.21 -13.03
CA VAL W 74 -40.08 -46.33 -12.46
C VAL W 74 -40.95 -45.74 -13.55
N SER W 75 -42.14 -45.31 -13.13
CA SER W 75 -43.11 -44.63 -13.96
C SER W 75 -43.19 -43.11 -13.66
N ILE W 76 -42.41 -42.61 -12.68
CA ILE W 76 -42.27 -41.15 -12.40
C ILE W 76 -41.17 -40.57 -13.29
N PRO W 77 -41.17 -39.25 -13.52
CA PRO W 77 -40.12 -38.66 -14.36
C PRO W 77 -38.70 -38.92 -13.86
N VAL W 78 -37.76 -38.97 -14.79
CA VAL W 78 -36.37 -39.17 -14.48
C VAL W 78 -35.58 -37.98 -14.99
N MET W 79 -34.81 -37.39 -14.09
CA MET W 79 -33.93 -36.31 -14.46
C MET W 79 -32.48 -36.80 -14.48
N ALA W 80 -31.62 -36.09 -15.20
CA ALA W 80 -30.21 -36.41 -15.14
C ALA W 80 -29.42 -35.14 -15.32
N LYS W 81 -28.13 -35.21 -15.01
CA LYS W 81 -27.26 -34.06 -15.03
C LYS W 81 -26.35 -34.01 -16.27
N ALA W 82 -26.17 -32.79 -16.79
CA ALA W 82 -25.21 -32.46 -17.87
C ALA W 82 -24.26 -31.42 -17.32
N ARG W 83 -22.98 -31.47 -17.70
CA ARG W 83 -22.02 -30.47 -17.32
C ARG W 83 -22.38 -29.13 -17.96
N ILE W 84 -22.11 -28.05 -17.24
CA ILE W 84 -22.40 -26.71 -17.77
C ILE W 84 -21.70 -26.54 -19.14
N GLY W 85 -22.48 -26.10 -20.14
CA GLY W 85 -21.99 -25.87 -21.49
C GLY W 85 -21.80 -27.11 -22.36
N HIS W 86 -22.08 -28.32 -21.84
CA HIS W 86 -21.73 -29.55 -22.60
C HIS W 86 -22.88 -29.94 -23.54
N ILE W 87 -22.84 -29.32 -24.71
CA ILE W 87 -23.89 -29.42 -25.74
C ILE W 87 -24.27 -30.86 -26.00
N VAL W 88 -23.25 -31.70 -26.15
CA VAL W 88 -23.47 -33.08 -26.56
C VAL W 88 -23.98 -33.97 -25.41
N GLU W 89 -23.49 -33.78 -24.19
CA GLU W 89 -24.08 -34.49 -23.06
C GLU W 89 -25.57 -34.18 -22.98
N ALA W 90 -25.94 -32.90 -23.10
CA ALA W 90 -27.36 -32.52 -23.02
C ALA W 90 -28.20 -33.10 -24.21
N ARG W 91 -27.68 -33.03 -25.44
CA ARG W 91 -28.34 -33.61 -26.60
C ARG W 91 -28.44 -35.15 -26.47
N VAL W 92 -27.45 -35.78 -25.84
CA VAL W 92 -27.47 -37.20 -25.61
C VAL W 92 -28.58 -37.54 -24.61
N LEU W 93 -28.67 -36.78 -23.53
CA LEU W 93 -29.73 -37.04 -22.54
C LEU W 93 -31.13 -36.83 -23.12
N GLU W 94 -31.26 -35.82 -23.94
CA GLU W 94 -32.50 -35.56 -24.64
C GLU W 94 -32.89 -36.79 -25.51
N ALA W 95 -31.91 -37.30 -26.26
CA ALA W 95 -32.15 -38.39 -27.20
C ALA W 95 -32.57 -39.65 -26.46
N MET W 96 -32.15 -39.78 -25.20
CA MET W 96 -32.47 -40.92 -24.38
C MET W 96 -33.88 -40.77 -23.77
N GLY W 97 -34.46 -39.57 -23.89
CA GLY W 97 -35.78 -39.31 -23.29
C GLY W 97 -35.79 -38.98 -21.82
N VAL W 98 -34.64 -38.58 -21.27
CA VAL W 98 -34.65 -37.98 -19.94
C VAL W 98 -35.70 -36.87 -19.90
N ASP W 99 -36.43 -36.75 -18.80
CA ASP W 99 -37.60 -35.85 -18.75
C ASP W 99 -37.25 -34.38 -18.43
N TYR W 100 -36.07 -34.17 -17.85
CA TYR W 100 -35.61 -32.87 -17.38
C TYR W 100 -34.12 -33.01 -17.15
N ILE W 101 -33.36 -32.12 -17.76
CA ILE W 101 -31.91 -32.07 -17.59
C ILE W 101 -31.54 -30.96 -16.61
N ASP W 102 -30.67 -31.29 -15.68
CA ASP W 102 -30.15 -30.34 -14.74
C ASP W 102 -28.78 -29.97 -15.33
N GLU W 103 -28.66 -28.74 -15.83
CA GLU W 103 -27.41 -28.19 -16.27
C GLU W 103 -26.68 -27.78 -15.00
N SER W 104 -25.80 -28.65 -14.52
CA SER W 104 -25.47 -28.68 -13.10
C SER W 104 -24.07 -28.23 -12.75
N GLU W 105 -24.01 -27.24 -11.87
CA GLU W 105 -22.76 -26.74 -11.35
C GLU W 105 -22.03 -27.76 -10.44
N VAL W 106 -22.69 -28.82 -10.02
CA VAL W 106 -22.01 -29.79 -9.21
C VAL W 106 -21.26 -30.80 -10.07
N LEU W 107 -21.58 -30.93 -11.36
CA LEU W 107 -20.66 -31.64 -12.26
C LEU W 107 -19.54 -30.64 -12.61
N THR W 108 -18.47 -31.13 -13.23
CA THR W 108 -17.31 -30.28 -13.58
C THR W 108 -17.66 -29.48 -14.83
N PRO W 109 -17.74 -28.14 -14.73
CA PRO W 109 -18.14 -27.36 -15.91
C PRO W 109 -17.34 -27.69 -17.19
N ALA W 110 -18.05 -27.86 -18.31
CA ALA W 110 -17.41 -28.10 -19.62
C ALA W 110 -17.05 -26.78 -20.30
N ASP W 111 -17.81 -25.73 -19.95
CA ASP W 111 -17.62 -24.40 -20.49
C ASP W 111 -17.68 -23.41 -19.33
N GLU W 112 -16.56 -22.81 -18.99
CA GLU W 112 -16.56 -21.84 -17.91
C GLU W 112 -17.02 -20.43 -18.28
N GLU W 113 -17.37 -20.20 -19.54
CA GLU W 113 -17.75 -18.88 -20.05
CA GLU W 113 -17.77 -18.88 -20.01
C GLU W 113 -19.22 -18.79 -20.47
N PHE W 114 -19.75 -19.89 -20.98
CA PHE W 114 -21.05 -19.93 -21.62
C PHE W 114 -21.85 -21.13 -21.15
N HIS W 115 -23.06 -20.89 -20.61
CA HIS W 115 -24.04 -21.95 -20.41
C HIS W 115 -24.67 -22.37 -21.73
N LEU W 116 -25.39 -23.49 -21.68
CA LEU W 116 -26.11 -24.02 -22.83
C LEU W 116 -27.19 -23.05 -23.29
N ASN W 117 -27.37 -23.01 -24.60
CA ASN W 117 -28.53 -22.38 -25.22
C ASN W 117 -29.71 -23.35 -25.18
N LYS W 118 -30.35 -23.38 -24.02
CA LYS W 118 -31.41 -24.32 -23.70
C LYS W 118 -32.67 -24.06 -24.50
N ASN W 119 -32.83 -22.82 -24.96
CA ASN W 119 -33.92 -22.46 -25.84
C ASN W 119 -34.04 -23.35 -27.08
N GLU W 120 -32.91 -23.84 -27.58
CA GLU W 120 -32.90 -24.66 -28.78
C GLU W 120 -33.20 -26.14 -28.57
N TYR W 121 -33.38 -26.58 -27.33
CA TYR W 121 -33.66 -27.98 -27.08
C TYR W 121 -35.18 -28.19 -27.00
N THR W 122 -35.59 -29.45 -27.14
CA THR W 122 -36.98 -29.84 -26.89
C THR W 122 -37.20 -30.20 -25.40
N VAL W 123 -36.29 -30.98 -24.84
CA VAL W 123 -36.32 -31.34 -23.41
C VAL W 123 -36.12 -30.07 -22.54
N PRO W 124 -36.89 -29.95 -21.42
CA PRO W 124 -36.61 -28.77 -20.55
C PRO W 124 -35.43 -28.91 -19.64
N PHE W 125 -34.99 -27.78 -19.07
CA PHE W 125 -33.82 -27.73 -18.23
C PHE W 125 -34.15 -27.03 -16.92
N VAL W 126 -33.52 -27.54 -15.87
CA VAL W 126 -33.47 -26.89 -14.59
C VAL W 126 -32.01 -26.43 -14.41
N CYS W 127 -31.88 -25.24 -13.84
CA CYS W 127 -30.60 -24.59 -13.57
C CYS W 127 -30.61 -24.05 -12.13
N GLY W 128 -29.42 -23.95 -11.54
CA GLY W 128 -29.24 -23.37 -10.22
C GLY W 128 -29.11 -21.87 -10.24
N CYS W 129 -29.41 -21.22 -9.11
CA CYS W 129 -29.23 -19.78 -8.96
C CYS W 129 -29.07 -19.40 -7.50
N ARG W 130 -28.32 -18.31 -7.26
CA ARG W 130 -28.11 -17.76 -5.92
C ARG W 130 -28.85 -16.45 -5.67
N ASP W 131 -29.33 -15.84 -6.77
CA ASP W 131 -29.97 -14.54 -6.72
CA ASP W 131 -29.97 -14.54 -6.72
C ASP W 131 -30.84 -14.33 -7.97
N LEU W 132 -31.60 -13.25 -7.96
CA LEU W 132 -32.54 -12.96 -9.04
C LEU W 132 -31.85 -12.62 -10.39
N GLY W 133 -30.72 -11.94 -10.36
CA GLY W 133 -29.98 -11.67 -11.59
C GLY W 133 -29.61 -13.00 -12.26
N GLU W 134 -28.99 -13.86 -11.49
CA GLU W 134 -28.56 -15.13 -11.99
C GLU W 134 -29.76 -16.01 -12.43
N ALA W 135 -30.86 -16.03 -11.68
CA ALA W 135 -32.10 -16.69 -12.11
C ALA W 135 -32.59 -16.18 -13.49
N THR W 136 -32.58 -14.89 -13.68
CA THR W 136 -33.15 -14.32 -14.90
C THR W 136 -32.22 -14.58 -16.10
N ARG W 137 -30.92 -14.68 -15.88
CA ARG W 137 -30.02 -15.09 -16.96
C ARG W 137 -30.20 -16.54 -17.41
N ARG W 138 -30.36 -17.46 -16.46
CA ARG W 138 -30.67 -18.84 -16.79
C ARG W 138 -32.01 -18.97 -17.54
N ILE W 139 -33.04 -18.23 -17.12
CA ILE W 139 -34.34 -18.21 -17.75
C ILE W 139 -34.23 -17.69 -19.18
N ALA W 140 -33.53 -16.59 -19.37
CA ALA W 140 -33.37 -16.00 -20.70
C ALA W 140 -32.64 -16.98 -21.63
N GLU W 141 -31.73 -17.77 -21.07
CA GLU W 141 -31.00 -18.79 -21.88
C GLU W 141 -31.89 -19.99 -22.20
N GLY W 142 -33.02 -20.11 -21.50
CA GLY W 142 -33.99 -21.18 -21.80
C GLY W 142 -34.32 -22.12 -20.64
N ALA W 143 -33.80 -21.88 -19.45
CA ALA W 143 -34.17 -22.71 -18.30
C ALA W 143 -35.69 -22.63 -18.09
N SER W 144 -36.33 -23.77 -17.83
CA SER W 144 -37.78 -23.78 -17.59
C SER W 144 -38.11 -24.03 -16.11
N MET W 145 -37.09 -24.21 -15.29
CA MET W 145 -37.26 -24.48 -13.87
C MET W 145 -35.97 -24.04 -13.23
N LEU W 146 -36.04 -23.64 -11.97
CA LEU W 146 -34.87 -23.23 -11.19
C LEU W 146 -34.83 -24.01 -9.87
N ARG W 147 -33.62 -24.06 -9.31
CA ARG W 147 -33.41 -24.48 -7.94
C ARG W 147 -32.32 -23.64 -7.27
N THR W 148 -32.32 -23.56 -5.96
CA THR W 148 -31.20 -22.97 -5.22
C THR W 148 -29.92 -23.74 -5.56
N LYS W 149 -28.79 -23.08 -5.48
CA LYS W 149 -27.55 -23.83 -5.59
C LYS W 149 -27.30 -24.56 -4.29
N GLY W 150 -27.66 -23.93 -3.18
CA GLY W 150 -27.39 -24.52 -1.87
C GLY W 150 -25.89 -24.77 -1.66
N GLU W 151 -25.59 -25.86 -0.97
CA GLU W 151 -24.24 -26.24 -0.60
C GLU W 151 -24.23 -27.74 -0.68
N PRO W 152 -23.79 -28.26 -1.81
CA PRO W 152 -23.87 -29.71 -1.97
C PRO W 152 -22.83 -30.38 -1.09
N GLY W 153 -23.15 -31.54 -0.57
CA GLY W 153 -22.20 -32.36 0.17
C GLY W 153 -21.96 -31.99 1.63
N THR W 154 -22.81 -31.16 2.24
CA THR W 154 -22.65 -30.83 3.66
C THR W 154 -23.81 -31.22 4.54
N GLY W 155 -25.02 -31.26 3.97
CA GLY W 155 -26.23 -31.33 4.79
C GLY W 155 -26.48 -30.08 5.63
N ASN W 156 -25.81 -28.97 5.30
CA ASN W 156 -26.07 -27.67 5.93
C ASN W 156 -27.09 -26.88 5.09
N ILE W 157 -28.26 -26.67 5.68
CA ILE W 157 -29.41 -26.06 4.96
C ILE W 157 -29.16 -24.56 4.69
N VAL W 158 -28.11 -24.01 5.29
CA VAL W 158 -27.86 -22.56 5.32
C VAL W 158 -27.79 -21.94 3.93
N GLU W 159 -27.19 -22.60 2.96
CA GLU W 159 -27.02 -21.89 1.67
C GLU W 159 -28.34 -21.95 0.90
N ALA W 160 -29.08 -23.09 0.99
CA ALA W 160 -30.40 -23.17 0.39
C ALA W 160 -31.26 -22.06 0.98
N VAL W 161 -31.25 -21.91 2.30
CA VAL W 161 -32.02 -20.81 2.94
C VAL W 161 -31.59 -19.43 2.35
N ARG W 162 -30.28 -19.24 2.19
CA ARG W 162 -29.71 -17.95 1.75
C ARG W 162 -30.19 -17.61 0.37
N HIS W 163 -30.15 -18.59 -0.53
CA HIS W 163 -30.52 -18.32 -1.91
C HIS W 163 -31.98 -18.15 -2.12
N MET W 164 -32.77 -19.00 -1.47
CA MET W 164 -34.23 -18.90 -1.55
C MET W 164 -34.71 -17.54 -0.95
N ARG W 165 -34.21 -17.19 0.21
CA ARG W 165 -34.52 -15.88 0.81
C ARG W 165 -34.07 -14.73 -0.10
N LYS W 166 -32.93 -14.89 -0.76
CA LYS W 166 -32.43 -13.76 -1.58
C LYS W 166 -33.32 -13.58 -2.82
N VAL W 167 -33.50 -14.64 -3.58
CA VAL W 167 -34.38 -14.58 -4.75
C VAL W 167 -35.75 -14.05 -4.39
N ASN W 168 -36.34 -14.59 -3.32
CA ASN W 168 -37.67 -14.15 -2.92
C ASN W 168 -37.70 -12.69 -2.48
N ALA W 169 -36.71 -12.23 -1.72
CA ALA W 169 -36.66 -10.83 -1.29
C ALA W 169 -36.53 -9.92 -2.50
N GLN W 170 -35.72 -10.31 -3.47
CA GLN W 170 -35.48 -9.47 -4.64
C GLN W 170 -36.71 -9.46 -5.54
N VAL W 171 -37.42 -10.58 -5.67
CA VAL W 171 -38.66 -10.57 -6.39
C VAL W 171 -39.67 -9.60 -5.70
N ARG W 172 -39.84 -9.69 -4.38
CA ARG W 172 -40.77 -8.80 -3.68
CA ARG W 172 -40.77 -8.80 -3.69
C ARG W 172 -40.47 -7.32 -3.92
N LYS W 173 -39.19 -6.95 -3.90
CA LYS W 173 -38.79 -5.55 -4.12
C LYS W 173 -39.15 -5.16 -5.56
N VAL W 174 -38.83 -6.06 -6.49
CA VAL W 174 -39.08 -5.76 -7.91
C VAL W 174 -40.58 -5.55 -8.16
N VAL W 175 -41.40 -6.42 -7.58
CA VAL W 175 -42.86 -6.31 -7.73
C VAL W 175 -43.40 -4.99 -7.16
N ALA W 176 -42.83 -4.54 -6.05
CA ALA W 176 -43.32 -3.36 -5.33
C ALA W 176 -42.72 -2.04 -5.83
N MET W 177 -41.58 -2.09 -6.51
CA MET W 177 -40.90 -0.83 -6.87
C MET W 177 -41.52 -0.05 -8.02
N SER W 178 -41.14 1.21 -8.07
CA SER W 178 -41.61 2.12 -9.07
C SER W 178 -41.08 1.65 -10.42
N GLU W 179 -41.97 1.55 -11.41
CA GLU W 179 -41.58 0.99 -12.70
C GLU W 179 -40.44 1.72 -13.36
N ASP W 180 -40.43 3.04 -13.25
CA ASP W 180 -39.36 3.83 -13.83
C ASP W 180 -37.97 3.63 -13.17
N GLU W 181 -37.90 2.89 -12.06
CA GLU W 181 -36.64 2.58 -11.43
C GLU W 181 -36.12 1.17 -11.79
N LEU W 182 -36.86 0.46 -12.63
CA LEU W 182 -36.52 -0.94 -12.91
C LEU W 182 -35.32 -1.10 -13.82
N MET W 183 -35.05 -0.16 -14.70
CA MET W 183 -33.86 -0.29 -15.55
C MET W 183 -32.59 -0.26 -14.72
N THR W 184 -32.52 0.68 -13.77
CA THR W 184 -31.40 0.73 -12.84
C THR W 184 -31.30 -0.58 -12.01
N GLU W 185 -32.44 -1.11 -11.58
CA GLU W 185 -32.43 -2.39 -10.87
C GLU W 185 -31.91 -3.51 -11.76
N ALA W 186 -32.43 -3.61 -12.98
CA ALA W 186 -31.95 -4.61 -13.95
C ALA W 186 -30.42 -4.54 -14.18
N LYS W 187 -29.90 -3.33 -14.35
CA LYS W 187 -28.48 -3.12 -14.58
C LYS W 187 -27.72 -3.60 -13.34
N ASN W 188 -28.21 -3.23 -12.17
CA ASN W 188 -27.57 -3.61 -10.90
CA ASN W 188 -27.55 -3.63 -10.93
C ASN W 188 -27.54 -5.13 -10.77
N LEU W 189 -28.64 -5.78 -11.12
CA LEU W 189 -28.77 -7.25 -10.96
C LEU W 189 -28.06 -8.03 -12.06
N GLY W 190 -27.77 -7.41 -13.19
CA GLY W 190 -27.39 -8.17 -14.35
C GLY W 190 -28.57 -8.95 -14.92
N ALA W 191 -29.78 -8.38 -14.80
CA ALA W 191 -30.97 -9.10 -15.29
C ALA W 191 -31.46 -8.56 -16.62
N PRO W 192 -31.88 -9.44 -17.56
CA PRO W 192 -32.63 -9.00 -18.74
C PRO W 192 -33.85 -8.18 -18.39
N TYR W 193 -33.91 -6.98 -18.94
CA TYR W 193 -34.89 -6.03 -18.58
C TYR W 193 -36.31 -6.54 -18.80
N GLU W 194 -36.59 -7.17 -19.95
CA GLU W 194 -37.98 -7.57 -20.21
C GLU W 194 -38.43 -8.65 -19.21
N LEU W 195 -37.50 -9.49 -18.79
CA LEU W 195 -37.84 -10.58 -17.88
C LEU W 195 -38.21 -9.95 -16.53
N LEU W 196 -37.48 -8.91 -16.16
CA LEU W 196 -37.70 -8.25 -14.89
C LEU W 196 -39.00 -7.47 -14.89
N LEU W 197 -39.28 -6.77 -15.99
CA LEU W 197 -40.56 -6.11 -16.14
C LEU W 197 -41.74 -7.09 -16.04
N GLN W 198 -41.56 -8.29 -16.58
CA GLN W 198 -42.63 -9.26 -16.58
C GLN W 198 -42.84 -9.84 -15.16
N ILE W 199 -41.76 -9.96 -14.40
CA ILE W 199 -41.88 -10.35 -13.00
C ILE W 199 -42.74 -9.35 -12.26
N LYS W 200 -42.44 -8.06 -12.43
CA LYS W 200 -43.24 -7.04 -11.82
C LYS W 200 -44.68 -7.17 -12.25
N LYS W 201 -44.94 -7.27 -13.54
CA LYS W 201 -46.31 -7.45 -14.05
C LYS W 201 -47.02 -8.72 -13.52
N ASP W 202 -46.34 -9.88 -13.52
CA ASP W 202 -46.96 -11.14 -13.06
C ASP W 202 -47.07 -11.21 -11.56
N GLY W 203 -46.22 -10.46 -10.87
CA GLY W 203 -46.09 -10.57 -9.42
C GLY W 203 -45.28 -11.74 -8.93
N LYS W 204 -44.55 -12.41 -9.83
CA LYS W 204 -43.82 -13.61 -9.45
C LYS W 204 -42.80 -13.97 -10.53
N LEU W 205 -41.85 -14.82 -10.18
CA LEU W 205 -40.98 -15.50 -11.14
C LEU W 205 -41.80 -16.28 -12.16
N PRO W 206 -41.34 -16.35 -13.40
CA PRO W 206 -42.16 -17.05 -14.39
C PRO W 206 -42.03 -18.56 -14.36
N VAL W 207 -41.11 -19.08 -13.54
CA VAL W 207 -40.82 -20.50 -13.52
C VAL W 207 -40.80 -20.92 -12.06
N VAL W 208 -41.06 -22.21 -11.86
CA VAL W 208 -40.89 -22.94 -10.60
C VAL W 208 -39.46 -22.88 -10.04
N ASN W 209 -39.36 -22.68 -8.73
CA ASN W 209 -38.08 -22.60 -8.01
C ASN W 209 -38.02 -23.57 -6.83
N PHE W 210 -37.20 -24.61 -6.96
CA PHE W 210 -37.10 -25.67 -5.94
C PHE W 210 -35.96 -25.38 -5.00
N ALA W 211 -36.08 -25.83 -3.78
CA ALA W 211 -34.93 -25.88 -2.87
C ALA W 211 -34.02 -27.07 -3.19
N ALA W 212 -32.71 -26.85 -3.05
CA ALA W 212 -31.72 -27.90 -3.33
C ALA W 212 -30.45 -27.58 -2.60
N GLY W 213 -29.74 -28.63 -2.22
CA GLY W 213 -28.42 -28.50 -1.69
C GLY W 213 -28.40 -28.25 -0.21
N GLY W 214 -28.69 -29.28 0.57
CA GLY W 214 -28.50 -29.28 2.02
C GLY W 214 -29.72 -29.61 2.83
N VAL W 215 -30.81 -30.02 2.18
CA VAL W 215 -31.97 -30.55 2.85
C VAL W 215 -31.66 -31.93 3.44
N ALA W 216 -31.51 -32.00 4.75
CA ALA W 216 -31.10 -33.23 5.40
C ALA W 216 -32.17 -33.87 6.31
N THR W 217 -33.09 -33.07 6.82
CA THR W 217 -34.11 -33.58 7.74
C THR W 217 -35.52 -33.18 7.22
N PRO W 218 -36.56 -33.86 7.73
CA PRO W 218 -37.93 -33.44 7.45
C PRO W 218 -38.17 -31.97 7.82
N ALA W 219 -37.60 -31.51 8.94
CA ALA W 219 -37.78 -30.09 9.32
C ALA W 219 -37.18 -29.13 8.28
N ASP W 220 -36.04 -29.49 7.70
CA ASP W 220 -35.40 -28.71 6.65
C ASP W 220 -36.30 -28.58 5.39
N ALA W 221 -36.89 -29.71 4.98
CA ALA W 221 -37.81 -29.73 3.82
C ALA W 221 -38.99 -28.81 4.08
N ALA W 222 -39.58 -28.93 5.26
CA ALA W 222 -40.75 -28.10 5.59
C ALA W 222 -40.33 -26.63 5.60
N LEU W 223 -39.16 -26.33 6.18
CA LEU W 223 -38.63 -24.97 6.21
C LEU W 223 -38.48 -24.38 4.84
N MET W 224 -37.95 -25.14 3.90
CA MET W 224 -37.81 -24.61 2.56
C MET W 224 -39.16 -24.22 1.95
N MET W 225 -40.18 -25.05 2.16
CA MET W 225 -41.54 -24.74 1.68
C MET W 225 -42.10 -23.53 2.37
N GLN W 226 -41.87 -23.41 3.69
CA GLN W 226 -42.27 -22.20 4.43
C GLN W 226 -41.62 -20.92 3.87
N LEU W 227 -40.40 -21.03 3.37
CA LEU W 227 -39.68 -19.92 2.82
C LEU W 227 -40.03 -19.60 1.34
N GLY W 228 -40.96 -20.35 0.77
CA GLY W 228 -41.49 -20.08 -0.57
C GLY W 228 -41.00 -21.05 -1.66
N ALA W 229 -40.29 -22.13 -1.31
CA ALA W 229 -39.84 -23.08 -2.32
C ALA W 229 -41.09 -23.71 -2.92
N ASP W 230 -41.00 -24.09 -4.18
CA ASP W 230 -42.08 -24.84 -4.84
C ASP W 230 -41.95 -26.36 -4.70
N GLY W 231 -40.91 -26.83 -4.02
CA GLY W 231 -40.61 -28.25 -3.97
C GLY W 231 -39.18 -28.39 -3.49
N VAL W 232 -38.75 -29.64 -3.37
CA VAL W 232 -37.49 -29.96 -2.77
C VAL W 232 -36.71 -31.01 -3.57
N PHE W 233 -35.43 -30.75 -3.80
CA PHE W 233 -34.48 -31.80 -4.24
C PHE W 233 -33.74 -32.33 -2.99
N VAL W 234 -33.67 -33.66 -2.83
CA VAL W 234 -32.90 -34.26 -1.74
CA VAL W 234 -32.88 -34.26 -1.75
C VAL W 234 -31.88 -35.24 -2.27
N GLY W 235 -30.80 -35.42 -1.51
CA GLY W 235 -29.66 -36.15 -1.95
C GLY W 235 -29.67 -37.60 -1.52
N SER W 236 -28.53 -38.22 -1.84
CA SER W 236 -28.27 -39.64 -1.61
C SER W 236 -28.17 -40.04 -0.15
N GLY W 237 -28.02 -39.08 0.75
CA GLY W 237 -28.14 -39.31 2.20
C GLY W 237 -29.36 -40.07 2.71
N ILE W 238 -30.43 -40.06 1.94
CA ILE W 238 -31.59 -40.87 2.26
C ILE W 238 -31.18 -42.34 2.46
N PHE W 239 -30.35 -42.83 1.54
CA PHE W 239 -30.01 -44.23 1.44
C PHE W 239 -28.84 -44.65 2.33
N LYS W 240 -28.35 -43.74 3.16
CA LYS W 240 -27.31 -44.05 4.15
C LYS W 240 -27.97 -44.35 5.47
N SER W 241 -29.29 -44.20 5.49
CA SER W 241 -30.08 -44.30 6.68
C SER W 241 -30.26 -45.76 7.01
N ASP W 242 -30.46 -46.03 8.29
CA ASP W 242 -30.92 -47.34 8.73
C ASP W 242 -32.17 -47.86 7.95
N ASN W 243 -33.08 -46.96 7.57
CA ASN W 243 -34.35 -47.35 6.89
C ASN W 243 -34.70 -46.27 5.86
N PRO W 244 -34.06 -46.32 4.67
CA PRO W 244 -34.31 -45.31 3.61
C PRO W 244 -35.77 -45.10 3.20
N ALA W 245 -36.56 -46.17 3.14
CA ALA W 245 -37.98 -46.05 2.83
C ALA W 245 -38.71 -45.11 3.83
N LYS W 246 -38.42 -45.29 5.12
CA LYS W 246 -39.08 -44.50 6.15
C LYS W 246 -38.56 -43.04 6.07
N PHE W 247 -37.25 -42.88 5.90
CA PHE W 247 -36.64 -41.53 5.74
C PHE W 247 -37.22 -40.77 4.53
N ALA W 248 -37.26 -41.42 3.39
CA ALA W 248 -37.81 -40.83 2.17
C ALA W 248 -39.27 -40.46 2.36
N LYS W 249 -40.07 -41.37 2.93
CA LYS W 249 -41.47 -41.05 3.20
C LYS W 249 -41.61 -39.82 4.10
N ALA W 250 -40.79 -39.74 5.15
CA ALA W 250 -40.81 -38.60 6.06
C ALA W 250 -40.55 -37.28 5.35
N ILE W 251 -39.58 -37.25 4.44
CA ILE W 251 -39.27 -36.03 3.71
C ILE W 251 -40.48 -35.65 2.83
N VAL W 252 -41.06 -36.64 2.15
CA VAL W 252 -42.25 -36.42 1.33
C VAL W 252 -43.39 -35.85 2.16
N GLU W 253 -43.62 -36.43 3.33
CA GLU W 253 -44.75 -35.97 4.15
C GLU W 253 -44.53 -34.57 4.71
N ALA W 254 -43.29 -34.26 5.09
CA ALA W 254 -42.97 -32.94 5.64
C ALA W 254 -43.11 -31.86 4.60
N THR W 255 -42.83 -32.19 3.36
CA THR W 255 -42.87 -31.23 2.26
C THR W 255 -44.34 -30.90 1.90
N THR W 256 -45.21 -31.91 1.96
CA THR W 256 -46.65 -31.76 1.77
C THR W 256 -47.31 -31.03 2.95
N HIS W 257 -47.06 -31.46 4.18
CA HIS W 257 -47.72 -30.91 5.37
C HIS W 257 -46.76 -30.04 6.16
N PHE W 258 -46.24 -29.01 5.49
CA PHE W 258 -45.10 -28.25 6.01
C PHE W 258 -45.42 -27.31 7.13
N THR W 259 -46.70 -27.17 7.49
CA THR W 259 -47.10 -26.40 8.64
C THR W 259 -47.67 -27.26 9.76
N ASP W 260 -47.65 -28.58 9.63
CA ASP W 260 -48.21 -29.43 10.66
C ASP W 260 -47.11 -29.86 11.64
N TYR W 261 -46.90 -29.06 12.67
CA TYR W 261 -45.67 -29.18 13.46
C TYR W 261 -45.68 -30.42 14.35
N LYS W 262 -46.87 -30.82 14.79
CA LYS W 262 -47.02 -32.10 15.48
C LYS W 262 -46.62 -33.28 14.65
N LEU W 263 -47.08 -33.27 13.41
CA LEU W 263 -46.70 -34.30 12.46
C LEU W 263 -45.19 -34.32 12.25
N ILE W 264 -44.62 -33.14 12.05
CA ILE W 264 -43.21 -33.05 11.72
C ILE W 264 -42.37 -33.46 12.91
N ALA W 265 -42.86 -33.15 14.13
CA ALA W 265 -42.23 -33.66 15.34
C ALA W 265 -42.08 -35.20 15.29
N GLU W 266 -43.16 -35.92 14.97
CA GLU W 266 -43.08 -37.40 14.83
C GLU W 266 -42.17 -37.84 13.69
N LEU W 267 -42.28 -37.17 12.53
CA LEU W 267 -41.40 -37.46 11.39
C LEU W 267 -39.91 -37.28 11.70
N SER W 268 -39.61 -36.44 12.68
CA SER W 268 -38.24 -36.13 13.01
C SER W 268 -37.58 -37.20 13.89
N LYS W 269 -38.33 -38.20 14.33
CA LYS W 269 -37.80 -39.23 15.21
C LYS W 269 -37.05 -40.33 14.44
N GLU W 270 -35.81 -40.60 14.88
CA GLU W 270 -35.10 -41.83 14.53
C GLU W 270 -34.75 -41.85 13.06
N LEU W 271 -33.88 -40.93 12.65
CA LEU W 271 -33.53 -40.81 11.24
C LEU W 271 -32.18 -41.45 10.89
N MET X 1 -70.15 -17.76 -1.99
CA MET X 1 -70.37 -18.33 -3.34
C MET X 1 -70.33 -19.88 -3.26
N LEU X 2 -70.21 -20.54 -4.40
CA LEU X 2 -69.78 -21.93 -4.44
C LEU X 2 -68.37 -21.97 -3.89
N THR X 3 -68.05 -23.03 -3.15
CA THR X 3 -66.66 -23.33 -2.79
C THR X 3 -66.26 -24.64 -3.42
N ILE X 4 -65.21 -24.60 -4.24
CA ILE X 4 -64.65 -25.79 -4.87
C ILE X 4 -63.29 -26.08 -4.26
N GLY X 5 -63.10 -27.31 -3.80
CA GLY X 5 -61.84 -27.73 -3.28
C GLY X 5 -60.89 -28.19 -4.37
N VAL X 6 -59.60 -28.06 -4.11
CA VAL X 6 -58.57 -28.68 -4.91
C VAL X 6 -57.71 -29.53 -3.99
N LEU X 7 -57.62 -30.84 -4.30
CA LEU X 7 -56.76 -31.73 -3.51
C LEU X 7 -55.29 -31.29 -3.59
N GLY X 8 -54.74 -30.95 -2.44
CA GLY X 8 -53.51 -30.23 -2.39
C GLY X 8 -52.35 -31.03 -1.88
N LEU X 9 -52.46 -32.35 -1.95
CA LEU X 9 -51.35 -33.21 -1.55
C LEU X 9 -50.12 -33.00 -2.42
N GLN X 10 -50.33 -32.80 -3.73
CA GLN X 10 -49.21 -32.55 -4.63
C GLN X 10 -49.71 -32.12 -5.97
N GLY X 11 -48.95 -31.23 -6.63
CA GLY X 11 -49.20 -30.95 -8.03
C GLY X 11 -49.53 -29.53 -8.37
N ALA X 12 -50.19 -29.33 -9.51
CA ALA X 12 -50.41 -27.95 -10.01
C ALA X 12 -51.69 -27.36 -9.38
N VAL X 13 -51.57 -27.07 -8.10
CA VAL X 13 -52.73 -26.81 -7.26
C VAL X 13 -53.14 -25.36 -7.42
N ARG X 14 -52.16 -24.45 -7.32
CA ARG X 14 -52.44 -23.04 -7.48
C ARG X 14 -53.10 -22.72 -8.80
N GLU X 15 -52.69 -23.38 -9.89
CA GLU X 15 -53.29 -23.11 -11.20
C GLU X 15 -54.81 -23.41 -11.18
N HIS X 16 -55.21 -24.49 -10.54
CA HIS X 16 -56.64 -24.78 -10.42
C HIS X 16 -57.36 -23.78 -9.52
N ILE X 17 -56.73 -23.40 -8.41
CA ILE X 17 -57.34 -22.40 -7.53
C ILE X 17 -57.62 -21.13 -8.33
N HIS X 18 -56.64 -20.72 -9.12
CA HIS X 18 -56.76 -19.51 -9.93
C HIS X 18 -57.91 -19.59 -10.96
N ALA X 19 -58.09 -20.73 -11.60
CA ALA X 19 -59.18 -20.89 -12.58
C ALA X 19 -60.55 -20.85 -11.88
N ILE X 20 -60.67 -21.55 -10.75
CA ILE X 20 -61.90 -21.54 -9.95
C ILE X 20 -62.31 -20.10 -9.63
N GLU X 21 -61.35 -19.34 -9.13
CA GLU X 21 -61.55 -17.98 -8.75
C GLU X 21 -61.94 -17.12 -9.94
N ALA X 22 -61.33 -17.38 -11.10
CA ALA X 22 -61.62 -16.60 -12.29
C ALA X 22 -63.05 -16.89 -12.78
N CYS X 23 -63.56 -18.06 -12.44
CA CYS X 23 -64.94 -18.41 -12.74
C CYS X 23 -65.92 -17.92 -11.66
N GLY X 24 -65.49 -17.04 -10.76
CA GLY X 24 -66.38 -16.46 -9.76
C GLY X 24 -66.72 -17.34 -8.56
N ALA X 25 -66.00 -18.45 -8.37
CA ALA X 25 -66.17 -19.28 -7.19
C ALA X 25 -65.00 -19.11 -6.23
N ALA X 26 -65.15 -19.68 -5.03
CA ALA X 26 -64.10 -19.71 -4.01
C ALA X 26 -63.37 -21.06 -4.08
N GLY X 27 -62.05 -20.99 -3.99
CA GLY X 27 -61.20 -22.16 -3.97
C GLY X 27 -60.63 -22.43 -2.60
N LEU X 28 -60.55 -23.71 -2.23
CA LEU X 28 -59.96 -24.15 -0.99
C LEU X 28 -58.97 -25.24 -1.31
N VAL X 29 -57.75 -25.07 -0.84
CA VAL X 29 -56.76 -26.13 -0.92
C VAL X 29 -57.06 -27.17 0.19
N VAL X 30 -57.34 -28.40 -0.22
CA VAL X 30 -57.71 -29.47 0.69
C VAL X 30 -56.49 -30.34 0.99
N LYS X 31 -55.95 -30.23 2.21
CA LYS X 31 -54.88 -31.11 2.68
C LYS X 31 -55.27 -32.16 3.73
N ARG X 32 -56.46 -32.02 4.31
CA ARG X 32 -56.98 -32.93 5.36
C ARG X 32 -58.38 -33.39 4.97
N PRO X 33 -58.71 -34.69 5.22
CA PRO X 33 -60.03 -35.21 4.86
C PRO X 33 -61.21 -34.42 5.44
N GLU X 34 -61.08 -33.93 6.67
CA GLU X 34 -62.10 -33.05 7.32
C GLU X 34 -62.55 -31.87 6.42
N GLN X 35 -61.62 -31.32 5.63
CA GLN X 35 -61.88 -30.14 4.79
C GLN X 35 -62.78 -30.40 3.60
N LEU X 36 -62.96 -31.67 3.23
CA LEU X 36 -63.92 -32.09 2.21
C LEU X 36 -65.39 -31.69 2.53
N ASN X 37 -65.75 -31.67 3.81
CA ASN X 37 -67.08 -31.18 4.25
C ASN X 37 -67.29 -29.69 4.04
N GLU X 38 -66.21 -28.97 3.72
CA GLU X 38 -66.28 -27.54 3.57
C GLU X 38 -66.42 -27.10 2.12
N VAL X 39 -66.48 -28.06 1.19
CA VAL X 39 -66.54 -27.77 -0.24
C VAL X 39 -67.69 -28.49 -0.96
N ASP X 40 -68.10 -27.89 -2.06
CA ASP X 40 -69.22 -28.37 -2.88
C ASP X 40 -68.78 -29.29 -4.01
N GLY X 41 -67.52 -29.18 -4.40
CA GLY X 41 -66.96 -30.00 -5.46
C GLY X 41 -65.48 -30.08 -5.21
N LEU X 42 -64.81 -31.01 -5.87
CA LEU X 42 -63.38 -31.19 -5.70
C LEU X 42 -62.66 -31.40 -7.02
N ILE X 43 -61.54 -30.70 -7.20
CA ILE X 43 -60.63 -30.95 -8.32
C ILE X 43 -59.44 -31.79 -7.87
N LEU X 44 -59.19 -32.86 -8.60
CA LEU X 44 -58.03 -33.71 -8.39
C LEU X 44 -57.04 -33.24 -9.46
N PRO X 45 -55.95 -32.56 -9.05
CA PRO X 45 -55.15 -31.83 -10.01
C PRO X 45 -54.14 -32.67 -10.78
N GLY X 46 -53.47 -32.05 -11.75
CA GLY X 46 -52.32 -32.69 -12.39
C GLY X 46 -51.15 -32.77 -11.46
N GLY X 47 -50.27 -33.74 -11.70
CA GLY X 47 -49.08 -33.92 -10.86
C GLY X 47 -48.61 -35.35 -11.08
N GLU X 48 -48.21 -36.00 -9.99
CA GLU X 48 -47.85 -37.41 -10.07
C GLU X 48 -48.88 -38.25 -9.36
N SER X 49 -49.59 -39.08 -10.11
CA SER X 49 -50.65 -39.96 -9.54
C SER X 49 -50.10 -40.91 -8.47
N THR X 50 -48.85 -41.33 -8.59
CA THR X 50 -48.27 -42.27 -7.62
C THR X 50 -48.03 -41.54 -6.29
N THR X 51 -47.54 -40.32 -6.37
CA THR X 51 -47.37 -39.51 -5.18
C THR X 51 -48.69 -39.28 -4.48
N MET X 52 -49.66 -38.86 -5.25
CA MET X 52 -50.98 -38.58 -4.72
C MET X 52 -51.62 -39.81 -4.06
N ARG X 53 -51.53 -40.99 -4.69
CA ARG X 53 -52.05 -42.22 -4.09
C ARG X 53 -51.34 -42.55 -2.79
N ARG X 54 -50.03 -42.39 -2.78
CA ARG X 54 -49.23 -42.69 -1.59
CA ARG X 54 -49.26 -42.71 -1.58
C ARG X 54 -49.68 -41.78 -0.45
N LEU X 55 -49.90 -40.52 -0.76
CA LEU X 55 -50.32 -39.56 0.25
C LEU X 55 -51.80 -39.82 0.66
N ILE X 56 -52.66 -40.14 -0.31
CA ILE X 56 -54.04 -40.57 -0.01
C ILE X 56 -54.09 -41.80 0.96
N ASP X 57 -53.24 -42.79 0.73
CA ASP X 57 -53.15 -43.94 1.64
C ASP X 57 -52.69 -43.53 3.03
N THR X 58 -51.60 -42.79 3.12
CA THR X 58 -51.07 -42.44 4.44
C THR X 58 -52.06 -41.56 5.22
N TYR X 59 -52.69 -40.62 4.53
CA TYR X 59 -53.59 -39.73 5.24
C TYR X 59 -55.05 -40.18 5.24
N GLN X 60 -55.28 -41.41 4.79
CA GLN X 60 -56.60 -42.04 4.90
C GLN X 60 -57.68 -41.17 4.24
N PHE X 61 -57.38 -40.78 2.99
CA PHE X 61 -58.30 -40.02 2.14
C PHE X 61 -59.25 -40.89 1.32
N MET X 62 -58.94 -42.16 1.07
CA MET X 62 -59.71 -42.88 0.04
C MET X 62 -61.20 -43.04 0.41
N GLU X 63 -61.48 -43.48 1.64
CA GLU X 63 -62.87 -43.62 2.10
C GLU X 63 -63.64 -42.31 2.14
N PRO X 64 -63.09 -41.26 2.78
CA PRO X 64 -63.72 -39.95 2.71
C PRO X 64 -63.98 -39.44 1.29
N LEU X 65 -63.06 -39.68 0.36
CA LEU X 65 -63.26 -39.27 -1.02
C LEU X 65 -64.46 -40.02 -1.64
N ARG X 66 -64.56 -41.32 -1.34
CA ARG X 66 -65.71 -42.12 -1.76
C ARG X 66 -67.03 -41.63 -1.11
N GLU X 67 -67.00 -41.29 0.18
CA GLU X 67 -68.18 -40.70 0.83
C GLU X 67 -68.60 -39.43 0.12
N PHE X 68 -67.63 -38.56 -0.14
CA PHE X 68 -67.85 -37.28 -0.82
C PHE X 68 -68.63 -37.50 -2.13
N ALA X 69 -68.11 -38.41 -2.95
CA ALA X 69 -68.75 -38.82 -4.19
C ALA X 69 -70.16 -39.37 -3.94
N ALA X 70 -70.30 -40.25 -2.95
CA ALA X 70 -71.60 -40.83 -2.54
C ALA X 70 -72.63 -39.78 -2.13
N GLN X 71 -72.18 -38.66 -1.55
CA GLN X 71 -73.07 -37.52 -1.29
C GLN X 71 -73.45 -36.77 -2.57
N GLY X 72 -72.91 -37.18 -3.72
CA GLY X 72 -73.26 -36.57 -5.00
C GLY X 72 -72.41 -35.38 -5.42
N LYS X 73 -71.43 -35.01 -4.60
CA LYS X 73 -70.59 -33.85 -4.90
C LYS X 73 -69.71 -34.12 -6.13
N PRO X 74 -69.74 -33.21 -7.12
CA PRO X 74 -68.93 -33.40 -8.32
C PRO X 74 -67.41 -33.44 -8.10
N MET X 75 -66.74 -34.23 -8.93
CA MET X 75 -65.30 -34.33 -8.93
C MET X 75 -64.71 -34.22 -10.35
N PHE X 76 -63.61 -33.46 -10.44
CA PHE X 76 -62.94 -33.14 -11.70
C PHE X 76 -61.48 -33.60 -11.62
N GLY X 77 -61.08 -34.54 -12.47
CA GLY X 77 -59.69 -35.01 -12.49
C GLY X 77 -58.98 -34.54 -13.74
N THR X 78 -57.85 -33.88 -13.58
CA THR X 78 -57.03 -33.45 -14.73
C THR X 78 -55.72 -34.22 -14.76
N CYS X 79 -55.64 -35.15 -15.71
CA CYS X 79 -54.44 -35.96 -16.00
C CYS X 79 -54.13 -36.90 -14.83
N ALA X 80 -53.17 -36.56 -13.97
CA ALA X 80 -52.99 -37.32 -12.73
C ALA X 80 -54.36 -37.51 -12.01
N GLY X 81 -55.16 -36.45 -11.96
CA GLY X 81 -56.53 -36.51 -11.39
C GLY X 81 -57.43 -37.53 -12.08
N LEU X 82 -57.36 -37.56 -13.41
CA LEU X 82 -58.11 -38.52 -14.20
C LEU X 82 -57.70 -39.95 -13.85
N ILE X 83 -56.40 -40.15 -13.65
CA ILE X 83 -55.86 -41.44 -13.26
C ILE X 83 -56.36 -41.84 -11.88
N ILE X 84 -56.44 -40.89 -10.97
CA ILE X 84 -56.95 -41.16 -9.62
C ILE X 84 -58.42 -41.57 -9.65
N LEU X 85 -59.16 -40.95 -10.56
CA LEU X 85 -60.58 -41.19 -10.71
C LEU X 85 -60.87 -42.53 -11.42
N ALA X 86 -59.95 -42.98 -12.27
CA ALA X 86 -60.22 -44.10 -13.17
C ALA X 86 -60.62 -45.41 -12.47
N LYS X 87 -61.52 -46.12 -13.13
CA LYS X 87 -61.96 -47.44 -12.71
C LYS X 87 -60.81 -48.42 -12.81
N GLU X 88 -60.12 -48.36 -13.92
CA GLU X 88 -59.06 -49.30 -14.21
C GLU X 88 -57.85 -48.60 -14.83
N ILE X 89 -56.67 -49.05 -14.45
CA ILE X 89 -55.43 -48.55 -15.01
C ILE X 89 -54.81 -49.71 -15.74
N ALA X 90 -54.53 -49.54 -17.03
CA ALA X 90 -53.94 -50.61 -17.86
C ALA X 90 -52.63 -51.10 -17.25
N GLY X 91 -52.50 -52.41 -17.13
CA GLY X 91 -51.25 -53.01 -16.66
C GLY X 91 -51.08 -52.91 -15.16
N SER X 92 -52.14 -52.51 -14.44
CA SER X 92 -52.14 -52.46 -13.00
C SER X 92 -53.38 -53.10 -12.41
N ASP X 93 -53.18 -53.71 -11.25
CA ASP X 93 -54.23 -54.33 -10.46
C ASP X 93 -54.47 -53.58 -9.17
N ASN X 94 -54.01 -52.31 -9.12
CA ASN X 94 -54.21 -51.46 -7.95
C ASN X 94 -54.72 -50.09 -8.36
N PRO X 95 -55.97 -50.03 -8.89
CA PRO X 95 -56.55 -48.74 -9.25
C PRO X 95 -56.83 -47.88 -8.01
N HIS X 96 -57.25 -46.63 -8.22
CA HIS X 96 -57.37 -45.66 -7.14
C HIS X 96 -58.80 -45.47 -6.65
N LEU X 97 -59.42 -44.33 -6.94
CA LEU X 97 -60.80 -44.07 -6.49
C LEU X 97 -61.78 -44.97 -7.21
N GLY X 98 -61.57 -45.19 -8.50
CA GLY X 98 -62.36 -46.17 -9.24
C GLY X 98 -63.79 -45.74 -9.52
N LEU X 99 -64.03 -44.44 -9.63
CA LEU X 99 -65.38 -43.85 -9.75
C LEU X 99 -65.78 -43.50 -11.18
N LEU X 100 -64.80 -43.11 -12.01
CA LEU X 100 -65.09 -42.83 -13.43
C LEU X 100 -64.89 -44.09 -14.27
N ASN X 101 -65.91 -44.46 -15.02
CA ASN X 101 -65.98 -45.74 -15.74
C ASN X 101 -65.16 -45.72 -17.04
N VAL X 102 -63.86 -45.60 -16.87
CA VAL X 102 -62.89 -45.61 -17.96
C VAL X 102 -61.69 -46.51 -17.65
N VAL X 103 -61.09 -47.03 -18.72
CA VAL X 103 -59.77 -47.65 -18.65
C VAL X 103 -58.78 -46.57 -19.11
N VAL X 104 -57.77 -46.36 -18.29
CA VAL X 104 -56.75 -45.38 -18.62
C VAL X 104 -55.40 -46.08 -18.71
N GLU X 105 -54.60 -45.70 -19.69
CA GLU X 105 -53.21 -46.14 -19.82
C GLU X 105 -52.29 -44.95 -19.52
N ARG X 106 -51.43 -45.11 -18.52
CA ARG X 106 -50.51 -44.04 -18.13
C ARG X 106 -49.37 -43.83 -19.11
N ASN X 107 -48.87 -42.60 -19.12
CA ASN X 107 -47.70 -42.23 -19.88
C ASN X 107 -47.72 -42.79 -21.28
N SER X 108 -48.86 -42.64 -21.98
CA SER X 108 -49.02 -43.32 -23.26
C SER X 108 -48.47 -42.58 -24.51
N PHE X 109 -48.01 -41.33 -24.37
CA PHE X 109 -47.33 -40.66 -25.49
C PHE X 109 -45.80 -40.77 -25.43
N GLY X 110 -45.29 -41.31 -24.33
CA GLY X 110 -43.88 -41.53 -24.15
C GLY X 110 -43.38 -40.88 -22.88
N ARG X 111 -42.61 -39.80 -23.02
CA ARG X 111 -41.94 -39.16 -21.90
C ARG X 111 -42.10 -37.64 -22.11
N GLN X 112 -41.35 -36.82 -21.37
CA GLN X 112 -41.61 -35.37 -21.43
C GLN X 112 -41.29 -34.76 -22.80
N VAL X 113 -40.26 -35.27 -23.45
CA VAL X 113 -39.91 -34.84 -24.79
C VAL X 113 -41.11 -34.93 -25.75
N ASP X 114 -42.04 -35.88 -25.50
CA ASP X 114 -43.23 -36.08 -26.32
C ASP X 114 -44.43 -35.26 -25.86
N SER X 115 -44.34 -34.61 -24.71
CA SER X 115 -45.37 -33.67 -24.27
C SER X 115 -45.68 -32.64 -25.34
N PHE X 116 -46.93 -32.25 -25.49
CA PHE X 116 -47.36 -31.46 -26.63
C PHE X 116 -48.57 -30.60 -26.30
N GLU X 117 -48.83 -29.64 -27.18
CA GLU X 117 -50.08 -28.89 -27.21
C GLU X 117 -50.79 -29.25 -28.52
N ALA X 118 -52.12 -29.24 -28.45
CA ALA X 118 -52.97 -29.48 -29.63
C ALA X 118 -54.31 -28.81 -29.41
N ASP X 119 -54.89 -28.26 -30.47
CA ASP X 119 -56.22 -27.66 -30.40
C ASP X 119 -57.29 -28.72 -30.45
N LEU X 120 -58.26 -28.63 -29.55
CA LEU X 120 -59.23 -29.67 -29.31
C LEU X 120 -60.61 -29.10 -29.49
N THR X 121 -61.52 -29.89 -30.05
CA THR X 121 -62.93 -29.54 -30.04
C THR X 121 -63.55 -30.23 -28.84
N ILE X 122 -64.16 -29.43 -27.97
CA ILE X 122 -64.77 -29.95 -26.75
C ILE X 122 -66.28 -29.60 -26.73
N LYS X 123 -67.08 -30.63 -26.50
CA LYS X 123 -68.53 -30.52 -26.37
C LYS X 123 -68.92 -29.53 -25.27
N GLY X 124 -69.57 -28.45 -25.65
CA GLY X 124 -70.04 -27.43 -24.72
C GLY X 124 -69.19 -26.17 -24.80
N LEU X 125 -68.12 -26.25 -25.59
CA LEU X 125 -67.29 -25.09 -25.86
C LEU X 125 -67.40 -24.73 -27.32
N ASP X 126 -67.42 -23.44 -27.58
CA ASP X 126 -67.64 -22.94 -28.91
C ASP X 126 -66.33 -22.96 -29.69
N GLU X 127 -65.43 -22.04 -29.35
CA GLU X 127 -64.15 -22.02 -29.98
C GLU X 127 -63.37 -23.27 -29.55
N PRO X 128 -62.33 -23.64 -30.32
CA PRO X 128 -61.50 -24.77 -29.92
C PRO X 128 -60.68 -24.45 -28.67
N PHE X 129 -60.26 -25.49 -27.97
CA PHE X 129 -59.49 -25.35 -26.74
C PHE X 129 -58.07 -25.94 -26.91
N THR X 130 -57.06 -25.19 -26.48
CA THR X 130 -55.68 -25.67 -26.55
C THR X 130 -55.43 -26.58 -25.38
N GLY X 131 -55.35 -27.87 -25.67
CA GLY X 131 -55.02 -28.86 -24.67
C GLY X 131 -53.51 -28.99 -24.52
N VAL X 132 -53.04 -28.91 -23.29
CA VAL X 132 -51.63 -29.03 -22.96
C VAL X 132 -51.48 -30.40 -22.29
N PHE X 133 -50.74 -31.27 -22.97
CA PHE X 133 -50.67 -32.67 -22.64
C PHE X 133 -49.26 -32.99 -22.13
N ILE X 134 -49.13 -33.10 -20.81
CA ILE X 134 -47.88 -33.25 -20.12
C ILE X 134 -47.76 -34.66 -19.55
N ARG X 135 -46.87 -35.46 -20.16
CA ARG X 135 -46.73 -36.87 -19.81
C ARG X 135 -48.11 -37.46 -19.54
N ALA X 136 -48.99 -37.25 -20.50
CA ALA X 136 -50.41 -37.57 -20.37
C ALA X 136 -50.68 -39.05 -20.63
N PRO X 137 -51.77 -39.54 -20.03
CA PRO X 137 -52.26 -40.86 -20.26
C PRO X 137 -53.29 -40.82 -21.37
N HIS X 138 -53.77 -41.97 -21.80
CA HIS X 138 -55.11 -41.92 -22.40
C HIS X 138 -56.20 -42.78 -21.82
N ILE X 139 -57.41 -42.48 -22.30
CA ILE X 139 -58.61 -43.19 -21.97
C ILE X 139 -58.71 -44.23 -23.08
N LEU X 140 -58.29 -45.46 -22.81
CA LEU X 140 -58.35 -46.49 -23.85
C LEU X 140 -59.80 -46.85 -24.14
N GLU X 141 -60.64 -46.85 -23.13
CA GLU X 141 -62.05 -47.09 -23.34
C GLU X 141 -62.91 -46.45 -22.26
N ALA X 142 -64.11 -46.04 -22.69
CA ALA X 142 -65.14 -45.47 -21.84
C ALA X 142 -66.41 -46.32 -21.85
N GLY X 143 -67.03 -46.48 -20.69
CA GLY X 143 -68.28 -47.22 -20.57
C GLY X 143 -69.49 -46.47 -21.09
N GLU X 144 -70.62 -47.16 -21.07
CA GLU X 144 -71.85 -46.71 -21.74
C GLU X 144 -72.49 -45.51 -21.04
N ASN X 145 -72.29 -45.43 -19.73
CA ASN X 145 -72.63 -44.24 -18.93
C ASN X 145 -71.65 -43.07 -19.05
N VAL X 146 -70.65 -43.17 -19.91
CA VAL X 146 -69.68 -42.08 -20.04
C VAL X 146 -69.92 -41.33 -21.34
N GLU X 147 -70.14 -40.02 -21.22
CA GLU X 147 -70.28 -39.11 -22.37
C GLU X 147 -68.89 -38.58 -22.79
N VAL X 148 -68.53 -38.83 -24.03
CA VAL X 148 -67.27 -38.35 -24.57
C VAL X 148 -67.40 -36.89 -24.97
N LEU X 149 -66.58 -36.01 -24.36
CA LEU X 149 -66.64 -34.57 -24.65
C LEU X 149 -65.59 -34.15 -25.66
N SER X 150 -64.60 -34.99 -25.90
CA SER X 150 -63.48 -34.61 -26.75
C SER X 150 -62.58 -35.80 -27.06
N GLU X 151 -62.09 -35.84 -28.29
CA GLU X 151 -61.11 -36.82 -28.77
C GLU X 151 -59.98 -36.12 -29.52
N HIS X 152 -58.82 -36.75 -29.54
CA HIS X 152 -57.63 -36.24 -30.24
C HIS X 152 -57.02 -37.46 -30.89
N ASN X 153 -56.80 -37.38 -32.19
CA ASN X 153 -56.30 -38.52 -32.96
C ASN X 153 -57.09 -39.82 -32.72
N GLY X 154 -58.42 -39.67 -32.64
CA GLY X 154 -59.32 -40.81 -32.45
C GLY X 154 -59.28 -41.46 -31.07
N ARG X 155 -58.72 -40.75 -30.10
CA ARG X 155 -58.70 -41.20 -28.72
C ARG X 155 -59.44 -40.22 -27.85
N ILE X 156 -60.09 -40.75 -26.83
CA ILE X 156 -60.90 -39.96 -25.90
C ILE X 156 -59.92 -39.16 -25.04
N VAL X 157 -60.10 -37.86 -24.93
CA VAL X 157 -59.26 -37.05 -24.03
C VAL X 157 -60.04 -36.28 -22.96
N ALA X 158 -61.36 -36.20 -23.10
CA ALA X 158 -62.21 -35.63 -22.06
C ALA X 158 -63.52 -36.39 -22.05
N ALA X 159 -64.02 -36.67 -20.85
CA ALA X 159 -65.23 -37.47 -20.60
C ALA X 159 -66.02 -36.95 -19.38
N LYS X 160 -67.32 -37.21 -19.39
CA LYS X 160 -68.19 -36.78 -18.30
C LYS X 160 -69.16 -37.90 -17.95
N GLN X 161 -69.40 -38.07 -16.65
CA GLN X 161 -70.25 -39.13 -16.13
C GLN X 161 -70.92 -38.66 -14.84
N GLY X 162 -72.17 -38.24 -14.98
CA GLY X 162 -72.93 -37.69 -13.88
C GLY X 162 -72.17 -36.54 -13.26
N GLN X 163 -71.79 -36.72 -12.01
CA GLN X 163 -71.04 -35.71 -11.24
C GLN X 163 -69.55 -35.63 -11.56
N PHE X 164 -69.07 -36.56 -12.39
CA PHE X 164 -67.64 -36.72 -12.63
C PHE X 164 -67.19 -36.14 -13.97
N LEU X 165 -66.05 -35.47 -13.95
CA LEU X 165 -65.47 -34.92 -15.16
C LEU X 165 -63.99 -35.26 -15.18
N GLY X 166 -63.51 -35.76 -16.31
CA GLY X 166 -62.11 -36.16 -16.43
C GLY X 166 -61.51 -35.73 -17.74
N CYS X 167 -60.23 -35.35 -17.70
CA CYS X 167 -59.50 -35.11 -18.94
C CYS X 167 -58.03 -35.42 -18.81
N SER X 168 -57.42 -35.74 -19.94
CA SER X 168 -56.06 -36.26 -19.96
C SER X 168 -55.06 -35.13 -20.13
N PHE X 169 -55.57 -33.94 -20.45
CA PHE X 169 -54.78 -32.71 -20.56
C PHE X 169 -54.98 -31.81 -19.34
N ASN X 170 -54.19 -30.75 -19.25
CA ASN X 170 -54.23 -29.80 -18.16
C ASN X 170 -54.76 -28.43 -18.58
N PRO X 171 -56.09 -28.26 -18.52
CA PRO X 171 -56.66 -27.00 -18.97
C PRO X 171 -56.18 -25.83 -18.12
N GLU X 172 -55.85 -26.14 -16.87
CA GLU X 172 -55.40 -25.14 -15.90
C GLU X 172 -53.99 -24.56 -16.17
N LEU X 173 -53.26 -25.15 -17.12
CA LEU X 173 -52.03 -24.57 -17.62
C LEU X 173 -52.22 -23.45 -18.65
N THR X 174 -53.45 -23.16 -19.02
CA THR X 174 -53.73 -22.07 -19.98
C THR X 174 -54.55 -21.01 -19.27
N GLU X 175 -54.73 -19.87 -19.90
CA GLU X 175 -55.58 -18.82 -19.37
C GLU X 175 -56.98 -18.89 -19.97
N ASP X 176 -57.34 -20.05 -20.50
CA ASP X 176 -58.68 -20.32 -20.99
C ASP X 176 -59.43 -21.14 -19.94
N HIS X 177 -60.38 -20.50 -19.25
CA HIS X 177 -61.01 -21.08 -18.09
C HIS X 177 -62.29 -21.87 -18.40
N ARG X 178 -62.57 -22.06 -19.68
CA ARG X 178 -63.82 -22.68 -20.10
C ARG X 178 -64.06 -24.13 -19.62
N VAL X 179 -63.00 -24.89 -19.38
CA VAL X 179 -63.20 -26.26 -18.93
C VAL X 179 -63.52 -26.26 -17.43
N THR X 180 -62.84 -25.40 -16.67
CA THR X 180 -63.17 -25.22 -15.28
C THR X 180 -64.62 -24.73 -15.12
N GLN X 181 -65.05 -23.86 -16.04
CA GLN X 181 -66.40 -23.30 -16.03
C GLN X 181 -67.45 -24.40 -16.24
N LEU X 182 -67.16 -25.34 -17.14
CA LEU X 182 -67.98 -26.52 -17.29
C LEU X 182 -68.12 -27.17 -15.92
N PHE X 183 -67.01 -27.37 -15.24
CA PHE X 183 -67.07 -27.95 -13.90
C PHE X 183 -67.85 -27.12 -12.89
N VAL X 184 -67.64 -25.81 -12.88
CA VAL X 184 -68.35 -24.93 -11.97
C VAL X 184 -69.86 -25.09 -12.15
N GLU X 185 -70.30 -25.18 -13.40
CA GLU X 185 -71.70 -25.38 -13.69
C GLU X 185 -72.20 -26.73 -13.18
N MET X 186 -71.36 -27.76 -13.27
CA MET X 186 -71.73 -29.06 -12.71
C MET X 186 -71.92 -28.93 -11.21
N VAL X 187 -71.04 -28.16 -10.57
CA VAL X 187 -71.10 -27.96 -9.13
C VAL X 187 -72.37 -27.19 -8.75
N GLU X 188 -72.70 -26.13 -9.48
CA GLU X 188 -73.96 -25.41 -9.27
C GLU X 188 -75.17 -26.33 -9.41
N GLU X 189 -75.16 -27.13 -10.45
CA GLU X 189 -76.23 -28.09 -10.70
C GLU X 189 -76.46 -29.02 -9.50
N TYR X 190 -75.37 -29.55 -8.93
CA TYR X 190 -75.45 -30.41 -7.71
C TYR X 190 -76.04 -29.65 -6.52
N LYS X 191 -75.58 -28.42 -6.35
CA LYS X 191 -75.93 -27.57 -5.23
C LYS X 191 -77.44 -27.28 -5.19
N GLN X 192 -78.06 -27.23 -6.37
CA GLN X 192 -79.51 -27.14 -6.45
C GLN X 192 -80.16 -28.51 -6.19
N LYS X 193 -80.00 -29.43 -7.14
CA LYS X 193 -80.52 -30.80 -7.04
C LYS X 193 -80.57 -31.26 -5.59
N ALA X 194 -79.53 -30.88 -4.84
CA ALA X 194 -79.23 -31.51 -3.57
C ALA X 194 -78.88 -30.42 -2.55
N LEU X 195 -79.72 -30.35 -1.50
CA LEU X 195 -80.06 -29.10 -0.78
C LEU X 195 -79.17 -27.87 -0.97
#